data_3FKS
#
_entry.id   3FKS
#
_cell.length_a   111.934
_cell.length_b   290.487
_cell.length_c   188.700
_cell.angle_alpha   90.00
_cell.angle_beta   101.75
_cell.angle_gamma   90.00
#
_symmetry.space_group_name_H-M   'P 1 21 1'
#
loop_
_entity.id
_entity.type
_entity.pdbx_description
1 polymer 'ATP synthase subunit alpha, mitochondrial'
2 polymer 'ATP synthase subunit beta, mitochondrial'
3 polymer 'ATP synthase subunit gamma, mitochondrial'
4 polymer 'ATP synthase subunit delta, mitochondrial'
5 polymer 'ATP synthase subunit epsilon, mitochondrial'
6 non-polymer 'PHOSPHATE ION'
#
loop_
_entity_poly.entity_id
_entity_poly.type
_entity_poly.pdbx_seq_one_letter_code
_entity_poly.pdbx_strand_id
1 'polypeptide(L)'
;ASTKAQPTEVSSILEERIKGVSDEANLNETGRVLAVGDGIARVFGLNNIQAEELVEFSSGVKGMALNLEPGQVGIVLFGS
DRLVKEGELVKRTGNIVDVPVGPGLLGRVVDALGNPIDGKGPIDAAGRSRAQVKAPGILPRRSVHEPVQTGLKAVDALVP
IGRGQRELIIGDRQTGKTAVALDTILNQKRWNNGSDESKKLYCVYVAVGQKRSTVAQLVQTLEQHDAMKYSIIVAATASE
AAPLQYLAPFTAASIGEWFRDNGKHALIVYDDLSKQAVAYRQLSLLLRRPPGREAYPGDVFYLHSRLLERAAKLSEKEGS
GSLTALPVIETQGGDVSAYIPTNVISITDGQIFLEAELFYKGIRPAINVGLSVSRVGSAAQVKALKQVAGSLKLFLAQYR
EVAAFAQFGSDLDASTKQTLVRGERLTQLLKQNQYSPLATEEQVPLIYAGVNGHLDGIELSRIGEFESSFLSYLKSNHNE
LLTEIREKGELSKELLASLKSATESFVATF
;
A,B,C,J,K,L,S,T,U
2 'polypeptide(L)'
;ASHHHHHHAAQSTPITGKVTAVIGAIVDVHFEQSELPAILNALEIKTPQGKLVLEVAQHLGENTVRTIAMDGTEGLVRGE
KVLDTGGPISVPVGRETLGRIINVIGEPIDERGPIKSKLRKPIHADPPSFAEQSTSAEILETGIKVVDLLAPYARGGKIG
LFGGAGVGKTVFIQELINNIAKAHGGFSVFTGVGERTREGNDLYREMKETGVINLEGESKVALVFGQMNEPPGARARVAL
TGLTIAEYFRDEEGQDVLLFIDNIFRFTQAGSEVSALLGRIPSAVGYQPTLATDMGLLQERITTTKKGSVTSVQAVYVPA
DDLTDPAPATTFAHLDATTVLSRGISELGIYPAVDPLDSKSRLLDAAVVGQEHYDVASKVQETLQTYKSLQDIIAILGMD
ELSEQDKLTVERARKIQRFLSQPFAVAEVFTGIPGKLVRLKDTVASFKAVLEGKYDNIPEHAFYMVGGIEDVVAKAEKLA
AEAN
;
D,E,F,M,N,O,V,W,X
3 'polypeptide(L)'
;ATLKEVEMRLKSIKNIEKITKTMKIVASTRLSKAEKAKISAKKMDEAEQLFYKNAETKNLDVEATETGAPKELIVAITSD
KGLCGSIHSQLAKAVRRHLNDQPNADIVTIGDKIKMQLLRTHPNNIKLSINGIGKDAPTFQESALIADKLLSVMKAGTYP
KISIFYNDPVSSLSFEPSEKPIFNAKTIEQSPSFGKFEIDTDANVPRDLFEYTLANQMLTAMAQGYAAEISARRNAMDNA
SKNAGDMINRYSILYNRTRQAVITNELVDIITGASSLG
;
G,P,Y
4 'polypeptide(L)'
;AEAAAASSGLKLQFALPHETLYSGSEVTQVNLPAKSGRIGVLANHVPTVEQLLPGVVEVMEGSNSKKFFISGGFATVQPD
SQLCVTAIEAFPLESFSQENIKNLLAEAKKNVSSSDAREAAEAAIQVEVLENLQSVLK
;
H,Q,Z
5 'polypeptide(L)' SAWRKAGISYAAYLNVAAQAIRSSLKTELQTASVLNRSQTDAFYTQYKNGTAASEPTPITK I,R,1
#
loop_
_chem_comp.id
_chem_comp.type
_chem_comp.name
_chem_comp.formula
PO4 non-polymer 'PHOSPHATE ION' 'O4 P -3'
#
# COMPACT_ATOMS: atom_id res chain seq x y z
N GLU A 24 -33.65 1.94 38.56
CA GLU A 24 -32.54 2.70 38.01
C GLU A 24 -32.84 3.25 36.63
N ALA A 25 -33.42 4.45 36.58
CA ALA A 25 -33.73 5.11 35.31
C ALA A 25 -32.45 5.64 34.67
N ASN A 26 -31.96 4.94 33.66
CA ASN A 26 -30.65 5.23 33.07
C ASN A 26 -30.69 6.05 31.78
N LEU A 27 -31.89 6.48 31.37
CA LEU A 27 -32.05 7.32 30.19
C LEU A 27 -31.70 6.60 28.89
N ASN A 28 -31.30 5.35 28.99
CA ASN A 28 -30.93 4.56 27.82
C ASN A 28 -32.12 3.82 27.20
N GLU A 29 -33.04 3.39 28.06
CA GLU A 29 -34.25 2.70 27.61
C GLU A 29 -35.50 3.45 28.05
N THR A 30 -35.30 4.40 28.96
CA THR A 30 -36.39 5.24 29.45
C THR A 30 -36.28 6.64 28.89
N GLY A 31 -37.37 7.38 28.97
CA GLY A 31 -37.40 8.75 28.46
C GLY A 31 -38.52 9.58 29.05
N ARG A 32 -38.25 10.88 29.23
CA ARG A 32 -39.24 11.81 29.74
C ARG A 32 -39.73 12.73 28.63
N VAL A 33 -41.02 13.02 28.63
CA VAL A 33 -41.61 13.88 27.61
C VAL A 33 -41.28 15.34 27.87
N LEU A 34 -40.46 15.92 26.99
CA LEU A 34 -40.07 17.32 27.10
C LEU A 34 -41.22 18.22 26.64
N ALA A 35 -41.93 17.77 25.61
CA ALA A 35 -43.07 18.51 25.08
C ALA A 35 -43.97 17.58 24.28
N VAL A 36 -45.23 17.99 24.10
CA VAL A 36 -46.18 17.18 23.34
C VAL A 36 -47.27 18.05 22.71
N GLY A 37 -47.72 17.67 21.53
CA GLY A 37 -48.73 18.41 20.80
C GLY A 37 -48.61 18.22 19.30
N ASP A 38 -49.66 18.57 18.57
CA ASP A 38 -49.69 18.43 17.12
C ASP A 38 -49.53 16.96 16.69
N GLY A 39 -49.80 16.05 17.62
CA GLY A 39 -49.69 14.63 17.33
C GLY A 39 -48.26 14.13 17.41
N ILE A 40 -47.35 15.01 17.80
CA ILE A 40 -45.94 14.65 17.95
C ILE A 40 -45.46 14.96 19.37
N ALA A 41 -44.60 14.08 19.90
CA ALA A 41 -44.06 14.27 21.24
C ALA A 41 -42.54 14.29 21.25
N ARG A 42 -41.97 15.39 21.71
CA ARG A 42 -40.52 15.52 21.85
C ARG A 42 -40.10 14.93 23.20
N VAL A 43 -39.20 13.96 23.16
CA VAL A 43 -38.81 13.24 24.37
C VAL A 43 -37.32 13.33 24.66
N PHE A 44 -36.99 13.56 25.93
CA PHE A 44 -35.60 13.61 26.37
C PHE A 44 -35.12 12.22 26.78
N GLY A 45 -33.94 11.83 26.30
CA GLY A 45 -33.38 10.53 26.64
C GLY A 45 -33.52 9.52 25.52
N LEU A 46 -33.82 8.28 25.89
CA LEU A 46 -33.91 7.19 24.92
C LEU A 46 -32.63 7.14 24.08
N ASN A 47 -31.49 7.10 24.77
CA ASN A 47 -30.19 7.21 24.13
C ASN A 47 -29.86 6.07 23.14
N ASN A 48 -30.09 4.84 23.54
CA ASN A 48 -29.71 3.69 22.73
C ASN A 48 -30.81 3.23 21.77
N ILE A 49 -31.53 4.18 21.18
CA ILE A 49 -32.66 3.86 20.32
C ILE A 49 -32.28 3.82 18.84
N GLN A 50 -33.00 3.02 18.07
CA GLN A 50 -32.81 2.92 16.63
C GLN A 50 -33.78 3.82 15.89
N ALA A 51 -33.45 4.16 14.65
CA ALA A 51 -34.31 4.98 13.82
C ALA A 51 -35.50 4.19 13.31
N GLU A 52 -36.68 4.81 13.36
CA GLU A 52 -37.92 4.15 12.95
C GLU A 52 -38.32 3.03 13.91
N GLU A 53 -37.94 3.19 15.18
CA GLU A 53 -38.27 2.22 16.20
C GLU A 53 -39.52 2.66 16.98
N LEU A 54 -40.28 1.70 17.48
CA LEU A 54 -41.48 2.01 18.25
C LEU A 54 -41.19 2.27 19.73
N VAL A 55 -42.09 3.00 20.38
CA VAL A 55 -41.98 3.30 21.80
C VAL A 55 -43.36 3.28 22.43
N GLU A 56 -43.42 2.96 23.72
CA GLU A 56 -44.69 2.88 24.43
C GLU A 56 -44.78 3.92 25.54
N PHE A 57 -45.88 4.66 25.57
CA PHE A 57 -46.08 5.69 26.57
C PHE A 57 -46.78 5.16 27.81
N SER A 58 -46.74 5.93 28.89
CA SER A 58 -47.39 5.56 30.14
C SER A 58 -48.90 5.41 29.93
N SER A 59 -49.45 6.20 29.02
CA SER A 59 -50.88 6.19 28.76
C SER A 59 -51.34 4.86 28.18
N GLY A 60 -50.47 4.25 27.37
CA GLY A 60 -50.80 2.97 26.76
C GLY A 60 -50.60 3.00 25.26
N VAL A 61 -50.93 4.15 24.64
CA VAL A 61 -50.77 4.31 23.21
C VAL A 61 -49.28 4.34 22.85
N LYS A 62 -48.96 3.91 21.64
CA LYS A 62 -47.56 3.83 21.21
C LYS A 62 -47.23 4.83 20.10
N GLY A 63 -45.97 4.81 19.67
CA GLY A 63 -45.50 5.68 18.62
C GLY A 63 -44.13 5.26 18.12
N MET A 64 -43.76 5.70 16.93
CA MET A 64 -42.44 5.39 16.39
C MET A 64 -41.57 6.63 16.31
N ALA A 65 -40.27 6.47 16.56
CA ALA A 65 -39.34 7.60 16.57
C ALA A 65 -38.71 7.84 15.20
N LEU A 66 -38.94 9.03 14.66
CA LEU A 66 -38.36 9.41 13.37
C LEU A 66 -37.17 10.32 13.57
N ASN A 67 -37.38 11.46 14.22
CA ASN A 67 -36.32 12.43 14.45
C ASN A 67 -35.44 12.07 15.64
N LEU A 68 -34.17 11.77 15.36
CA LEU A 68 -33.20 11.49 16.40
C LEU A 68 -32.26 12.68 16.58
N GLU A 69 -32.80 13.77 17.11
CA GLU A 69 -32.02 14.98 17.32
C GLU A 69 -31.05 14.79 18.48
N PRO A 70 -29.94 15.54 18.49
CA PRO A 70 -28.89 15.39 19.51
C PRO A 70 -29.44 15.23 20.92
N GLY A 71 -30.09 16.26 21.44
CA GLY A 71 -30.60 16.22 22.79
C GLY A 71 -31.92 15.47 22.93
N GLN A 72 -32.90 15.84 22.11
CA GLN A 72 -34.24 15.27 22.21
C GLN A 72 -34.49 14.23 21.12
N VAL A 73 -35.62 13.52 21.23
CA VAL A 73 -36.02 12.53 20.25
C VAL A 73 -37.49 12.74 19.86
N GLY A 74 -37.73 12.86 18.56
CA GLY A 74 -39.07 13.11 18.06
C GLY A 74 -39.85 11.85 17.76
N ILE A 75 -40.96 11.66 18.48
CA ILE A 75 -41.82 10.50 18.28
C ILE A 75 -43.18 10.93 17.72
N VAL A 76 -43.67 10.17 16.73
CA VAL A 76 -44.99 10.43 16.16
C VAL A 76 -46.03 9.48 16.74
N LEU A 77 -47.06 10.04 17.35
CA LEU A 77 -48.08 9.27 18.05
C LEU A 77 -48.96 8.45 17.10
N PHE A 78 -49.40 7.29 17.55
CA PHE A 78 -50.31 6.44 16.79
C PHE A 78 -51.75 6.66 17.22
N GLY A 79 -51.94 7.48 18.25
CA GLY A 79 -53.27 7.77 18.76
C GLY A 79 -53.47 9.23 19.12
N SER A 80 -54.51 9.51 19.89
CA SER A 80 -54.81 10.88 20.29
C SER A 80 -53.74 11.42 21.22
N ASP A 81 -53.23 12.60 20.90
CA ASP A 81 -52.15 13.22 21.66
C ASP A 81 -52.56 13.56 23.10
N ARG A 82 -53.86 13.61 23.34
CA ARG A 82 -54.38 13.89 24.67
C ARG A 82 -53.79 12.93 25.71
N LEU A 83 -53.76 11.66 25.36
CA LEU A 83 -53.29 10.61 26.25
C LEU A 83 -51.90 10.91 26.81
N VAL A 84 -51.07 11.59 26.02
CA VAL A 84 -49.72 11.90 26.43
C VAL A 84 -49.64 13.25 27.13
N LYS A 85 -48.86 13.32 28.20
CA LYS A 85 -48.65 14.58 28.93
C LYS A 85 -47.15 14.86 29.08
N GLU A 86 -46.84 16.11 29.44
CA GLU A 86 -45.44 16.49 29.65
C GLU A 86 -44.85 15.76 30.84
N GLY A 87 -43.60 15.35 30.72
CA GLY A 87 -42.92 14.64 31.80
C GLY A 87 -43.42 13.22 31.95
N GLU A 88 -43.86 12.63 30.84
CA GLU A 88 -44.37 11.26 30.85
C GLU A 88 -43.21 10.27 30.79
N LEU A 89 -43.51 9.00 31.03
CA LEU A 89 -42.49 7.96 30.92
C LEU A 89 -42.58 7.26 29.57
N VAL A 90 -41.43 7.05 28.93
CA VAL A 90 -41.39 6.41 27.63
C VAL A 90 -40.43 5.22 27.64
N LYS A 91 -40.94 4.06 27.23
CA LYS A 91 -40.13 2.84 27.21
C LYS A 91 -39.91 2.36 25.78
N ARG A 92 -38.72 1.81 25.53
CA ARG A 92 -38.38 1.28 24.22
C ARG A 92 -39.06 -0.07 23.96
N THR A 93 -39.33 -0.35 22.69
CA THR A 93 -39.89 -1.64 22.31
C THR A 93 -38.79 -2.53 21.76
N GLY A 94 -37.78 -1.91 21.16
CA GLY A 94 -36.67 -2.65 20.56
C GLY A 94 -37.05 -3.24 19.22
N ASN A 95 -38.19 -2.80 18.69
CA ASN A 95 -38.68 -3.30 17.41
C ASN A 95 -38.91 -2.20 16.38
N ILE A 96 -38.35 -2.40 15.19
CA ILE A 96 -38.66 -1.54 14.06
C ILE A 96 -40.07 -1.86 13.61
N VAL A 97 -40.74 -0.90 12.99
CA VAL A 97 -42.10 -1.11 12.50
C VAL A 97 -42.21 -2.43 11.76
N ASP A 98 -42.85 -3.42 12.39
CA ASP A 98 -43.00 -4.73 11.78
C ASP A 98 -44.44 -5.24 11.87
N VAL A 99 -44.79 -6.15 10.97
CA VAL A 99 -46.14 -6.72 10.92
C VAL A 99 -46.08 -8.21 10.66
N PRO A 100 -46.90 -8.99 11.39
CA PRO A 100 -47.00 -10.44 11.20
C PRO A 100 -47.50 -10.77 9.80
N VAL A 101 -46.87 -11.73 9.13
CA VAL A 101 -47.28 -12.14 7.80
C VAL A 101 -47.67 -13.61 7.77
N GLY A 102 -47.89 -14.13 6.56
CA GLY A 102 -48.27 -15.52 6.39
C GLY A 102 -49.70 -15.68 5.90
N PRO A 103 -50.12 -16.94 5.68
CA PRO A 103 -51.47 -17.25 5.18
C PRO A 103 -52.53 -16.99 6.24
N GLY A 104 -52.12 -16.81 7.48
CA GLY A 104 -53.04 -16.61 8.58
C GLY A 104 -53.92 -15.39 8.44
N LEU A 105 -53.54 -14.48 7.55
CA LEU A 105 -54.27 -13.25 7.35
C LEU A 105 -55.33 -13.35 6.25
N LEU A 106 -55.22 -14.39 5.43
CA LEU A 106 -56.16 -14.59 4.34
C LEU A 106 -57.60 -14.64 4.82
N GLY A 107 -58.36 -13.59 4.51
CA GLY A 107 -59.75 -13.51 4.90
C GLY A 107 -59.97 -12.70 6.16
N ARG A 108 -58.93 -11.97 6.56
CA ARG A 108 -58.98 -11.16 7.78
C ARG A 108 -58.77 -9.69 7.49
N VAL A 109 -59.45 -8.83 8.24
CA VAL A 109 -59.29 -7.39 8.12
C VAL A 109 -58.47 -6.84 9.27
N VAL A 110 -57.28 -6.34 8.97
CA VAL A 110 -56.37 -5.86 10.00
C VAL A 110 -56.03 -4.38 9.82
N ASP A 111 -55.66 -3.71 10.91
CA ASP A 111 -55.23 -2.32 10.83
C ASP A 111 -53.81 -2.23 10.28
N ALA A 112 -53.25 -1.02 10.30
CA ALA A 112 -51.95 -0.77 9.72
C ALA A 112 -50.80 -1.45 10.47
N LEU A 113 -51.12 -2.13 11.56
CA LEU A 113 -50.10 -2.72 12.41
C LEU A 113 -50.20 -4.25 12.47
N GLY A 114 -51.22 -4.81 11.83
CA GLY A 114 -51.42 -6.24 11.83
C GLY A 114 -52.38 -6.69 12.92
N ASN A 115 -53.03 -5.72 13.56
CA ASN A 115 -54.02 -6.00 14.59
C ASN A 115 -55.39 -6.29 13.99
N PRO A 116 -56.11 -7.25 14.57
CA PRO A 116 -57.47 -7.59 14.11
C PRO A 116 -58.46 -6.47 14.43
N ILE A 117 -59.37 -6.19 13.51
CA ILE A 117 -60.40 -5.20 13.74
C ILE A 117 -61.77 -5.73 13.29
N ASP A 118 -61.79 -6.96 12.81
CA ASP A 118 -63.03 -7.59 12.36
C ASP A 118 -63.73 -8.35 13.50
N GLY A 119 -62.96 -8.71 14.53
CA GLY A 119 -63.52 -9.37 15.68
C GLY A 119 -63.54 -10.88 15.58
N LYS A 120 -62.83 -11.43 14.59
CA LYS A 120 -62.77 -12.87 14.41
C LYS A 120 -61.65 -13.49 15.25
N GLY A 121 -61.19 -12.76 16.24
CA GLY A 121 -60.17 -13.25 17.16
C GLY A 121 -58.74 -12.98 16.69
N PRO A 122 -57.76 -13.48 17.45
CA PRO A 122 -56.33 -13.33 17.14
C PRO A 122 -55.98 -13.89 15.77
N ILE A 123 -54.76 -13.64 15.32
CA ILE A 123 -54.31 -14.09 14.02
C ILE A 123 -53.00 -14.85 14.11
N ASP A 124 -53.03 -16.13 13.75
CA ASP A 124 -51.84 -16.97 13.79
C ASP A 124 -50.84 -16.54 12.72
N ALA A 125 -49.72 -15.98 13.17
CA ALA A 125 -48.71 -15.47 12.25
C ALA A 125 -47.67 -16.53 11.90
N ALA A 126 -47.24 -16.54 10.64
CA ALA A 126 -46.20 -17.46 10.20
C ALA A 126 -44.86 -16.75 10.14
N GLY A 127 -44.64 -15.84 11.09
CA GLY A 127 -43.43 -15.04 11.11
C GLY A 127 -43.74 -13.57 10.95
N ARG A 128 -42.76 -12.73 11.23
CA ARG A 128 -42.94 -11.28 11.12
C ARG A 128 -41.97 -10.67 10.11
N SER A 129 -42.26 -9.46 9.67
CA SER A 129 -41.42 -8.75 8.71
C SER A 129 -41.53 -7.24 8.88
N ARG A 130 -40.44 -6.54 8.64
CA ARG A 130 -40.43 -5.08 8.77
C ARG A 130 -41.39 -4.42 7.78
N ALA A 131 -41.76 -3.18 8.06
CA ALA A 131 -42.59 -2.41 7.15
C ALA A 131 -41.73 -1.87 6.01
N GLN A 132 -40.48 -1.56 6.33
CA GLN A 132 -39.53 -1.08 5.34
C GLN A 132 -38.59 -2.19 4.90
N VAL A 133 -38.88 -2.78 3.74
CA VAL A 133 -38.07 -3.87 3.20
C VAL A 133 -37.43 -3.47 1.88
N LYS A 134 -36.17 -3.85 1.71
CA LYS A 134 -35.44 -3.53 0.47
C LYS A 134 -36.07 -4.22 -0.72
N ALA A 135 -36.19 -3.49 -1.82
CA ALA A 135 -36.77 -4.05 -3.04
C ALA A 135 -35.88 -5.15 -3.60
N PRO A 136 -36.48 -6.06 -4.39
CA PRO A 136 -35.72 -7.14 -5.04
C PRO A 136 -34.65 -6.59 -5.96
N GLY A 137 -33.46 -7.18 -5.91
CA GLY A 137 -32.34 -6.73 -6.72
C GLY A 137 -32.61 -6.76 -8.20
N ILE A 138 -31.59 -6.43 -8.99
CA ILE A 138 -31.73 -6.39 -10.45
C ILE A 138 -31.55 -7.78 -11.05
N LEU A 139 -30.89 -8.66 -10.33
CA LEU A 139 -30.59 -10.01 -10.83
C LEU A 139 -31.73 -11.01 -10.60
N PRO A 140 -32.32 -11.02 -9.39
CA PRO A 140 -33.32 -12.04 -9.06
C PRO A 140 -34.71 -11.73 -9.62
N ARG A 141 -34.78 -11.21 -10.84
CA ARG A 141 -36.07 -10.90 -11.45
C ARG A 141 -36.26 -11.59 -12.80
N ARG A 142 -37.50 -11.82 -13.18
CA ARG A 142 -37.81 -12.54 -14.40
C ARG A 142 -38.70 -11.71 -15.31
N SER A 143 -38.48 -11.82 -16.62
CA SER A 143 -39.26 -11.07 -17.59
C SER A 143 -40.75 -11.40 -17.45
N VAL A 144 -41.55 -10.37 -17.19
CA VAL A 144 -42.98 -10.54 -16.99
C VAL A 144 -43.63 -11.25 -18.18
N HIS A 145 -44.21 -12.42 -17.92
CA HIS A 145 -44.86 -13.20 -18.97
C HIS A 145 -46.18 -13.77 -18.49
N GLU A 146 -46.31 -13.94 -17.17
CA GLU A 146 -47.54 -14.47 -16.59
C GLU A 146 -48.59 -13.36 -16.45
N PRO A 147 -49.79 -13.58 -17.02
CA PRO A 147 -50.85 -12.58 -17.07
C PRO A 147 -51.69 -12.51 -15.78
N VAL A 148 -52.24 -11.34 -15.51
CA VAL A 148 -53.23 -11.18 -14.44
C VAL A 148 -54.57 -10.84 -15.04
N GLN A 149 -55.33 -11.88 -15.41
CA GLN A 149 -56.63 -11.69 -16.07
C GLN A 149 -57.60 -10.93 -15.17
N THR A 150 -57.87 -9.68 -15.51
CA THR A 150 -58.74 -8.82 -14.72
C THR A 150 -60.20 -9.21 -14.89
N GLY A 151 -60.56 -9.71 -16.06
CA GLY A 151 -61.93 -10.09 -16.35
C GLY A 151 -62.68 -8.97 -17.04
N LEU A 152 -62.03 -7.82 -17.16
CA LEU A 152 -62.62 -6.66 -17.81
C LEU A 152 -62.23 -6.62 -19.29
N LYS A 153 -63.22 -6.74 -20.16
CA LYS A 153 -62.99 -6.75 -21.61
C LYS A 153 -62.03 -5.66 -22.04
N ALA A 154 -62.34 -4.41 -21.69
CA ALA A 154 -61.52 -3.27 -22.08
C ALA A 154 -60.09 -3.39 -21.56
N VAL A 155 -59.94 -3.93 -20.36
CA VAL A 155 -58.63 -4.02 -19.72
C VAL A 155 -57.76 -5.13 -20.31
N ASP A 156 -58.27 -6.36 -20.28
CA ASP A 156 -57.52 -7.52 -20.76
C ASP A 156 -57.21 -7.43 -22.26
N ALA A 157 -58.06 -6.71 -22.99
CA ALA A 157 -57.88 -6.57 -24.43
C ALA A 157 -56.92 -5.44 -24.78
N LEU A 158 -57.21 -4.24 -24.28
CA LEU A 158 -56.44 -3.05 -24.63
C LEU A 158 -55.17 -2.88 -23.78
N VAL A 159 -55.33 -2.92 -22.46
CA VAL A 159 -54.20 -2.71 -21.55
C VAL A 159 -54.00 -3.89 -20.62
N PRO A 160 -53.34 -4.95 -21.12
CA PRO A 160 -53.08 -6.18 -20.36
C PRO A 160 -52.10 -5.96 -19.21
N ILE A 161 -52.42 -6.51 -18.04
CA ILE A 161 -51.56 -6.39 -16.87
C ILE A 161 -50.82 -7.69 -16.60
N GLY A 162 -49.50 -7.60 -16.42
CA GLY A 162 -48.69 -8.79 -16.19
C GLY A 162 -48.32 -8.97 -14.72
N ARG A 163 -48.01 -10.21 -14.35
CA ARG A 163 -47.61 -10.51 -12.98
C ARG A 163 -46.23 -9.96 -12.68
N GLY A 164 -46.14 -9.16 -11.61
CA GLY A 164 -44.91 -8.47 -11.27
C GLY A 164 -44.94 -7.04 -11.78
N GLN A 165 -45.86 -6.79 -12.70
CA GLN A 165 -46.03 -5.47 -13.30
C GLN A 165 -46.67 -4.49 -12.32
N ARG A 166 -46.66 -3.21 -12.68
CA ARG A 166 -47.27 -2.17 -11.86
C ARG A 166 -48.12 -1.25 -12.72
N GLU A 167 -49.42 -1.50 -12.76
CA GLU A 167 -50.34 -0.72 -13.58
C GLU A 167 -51.13 0.28 -12.75
N LEU A 168 -50.89 1.57 -12.97
CA LEU A 168 -51.56 2.61 -12.22
C LEU A 168 -53.04 2.78 -12.60
N ILE A 169 -53.91 2.74 -11.60
CA ILE A 169 -55.33 3.01 -11.81
C ILE A 169 -55.58 4.49 -11.54
N ILE A 170 -55.27 5.33 -12.52
CA ILE A 170 -55.36 6.78 -12.33
C ILE A 170 -56.63 7.37 -12.93
N GLY A 171 -57.22 8.32 -12.21
CA GLY A 171 -58.45 8.95 -12.64
C GLY A 171 -58.98 9.95 -11.62
N ASP A 172 -60.18 10.46 -11.87
CA ASP A 172 -60.79 11.46 -11.00
C ASP A 172 -61.77 10.82 -10.02
N ARG A 173 -62.32 11.64 -9.13
CA ARG A 173 -63.28 11.18 -8.13
C ARG A 173 -64.53 10.59 -8.79
N GLN A 174 -65.04 9.51 -8.21
CA GLN A 174 -66.30 8.90 -8.65
C GLN A 174 -66.29 8.59 -10.14
N THR A 175 -65.23 7.94 -10.62
CA THR A 175 -65.14 7.54 -12.01
C THR A 175 -65.13 6.02 -12.16
N GLY A 176 -64.75 5.33 -11.09
CA GLY A 176 -64.76 3.87 -11.07
C GLY A 176 -63.40 3.26 -10.81
N LYS A 177 -62.46 4.07 -10.33
CA LYS A 177 -61.12 3.59 -10.02
C LYS A 177 -61.17 2.33 -9.17
N THR A 178 -61.95 2.40 -8.09
CA THR A 178 -62.10 1.27 -7.18
C THR A 178 -62.94 0.17 -7.83
N ALA A 179 -63.98 0.57 -8.54
CA ALA A 179 -64.86 -0.37 -9.23
C ALA A 179 -64.07 -1.29 -10.15
N VAL A 180 -63.07 -0.73 -10.82
CA VAL A 180 -62.20 -1.51 -11.72
C VAL A 180 -61.34 -2.49 -10.93
N ALA A 181 -60.60 -1.97 -9.95
CA ALA A 181 -59.72 -2.80 -9.14
C ALA A 181 -60.47 -3.95 -8.47
N LEU A 182 -61.70 -3.68 -8.06
CA LEU A 182 -62.52 -4.69 -7.39
C LEU A 182 -62.84 -5.87 -8.30
N ASP A 183 -63.39 -5.59 -9.47
CA ASP A 183 -63.74 -6.62 -10.44
C ASP A 183 -62.56 -7.55 -10.73
N THR A 184 -61.35 -6.99 -10.69
CA THR A 184 -60.15 -7.79 -10.88
C THR A 184 -60.06 -8.85 -9.79
N ILE A 185 -60.14 -8.42 -8.55
CA ILE A 185 -60.11 -9.34 -7.41
C ILE A 185 -61.21 -10.38 -7.53
N LEU A 186 -62.35 -9.98 -8.08
CA LEU A 186 -63.50 -10.86 -8.22
C LEU A 186 -63.28 -11.99 -9.24
N ASN A 187 -62.63 -11.65 -10.34
CA ASN A 187 -62.39 -12.62 -11.40
C ASN A 187 -61.42 -13.72 -10.98
N GLN A 188 -60.72 -13.50 -9.86
CA GLN A 188 -59.70 -14.43 -9.40
C GLN A 188 -60.27 -15.74 -8.86
N LYS A 189 -61.59 -15.75 -8.62
CA LYS A 189 -62.27 -16.94 -8.11
C LYS A 189 -62.02 -18.15 -9.00
N ARG A 190 -61.93 -17.90 -10.31
CA ARG A 190 -61.74 -18.96 -11.29
C ARG A 190 -60.53 -19.84 -11.02
N TRP A 191 -59.56 -19.31 -10.27
CA TRP A 191 -58.33 -20.04 -9.99
C TRP A 191 -58.13 -20.32 -8.51
N ASN A 192 -58.51 -19.36 -7.67
CA ASN A 192 -58.36 -19.50 -6.22
C ASN A 192 -59.28 -20.59 -5.65
N ASN A 193 -60.23 -21.04 -6.45
CA ASN A 193 -61.06 -22.18 -6.09
C ASN A 193 -60.46 -23.47 -6.63
N GLY A 194 -59.43 -23.32 -7.44
CA GLY A 194 -58.74 -24.46 -8.04
C GLY A 194 -57.69 -25.05 -7.13
N SER A 195 -57.03 -26.11 -7.60
CA SER A 195 -56.04 -26.82 -6.81
C SER A 195 -54.63 -26.30 -7.07
N ASP A 196 -54.35 -25.94 -8.32
CA ASP A 196 -53.03 -25.47 -8.70
C ASP A 196 -52.68 -24.14 -8.03
N GLU A 197 -51.60 -24.14 -7.26
CA GLU A 197 -51.17 -22.94 -6.53
C GLU A 197 -50.42 -21.96 -7.42
N SER A 198 -49.89 -22.44 -8.53
CA SER A 198 -49.13 -21.59 -9.44
C SER A 198 -50.06 -20.68 -10.26
N LYS A 199 -51.33 -21.05 -10.32
CA LYS A 199 -52.32 -20.26 -11.05
C LYS A 199 -53.13 -19.36 -10.12
N LYS A 200 -53.13 -19.69 -8.84
CA LYS A 200 -53.83 -18.87 -7.85
C LYS A 200 -53.21 -17.48 -7.78
N LEU A 201 -53.97 -16.53 -7.24
CA LEU A 201 -53.51 -15.15 -7.11
C LEU A 201 -54.18 -14.48 -5.92
N TYR A 202 -53.55 -14.60 -4.75
CA TYR A 202 -54.09 -13.99 -3.54
C TYR A 202 -54.07 -12.47 -3.66
N CYS A 203 -54.96 -11.80 -2.94
CA CYS A 203 -55.08 -10.34 -3.06
C CYS A 203 -54.85 -9.62 -1.74
N VAL A 204 -54.49 -8.33 -1.84
CA VAL A 204 -54.28 -7.49 -0.67
C VAL A 204 -54.80 -6.08 -0.94
N TYR A 205 -55.91 -5.74 -0.29
CA TYR A 205 -56.52 -4.42 -0.48
C TYR A 205 -56.12 -3.47 0.65
N VAL A 206 -55.43 -2.39 0.28
CA VAL A 206 -54.95 -1.43 1.28
C VAL A 206 -55.83 -0.17 1.28
N ALA A 207 -56.75 -0.11 2.23
CA ALA A 207 -57.62 1.05 2.36
C ALA A 207 -56.93 2.17 3.14
N VAL A 208 -56.44 3.16 2.41
CA VAL A 208 -55.75 4.29 3.02
C VAL A 208 -56.54 5.59 2.88
N GLY A 209 -57.11 6.06 3.98
CA GLY A 209 -57.85 7.30 3.97
C GLY A 209 -59.36 7.12 3.92
N GLN A 210 -59.81 6.05 3.28
CA GLN A 210 -61.23 5.77 3.16
C GLN A 210 -61.91 5.80 4.52
N LYS A 211 -63.19 6.17 4.53
CA LYS A 211 -63.97 6.15 5.76
C LYS A 211 -64.44 4.73 6.06
N ARG A 212 -64.45 4.38 7.35
CA ARG A 212 -64.80 3.03 7.78
C ARG A 212 -66.05 2.48 7.10
N SER A 213 -67.06 3.32 6.95
CA SER A 213 -68.29 2.93 6.27
C SER A 213 -67.97 2.26 4.93
N THR A 214 -67.17 2.93 4.11
CA THR A 214 -66.81 2.42 2.80
C THR A 214 -66.04 1.10 2.90
N VAL A 215 -65.05 1.06 3.78
CA VAL A 215 -64.24 -0.14 3.96
C VAL A 215 -65.13 -1.32 4.35
N ALA A 216 -66.08 -1.07 5.25
CA ALA A 216 -67.04 -2.09 5.64
C ALA A 216 -67.90 -2.49 4.45
N GLN A 217 -68.30 -1.50 3.67
CA GLN A 217 -69.12 -1.72 2.49
C GLN A 217 -68.40 -2.64 1.51
N LEU A 218 -67.10 -2.42 1.36
CA LEU A 218 -66.28 -3.23 0.47
C LEU A 218 -66.27 -4.69 0.90
N VAL A 219 -65.98 -4.92 2.18
CA VAL A 219 -65.89 -6.28 2.72
C VAL A 219 -67.14 -7.09 2.43
N GLN A 220 -68.30 -6.57 2.85
CA GLN A 220 -69.56 -7.27 2.65
C GLN A 220 -69.79 -7.59 1.17
N THR A 221 -69.29 -6.74 0.28
CA THR A 221 -69.43 -6.96 -1.15
C THR A 221 -68.54 -8.12 -1.60
N LEU A 222 -67.32 -8.15 -1.08
CA LEU A 222 -66.40 -9.25 -1.34
C LEU A 222 -66.94 -10.54 -0.71
N GLU A 223 -67.78 -10.38 0.30
CA GLU A 223 -68.36 -11.52 1.02
C GLU A 223 -69.46 -12.16 0.19
N GLN A 224 -70.28 -11.33 -0.43
CA GLN A 224 -71.40 -11.80 -1.24
C GLN A 224 -70.90 -12.39 -2.56
N HIS A 225 -69.59 -12.52 -2.70
CA HIS A 225 -68.99 -13.09 -3.91
C HIS A 225 -67.95 -14.15 -3.57
N ASP A 226 -67.81 -14.45 -2.28
CA ASP A 226 -66.88 -15.48 -1.82
C ASP A 226 -65.45 -15.23 -2.29
N ALA A 227 -65.13 -13.98 -2.58
CA ALA A 227 -63.77 -13.61 -2.97
C ALA A 227 -63.02 -13.03 -1.78
N MET A 228 -63.68 -12.99 -0.63
CA MET A 228 -63.11 -12.39 0.57
C MET A 228 -62.29 -13.43 1.32
N LYS A 229 -62.45 -14.68 0.93
CA LYS A 229 -61.72 -15.79 1.56
C LYS A 229 -60.27 -15.87 1.13
N TYR A 230 -59.94 -15.21 0.02
CA TYR A 230 -58.55 -15.17 -0.45
C TYR A 230 -58.02 -13.74 -0.55
N SER A 231 -58.63 -12.83 0.21
CA SER A 231 -58.21 -11.45 0.22
C SER A 231 -57.83 -11.00 1.62
N ILE A 232 -56.98 -9.98 1.71
CA ILE A 232 -56.58 -9.42 2.99
C ILE A 232 -56.71 -7.90 2.96
N ILE A 233 -57.55 -7.36 3.85
CA ILE A 233 -57.78 -5.92 3.88
C ILE A 233 -56.99 -5.23 4.99
N VAL A 234 -56.15 -4.28 4.61
CA VAL A 234 -55.46 -3.43 5.57
C VAL A 234 -56.17 -2.09 5.64
N ALA A 235 -56.60 -1.70 6.84
CA ALA A 235 -57.41 -0.50 6.99
C ALA A 235 -56.75 0.61 7.80
N ALA A 236 -56.40 1.69 7.11
CA ALA A 236 -55.92 2.91 7.76
C ALA A 236 -56.85 4.07 7.40
N THR A 237 -58.02 4.11 8.04
CA THR A 237 -59.06 5.07 7.70
C THR A 237 -58.68 6.52 8.00
N ALA A 238 -59.54 7.45 7.59
CA ALA A 238 -59.29 8.88 7.78
C ALA A 238 -59.26 9.25 9.26
N SER A 239 -59.88 8.42 10.09
CA SER A 239 -59.92 8.66 11.53
C SER A 239 -58.58 8.38 12.18
N GLU A 240 -58.02 7.21 11.91
CA GLU A 240 -56.75 6.79 12.50
C GLU A 240 -55.64 7.78 12.20
N ALA A 241 -54.63 7.82 13.07
CA ALA A 241 -53.55 8.78 12.96
C ALA A 241 -52.84 8.75 11.61
N ALA A 242 -52.00 9.76 11.39
CA ALA A 242 -51.26 9.89 10.14
C ALA A 242 -50.23 8.78 9.93
N PRO A 243 -49.39 8.52 10.95
CA PRO A 243 -48.37 7.48 10.82
C PRO A 243 -48.96 6.13 10.39
N LEU A 244 -50.19 5.86 10.82
CA LEU A 244 -50.87 4.62 10.46
C LEU A 244 -51.19 4.57 8.97
N GLN A 245 -51.58 5.71 8.41
CA GLN A 245 -51.86 5.81 6.98
C GLN A 245 -50.56 5.86 6.19
N TYR A 246 -49.49 6.28 6.86
CA TYR A 246 -48.17 6.33 6.25
C TYR A 246 -47.59 4.92 6.12
N LEU A 247 -47.80 4.10 7.15
CA LEU A 247 -47.28 2.74 7.17
C LEU A 247 -48.14 1.78 6.36
N ALA A 248 -49.45 2.03 6.35
CA ALA A 248 -50.42 1.13 5.72
C ALA A 248 -49.92 0.43 4.46
N PRO A 249 -49.52 1.19 3.44
CA PRO A 249 -49.04 0.59 2.18
C PRO A 249 -47.82 -0.30 2.41
N PHE A 250 -46.79 0.25 3.05
CA PHE A 250 -45.58 -0.51 3.36
C PHE A 250 -45.91 -1.81 4.12
N THR A 251 -46.66 -1.66 5.21
CA THR A 251 -47.08 -2.81 6.00
C THR A 251 -47.74 -3.87 5.12
N ALA A 252 -48.73 -3.45 4.34
CA ALA A 252 -49.46 -4.35 3.45
C ALA A 252 -48.54 -4.94 2.40
N ALA A 253 -47.60 -4.14 1.90
CA ALA A 253 -46.64 -4.59 0.91
C ALA A 253 -45.86 -5.80 1.41
N SER A 254 -45.75 -5.91 2.73
CA SER A 254 -45.07 -7.04 3.36
C SER A 254 -45.99 -8.25 3.43
N ILE A 255 -47.25 -8.00 3.79
CA ILE A 255 -48.24 -9.07 3.89
C ILE A 255 -48.31 -9.86 2.58
N GLY A 256 -48.24 -9.15 1.47
CA GLY A 256 -48.29 -9.77 0.16
C GLY A 256 -46.93 -10.27 -0.28
N GLU A 257 -45.88 -9.59 0.15
CA GLU A 257 -44.52 -9.96 -0.21
C GLU A 257 -44.19 -11.36 0.30
N TRP A 258 -44.93 -11.81 1.30
CA TRP A 258 -44.76 -13.16 1.84
C TRP A 258 -45.06 -14.19 0.75
N PHE A 259 -46.14 -13.97 0.00
CA PHE A 259 -46.54 -14.89 -1.05
C PHE A 259 -45.49 -14.94 -2.16
N ARG A 260 -44.95 -13.78 -2.50
CA ARG A 260 -43.93 -13.68 -3.54
C ARG A 260 -42.68 -14.46 -3.15
N ASP A 261 -42.33 -14.42 -1.87
CA ASP A 261 -41.11 -15.05 -1.38
C ASP A 261 -41.24 -16.57 -1.30
N ASN A 262 -42.48 -17.06 -1.39
CA ASN A 262 -42.73 -18.49 -1.26
C ASN A 262 -43.32 -19.13 -2.53
N GLY A 263 -42.98 -18.56 -3.67
CA GLY A 263 -43.37 -19.13 -4.96
C GLY A 263 -44.82 -18.89 -5.35
N LYS A 264 -45.55 -18.16 -4.51
CA LYS A 264 -46.95 -17.87 -4.79
C LYS A 264 -47.13 -16.48 -5.39
N HIS A 265 -48.33 -16.19 -5.88
CA HIS A 265 -48.59 -14.91 -6.53
C HIS A 265 -49.59 -14.06 -5.75
N ALA A 266 -49.32 -12.78 -5.64
CA ALA A 266 -50.19 -11.87 -4.91
C ALA A 266 -50.40 -10.55 -5.65
N LEU A 267 -51.63 -10.05 -5.60
CA LEU A 267 -51.98 -8.77 -6.19
C LEU A 267 -52.39 -7.78 -5.12
N ILE A 268 -51.68 -6.66 -5.04
CA ILE A 268 -51.97 -5.65 -4.01
C ILE A 268 -52.47 -4.34 -4.62
N VAL A 269 -53.57 -3.82 -4.06
CA VAL A 269 -54.15 -2.58 -4.54
C VAL A 269 -54.04 -1.48 -3.48
N TYR A 270 -53.39 -0.38 -3.84
CA TYR A 270 -53.25 0.76 -2.93
C TYR A 270 -54.34 1.79 -3.18
N ASP A 271 -55.40 1.74 -2.38
CA ASP A 271 -56.50 2.70 -2.50
C ASP A 271 -56.61 3.57 -1.25
N ASP A 272 -55.98 4.75 -1.30
CA ASP A 272 -55.24 5.18 -2.48
C ASP A 272 -53.95 5.89 -2.10
N LEU A 273 -52.98 5.89 -3.01
CA LEU A 273 -51.67 6.47 -2.74
C LEU A 273 -51.70 8.00 -2.65
N SER A 274 -52.68 8.61 -3.29
CA SER A 274 -52.82 10.07 -3.24
C SER A 274 -53.00 10.53 -1.80
N LYS A 275 -53.65 9.70 -1.00
CA LYS A 275 -53.96 10.03 0.39
C LYS A 275 -52.82 9.67 1.34
N GLN A 276 -51.99 8.71 0.96
CA GLN A 276 -50.81 8.39 1.74
C GLN A 276 -49.84 9.56 1.70
N ALA A 277 -49.67 10.11 0.49
CA ALA A 277 -48.80 11.26 0.30
C ALA A 277 -49.17 12.37 1.27
N VAL A 278 -50.45 12.75 1.27
CA VAL A 278 -50.96 13.77 2.17
C VAL A 278 -50.60 13.44 3.61
N ALA A 279 -50.73 12.17 3.99
CA ALA A 279 -50.41 11.73 5.34
C ALA A 279 -48.95 12.02 5.69
N TYR A 280 -48.05 11.58 4.82
CA TYR A 280 -46.62 11.79 5.04
C TYR A 280 -46.28 13.27 5.05
N ARG A 281 -47.07 14.06 4.32
CA ARG A 281 -46.89 15.50 4.31
C ARG A 281 -47.22 16.06 5.68
N GLN A 282 -48.31 15.59 6.26
CA GLN A 282 -48.75 16.02 7.59
C GLN A 282 -47.68 15.73 8.64
N LEU A 283 -47.08 14.55 8.54
CA LEU A 283 -46.00 14.15 9.45
C LEU A 283 -44.78 15.06 9.31
N SER A 284 -44.28 15.16 8.08
CA SER A 284 -43.06 15.91 7.82
C SER A 284 -43.19 17.40 8.17
N LEU A 285 -44.36 17.96 7.90
CA LEU A 285 -44.60 19.38 8.17
C LEU A 285 -44.55 19.69 9.67
N LEU A 286 -45.16 18.83 10.47
CA LEU A 286 -45.20 19.02 11.92
C LEU A 286 -43.83 18.74 12.55
N LEU A 287 -43.08 17.82 11.93
CA LEU A 287 -41.76 17.45 12.42
C LEU A 287 -40.70 18.48 12.04
N ARG A 288 -41.16 19.66 11.63
CA ARG A 288 -40.25 20.75 11.25
C ARG A 288 -39.24 20.32 10.20
N ARG A 289 -39.74 19.67 9.15
CA ARG A 289 -38.90 19.25 8.04
C ARG A 289 -39.08 20.16 6.84
N PRO A 290 -38.00 20.42 6.09
CA PRO A 290 -38.01 21.29 4.91
C PRO A 290 -39.11 20.92 3.93
N PRO A 291 -40.03 21.86 3.65
CA PRO A 291 -41.11 21.65 2.70
C PRO A 291 -40.62 21.72 1.26
N GLY A 292 -41.33 21.08 0.35
CA GLY A 292 -40.99 21.12 -1.07
C GLY A 292 -42.15 21.62 -1.90
N ARG A 293 -42.15 21.30 -3.18
CA ARG A 293 -43.22 21.71 -4.08
C ARG A 293 -44.59 21.30 -3.53
N GLU A 294 -45.42 22.29 -3.24
CA GLU A 294 -46.77 22.06 -2.73
C GLU A 294 -46.76 21.40 -1.35
N ALA A 295 -45.83 21.82 -0.50
CA ALA A 295 -45.77 21.41 0.91
C ALA A 295 -45.18 20.01 1.14
N TYR A 296 -45.28 19.13 0.14
CA TYR A 296 -44.72 17.80 0.26
C TYR A 296 -43.22 17.86 0.49
N PRO A 297 -42.71 17.05 1.45
CA PRO A 297 -41.28 16.99 1.75
C PRO A 297 -40.46 16.61 0.52
N GLY A 298 -39.14 16.66 0.64
CA GLY A 298 -38.27 16.31 -0.47
C GLY A 298 -38.46 14.89 -0.94
N ASP A 299 -38.35 13.94 -0.02
CA ASP A 299 -38.49 12.53 -0.34
C ASP A 299 -39.94 12.07 -0.35
N VAL A 300 -40.78 12.80 -1.07
CA VAL A 300 -42.17 12.40 -1.28
C VAL A 300 -42.22 11.46 -2.48
N PHE A 301 -41.16 11.51 -3.29
CA PHE A 301 -41.03 10.64 -4.46
C PHE A 301 -40.41 9.32 -4.04
N TYR A 302 -39.42 9.39 -3.15
CA TYR A 302 -38.73 8.21 -2.66
C TYR A 302 -39.66 7.37 -1.78
N LEU A 303 -40.70 7.99 -1.26
CA LEU A 303 -41.72 7.30 -0.49
C LEU A 303 -42.43 6.28 -1.36
N HIS A 304 -43.00 6.76 -2.46
CA HIS A 304 -43.73 5.93 -3.39
C HIS A 304 -42.81 5.02 -4.21
N SER A 305 -41.58 5.47 -4.42
CA SER A 305 -40.60 4.68 -5.17
C SER A 305 -40.18 3.46 -4.37
N ARG A 306 -39.91 3.65 -3.08
CA ARG A 306 -39.60 2.54 -2.19
C ARG A 306 -40.68 1.47 -2.28
N LEU A 307 -41.93 1.91 -2.16
CA LEU A 307 -43.07 1.01 -2.13
C LEU A 307 -43.24 0.21 -3.41
N LEU A 308 -43.55 0.91 -4.51
CA LEU A 308 -43.89 0.25 -5.76
C LEU A 308 -42.78 -0.65 -6.31
N GLU A 309 -41.53 -0.20 -6.21
CA GLU A 309 -40.41 -0.98 -6.72
C GLU A 309 -40.20 -2.28 -5.92
N ARG A 310 -41.03 -2.49 -4.91
CA ARG A 310 -41.00 -3.73 -4.14
C ARG A 310 -41.79 -4.82 -4.85
N ALA A 311 -42.76 -4.40 -5.67
CA ALA A 311 -43.56 -5.34 -6.45
C ALA A 311 -42.77 -5.82 -7.66
N ALA A 312 -42.61 -7.13 -7.78
CA ALA A 312 -41.83 -7.69 -8.88
C ALA A 312 -42.04 -9.19 -9.06
N LYS A 313 -41.67 -9.69 -10.24
CA LYS A 313 -41.71 -11.11 -10.55
C LYS A 313 -40.31 -11.68 -10.40
N LEU A 314 -40.10 -12.48 -9.36
CA LEU A 314 -38.78 -13.04 -9.07
C LEU A 314 -38.33 -14.04 -10.13
N SER A 315 -37.03 -14.22 -10.27
CA SER A 315 -36.48 -15.16 -11.23
C SER A 315 -36.79 -16.58 -10.82
N GLU A 316 -36.66 -17.51 -11.75
CA GLU A 316 -36.90 -18.92 -11.47
C GLU A 316 -35.94 -19.40 -10.40
N LYS A 317 -34.81 -18.71 -10.28
CA LYS A 317 -33.76 -19.06 -9.34
C LYS A 317 -34.30 -19.22 -7.91
N GLU A 318 -35.13 -18.28 -7.48
CA GLU A 318 -35.60 -18.27 -6.10
C GLU A 318 -36.97 -18.94 -5.91
N GLY A 319 -37.97 -18.50 -6.66
CA GLY A 319 -39.30 -19.05 -6.50
C GLY A 319 -40.25 -18.78 -7.65
N SER A 320 -39.95 -17.75 -8.43
CA SER A 320 -40.80 -17.38 -9.57
C SER A 320 -42.11 -16.74 -9.11
N GLY A 321 -42.23 -16.52 -7.81
CA GLY A 321 -43.40 -15.86 -7.25
C GLY A 321 -43.46 -14.43 -7.74
N SER A 322 -44.67 -13.85 -7.77
CA SER A 322 -44.85 -12.50 -8.28
C SER A 322 -45.70 -11.64 -7.35
N LEU A 323 -45.33 -10.37 -7.24
CA LEU A 323 -46.12 -9.40 -6.50
C LEU A 323 -46.56 -8.27 -7.43
N THR A 324 -47.79 -8.35 -7.91
CA THR A 324 -48.33 -7.32 -8.80
C THR A 324 -48.97 -6.21 -7.98
N ALA A 325 -48.83 -4.97 -8.45
CA ALA A 325 -49.34 -3.81 -7.72
C ALA A 325 -50.20 -2.91 -8.60
N LEU A 326 -51.39 -2.58 -8.12
CA LEU A 326 -52.28 -1.67 -8.81
C LEU A 326 -52.53 -0.43 -7.96
N PRO A 327 -51.63 0.56 -8.03
CA PRO A 327 -51.76 1.77 -7.22
C PRO A 327 -52.92 2.63 -7.70
N VAL A 328 -53.53 3.38 -6.79
CA VAL A 328 -54.66 4.24 -7.14
C VAL A 328 -54.36 5.71 -6.83
N ILE A 329 -54.52 6.57 -7.84
CA ILE A 329 -54.32 8.00 -7.66
C ILE A 329 -55.59 8.77 -7.97
N GLU A 330 -56.02 9.59 -7.01
CA GLU A 330 -57.20 10.43 -7.20
C GLU A 330 -56.77 11.80 -7.72
N THR A 331 -57.02 12.04 -9.00
CA THR A 331 -56.61 13.29 -9.64
C THR A 331 -57.73 14.34 -9.57
N GLN A 332 -57.34 15.58 -9.30
CA GLN A 332 -58.30 16.68 -9.20
C GLN A 332 -58.49 17.37 -10.54
N GLY A 333 -59.75 17.46 -10.98
CA GLY A 333 -60.09 18.17 -12.20
C GLY A 333 -59.41 17.63 -13.44
N GLY A 334 -58.94 16.39 -13.38
CA GLY A 334 -58.33 15.74 -14.53
C GLY A 334 -56.83 15.99 -14.65
N ASP A 335 -56.36 17.05 -14.00
CA ASP A 335 -54.94 17.38 -14.02
C ASP A 335 -54.08 16.17 -13.66
N VAL A 336 -53.15 15.83 -14.55
CA VAL A 336 -52.26 14.69 -14.33
C VAL A 336 -50.81 15.11 -14.36
N SER A 337 -50.56 16.42 -14.37
CA SER A 337 -49.20 16.95 -14.39
C SER A 337 -48.78 17.45 -13.02
N ALA A 338 -49.66 17.33 -12.03
CA ALA A 338 -49.35 17.74 -10.67
C ALA A 338 -48.14 16.99 -10.15
N TYR A 339 -47.65 17.39 -8.97
CA TYR A 339 -46.44 16.78 -8.42
C TYR A 339 -46.60 15.29 -8.15
N ILE A 340 -47.53 14.94 -7.25
CA ILE A 340 -47.74 13.54 -6.87
C ILE A 340 -48.15 12.64 -8.04
N PRO A 341 -49.20 13.04 -8.79
CA PRO A 341 -49.67 12.21 -9.89
C PRO A 341 -48.55 11.81 -10.84
N THR A 342 -47.89 12.80 -11.45
CA THR A 342 -46.80 12.55 -12.39
C THR A 342 -45.69 11.75 -11.75
N ASN A 343 -45.49 11.93 -10.45
CA ASN A 343 -44.48 11.19 -9.71
C ASN A 343 -44.71 9.69 -9.79
N VAL A 344 -45.90 9.24 -9.39
CA VAL A 344 -46.24 7.82 -9.42
C VAL A 344 -46.18 7.26 -10.85
N ILE A 345 -46.77 8.00 -11.78
CA ILE A 345 -46.79 7.59 -13.18
C ILE A 345 -45.40 7.24 -13.70
N SER A 346 -44.41 8.04 -13.33
CA SER A 346 -43.04 7.84 -13.80
C SER A 346 -42.38 6.63 -13.15
N ILE A 347 -43.14 5.89 -12.35
CA ILE A 347 -42.62 4.69 -11.71
C ILE A 347 -43.35 3.45 -12.20
N THR A 348 -44.66 3.57 -12.37
CA THR A 348 -45.49 2.45 -12.80
C THR A 348 -45.16 2.01 -14.23
N ASP A 349 -45.40 0.74 -14.51
CA ASP A 349 -45.11 0.17 -15.83
C ASP A 349 -46.31 0.30 -16.76
N GLY A 350 -47.08 1.38 -16.59
CA GLY A 350 -48.26 1.60 -17.40
C GLY A 350 -49.35 2.31 -16.62
N GLN A 351 -50.31 2.90 -17.33
CA GLN A 351 -51.38 3.63 -16.68
C GLN A 351 -52.75 3.28 -17.26
N ILE A 352 -53.76 3.25 -16.41
CA ILE A 352 -55.14 3.06 -16.84
C ILE A 352 -55.97 4.27 -16.44
N PHE A 353 -56.42 5.03 -17.43
CA PHE A 353 -57.11 6.29 -17.19
C PHE A 353 -58.62 6.16 -17.28
N LEU A 354 -59.32 6.88 -16.40
CA LEU A 354 -60.78 6.90 -16.41
C LEU A 354 -61.30 8.33 -16.53
N GLU A 355 -62.10 8.59 -17.55
CA GLU A 355 -62.65 9.91 -17.78
C GLU A 355 -64.09 10.01 -17.29
N ALA A 356 -64.46 11.17 -16.77
CA ALA A 356 -65.83 11.44 -16.38
C ALA A 356 -66.69 11.57 -17.63
N GLU A 357 -66.12 12.19 -18.66
CA GLU A 357 -66.81 12.37 -19.94
C GLU A 357 -67.43 11.06 -20.43
N LEU A 358 -66.59 10.03 -20.57
CA LEU A 358 -67.05 8.74 -21.05
C LEU A 358 -67.96 8.06 -20.02
N PHE A 359 -67.69 8.31 -18.74
CA PHE A 359 -68.44 7.67 -17.66
C PHE A 359 -69.93 7.98 -17.73
N TYR A 360 -70.26 9.25 -17.96
CA TYR A 360 -71.67 9.65 -18.09
C TYR A 360 -72.21 9.26 -19.45
N LYS A 361 -71.33 9.30 -20.46
CA LYS A 361 -71.71 8.97 -21.83
C LYS A 361 -72.29 7.56 -21.92
N GLY A 362 -71.82 6.68 -21.05
CA GLY A 362 -72.30 5.30 -21.02
C GLY A 362 -71.20 4.27 -21.12
N ILE A 363 -70.00 4.73 -21.46
CA ILE A 363 -68.85 3.84 -21.60
C ILE A 363 -68.29 3.43 -20.25
N ARG A 364 -68.54 2.20 -19.84
CA ARG A 364 -68.06 1.69 -18.56
C ARG A 364 -67.45 0.30 -18.72
N PRO A 365 -66.20 0.13 -18.27
CA PRO A 365 -65.41 1.19 -17.62
C PRO A 365 -64.95 2.27 -18.59
N ALA A 366 -65.02 3.52 -18.16
CA ALA A 366 -64.61 4.63 -19.00
C ALA A 366 -63.09 4.70 -19.13
N ILE A 367 -62.56 4.04 -20.16
CA ILE A 367 -61.12 3.97 -20.35
C ILE A 367 -60.69 4.80 -21.56
N ASN A 368 -59.76 5.73 -21.33
CA ASN A 368 -59.19 6.52 -22.42
C ASN A 368 -57.95 5.82 -22.99
N VAL A 369 -58.18 4.97 -23.98
CA VAL A 369 -57.11 4.17 -24.57
C VAL A 369 -55.99 5.04 -25.14
N GLY A 370 -56.33 6.28 -25.47
CA GLY A 370 -55.37 7.21 -26.03
C GLY A 370 -54.26 7.57 -25.07
N LEU A 371 -54.55 7.47 -23.77
CA LEU A 371 -53.58 7.79 -22.73
C LEU A 371 -53.20 6.54 -21.92
N SER A 372 -54.18 5.69 -21.66
CA SER A 372 -53.95 4.46 -20.90
C SER A 372 -53.19 3.43 -21.73
N VAL A 373 -51.96 3.15 -21.34
CA VAL A 373 -51.12 2.19 -22.04
C VAL A 373 -50.21 1.41 -21.10
N SER A 374 -50.12 0.11 -21.31
CA SER A 374 -49.21 -0.74 -20.54
C SER A 374 -47.86 -0.85 -21.24
N ARG A 375 -46.78 -0.91 -20.45
CA ARG A 375 -45.45 -1.04 -21.01
C ARG A 375 -45.21 -2.48 -21.49
N VAL A 376 -45.31 -3.43 -20.57
CA VAL A 376 -45.18 -4.84 -20.90
C VAL A 376 -46.12 -5.20 -22.04
N GLY A 377 -47.42 -5.05 -21.78
CA GLY A 377 -48.44 -5.23 -22.80
C GLY A 377 -48.57 -6.63 -23.36
N SER A 378 -48.21 -6.78 -24.63
CA SER A 378 -48.41 -8.03 -25.36
C SER A 378 -47.82 -9.26 -24.68
N ALA A 379 -46.62 -9.10 -24.13
CA ALA A 379 -45.89 -10.22 -23.53
C ALA A 379 -46.66 -10.92 -22.40
N ALA A 380 -47.49 -10.16 -21.69
CA ALA A 380 -48.21 -10.69 -20.55
C ALA A 380 -49.71 -10.85 -20.82
N GLN A 381 -50.05 -11.16 -22.07
CA GLN A 381 -51.43 -11.34 -22.46
C GLN A 381 -51.68 -12.75 -22.97
N VAL A 382 -52.90 -13.25 -22.83
CA VAL A 382 -53.25 -14.56 -23.35
C VAL A 382 -53.07 -14.57 -24.86
N LYS A 383 -52.28 -15.52 -25.36
CA LYS A 383 -51.97 -15.59 -26.78
C LYS A 383 -53.22 -15.65 -27.64
N ALA A 384 -54.27 -16.26 -27.11
CA ALA A 384 -55.53 -16.37 -27.83
C ALA A 384 -56.18 -15.00 -27.96
N LEU A 385 -56.04 -14.18 -26.92
CA LEU A 385 -56.59 -12.82 -26.92
C LEU A 385 -55.73 -11.89 -27.76
N LYS A 386 -54.42 -12.14 -27.75
CA LYS A 386 -53.48 -11.32 -28.50
C LYS A 386 -53.72 -11.44 -30.00
N GLN A 387 -54.14 -12.62 -30.44
CA GLN A 387 -54.40 -12.88 -31.85
C GLN A 387 -55.65 -12.17 -32.37
N VAL A 388 -56.71 -12.20 -31.56
CA VAL A 388 -58.00 -11.66 -31.99
C VAL A 388 -58.12 -10.14 -31.83
N ALA A 389 -57.26 -9.57 -31.00
CA ALA A 389 -57.36 -8.14 -30.69
C ALA A 389 -56.07 -7.37 -30.95
N GLY A 390 -55.25 -7.89 -31.87
CA GLY A 390 -54.00 -7.23 -32.21
C GLY A 390 -54.22 -5.85 -32.80
N SER A 391 -55.20 -5.74 -33.69
CA SER A 391 -55.51 -4.49 -34.36
C SER A 391 -56.58 -3.69 -33.62
N LEU A 392 -57.23 -4.32 -32.66
CA LEU A 392 -58.28 -3.66 -31.90
C LEU A 392 -57.76 -2.40 -31.21
N LYS A 393 -56.49 -2.44 -30.79
CA LYS A 393 -55.86 -1.30 -30.16
C LYS A 393 -55.79 -0.12 -31.12
N LEU A 394 -55.37 -0.39 -32.35
CA LEU A 394 -55.25 0.65 -33.37
C LEU A 394 -56.61 1.15 -33.84
N PHE A 395 -57.48 0.22 -34.22
CA PHE A 395 -58.83 0.55 -34.67
C PHE A 395 -59.44 1.72 -33.91
N LEU A 396 -59.46 1.61 -32.58
CA LEU A 396 -60.08 2.62 -31.73
C LEU A 396 -59.26 3.91 -31.68
N ALA A 397 -57.94 3.78 -31.83
CA ALA A 397 -57.06 4.94 -31.85
C ALA A 397 -57.33 5.81 -33.07
N GLN A 398 -57.80 5.18 -34.14
CA GLN A 398 -58.13 5.89 -35.37
C GLN A 398 -59.62 6.23 -35.40
N TYR A 399 -60.41 5.48 -34.64
CA TYR A 399 -61.84 5.72 -34.56
C TYR A 399 -62.15 7.00 -33.79
N ARG A 400 -61.35 7.28 -32.77
CA ARG A 400 -61.57 8.46 -31.94
C ARG A 400 -61.40 9.77 -32.70
N GLU A 401 -60.40 9.81 -33.59
CA GLU A 401 -60.13 11.01 -34.37
C GLU A 401 -61.12 11.18 -35.51
N VAL A 402 -61.61 10.07 -36.04
CA VAL A 402 -62.59 10.10 -37.13
C VAL A 402 -64.00 10.26 -36.56
N ALA A 403 -64.11 10.14 -35.24
CA ALA A 403 -65.40 10.25 -34.57
C ALA A 403 -66.02 11.64 -34.75
N ALA A 404 -65.17 12.64 -34.94
CA ALA A 404 -65.63 14.02 -35.07
C ALA A 404 -66.31 14.26 -36.41
N PHE A 405 -65.99 13.44 -37.40
CA PHE A 405 -66.54 13.59 -38.74
C PHE A 405 -68.05 13.39 -38.78
N ALA A 406 -68.64 13.08 -37.63
CA ALA A 406 -70.09 12.89 -37.53
C ALA A 406 -70.83 14.13 -38.01
N GLN A 407 -70.23 15.31 -37.79
CA GLN A 407 -70.82 16.56 -38.24
C GLN A 407 -69.89 17.30 -39.20
N SER A 410 -70.56 14.91 -42.33
CA SER A 410 -71.94 14.81 -42.81
C SER A 410 -72.04 13.81 -43.97
N ASP A 411 -70.97 13.68 -44.74
CA ASP A 411 -70.91 12.71 -45.83
C ASP A 411 -69.68 11.82 -45.69
N LEU A 412 -69.86 10.53 -45.99
CA LEU A 412 -68.77 9.56 -45.85
C LEU A 412 -68.43 8.89 -47.18
N ASP A 413 -67.14 8.88 -47.50
CA ASP A 413 -66.65 8.22 -48.71
C ASP A 413 -66.74 6.69 -48.56
N ALA A 414 -65.58 6.04 -48.61
CA ALA A 414 -65.53 4.59 -48.46
C ALA A 414 -64.44 4.17 -47.47
N SER A 415 -63.32 4.88 -47.50
CA SER A 415 -62.21 4.59 -46.60
C SER A 415 -62.56 4.89 -45.15
N THR A 416 -63.32 5.95 -44.93
CA THR A 416 -63.73 6.34 -43.58
C THR A 416 -65.21 6.03 -43.34
N LYS A 417 -65.85 5.45 -44.35
CA LYS A 417 -67.25 5.08 -44.25
C LYS A 417 -67.41 3.84 -43.38
N GLN A 418 -66.45 2.93 -43.47
CA GLN A 418 -66.49 1.68 -42.73
C GLN A 418 -65.91 1.80 -41.32
N THR A 419 -64.85 2.60 -41.18
CA THR A 419 -64.22 2.80 -39.88
C THR A 419 -65.22 3.33 -38.87
N LEU A 420 -66.14 4.18 -39.34
CA LEU A 420 -67.17 4.73 -38.49
C LEU A 420 -68.19 3.67 -38.11
N VAL A 421 -68.27 2.62 -38.93
CA VAL A 421 -69.20 1.52 -38.68
C VAL A 421 -68.68 0.58 -37.59
N ARG A 422 -67.40 0.25 -37.66
CA ARG A 422 -66.79 -0.67 -36.72
C ARG A 422 -66.81 -0.14 -35.30
N GLY A 423 -65.95 0.85 -35.04
CA GLY A 423 -65.78 1.39 -33.70
C GLY A 423 -67.07 1.78 -33.00
N GLU A 424 -68.09 2.14 -33.77
CA GLU A 424 -69.36 2.57 -33.21
C GLU A 424 -70.03 1.45 -32.43
N ARG A 425 -69.67 0.21 -32.73
CA ARG A 425 -70.23 -0.95 -32.03
C ARG A 425 -69.15 -1.70 -31.25
N LEU A 426 -67.88 -1.45 -31.57
CA LEU A 426 -66.78 -2.05 -30.83
C LEU A 426 -66.77 -1.56 -29.39
N THR A 427 -66.83 -0.24 -29.22
CA THR A 427 -66.84 0.37 -27.89
C THR A 427 -68.14 0.05 -27.16
N GLN A 428 -69.21 -0.09 -27.93
CA GLN A 428 -70.51 -0.48 -27.38
C GLN A 428 -70.43 -1.90 -26.82
N LEU A 429 -69.48 -2.69 -27.34
CA LEU A 429 -69.28 -4.04 -26.87
C LEU A 429 -68.31 -4.07 -25.69
N LEU A 430 -67.39 -3.10 -25.66
CA LEU A 430 -66.44 -2.99 -24.56
C LEU A 430 -67.15 -2.62 -23.26
N LYS A 431 -68.36 -2.08 -23.38
CA LYS A 431 -69.18 -1.78 -22.22
C LYS A 431 -69.44 -3.05 -21.42
N GLN A 432 -69.13 -2.99 -20.13
CA GLN A 432 -69.25 -4.16 -19.27
C GLN A 432 -69.74 -3.77 -17.88
N ASN A 433 -70.89 -4.33 -17.49
CA ASN A 433 -71.49 -4.03 -16.19
C ASN A 433 -70.66 -4.57 -15.03
N GLN A 434 -70.69 -3.85 -13.91
CA GLN A 434 -69.89 -4.18 -12.73
C GLN A 434 -70.20 -5.56 -12.18
N TYR A 435 -69.28 -6.09 -11.37
CA TYR A 435 -69.45 -7.39 -10.71
C TYR A 435 -69.69 -8.52 -11.69
N SER A 436 -69.35 -8.31 -12.96
CA SER A 436 -69.58 -9.33 -13.98
C SER A 436 -68.34 -9.61 -14.83
N PRO A 437 -67.27 -10.13 -14.19
CA PRO A 437 -66.03 -10.45 -14.90
C PRO A 437 -66.22 -11.62 -15.87
N LEU A 438 -65.70 -11.48 -17.08
CA LEU A 438 -65.77 -12.55 -18.06
C LEU A 438 -64.43 -13.27 -18.16
N ALA A 439 -64.48 -14.60 -18.32
CA ALA A 439 -63.26 -15.37 -18.49
C ALA A 439 -62.69 -15.14 -19.88
N THR A 440 -61.38 -15.38 -20.03
CA THR A 440 -60.72 -15.22 -21.32
C THR A 440 -61.38 -16.10 -22.37
N GLU A 441 -62.04 -17.16 -21.92
CA GLU A 441 -62.71 -18.09 -22.83
C GLU A 441 -63.99 -17.49 -23.37
N GLU A 442 -64.51 -16.48 -22.66
CA GLU A 442 -65.74 -15.80 -23.08
C GLU A 442 -65.42 -14.46 -23.74
N GLN A 443 -64.15 -14.08 -23.70
CA GLN A 443 -63.71 -12.83 -24.30
C GLN A 443 -63.43 -12.97 -25.78
N VAL A 444 -62.57 -13.94 -26.12
CA VAL A 444 -62.14 -14.12 -27.50
C VAL A 444 -63.29 -14.26 -28.52
N PRO A 445 -64.40 -14.90 -28.13
CA PRO A 445 -65.51 -14.99 -29.09
C PRO A 445 -66.10 -13.62 -29.38
N LEU A 446 -66.23 -12.80 -28.34
CA LEU A 446 -66.83 -11.47 -28.47
C LEU A 446 -65.89 -10.48 -29.15
N ILE A 447 -64.58 -10.71 -29.02
CA ILE A 447 -63.59 -9.85 -29.64
C ILE A 447 -63.33 -10.25 -31.09
N TYR A 448 -63.47 -11.55 -31.37
CA TYR A 448 -63.31 -12.05 -32.73
C TYR A 448 -64.42 -11.51 -33.63
N ALA A 449 -65.65 -11.54 -33.13
CA ALA A 449 -66.79 -11.05 -33.88
C ALA A 449 -66.64 -9.56 -34.19
N GLY A 450 -66.02 -8.83 -33.27
CA GLY A 450 -65.82 -7.41 -33.45
C GLY A 450 -64.75 -7.06 -34.46
N VAL A 451 -63.51 -7.46 -34.18
CA VAL A 451 -62.37 -7.10 -35.03
C VAL A 451 -62.55 -7.56 -36.48
N ASN A 452 -62.90 -8.82 -36.67
CA ASN A 452 -63.10 -9.36 -38.01
C ASN A 452 -64.30 -8.74 -38.73
N GLY A 453 -65.31 -8.34 -37.97
CA GLY A 453 -66.46 -7.66 -38.52
C GLY A 453 -67.63 -8.58 -38.83
N HIS A 454 -68.15 -9.23 -37.79
CA HIS A 454 -69.33 -10.08 -37.91
C HIS A 454 -70.51 -9.42 -37.22
N LEU A 455 -70.26 -8.24 -36.66
CA LEU A 455 -71.27 -7.49 -35.91
C LEU A 455 -71.59 -6.16 -36.57
N ASP A 456 -70.84 -5.84 -37.62
CA ASP A 456 -70.97 -4.55 -38.30
C ASP A 456 -72.40 -4.30 -38.79
N GLY A 457 -73.12 -5.37 -39.08
CA GLY A 457 -74.47 -5.25 -39.62
C GLY A 457 -75.57 -5.53 -38.61
N ILE A 458 -75.40 -5.03 -37.39
CA ILE A 458 -76.40 -5.20 -36.35
C ILE A 458 -76.72 -3.87 -35.65
N GLU A 459 -78.01 -3.61 -35.46
CA GLU A 459 -78.45 -2.40 -34.76
C GLU A 459 -77.92 -2.38 -33.33
N LEU A 460 -77.30 -1.26 -32.95
CA LEU A 460 -76.64 -1.12 -31.66
C LEU A 460 -77.58 -1.42 -30.49
N SER A 461 -78.87 -1.13 -30.67
CA SER A 461 -79.85 -1.29 -29.61
C SER A 461 -79.83 -2.69 -28.99
N ARG A 462 -79.46 -3.69 -29.79
CA ARG A 462 -79.46 -5.07 -29.32
C ARG A 462 -78.06 -5.69 -29.29
N ILE A 463 -77.03 -4.86 -29.35
CA ILE A 463 -75.66 -5.35 -29.27
C ILE A 463 -75.37 -5.84 -27.85
N GLY A 464 -75.94 -5.15 -26.86
CA GLY A 464 -75.78 -5.53 -25.48
C GLY A 464 -76.31 -6.93 -25.23
N GLU A 465 -77.56 -7.16 -25.62
CA GLU A 465 -78.20 -8.46 -25.44
C GLU A 465 -77.56 -9.51 -26.34
N PHE A 466 -76.84 -9.06 -27.36
CA PHE A 466 -76.14 -9.97 -28.26
C PHE A 466 -75.06 -10.73 -27.49
N GLU A 467 -74.35 -10.03 -26.62
CA GLU A 467 -73.29 -10.62 -25.83
C GLU A 467 -73.80 -11.83 -25.05
N SER A 468 -74.91 -11.66 -24.36
CA SER A 468 -75.49 -12.72 -23.55
C SER A 468 -75.94 -13.91 -24.38
N SER A 469 -76.91 -13.70 -25.26
CA SER A 469 -77.47 -14.76 -26.08
C SER A 469 -76.41 -15.52 -26.86
N PHE A 470 -75.37 -14.82 -27.29
CA PHE A 470 -74.30 -15.42 -28.07
C PHE A 470 -73.43 -16.34 -27.22
N LEU A 471 -73.16 -15.92 -25.98
CA LEU A 471 -72.35 -16.70 -25.06
C LEU A 471 -73.12 -17.94 -24.58
N SER A 472 -74.43 -17.80 -24.43
CA SER A 472 -75.27 -18.92 -24.01
C SER A 472 -75.42 -19.92 -25.15
N TYR A 473 -75.31 -19.43 -26.38
CA TYR A 473 -75.38 -20.28 -27.56
C TYR A 473 -74.12 -21.13 -27.67
N LEU A 474 -72.99 -20.54 -27.32
CA LEU A 474 -71.71 -21.24 -27.37
C LEU A 474 -71.61 -22.31 -26.29
N LYS A 475 -71.91 -21.93 -25.06
CA LYS A 475 -71.82 -22.85 -23.93
C LYS A 475 -72.71 -24.08 -24.12
N SER A 476 -73.83 -23.90 -24.80
CA SER A 476 -74.80 -24.97 -25.00
C SER A 476 -74.46 -25.87 -26.18
N ASN A 477 -74.16 -25.24 -27.32
CA ASN A 477 -73.90 -25.99 -28.56
C ASN A 477 -72.42 -26.22 -28.85
N HIS A 478 -71.62 -25.19 -28.69
CA HIS A 478 -70.19 -25.28 -29.01
C HIS A 478 -69.32 -25.30 -27.76
N ASN A 479 -69.74 -26.07 -26.76
CA ASN A 479 -69.00 -26.15 -25.50
C ASN A 479 -67.53 -26.50 -25.72
N GLU A 480 -67.27 -27.38 -26.69
CA GLU A 480 -65.91 -27.80 -26.99
C GLU A 480 -65.03 -26.65 -27.44
N LEU A 481 -65.57 -25.76 -28.28
CA LEU A 481 -64.81 -24.64 -28.81
C LEU A 481 -64.28 -23.73 -27.71
N LEU A 482 -64.99 -23.69 -26.59
CA LEU A 482 -64.61 -22.84 -25.47
C LEU A 482 -63.59 -23.53 -24.56
N THR A 483 -63.72 -24.85 -24.43
CA THR A 483 -62.88 -25.61 -23.50
C THR A 483 -61.45 -25.78 -24.03
N GLU A 484 -61.26 -25.63 -25.34
CA GLU A 484 -59.93 -25.74 -25.92
C GLU A 484 -59.19 -24.40 -25.82
N ILE A 485 -59.95 -23.31 -25.83
CA ILE A 485 -59.38 -21.99 -25.65
C ILE A 485 -59.00 -21.79 -24.19
N ARG A 486 -59.87 -22.25 -23.30
CA ARG A 486 -59.64 -22.14 -21.86
C ARG A 486 -58.36 -22.88 -21.45
N GLU A 487 -58.19 -24.09 -21.99
CA GLU A 487 -57.08 -24.95 -21.60
C GLU A 487 -55.79 -24.65 -22.36
N LYS A 488 -55.90 -24.38 -23.66
CA LYS A 488 -54.71 -24.13 -24.48
C LYS A 488 -54.27 -22.67 -24.47
N GLY A 489 -55.24 -21.76 -24.46
CA GLY A 489 -54.94 -20.34 -24.40
C GLY A 489 -54.39 -19.78 -25.70
N GLU A 490 -54.38 -20.61 -26.73
CA GLU A 490 -53.95 -20.19 -28.07
C GLU A 490 -55.00 -20.55 -29.11
N LEU A 491 -54.94 -19.90 -30.26
CA LEU A 491 -55.88 -20.18 -31.34
C LEU A 491 -55.19 -20.85 -32.53
N SER A 492 -55.44 -22.14 -32.70
CA SER A 492 -54.86 -22.90 -33.81
C SER A 492 -55.57 -22.57 -35.12
N LYS A 493 -54.92 -22.88 -36.23
CA LYS A 493 -55.48 -22.62 -37.55
C LYS A 493 -56.84 -23.30 -37.72
N GLU A 494 -56.94 -24.53 -37.25
CA GLU A 494 -58.20 -25.27 -37.32
C GLU A 494 -59.21 -24.72 -36.32
N LEU A 495 -58.70 -24.28 -35.17
CA LEU A 495 -59.56 -23.76 -34.10
C LEU A 495 -60.15 -22.41 -34.51
N LEU A 496 -59.29 -21.47 -34.86
CA LEU A 496 -59.70 -20.13 -35.25
C LEU A 496 -60.67 -20.18 -36.44
N ALA A 497 -60.48 -21.15 -37.32
CA ALA A 497 -61.36 -21.32 -38.47
C ALA A 497 -62.74 -21.78 -38.02
N SER A 498 -62.77 -22.72 -37.08
CA SER A 498 -64.02 -23.23 -36.54
C SER A 498 -64.74 -22.13 -35.77
N LEU A 499 -63.96 -21.18 -35.24
CA LEU A 499 -64.50 -20.04 -34.52
C LEU A 499 -65.35 -19.17 -35.44
N LYS A 500 -64.87 -18.98 -36.65
CA LYS A 500 -65.58 -18.17 -37.65
C LYS A 500 -66.92 -18.78 -38.00
N SER A 501 -66.94 -20.09 -38.19
CA SER A 501 -68.17 -20.80 -38.53
C SER A 501 -69.22 -20.68 -37.42
N ALA A 502 -68.77 -20.86 -36.18
CA ALA A 502 -69.65 -20.74 -35.02
C ALA A 502 -70.26 -19.34 -34.93
N THR A 503 -69.47 -18.34 -35.33
CA THR A 503 -69.92 -16.95 -35.30
C THR A 503 -70.98 -16.68 -36.36
N GLU A 504 -70.62 -16.91 -37.62
CA GLU A 504 -71.51 -16.64 -38.74
C GLU A 504 -72.78 -17.48 -38.68
N SER A 505 -72.76 -18.51 -37.84
CA SER A 505 -73.93 -19.37 -37.66
C SER A 505 -74.97 -18.68 -36.79
N PHE A 506 -74.50 -17.86 -35.84
CA PHE A 506 -75.37 -17.15 -34.93
C PHE A 506 -75.88 -15.86 -35.56
N VAL A 507 -75.11 -15.35 -36.52
CA VAL A 507 -75.48 -14.12 -37.22
C VAL A 507 -76.76 -14.30 -38.03
N ALA A 508 -77.02 -15.54 -38.44
CA ALA A 508 -78.20 -15.85 -39.23
C ALA A 508 -79.46 -15.90 -38.37
N THR A 509 -79.37 -16.59 -37.25
CA THR A 509 -80.50 -16.73 -36.33
C THR A 509 -80.58 -15.54 -35.38
N ALA B 25 -1.62 32.72 18.44
CA ALA B 25 -2.70 32.77 17.48
C ALA B 25 -3.20 34.19 17.27
N ASN B 26 -3.00 34.72 16.06
CA ASN B 26 -3.42 36.07 15.72
C ASN B 26 -4.90 36.11 15.33
N LEU B 27 -5.62 37.10 15.85
CA LEU B 27 -7.05 37.24 15.57
C LEU B 27 -7.39 38.55 14.89
N ASN B 28 -6.38 39.20 14.31
CA ASN B 28 -6.57 40.48 13.64
C ASN B 28 -6.36 40.41 12.13
N GLU B 29 -5.31 39.72 11.71
CA GLU B 29 -4.99 39.58 10.29
C GLU B 29 -5.29 38.18 9.79
N THR B 30 -5.53 37.26 10.73
CA THR B 30 -5.87 35.88 10.38
C THR B 30 -7.14 35.44 11.10
N GLY B 31 -7.70 34.32 10.67
CA GLY B 31 -8.91 33.79 11.26
C GLY B 31 -9.03 32.29 11.14
N ARG B 32 -9.87 31.70 11.99
CA ARG B 32 -10.12 30.26 11.94
C ARG B 32 -11.53 29.97 11.46
N VAL B 33 -11.69 28.93 10.65
CA VAL B 33 -13.00 28.57 10.13
C VAL B 33 -13.90 27.98 11.21
N LEU B 34 -14.95 28.73 11.56
CA LEU B 34 -15.91 28.30 12.57
C LEU B 34 -16.80 27.20 12.00
N ALA B 35 -17.24 27.39 10.76
CA ALA B 35 -18.09 26.43 10.06
C ALA B 35 -18.04 26.68 8.56
N VAL B 36 -18.58 25.75 7.78
CA VAL B 36 -18.60 25.89 6.33
C VAL B 36 -19.70 25.03 5.70
N GLY B 37 -20.21 25.49 4.57
CA GLY B 37 -21.27 24.78 3.86
C GLY B 37 -22.16 25.75 3.11
N ASP B 38 -22.69 25.30 1.96
CA ASP B 38 -23.56 26.11 1.13
C ASP B 38 -22.82 27.28 0.48
N GLY B 39 -21.61 27.01 -0.02
CA GLY B 39 -20.85 28.02 -0.74
C GLY B 39 -20.17 29.04 0.15
N ILE B 40 -20.68 29.19 1.37
CA ILE B 40 -20.13 30.17 2.31
C ILE B 40 -19.31 29.49 3.41
N ALA B 41 -18.55 30.28 4.15
CA ALA B 41 -17.73 29.77 5.25
C ALA B 41 -17.68 30.75 6.41
N ARG B 42 -18.17 30.32 7.56
CA ARG B 42 -18.14 31.14 8.76
C ARG B 42 -16.76 31.11 9.41
N VAL B 43 -16.12 32.26 9.49
CA VAL B 43 -14.78 32.37 10.07
C VAL B 43 -14.79 33.21 11.33
N PHE B 44 -14.06 32.76 12.35
CA PHE B 44 -13.96 33.49 13.61
C PHE B 44 -12.72 34.39 13.61
N GLY B 45 -12.89 35.61 14.10
CA GLY B 45 -11.78 36.55 14.19
C GLY B 45 -11.74 37.54 13.05
N LEU B 46 -10.58 37.66 12.41
CA LEU B 46 -10.37 38.64 11.35
C LEU B 46 -10.92 40.00 11.74
N ASN B 47 -10.64 40.41 12.98
CA ASN B 47 -11.18 41.65 13.52
C ASN B 47 -10.81 42.89 12.72
N ASN B 48 -9.76 42.79 11.92
CA ASN B 48 -9.29 43.92 11.12
C ASN B 48 -9.72 43.83 9.66
N ILE B 49 -10.46 42.78 9.33
CA ILE B 49 -10.92 42.55 7.96
C ILE B 49 -11.73 43.73 7.43
N GLN B 50 -11.86 43.81 6.11
CA GLN B 50 -12.62 44.87 5.46
C GLN B 50 -13.83 44.30 4.74
N ALA B 51 -14.84 45.14 4.52
CA ALA B 51 -16.03 44.73 3.79
C ALA B 51 -15.70 44.44 2.34
N GLU B 52 -15.98 43.22 1.91
CA GLU B 52 -15.72 42.79 0.53
C GLU B 52 -14.23 42.58 0.27
N GLU B 53 -13.45 42.44 1.34
CA GLU B 53 -12.02 42.21 1.21
C GLU B 53 -11.71 40.76 0.88
N LEU B 54 -10.70 40.55 0.05
CA LEU B 54 -10.31 39.20 -0.36
C LEU B 54 -9.57 38.49 0.76
N VAL B 55 -9.74 37.17 0.83
CA VAL B 55 -9.07 36.36 1.84
C VAL B 55 -8.47 35.11 1.21
N GLU B 56 -7.81 34.29 2.03
CA GLU B 56 -7.21 33.05 1.54
C GLU B 56 -7.14 32.00 2.64
N PHE B 57 -7.51 30.77 2.30
CA PHE B 57 -7.57 29.68 3.27
C PHE B 57 -6.32 28.81 3.24
N SER B 58 -6.31 27.77 4.07
CA SER B 58 -5.16 26.87 4.16
C SER B 58 -4.84 26.22 2.81
N SER B 59 -5.89 25.74 2.13
CA SER B 59 -5.72 25.09 0.83
C SER B 59 -5.39 26.11 -0.25
N GLY B 60 -5.25 27.37 0.14
CA GLY B 60 -4.87 28.43 -0.78
C GLY B 60 -6.06 29.06 -1.49
N VAL B 61 -7.23 28.44 -1.38
CA VAL B 61 -8.43 28.93 -2.04
C VAL B 61 -8.74 30.36 -1.62
N LYS B 62 -9.21 31.16 -2.57
CA LYS B 62 -9.52 32.56 -2.31
C LYS B 62 -11.00 32.73 -1.97
N GLY B 63 -11.30 33.75 -1.17
CA GLY B 63 -12.66 34.03 -0.76
C GLY B 63 -12.93 35.51 -0.56
N MET B 64 -14.20 35.87 -0.39
CA MET B 64 -14.58 37.26 -0.18
C MET B 64 -15.45 37.41 1.06
N ALA B 65 -15.11 38.38 1.89
CA ALA B 65 -15.89 38.65 3.09
C ALA B 65 -17.14 39.47 2.76
N LEU B 66 -18.30 38.84 2.91
CA LEU B 66 -19.56 39.50 2.59
C LEU B 66 -20.13 40.25 3.79
N ASN B 67 -20.48 39.52 4.85
CA ASN B 67 -21.05 40.13 6.05
C ASN B 67 -20.14 40.05 7.26
N LEU B 68 -19.88 41.21 7.88
CA LEU B 68 -19.04 41.27 9.07
C LEU B 68 -19.91 41.39 10.32
N GLU B 69 -20.06 40.28 11.04
CA GLU B 69 -20.89 40.25 12.24
C GLU B 69 -20.04 40.21 13.51
N PRO B 70 -20.56 40.78 14.61
CA PRO B 70 -19.89 40.76 15.91
C PRO B 70 -19.73 39.34 16.44
N GLY B 71 -18.64 38.67 16.08
CA GLY B 71 -18.37 37.32 16.52
C GLY B 71 -17.83 36.43 15.43
N GLN B 72 -18.22 36.72 14.18
CA GLN B 72 -17.79 35.93 13.04
C GLN B 72 -17.88 36.72 11.74
N VAL B 73 -17.12 36.28 10.74
CA VAL B 73 -17.14 36.91 9.42
C VAL B 73 -17.57 35.90 8.36
N GLY B 74 -18.52 36.29 7.52
CA GLY B 74 -19.00 35.43 6.46
C GLY B 74 -18.22 35.61 5.18
N ILE B 75 -17.63 34.52 4.68
CA ILE B 75 -16.83 34.58 3.47
C ILE B 75 -17.41 33.71 2.36
N VAL B 76 -17.46 34.25 1.14
CA VAL B 76 -17.92 33.49 -0.02
C VAL B 76 -16.73 32.80 -0.67
N LEU B 77 -16.85 31.49 -0.87
CA LEU B 77 -15.75 30.69 -1.39
C LEU B 77 -15.73 30.70 -2.93
N PHE B 78 -14.62 31.16 -3.49
CA PHE B 78 -14.44 31.20 -4.94
C PHE B 78 -13.99 29.84 -5.47
N GLY B 79 -14.47 28.79 -4.83
CA GLY B 79 -14.15 27.43 -5.23
C GLY B 79 -15.04 26.44 -4.50
N SER B 80 -14.73 25.16 -4.63
CA SER B 80 -15.50 24.11 -3.97
C SER B 80 -15.46 24.29 -2.45
N ASP B 81 -16.43 23.70 -1.76
CA ASP B 81 -16.45 23.75 -0.30
C ASP B 81 -15.45 22.74 0.26
N ARG B 82 -15.13 21.75 -0.54
CA ARG B 82 -14.19 20.69 -0.15
C ARG B 82 -12.81 21.27 0.18
N LEU B 83 -12.48 22.37 -0.46
CA LEU B 83 -11.17 23.00 -0.28
C LEU B 83 -11.02 23.67 1.08
N VAL B 84 -12.11 23.66 1.86
CA VAL B 84 -12.09 24.29 3.18
C VAL B 84 -12.56 23.32 4.26
N LYS B 85 -11.94 23.41 5.43
CA LYS B 85 -12.34 22.61 6.59
C LYS B 85 -12.65 23.49 7.79
N GLU B 86 -13.03 22.87 8.90
CA GLU B 86 -13.33 23.60 10.13
C GLU B 86 -12.07 23.82 10.95
N GLY B 87 -11.76 25.08 11.23
CA GLY B 87 -10.58 25.43 12.00
C GLY B 87 -9.34 25.52 11.13
N GLU B 88 -9.47 26.17 9.99
CA GLU B 88 -8.36 26.33 9.06
C GLU B 88 -7.75 27.73 9.14
N LEU B 89 -6.53 27.87 8.64
CA LEU B 89 -5.85 29.16 8.61
C LEU B 89 -6.42 30.05 7.52
N VAL B 90 -6.84 31.25 7.90
CA VAL B 90 -7.42 32.20 6.95
C VAL B 90 -6.69 33.53 7.01
N LYS B 91 -5.94 33.84 5.95
CA LYS B 91 -5.16 35.06 5.90
C LYS B 91 -5.89 36.18 5.15
N ARG B 92 -5.57 37.42 5.51
CA ARG B 92 -6.16 38.58 4.85
C ARG B 92 -5.44 38.87 3.53
N THR B 93 -5.69 40.06 2.99
CA THR B 93 -5.05 40.49 1.74
C THR B 93 -4.82 42.00 1.78
N GLY B 94 -5.75 42.71 2.41
CA GLY B 94 -5.68 44.15 2.51
C GLY B 94 -6.39 44.82 1.36
N ASN B 95 -6.59 44.06 0.28
CA ASN B 95 -7.24 44.59 -0.91
C ASN B 95 -8.67 44.11 -1.06
N ILE B 96 -9.55 45.01 -1.51
CA ILE B 96 -10.87 44.62 -1.95
C ILE B 96 -10.65 43.82 -3.22
N VAL B 97 -11.55 42.89 -3.53
CA VAL B 97 -11.37 42.06 -4.71
C VAL B 97 -10.90 42.88 -5.89
N ASP B 98 -9.73 42.51 -6.43
CA ASP B 98 -9.09 43.28 -7.49
C ASP B 98 -8.68 42.39 -8.66
N VAL B 99 -8.29 43.04 -9.76
CA VAL B 99 -7.87 42.32 -10.96
C VAL B 99 -6.80 43.09 -11.75
N PRO B 100 -5.74 42.38 -12.16
CA PRO B 100 -4.68 42.99 -12.98
C PRO B 100 -5.22 43.52 -14.29
N VAL B 101 -5.11 44.83 -14.50
CA VAL B 101 -5.61 45.46 -15.73
C VAL B 101 -4.48 46.15 -16.49
N GLY B 102 -4.77 46.57 -17.73
CA GLY B 102 -3.79 47.24 -18.54
C GLY B 102 -3.79 46.78 -19.99
N PRO B 103 -2.65 46.92 -20.68
CA PRO B 103 -2.48 46.50 -22.07
C PRO B 103 -1.93 45.09 -22.18
N GLY B 104 -1.20 44.67 -21.15
CA GLY B 104 -0.54 43.37 -21.16
C GLY B 104 -1.49 42.20 -20.98
N LEU B 105 -2.72 42.35 -21.49
CA LEU B 105 -3.73 41.32 -21.38
C LEU B 105 -4.24 40.91 -22.76
N LEU B 106 -4.04 41.79 -23.74
CA LEU B 106 -4.46 41.50 -25.11
C LEU B 106 -3.91 40.17 -25.59
N GLY B 107 -4.81 39.24 -25.89
CA GLY B 107 -4.42 37.92 -26.34
C GLY B 107 -4.22 36.97 -25.18
N ARG B 108 -5.00 37.16 -24.12
CA ARG B 108 -4.91 36.31 -22.94
C ARG B 108 -6.29 35.86 -22.47
N VAL B 109 -6.42 34.55 -22.23
CA VAL B 109 -7.66 34.00 -21.69
C VAL B 109 -7.52 33.76 -20.19
N VAL B 110 -8.18 34.61 -19.40
CA VAL B 110 -8.08 34.54 -17.96
C VAL B 110 -9.43 34.19 -17.32
N ASP B 111 -9.41 33.88 -16.03
CA ASP B 111 -10.63 33.57 -15.29
C ASP B 111 -11.19 34.82 -14.61
N ALA B 112 -12.20 34.64 -13.77
CA ALA B 112 -12.84 35.76 -13.08
C ALA B 112 -11.86 36.52 -12.20
N LEU B 113 -10.99 35.80 -11.50
CA LEU B 113 -10.05 36.40 -10.58
C LEU B 113 -8.88 37.09 -11.28
N GLY B 114 -8.84 36.97 -12.61
CA GLY B 114 -7.81 37.61 -13.40
C GLY B 114 -6.63 36.71 -13.73
N ASN B 115 -6.50 35.62 -12.98
CA ASN B 115 -5.43 34.66 -13.21
C ASN B 115 -5.54 33.99 -14.58
N PRO B 116 -4.39 33.70 -15.21
CA PRO B 116 -4.35 33.07 -16.53
C PRO B 116 -4.82 31.62 -16.51
N ILE B 117 -5.40 31.18 -17.62
CA ILE B 117 -5.80 29.78 -17.76
C ILE B 117 -5.38 29.24 -19.12
N ASP B 118 -4.84 30.12 -19.96
CA ASP B 118 -4.39 29.73 -21.30
C ASP B 118 -2.99 29.10 -21.25
N GLY B 119 -2.37 29.15 -20.08
CA GLY B 119 -1.07 28.53 -19.89
C GLY B 119 0.08 29.32 -20.49
N LYS B 120 -0.06 30.63 -20.54
CA LYS B 120 1.00 31.49 -21.08
C LYS B 120 1.68 32.30 -19.97
N GLY B 121 2.16 31.61 -18.95
CA GLY B 121 2.84 32.24 -17.84
C GLY B 121 2.04 33.34 -17.18
N PRO B 122 2.69 34.11 -16.29
CA PRO B 122 2.05 35.25 -15.62
C PRO B 122 1.73 36.38 -16.59
N ILE B 123 0.81 37.26 -16.20
CA ILE B 123 0.40 38.36 -17.07
C ILE B 123 1.23 39.62 -16.85
N ASP B 124 1.24 40.50 -17.85
CA ASP B 124 1.95 41.77 -17.76
C ASP B 124 1.02 42.84 -17.18
N ALA B 125 1.02 42.95 -15.85
CA ALA B 125 0.11 43.87 -15.17
C ALA B 125 0.63 45.30 -15.13
N ALA B 126 -0.15 46.22 -15.71
CA ALA B 126 0.18 47.64 -15.66
C ALA B 126 -0.63 48.34 -14.58
N GLY B 127 -0.91 47.60 -13.50
CA GLY B 127 -1.69 48.14 -12.40
C GLY B 127 -2.90 47.27 -12.09
N ARG B 128 -3.42 47.39 -10.87
CA ARG B 128 -4.57 46.62 -10.45
C ARG B 128 -5.70 47.52 -9.97
N SER B 129 -6.90 47.30 -10.50
CA SER B 129 -8.08 48.07 -10.13
C SER B 129 -9.04 47.20 -9.32
N ARG B 130 -10.16 47.79 -8.90
CA ARG B 130 -11.17 47.06 -8.14
C ARG B 130 -12.16 46.35 -9.05
N ALA B 131 -12.86 45.35 -8.50
CA ALA B 131 -13.87 44.61 -9.24
C ALA B 131 -15.15 45.42 -9.37
N GLN B 132 -15.55 46.06 -8.28
CA GLN B 132 -16.73 46.90 -8.27
C GLN B 132 -16.34 48.38 -8.34
N VAL B 133 -16.56 48.99 -9.49
CA VAL B 133 -16.21 50.39 -9.69
C VAL B 133 -17.45 51.23 -10.02
N LYS B 134 -17.75 52.19 -9.15
CA LYS B 134 -18.92 53.05 -9.35
C LYS B 134 -18.84 53.79 -10.68
N ALA B 135 -19.94 53.76 -11.43
CA ALA B 135 -20.00 54.38 -12.75
C ALA B 135 -19.81 55.89 -12.68
N PRO B 136 -19.23 56.48 -13.73
CA PRO B 136 -19.02 57.93 -13.85
C PRO B 136 -20.34 58.68 -13.68
N GLY B 137 -20.27 59.85 -13.05
CA GLY B 137 -21.46 60.66 -12.81
C GLY B 137 -22.07 61.19 -14.09
N ILE B 138 -22.86 62.25 -13.96
CA ILE B 138 -23.53 62.86 -15.11
C ILE B 138 -22.58 63.77 -15.87
N LEU B 139 -21.64 64.39 -15.15
CA LEU B 139 -20.75 65.38 -15.74
C LEU B 139 -19.62 64.77 -16.58
N PRO B 140 -18.89 63.79 -16.02
CA PRO B 140 -17.75 63.20 -16.74
C PRO B 140 -18.16 62.40 -17.98
N ARG B 141 -19.39 62.55 -18.43
CA ARG B 141 -19.86 61.82 -19.61
C ARG B 141 -20.10 62.76 -20.79
N ARG B 142 -20.25 62.17 -21.98
CA ARG B 142 -20.50 62.94 -23.19
C ARG B 142 -21.44 62.17 -24.12
N SER B 143 -22.35 62.89 -24.75
CA SER B 143 -23.29 62.28 -25.69
C SER B 143 -22.56 61.56 -26.81
N VAL B 144 -23.04 60.38 -27.17
CA VAL B 144 -22.39 59.56 -28.19
C VAL B 144 -22.47 60.18 -29.58
N HIS B 145 -21.43 59.97 -30.38
CA HIS B 145 -21.38 60.47 -31.75
C HIS B 145 -20.58 59.54 -32.65
N GLU B 146 -19.67 58.78 -32.05
CA GLU B 146 -18.83 57.85 -32.79
C GLU B 146 -19.52 56.50 -32.99
N PRO B 147 -19.52 56.01 -34.24
CA PRO B 147 -20.15 54.73 -34.61
C PRO B 147 -19.24 53.53 -34.35
N VAL B 148 -19.86 52.39 -34.03
CA VAL B 148 -19.15 51.12 -33.95
C VAL B 148 -19.67 50.20 -35.03
N GLN B 149 -18.91 50.05 -36.10
CA GLN B 149 -19.34 49.26 -37.25
C GLN B 149 -19.18 47.77 -37.00
N THR B 150 -20.29 47.04 -37.13
CA THR B 150 -20.29 45.59 -36.93
C THR B 150 -20.00 44.86 -38.24
N GLY B 151 -19.91 45.62 -39.32
CA GLY B 151 -19.68 45.04 -40.64
C GLY B 151 -20.79 44.11 -41.05
N LEU B 152 -22.01 44.40 -40.57
CA LEU B 152 -23.17 43.59 -40.90
C LEU B 152 -24.30 44.46 -41.44
N LYS B 153 -24.69 44.18 -42.68
CA LYS B 153 -25.71 44.97 -43.39
C LYS B 153 -26.92 45.32 -42.53
N ALA B 154 -27.48 44.32 -41.86
CA ALA B 154 -28.70 44.51 -41.09
C ALA B 154 -28.51 45.45 -39.90
N VAL B 155 -27.49 45.19 -39.09
CA VAL B 155 -27.25 45.96 -37.87
C VAL B 155 -26.81 47.40 -38.16
N ASP B 156 -25.69 47.54 -38.84
CA ASP B 156 -25.10 48.86 -39.11
C ASP B 156 -26.05 49.79 -39.87
N ALA B 157 -27.13 49.23 -40.39
CA ALA B 157 -28.11 50.03 -41.13
C ALA B 157 -29.38 50.27 -40.33
N LEU B 158 -29.89 49.21 -39.70
CA LEU B 158 -31.15 49.29 -38.96
C LEU B 158 -30.96 49.77 -37.53
N VAL B 159 -29.94 49.24 -36.85
CA VAL B 159 -29.66 49.63 -35.47
C VAL B 159 -28.19 49.96 -35.26
N PRO B 160 -27.80 51.20 -35.60
CA PRO B 160 -26.43 51.68 -35.49
C PRO B 160 -25.89 51.64 -34.07
N ILE B 161 -24.65 51.16 -33.90
CA ILE B 161 -24.03 51.11 -32.59
C ILE B 161 -23.13 52.33 -32.38
N GLY B 162 -23.12 52.85 -31.16
CA GLY B 162 -22.31 54.01 -30.83
C GLY B 162 -21.22 53.68 -29.83
N ARG B 163 -20.12 54.43 -29.89
CA ARG B 163 -19.00 54.21 -28.99
C ARG B 163 -19.30 54.78 -27.61
N GLY B 164 -19.58 53.88 -26.66
CA GLY B 164 -19.98 54.28 -25.33
C GLY B 164 -21.44 53.99 -25.10
N GLN B 165 -22.04 53.25 -26.02
CA GLN B 165 -23.46 52.92 -25.96
C GLN B 165 -23.69 51.52 -25.39
N ARG B 166 -24.94 51.20 -25.13
CA ARG B 166 -25.32 49.88 -24.63
C ARG B 166 -26.46 49.30 -25.47
N GLU B 167 -26.16 48.24 -26.21
CA GLU B 167 -27.15 47.60 -27.05
C GLU B 167 -27.34 46.13 -26.65
N LEU B 168 -28.55 45.79 -26.22
CA LEU B 168 -28.84 44.43 -25.79
C LEU B 168 -29.03 43.49 -26.98
N ILE B 169 -28.37 42.33 -26.93
CA ILE B 169 -28.54 41.30 -27.93
C ILE B 169 -29.41 40.18 -27.34
N ILE B 170 -30.72 40.36 -27.42
CA ILE B 170 -31.66 39.44 -26.79
C ILE B 170 -32.32 38.51 -27.81
N GLY B 171 -32.34 37.22 -27.49
CA GLY B 171 -32.94 36.23 -28.37
C GLY B 171 -32.99 34.85 -27.72
N ASP B 172 -33.63 33.92 -28.40
CA ASP B 172 -33.78 32.56 -27.90
C ASP B 172 -32.49 31.75 -28.02
N ARG B 173 -32.47 30.59 -27.39
CA ARG B 173 -31.34 29.68 -27.47
C ARG B 173 -31.05 29.27 -28.91
N GLN B 174 -29.79 29.41 -29.33
CA GLN B 174 -29.39 29.09 -30.69
C GLN B 174 -30.15 29.92 -31.72
N THR B 175 -29.85 31.22 -31.76
CA THR B 175 -30.44 32.13 -32.73
C THR B 175 -29.38 33.05 -33.31
N GLY B 176 -28.12 32.79 -32.96
CA GLY B 176 -27.00 33.56 -33.47
C GLY B 176 -26.71 34.80 -32.65
N LYS B 177 -27.08 34.77 -31.37
CA LYS B 177 -26.81 35.90 -30.47
C LYS B 177 -25.30 36.10 -30.33
N THR B 178 -24.60 35.02 -30.01
CA THR B 178 -23.15 35.05 -29.84
C THR B 178 -22.46 35.21 -31.20
N ALA B 179 -23.12 34.73 -32.24
CA ALA B 179 -22.59 34.82 -33.59
C ALA B 179 -22.46 36.27 -34.03
N VAL B 180 -23.53 37.04 -33.84
CA VAL B 180 -23.54 38.45 -34.21
C VAL B 180 -22.46 39.24 -33.48
N ALA B 181 -22.28 38.94 -32.20
CA ALA B 181 -21.27 39.63 -31.39
C ALA B 181 -19.87 39.22 -31.81
N LEU B 182 -19.71 37.96 -32.23
CA LEU B 182 -18.43 37.45 -32.67
C LEU B 182 -17.93 38.17 -33.92
N ASP B 183 -18.82 38.39 -34.87
CA ASP B 183 -18.46 39.04 -36.13
C ASP B 183 -18.09 40.51 -35.92
N THR B 184 -18.76 41.17 -34.97
CA THR B 184 -18.43 42.54 -34.60
C THR B 184 -16.97 42.60 -34.19
N ILE B 185 -16.56 41.63 -33.38
CA ILE B 185 -15.18 41.55 -32.91
C ILE B 185 -14.23 41.30 -34.07
N LEU B 186 -14.67 40.49 -35.04
CA LEU B 186 -13.87 40.19 -36.22
C LEU B 186 -13.69 41.42 -37.10
N ASN B 187 -14.75 42.21 -37.22
CA ASN B 187 -14.74 43.37 -38.10
C ASN B 187 -13.82 44.49 -37.61
N GLN B 188 -13.38 44.38 -36.36
CA GLN B 188 -12.50 45.39 -35.77
C GLN B 188 -11.07 45.22 -36.26
N LYS B 189 -10.85 44.24 -37.13
CA LYS B 189 -9.52 43.94 -37.64
C LYS B 189 -8.99 45.07 -38.52
N ARG B 190 -9.88 45.74 -39.24
CA ARG B 190 -9.50 46.80 -40.16
C ARG B 190 -8.75 47.94 -39.46
N TRP B 191 -9.34 48.47 -38.41
CA TRP B 191 -8.80 49.66 -37.74
C TRP B 191 -7.64 49.36 -36.80
N ASN B 192 -7.63 48.16 -36.23
CA ASN B 192 -6.61 47.78 -35.26
C ASN B 192 -5.27 47.43 -35.92
N ASN B 193 -5.23 47.49 -37.25
CA ASN B 193 -4.01 47.18 -37.99
C ASN B 193 -3.12 48.40 -38.20
N GLY B 194 -3.75 49.56 -38.35
CA GLY B 194 -3.02 50.80 -38.54
C GLY B 194 -2.41 51.31 -37.25
N SER B 195 -2.17 52.61 -37.19
CA SER B 195 -1.59 53.24 -36.00
C SER B 195 -2.53 54.31 -35.45
N ASP B 196 -3.69 54.46 -36.08
CA ASP B 196 -4.67 55.45 -35.64
C ASP B 196 -5.37 54.99 -34.37
N GLU B 197 -4.96 55.54 -33.24
CA GLU B 197 -5.47 55.13 -31.93
C GLU B 197 -6.91 55.58 -31.68
N SER B 198 -7.40 56.50 -32.50
CA SER B 198 -8.75 57.03 -32.33
C SER B 198 -9.80 56.12 -32.97
N LYS B 199 -9.33 55.20 -33.82
CA LYS B 199 -10.22 54.29 -34.52
C LYS B 199 -10.08 52.86 -34.04
N LYS B 200 -9.03 52.59 -33.27
CA LYS B 200 -8.80 51.27 -32.70
C LYS B 200 -9.87 50.92 -31.67
N LEU B 201 -10.45 49.74 -31.80
CA LEU B 201 -11.48 49.28 -30.86
C LEU B 201 -11.11 47.93 -30.26
N TYR B 202 -10.49 47.97 -29.09
CA TYR B 202 -10.11 46.75 -28.38
C TYR B 202 -11.34 45.97 -27.96
N CYS B 203 -11.23 44.66 -27.89
CA CYS B 203 -12.36 43.81 -27.53
C CYS B 203 -12.19 43.12 -26.18
N VAL B 204 -13.30 42.94 -25.47
CA VAL B 204 -13.31 42.21 -24.22
C VAL B 204 -14.51 41.26 -24.19
N TYR B 205 -14.24 39.96 -24.35
CA TYR B 205 -15.30 38.97 -24.39
C TYR B 205 -15.46 38.26 -23.05
N VAL B 206 -16.69 38.24 -22.54
CA VAL B 206 -16.99 37.59 -21.27
C VAL B 206 -17.78 36.31 -21.50
N ALA B 207 -17.29 35.20 -20.94
CA ALA B 207 -17.97 33.92 -21.07
C ALA B 207 -18.48 33.44 -19.72
N VAL B 208 -19.78 33.60 -19.49
CA VAL B 208 -20.39 33.22 -18.22
C VAL B 208 -21.30 32.01 -18.36
N GLY B 209 -21.02 30.96 -17.58
CA GLY B 209 -21.86 29.78 -17.55
C GLY B 209 -21.85 28.96 -18.82
N GLN B 210 -21.01 29.34 -19.77
CA GLN B 210 -20.91 28.60 -21.03
C GLN B 210 -20.11 27.31 -20.87
N LYS B 211 -20.20 26.45 -21.87
CA LYS B 211 -19.43 25.21 -21.90
C LYS B 211 -17.96 25.54 -22.13
N ARG B 212 -17.08 24.89 -21.37
CA ARG B 212 -15.65 25.17 -21.46
C ARG B 212 -15.14 24.95 -22.88
N SER B 213 -15.73 23.96 -23.56
CA SER B 213 -15.35 23.64 -24.93
C SER B 213 -15.76 24.73 -25.91
N THR B 214 -17.02 25.16 -25.81
CA THR B 214 -17.56 26.17 -26.70
C THR B 214 -16.68 27.42 -26.74
N VAL B 215 -16.12 27.78 -25.59
CA VAL B 215 -15.24 28.94 -25.50
C VAL B 215 -13.86 28.62 -26.07
N ALA B 216 -13.39 27.41 -25.81
CA ALA B 216 -12.09 26.97 -26.33
C ALA B 216 -12.08 27.03 -27.85
N GLN B 217 -13.23 26.75 -28.44
CA GLN B 217 -13.39 26.82 -29.89
C GLN B 217 -13.56 28.26 -30.34
N LEU B 218 -14.15 29.08 -29.45
CA LEU B 218 -14.36 30.48 -29.74
C LEU B 218 -13.03 31.21 -29.84
N VAL B 219 -12.11 30.89 -28.92
CA VAL B 219 -10.77 31.45 -28.97
C VAL B 219 -10.07 31.04 -30.26
N GLN B 220 -10.22 29.78 -30.63
CA GLN B 220 -9.58 29.26 -31.84
C GLN B 220 -10.02 30.03 -33.08
N THR B 221 -11.23 30.55 -33.05
CA THR B 221 -11.77 31.30 -34.17
C THR B 221 -11.13 32.70 -34.23
N LEU B 222 -10.67 33.17 -33.08
CA LEU B 222 -10.04 34.48 -32.99
C LEU B 222 -8.58 34.42 -33.44
N GLU B 223 -7.99 33.25 -33.37
CA GLU B 223 -6.63 33.05 -33.87
C GLU B 223 -6.69 32.78 -35.37
N GLN B 224 -7.81 32.24 -35.82
CA GLN B 224 -7.99 31.90 -37.23
C GLN B 224 -8.30 33.13 -38.07
N HIS B 225 -8.78 34.18 -37.41
CA HIS B 225 -9.07 35.43 -38.07
C HIS B 225 -8.14 36.54 -37.58
N ASP B 226 -7.21 36.16 -36.71
CA ASP B 226 -6.21 37.09 -36.18
C ASP B 226 -6.83 38.27 -35.43
N ALA B 227 -7.94 38.01 -34.75
CA ALA B 227 -8.58 39.02 -33.93
C ALA B 227 -8.16 38.87 -32.48
N MET B 228 -7.50 37.76 -32.18
CA MET B 228 -7.09 37.43 -30.82
C MET B 228 -6.06 38.42 -30.27
N LYS B 229 -5.39 39.12 -31.17
CA LYS B 229 -4.33 40.06 -30.78
C LYS B 229 -4.86 41.31 -30.09
N TYR B 230 -6.00 41.80 -30.54
CA TYR B 230 -6.58 43.03 -29.99
C TYR B 230 -7.79 42.76 -29.11
N SER B 231 -7.96 41.49 -28.72
CA SER B 231 -9.11 41.11 -27.90
C SER B 231 -8.71 40.40 -26.61
N ILE B 232 -9.46 40.66 -25.55
CA ILE B 232 -9.24 40.00 -24.27
C ILE B 232 -10.41 39.07 -23.97
N ILE B 233 -10.16 37.98 -23.25
CA ILE B 233 -11.20 37.01 -22.96
C ILE B 233 -11.21 36.57 -21.50
N VAL B 234 -12.27 36.92 -20.78
CA VAL B 234 -12.47 36.47 -19.42
C VAL B 234 -13.47 35.31 -19.44
N ALA B 235 -13.16 34.24 -18.73
CA ALA B 235 -13.98 33.03 -18.78
C ALA B 235 -14.37 32.48 -17.40
N ALA B 236 -15.67 32.30 -17.20
CA ALA B 236 -16.19 31.62 -16.03
C ALA B 236 -17.27 30.62 -16.47
N THR B 237 -16.83 29.45 -16.90
CA THR B 237 -17.71 28.47 -17.52
C THR B 237 -18.78 27.90 -16.58
N ALA B 238 -19.41 26.80 -17.00
CA ALA B 238 -20.48 26.19 -16.24
C ALA B 238 -19.98 25.50 -14.97
N SER B 239 -18.87 24.79 -15.09
CA SER B 239 -18.26 24.10 -13.96
C SER B 239 -17.81 25.09 -12.88
N GLU B 240 -17.31 26.24 -13.32
CA GLU B 240 -16.84 27.28 -12.40
C GLU B 240 -17.83 27.55 -11.28
N ALA B 241 -17.31 27.80 -10.08
CA ALA B 241 -18.14 28.05 -8.90
C ALA B 241 -19.13 29.19 -9.16
N ALA B 242 -20.13 29.30 -8.29
CA ALA B 242 -21.17 30.31 -8.44
C ALA B 242 -20.62 31.74 -8.38
N PRO B 243 -19.90 32.09 -7.31
CA PRO B 243 -19.38 33.45 -7.16
C PRO B 243 -18.44 33.83 -8.29
N LEU B 244 -17.81 32.83 -8.91
CA LEU B 244 -16.89 33.06 -10.01
C LEU B 244 -17.62 33.53 -11.27
N GLN B 245 -18.84 33.02 -11.47
CA GLN B 245 -19.67 33.45 -12.60
C GLN B 245 -20.28 34.80 -12.32
N TYR B 246 -20.53 35.09 -11.04
CA TYR B 246 -21.09 36.36 -10.62
C TYR B 246 -20.08 37.49 -10.73
N LEU B 247 -18.84 37.21 -10.33
CA LEU B 247 -17.80 38.24 -10.28
C LEU B 247 -17.24 38.57 -11.65
N ALA B 248 -17.14 37.56 -12.51
CA ALA B 248 -16.51 37.70 -13.82
C ALA B 248 -16.94 38.95 -14.60
N PRO B 249 -18.26 39.15 -14.77
CA PRO B 249 -18.75 40.30 -15.54
C PRO B 249 -18.31 41.64 -14.98
N PHE B 250 -17.98 41.68 -13.69
CA PHE B 250 -17.54 42.92 -13.06
C PHE B 250 -16.03 43.14 -13.22
N THR B 251 -15.29 42.04 -13.25
CA THR B 251 -13.84 42.10 -13.44
C THR B 251 -13.49 42.41 -14.88
N ALA B 252 -14.27 41.85 -15.80
CA ALA B 252 -14.07 42.10 -17.23
C ALA B 252 -14.38 43.55 -17.57
N ALA B 253 -15.06 44.23 -16.65
CA ALA B 253 -15.41 45.63 -16.84
C ALA B 253 -14.27 46.54 -16.41
N SER B 254 -13.40 46.03 -15.56
CA SER B 254 -12.22 46.78 -15.12
C SER B 254 -11.18 46.83 -16.21
N ILE B 255 -10.96 45.70 -16.87
CA ILE B 255 -10.04 45.62 -18.00
C ILE B 255 -10.49 46.57 -19.10
N GLY B 256 -11.79 46.58 -19.37
CA GLY B 256 -12.35 47.45 -20.39
C GLY B 256 -12.37 48.91 -19.99
N GLU B 257 -12.19 49.17 -18.70
CA GLU B 257 -12.22 50.54 -18.18
C GLU B 257 -10.88 51.24 -18.29
N TRP B 258 -9.79 50.48 -18.32
CA TRP B 258 -8.46 51.07 -18.46
C TRP B 258 -8.34 51.81 -19.79
N PHE B 259 -8.93 51.21 -20.83
CA PHE B 259 -8.92 51.81 -22.16
C PHE B 259 -9.85 53.00 -22.22
N ARG B 260 -10.82 53.04 -21.32
CA ARG B 260 -11.75 54.15 -21.24
C ARG B 260 -11.11 55.33 -20.51
N ASP B 261 -10.53 55.04 -19.34
CA ASP B 261 -9.89 56.07 -18.52
C ASP B 261 -8.67 56.66 -19.21
N ASN B 262 -8.02 55.87 -20.06
CA ASN B 262 -6.86 56.33 -20.80
C ASN B 262 -7.17 56.66 -22.26
N GLY B 263 -8.21 57.45 -22.47
CA GLY B 263 -8.58 57.95 -23.79
C GLY B 263 -8.38 57.00 -24.94
N LYS B 264 -8.89 55.79 -24.81
CA LYS B 264 -8.87 54.82 -25.91
C LYS B 264 -10.28 54.30 -26.19
N HIS B 265 -10.35 53.07 -26.69
CA HIS B 265 -11.64 52.47 -27.03
C HIS B 265 -11.68 50.97 -26.75
N ALA B 266 -12.77 50.51 -26.16
CA ALA B 266 -12.92 49.09 -25.83
C ALA B 266 -14.36 48.61 -26.06
N LEU B 267 -14.50 47.34 -26.41
CA LEU B 267 -15.80 46.73 -26.62
C LEU B 267 -16.04 45.55 -25.69
N ILE B 268 -16.81 45.78 -24.64
CA ILE B 268 -17.12 44.73 -23.67
C ILE B 268 -18.40 43.99 -24.06
N VAL B 269 -18.30 42.67 -24.19
CA VAL B 269 -19.45 41.85 -24.58
C VAL B 269 -19.75 40.78 -23.54
N TYR B 270 -20.87 40.93 -22.85
CA TYR B 270 -21.27 39.96 -21.83
C TYR B 270 -22.11 38.83 -22.43
N ASP B 271 -21.73 37.60 -22.11
CA ASP B 271 -22.42 36.42 -22.63
C ASP B 271 -22.03 35.21 -21.78
N ASP B 272 -23.00 34.65 -21.05
CA ASP B 272 -24.38 35.10 -21.11
C ASP B 272 -24.80 35.83 -19.84
N LEU B 273 -25.52 36.93 -19.98
CA LEU B 273 -26.00 37.68 -18.81
C LEU B 273 -27.09 36.94 -18.05
N SER B 274 -27.97 36.26 -18.79
CA SER B 274 -29.01 35.46 -18.15
C SER B 274 -28.36 34.41 -17.27
N LYS B 275 -27.26 33.83 -17.77
CA LYS B 275 -26.54 32.80 -17.03
C LYS B 275 -25.79 33.36 -15.83
N GLN B 276 -25.57 34.68 -15.81
CA GLN B 276 -24.99 35.33 -14.65
C GLN B 276 -26.05 35.48 -13.56
N ALA B 277 -27.20 35.99 -13.97
CA ALA B 277 -28.33 36.17 -13.07
C ALA B 277 -28.63 34.89 -12.29
N VAL B 278 -28.79 33.80 -13.02
CA VAL B 278 -29.06 32.49 -12.41
C VAL B 278 -28.00 32.15 -11.36
N ALA B 279 -26.75 32.47 -11.67
CA ALA B 279 -25.64 32.17 -10.78
C ALA B 279 -25.67 33.05 -9.53
N TYR B 280 -26.13 34.28 -9.69
CA TYR B 280 -26.25 35.20 -8.57
C TYR B 280 -27.47 34.87 -7.72
N ARG B 281 -28.42 34.14 -8.32
CA ARG B 281 -29.60 33.68 -7.60
C ARG B 281 -29.25 32.46 -6.78
N GLN B 282 -28.21 31.74 -7.20
CA GLN B 282 -27.75 30.55 -6.50
C GLN B 282 -27.18 30.90 -5.13
N LEU B 283 -26.26 31.86 -5.10
CA LEU B 283 -25.64 32.30 -3.85
C LEU B 283 -26.68 32.86 -2.88
N SER B 284 -27.45 33.85 -3.35
CA SER B 284 -28.45 34.51 -2.52
C SER B 284 -29.35 33.52 -1.78
N LEU B 285 -29.90 32.55 -2.51
CA LEU B 285 -30.78 31.56 -1.91
C LEU B 285 -30.08 30.77 -0.81
N LEU B 286 -28.85 30.34 -1.10
CA LEU B 286 -28.04 29.63 -0.11
C LEU B 286 -27.76 30.54 1.08
N LEU B 287 -27.81 31.84 0.84
CA LEU B 287 -27.60 32.83 1.90
C LEU B 287 -28.92 33.23 2.56
N ARG B 288 -29.95 32.41 2.37
CA ARG B 288 -31.25 32.64 2.98
C ARG B 288 -31.83 34.01 2.64
N ARG B 289 -31.51 34.50 1.43
CA ARG B 289 -32.06 35.76 0.96
C ARG B 289 -33.46 35.55 0.39
N PRO B 290 -34.42 36.40 0.82
CA PRO B 290 -35.82 36.29 0.42
C PRO B 290 -36.01 36.23 -1.11
N PRO B 291 -36.70 35.18 -1.59
CA PRO B 291 -36.96 34.98 -3.02
C PRO B 291 -38.04 35.92 -3.55
N GLY B 292 -37.78 36.51 -4.71
CA GLY B 292 -38.75 37.39 -5.34
C GLY B 292 -39.34 36.75 -6.58
N ARG B 293 -39.54 37.55 -7.62
CA ARG B 293 -40.09 37.05 -8.87
C ARG B 293 -39.12 36.06 -9.49
N GLU B 294 -39.63 34.90 -9.90
CA GLU B 294 -38.81 33.83 -10.45
C GLU B 294 -37.70 33.42 -9.49
N ALA B 295 -37.95 33.64 -8.20
CA ALA B 295 -37.03 33.22 -7.14
C ALA B 295 -35.74 34.02 -7.08
N TYR B 296 -35.69 35.13 -7.83
CA TYR B 296 -34.54 36.02 -7.79
C TYR B 296 -34.65 36.97 -6.60
N PRO B 297 -33.51 37.31 -5.98
CA PRO B 297 -33.50 38.31 -4.91
C PRO B 297 -34.01 39.65 -5.41
N GLY B 298 -34.04 40.65 -4.53
CA GLY B 298 -34.54 41.96 -4.90
C GLY B 298 -33.53 42.78 -5.68
N ASP B 299 -32.25 42.60 -5.34
CA ASP B 299 -31.19 43.40 -5.95
C ASP B 299 -30.57 42.74 -7.19
N VAL B 300 -31.39 42.06 -7.97
CA VAL B 300 -30.92 41.49 -9.23
C VAL B 300 -30.86 42.58 -10.30
N PHE B 301 -31.65 43.63 -10.10
CA PHE B 301 -31.63 44.79 -10.98
C PHE B 301 -30.39 45.61 -10.69
N TYR B 302 -30.05 45.72 -9.41
CA TYR B 302 -28.87 46.47 -8.99
C TYR B 302 -27.60 45.81 -9.52
N LEU B 303 -27.63 44.49 -9.67
CA LEU B 303 -26.50 43.75 -10.20
C LEU B 303 -26.21 44.14 -11.64
N HIS B 304 -27.26 44.24 -12.45
CA HIS B 304 -27.12 44.55 -13.86
C HIS B 304 -27.08 46.06 -14.11
N SER B 305 -27.53 46.84 -13.14
CA SER B 305 -27.58 48.28 -13.27
C SER B 305 -26.22 48.94 -13.07
N ARG B 306 -25.56 48.61 -11.96
CA ARG B 306 -24.26 49.18 -11.66
C ARG B 306 -23.16 48.57 -12.52
N LEU B 307 -23.54 47.57 -13.32
CA LEU B 307 -22.60 46.92 -14.23
C LEU B 307 -22.62 47.58 -15.60
N LEU B 308 -23.79 47.61 -16.23
CA LEU B 308 -23.93 48.10 -17.59
C LEU B 308 -23.78 49.62 -17.71
N GLU B 309 -23.75 50.31 -16.58
CA GLU B 309 -23.56 51.76 -16.59
C GLU B 309 -22.09 52.15 -16.57
N ARG B 310 -21.21 51.16 -16.39
CA ARG B 310 -19.79 51.40 -16.46
C ARG B 310 -19.35 51.50 -17.92
N ALA B 311 -20.34 51.45 -18.81
CA ALA B 311 -20.09 51.56 -20.24
C ALA B 311 -20.69 52.86 -20.79
N ALA B 312 -19.82 53.80 -21.14
CA ALA B 312 -20.27 55.09 -21.66
C ALA B 312 -19.13 55.88 -22.29
N LYS B 313 -19.49 56.85 -23.13
CA LYS B 313 -18.53 57.75 -23.77
C LYS B 313 -18.14 58.87 -22.81
N LEU B 314 -16.86 58.93 -22.45
CA LEU B 314 -16.39 59.94 -21.50
C LEU B 314 -16.36 61.34 -22.10
N SER B 315 -16.16 62.33 -21.23
CA SER B 315 -16.17 63.74 -21.64
C SER B 315 -14.85 64.16 -22.26
N GLU B 316 -14.86 65.29 -22.95
CA GLU B 316 -13.67 65.81 -23.62
C GLU B 316 -12.51 66.00 -22.66
N LYS B 317 -12.77 66.67 -21.55
CA LYS B 317 -11.75 66.93 -20.55
C LYS B 317 -11.29 65.65 -19.87
N GLU B 318 -12.12 64.61 -19.94
CA GLU B 318 -11.80 63.34 -19.31
C GLU B 318 -11.00 62.42 -20.23
N GLY B 319 -10.98 62.74 -21.52
CA GLY B 319 -10.17 61.98 -22.47
C GLY B 319 -10.96 61.40 -23.63
N SER B 320 -12.27 61.42 -23.53
CA SER B 320 -13.14 60.89 -24.58
C SER B 320 -12.94 59.38 -24.81
N GLY B 321 -12.51 58.69 -23.76
CA GLY B 321 -12.38 57.24 -23.82
C GLY B 321 -13.75 56.61 -23.67
N SER B 322 -14.08 55.69 -24.59
CA SER B 322 -15.41 55.09 -24.60
C SER B 322 -15.40 53.59 -24.37
N LEU B 323 -16.30 53.11 -23.53
CA LEU B 323 -16.50 51.68 -23.32
C LEU B 323 -17.87 51.27 -23.85
N THR B 324 -17.88 50.32 -24.78
CA THR B 324 -19.12 49.87 -25.41
C THR B 324 -19.53 48.48 -24.94
N ALA B 325 -20.77 48.36 -24.47
CA ALA B 325 -21.27 47.10 -23.94
C ALA B 325 -22.31 46.44 -24.84
N LEU B 326 -22.23 45.11 -24.94
CA LEU B 326 -23.20 44.33 -25.70
C LEU B 326 -23.68 43.13 -24.88
N PRO B 327 -24.63 43.38 -23.97
CA PRO B 327 -25.19 42.34 -23.09
C PRO B 327 -25.97 41.30 -23.88
N VAL B 328 -25.91 40.05 -23.45
CA VAL B 328 -26.67 38.98 -24.09
C VAL B 328 -27.70 38.42 -23.11
N ILE B 329 -28.91 38.19 -23.61
CA ILE B 329 -29.97 37.61 -22.79
C ILE B 329 -30.65 36.45 -23.51
N GLU B 330 -30.66 35.29 -22.87
CA GLU B 330 -31.26 34.10 -23.45
C GLU B 330 -32.71 33.94 -23.00
N THR B 331 -33.64 34.33 -23.87
CA THR B 331 -35.07 34.23 -23.56
C THR B 331 -35.59 32.81 -23.70
N GLN B 332 -36.70 32.52 -23.03
CA GLN B 332 -37.31 31.21 -23.09
C GLN B 332 -38.63 31.24 -23.85
N GLY B 333 -38.59 30.78 -25.10
CA GLY B 333 -39.78 30.76 -25.94
C GLY B 333 -40.10 32.13 -26.51
N GLY B 334 -39.11 33.00 -26.54
CA GLY B 334 -39.29 34.35 -27.05
C GLY B 334 -39.98 35.26 -26.05
N ASP B 335 -40.24 34.72 -24.87
CA ASP B 335 -40.91 35.47 -23.81
C ASP B 335 -40.05 36.62 -23.32
N VAL B 336 -40.16 37.76 -24.00
CA VAL B 336 -39.39 38.95 -23.65
C VAL B 336 -39.98 39.66 -22.44
N SER B 337 -41.17 39.23 -22.03
CA SER B 337 -41.85 39.82 -20.87
C SER B 337 -41.47 39.11 -19.57
N ALA B 338 -40.33 38.43 -19.59
CA ALA B 338 -39.84 37.76 -18.39
C ALA B 338 -39.12 38.76 -17.48
N TYR B 339 -38.87 38.36 -16.24
CA TYR B 339 -38.29 39.26 -15.26
C TYR B 339 -36.90 39.77 -15.65
N ILE B 340 -35.96 38.85 -15.88
CA ILE B 340 -34.61 39.23 -16.25
C ILE B 340 -34.54 39.97 -17.58
N PRO B 341 -35.13 39.40 -18.64
CA PRO B 341 -35.12 40.04 -19.95
C PRO B 341 -35.60 41.50 -19.91
N THR B 342 -36.64 41.76 -19.14
CA THR B 342 -37.19 43.13 -19.03
C THR B 342 -36.26 44.04 -18.23
N ASN B 343 -35.63 43.48 -17.20
CA ASN B 343 -34.71 44.25 -16.36
C ASN B 343 -33.54 44.86 -17.13
N VAL B 344 -32.94 44.08 -18.02
CA VAL B 344 -31.80 44.55 -18.80
C VAL B 344 -32.22 45.60 -19.83
N ILE B 345 -33.41 45.42 -20.41
CA ILE B 345 -33.92 46.36 -21.41
C ILE B 345 -34.22 47.72 -20.77
N SER B 346 -34.43 47.73 -19.46
CA SER B 346 -34.68 48.97 -18.73
C SER B 346 -33.37 49.67 -18.39
N ILE B 347 -32.25 49.01 -18.71
CA ILE B 347 -30.93 49.57 -18.46
C ILE B 347 -30.24 49.93 -19.77
N THR B 348 -30.25 49.00 -20.71
CA THR B 348 -29.62 49.23 -22.01
C THR B 348 -30.52 50.05 -22.93
N ASP B 349 -30.01 51.20 -23.36
CA ASP B 349 -30.75 52.07 -24.27
C ASP B 349 -30.69 51.54 -25.70
N GLY B 350 -31.42 50.47 -25.97
CA GLY B 350 -31.45 49.87 -27.29
C GLY B 350 -31.50 48.35 -27.21
N GLN B 351 -32.20 47.74 -28.16
CA GLN B 351 -32.35 46.28 -28.18
C GLN B 351 -32.29 45.71 -29.59
N ILE B 352 -31.53 44.63 -29.76
CA ILE B 352 -31.49 43.90 -31.02
C ILE B 352 -32.06 42.50 -30.80
N PHE B 353 -33.38 42.38 -30.93
CA PHE B 353 -34.05 41.11 -30.68
C PHE B 353 -33.99 40.17 -31.89
N LEU B 354 -33.41 38.99 -31.67
CA LEU B 354 -33.35 37.97 -32.71
C LEU B 354 -34.46 36.95 -32.53
N GLU B 355 -35.35 36.86 -33.50
CA GLU B 355 -36.51 35.98 -33.40
C GLU B 355 -36.24 34.64 -34.09
N ALA B 356 -36.45 33.55 -33.36
CA ALA B 356 -36.24 32.21 -33.90
C ALA B 356 -37.10 31.96 -35.13
N GLU B 357 -38.27 32.58 -35.16
CA GLU B 357 -39.19 32.46 -36.29
C GLU B 357 -38.47 32.77 -37.61
N LEU B 358 -37.72 33.86 -37.62
CA LEU B 358 -37.00 34.30 -38.81
C LEU B 358 -35.72 33.52 -39.03
N PHE B 359 -35.19 32.93 -37.95
CA PHE B 359 -33.95 32.18 -38.03
C PHE B 359 -34.16 30.89 -38.84
N TYR B 360 -35.24 30.19 -38.55
CA TYR B 360 -35.57 28.94 -39.24
C TYR B 360 -35.81 29.18 -40.73
N LYS B 361 -36.50 30.27 -41.05
CA LYS B 361 -36.83 30.58 -42.44
C LYS B 361 -35.58 30.80 -43.29
N GLY B 362 -34.49 31.20 -42.65
CA GLY B 362 -33.25 31.46 -43.35
C GLY B 362 -32.84 32.92 -43.25
N ILE B 363 -33.80 33.77 -42.94
CA ILE B 363 -33.55 35.20 -42.76
C ILE B 363 -32.57 35.42 -41.61
N ARG B 364 -31.29 35.57 -41.96
CA ARG B 364 -30.24 35.71 -40.95
C ARG B 364 -29.32 36.88 -41.29
N PRO B 365 -29.06 37.74 -40.29
CA PRO B 365 -29.59 37.65 -38.92
C PRO B 365 -31.11 37.80 -38.87
N ALA B 366 -31.73 37.13 -37.90
CA ALA B 366 -33.18 37.18 -37.73
C ALA B 366 -33.60 38.35 -36.85
N ILE B 367 -33.27 39.56 -37.27
CA ILE B 367 -33.56 40.76 -36.49
C ILE B 367 -34.99 41.25 -36.73
N ASN B 368 -35.82 41.15 -35.70
CA ASN B 368 -37.20 41.63 -35.80
C ASN B 368 -37.27 43.15 -35.79
N VAL B 369 -37.43 43.74 -36.97
CA VAL B 369 -37.50 45.19 -37.11
C VAL B 369 -38.57 45.79 -36.20
N GLY B 370 -39.62 45.01 -35.94
CA GLY B 370 -40.73 45.46 -35.12
C GLY B 370 -40.35 45.70 -33.67
N LEU B 371 -39.44 44.88 -33.15
CA LEU B 371 -39.03 44.99 -31.75
C LEU B 371 -37.64 45.59 -31.58
N SER B 372 -36.88 45.67 -32.66
CA SER B 372 -35.50 46.14 -32.59
C SER B 372 -35.38 47.65 -32.85
N VAL B 373 -34.56 48.32 -32.06
CA VAL B 373 -34.35 49.75 -32.22
C VAL B 373 -33.14 50.23 -31.41
N SER B 374 -32.35 51.12 -32.02
CA SER B 374 -31.24 51.75 -31.32
C SER B 374 -31.60 53.17 -30.93
N ARG B 375 -31.40 53.49 -29.65
CA ARG B 375 -31.84 54.76 -29.09
C ARG B 375 -31.00 55.96 -29.53
N VAL B 376 -30.09 55.73 -30.48
CA VAL B 376 -29.30 56.81 -31.07
C VAL B 376 -29.01 56.51 -32.53
N GLY B 377 -29.98 56.80 -33.40
CA GLY B 377 -29.84 56.53 -34.82
C GLY B 377 -28.83 57.42 -35.51
N SER B 378 -29.30 58.52 -36.08
CA SER B 378 -28.44 59.46 -36.78
C SER B 378 -27.21 59.84 -35.96
N ALA B 379 -27.39 59.91 -34.64
CA ALA B 379 -26.31 60.28 -33.73
C ALA B 379 -25.12 59.35 -33.83
N ALA B 380 -25.39 58.05 -33.91
CA ALA B 380 -24.33 57.05 -33.91
C ALA B 380 -24.10 56.43 -35.29
N GLN B 381 -24.98 56.73 -36.23
CA GLN B 381 -24.88 56.16 -37.57
C GLN B 381 -24.07 57.06 -38.51
N VAL B 382 -23.28 56.44 -39.37
CA VAL B 382 -22.48 57.18 -40.34
C VAL B 382 -23.40 57.92 -41.31
N LYS B 383 -23.10 59.20 -41.55
CA LYS B 383 -23.97 60.07 -42.35
C LYS B 383 -24.29 59.48 -43.72
N ALA B 384 -23.33 58.79 -44.32
CA ALA B 384 -23.54 58.19 -45.63
C ALA B 384 -24.70 57.21 -45.62
N LEU B 385 -24.73 56.36 -44.59
CA LEU B 385 -25.80 55.37 -44.44
C LEU B 385 -27.12 56.02 -44.07
N LYS B 386 -27.05 57.19 -43.42
CA LYS B 386 -28.24 57.89 -42.99
C LYS B 386 -29.09 58.37 -44.16
N GLN B 387 -28.42 58.69 -45.26
CA GLN B 387 -29.10 59.20 -46.46
C GLN B 387 -29.76 58.07 -47.25
N VAL B 388 -29.03 56.98 -47.46
CA VAL B 388 -29.52 55.86 -48.25
C VAL B 388 -30.59 55.05 -47.52
N ALA B 389 -30.74 55.30 -46.23
CA ALA B 389 -31.72 54.58 -45.43
C ALA B 389 -32.80 55.52 -44.88
N GLY B 390 -33.67 55.99 -45.77
CA GLY B 390 -34.73 56.91 -45.39
C GLY B 390 -35.82 56.23 -44.57
N SER B 391 -35.58 56.10 -43.26
CA SER B 391 -36.52 55.46 -42.36
C SER B 391 -36.89 54.06 -42.84
N LEU B 392 -35.88 53.30 -43.26
CA LEU B 392 -36.09 51.94 -43.73
C LEU B 392 -36.67 51.06 -42.63
N LYS B 393 -36.34 51.39 -41.38
CA LYS B 393 -36.84 50.64 -40.23
C LYS B 393 -38.36 50.70 -40.15
N LEU B 394 -38.93 51.84 -40.52
CA LEU B 394 -40.37 52.03 -40.48
C LEU B 394 -41.07 51.43 -41.70
N PHE B 395 -40.29 51.12 -42.73
CA PHE B 395 -40.82 50.50 -43.93
C PHE B 395 -40.99 49.00 -43.75
N LEU B 396 -39.95 48.36 -43.22
CA LEU B 396 -39.98 46.92 -42.98
C LEU B 396 -40.88 46.58 -41.79
N ALA B 397 -40.98 47.51 -40.84
CA ALA B 397 -41.83 47.32 -39.68
C ALA B 397 -43.30 47.27 -40.08
N GLN B 398 -43.64 48.00 -41.14
CA GLN B 398 -45.00 48.02 -41.66
C GLN B 398 -45.16 47.01 -42.78
N TYR B 399 -44.04 46.64 -43.40
CA TYR B 399 -44.05 45.65 -44.48
C TYR B 399 -44.53 44.29 -43.96
N ARG B 400 -44.22 43.99 -42.71
CA ARG B 400 -44.57 42.71 -42.11
C ARG B 400 -46.09 42.56 -42.05
N GLU B 401 -46.79 43.68 -42.13
CA GLU B 401 -48.25 43.68 -42.12
C GLU B 401 -48.81 43.35 -43.50
N VAL B 402 -47.98 43.53 -44.52
CA VAL B 402 -48.38 43.23 -45.89
C VAL B 402 -48.22 41.75 -46.21
N ALA B 403 -47.17 41.14 -45.65
CA ALA B 403 -46.87 39.74 -45.91
C ALA B 403 -47.72 38.79 -45.08
N ALA B 404 -48.60 39.34 -44.25
CA ALA B 404 -49.44 38.53 -43.38
C ALA B 404 -50.92 38.59 -43.79
N PHE B 405 -51.42 39.80 -44.03
CA PHE B 405 -52.81 39.99 -44.39
C PHE B 405 -53.10 39.60 -45.84
N ALA B 406 -52.13 39.85 -46.72
CA ALA B 406 -52.28 39.52 -48.13
C ALA B 406 -52.53 38.04 -48.34
N GLN B 407 -51.87 37.21 -47.53
CA GLN B 407 -52.01 35.77 -47.63
C GLN B 407 -53.26 35.28 -46.90
N ASP B 411 -56.75 37.90 -53.10
CA ASP B 411 -56.95 39.24 -53.66
C ASP B 411 -55.63 39.91 -53.98
N LEU B 412 -55.26 39.89 -55.26
CA LEU B 412 -54.03 40.53 -55.71
C LEU B 412 -54.24 42.03 -55.91
N ASP B 413 -53.40 42.84 -55.26
CA ASP B 413 -53.53 44.28 -55.32
C ASP B 413 -52.56 44.90 -56.34
N ALA B 414 -52.52 46.23 -56.37
CA ALA B 414 -51.64 46.95 -57.29
C ALA B 414 -50.62 47.80 -56.55
N SER B 415 -51.10 48.72 -55.73
CA SER B 415 -50.23 49.68 -55.04
C SER B 415 -49.54 49.09 -53.82
N THR B 416 -50.32 48.74 -52.79
CA THR B 416 -49.76 48.22 -51.55
C THR B 416 -49.12 46.84 -51.75
N LYS B 417 -49.53 46.14 -52.79
CA LYS B 417 -48.95 44.83 -53.11
C LYS B 417 -47.65 45.02 -53.89
N GLN B 418 -47.45 46.23 -54.40
CA GLN B 418 -46.24 46.55 -55.14
C GLN B 418 -45.04 46.53 -54.20
N THR B 419 -45.23 47.12 -53.02
CA THR B 419 -44.17 47.15 -52.01
C THR B 419 -43.86 45.76 -51.49
N LEU B 420 -44.79 44.83 -51.70
CA LEU B 420 -44.59 43.44 -51.30
C LEU B 420 -43.37 42.87 -52.02
N VAL B 421 -43.20 43.27 -53.28
CA VAL B 421 -42.07 42.83 -54.08
C VAL B 421 -40.80 43.56 -53.63
N ARG B 422 -40.97 44.76 -53.09
CA ARG B 422 -39.86 45.55 -52.59
C ARG B 422 -39.25 44.91 -51.34
N GLY B 423 -40.06 44.80 -50.29
CA GLY B 423 -39.61 44.23 -49.03
C GLY B 423 -39.13 42.80 -49.17
N GLU B 424 -39.69 42.08 -50.14
CA GLU B 424 -39.33 40.68 -50.37
C GLU B 424 -37.84 40.56 -50.71
N ARG B 425 -37.38 41.38 -51.64
CA ARG B 425 -36.01 41.31 -52.12
C ARG B 425 -35.09 42.22 -51.32
N LEU B 426 -35.68 43.11 -50.53
CA LEU B 426 -34.90 43.99 -49.68
C LEU B 426 -34.42 43.25 -48.43
N THR B 427 -35.31 42.48 -47.83
CA THR B 427 -34.98 41.71 -46.64
C THR B 427 -34.11 40.52 -47.02
N GLN B 428 -34.38 39.95 -48.19
CA GLN B 428 -33.61 38.82 -48.69
C GLN B 428 -32.19 39.27 -49.03
N LEU B 429 -32.06 40.55 -49.32
CA LEU B 429 -30.76 41.14 -49.63
C LEU B 429 -29.94 41.32 -48.36
N LEU B 430 -30.63 41.42 -47.23
CA LEU B 430 -29.98 41.65 -45.94
C LEU B 430 -29.43 40.35 -45.33
N LYS B 431 -29.77 39.22 -45.95
CA LYS B 431 -29.32 37.93 -45.45
C LYS B 431 -27.81 37.78 -45.53
N GLN B 432 -27.11 38.20 -44.48
CA GLN B 432 -25.66 38.15 -44.44
C GLN B 432 -25.18 36.89 -43.72
N ASN B 433 -24.17 36.24 -44.29
CA ASN B 433 -23.61 35.03 -43.71
C ASN B 433 -22.73 35.33 -42.51
N GLN B 434 -22.22 34.27 -41.88
CA GLN B 434 -21.33 34.43 -40.73
C GLN B 434 -19.90 34.63 -41.20
N TYR B 435 -19.13 35.39 -40.43
CA TYR B 435 -17.73 35.67 -40.75
C TYR B 435 -17.58 36.35 -42.11
N SER B 436 -18.51 37.21 -42.47
CA SER B 436 -18.44 37.93 -43.74
C SER B 436 -18.68 39.42 -43.59
N PRO B 437 -17.84 40.09 -42.77
CA PRO B 437 -17.98 41.53 -42.52
C PRO B 437 -17.84 42.33 -43.80
N LEU B 438 -18.46 43.52 -43.84
CA LEU B 438 -18.40 44.38 -45.01
C LEU B 438 -18.03 45.80 -44.62
N ALA B 439 -17.32 46.49 -45.52
CA ALA B 439 -16.90 47.86 -45.27
C ALA B 439 -18.08 48.83 -45.45
N THR B 440 -17.97 50.00 -44.86
CA THR B 440 -19.03 51.01 -44.93
C THR B 440 -19.36 51.34 -46.38
N GLU B 441 -18.33 51.46 -47.22
CA GLU B 441 -18.52 51.78 -48.62
C GLU B 441 -19.18 50.65 -49.41
N GLU B 442 -19.12 49.44 -48.84
CA GLU B 442 -19.71 48.27 -49.49
C GLU B 442 -21.16 48.09 -49.10
N GLN B 443 -21.57 48.74 -48.00
CA GLN B 443 -22.92 48.60 -47.50
C GLN B 443 -23.83 49.70 -48.06
N VAL B 444 -23.26 50.87 -48.33
CA VAL B 444 -24.03 52.02 -48.80
C VAL B 444 -24.75 51.81 -50.14
N PRO B 445 -24.09 51.15 -51.12
CA PRO B 445 -24.74 51.01 -52.43
C PRO B 445 -25.94 50.07 -52.37
N LEU B 446 -25.85 49.05 -51.53
CA LEU B 446 -26.91 48.06 -51.40
C LEU B 446 -28.20 48.66 -50.85
N ILE B 447 -28.06 49.59 -49.93
CA ILE B 447 -29.21 50.22 -49.29
C ILE B 447 -29.97 51.14 -50.23
N TYR B 448 -29.27 51.69 -51.21
CA TYR B 448 -29.87 52.59 -52.18
C TYR B 448 -30.58 51.80 -53.28
N ALA B 449 -30.16 50.55 -53.48
CA ALA B 449 -30.76 49.69 -54.50
C ALA B 449 -32.04 49.04 -53.96
N GLY B 450 -32.58 49.59 -52.89
CA GLY B 450 -33.78 49.04 -52.27
C GLY B 450 -34.88 50.06 -52.05
N VAL B 451 -34.53 51.19 -51.47
CA VAL B 451 -35.51 52.23 -51.16
C VAL B 451 -36.23 52.73 -52.41
N ASN B 452 -35.67 52.42 -53.58
CA ASN B 452 -36.29 52.76 -54.85
C ASN B 452 -36.60 51.52 -55.68
N GLY B 453 -36.02 50.39 -55.27
CA GLY B 453 -36.24 49.13 -55.95
C GLY B 453 -35.45 48.99 -57.23
N HIS B 454 -34.13 49.06 -57.11
CA HIS B 454 -33.25 48.95 -58.27
C HIS B 454 -32.94 47.49 -58.60
N LEU B 455 -33.27 46.60 -57.68
CA LEU B 455 -33.02 45.17 -57.87
C LEU B 455 -34.31 44.40 -58.13
N ASP B 456 -35.37 45.14 -58.49
CA ASP B 456 -36.67 44.54 -58.73
C ASP B 456 -36.64 43.49 -59.84
N GLY B 457 -35.78 43.71 -60.83
CA GLY B 457 -35.69 42.84 -61.98
C GLY B 457 -35.19 41.44 -61.66
N ILE B 458 -34.19 41.36 -60.78
CA ILE B 458 -33.58 40.09 -60.42
C ILE B 458 -34.57 39.20 -59.67
N GLU B 459 -34.59 37.92 -60.03
CA GLU B 459 -35.52 36.97 -59.42
C GLU B 459 -34.96 36.35 -58.13
N LEU B 460 -35.86 35.79 -57.32
CA LEU B 460 -35.48 35.23 -56.03
C LEU B 460 -34.58 34.00 -56.16
N SER B 461 -33.30 34.24 -56.41
CA SER B 461 -32.34 33.15 -56.56
C SER B 461 -30.90 33.67 -56.54
N ARG B 462 -30.66 34.74 -57.28
CA ARG B 462 -29.33 35.33 -57.36
C ARG B 462 -29.30 36.73 -56.76
N ILE B 463 -30.29 37.04 -55.93
CA ILE B 463 -30.36 38.35 -55.30
C ILE B 463 -29.11 38.59 -54.44
N GLY B 464 -28.49 37.51 -53.99
CA GLY B 464 -27.25 37.60 -53.24
C GLY B 464 -26.04 37.52 -54.15
N GLU B 465 -26.25 36.98 -55.34
CA GLU B 465 -25.19 36.88 -56.34
C GLU B 465 -24.77 38.26 -56.85
N PHE B 466 -25.72 39.18 -56.93
CA PHE B 466 -25.44 40.54 -57.39
C PHE B 466 -24.43 41.22 -56.48
N GLU B 467 -24.43 40.84 -55.21
CA GLU B 467 -23.51 41.42 -54.24
C GLU B 467 -22.06 41.08 -54.59
N SER B 468 -21.82 39.82 -54.91
CA SER B 468 -20.49 39.36 -55.29
C SER B 468 -20.11 39.91 -56.67
N SER B 469 -21.11 40.13 -57.51
CA SER B 469 -20.88 40.65 -58.85
C SER B 469 -20.50 42.14 -58.82
N PHE B 470 -21.30 42.93 -58.12
CA PHE B 470 -21.09 44.38 -58.06
C PHE B 470 -19.83 44.73 -57.26
N LEU B 471 -19.44 43.84 -56.35
CA LEU B 471 -18.22 44.03 -55.60
C LEU B 471 -17.01 44.00 -56.53
N SER B 472 -17.03 43.07 -57.46
CA SER B 472 -15.95 42.93 -58.44
C SER B 472 -15.88 44.17 -59.34
N TYR B 473 -17.05 44.69 -59.70
CA TYR B 473 -17.15 45.84 -60.57
C TYR B 473 -16.54 47.10 -59.95
N LEU B 474 -16.20 47.02 -58.68
CA LEU B 474 -15.63 48.16 -57.96
C LEU B 474 -14.14 47.96 -57.72
N LYS B 475 -13.69 46.72 -57.82
CA LYS B 475 -12.29 46.38 -57.59
C LYS B 475 -11.35 47.24 -58.42
N SER B 476 -11.74 47.50 -59.67
CA SER B 476 -10.91 48.28 -60.58
C SER B 476 -11.73 49.21 -61.46
N ASN B 477 -12.86 48.72 -61.96
CA ASN B 477 -13.75 49.52 -62.80
C ASN B 477 -14.29 50.73 -62.06
N HIS B 478 -14.69 50.53 -60.81
CA HIS B 478 -15.19 51.61 -59.97
C HIS B 478 -14.53 51.62 -58.60
N ASN B 479 -13.21 51.79 -58.59
CA ASN B 479 -12.46 51.89 -57.35
C ASN B 479 -12.41 53.34 -56.85
N GLU B 480 -12.79 54.26 -57.73
CA GLU B 480 -12.80 55.68 -57.41
C GLU B 480 -13.84 56.00 -56.34
N LEU B 481 -14.98 55.34 -56.43
CA LEU B 481 -16.07 55.55 -55.48
C LEU B 481 -15.69 55.07 -54.09
N LEU B 482 -15.07 53.90 -54.03
CA LEU B 482 -14.72 53.26 -52.76
C LEU B 482 -13.84 54.14 -51.88
N THR B 483 -12.92 54.86 -52.49
CA THR B 483 -11.98 55.70 -51.74
C THR B 483 -12.65 56.94 -51.16
N GLU B 484 -13.67 57.43 -51.86
CA GLU B 484 -14.38 58.64 -51.43
C GLU B 484 -15.13 58.42 -50.12
N ILE B 485 -15.99 57.40 -50.10
CA ILE B 485 -16.80 57.12 -48.92
C ILE B 485 -15.95 56.66 -47.74
N ARG B 486 -14.88 55.93 -48.03
CA ARG B 486 -13.99 55.43 -46.98
C ARG B 486 -13.33 56.56 -46.21
N GLU B 487 -12.87 57.58 -46.93
CA GLU B 487 -12.12 58.67 -46.33
C GLU B 487 -13.01 59.76 -45.72
N LYS B 488 -14.06 60.13 -46.44
CA LYS B 488 -14.98 61.15 -45.95
C LYS B 488 -16.00 60.57 -44.98
N GLY B 489 -16.87 59.69 -45.49
CA GLY B 489 -17.91 59.08 -44.68
C GLY B 489 -19.21 59.85 -44.77
N GLU B 490 -19.32 60.72 -45.78
CA GLU B 490 -20.52 61.51 -45.98
C GLU B 490 -20.82 61.68 -47.47
N LEU B 491 -22.09 61.57 -47.83
CA LEU B 491 -22.51 61.71 -49.22
C LEU B 491 -22.73 63.19 -49.59
N SER B 492 -22.38 63.54 -50.82
CA SER B 492 -22.56 64.90 -51.32
C SER B 492 -23.49 64.90 -52.53
N LYS B 493 -23.96 66.07 -52.91
CA LYS B 493 -24.80 66.21 -54.10
C LYS B 493 -24.02 65.82 -55.34
N GLU B 494 -22.70 65.98 -55.28
CA GLU B 494 -21.81 65.61 -56.37
C GLU B 494 -21.87 64.09 -56.61
N LEU B 495 -21.69 63.34 -55.53
CA LEU B 495 -21.67 61.88 -55.61
C LEU B 495 -23.09 61.31 -55.61
N LEU B 496 -24.03 62.10 -55.12
CA LEU B 496 -25.43 61.70 -55.11
C LEU B 496 -25.92 61.48 -56.54
N ALA B 497 -25.46 62.33 -57.46
CA ALA B 497 -25.81 62.21 -58.87
C ALA B 497 -24.90 61.20 -59.56
N SER B 498 -23.73 60.97 -58.97
CA SER B 498 -22.77 60.02 -59.52
C SER B 498 -23.12 58.59 -59.13
N LEU B 499 -24.10 58.45 -58.25
CA LEU B 499 -24.51 57.13 -57.75
C LEU B 499 -25.61 56.53 -58.62
N LYS B 500 -26.45 57.39 -59.19
CA LYS B 500 -27.60 56.94 -59.96
C LYS B 500 -27.22 56.41 -61.33
N SER B 501 -25.92 56.45 -61.64
CA SER B 501 -25.44 56.02 -62.96
C SER B 501 -24.68 54.70 -62.89
N ALA B 502 -23.73 54.60 -61.97
CA ALA B 502 -22.93 53.38 -61.82
C ALA B 502 -23.78 52.20 -61.40
N THR B 503 -24.93 52.49 -60.79
CA THR B 503 -25.86 51.45 -60.35
C THR B 503 -26.93 51.21 -61.41
N GLU B 504 -27.04 52.15 -62.35
CA GLU B 504 -28.04 52.09 -63.40
C GLU B 504 -27.62 51.10 -64.49
N SER B 505 -26.34 50.78 -64.52
CA SER B 505 -25.79 49.90 -65.55
C SER B 505 -26.32 48.48 -65.45
N PHE B 506 -26.62 48.04 -64.23
CA PHE B 506 -27.11 46.68 -64.02
C PHE B 506 -28.63 46.65 -63.84
N ASN C 26 -40.66 50.81 39.21
CA ASN C 26 -41.95 50.13 39.07
C ASN C 26 -42.25 49.79 37.61
N LEU C 27 -42.59 48.54 37.36
CA LEU C 27 -42.88 48.07 36.00
C LEU C 27 -44.38 47.85 35.81
N ASN C 28 -45.11 47.90 36.91
CA ASN C 28 -46.55 47.60 36.90
C ASN C 28 -47.35 48.42 35.90
N GLU C 29 -47.08 49.72 35.84
CA GLU C 29 -47.87 50.62 34.99
C GLU C 29 -47.02 51.31 33.93
N THR C 30 -45.71 51.10 33.96
CA THR C 30 -44.81 51.70 32.98
C THR C 30 -43.92 50.66 32.33
N GLY C 31 -43.16 51.07 31.33
CA GLY C 31 -42.26 50.18 30.63
C GLY C 31 -41.23 50.91 29.79
N ARG C 32 -40.01 50.36 29.73
CA ARG C 32 -38.94 50.96 28.95
C ARG C 32 -38.77 50.24 27.61
N VAL C 33 -38.49 51.01 26.56
CA VAL C 33 -38.37 50.46 25.21
C VAL C 33 -37.08 49.67 25.02
N LEU C 34 -37.22 48.38 24.71
CA LEU C 34 -36.09 47.52 24.43
C LEU C 34 -35.58 47.74 23.00
N ALA C 35 -36.52 47.96 22.09
CA ALA C 35 -36.19 48.20 20.69
C ALA C 35 -37.38 48.84 19.98
N VAL C 36 -37.12 49.64 18.96
CA VAL C 36 -38.18 50.34 18.25
C VAL C 36 -37.84 50.58 16.78
N GLY C 37 -38.87 50.52 15.92
CA GLY C 37 -38.70 50.76 14.50
C GLY C 37 -39.85 50.22 13.68
N ASP C 38 -40.11 50.89 12.56
CA ASP C 38 -41.13 50.46 11.62
C ASP C 38 -42.54 50.52 12.23
N GLY C 39 -42.72 51.41 13.20
CA GLY C 39 -43.99 51.55 13.88
C GLY C 39 -44.17 50.47 14.94
N ILE C 40 -43.17 49.61 15.07
CA ILE C 40 -43.19 48.55 16.08
C ILE C 40 -42.30 48.94 17.26
N ALA C 41 -42.77 48.63 18.47
CA ALA C 41 -42.02 48.97 19.68
C ALA C 41 -42.09 47.85 20.71
N ARG C 42 -40.94 47.20 20.94
CA ARG C 42 -40.84 46.18 21.98
C ARG C 42 -40.60 46.85 23.33
N VAL C 43 -41.46 46.55 24.31
CA VAL C 43 -41.37 47.19 25.61
C VAL C 43 -41.19 46.17 26.74
N PHE C 44 -40.29 46.48 27.66
CA PHE C 44 -40.06 45.64 28.83
C PHE C 44 -40.88 46.16 30.01
N GLY C 45 -41.71 45.29 30.58
CA GLY C 45 -42.53 45.67 31.71
C GLY C 45 -44.02 45.59 31.40
N LEU C 46 -44.76 46.62 31.80
CA LEU C 46 -46.20 46.65 31.59
C LEU C 46 -46.83 45.35 32.08
N ASN C 47 -46.43 44.91 33.27
CA ASN C 47 -46.85 43.63 33.82
C ASN C 47 -48.35 43.52 34.06
N ASN C 48 -49.04 44.65 34.08
CA ASN C 48 -50.49 44.66 34.27
C ASN C 48 -51.24 45.23 33.08
N ILE C 49 -50.55 45.40 31.96
CA ILE C 49 -51.17 45.87 30.74
C ILE C 49 -52.23 44.89 30.26
N GLN C 50 -53.31 45.41 29.70
CA GLN C 50 -54.33 44.57 29.08
C GLN C 50 -53.97 44.33 27.63
N ALA C 51 -54.55 43.29 27.04
CA ALA C 51 -54.40 43.04 25.62
C ALA C 51 -55.20 44.08 24.85
N GLU C 52 -54.67 44.52 23.72
CA GLU C 52 -55.33 45.54 22.90
C GLU C 52 -55.61 46.81 23.71
N GLU C 53 -54.75 47.10 24.68
CA GLU C 53 -54.91 48.31 25.49
C GLU C 53 -54.14 49.47 24.88
N LEU C 54 -54.64 50.69 25.10
CA LEU C 54 -54.03 51.89 24.56
C LEU C 54 -52.84 52.30 25.42
N VAL C 55 -51.76 52.75 24.78
CA VAL C 55 -50.57 53.19 25.49
C VAL C 55 -50.06 54.53 24.97
N GLU C 56 -49.52 55.35 25.86
CA GLU C 56 -48.96 56.64 25.49
C GLU C 56 -47.45 56.66 25.71
N PHE C 57 -46.75 57.36 24.84
CA PHE C 57 -45.29 57.46 24.95
C PHE C 57 -44.87 58.81 25.53
N SER C 58 -43.62 58.89 25.97
CA SER C 58 -43.10 60.12 26.56
C SER C 58 -42.91 61.19 25.51
N SER C 59 -42.66 60.77 24.28
CA SER C 59 -42.44 61.70 23.18
C SER C 59 -43.74 62.24 22.59
N GLY C 60 -44.86 61.66 23.01
CA GLY C 60 -46.16 62.13 22.58
C GLY C 60 -46.94 61.16 21.72
N VAL C 61 -46.23 60.30 20.98
CA VAL C 61 -46.88 59.37 20.08
C VAL C 61 -47.62 58.26 20.82
N LYS C 62 -48.85 57.99 20.39
CA LYS C 62 -49.65 56.92 21.00
C LYS C 62 -49.31 55.56 20.41
N GLY C 63 -49.75 54.51 21.07
CA GLY C 63 -49.50 53.15 20.62
C GLY C 63 -50.60 52.18 21.02
N MET C 64 -50.35 50.89 20.80
CA MET C 64 -51.34 49.86 21.11
C MET C 64 -50.66 48.52 21.37
N ALA C 65 -51.09 47.83 22.42
CA ALA C 65 -50.53 46.52 22.75
C ALA C 65 -51.30 45.42 22.03
N LEU C 66 -50.56 44.46 21.46
CA LEU C 66 -51.17 43.35 20.74
C LEU C 66 -50.51 42.02 21.12
N ASN C 67 -49.20 42.07 21.40
CA ASN C 67 -48.47 40.89 21.83
C ASN C 67 -48.03 40.99 23.28
N LEU C 68 -48.67 40.21 24.15
CA LEU C 68 -48.33 40.20 25.56
C LEU C 68 -47.35 39.07 25.88
N GLU C 69 -46.30 38.97 25.07
CA GLU C 69 -45.28 37.95 25.25
C GLU C 69 -44.77 37.94 26.69
N PRO C 70 -44.21 36.80 27.13
CA PRO C 70 -43.74 36.67 28.51
C PRO C 70 -42.74 37.77 28.88
N GLY C 71 -41.63 37.84 28.15
CA GLY C 71 -40.59 38.79 28.46
C GLY C 71 -40.94 40.23 28.13
N GLN C 72 -41.40 40.47 26.90
CA GLN C 72 -41.63 41.82 26.42
C GLN C 72 -43.07 42.06 25.98
N VAL C 73 -43.29 43.16 25.27
CA VAL C 73 -44.62 43.52 24.78
C VAL C 73 -44.54 44.13 23.39
N GLY C 74 -45.29 43.56 22.45
CA GLY C 74 -45.37 44.10 21.11
C GLY C 74 -46.36 45.24 21.05
N ILE C 75 -45.88 46.41 20.63
CA ILE C 75 -46.73 47.60 20.58
C ILE C 75 -46.66 48.31 19.24
N VAL C 76 -47.81 48.41 18.57
CA VAL C 76 -47.89 49.13 17.30
C VAL C 76 -48.14 50.61 17.53
N LEU C 77 -47.24 51.44 17.02
CA LEU C 77 -47.36 52.90 17.18
C LEU C 77 -48.44 53.46 16.27
N PHE C 78 -48.94 54.65 16.63
CA PHE C 78 -49.96 55.32 15.83
C PHE C 78 -49.36 56.52 15.10
N GLY C 79 -48.09 56.77 15.33
CA GLY C 79 -47.41 57.90 14.72
C GLY C 79 -46.02 57.59 14.22
N SER C 80 -45.17 58.61 14.18
CA SER C 80 -43.80 58.48 13.68
C SER C 80 -42.98 57.52 14.53
N ASP C 81 -41.79 57.18 14.03
CA ASP C 81 -40.89 56.26 14.73
C ASP C 81 -39.78 57.01 15.44
N ARG C 82 -39.26 58.05 14.78
CA ARG C 82 -38.15 58.83 15.32
C ARG C 82 -38.42 59.30 16.75
N LEU C 83 -39.68 59.49 17.07
CA LEU C 83 -40.08 59.98 18.40
C LEU C 83 -39.64 59.03 19.51
N VAL C 84 -39.73 57.73 19.23
CA VAL C 84 -39.39 56.71 20.22
C VAL C 84 -37.91 56.33 20.17
N LYS C 85 -37.25 56.39 21.33
CA LYS C 85 -35.86 55.99 21.44
C LYS C 85 -35.74 54.80 22.38
N GLU C 86 -34.51 54.36 22.63
CA GLU C 86 -34.28 53.25 23.54
C GLU C 86 -34.39 53.69 24.99
N GLY C 87 -34.98 52.84 25.82
CA GLY C 87 -35.11 53.13 27.24
C GLY C 87 -36.15 54.20 27.54
N GLU C 88 -36.96 54.53 26.54
CA GLU C 88 -38.00 55.54 26.70
C GLU C 88 -39.12 55.01 27.58
N LEU C 89 -39.70 55.90 28.40
CA LEU C 89 -40.75 55.51 29.32
C LEU C 89 -42.11 55.43 28.63
N VAL C 90 -42.82 54.33 28.87
CA VAL C 90 -44.13 54.12 28.27
C VAL C 90 -45.20 54.00 29.34
N LYS C 91 -46.27 54.79 29.21
CA LYS C 91 -47.35 54.79 30.17
C LYS C 91 -48.48 53.87 29.73
N ARG C 92 -49.46 53.68 30.63
CA ARG C 92 -50.68 52.97 30.29
C ARG C 92 -51.81 53.97 30.13
N THR C 93 -52.90 53.54 29.51
CA THR C 93 -54.07 54.38 29.36
C THR C 93 -55.24 53.78 30.11
N GLY C 94 -55.18 52.47 30.33
CA GLY C 94 -56.26 51.77 31.00
C GLY C 94 -57.49 51.68 30.13
N ASN C 95 -57.38 52.22 28.92
CA ASN C 95 -58.51 52.23 27.99
C ASN C 95 -58.28 51.33 26.78
N ILE C 96 -59.31 50.55 26.44
CA ILE C 96 -59.31 49.82 25.19
C ILE C 96 -59.74 50.80 24.09
N VAL C 97 -59.07 50.75 22.95
CA VAL C 97 -59.35 51.68 21.85
C VAL C 97 -60.84 51.99 21.75
N ASP C 98 -61.19 53.28 21.91
CA ASP C 98 -62.57 53.71 21.88
C ASP C 98 -62.72 55.05 21.15
N VAL C 99 -63.91 55.31 20.62
CA VAL C 99 -64.16 56.55 19.88
C VAL C 99 -65.48 57.19 20.28
N PRO C 100 -65.53 58.54 20.23
CA PRO C 100 -66.75 59.32 20.52
C PRO C 100 -67.83 59.05 19.49
N VAL C 101 -69.07 58.88 19.95
CA VAL C 101 -70.20 58.65 19.05
C VAL C 101 -71.40 59.53 19.40
N GLY C 102 -72.27 59.73 18.41
CA GLY C 102 -73.44 60.58 18.59
C GLY C 102 -73.83 61.28 17.30
N PRO C 103 -74.82 62.18 17.38
CA PRO C 103 -75.26 62.94 16.21
C PRO C 103 -74.30 64.06 15.88
N GLY C 104 -73.51 64.48 16.86
CA GLY C 104 -72.58 65.59 16.70
C GLY C 104 -71.59 65.40 15.57
N LEU C 105 -71.26 64.15 15.27
CA LEU C 105 -70.30 63.85 14.21
C LEU C 105 -70.85 64.15 12.82
N LEU C 106 -72.17 64.27 12.73
CA LEU C 106 -72.81 64.58 11.45
C LEU C 106 -72.27 65.87 10.84
N GLY C 107 -71.85 65.79 9.58
CA GLY C 107 -71.34 66.94 8.88
C GLY C 107 -69.87 67.23 9.16
N ARG C 108 -69.22 66.28 9.82
CA ARG C 108 -67.82 66.44 10.20
C ARG C 108 -66.93 65.39 9.55
N VAL C 109 -65.62 65.63 9.62
CA VAL C 109 -64.63 64.67 9.12
C VAL C 109 -63.62 64.36 10.22
N VAL C 110 -63.56 63.09 10.63
CA VAL C 110 -62.68 62.68 11.72
C VAL C 110 -61.77 61.53 11.31
N ASP C 111 -60.62 61.43 11.96
CA ASP C 111 -59.66 60.37 11.68
C ASP C 111 -60.12 59.04 12.27
N ALA C 112 -59.17 58.11 12.43
CA ALA C 112 -59.48 56.79 12.96
C ALA C 112 -59.62 56.82 14.48
N LEU C 113 -59.08 57.85 15.10
CA LEU C 113 -59.14 58.00 16.56
C LEU C 113 -60.40 58.75 16.98
N GLY C 114 -61.07 59.36 16.01
CA GLY C 114 -62.29 60.11 16.28
C GLY C 114 -62.07 61.60 16.28
N ASN C 115 -60.80 62.01 16.33
CA ASN C 115 -60.44 63.41 16.36
C ASN C 115 -60.78 64.14 15.06
N PRO C 116 -61.32 65.36 15.17
CA PRO C 116 -61.69 66.20 14.03
C PRO C 116 -60.46 66.63 13.22
N ILE C 117 -60.48 66.35 11.91
CA ILE C 117 -59.36 66.69 11.05
C ILE C 117 -59.73 67.79 10.05
N ASP C 118 -60.99 68.17 10.03
CA ASP C 118 -61.47 69.21 9.12
C ASP C 118 -61.29 70.61 9.72
N GLY C 119 -60.72 70.66 10.92
CA GLY C 119 -60.48 71.92 11.60
C GLY C 119 -61.73 72.78 11.75
N LYS C 120 -62.74 72.22 12.39
CA LYS C 120 -63.98 72.95 12.64
C LYS C 120 -64.36 72.91 14.12
N GLY C 121 -63.35 73.00 14.98
CA GLY C 121 -63.58 72.92 16.42
C GLY C 121 -63.80 71.50 16.87
N PRO C 122 -63.92 71.29 18.19
CA PRO C 122 -64.12 69.96 18.76
C PRO C 122 -65.48 69.36 18.36
N ILE C 123 -65.62 68.05 18.54
CA ILE C 123 -66.89 67.38 18.27
C ILE C 123 -67.69 67.20 19.55
N ASP C 124 -69.00 67.27 19.45
CA ASP C 124 -69.87 67.09 20.62
C ASP C 124 -70.06 65.61 20.93
N ALA C 125 -69.33 65.14 21.95
CA ALA C 125 -69.37 63.74 22.33
C ALA C 125 -70.66 63.38 23.07
N ALA C 126 -71.38 62.39 22.56
CA ALA C 126 -72.60 61.91 23.20
C ALA C 126 -72.39 60.51 23.76
N GLY C 127 -71.13 60.19 24.07
CA GLY C 127 -70.78 58.88 24.57
C GLY C 127 -69.65 58.26 23.76
N ARG C 128 -68.91 57.33 24.36
CA ARG C 128 -67.80 56.69 23.67
C ARG C 128 -67.99 55.18 23.56
N SER C 129 -68.29 54.70 22.35
CA SER C 129 -68.43 53.28 22.10
C SER C 129 -67.10 52.69 21.65
N ARG C 130 -66.78 51.50 22.15
CA ARG C 130 -65.52 50.85 21.82
C ARG C 130 -65.39 50.59 20.31
N ALA C 131 -64.17 50.29 19.87
CA ALA C 131 -63.91 50.03 18.46
C ALA C 131 -64.10 48.55 18.14
N GLN C 132 -63.97 47.70 19.15
CA GLN C 132 -64.15 46.26 18.99
C GLN C 132 -65.45 45.80 19.61
N VAL C 133 -66.56 46.10 18.95
CA VAL C 133 -67.88 45.73 19.43
C VAL C 133 -68.34 44.41 18.83
N LYS C 134 -68.78 43.49 19.68
CA LYS C 134 -69.32 42.22 19.23
C LYS C 134 -70.63 42.44 18.48
N ALA C 135 -70.90 41.60 17.50
CA ALA C 135 -72.11 41.73 16.69
C ALA C 135 -73.35 41.24 17.44
N PRO C 136 -74.51 41.85 17.15
CA PRO C 136 -75.78 41.43 17.77
C PRO C 136 -76.02 39.95 17.54
N GLY C 137 -76.32 39.22 18.61
CA GLY C 137 -76.55 37.79 18.52
C GLY C 137 -77.70 37.41 17.62
N ILE C 138 -78.08 36.14 17.67
CA ILE C 138 -79.15 35.63 16.82
C ILE C 138 -80.50 36.24 17.17
N LEU C 139 -80.81 36.25 18.46
CA LEU C 139 -82.14 36.62 18.94
C LEU C 139 -82.61 38.01 18.49
N PRO C 140 -81.86 39.07 18.85
CA PRO C 140 -82.32 40.43 18.57
C PRO C 140 -82.13 40.84 17.11
N ARG C 141 -82.88 40.21 16.21
CA ARG C 141 -82.76 40.52 14.79
C ARG C 141 -84.08 40.36 14.02
N ARG C 142 -84.27 41.22 13.03
CA ARG C 142 -85.45 41.17 12.17
C ARG C 142 -85.02 41.02 10.71
N SER C 143 -85.73 40.19 9.97
CA SER C 143 -85.45 40.00 8.55
C SER C 143 -85.48 41.33 7.82
N VAL C 144 -84.44 41.57 7.02
CA VAL C 144 -84.34 42.81 6.26
C VAL C 144 -85.53 42.96 5.31
N HIS C 145 -86.22 44.09 5.39
CA HIS C 145 -87.41 44.31 4.59
C HIS C 145 -87.49 45.73 4.05
N GLU C 146 -86.74 46.64 4.67
CA GLU C 146 -86.75 48.04 4.28
C GLU C 146 -85.71 48.34 3.20
N PRO C 147 -86.17 48.71 2.00
CA PRO C 147 -85.30 48.98 0.86
C PRO C 147 -84.39 50.19 1.06
N VAL C 148 -83.30 50.23 0.31
CA VAL C 148 -82.41 51.38 0.30
C VAL C 148 -82.27 51.89 -1.13
N GLN C 149 -83.10 52.86 -1.49
CA GLN C 149 -83.15 53.36 -2.85
C GLN C 149 -81.88 54.10 -3.25
N THR C 150 -81.14 53.52 -4.19
CA THR C 150 -79.87 54.08 -4.64
C THR C 150 -80.06 55.08 -5.77
N GLY C 151 -81.27 55.14 -6.32
CA GLY C 151 -81.57 56.03 -7.42
C GLY C 151 -81.03 55.48 -8.74
N LEU C 152 -80.10 54.54 -8.62
CA LEU C 152 -79.51 53.90 -9.80
C LEU C 152 -80.43 52.80 -10.30
N LYS C 153 -80.82 52.90 -11.57
CA LYS C 153 -81.74 51.94 -12.17
C LYS C 153 -81.31 50.49 -11.97
N ALA C 154 -80.23 50.11 -12.65
CA ALA C 154 -79.74 48.73 -12.59
C ALA C 154 -79.67 48.20 -11.17
N VAL C 155 -79.12 48.99 -10.26
CA VAL C 155 -78.96 48.56 -8.87
C VAL C 155 -80.29 48.20 -8.23
N ASP C 156 -81.14 49.21 -7.99
CA ASP C 156 -82.43 48.98 -7.35
C ASP C 156 -83.30 48.00 -8.11
N ALA C 157 -83.20 48.01 -9.43
CA ALA C 157 -84.04 47.17 -10.27
C ALA C 157 -83.61 45.69 -10.22
N LEU C 158 -82.32 45.44 -10.32
CA LEU C 158 -81.81 44.08 -10.37
C LEU C 158 -81.34 43.57 -9.02
N VAL C 159 -80.49 44.35 -8.35
CA VAL C 159 -79.96 43.97 -7.05
C VAL C 159 -80.18 45.04 -5.99
N PRO C 160 -81.40 45.10 -5.45
CA PRO C 160 -81.77 46.09 -4.43
C PRO C 160 -81.00 45.91 -3.14
N ILE C 161 -80.80 46.99 -2.39
CA ILE C 161 -80.08 46.94 -1.13
C ILE C 161 -81.06 47.07 0.03
N GLY C 162 -80.78 46.37 1.13
CA GLY C 162 -81.65 46.39 2.28
C GLY C 162 -81.00 46.98 3.53
N ARG C 163 -81.82 47.44 4.46
CA ARG C 163 -81.32 48.02 5.70
C ARG C 163 -80.93 46.94 6.69
N GLY C 164 -79.62 46.77 6.87
CA GLY C 164 -79.08 45.67 7.66
C GLY C 164 -78.39 44.67 6.75
N GLN C 165 -78.63 44.85 5.45
CA GLN C 165 -78.05 43.99 4.42
C GLN C 165 -76.60 44.35 4.13
N ARG C 166 -75.84 43.37 3.65
CA ARG C 166 -74.44 43.60 3.31
C ARG C 166 -74.18 43.32 1.83
N GLU C 167 -74.20 44.38 1.02
CA GLU C 167 -73.95 44.25 -0.41
C GLU C 167 -72.55 44.76 -0.74
N LEU C 168 -71.74 43.90 -1.36
CA LEU C 168 -70.36 44.22 -1.66
C LEU C 168 -70.18 44.76 -3.08
N ILE C 169 -69.42 45.83 -3.22
CA ILE C 169 -69.06 46.36 -4.54
C ILE C 169 -67.67 45.87 -4.92
N ILE C 170 -67.62 44.82 -5.73
CA ILE C 170 -66.36 44.23 -6.15
C ILE C 170 -66.05 44.54 -7.60
N GLY C 171 -64.78 44.84 -7.88
CA GLY C 171 -64.35 45.16 -9.23
C GLY C 171 -62.94 45.71 -9.23
N ASP C 172 -62.35 45.84 -10.42
CA ASP C 172 -60.99 46.37 -10.55
C ASP C 172 -60.95 47.87 -10.37
N ARG C 173 -59.78 48.46 -10.59
CA ARG C 173 -59.57 49.89 -10.43
C ARG C 173 -60.22 50.70 -11.55
N GLN C 174 -60.70 51.89 -11.21
CA GLN C 174 -61.21 52.83 -12.19
C GLN C 174 -62.47 52.35 -12.92
N THR C 175 -63.21 51.44 -12.27
CA THR C 175 -64.46 50.95 -12.84
C THR C 175 -65.66 51.71 -12.28
N GLY C 176 -65.38 52.67 -11.40
CA GLY C 176 -66.43 53.47 -10.80
C GLY C 176 -67.08 52.78 -9.61
N LYS C 177 -66.28 52.07 -8.83
CA LYS C 177 -66.78 51.40 -7.64
C LYS C 177 -67.28 52.42 -6.62
N THR C 178 -66.44 53.39 -6.30
CA THR C 178 -66.79 54.46 -5.37
C THR C 178 -67.97 55.26 -5.91
N ALA C 179 -68.04 55.37 -7.23
CA ALA C 179 -69.10 56.12 -7.90
C ALA C 179 -70.47 55.58 -7.49
N VAL C 180 -70.69 54.28 -7.70
CA VAL C 180 -71.93 53.64 -7.32
C VAL C 180 -72.25 53.88 -5.85
N ALA C 181 -71.23 53.78 -5.00
CA ALA C 181 -71.40 54.02 -3.57
C ALA C 181 -71.80 55.46 -3.30
N LEU C 182 -71.04 56.39 -3.86
CA LEU C 182 -71.29 57.82 -3.68
C LEU C 182 -72.72 58.20 -4.03
N ASP C 183 -73.15 57.88 -5.25
CA ASP C 183 -74.48 58.24 -5.73
C ASP C 183 -75.58 57.77 -4.77
N THR C 184 -75.33 56.69 -4.06
CA THR C 184 -76.30 56.17 -3.10
C THR C 184 -76.51 57.17 -1.96
N ILE C 185 -75.42 57.70 -1.43
CA ILE C 185 -75.48 58.71 -0.38
C ILE C 185 -76.29 59.92 -0.87
N LEU C 186 -76.01 60.35 -2.08
CA LEU C 186 -76.65 61.54 -2.66
C LEU C 186 -78.16 61.38 -2.77
N ASN C 187 -78.60 60.21 -3.20
CA ASN C 187 -80.03 59.97 -3.44
C ASN C 187 -80.86 60.02 -2.16
N GLN C 188 -80.24 59.71 -1.04
CA GLN C 188 -80.93 59.64 0.24
C GLN C 188 -81.38 61.01 0.75
N LYS C 189 -81.11 62.05 -0.04
CA LYS C 189 -81.45 63.42 0.36
C LYS C 189 -82.97 63.59 0.49
N ARG C 190 -83.72 62.92 -0.36
CA ARG C 190 -85.17 63.04 -0.38
C ARG C 190 -85.78 62.76 0.99
N TRP C 191 -85.12 61.90 1.75
CA TRP C 191 -85.65 61.46 3.04
C TRP C 191 -84.97 62.14 4.22
N ASN C 192 -83.75 62.64 3.99
CA ASN C 192 -82.99 63.28 5.05
C ASN C 192 -83.46 64.70 5.38
N ASN C 193 -84.02 65.37 4.38
CA ASN C 193 -84.56 66.72 4.58
C ASN C 193 -86.04 66.69 4.96
N GLY C 194 -86.62 65.49 4.95
CA GLY C 194 -88.02 65.33 5.29
C GLY C 194 -88.30 65.47 6.77
N SER C 195 -89.51 65.09 7.18
CA SER C 195 -89.91 65.20 8.58
C SER C 195 -89.79 63.86 9.30
N ASP C 196 -90.27 62.80 8.65
CA ASP C 196 -90.26 61.46 9.24
C ASP C 196 -88.85 60.95 9.46
N GLU C 197 -88.45 60.85 10.73
CA GLU C 197 -87.12 60.39 11.09
C GLU C 197 -86.87 58.95 10.64
N SER C 198 -87.92 58.12 10.74
CA SER C 198 -87.79 56.69 10.44
C SER C 198 -87.49 56.43 8.96
N LYS C 199 -87.81 57.40 8.11
CA LYS C 199 -87.53 57.27 6.67
C LYS C 199 -86.14 57.79 6.33
N LYS C 200 -85.46 58.37 7.32
CA LYS C 200 -84.11 58.90 7.12
C LYS C 200 -83.07 57.79 7.12
N LEU C 201 -82.00 58.00 6.35
CA LEU C 201 -80.88 57.07 6.29
C LEU C 201 -79.56 57.83 6.30
N TYR C 202 -78.99 58.01 7.49
CA TYR C 202 -77.72 58.70 7.62
C TYR C 202 -76.59 57.91 6.97
N CYS C 203 -75.49 58.57 6.66
CA CYS C 203 -74.39 57.93 5.95
C CYS C 203 -73.07 57.97 6.71
N VAL C 204 -72.23 56.98 6.45
CA VAL C 204 -70.89 56.91 7.04
C VAL C 204 -69.89 56.44 6.00
N TYR C 205 -68.89 57.26 5.69
CA TYR C 205 -67.90 56.95 4.67
C TYR C 205 -66.53 56.70 5.29
N VAL C 206 -65.94 55.55 4.99
CA VAL C 206 -64.68 55.15 5.61
C VAL C 206 -63.53 55.08 4.60
N ALA C 207 -62.90 56.22 4.35
CA ALA C 207 -61.77 56.28 3.42
C ALA C 207 -60.54 55.61 4.00
N VAL C 208 -60.17 54.46 3.44
CA VAL C 208 -59.01 53.72 3.90
C VAL C 208 -58.02 53.46 2.75
N GLY C 209 -56.76 53.84 2.96
CA GLY C 209 -55.73 53.62 1.98
C GLY C 209 -55.73 54.63 0.84
N GLN C 210 -56.75 55.49 0.83
CA GLN C 210 -56.84 56.53 -0.19
C GLN C 210 -55.90 57.69 0.13
N LYS C 211 -55.78 58.62 -0.80
CA LYS C 211 -54.94 59.80 -0.58
C LYS C 211 -55.79 60.99 -0.14
N ARG C 212 -55.19 61.85 0.68
CA ARG C 212 -55.91 62.97 1.27
C ARG C 212 -56.53 63.91 0.23
N SER C 213 -55.89 64.01 -0.93
CA SER C 213 -56.40 64.86 -2.00
C SER C 213 -57.78 64.40 -2.48
N THR C 214 -57.95 63.08 -2.54
CA THR C 214 -59.20 62.49 -3.00
C THR C 214 -60.33 62.71 -2.01
N VAL C 215 -60.05 62.45 -0.73
CA VAL C 215 -61.05 62.64 0.32
C VAL C 215 -61.52 64.09 0.33
N ALA C 216 -60.65 65.00 -0.09
CA ALA C 216 -60.98 66.41 -0.16
C ALA C 216 -61.87 66.71 -1.36
N GLN C 217 -61.74 65.88 -2.40
CA GLN C 217 -62.56 66.03 -3.59
C GLN C 217 -63.98 65.54 -3.33
N LEU C 218 -64.11 64.43 -2.60
CA LEU C 218 -65.41 63.84 -2.31
C LEU C 218 -66.25 64.79 -1.47
N VAL C 219 -65.68 65.29 -0.38
CA VAL C 219 -66.39 66.21 0.50
C VAL C 219 -66.85 67.44 -0.25
N GLN C 220 -66.04 67.87 -1.23
CA GLN C 220 -66.39 69.02 -2.05
C GLN C 220 -67.64 68.72 -2.87
N THR C 221 -67.76 67.47 -3.32
CA THR C 221 -68.90 67.05 -4.11
C THR C 221 -70.14 66.84 -3.24
N LEU C 222 -69.92 66.37 -2.02
CA LEU C 222 -71.02 66.14 -1.08
C LEU C 222 -71.71 67.45 -0.70
N GLU C 223 -70.92 68.46 -0.35
CA GLU C 223 -71.46 69.75 0.03
C GLU C 223 -72.00 70.53 -1.17
N GLN C 224 -71.80 69.97 -2.37
CA GLN C 224 -72.33 70.58 -3.59
C GLN C 224 -73.71 70.01 -3.90
N HIS C 225 -74.08 68.96 -3.18
CA HIS C 225 -75.42 68.39 -3.28
C HIS C 225 -76.12 68.52 -1.94
N ASP C 226 -75.54 69.34 -1.06
CA ASP C 226 -76.04 69.54 0.29
C ASP C 226 -76.28 68.18 0.97
N ALA C 227 -75.20 67.41 1.11
CA ALA C 227 -75.28 66.06 1.65
C ALA C 227 -74.40 65.87 2.88
N MET C 228 -73.47 66.79 3.09
CA MET C 228 -72.55 66.69 4.23
C MET C 228 -73.31 66.73 5.55
N LYS C 229 -74.45 67.43 5.55
CA LYS C 229 -75.26 67.58 6.76
C LYS C 229 -75.71 66.25 7.35
N TYR C 230 -75.92 65.25 6.49
CA TYR C 230 -76.37 63.94 6.97
C TYR C 230 -75.34 62.84 6.74
N SER C 231 -74.07 63.22 6.64
CA SER C 231 -73.01 62.25 6.41
C SER C 231 -71.83 62.44 7.38
N ILE C 232 -71.23 61.32 7.76
CA ILE C 232 -70.06 61.34 8.64
C ILE C 232 -68.89 60.65 7.95
N ILE C 233 -67.77 61.35 7.84
CA ILE C 233 -66.63 60.84 7.07
C ILE C 233 -65.41 60.55 7.94
N VAL C 234 -65.14 59.25 8.12
CA VAL C 234 -63.96 58.80 8.86
C VAL C 234 -62.89 58.33 7.88
N ALA C 235 -61.82 59.10 7.75
CA ALA C 235 -60.79 58.80 6.76
C ALA C 235 -59.43 58.48 7.36
N ALA C 236 -58.91 57.30 7.03
CA ALA C 236 -57.55 56.92 7.39
C ALA C 236 -56.72 56.79 6.13
N THR C 237 -56.23 57.93 5.64
CA THR C 237 -55.51 57.97 4.37
C THR C 237 -54.21 57.17 4.42
N ALA C 238 -53.71 56.81 3.23
CA ALA C 238 -52.50 56.00 3.10
C ALA C 238 -51.33 56.58 3.88
N SER C 239 -51.29 57.90 4.01
CA SER C 239 -50.20 58.56 4.71
C SER C 239 -50.17 58.18 6.19
N GLU C 240 -51.34 57.99 6.77
CA GLU C 240 -51.47 57.65 8.19
C GLU C 240 -50.91 56.26 8.48
N ALA C 241 -50.53 56.03 9.73
CA ALA C 241 -49.92 54.77 10.14
C ALA C 241 -50.80 53.56 9.83
N ALA C 242 -50.17 52.40 9.72
CA ALA C 242 -50.87 51.16 9.40
C ALA C 242 -52.03 50.86 10.36
N PRO C 243 -51.78 50.95 11.68
CA PRO C 243 -52.84 50.66 12.65
C PRO C 243 -54.06 51.58 12.47
N LEU C 244 -53.83 52.81 12.05
CA LEU C 244 -54.92 53.77 11.87
C LEU C 244 -55.87 53.34 10.75
N GLN C 245 -55.32 52.68 9.73
CA GLN C 245 -56.13 52.14 8.65
C GLN C 245 -56.80 50.84 9.10
N TYR C 246 -56.19 50.22 10.12
CA TYR C 246 -56.70 48.96 10.66
C TYR C 246 -57.98 49.18 11.45
N LEU C 247 -57.97 50.16 12.34
CA LEU C 247 -59.14 50.47 13.15
C LEU C 247 -60.18 51.30 12.39
N ALA C 248 -59.72 51.98 11.34
CA ALA C 248 -60.59 52.87 10.57
C ALA C 248 -62.01 52.34 10.35
N PRO C 249 -62.14 51.13 9.78
CA PRO C 249 -63.47 50.57 9.54
C PRO C 249 -64.20 50.25 10.84
N PHE C 250 -63.49 49.70 11.82
CA PHE C 250 -64.08 49.36 13.11
C PHE C 250 -64.62 50.61 13.81
N THR C 251 -63.76 51.59 13.99
CA THR C 251 -64.15 52.85 14.63
C THR C 251 -65.29 53.51 13.86
N ALA C 252 -65.28 53.32 12.54
CA ALA C 252 -66.33 53.87 11.68
C ALA C 252 -67.64 53.11 11.89
N ALA C 253 -67.55 51.81 12.09
CA ALA C 253 -68.72 51.00 12.37
C ALA C 253 -69.37 51.46 13.66
N SER C 254 -68.55 51.78 14.65
CA SER C 254 -69.03 52.27 15.93
C SER C 254 -69.81 53.57 15.75
N ILE C 255 -69.33 54.42 14.85
CA ILE C 255 -69.97 55.69 14.56
C ILE C 255 -71.38 55.47 14.04
N GLY C 256 -71.53 54.47 13.18
CA GLY C 256 -72.82 54.15 12.59
C GLY C 256 -73.68 53.28 13.48
N GLU C 257 -73.05 52.68 14.48
CA GLU C 257 -73.78 51.82 15.41
C GLU C 257 -74.68 52.62 16.36
N TRP C 258 -74.24 53.82 16.71
CA TRP C 258 -75.04 54.69 17.58
C TRP C 258 -76.43 54.89 16.99
N PHE C 259 -76.50 54.98 15.66
CA PHE C 259 -77.75 55.15 14.96
C PHE C 259 -78.56 53.86 15.00
N ARG C 260 -77.87 52.73 14.88
CA ARG C 260 -78.51 51.43 14.96
C ARG C 260 -79.04 51.18 16.36
N ASP C 261 -78.27 51.60 17.37
CA ASP C 261 -78.63 51.39 18.76
C ASP C 261 -79.77 52.30 19.21
N ASN C 262 -80.06 53.33 18.40
CA ASN C 262 -81.05 54.33 18.79
C ASN C 262 -82.15 54.54 17.75
N GLY C 263 -82.70 53.44 17.25
CA GLY C 263 -83.84 53.49 16.34
C GLY C 263 -83.68 54.38 15.12
N LYS C 264 -82.44 54.63 14.72
CA LYS C 264 -82.18 55.37 13.49
C LYS C 264 -81.50 54.48 12.46
N HIS C 265 -81.41 54.95 11.22
CA HIS C 265 -80.86 54.13 10.15
C HIS C 265 -79.59 54.72 9.55
N ALA C 266 -78.50 53.98 9.66
CA ALA C 266 -77.21 54.42 9.12
C ALA C 266 -76.73 53.49 8.03
N LEU C 267 -76.07 54.05 7.03
CA LEU C 267 -75.51 53.27 5.93
C LEU C 267 -74.02 53.56 5.80
N ILE C 268 -73.19 52.56 6.07
CA ILE C 268 -71.74 52.74 6.08
C ILE C 268 -71.06 52.13 4.86
N VAL C 269 -70.15 52.88 4.26
CA VAL C 269 -69.42 52.43 3.08
C VAL C 269 -67.94 52.27 3.39
N TYR C 270 -67.44 51.05 3.28
CA TYR C 270 -66.02 50.78 3.50
C TYR C 270 -65.25 50.85 2.18
N ASP C 271 -64.43 51.89 2.03
CA ASP C 271 -63.68 52.11 0.81
C ASP C 271 -62.33 52.76 1.12
N ASP C 272 -61.24 52.05 0.86
CA ASP C 272 -61.29 50.72 0.26
C ASP C 272 -60.91 49.64 1.28
N LEU C 273 -61.62 48.53 1.26
CA LEU C 273 -61.37 47.44 2.21
C LEU C 273 -60.11 46.63 1.89
N SER C 274 -59.83 46.45 0.60
CA SER C 274 -58.64 45.73 0.18
C SER C 274 -57.39 46.35 0.81
N LYS C 275 -57.45 47.66 1.03
CA LYS C 275 -56.33 48.40 1.59
C LYS C 275 -56.25 48.25 3.11
N GLN C 276 -57.38 47.92 3.74
CA GLN C 276 -57.40 47.66 5.17
C GLN C 276 -56.61 46.38 5.47
N ALA C 277 -56.90 45.33 4.71
CA ALA C 277 -56.18 44.07 4.87
C ALA C 277 -54.70 44.25 4.61
N VAL C 278 -54.38 45.06 3.60
CA VAL C 278 -52.99 45.39 3.28
C VAL C 278 -52.29 45.92 4.52
N ALA C 279 -52.93 46.87 5.18
CA ALA C 279 -52.40 47.46 6.40
C ALA C 279 -52.22 46.41 7.50
N TYR C 280 -53.26 45.61 7.74
CA TYR C 280 -53.21 44.59 8.78
C TYR C 280 -52.11 43.57 8.53
N ARG C 281 -51.78 43.35 7.26
CA ARG C 281 -50.69 42.44 6.91
C ARG C 281 -49.37 43.05 7.36
N GLN C 282 -49.29 44.37 7.28
CA GLN C 282 -48.09 45.09 7.68
C GLN C 282 -47.86 44.93 9.19
N LEU C 283 -48.91 45.16 9.97
CA LEU C 283 -48.84 44.98 11.42
C LEU C 283 -48.29 43.61 11.79
N SER C 284 -48.97 42.58 11.30
CA SER C 284 -48.66 41.20 11.67
C SER C 284 -47.25 40.79 11.27
N LEU C 285 -46.84 41.15 10.06
CA LEU C 285 -45.53 40.76 9.55
C LEU C 285 -44.39 41.44 10.30
N LEU C 286 -44.65 42.63 10.83
CA LEU C 286 -43.65 43.37 11.59
C LEU C 286 -43.66 42.95 13.06
N LEU C 287 -44.80 42.49 13.55
CA LEU C 287 -44.90 41.92 14.88
C LEU C 287 -44.34 40.50 14.88
N ARG C 288 -44.07 40.00 13.67
CA ARG C 288 -43.50 38.67 13.50
C ARG C 288 -44.49 37.55 13.81
N ARG C 289 -45.72 37.72 13.36
CA ARG C 289 -46.71 36.64 13.42
C ARG C 289 -46.65 35.88 12.10
N PRO C 290 -46.63 34.54 12.18
CA PRO C 290 -46.51 33.68 10.99
C PRO C 290 -47.49 34.06 9.88
N PRO C 291 -47.01 34.11 8.62
CA PRO C 291 -47.82 34.46 7.46
C PRO C 291 -48.68 33.29 6.97
N GLY C 292 -49.80 33.61 6.33
CA GLY C 292 -50.65 32.60 5.72
C GLY C 292 -50.56 32.64 4.21
N ARG C 293 -51.70 32.67 3.54
CA ARG C 293 -51.73 32.75 2.08
C ARG C 293 -51.44 34.17 1.63
N GLU C 294 -50.67 34.30 0.55
CA GLU C 294 -50.31 35.60 0.00
C GLU C 294 -49.73 36.52 1.08
N ALA C 295 -48.99 35.93 2.02
CA ALA C 295 -48.34 36.67 3.10
C ALA C 295 -49.33 37.19 4.14
N TYR C 296 -50.59 37.30 3.75
CA TYR C 296 -51.64 37.77 4.67
C TYR C 296 -51.63 36.96 5.96
N PRO C 297 -51.96 37.61 7.08
CA PRO C 297 -52.02 36.94 8.38
C PRO C 297 -53.01 35.77 8.36
N GLY C 298 -52.93 34.87 9.33
CA GLY C 298 -53.79 33.71 9.37
C GLY C 298 -55.25 34.03 9.59
N ASP C 299 -55.52 35.06 10.40
CA ASP C 299 -56.89 35.43 10.74
C ASP C 299 -57.38 36.63 9.93
N VAL C 300 -57.13 36.60 8.62
CA VAL C 300 -57.54 37.70 7.74
C VAL C 300 -59.02 37.58 7.37
N PHE C 301 -59.56 36.37 7.49
CA PHE C 301 -60.99 36.16 7.26
C PHE C 301 -61.80 36.69 8.43
N TYR C 302 -61.26 36.49 9.64
CA TYR C 302 -61.88 36.99 10.86
C TYR C 302 -61.88 38.51 10.86
N LEU C 303 -60.91 39.09 10.16
CA LEU C 303 -60.76 40.54 10.09
C LEU C 303 -62.00 41.22 9.53
N HIS C 304 -62.60 40.61 8.51
CA HIS C 304 -63.77 41.19 7.85
C HIS C 304 -65.08 40.54 8.28
N SER C 305 -64.99 39.41 8.98
CA SER C 305 -66.17 38.72 9.47
C SER C 305 -66.78 39.48 10.65
N ARG C 306 -65.95 39.78 11.65
CA ARG C 306 -66.40 40.51 12.83
C ARG C 306 -66.75 41.95 12.49
N LEU C 307 -66.22 42.44 11.37
CA LEU C 307 -66.45 43.82 10.94
C LEU C 307 -67.81 43.98 10.28
N LEU C 308 -68.12 43.11 9.32
CA LEU C 308 -69.34 43.22 8.54
C LEU C 308 -70.57 42.73 9.29
N GLU C 309 -70.40 41.71 10.13
CA GLU C 309 -71.50 41.17 10.91
C GLU C 309 -72.15 42.24 11.78
N ARG C 310 -71.36 43.22 12.20
CA ARG C 310 -71.86 44.30 13.04
C ARG C 310 -72.96 45.08 12.34
N ALA C 311 -72.96 45.04 11.01
CA ALA C 311 -74.01 45.68 10.23
C ALA C 311 -75.23 44.78 10.09
N ALA C 312 -76.33 45.17 10.73
CA ALA C 312 -77.54 44.36 10.72
C ALA C 312 -78.79 45.15 11.11
N LYS C 313 -79.95 44.54 10.93
CA LYS C 313 -81.23 45.13 11.30
C LYS C 313 -81.69 44.60 12.65
N LEU C 314 -81.72 45.47 13.66
CA LEU C 314 -82.13 45.07 15.00
C LEU C 314 -83.60 44.68 15.05
N SER C 315 -84.00 44.06 16.16
CA SER C 315 -85.38 43.60 16.33
C SER C 315 -86.27 44.75 16.80
N GLU C 316 -87.57 44.47 16.90
CA GLU C 316 -88.53 45.49 17.30
C GLU C 316 -88.44 45.80 18.80
N LYS C 317 -87.98 44.82 19.56
CA LYS C 317 -87.80 45.01 20.99
C LYS C 317 -86.62 45.92 21.27
N GLU C 318 -85.68 45.98 20.33
CA GLU C 318 -84.46 46.76 20.48
C GLU C 318 -84.57 48.14 19.85
N GLY C 319 -85.56 48.34 18.99
CA GLY C 319 -85.78 49.62 18.37
C GLY C 319 -85.77 49.62 16.85
N SER C 320 -85.74 48.44 16.26
CA SER C 320 -85.73 48.29 14.81
C SER C 320 -84.73 49.21 14.12
N GLY C 321 -83.63 49.51 14.79
CA GLY C 321 -82.57 50.30 14.19
C GLY C 321 -81.66 49.41 13.36
N SER C 322 -81.24 49.90 12.20
CA SER C 322 -80.45 49.10 11.27
C SER C 322 -79.12 49.73 10.90
N LEU C 323 -78.23 48.91 10.34
CA LEU C 323 -76.94 49.38 9.83
C LEU C 323 -76.62 48.67 8.52
N THR C 324 -76.64 49.44 7.43
CA THR C 324 -76.37 48.89 6.11
C THR C 324 -74.91 49.04 5.73
N ALA C 325 -74.27 47.94 5.34
CA ALA C 325 -72.87 47.97 4.96
C ALA C 325 -72.68 47.76 3.46
N LEU C 326 -71.87 48.61 2.85
CA LEU C 326 -71.54 48.50 1.44
C LEU C 326 -70.03 48.38 1.26
N PRO C 327 -69.47 47.22 1.64
CA PRO C 327 -68.03 46.98 1.52
C PRO C 327 -67.55 47.15 0.09
N VAL C 328 -66.32 47.62 -0.08
CA VAL C 328 -65.74 47.78 -1.41
C VAL C 328 -64.40 47.07 -1.48
N ILE C 329 -64.27 46.16 -2.44
CA ILE C 329 -63.04 45.40 -2.61
C ILE C 329 -62.48 45.57 -4.01
N GLU C 330 -61.17 45.61 -4.13
CA GLU C 330 -60.51 45.81 -5.42
C GLU C 330 -59.84 44.53 -5.91
N THR C 331 -60.15 44.14 -7.14
CA THR C 331 -59.58 42.94 -7.73
C THR C 331 -58.53 43.27 -8.80
N GLN C 332 -57.58 42.37 -8.99
CA GLN C 332 -56.51 42.57 -9.96
C GLN C 332 -56.68 41.65 -11.17
N GLY C 333 -56.94 42.26 -12.32
CA GLY C 333 -57.09 41.51 -13.56
C GLY C 333 -58.46 40.85 -13.68
N GLY C 334 -59.42 41.34 -12.92
CA GLY C 334 -60.75 40.77 -12.91
C GLY C 334 -60.76 39.39 -12.29
N ASP C 335 -59.89 39.19 -11.32
CA ASP C 335 -59.74 37.89 -10.66
C ASP C 335 -60.48 37.84 -9.32
N VAL C 336 -61.75 37.46 -9.37
CA VAL C 336 -62.54 37.28 -8.16
C VAL C 336 -62.06 36.05 -7.40
N SER C 337 -61.37 35.16 -8.11
CA SER C 337 -60.89 33.92 -7.54
C SER C 337 -59.71 34.14 -6.59
N ALA C 338 -59.34 35.39 -6.39
CA ALA C 338 -58.24 35.73 -5.49
C ALA C 338 -58.60 35.41 -4.04
N TYR C 339 -57.62 35.56 -3.15
CA TYR C 339 -57.81 35.20 -1.75
C TYR C 339 -58.78 36.15 -1.02
N ILE C 340 -58.36 37.40 -0.87
CA ILE C 340 -59.17 38.40 -0.17
C ILE C 340 -60.58 38.55 -0.78
N PRO C 341 -60.67 38.71 -2.11
CA PRO C 341 -61.98 38.84 -2.75
C PRO C 341 -62.94 37.72 -2.36
N THR C 342 -62.45 36.48 -2.37
CA THR C 342 -63.29 35.34 -2.00
C THR C 342 -63.78 35.43 -0.57
N ASN C 343 -62.90 35.84 0.34
CA ASN C 343 -63.25 36.01 1.74
C ASN C 343 -64.46 36.92 1.92
N VAL C 344 -64.33 38.17 1.49
CA VAL C 344 -65.39 39.16 1.64
C VAL C 344 -66.67 38.70 0.93
N ILE C 345 -66.52 38.01 -0.19
CA ILE C 345 -67.67 37.53 -0.95
C ILE C 345 -68.51 36.57 -0.12
N SER C 346 -67.86 35.65 0.58
CA SER C 346 -68.56 34.66 1.39
C SER C 346 -69.15 35.29 2.65
N ILE C 347 -68.86 36.57 2.87
CA ILE C 347 -69.37 37.29 4.03
C ILE C 347 -70.65 38.04 3.67
N THR C 348 -70.56 38.94 2.70
CA THR C 348 -71.68 39.76 2.29
C THR C 348 -72.86 38.94 1.78
N ASP C 349 -74.06 39.51 1.87
CA ASP C 349 -75.28 38.85 1.43
C ASP C 349 -75.60 39.25 0.00
N GLY C 350 -74.59 39.75 -0.70
CA GLY C 350 -74.76 40.21 -2.06
C GLY C 350 -73.42 40.49 -2.73
N GLN C 351 -73.48 41.08 -3.92
CA GLN C 351 -72.28 41.35 -4.69
C GLN C 351 -72.59 42.06 -6.01
N ILE C 352 -72.12 43.29 -6.14
CA ILE C 352 -72.25 44.03 -7.40
C ILE C 352 -70.90 44.06 -8.11
N PHE C 353 -70.72 43.15 -9.06
CA PHE C 353 -69.45 43.03 -9.77
C PHE C 353 -69.39 43.97 -10.97
N LEU C 354 -68.48 44.94 -10.91
CA LEU C 354 -68.30 45.90 -11.98
C LEU C 354 -67.14 45.50 -12.89
N GLU C 355 -67.43 45.24 -14.16
CA GLU C 355 -66.41 44.88 -15.12
C GLU C 355 -65.92 46.10 -15.90
N ALA C 356 -64.64 46.07 -16.28
CA ALA C 356 -64.05 47.19 -17.02
C ALA C 356 -64.41 47.16 -18.50
N GLU C 357 -64.68 45.96 -19.02
CA GLU C 357 -65.06 45.81 -20.42
C GLU C 357 -66.40 46.45 -20.70
N LEU C 358 -67.37 46.22 -19.81
CA LEU C 358 -68.70 46.79 -19.96
C LEU C 358 -68.69 48.29 -19.71
N PHE C 359 -67.69 48.75 -18.96
CA PHE C 359 -67.59 50.16 -18.62
C PHE C 359 -67.34 51.03 -19.86
N TYR C 360 -66.28 50.71 -20.59
CA TYR C 360 -65.91 51.47 -21.78
C TYR C 360 -66.82 51.18 -22.96
N LYS C 361 -67.57 50.08 -22.88
CA LYS C 361 -68.45 49.68 -23.97
C LYS C 361 -69.75 50.49 -23.96
N GLY C 362 -69.99 51.22 -22.87
CA GLY C 362 -71.15 52.09 -22.79
C GLY C 362 -71.98 51.93 -21.53
N ILE C 363 -72.00 50.73 -20.97
CA ILE C 363 -72.82 50.44 -19.80
C ILE C 363 -72.24 51.05 -18.53
N ARG C 364 -72.96 51.99 -17.93
CA ARG C 364 -72.52 52.63 -16.70
C ARG C 364 -73.71 52.82 -15.75
N PRO C 365 -73.59 52.29 -14.52
CA PRO C 365 -72.40 51.60 -14.04
C PRO C 365 -72.23 50.23 -14.70
N ALA C 366 -70.99 49.78 -14.84
CA ALA C 366 -70.70 48.53 -15.53
C ALA C 366 -71.04 47.32 -14.67
N ILE C 367 -72.31 47.17 -14.33
CA ILE C 367 -72.76 46.03 -13.53
C ILE C 367 -72.93 44.79 -14.40
N ASN C 368 -72.35 43.68 -13.98
CA ASN C 368 -72.48 42.43 -14.70
C ASN C 368 -73.62 41.58 -14.13
N VAL C 369 -74.75 41.60 -14.82
CA VAL C 369 -75.96 40.92 -14.35
C VAL C 369 -75.73 39.45 -14.01
N GLY C 370 -74.78 38.82 -14.70
CA GLY C 370 -74.53 37.40 -14.53
C GLY C 370 -73.82 37.05 -13.23
N LEU C 371 -72.96 37.94 -12.75
CA LEU C 371 -72.17 37.67 -11.56
C LEU C 371 -72.71 38.38 -10.32
N SER C 372 -73.57 39.36 -10.52
CA SER C 372 -74.11 40.14 -9.42
C SER C 372 -75.47 39.62 -8.95
N VAL C 373 -75.62 39.47 -7.65
CA VAL C 373 -76.87 38.98 -7.06
C VAL C 373 -77.15 39.62 -5.70
N SER C 374 -78.42 39.64 -5.32
CA SER C 374 -78.82 40.15 -4.01
C SER C 374 -79.62 39.09 -3.25
N ARG C 375 -78.96 38.37 -2.35
CA ARG C 375 -79.57 37.26 -1.63
C ARG C 375 -80.87 37.65 -0.94
N VAL C 376 -80.93 38.89 -0.45
CA VAL C 376 -82.16 39.40 0.17
C VAL C 376 -83.30 39.42 -0.85
N GLY C 377 -83.01 39.94 -2.03
CA GLY C 377 -83.96 39.94 -3.12
C GLY C 377 -85.11 40.92 -2.95
N SER C 378 -86.28 40.53 -3.45
CA SER C 378 -87.47 41.38 -3.41
C SER C 378 -87.93 41.65 -1.98
N ALA C 379 -87.38 40.90 -1.03
CA ALA C 379 -87.74 41.04 0.38
C ALA C 379 -87.62 42.49 0.84
N ALA C 380 -86.58 43.17 0.36
CA ALA C 380 -86.35 44.57 0.70
C ALA C 380 -86.39 45.46 -0.53
N GLN C 381 -87.45 45.33 -1.32
CA GLN C 381 -87.63 46.13 -2.53
C GLN C 381 -89.01 46.78 -2.55
N VAL C 382 -89.18 47.78 -3.40
CA VAL C 382 -90.47 48.45 -3.52
C VAL C 382 -91.47 47.56 -4.25
N LYS C 383 -92.65 47.38 -3.65
CA LYS C 383 -93.68 46.52 -4.22
C LYS C 383 -94.01 46.91 -5.66
N ALA C 384 -94.08 48.21 -5.93
CA ALA C 384 -94.40 48.70 -7.26
C ALA C 384 -93.24 48.50 -8.23
N LEU C 385 -92.04 48.35 -7.68
CA LEU C 385 -90.85 48.10 -8.48
C LEU C 385 -90.79 46.61 -8.82
N LYS C 386 -91.35 45.79 -7.94
CA LYS C 386 -91.39 44.35 -8.14
C LYS C 386 -92.26 43.99 -9.35
N GLN C 387 -93.37 44.71 -9.51
CA GLN C 387 -94.28 44.48 -10.63
C GLN C 387 -93.59 44.66 -11.98
N VAL C 388 -93.16 45.89 -12.24
CA VAL C 388 -92.54 46.23 -13.52
C VAL C 388 -91.32 45.37 -13.84
N ALA C 389 -90.69 44.81 -12.82
CA ALA C 389 -89.54 43.95 -13.00
C ALA C 389 -89.77 42.56 -12.43
N GLY C 390 -90.58 41.76 -13.13
CA GLY C 390 -90.86 40.40 -12.70
C GLY C 390 -89.65 39.50 -12.83
N SER C 391 -89.18 39.32 -14.05
CA SER C 391 -88.00 38.51 -14.32
C SER C 391 -87.08 39.19 -15.31
N LEU C 392 -86.85 40.49 -15.10
CA LEU C 392 -85.95 41.25 -15.95
C LEU C 392 -84.51 40.76 -15.80
N LYS C 393 -84.06 40.69 -14.55
CA LYS C 393 -82.70 40.23 -14.25
C LYS C 393 -82.38 38.92 -14.95
N LEU C 394 -83.19 37.91 -14.68
CA LEU C 394 -82.99 36.58 -15.27
C LEU C 394 -83.04 36.62 -16.80
N PHE C 395 -83.77 37.58 -17.35
CA PHE C 395 -83.87 37.72 -18.80
C PHE C 395 -82.60 38.35 -19.36
N LEU C 396 -82.11 39.38 -18.69
CA LEU C 396 -80.87 40.05 -19.11
C LEU C 396 -79.70 39.08 -19.12
N ALA C 397 -79.64 38.22 -18.11
CA ALA C 397 -78.59 37.22 -18.01
C ALA C 397 -78.69 36.20 -19.15
N GLN C 398 -79.91 36.01 -19.64
CA GLN C 398 -80.15 35.08 -20.74
C GLN C 398 -80.01 35.78 -22.09
N TYR C 399 -80.03 37.10 -22.08
CA TYR C 399 -79.74 37.88 -23.27
C TYR C 399 -78.24 37.88 -23.51
N ARG C 400 -77.48 37.65 -22.45
CA ARG C 400 -76.03 37.65 -22.51
C ARG C 400 -75.51 36.49 -23.35
N GLU C 401 -76.16 35.33 -23.22
CA GLU C 401 -75.76 34.15 -23.98
C GLU C 401 -76.26 34.19 -25.42
N VAL C 402 -77.26 35.04 -25.68
CA VAL C 402 -77.81 35.17 -27.02
C VAL C 402 -76.79 35.76 -27.99
N ALA C 403 -75.98 36.68 -27.50
CA ALA C 403 -74.99 37.35 -28.34
C ALA C 403 -73.82 36.43 -28.69
N ALA C 404 -73.83 35.22 -28.14
CA ALA C 404 -72.79 34.24 -28.42
C ALA C 404 -72.95 33.65 -29.83
N PHE C 405 -74.19 33.37 -30.20
CA PHE C 405 -74.49 32.85 -31.53
C PHE C 405 -74.64 34.00 -32.52
N ALA C 406 -75.11 35.13 -32.03
CA ALA C 406 -75.27 36.33 -32.85
C ALA C 406 -73.94 37.06 -33.00
N GLN C 407 -73.11 36.58 -33.92
CA GLN C 407 -71.79 37.18 -34.15
C GLN C 407 -71.36 36.96 -35.58
N PHE C 408 -71.92 35.93 -36.22
CA PHE C 408 -71.59 35.61 -37.60
C PHE C 408 -72.60 36.24 -38.57
N GLY C 409 -73.84 36.39 -38.11
CA GLY C 409 -74.89 36.95 -38.94
C GLY C 409 -75.89 35.91 -39.38
N SER C 410 -76.38 35.12 -38.42
CA SER C 410 -77.35 34.07 -38.71
C SER C 410 -78.78 34.59 -38.57
N ASP C 411 -79.65 34.20 -39.49
CA ASP C 411 -81.05 34.63 -39.47
C ASP C 411 -81.73 34.19 -38.17
N LEU C 412 -82.40 35.12 -37.52
CA LEU C 412 -83.05 34.85 -36.24
C LEU C 412 -84.43 34.22 -36.43
N ASP C 413 -84.77 33.30 -35.52
CA ASP C 413 -86.10 32.71 -35.51
C ASP C 413 -87.02 33.50 -34.58
N ALA C 414 -88.17 32.92 -34.24
CA ALA C 414 -89.14 33.61 -33.40
C ALA C 414 -88.67 33.69 -31.94
N SER C 415 -88.03 32.64 -31.46
CA SER C 415 -87.60 32.56 -30.07
C SER C 415 -86.30 33.31 -29.82
N THR C 416 -85.71 33.86 -30.87
CA THR C 416 -84.42 34.54 -30.76
C THR C 416 -84.46 35.99 -31.21
N LYS C 417 -85.36 36.30 -32.13
CA LYS C 417 -85.45 37.65 -32.69
C LYS C 417 -86.10 38.60 -31.71
N GLN C 418 -87.17 38.14 -31.07
CA GLN C 418 -87.89 38.94 -30.08
C GLN C 418 -86.99 39.39 -28.94
N THR C 419 -86.21 38.45 -28.42
CA THR C 419 -85.36 38.73 -27.26
C THR C 419 -84.14 39.58 -27.60
N LEU C 420 -83.59 39.40 -28.80
CA LEU C 420 -82.39 40.13 -29.21
C LEU C 420 -82.68 41.62 -29.35
N VAL C 421 -83.87 41.95 -29.83
CA VAL C 421 -84.27 43.35 -30.02
C VAL C 421 -84.61 44.00 -28.69
N ARG C 422 -85.47 43.35 -27.91
CA ARG C 422 -85.86 43.87 -26.61
C ARG C 422 -84.70 43.86 -25.63
N GLY C 423 -83.93 42.78 -25.66
CA GLY C 423 -82.81 42.61 -24.74
C GLY C 423 -81.70 43.62 -24.94
N GLU C 424 -81.50 44.06 -26.17
CA GLU C 424 -80.46 45.03 -26.47
C GLU C 424 -80.90 46.44 -26.09
N ARG C 425 -82.20 46.70 -26.24
CA ARG C 425 -82.75 48.02 -25.93
C ARG C 425 -82.96 48.22 -24.43
N LEU C 426 -83.07 47.12 -23.70
CA LEU C 426 -83.15 47.17 -22.25
C LEU C 426 -81.79 47.55 -21.67
N THR C 427 -80.73 47.20 -22.39
CA THR C 427 -79.38 47.52 -21.97
C THR C 427 -79.20 49.03 -21.90
N GLN C 428 -79.50 49.71 -23.00
CA GLN C 428 -79.38 51.16 -23.09
C GLN C 428 -80.35 51.83 -22.13
N LEU C 429 -81.46 51.15 -21.84
CA LEU C 429 -82.50 51.68 -20.97
C LEU C 429 -82.04 51.74 -19.52
N LEU C 430 -81.18 50.81 -19.12
CA LEU C 430 -80.72 50.74 -17.73
C LEU C 430 -79.44 51.55 -17.47
N LYS C 431 -78.89 52.15 -18.52
CA LYS C 431 -77.73 53.03 -18.36
C LYS C 431 -78.13 54.27 -17.58
N GLN C 432 -77.21 54.81 -16.79
CA GLN C 432 -77.49 55.99 -16.00
C GLN C 432 -76.26 56.89 -15.82
N ASN C 433 -76.51 58.19 -15.69
CA ASN C 433 -75.44 59.17 -15.51
C ASN C 433 -75.12 59.40 -14.04
N GLN C 434 -73.85 59.68 -13.75
CA GLN C 434 -73.41 59.95 -12.38
C GLN C 434 -74.12 61.16 -11.80
N TYR C 435 -74.25 61.18 -10.48
CA TYR C 435 -74.86 62.30 -9.78
C TYR C 435 -76.29 62.56 -10.22
N SER C 436 -76.91 61.57 -10.86
CA SER C 436 -78.26 61.73 -11.39
C SER C 436 -79.17 60.57 -11.00
N PRO C 437 -79.44 60.42 -9.69
CA PRO C 437 -80.30 59.35 -9.17
C PRO C 437 -81.76 59.55 -9.57
N LEU C 438 -82.43 58.46 -9.91
CA LEU C 438 -83.85 58.50 -10.27
C LEU C 438 -84.70 57.95 -9.13
N ALA C 439 -85.87 58.55 -8.93
CA ALA C 439 -86.77 58.11 -7.86
C ALA C 439 -87.54 56.85 -8.26
N THR C 440 -88.29 56.30 -7.31
CA THR C 440 -89.07 55.10 -7.55
C THR C 440 -90.15 55.34 -8.59
N GLU C 441 -90.86 56.45 -8.44
CA GLU C 441 -91.93 56.80 -9.37
C GLU C 441 -91.39 57.10 -10.77
N GLU C 442 -90.08 57.30 -10.86
CA GLU C 442 -89.43 57.55 -12.14
C GLU C 442 -88.95 56.25 -12.79
N GLN C 443 -88.59 55.28 -11.95
CA GLN C 443 -88.10 53.99 -12.45
C GLN C 443 -89.23 53.10 -12.93
N VAL C 444 -90.28 52.98 -12.12
CA VAL C 444 -91.40 52.11 -12.44
C VAL C 444 -91.90 52.26 -13.89
N PRO C 445 -92.14 53.49 -14.32
CA PRO C 445 -92.61 53.70 -15.70
C PRO C 445 -91.58 53.26 -16.74
N LEU C 446 -90.33 53.71 -16.57
CA LEU C 446 -89.26 53.40 -17.52
C LEU C 446 -89.09 51.90 -17.72
N ILE C 447 -89.12 51.14 -16.63
CA ILE C 447 -88.96 49.70 -16.69
C ILE C 447 -90.16 49.02 -17.34
N TYR C 448 -91.35 49.48 -16.99
CA TYR C 448 -92.59 48.92 -17.51
C TYR C 448 -92.61 48.95 -19.04
N ALA C 449 -92.24 50.09 -19.61
CA ALA C 449 -92.25 50.28 -21.05
C ALA C 449 -91.25 49.36 -21.76
N GLY C 450 -90.41 48.71 -20.98
CA GLY C 450 -89.38 47.84 -21.54
C GLY C 450 -89.73 46.36 -21.47
N VAL C 451 -90.32 45.94 -20.36
CA VAL C 451 -90.62 44.53 -20.15
C VAL C 451 -91.98 44.11 -20.71
N ASN C 452 -92.95 45.03 -20.67
CA ASN C 452 -94.29 44.73 -21.17
C ASN C 452 -94.34 44.63 -22.69
N GLY C 453 -93.50 45.41 -23.37
CA GLY C 453 -93.43 45.39 -24.82
C GLY C 453 -93.92 46.69 -25.44
N HIS C 454 -93.08 47.72 -25.36
CA HIS C 454 -93.43 49.03 -25.91
C HIS C 454 -92.21 49.71 -26.53
N LEU C 455 -91.05 49.48 -25.92
CA LEU C 455 -89.82 50.13 -26.34
C LEU C 455 -89.15 49.45 -27.54
N ASP C 456 -89.70 48.32 -27.96
CA ASP C 456 -89.16 47.58 -29.11
C ASP C 456 -89.22 48.41 -30.38
N GLY C 457 -90.29 49.18 -30.54
CA GLY C 457 -90.49 49.99 -31.72
C GLY C 457 -89.48 51.13 -31.84
N ILE C 458 -89.16 51.74 -30.70
CA ILE C 458 -88.22 52.87 -30.68
C ILE C 458 -86.88 52.51 -31.31
N GLU C 459 -86.26 53.47 -31.96
CA GLU C 459 -84.96 53.27 -32.60
C GLU C 459 -83.86 53.12 -31.54
N LEU C 460 -82.83 52.36 -31.88
CA LEU C 460 -81.73 52.09 -30.96
C LEU C 460 -81.10 53.38 -30.44
N SER C 461 -80.82 54.32 -31.33
CA SER C 461 -80.13 55.55 -30.97
C SER C 461 -81.01 56.53 -30.21
N ARG C 462 -82.32 56.31 -30.27
CA ARG C 462 -83.27 57.20 -29.60
C ARG C 462 -83.68 56.69 -28.22
N ILE C 463 -83.03 55.63 -27.76
CA ILE C 463 -83.35 55.05 -26.46
C ILE C 463 -83.02 56.01 -25.32
N GLY C 464 -81.82 56.58 -25.36
CA GLY C 464 -81.38 57.50 -24.33
C GLY C 464 -82.32 58.68 -24.15
N GLU C 465 -82.66 59.33 -25.26
CA GLU C 465 -83.53 60.51 -25.22
C GLU C 465 -84.91 60.17 -24.67
N PHE C 466 -85.35 58.95 -24.93
CA PHE C 466 -86.68 58.50 -24.51
C PHE C 466 -86.89 58.63 -23.01
N GLU C 467 -85.81 58.43 -22.25
CA GLU C 467 -85.89 58.47 -20.79
C GLU C 467 -86.43 59.80 -20.28
N SER C 468 -85.72 60.89 -20.58
CA SER C 468 -86.11 62.21 -20.12
C SER C 468 -87.43 62.67 -20.75
N SER C 469 -87.67 62.27 -21.99
CA SER C 469 -88.87 62.65 -22.72
C SER C 469 -90.12 62.03 -22.11
N PHE C 470 -90.05 60.73 -21.82
CA PHE C 470 -91.19 59.99 -21.27
C PHE C 470 -91.55 60.47 -19.87
N LEU C 471 -90.55 60.95 -19.14
CA LEU C 471 -90.76 61.43 -17.77
C LEU C 471 -91.39 62.82 -17.75
N SER C 472 -91.09 63.61 -18.78
CA SER C 472 -91.67 64.93 -18.91
C SER C 472 -93.16 64.81 -19.21
N TYR C 473 -93.49 63.97 -20.18
CA TYR C 473 -94.88 63.72 -20.56
C TYR C 473 -95.71 63.31 -19.34
N LEU C 474 -95.09 62.56 -18.43
CA LEU C 474 -95.77 62.11 -17.22
C LEU C 474 -95.99 63.25 -16.24
N LYS C 475 -94.91 63.98 -15.93
CA LYS C 475 -94.99 65.08 -14.98
C LYS C 475 -95.90 66.21 -15.47
N SER C 476 -96.41 66.07 -16.69
CA SER C 476 -97.31 67.07 -17.25
C SER C 476 -98.76 66.55 -17.26
N ASN C 477 -98.97 65.47 -18.00
CA ASN C 477 -100.31 64.90 -18.15
C ASN C 477 -100.71 64.03 -16.96
N HIS C 478 -100.33 62.76 -17.01
CA HIS C 478 -100.71 61.79 -15.99
C HIS C 478 -99.87 61.93 -14.72
N ASN C 479 -99.74 63.16 -14.24
CA ASN C 479 -98.97 63.42 -13.03
C ASN C 479 -99.62 62.80 -11.80
N GLU C 480 -100.91 62.50 -11.89
CA GLU C 480 -101.63 61.86 -10.80
C GLU C 480 -101.08 60.46 -10.52
N LEU C 481 -100.64 59.78 -11.58
CA LEU C 481 -100.09 58.44 -11.47
C LEU C 481 -98.83 58.43 -10.62
N LEU C 482 -97.93 59.37 -10.88
CA LEU C 482 -96.62 59.42 -10.23
C LEU C 482 -96.72 59.63 -8.72
N THR C 483 -97.69 60.42 -8.29
CA THR C 483 -97.85 60.71 -6.87
C THR C 483 -98.52 59.54 -6.14
N GLU C 484 -99.06 58.61 -6.92
CA GLU C 484 -99.67 57.42 -6.35
C GLU C 484 -98.63 56.32 -6.13
N ILE C 485 -97.64 56.27 -7.02
CA ILE C 485 -96.56 55.30 -6.90
C ILE C 485 -95.73 55.56 -5.66
N ARG C 486 -95.52 56.84 -5.36
CA ARG C 486 -94.69 57.24 -4.22
C ARG C 486 -95.39 56.99 -2.90
N GLU C 487 -96.67 57.28 -2.84
CA GLU C 487 -97.45 57.18 -1.60
C GLU C 487 -97.88 55.74 -1.30
N LYS C 488 -98.60 55.13 -2.24
CA LYS C 488 -99.05 53.76 -2.08
C LYS C 488 -97.86 52.80 -1.97
N GLY C 489 -96.92 52.92 -2.90
CA GLY C 489 -95.74 52.08 -2.91
C GLY C 489 -95.97 50.76 -3.62
N GLU C 490 -97.23 50.34 -3.68
CA GLU C 490 -97.57 49.08 -4.33
C GLU C 490 -98.55 49.29 -5.48
N LEU C 491 -98.23 48.73 -6.63
CA LEU C 491 -99.08 48.82 -7.80
C LEU C 491 -100.23 47.81 -7.72
N SER C 492 -101.45 48.31 -7.85
CA SER C 492 -102.63 47.45 -7.85
C SER C 492 -103.23 47.38 -9.26
N LYS C 493 -104.16 46.45 -9.46
CA LYS C 493 -104.82 46.30 -10.75
C LYS C 493 -105.35 47.65 -11.25
N GLU C 494 -105.87 48.45 -10.32
CA GLU C 494 -106.42 49.76 -10.65
C GLU C 494 -105.37 50.64 -11.33
N LEU C 495 -104.25 50.83 -10.65
CA LEU C 495 -103.17 51.68 -11.15
C LEU C 495 -102.50 51.09 -12.38
N LEU C 496 -102.20 49.80 -12.33
CA LEU C 496 -101.53 49.12 -13.43
C LEU C 496 -102.29 49.27 -14.74
N ALA C 497 -103.62 49.22 -14.66
CA ALA C 497 -104.46 49.39 -15.84
C ALA C 497 -104.26 50.78 -16.44
N SER C 498 -104.27 51.79 -15.56
CA SER C 498 -104.08 53.17 -15.97
C SER C 498 -102.71 53.40 -16.62
N LEU C 499 -101.67 52.85 -15.99
CA LEU C 499 -100.32 52.97 -16.52
C LEU C 499 -100.21 52.32 -17.89
N LYS C 500 -100.86 51.17 -18.05
CA LYS C 500 -100.86 50.45 -19.32
C LYS C 500 -101.32 51.37 -20.45
N SER C 501 -102.38 52.12 -20.19
CA SER C 501 -102.95 53.02 -21.19
C SER C 501 -102.05 54.24 -21.43
N ALA C 502 -101.53 54.80 -20.35
CA ALA C 502 -100.71 56.01 -20.42
C ALA C 502 -99.47 55.80 -21.27
N THR C 503 -98.82 54.65 -21.10
CA THR C 503 -97.58 54.34 -21.80
C THR C 503 -97.79 54.35 -23.32
N GLU C 504 -98.74 53.56 -23.79
CA GLU C 504 -99.03 53.44 -25.21
C GLU C 504 -99.34 54.80 -25.85
N SER C 505 -99.79 55.73 -25.03
CA SER C 505 -100.17 57.06 -25.51
C SER C 505 -98.97 57.88 -25.99
N PHE C 506 -97.81 57.63 -25.40
CA PHE C 506 -96.62 58.41 -25.73
C PHE C 506 -95.76 57.74 -26.80
N VAL C 507 -95.91 56.43 -26.95
CA VAL C 507 -95.16 55.70 -27.98
C VAL C 507 -95.48 56.29 -29.36
N ALA C 508 -96.73 56.68 -29.55
CA ALA C 508 -97.15 57.33 -30.78
C ALA C 508 -97.39 58.82 -30.54
N THR C 509 -96.55 59.65 -31.13
CA THR C 509 -96.63 61.10 -30.94
C THR C 509 -96.23 61.51 -29.52
N SER D 12 -63.88 18.82 45.19
CA SER D 12 -63.36 19.52 44.01
C SER D 12 -61.96 20.05 44.27
N THR D 13 -61.05 19.77 43.34
CA THR D 13 -59.67 20.22 43.45
C THR D 13 -59.30 21.27 42.40
N PRO D 14 -59.43 22.55 42.76
CA PRO D 14 -59.13 23.67 41.85
C PRO D 14 -57.66 23.72 41.47
N ILE D 15 -57.39 23.85 40.18
CA ILE D 15 -56.02 23.96 39.68
C ILE D 15 -55.74 25.38 39.20
N THR D 16 -54.76 26.02 39.82
CA THR D 16 -54.44 27.41 39.50
C THR D 16 -53.40 27.52 38.38
N GLY D 17 -53.53 28.56 37.56
CA GLY D 17 -52.60 28.81 36.48
C GLY D 17 -52.35 30.28 36.26
N LYS D 18 -51.21 30.61 35.66
CA LYS D 18 -50.86 31.99 35.38
C LYS D 18 -50.67 32.23 33.88
N VAL D 19 -51.43 33.16 33.33
CA VAL D 19 -51.30 33.51 31.91
C VAL D 19 -49.89 34.01 31.63
N THR D 20 -49.17 33.29 30.79
CA THR D 20 -47.79 33.64 30.46
C THR D 20 -47.73 34.69 29.35
N ALA D 21 -48.50 34.46 28.29
CA ALA D 21 -48.53 35.37 27.15
C ALA D 21 -49.86 35.31 26.41
N VAL D 22 -50.13 36.33 25.61
CA VAL D 22 -51.35 36.38 24.80
C VAL D 22 -51.10 37.05 23.46
N ILE D 23 -51.06 36.25 22.39
CA ILE D 23 -50.90 36.79 21.05
C ILE D 23 -52.17 36.56 20.24
N GLY D 24 -53.04 37.57 20.23
CA GLY D 24 -54.30 37.47 19.51
C GLY D 24 -55.28 36.54 20.21
N ALA D 25 -55.45 35.35 19.65
CA ALA D 25 -56.38 34.37 20.20
C ALA D 25 -55.65 33.20 20.85
N ILE D 26 -54.32 33.24 20.79
CA ILE D 26 -53.50 32.19 21.37
C ILE D 26 -52.99 32.58 22.75
N VAL D 27 -53.50 31.90 23.77
CA VAL D 27 -53.14 32.19 25.16
C VAL D 27 -52.21 31.13 25.73
N ASP D 28 -51.13 31.56 26.36
CA ASP D 28 -50.23 30.66 27.06
C ASP D 28 -50.55 30.68 28.55
N VAL D 29 -50.74 29.51 29.13
CA VAL D 29 -51.04 29.40 30.56
C VAL D 29 -50.01 28.55 31.28
N HIS D 30 -49.47 29.08 32.37
CA HIS D 30 -48.44 28.39 33.14
C HIS D 30 -49.05 27.66 34.34
N PHE D 31 -48.44 26.54 34.71
CA PHE D 31 -48.91 25.76 35.86
C PHE D 31 -47.75 25.26 36.70
N GLU D 32 -48.06 24.58 37.79
CA GLU D 32 -47.04 24.02 38.66
C GLU D 32 -46.67 22.62 38.22
N GLN D 33 -45.65 22.04 38.86
CA GLN D 33 -45.11 20.75 38.44
C GLN D 33 -46.11 19.61 38.62
N SER D 34 -46.31 18.84 37.55
CA SER D 34 -47.17 17.64 37.59
C SER D 34 -48.64 17.95 37.90
N GLU D 35 -49.11 19.10 37.47
CA GLU D 35 -50.52 19.46 37.62
C GLU D 35 -51.07 20.01 36.32
N LEU D 36 -50.36 19.75 35.23
CA LEU D 36 -50.74 20.26 33.91
C LEU D 36 -51.96 19.54 33.35
N PRO D 37 -52.98 20.32 32.94
CA PRO D 37 -54.17 19.74 32.32
C PRO D 37 -53.83 19.17 30.95
N ALA D 38 -54.40 18.01 30.62
CA ALA D 38 -54.12 17.35 29.35
C ALA D 38 -54.65 18.17 28.18
N ILE D 39 -54.15 17.87 26.98
CA ILE D 39 -54.63 18.52 25.77
C ILE D 39 -56.12 18.24 25.63
N LEU D 40 -56.82 19.13 24.93
CA LEU D 40 -58.26 18.99 24.70
C LEU D 40 -59.09 19.37 25.92
N ASN D 41 -58.42 19.59 27.05
CA ASN D 41 -59.11 20.01 28.27
C ASN D 41 -59.59 21.45 28.18
N ALA D 42 -60.48 21.82 29.10
CA ALA D 42 -61.03 23.17 29.12
C ALA D 42 -60.49 23.97 30.31
N LEU D 43 -60.06 25.19 30.04
CA LEU D 43 -59.56 26.08 31.08
C LEU D 43 -60.44 27.32 31.17
N GLU D 44 -60.78 27.74 32.38
CA GLU D 44 -61.66 28.88 32.57
C GLU D 44 -60.95 30.07 33.20
N ILE D 45 -61.33 31.28 32.77
CA ILE D 45 -60.82 32.51 33.35
C ILE D 45 -61.97 33.44 33.69
N LYS D 46 -62.06 33.83 34.96
CA LYS D 46 -63.14 34.70 35.41
C LYS D 46 -62.91 36.14 34.97
N THR D 47 -63.85 36.68 34.20
CA THR D 47 -63.77 38.05 33.74
C THR D 47 -64.95 38.87 34.27
N PRO D 48 -64.72 40.17 34.54
CA PRO D 48 -65.79 41.04 35.04
C PRO D 48 -67.07 40.94 34.22
N GLN D 49 -66.92 40.84 32.90
CA GLN D 49 -68.08 40.75 32.01
C GLN D 49 -68.75 39.38 32.08
N GLY D 50 -67.94 38.33 32.19
CA GLY D 50 -68.47 36.97 32.26
C GLY D 50 -67.38 35.94 32.50
N LYS D 51 -67.28 34.97 31.60
CA LYS D 51 -66.26 33.93 31.71
C LYS D 51 -65.56 33.69 30.38
N LEU D 52 -64.24 33.49 30.44
CA LEU D 52 -63.46 33.19 29.26
C LEU D 52 -63.06 31.72 29.25
N VAL D 53 -63.33 31.04 28.14
CA VAL D 53 -63.04 29.62 28.04
C VAL D 53 -61.88 29.36 27.07
N LEU D 54 -60.93 28.52 27.49
CA LEU D 54 -59.80 28.19 26.65
C LEU D 54 -59.70 26.68 26.47
N GLU D 55 -59.08 26.24 25.38
CA GLU D 55 -58.89 24.83 25.11
C GLU D 55 -57.41 24.49 25.01
N VAL D 56 -56.95 23.60 25.89
CA VAL D 56 -55.56 23.18 25.91
C VAL D 56 -55.17 22.55 24.58
N ALA D 57 -54.18 23.13 23.92
CA ALA D 57 -53.76 22.67 22.60
C ALA D 57 -52.47 21.86 22.65
N GLN D 58 -51.46 22.38 23.34
CA GLN D 58 -50.16 21.73 23.37
C GLN D 58 -49.36 22.04 24.63
N HIS D 59 -48.53 21.08 25.03
CA HIS D 59 -47.62 21.27 26.17
C HIS D 59 -46.27 21.77 25.67
N LEU D 60 -46.00 23.05 25.88
CA LEU D 60 -44.82 23.71 25.33
C LEU D 60 -43.53 23.32 26.03
N GLY D 61 -43.64 22.94 27.30
CA GLY D 61 -42.48 22.58 28.10
C GLY D 61 -42.29 23.51 29.29
N GLU D 62 -41.48 23.07 30.24
CA GLU D 62 -41.26 23.83 31.47
C GLU D 62 -42.59 24.14 32.16
N ASN D 63 -43.48 23.15 32.16
CA ASN D 63 -44.77 23.27 32.84
C ASN D 63 -45.65 24.38 32.27
N THR D 64 -45.62 24.54 30.95
CA THR D 64 -46.43 25.54 30.29
C THR D 64 -47.32 24.90 29.21
N VAL D 65 -48.54 25.40 29.06
CA VAL D 65 -49.45 24.89 28.05
C VAL D 65 -49.94 26.00 27.12
N ARG D 66 -50.11 25.67 25.85
CA ARG D 66 -50.64 26.62 24.88
C ARG D 66 -52.10 26.30 24.59
N THR D 67 -52.93 27.33 24.59
CA THR D 67 -54.38 27.14 24.46
C THR D 67 -54.98 27.96 23.32
N ILE D 68 -56.20 27.58 22.94
CA ILE D 68 -56.94 28.29 21.90
C ILE D 68 -58.19 28.95 22.49
N ALA D 69 -58.30 30.26 22.31
CA ALA D 69 -59.41 31.02 22.86
C ALA D 69 -60.75 30.57 22.26
N MET D 70 -61.80 30.64 23.07
CA MET D 70 -63.15 30.32 22.60
C MET D 70 -63.95 31.62 22.47
N ASP D 71 -63.40 32.68 23.06
CA ASP D 71 -63.97 34.01 22.94
C ASP D 71 -62.84 35.04 22.86
N GLY D 72 -63.02 36.03 21.99
CA GLY D 72 -61.99 37.05 21.80
C GLY D 72 -61.33 37.49 23.09
N THR D 73 -60.05 37.19 23.22
CA THR D 73 -59.30 37.54 24.42
C THR D 73 -58.85 39.00 24.40
N GLU D 74 -59.78 39.91 24.19
CA GLU D 74 -59.49 41.34 24.14
C GLU D 74 -59.78 41.98 25.50
N GLY D 75 -58.72 42.36 26.21
CA GLY D 75 -58.85 42.91 27.54
C GLY D 75 -58.20 41.98 28.57
N LEU D 76 -57.73 40.84 28.10
CA LEU D 76 -57.10 39.84 28.96
C LEU D 76 -55.82 40.38 29.56
N VAL D 77 -55.72 40.30 30.89
CA VAL D 77 -54.55 40.80 31.60
C VAL D 77 -53.54 39.68 31.83
N ARG D 78 -52.26 40.03 31.79
CA ARG D 78 -51.19 39.06 31.95
C ARG D 78 -51.08 38.55 33.37
N GLY D 79 -51.02 37.22 33.52
CA GLY D 79 -50.85 36.61 34.83
C GLY D 79 -52.15 36.30 35.54
N GLU D 80 -53.25 36.36 34.81
CA GLU D 80 -54.56 36.08 35.38
C GLU D 80 -54.62 34.64 35.90
N LYS D 81 -55.55 34.38 36.83
CA LYS D 81 -55.71 33.05 37.39
C LYS D 81 -56.68 32.22 36.55
N VAL D 82 -56.17 31.10 36.05
CA VAL D 82 -56.96 30.20 35.22
C VAL D 82 -57.35 28.96 36.01
N LEU D 83 -58.57 28.47 35.80
CA LEU D 83 -59.06 27.31 36.53
C LEU D 83 -59.41 26.14 35.60
N ASP D 84 -58.63 25.07 35.70
CA ASP D 84 -58.88 23.86 34.92
C ASP D 84 -60.20 23.23 35.32
N THR D 85 -60.94 22.75 34.33
CA THR D 85 -62.24 22.13 34.58
C THR D 85 -62.10 20.63 34.84
N GLY D 86 -61.06 20.02 34.26
CA GLY D 86 -60.81 18.61 34.45
C GLY D 86 -60.88 17.82 33.16
N GLY D 87 -61.73 18.27 32.24
CA GLY D 87 -61.90 17.63 30.96
C GLY D 87 -62.28 18.60 29.87
N PRO D 88 -62.53 18.09 28.65
CA PRO D 88 -62.94 18.92 27.53
C PRO D 88 -64.22 19.70 27.87
N ILE D 89 -64.48 20.79 27.15
CA ILE D 89 -65.67 21.58 27.40
C ILE D 89 -66.92 20.72 27.28
N SER D 90 -67.53 20.43 28.43
CA SER D 90 -68.70 19.56 28.49
C SER D 90 -69.98 20.31 28.17
N VAL D 91 -70.77 19.77 27.25
CA VAL D 91 -72.02 20.40 26.83
C VAL D 91 -73.23 19.56 27.24
N PRO D 92 -74.34 20.24 27.58
CA PRO D 92 -75.60 19.59 27.96
C PRO D 92 -76.14 18.71 26.84
N VAL D 93 -76.41 17.44 27.16
CA VAL D 93 -76.96 16.50 26.19
C VAL D 93 -78.19 15.80 26.75
N GLY D 94 -79.19 15.59 25.91
CA GLY D 94 -80.42 14.92 26.32
C GLY D 94 -81.66 15.53 25.71
N ARG D 95 -82.82 15.13 26.24
CA ARG D 95 -84.11 15.60 25.74
C ARG D 95 -84.26 17.11 25.91
N GLU D 96 -83.78 17.62 27.04
CA GLU D 96 -83.93 19.03 27.38
C GLU D 96 -83.18 19.96 26.43
N THR D 97 -82.40 19.39 25.53
CA THR D 97 -81.62 20.17 24.58
C THR D 97 -82.48 20.65 23.41
N LEU D 98 -83.65 20.02 23.26
CA LEU D 98 -84.54 20.32 22.14
C LEU D 98 -85.21 21.69 22.27
N GLY D 99 -85.29 22.40 21.15
CA GLY D 99 -85.94 23.70 21.11
C GLY D 99 -85.16 24.78 21.83
N ARG D 100 -83.84 24.62 21.89
CA ARG D 100 -82.99 25.57 22.58
C ARG D 100 -81.71 25.83 21.80
N ILE D 101 -81.43 27.10 21.53
CA ILE D 101 -80.22 27.50 20.83
C ILE D 101 -79.06 27.65 21.81
N ILE D 102 -78.06 26.78 21.69
CA ILE D 102 -76.89 26.84 22.57
C ILE D 102 -75.61 27.03 21.78
N ASN D 103 -74.64 27.73 22.37
CA ASN D 103 -73.38 28.02 21.70
C ASN D 103 -72.36 26.90 21.82
N VAL D 104 -71.13 27.18 21.42
CA VAL D 104 -70.04 26.20 21.45
C VAL D 104 -69.76 25.71 22.87
N ILE D 105 -69.67 26.65 23.81
CA ILE D 105 -69.38 26.32 25.21
C ILE D 105 -70.48 25.47 25.82
N GLY D 106 -71.73 25.76 25.45
CA GLY D 106 -72.86 24.99 25.94
C GLY D 106 -73.71 25.74 26.93
N GLU D 107 -74.32 26.84 26.49
CA GLU D 107 -75.21 27.63 27.33
C GLU D 107 -76.31 28.29 26.51
N PRO D 108 -77.56 28.17 26.97
CA PRO D 108 -78.74 28.69 26.27
C PRO D 108 -78.59 30.15 25.86
N ILE D 109 -78.34 30.39 24.57
CA ILE D 109 -78.25 31.74 24.04
C ILE D 109 -79.54 32.16 23.36
N ASP D 110 -80.61 31.40 23.61
CA ASP D 110 -81.93 31.76 23.10
C ASP D 110 -82.70 32.52 24.18
N GLU D 111 -81.98 32.88 25.25
CA GLU D 111 -82.53 33.65 26.35
C GLU D 111 -83.85 33.06 26.87
N ARG D 112 -83.79 31.81 27.32
CA ARG D 112 -84.95 31.15 27.92
C ARG D 112 -84.56 30.39 29.17
N GLY D 113 -83.73 31.00 30.01
CA GLY D 113 -83.28 30.39 31.24
C GLY D 113 -82.34 29.22 30.99
N PRO D 114 -81.77 28.67 32.07
CA PRO D 114 -80.83 27.54 32.01
C PRO D 114 -81.48 26.29 31.44
N ILE D 115 -80.68 25.27 31.14
CA ILE D 115 -81.19 24.01 30.64
C ILE D 115 -81.22 22.98 31.76
N LYS D 116 -82.39 22.38 31.98
CA LYS D 116 -82.53 21.34 32.99
C LYS D 116 -81.91 20.04 32.51
N SER D 117 -80.65 20.11 32.10
CA SER D 117 -79.94 18.96 31.56
C SER D 117 -79.59 17.95 32.64
N LYS D 118 -79.79 16.67 32.34
CA LYS D 118 -79.44 15.60 33.27
C LYS D 118 -77.96 15.25 33.17
N LEU D 119 -77.47 15.05 31.95
CA LEU D 119 -76.09 14.67 31.73
C LEU D 119 -75.33 15.71 30.92
N ARG D 120 -74.00 15.65 31.00
CA ARG D 120 -73.13 16.49 30.20
C ARG D 120 -71.96 15.68 29.66
N LYS D 121 -71.91 15.52 28.34
CA LYS D 121 -70.87 14.72 27.71
C LYS D 121 -69.89 15.59 26.92
N PRO D 122 -68.60 15.24 26.97
CA PRO D 122 -67.53 15.99 26.28
C PRO D 122 -67.78 16.04 24.78
N ILE D 123 -67.23 17.06 24.13
CA ILE D 123 -67.40 17.23 22.69
C ILE D 123 -66.38 16.42 21.90
N HIS D 124 -65.26 16.08 22.54
CA HIS D 124 -64.23 15.28 21.90
C HIS D 124 -64.39 13.80 22.25
N ALA D 125 -64.91 13.03 21.30
CA ALA D 125 -65.15 11.61 21.52
C ALA D 125 -64.71 10.77 20.32
N ASP D 126 -64.19 9.58 20.59
CA ASP D 126 -63.71 8.69 19.54
C ASP D 126 -64.86 8.10 18.72
N PRO D 127 -64.73 8.17 17.39
CA PRO D 127 -65.73 7.63 16.46
C PRO D 127 -65.90 6.12 16.61
N PRO D 128 -67.08 5.61 16.22
CA PRO D 128 -67.37 4.17 16.29
C PRO D 128 -66.28 3.35 15.61
N SER D 129 -65.98 2.19 16.17
CA SER D 129 -64.95 1.30 15.62
C SER D 129 -65.43 0.70 14.29
N PHE D 130 -64.58 -0.11 13.68
CA PHE D 130 -64.90 -0.76 12.42
C PHE D 130 -65.99 -1.82 12.60
N ALA D 131 -65.99 -2.48 13.76
CA ALA D 131 -66.95 -3.54 14.03
C ALA D 131 -68.36 -2.99 14.29
N GLU D 132 -68.43 -1.83 14.91
CA GLU D 132 -69.72 -1.22 15.26
C GLU D 132 -70.36 -0.54 14.05
N GLN D 133 -69.80 -0.77 12.87
CA GLN D 133 -70.32 -0.18 11.65
C GLN D 133 -71.58 -0.91 11.19
N SER D 134 -72.42 -0.20 10.44
CA SER D 134 -73.68 -0.76 9.95
C SER D 134 -73.89 -0.45 8.47
N THR D 135 -73.54 -1.41 7.62
CA THR D 135 -73.73 -1.26 6.19
C THR D 135 -75.20 -1.36 5.81
N SER D 136 -75.80 -0.22 5.46
CA SER D 136 -77.20 -0.18 5.08
C SER D 136 -77.44 0.84 3.97
N ALA D 137 -78.12 0.41 2.91
CA ALA D 137 -78.38 1.26 1.76
C ALA D 137 -79.87 1.51 1.58
N GLU D 138 -80.39 2.55 2.23
CA GLU D 138 -81.79 2.91 2.09
C GLU D 138 -81.92 4.28 1.44
N ILE D 139 -82.81 4.37 0.46
CA ILE D 139 -83.00 5.61 -0.29
C ILE D 139 -83.87 6.61 0.47
N LEU D 140 -83.37 7.84 0.60
CA LEU D 140 -84.11 8.90 1.25
C LEU D 140 -84.84 9.75 0.21
N GLU D 141 -86.17 9.69 0.22
CA GLU D 141 -86.97 10.45 -0.72
C GLU D 141 -87.09 11.91 -0.29
N THR D 142 -86.58 12.81 -1.13
CA THR D 142 -86.63 14.24 -0.84
C THR D 142 -87.85 14.89 -1.46
N GLY D 143 -87.77 15.20 -2.75
CA GLY D 143 -88.85 15.85 -3.46
C GLY D 143 -88.36 16.50 -4.74
N ILE D 144 -87.20 17.15 -4.65
CA ILE D 144 -86.58 17.79 -5.80
C ILE D 144 -86.27 16.76 -6.87
N LYS D 145 -86.68 17.05 -8.10
CA LYS D 145 -86.52 16.11 -9.21
C LYS D 145 -85.06 15.94 -9.65
N VAL D 146 -84.36 17.05 -9.83
CA VAL D 146 -82.99 17.03 -10.30
C VAL D 146 -82.06 16.26 -9.36
N VAL D 147 -82.51 16.08 -8.11
CA VAL D 147 -81.71 15.37 -7.12
C VAL D 147 -82.27 13.98 -6.86
N ASP D 148 -83.54 13.91 -6.45
CA ASP D 148 -84.18 12.64 -6.10
C ASP D 148 -83.88 11.54 -7.11
N LEU D 149 -83.91 11.89 -8.40
CA LEU D 149 -83.69 10.92 -9.47
C LEU D 149 -82.21 10.62 -9.70
N LEU D 150 -81.47 11.62 -10.16
CA LEU D 150 -80.10 11.44 -10.60
C LEU D 150 -79.14 11.17 -9.44
N ALA D 151 -79.36 11.82 -8.32
CA ALA D 151 -78.56 11.62 -7.13
C ALA D 151 -79.42 11.54 -5.87
N PRO D 152 -79.85 10.31 -5.48
CA PRO D 152 -80.69 10.09 -4.31
C PRO D 152 -79.95 10.22 -2.98
N TYR D 153 -80.57 10.90 -2.02
CA TYR D 153 -80.06 10.97 -0.66
C TYR D 153 -80.15 9.60 0.01
N ALA D 154 -79.27 9.35 0.97
CA ALA D 154 -79.24 8.07 1.66
C ALA D 154 -79.63 8.21 3.12
N ARG D 155 -80.74 7.60 3.49
CA ARG D 155 -81.15 7.57 4.89
C ARG D 155 -80.12 6.79 5.69
N GLY D 156 -79.42 7.49 6.58
CA GLY D 156 -78.34 6.89 7.34
C GLY D 156 -77.01 7.14 6.67
N GLY D 157 -77.05 7.73 5.48
CA GLY D 157 -75.84 8.06 4.74
C GLY D 157 -75.39 9.50 4.99
N LYS D 158 -74.24 9.86 4.41
CA LYS D 158 -73.70 11.20 4.59
C LYS D 158 -73.82 12.05 3.34
N ILE D 159 -74.90 12.82 3.26
CA ILE D 159 -75.13 13.71 2.11
C ILE D 159 -74.40 15.04 2.32
N GLY D 160 -74.09 15.71 1.22
CA GLY D 160 -73.41 16.99 1.28
C GLY D 160 -73.49 17.76 -0.02
N LEU D 161 -73.83 19.05 0.08
CA LEU D 161 -73.92 19.91 -1.11
C LEU D 161 -72.75 20.88 -1.15
N PHE D 162 -72.12 20.99 -2.32
CA PHE D 162 -70.99 21.90 -2.50
C PHE D 162 -71.40 23.16 -3.24
N GLY D 163 -70.50 24.13 -3.29
CA GLY D 163 -70.76 25.36 -4.02
C GLY D 163 -70.18 26.60 -3.36
N GLY D 164 -69.88 27.61 -4.18
CA GLY D 164 -69.38 28.87 -3.67
C GLY D 164 -70.51 29.79 -3.26
N ALA D 165 -70.23 31.08 -3.17
CA ALA D 165 -71.25 32.05 -2.78
C ALA D 165 -72.13 32.45 -3.96
N GLY D 166 -73.42 32.62 -3.70
CA GLY D 166 -74.36 33.04 -4.71
C GLY D 166 -75.10 31.89 -5.38
N VAL D 167 -74.71 30.66 -5.04
CA VAL D 167 -75.35 29.49 -5.61
C VAL D 167 -76.63 29.13 -4.85
N GLY D 168 -76.81 29.75 -3.68
CA GLY D 168 -77.98 29.54 -2.87
C GLY D 168 -77.96 28.22 -2.12
N LYS D 169 -77.02 28.09 -1.19
CA LYS D 169 -76.92 26.90 -0.36
C LYS D 169 -77.80 27.00 0.87
N THR D 170 -77.74 28.15 1.55
CA THR D 170 -78.52 28.35 2.76
C THR D 170 -80.02 28.30 2.47
N VAL D 171 -80.38 28.67 1.24
CA VAL D 171 -81.77 28.63 0.82
C VAL D 171 -82.13 27.21 0.39
N PHE D 172 -81.12 26.41 0.10
CA PHE D 172 -81.32 25.03 -0.33
C PHE D 172 -81.69 24.14 0.84
N ILE D 173 -80.86 24.17 1.88
CA ILE D 173 -81.08 23.36 3.08
C ILE D 173 -82.38 23.75 3.79
N GLN D 174 -82.90 24.93 3.47
CA GLN D 174 -84.15 25.39 4.08
C GLN D 174 -85.35 24.64 3.52
N GLU D 175 -85.25 24.21 2.26
CA GLU D 175 -86.31 23.43 1.63
C GLU D 175 -86.29 22.00 2.16
N LEU D 176 -85.09 21.48 2.39
CA LEU D 176 -84.92 20.13 2.91
C LEU D 176 -85.57 19.97 4.28
N ILE D 177 -85.42 20.98 5.13
CA ILE D 177 -85.96 20.92 6.48
C ILE D 177 -87.48 20.87 6.48
N ASN D 178 -88.10 21.68 5.64
CA ASN D 178 -89.55 21.71 5.53
C ASN D 178 -90.11 20.37 5.06
N ASN D 179 -89.49 19.81 4.03
CA ASN D 179 -89.98 18.58 3.41
C ASN D 179 -89.66 17.33 4.22
N ILE D 180 -88.38 17.14 4.52
CA ILE D 180 -87.93 15.90 5.15
C ILE D 180 -88.05 15.92 6.67
N ALA D 181 -87.60 17.01 7.30
CA ALA D 181 -87.55 17.09 8.76
C ALA D 181 -88.91 16.84 9.43
N LYS D 182 -89.97 17.36 8.84
CA LYS D 182 -91.31 17.17 9.37
C LYS D 182 -91.82 15.76 9.11
N ALA D 183 -91.43 15.19 7.97
CA ALA D 183 -91.82 13.84 7.62
C ALA D 183 -90.98 12.81 8.39
N HIS D 184 -89.79 13.22 8.81
CA HIS D 184 -88.88 12.34 9.54
C HIS D 184 -89.43 12.02 10.92
N GLY D 185 -89.43 10.74 11.28
CA GLY D 185 -89.96 10.31 12.56
C GLY D 185 -88.89 10.15 13.62
N GLY D 186 -88.32 11.28 14.05
CA GLY D 186 -87.29 11.26 15.07
C GLY D 186 -86.76 12.65 15.40
N PHE D 187 -85.55 12.69 15.96
CA PHE D 187 -84.93 13.96 16.33
C PHE D 187 -84.13 14.55 15.18
N SER D 188 -84.02 15.87 15.16
CA SER D 188 -83.20 16.58 14.18
C SER D 188 -82.33 17.60 14.89
N VAL D 189 -81.08 17.71 14.45
CA VAL D 189 -80.13 18.64 15.07
C VAL D 189 -79.47 19.53 14.02
N PHE D 190 -79.60 20.84 14.19
CA PHE D 190 -79.01 21.80 13.27
C PHE D 190 -77.79 22.48 13.91
N THR D 191 -76.70 22.54 13.17
CA THR D 191 -75.48 23.17 13.66
C THR D 191 -74.96 24.19 12.66
N GLY D 192 -75.06 25.47 13.01
CA GLY D 192 -74.61 26.54 12.14
C GLY D 192 -73.19 26.99 12.43
N VAL D 193 -72.28 26.66 11.51
CA VAL D 193 -70.86 27.00 11.69
C VAL D 193 -70.40 28.08 10.73
N GLY D 194 -69.90 29.17 11.29
CA GLY D 194 -69.29 30.25 10.52
C GLY D 194 -70.11 30.74 9.34
N GLU D 195 -71.43 30.67 9.44
CA GLU D 195 -72.29 31.19 8.40
C GLU D 195 -72.95 32.51 8.80
N ARG D 196 -73.77 33.06 7.92
CA ARG D 196 -74.42 34.34 8.17
C ARG D 196 -75.37 34.29 9.36
N THR D 197 -75.18 35.21 10.30
CA THR D 197 -75.99 35.23 11.52
C THR D 197 -77.42 35.64 11.23
N ARG D 198 -77.61 36.55 10.29
CA ARG D 198 -78.94 37.04 9.94
C ARG D 198 -79.79 35.92 9.34
N GLU D 199 -79.19 35.11 8.48
CA GLU D 199 -79.88 34.00 7.86
C GLU D 199 -80.09 32.86 8.86
N GLY D 200 -79.21 32.79 9.85
CA GLY D 200 -79.37 31.86 10.94
C GLY D 200 -80.57 32.26 11.78
N ASN D 201 -80.83 33.57 11.84
CA ASN D 201 -81.98 34.09 12.55
C ASN D 201 -83.28 33.84 11.79
N ASP D 202 -83.20 33.84 10.46
CA ASP D 202 -84.36 33.58 9.62
C ASP D 202 -84.83 32.14 9.75
N LEU D 203 -83.91 31.25 10.13
CA LEU D 203 -84.24 29.85 10.35
C LEU D 203 -85.06 29.71 11.63
N TYR D 204 -84.63 30.42 12.67
CA TYR D 204 -85.33 30.41 13.95
C TYR D 204 -86.70 31.07 13.82
N ARG D 205 -86.77 32.13 13.01
CA ARG D 205 -88.02 32.83 12.77
C ARG D 205 -88.99 31.94 12.00
N GLU D 206 -88.43 31.08 11.14
CA GLU D 206 -89.22 30.20 10.30
C GLU D 206 -89.76 28.99 11.07
N MET D 207 -88.85 28.20 11.64
CA MET D 207 -89.22 26.94 12.29
C MET D 207 -90.23 27.12 13.42
N LYS D 208 -90.31 28.32 13.98
CA LYS D 208 -91.28 28.60 15.03
C LYS D 208 -92.68 28.70 14.44
N GLU D 209 -92.79 29.38 13.31
CA GLU D 209 -94.06 29.55 12.62
C GLU D 209 -94.42 28.29 11.83
N THR D 210 -93.45 27.39 11.69
CA THR D 210 -93.68 26.14 10.96
C THR D 210 -94.40 25.13 11.83
N GLY D 211 -94.15 25.19 13.13
CA GLY D 211 -94.74 24.26 14.07
C GLY D 211 -93.74 23.23 14.53
N VAL D 212 -92.48 23.45 14.20
CA VAL D 212 -91.40 22.55 14.58
C VAL D 212 -90.81 22.96 15.92
N ILE D 213 -90.88 24.26 16.21
CA ILE D 213 -90.38 24.79 17.48
C ILE D 213 -91.51 25.39 18.30
N ASN D 214 -91.74 24.84 19.48
CA ASN D 214 -92.74 25.39 20.39
C ASN D 214 -92.14 25.68 21.76
N LEU D 215 -92.27 26.93 22.19
CA LEU D 215 -91.68 27.39 23.45
C LEU D 215 -92.32 26.72 24.67
N GLU D 216 -93.59 26.36 24.54
CA GLU D 216 -94.32 25.72 25.63
C GLU D 216 -94.66 24.27 25.30
N GLY D 217 -94.75 23.96 24.01
CA GLY D 217 -95.12 22.63 23.57
C GLY D 217 -93.92 21.77 23.20
N GLU D 218 -94.11 20.93 22.18
CA GLU D 218 -93.07 20.00 21.74
C GLU D 218 -92.01 20.66 20.86
N SER D 219 -90.74 20.39 21.17
CA SER D 219 -89.62 20.88 20.37
C SER D 219 -88.97 19.70 19.66
N LYS D 220 -89.09 19.66 18.34
CA LYS D 220 -88.60 18.52 17.56
C LYS D 220 -87.11 18.63 17.22
N VAL D 221 -86.63 19.85 17.05
CA VAL D 221 -85.24 20.07 16.65
C VAL D 221 -84.45 20.89 17.67
N ALA D 222 -83.19 20.55 17.83
CA ALA D 222 -82.28 21.32 18.68
C ALA D 222 -81.43 22.23 17.81
N LEU D 223 -80.95 23.34 18.39
CA LEU D 223 -80.19 24.32 17.62
C LEU D 223 -78.83 24.61 18.26
N VAL D 224 -77.79 24.64 17.42
CA VAL D 224 -76.45 24.96 17.87
C VAL D 224 -75.78 25.93 16.90
N PHE D 225 -75.55 27.16 17.36
CA PHE D 225 -74.99 28.19 16.50
C PHE D 225 -73.63 28.68 16.98
N GLY D 226 -72.83 29.16 16.03
CA GLY D 226 -71.52 29.73 16.32
C GLY D 226 -71.06 30.50 15.09
N GLN D 227 -71.85 31.50 14.71
CA GLN D 227 -71.66 32.20 13.45
C GLN D 227 -70.28 32.84 13.29
N MET D 228 -69.99 33.27 12.06
CA MET D 228 -68.67 33.78 11.70
C MET D 228 -68.17 34.93 12.56
N ASN D 229 -69.09 35.70 13.12
CA ASN D 229 -68.72 36.87 13.91
C ASN D 229 -67.91 36.52 15.16
N GLU D 230 -67.73 35.22 15.40
CA GLU D 230 -66.98 34.75 16.55
C GLU D 230 -65.56 34.31 16.16
N PRO D 231 -64.62 34.42 17.11
CA PRO D 231 -63.22 34.01 16.93
C PRO D 231 -63.09 32.57 16.44
N PRO D 232 -61.96 32.25 15.79
CA PRO D 232 -61.70 30.94 15.18
C PRO D 232 -61.89 29.77 16.15
N GLY D 233 -61.26 29.86 17.32
CA GLY D 233 -61.33 28.81 18.31
C GLY D 233 -62.73 28.25 18.52
N ALA D 234 -63.72 29.14 18.53
CA ALA D 234 -65.11 28.73 18.73
C ALA D 234 -65.69 28.09 17.47
N ARG D 235 -65.37 28.67 16.32
CA ARG D 235 -65.87 28.17 15.03
C ARG D 235 -65.21 26.87 14.62
N ALA D 236 -64.03 26.60 15.17
CA ALA D 236 -63.30 25.37 14.88
C ALA D 236 -63.73 24.25 15.81
N ARG D 237 -64.68 24.55 16.71
CA ARG D 237 -65.14 23.59 17.70
C ARG D 237 -66.65 23.47 17.76
N VAL D 238 -67.35 24.52 17.35
CA VAL D 238 -68.81 24.56 17.42
C VAL D 238 -69.44 23.45 16.58
N ALA D 239 -68.67 22.93 15.62
CA ALA D 239 -69.12 21.82 14.81
C ALA D 239 -69.19 20.55 15.65
N LEU D 240 -68.30 20.45 16.63
CA LEU D 240 -68.25 19.30 17.52
C LEU D 240 -69.34 19.37 18.59
N THR D 241 -69.70 20.58 18.98
CA THR D 241 -70.74 20.77 20.01
C THR D 241 -72.09 20.26 19.52
N GLY D 242 -72.46 20.63 18.30
CA GLY D 242 -73.71 20.17 17.71
C GLY D 242 -73.67 18.69 17.43
N LEU D 243 -72.48 18.17 17.19
CA LEU D 243 -72.30 16.75 16.91
C LEU D 243 -72.60 15.90 18.13
N THR D 244 -71.95 16.21 19.24
CA THR D 244 -72.13 15.48 20.49
C THR D 244 -73.60 15.41 20.89
N ILE D 245 -74.34 16.48 20.61
CA ILE D 245 -75.77 16.54 20.93
C ILE D 245 -76.56 15.51 20.13
N ALA D 246 -76.42 15.56 18.81
CA ALA D 246 -77.10 14.61 17.93
C ALA D 246 -76.58 13.19 18.19
N GLU D 247 -75.33 13.10 18.62
CA GLU D 247 -74.68 11.83 18.87
C GLU D 247 -75.40 11.07 19.99
N TYR D 248 -75.82 11.81 21.02
CA TYR D 248 -76.53 11.22 22.15
C TYR D 248 -77.86 10.62 21.73
N PHE D 249 -78.53 11.26 20.77
CA PHE D 249 -79.83 10.80 20.30
C PHE D 249 -79.69 9.56 19.43
N ARG D 250 -78.46 9.20 19.08
CA ARG D 250 -78.21 8.03 18.25
C ARG D 250 -78.05 6.78 19.10
N ASP D 251 -77.16 6.85 20.09
CA ASP D 251 -76.83 5.69 20.90
C ASP D 251 -77.69 5.57 22.15
N GLU D 252 -77.65 6.61 22.99
CA GLU D 252 -78.32 6.57 24.29
C GLU D 252 -79.84 6.70 24.20
N GLU D 253 -80.33 7.30 23.13
CA GLU D 253 -81.77 7.51 22.98
C GLU D 253 -82.40 6.49 22.04
N GLY D 254 -81.56 5.80 21.27
CA GLY D 254 -82.03 4.78 20.36
C GLY D 254 -83.15 5.25 19.43
N GLN D 255 -82.82 6.24 18.59
CA GLN D 255 -83.79 6.79 17.65
C GLN D 255 -83.09 7.26 16.39
N ASP D 256 -83.86 7.51 15.34
CA ASP D 256 -83.31 8.00 14.08
C ASP D 256 -82.97 9.48 14.18
N VAL D 257 -81.72 9.81 13.85
CA VAL D 257 -81.24 11.18 13.96
C VAL D 257 -81.11 11.86 12.59
N LEU D 258 -81.12 13.18 12.60
CA LEU D 258 -80.98 13.95 11.37
C LEU D 258 -80.13 15.19 11.65
N LEU D 259 -78.92 15.22 11.08
CA LEU D 259 -77.97 16.29 11.39
C LEU D 259 -77.71 17.21 10.21
N PHE D 260 -77.87 18.52 10.44
CA PHE D 260 -77.62 19.52 9.41
C PHE D 260 -76.41 20.39 9.78
N ILE D 261 -75.41 20.41 8.89
CA ILE D 261 -74.23 21.23 9.12
C ILE D 261 -74.16 22.36 8.10
N ASP D 262 -73.98 23.58 8.59
CA ASP D 262 -73.91 24.75 7.71
C ASP D 262 -73.22 25.90 8.42
N ASN D 263 -71.98 26.18 8.02
CA ASN D 263 -71.34 25.46 6.93
C ASN D 263 -70.16 24.62 7.40
N ILE D 264 -69.98 23.45 6.80
CA ILE D 264 -68.91 22.54 7.18
C ILE D 264 -67.54 23.07 6.77
N PHE D 265 -67.52 23.87 5.69
CA PHE D 265 -66.28 24.45 5.20
C PHE D 265 -65.66 25.38 6.23
N ARG D 266 -66.50 26.07 6.99
CA ARG D 266 -66.04 27.01 8.00
C ARG D 266 -65.30 26.27 9.11
N PHE D 267 -65.46 24.95 9.17
CA PHE D 267 -64.80 24.14 10.17
C PHE D 267 -63.30 24.04 9.89
N THR D 268 -62.96 23.61 8.67
CA THR D 268 -61.56 23.51 8.27
C THR D 268 -60.96 24.90 8.11
N GLN D 269 -61.79 25.84 7.68
CA GLN D 269 -61.36 27.23 7.53
C GLN D 269 -60.90 27.79 8.86
N ALA D 270 -61.63 27.46 9.92
CA ALA D 270 -61.29 27.92 11.26
C ALA D 270 -60.01 27.24 11.73
N GLY D 271 -59.80 26.00 11.29
CA GLY D 271 -58.58 25.28 11.62
C GLY D 271 -57.37 25.89 10.94
N SER D 272 -57.60 26.55 9.81
CA SER D 272 -56.53 27.20 9.07
C SER D 272 -56.02 28.43 9.81
N GLU D 273 -56.95 29.22 10.33
CA GLU D 273 -56.62 30.43 11.06
C GLU D 273 -55.69 30.14 12.25
N VAL D 274 -56.11 29.19 13.07
CA VAL D 274 -55.33 28.82 14.25
C VAL D 274 -54.02 28.12 13.90
N SER D 275 -54.06 27.26 12.88
CA SER D 275 -52.91 26.46 12.50
C SER D 275 -51.61 27.28 12.48
N ALA D 276 -51.64 28.40 11.76
CA ALA D 276 -50.47 29.27 11.66
C ALA D 276 -50.11 29.87 13.02
N LEU D 277 -51.10 30.45 13.68
CA LEU D 277 -50.89 31.09 14.98
C LEU D 277 -50.28 30.12 15.99
N LEU D 278 -50.79 28.89 16.02
CA LEU D 278 -50.33 27.88 16.96
C LEU D 278 -48.87 27.52 16.73
N GLY D 279 -48.32 27.94 15.59
CA GLY D 279 -46.94 27.67 15.26
C GLY D 279 -46.79 26.40 14.43
N ARG D 280 -47.32 26.44 13.20
CA ARG D 280 -47.19 25.31 12.29
C ARG D 280 -46.75 25.80 10.92
N ILE D 281 -45.95 24.99 10.23
CA ILE D 281 -45.54 25.30 8.88
C ILE D 281 -46.70 25.09 7.92
N PRO D 282 -47.23 26.20 7.35
CA PRO D 282 -48.41 26.19 6.49
C PRO D 282 -48.34 25.16 5.38
N SER D 283 -49.49 24.63 4.96
CA SER D 283 -49.56 23.64 3.90
C SER D 283 -49.94 24.30 2.58
N ALA D 284 -50.12 23.49 1.54
CA ALA D 284 -50.52 23.99 0.23
C ALA D 284 -51.75 24.88 0.33
N VAL D 285 -51.82 25.89 -0.53
CA VAL D 285 -52.93 26.83 -0.54
C VAL D 285 -53.13 27.46 0.85
N GLY D 286 -52.06 27.49 1.64
CA GLY D 286 -52.08 28.14 2.93
C GLY D 286 -52.95 27.49 3.98
N TYR D 287 -53.39 26.25 3.71
CA TYR D 287 -54.22 25.51 4.67
C TYR D 287 -53.39 24.94 5.80
N GLN D 288 -54.00 24.06 6.60
CA GLN D 288 -53.30 23.44 7.72
C GLN D 288 -52.74 22.07 7.34
N PRO D 289 -51.59 21.72 7.94
CA PRO D 289 -50.94 20.43 7.71
C PRO D 289 -51.84 19.27 8.13
N THR D 290 -52.75 19.54 9.05
CA THR D 290 -53.70 18.53 9.52
C THR D 290 -55.10 18.81 8.99
N LEU D 291 -55.38 18.36 7.77
CA LEU D 291 -56.65 18.66 7.11
C LEU D 291 -57.47 17.41 6.85
N ALA D 292 -56.80 16.33 6.46
CA ALA D 292 -57.49 15.07 6.15
C ALA D 292 -57.79 14.28 7.42
N THR D 293 -57.09 14.62 8.51
CA THR D 293 -57.30 13.95 9.79
C THR D 293 -58.27 14.72 10.68
N ASP D 294 -58.31 16.04 10.52
CA ASP D 294 -59.28 16.87 11.22
C ASP D 294 -60.67 16.60 10.66
N MET D 295 -60.75 16.54 9.33
CA MET D 295 -61.99 16.19 8.65
C MET D 295 -62.36 14.76 8.99
N GLY D 296 -61.35 13.92 9.20
CA GLY D 296 -61.57 12.53 9.54
C GLY D 296 -62.11 12.35 10.94
N LEU D 297 -61.50 13.03 11.90
CA LEU D 297 -61.91 12.93 13.30
C LEU D 297 -63.23 13.65 13.55
N LEU D 298 -63.85 14.14 12.48
CA LEU D 298 -65.13 14.82 12.57
C LEU D 298 -66.22 14.03 11.84
N GLN D 299 -65.99 13.77 10.56
CA GLN D 299 -66.94 13.05 9.73
C GLN D 299 -67.18 11.62 10.22
N GLU D 300 -66.14 11.01 10.78
CA GLU D 300 -66.20 9.62 11.21
C GLU D 300 -67.21 9.40 12.33
N ARG D 301 -67.52 10.45 13.08
CA ARG D 301 -68.48 10.35 14.17
C ARG D 301 -69.91 10.47 13.66
N ILE D 302 -70.05 10.85 12.40
CA ILE D 302 -71.36 10.98 11.78
C ILE D 302 -71.67 9.77 10.91
N THR D 303 -71.81 8.61 11.55
CA THR D 303 -72.08 7.37 10.84
C THR D 303 -73.27 6.64 11.45
N THR D 304 -73.75 5.61 10.75
CA THR D 304 -74.82 4.77 11.26
C THR D 304 -74.25 3.54 11.96
N THR D 305 -74.70 3.32 13.20
CA THR D 305 -74.22 2.18 13.99
C THR D 305 -75.30 1.15 14.21
N LYS D 306 -75.01 0.16 15.04
CA LYS D 306 -75.98 -0.88 15.38
C LYS D 306 -77.04 -0.35 16.34
N LYS D 307 -76.67 0.66 17.12
CA LYS D 307 -77.59 1.30 18.05
C LYS D 307 -78.59 2.16 17.31
N GLY D 308 -78.11 3.25 16.73
CA GLY D 308 -78.96 4.16 15.99
C GLY D 308 -78.36 4.60 14.67
N SER D 309 -79.16 5.29 13.86
CA SER D 309 -78.69 5.77 12.56
C SER D 309 -78.70 7.29 12.51
N VAL D 310 -77.76 7.86 11.76
CA VAL D 310 -77.68 9.31 11.60
C VAL D 310 -77.62 9.72 10.14
N THR D 311 -78.60 10.51 9.70
CA THR D 311 -78.63 11.02 8.34
C THR D 311 -78.14 12.47 8.32
N SER D 312 -76.99 12.68 7.69
CA SER D 312 -76.35 13.99 7.69
C SER D 312 -76.50 14.74 6.38
N VAL D 313 -76.87 16.01 6.47
CA VAL D 313 -76.93 16.90 5.31
C VAL D 313 -75.97 18.06 5.54
N GLN D 314 -74.79 17.98 4.93
CA GLN D 314 -73.74 18.98 5.17
C GLN D 314 -73.65 19.96 4.01
N ALA D 315 -73.56 21.25 4.35
CA ALA D 315 -73.37 22.29 3.35
C ALA D 315 -71.88 22.62 3.25
N VAL D 316 -71.34 22.53 2.03
CA VAL D 316 -69.92 22.78 1.82
C VAL D 316 -69.72 24.00 0.92
N TYR D 317 -68.89 24.93 1.38
CA TYR D 317 -68.59 26.12 0.60
C TYR D 317 -67.31 25.94 -0.21
N VAL D 318 -67.37 26.27 -1.49
CA VAL D 318 -66.22 26.11 -2.39
C VAL D 318 -65.56 27.45 -2.67
N PRO D 319 -64.32 27.63 -2.17
CA PRO D 319 -63.56 28.87 -2.35
C PRO D 319 -63.32 29.21 -3.82
N ALA D 320 -63.96 30.28 -4.29
CA ALA D 320 -63.80 30.75 -5.67
C ALA D 320 -64.41 29.77 -6.68
N ASP D 321 -65.33 28.94 -6.21
CA ASP D 321 -65.97 27.95 -7.06
C ASP D 321 -64.93 27.00 -7.65
N ASP D 322 -63.77 26.95 -6.99
CA ASP D 322 -62.67 26.09 -7.38
C ASP D 322 -62.76 24.74 -6.65
N LEU D 323 -63.19 23.72 -7.38
CA LEU D 323 -63.40 22.40 -6.79
C LEU D 323 -62.12 21.68 -6.40
N THR D 324 -60.97 22.21 -6.81
CA THR D 324 -59.70 21.58 -6.52
C THR D 324 -59.16 21.98 -5.15
N ASP D 325 -59.77 22.99 -4.55
CA ASP D 325 -59.36 23.46 -3.22
C ASP D 325 -59.44 22.32 -2.22
N PRO D 326 -58.36 22.14 -1.43
CA PRO D 326 -58.27 21.08 -0.42
C PRO D 326 -59.47 21.01 0.50
N ALA D 327 -60.21 22.11 0.63
CA ALA D 327 -61.39 22.13 1.50
C ALA D 327 -62.54 21.29 0.92
N PRO D 328 -63.03 21.63 -0.28
CA PRO D 328 -64.04 20.78 -0.91
C PRO D 328 -63.48 19.41 -1.23
N ALA D 329 -62.21 19.35 -1.63
CA ALA D 329 -61.55 18.10 -2.00
C ALA D 329 -61.68 17.01 -0.94
N THR D 330 -61.23 17.28 0.28
CA THR D 330 -61.22 16.29 1.34
C THR D 330 -62.63 15.92 1.79
N THR D 331 -63.58 16.82 1.59
CA THR D 331 -64.96 16.60 1.99
C THR D 331 -65.65 15.59 1.07
N PHE D 332 -65.38 15.68 -0.22
CA PHE D 332 -65.98 14.78 -1.20
C PHE D 332 -65.88 13.32 -0.78
N ALA D 333 -64.67 12.90 -0.42
CA ALA D 333 -64.38 11.50 -0.13
C ALA D 333 -65.12 10.97 1.09
N HIS D 334 -65.80 11.86 1.81
CA HIS D 334 -66.52 11.46 3.02
C HIS D 334 -68.02 11.34 2.80
N LEU D 335 -68.50 11.84 1.67
CA LEU D 335 -69.94 11.86 1.39
C LEU D 335 -70.39 10.67 0.55
N ASP D 336 -71.52 10.07 0.96
CA ASP D 336 -72.13 8.98 0.22
C ASP D 336 -72.89 9.51 -0.99
N ALA D 337 -73.38 10.74 -0.87
CA ALA D 337 -74.11 11.40 -1.95
C ALA D 337 -73.77 12.88 -1.99
N THR D 338 -73.83 13.47 -3.18
CA THR D 338 -73.52 14.89 -3.34
C THR D 338 -74.59 15.62 -4.14
N THR D 339 -74.58 16.95 -4.03
CA THR D 339 -75.47 17.80 -4.81
C THR D 339 -74.75 19.10 -5.15
N VAL D 340 -73.82 19.02 -6.09
CA VAL D 340 -72.97 20.15 -6.45
C VAL D 340 -73.80 21.32 -6.97
N LEU D 341 -73.50 22.51 -6.44
CA LEU D 341 -74.15 23.73 -6.89
C LEU D 341 -73.18 24.57 -7.71
N SER D 342 -73.60 24.95 -8.91
CA SER D 342 -72.76 25.74 -9.81
C SER D 342 -73.43 27.05 -10.18
N ARG D 343 -72.61 28.09 -10.37
CA ARG D 343 -73.12 29.42 -10.68
C ARG D 343 -73.65 29.50 -12.11
N GLY D 344 -73.33 28.49 -12.92
CA GLY D 344 -73.69 28.50 -14.32
C GLY D 344 -75.09 28.00 -14.62
N ILE D 345 -75.64 27.18 -13.75
CA ILE D 345 -76.94 26.57 -13.97
C ILE D 345 -78.09 27.51 -13.60
N SER D 346 -77.86 28.38 -12.62
CA SER D 346 -78.88 29.32 -12.18
C SER D 346 -79.10 30.44 -13.20
N GLU D 347 -78.05 30.76 -13.95
CA GLU D 347 -78.14 31.80 -14.96
C GLU D 347 -78.99 31.38 -16.16
N LEU D 348 -79.38 30.11 -16.18
CA LEU D 348 -80.25 29.59 -17.22
C LEU D 348 -81.71 29.78 -16.86
N GLY D 349 -81.99 29.71 -15.56
CA GLY D 349 -83.35 29.84 -15.07
C GLY D 349 -83.75 28.65 -14.21
N ILE D 350 -83.20 27.49 -14.56
CA ILE D 350 -83.51 26.26 -13.83
C ILE D 350 -83.11 26.36 -12.36
N TYR D 351 -84.08 26.10 -11.49
CA TYR D 351 -83.81 26.01 -10.05
C TYR D 351 -84.25 24.64 -9.54
N PRO D 352 -83.43 24.02 -8.69
CA PRO D 352 -82.20 24.58 -8.11
C PRO D 352 -81.07 24.68 -9.13
N ALA D 353 -79.90 25.12 -8.67
CA ALA D 353 -78.73 25.23 -9.53
C ALA D 353 -77.88 23.96 -9.42
N VAL D 354 -78.53 22.81 -9.56
CA VAL D 354 -77.85 21.53 -9.44
C VAL D 354 -77.19 21.12 -10.75
N ASP D 355 -75.87 20.90 -10.70
CA ASP D 355 -75.12 20.45 -11.87
C ASP D 355 -75.22 18.94 -11.98
N PRO D 356 -75.93 18.46 -13.02
CA PRO D 356 -76.23 17.03 -13.21
C PRO D 356 -75.03 16.22 -13.66
N LEU D 357 -73.88 16.86 -13.84
CA LEU D 357 -72.69 16.17 -14.33
C LEU D 357 -71.54 16.18 -13.33
N ASP D 358 -71.87 16.28 -12.05
CA ASP D 358 -70.87 16.20 -10.98
C ASP D 358 -71.53 15.71 -9.69
N SER D 359 -72.86 15.72 -9.68
CA SER D 359 -73.63 15.21 -8.56
C SER D 359 -73.89 13.72 -8.75
N LYS D 360 -73.16 12.89 -8.00
CA LYS D 360 -73.29 11.45 -8.12
C LYS D 360 -73.38 10.77 -6.76
N SER D 361 -74.38 9.92 -6.59
CA SER D 361 -74.56 9.17 -5.35
C SER D 361 -74.19 7.71 -5.54
N ARG D 362 -73.76 7.06 -4.47
CA ARG D 362 -73.39 5.65 -4.53
C ARG D 362 -74.62 4.76 -4.39
N LEU D 363 -75.80 5.39 -4.39
CA LEU D 363 -77.07 4.66 -4.36
C LEU D 363 -77.61 4.46 -5.76
N LEU D 364 -76.92 5.02 -6.74
CA LEU D 364 -77.32 4.88 -8.14
C LEU D 364 -76.97 3.48 -8.64
N ASP D 365 -77.59 2.47 -8.03
CA ASP D 365 -77.32 1.09 -8.37
C ASP D 365 -78.61 0.38 -8.79
N ALA D 366 -78.49 -0.51 -9.77
CA ALA D 366 -79.64 -1.26 -10.26
C ALA D 366 -80.28 -2.10 -9.14
N ALA D 367 -79.45 -2.54 -8.21
CA ALA D 367 -79.93 -3.35 -7.09
C ALA D 367 -80.33 -2.49 -5.90
N VAL D 368 -80.62 -1.22 -6.16
CA VAL D 368 -80.97 -0.28 -5.10
C VAL D 368 -82.29 0.43 -5.37
N VAL D 369 -82.32 1.25 -6.41
CA VAL D 369 -83.50 2.05 -6.73
C VAL D 369 -84.46 1.33 -7.67
N GLY D 370 -84.05 0.17 -8.17
CA GLY D 370 -84.84 -0.58 -9.13
C GLY D 370 -84.30 -0.41 -10.53
N GLN D 371 -84.26 -1.52 -11.28
CA GLN D 371 -83.70 -1.51 -12.63
C GLN D 371 -84.22 -0.36 -13.47
N GLU D 372 -85.54 -0.19 -13.49
CA GLU D 372 -86.17 0.88 -14.25
C GLU D 372 -85.59 2.24 -13.87
N HIS D 373 -85.61 2.53 -12.57
CA HIS D 373 -85.08 3.78 -12.04
C HIS D 373 -83.70 4.07 -12.63
N TYR D 374 -82.80 3.11 -12.50
CA TYR D 374 -81.44 3.22 -13.00
C TYR D 374 -81.40 3.41 -14.51
N ASP D 375 -82.18 2.59 -15.22
CA ASP D 375 -82.23 2.64 -16.69
C ASP D 375 -82.57 4.04 -17.17
N VAL D 376 -83.63 4.62 -16.62
CA VAL D 376 -84.05 5.97 -16.99
C VAL D 376 -82.98 6.99 -16.62
N ALA D 377 -82.40 6.83 -15.44
CA ALA D 377 -81.39 7.77 -14.95
C ALA D 377 -80.13 7.79 -15.80
N SER D 378 -79.86 6.66 -16.47
CA SER D 378 -78.67 6.56 -17.31
C SER D 378 -78.87 7.28 -18.66
N LYS D 379 -80.09 7.22 -19.17
CA LYS D 379 -80.42 7.88 -20.44
C LYS D 379 -80.35 9.40 -20.27
N VAL D 380 -80.86 9.89 -19.14
CA VAL D 380 -80.82 11.31 -18.83
C VAL D 380 -79.39 11.84 -18.83
N GLN D 381 -78.47 11.02 -18.31
CA GLN D 381 -77.07 11.41 -18.23
C GLN D 381 -76.39 11.38 -19.59
N GLU D 382 -76.74 10.38 -20.40
CA GLU D 382 -76.17 10.25 -21.74
C GLU D 382 -76.47 11.46 -22.60
N THR D 383 -77.73 11.85 -22.63
CA THR D 383 -78.20 12.97 -23.45
C THR D 383 -77.43 14.26 -23.16
N LEU D 384 -77.01 14.44 -21.92
CA LEU D 384 -76.44 15.72 -21.48
C LEU D 384 -74.98 15.93 -21.87
N GLN D 385 -74.10 15.06 -21.38
CA GLN D 385 -72.66 15.20 -21.59
C GLN D 385 -72.28 15.59 -23.02
N THR D 386 -72.94 14.97 -24.00
CA THR D 386 -72.64 15.24 -25.40
C THR D 386 -72.70 16.73 -25.72
N TYR D 387 -73.62 17.44 -25.07
CA TYR D 387 -73.74 18.88 -25.27
C TYR D 387 -72.43 19.57 -24.95
N LYS D 388 -71.93 19.37 -23.74
CA LYS D 388 -70.71 20.03 -23.27
C LYS D 388 -69.53 19.85 -24.24
N SER D 389 -69.53 18.74 -24.96
CA SER D 389 -68.46 18.43 -25.91
C SER D 389 -68.83 18.82 -27.33
N LEU D 390 -70.07 18.55 -27.71
CA LEU D 390 -70.56 18.87 -29.07
C LEU D 390 -70.97 20.33 -29.18
N GLN D 391 -70.93 21.06 -28.07
CA GLN D 391 -71.34 22.46 -28.04
C GLN D 391 -70.51 23.32 -28.98
N ASP D 392 -69.26 22.91 -29.20
CA ASP D 392 -68.32 23.69 -29.99
C ASP D 392 -68.81 23.85 -31.44
N ILE D 393 -69.61 22.89 -31.89
CA ILE D 393 -70.22 22.96 -33.22
C ILE D 393 -71.36 23.98 -33.24
N ILE D 394 -72.04 24.11 -32.11
CA ILE D 394 -73.19 25.00 -32.01
C ILE D 394 -72.78 26.47 -31.93
N ALA D 395 -71.61 26.73 -31.36
CA ALA D 395 -71.10 28.09 -31.25
C ALA D 395 -70.50 28.56 -32.57
N ILE D 396 -70.16 27.60 -33.43
CA ILE D 396 -69.54 27.91 -34.71
C ILE D 396 -70.55 27.85 -35.86
N LEU D 397 -71.64 27.13 -35.64
CA LEU D 397 -72.67 26.97 -36.67
C LEU D 397 -74.08 26.84 -36.10
N GLY D 398 -74.22 26.01 -35.06
CA GLY D 398 -75.51 25.79 -34.44
C GLY D 398 -76.00 24.37 -34.61
N MET D 399 -77.32 24.21 -34.64
CA MET D 399 -77.92 22.89 -34.81
C MET D 399 -78.38 22.68 -36.25
N ASP D 400 -77.43 22.64 -37.17
CA ASP D 400 -77.73 22.37 -38.58
C ASP D 400 -76.89 21.21 -39.10
N GLU D 401 -75.68 21.08 -38.56
CA GLU D 401 -74.77 20.00 -38.96
C GLU D 401 -75.04 18.73 -38.17
N LEU D 402 -75.87 18.85 -37.13
CA LEU D 402 -76.26 17.69 -36.34
C LEU D 402 -76.98 16.68 -37.23
N SER D 403 -76.45 15.46 -37.27
CA SER D 403 -77.03 14.41 -38.11
C SER D 403 -78.31 13.84 -37.50
N ASP D 406 -78.84 11.68 -33.35
CA ASP D 406 -77.89 12.68 -32.89
C ASP D 406 -78.50 14.07 -32.94
N LYS D 407 -79.30 14.33 -33.97
CA LYS D 407 -80.00 15.60 -34.12
C LYS D 407 -81.24 15.62 -33.24
N LEU D 408 -81.78 14.45 -32.97
CA LEU D 408 -82.95 14.30 -32.11
C LEU D 408 -82.54 14.29 -30.64
N THR D 409 -81.30 13.90 -30.39
CA THR D 409 -80.78 13.80 -29.03
C THR D 409 -80.14 15.11 -28.58
N VAL D 410 -79.67 15.90 -29.53
CA VAL D 410 -79.02 17.17 -29.22
C VAL D 410 -80.04 18.21 -28.76
N GLU D 411 -81.30 18.02 -29.15
CA GLU D 411 -82.35 18.97 -28.80
C GLU D 411 -83.00 18.64 -27.47
N ARG D 412 -82.97 17.36 -27.09
CA ARG D 412 -83.53 16.94 -25.81
C ARG D 412 -82.75 17.55 -24.65
N ALA D 413 -81.59 18.10 -24.95
CA ALA D 413 -80.75 18.74 -23.93
C ALA D 413 -81.39 20.03 -23.43
N ARG D 414 -82.04 20.75 -24.33
CA ARG D 414 -82.69 22.01 -23.99
C ARG D 414 -84.12 21.80 -23.49
N LYS D 415 -84.50 20.53 -23.34
CA LYS D 415 -85.85 20.18 -22.91
C LYS D 415 -85.81 19.45 -21.56
N ILE D 416 -84.94 18.45 -21.48
CA ILE D 416 -84.76 17.71 -20.23
C ILE D 416 -84.18 18.61 -19.15
N GLN D 417 -83.16 19.39 -19.51
CA GLN D 417 -82.48 20.27 -18.58
C GLN D 417 -83.46 21.27 -17.96
N ARG D 418 -84.46 21.68 -18.73
CA ARG D 418 -85.47 22.60 -18.25
C ARG D 418 -86.48 21.89 -17.33
N PHE D 419 -86.77 20.63 -17.63
CA PHE D 419 -87.76 19.87 -16.88
C PHE D 419 -87.26 19.48 -15.50
N LEU D 420 -85.94 19.62 -15.28
CA LEU D 420 -85.34 19.28 -13.99
C LEU D 420 -85.69 20.31 -12.91
N SER D 421 -86.10 21.50 -13.34
CA SER D 421 -86.39 22.58 -12.42
C SER D 421 -87.64 22.31 -11.59
N GLN D 422 -87.55 22.57 -10.29
CA GLN D 422 -88.68 22.37 -9.39
C GLN D 422 -88.95 23.61 -8.54
N PRO D 423 -90.21 24.05 -8.50
CA PRO D 423 -90.64 25.20 -7.70
C PRO D 423 -90.64 24.90 -6.21
N PHE D 424 -90.36 25.89 -5.39
CA PHE D 424 -90.36 25.71 -3.94
C PHE D 424 -91.30 26.70 -3.24
N ALA D 425 -91.69 26.37 -2.02
CA ALA D 425 -92.54 27.25 -1.23
C ALA D 425 -91.70 28.14 -0.33
N VAL D 426 -90.49 27.69 -0.03
CA VAL D 426 -89.58 28.43 0.84
C VAL D 426 -89.04 29.69 0.16
N ALA D 427 -88.72 29.58 -1.12
CA ALA D 427 -88.19 30.71 -1.88
C ALA D 427 -89.30 31.46 -2.61
N GLU D 428 -90.18 32.11 -1.85
CA GLU D 428 -91.28 32.85 -2.42
C GLU D 428 -90.89 34.30 -2.74
N VAL D 429 -89.88 34.80 -2.03
CA VAL D 429 -89.40 36.15 -2.22
C VAL D 429 -88.28 36.22 -3.25
N PHE D 430 -88.19 35.19 -4.08
CA PHE D 430 -87.18 35.13 -5.13
C PHE D 430 -87.81 35.09 -6.52
N THR D 431 -88.88 34.32 -6.65
CA THR D 431 -89.59 34.22 -7.92
C THR D 431 -91.06 34.61 -7.75
N GLY D 432 -91.63 34.30 -6.60
CA GLY D 432 -93.04 34.53 -6.36
C GLY D 432 -93.87 33.41 -6.95
N ILE D 433 -93.20 32.42 -7.52
CA ILE D 433 -93.87 31.29 -8.15
C ILE D 433 -94.12 30.17 -7.13
N PRO D 434 -95.39 29.81 -6.94
CA PRO D 434 -95.80 28.75 -6.00
C PRO D 434 -95.00 27.47 -6.23
N GLY D 435 -94.58 26.84 -5.14
CA GLY D 435 -93.74 25.66 -5.23
C GLY D 435 -94.46 24.38 -5.59
N LYS D 436 -93.70 23.38 -5.98
CA LYS D 436 -94.22 22.06 -6.30
C LYS D 436 -93.32 20.98 -5.71
N LEU D 437 -93.92 19.93 -5.18
CA LEU D 437 -93.15 18.85 -4.56
C LEU D 437 -93.51 17.49 -5.18
N VAL D 438 -92.65 17.00 -6.06
CA VAL D 438 -92.85 15.72 -6.70
C VAL D 438 -92.22 14.61 -5.85
N ARG D 439 -92.77 13.40 -5.96
CA ARG D 439 -92.25 12.28 -5.19
C ARG D 439 -91.26 11.42 -5.98
N LEU D 440 -91.07 10.18 -5.53
CA LEU D 440 -90.06 9.31 -6.12
C LEU D 440 -90.51 8.71 -7.46
N LYS D 441 -91.49 7.83 -7.41
CA LYS D 441 -91.93 7.08 -8.59
C LYS D 441 -92.39 7.98 -9.73
N ASP D 442 -93.00 9.10 -9.39
CA ASP D 442 -93.58 10.00 -10.38
C ASP D 442 -92.52 10.55 -11.34
N THR D 443 -91.38 10.94 -10.80
CA THR D 443 -90.30 11.50 -11.61
C THR D 443 -89.74 10.48 -12.59
N VAL D 444 -89.71 9.22 -12.16
CA VAL D 444 -89.19 8.14 -12.99
C VAL D 444 -90.04 7.93 -14.24
N ALA D 445 -91.32 7.65 -14.03
CA ALA D 445 -92.24 7.41 -15.14
C ALA D 445 -92.45 8.66 -15.99
N SER D 446 -92.08 9.81 -15.43
CA SER D 446 -92.24 11.08 -16.12
C SER D 446 -91.16 11.30 -17.16
N PHE D 447 -89.94 10.87 -16.84
CA PHE D 447 -88.80 11.06 -17.74
C PHE D 447 -88.76 10.03 -18.87
N LYS D 448 -89.07 8.78 -18.54
CA LYS D 448 -89.03 7.69 -19.51
C LYS D 448 -89.86 8.01 -20.74
N ALA D 449 -91.01 8.66 -20.53
CA ALA D 449 -91.89 9.05 -21.62
C ALA D 449 -91.24 10.09 -22.51
N VAL D 450 -90.57 11.06 -21.88
CA VAL D 450 -89.88 12.11 -22.61
C VAL D 450 -88.69 11.56 -23.38
N LEU D 451 -87.97 10.64 -22.76
CA LEU D 451 -86.81 10.00 -23.38
C LEU D 451 -87.26 8.96 -24.41
N GLY D 453 -88.65 10.74 -28.53
CA GLY D 453 -89.16 12.01 -28.07
C GLY D 453 -90.67 12.10 -28.18
N LYS D 454 -91.37 11.54 -27.19
CA LYS D 454 -92.82 11.59 -27.17
C LYS D 454 -93.32 13.01 -26.86
N TYR D 455 -92.84 13.56 -25.75
CA TYR D 455 -93.18 14.92 -25.37
C TYR D 455 -92.24 15.90 -26.05
N ASP D 456 -92.03 15.71 -27.35
CA ASP D 456 -91.12 16.54 -28.12
C ASP D 456 -91.88 17.62 -28.90
N ASN D 457 -93.21 17.61 -28.74
CA ASN D 457 -94.07 18.53 -29.47
C ASN D 457 -94.01 19.97 -28.94
N ILE D 458 -93.91 20.12 -27.63
CA ILE D 458 -93.87 21.44 -27.01
C ILE D 458 -92.44 21.91 -26.75
N PRO D 459 -92.01 22.95 -27.50
CA PRO D 459 -90.67 23.54 -27.38
C PRO D 459 -90.57 24.52 -26.23
N GLU D 460 -89.39 24.62 -25.64
CA GLU D 460 -89.12 25.56 -24.56
C GLU D 460 -90.01 25.33 -23.36
N HIS D 461 -90.79 26.34 -23.00
CA HIS D 461 -91.59 26.29 -21.80
C HIS D 461 -92.74 25.29 -21.92
N ALA D 462 -92.86 24.45 -20.89
CA ALA D 462 -93.97 23.51 -20.74
C ALA D 462 -93.53 22.50 -19.70
N PHE D 463 -92.21 22.45 -19.51
CA PHE D 463 -91.57 21.58 -18.53
C PHE D 463 -90.81 22.45 -17.54
N TYR D 464 -90.96 23.76 -17.70
CA TYR D 464 -90.24 24.72 -16.88
C TYR D 464 -91.01 25.05 -15.61
N MET D 465 -90.38 24.85 -14.46
CA MET D 465 -91.01 25.12 -13.17
C MET D 465 -92.40 24.49 -13.07
N VAL D 466 -92.44 23.15 -13.08
CA VAL D 466 -93.71 22.43 -12.99
C VAL D 466 -93.57 21.22 -12.08
N GLY D 467 -94.70 20.66 -11.68
CA GLY D 467 -94.73 19.49 -10.82
C GLY D 467 -94.28 18.23 -11.54
N GLY D 468 -95.00 17.14 -11.33
CA GLY D 468 -94.69 15.87 -11.95
C GLY D 468 -94.92 15.89 -13.45
N ILE D 469 -95.73 14.97 -13.94
CA ILE D 469 -96.06 14.90 -15.36
C ILE D 469 -97.47 15.43 -15.62
N GLU D 470 -98.31 15.36 -14.59
CA GLU D 470 -99.67 15.87 -14.71
C GLU D 470 -99.68 17.39 -14.78
N ASP D 471 -98.64 18.00 -14.22
CA ASP D 471 -98.49 19.45 -14.25
C ASP D 471 -98.10 19.92 -15.64
N VAL D 472 -97.24 19.14 -16.29
CA VAL D 472 -96.76 19.48 -17.63
C VAL D 472 -97.91 19.62 -18.62
N VAL D 473 -98.98 18.85 -18.40
CA VAL D 473 -100.14 18.89 -19.27
C VAL D 473 -100.93 20.18 -19.08
N ALA D 474 -100.96 20.68 -17.84
CA ALA D 474 -101.70 21.89 -17.50
C ALA D 474 -100.91 23.15 -17.87
N LYS D 475 -99.60 22.98 -18.11
CA LYS D 475 -98.74 24.10 -18.44
C LYS D 475 -98.52 24.19 -19.95
N ALA D 476 -98.94 23.17 -20.68
CA ALA D 476 -98.84 23.16 -22.13
C ALA D 476 -100.09 23.78 -22.74
N GLU D 477 -101.17 23.81 -21.96
CA GLU D 477 -102.44 24.37 -22.43
C GLU D 477 -102.35 25.87 -22.63
N LYS D 478 -101.95 26.58 -21.58
CA LYS D 478 -101.80 28.03 -21.64
C LYS D 478 -100.66 28.41 -22.58
N LEU D 479 -100.94 28.37 -23.89
CA LEU D 479 -99.95 28.67 -24.90
C LEU D 479 -99.20 29.97 -24.59
N ALA D 480 -97.88 29.89 -24.55
CA ALA D 480 -97.05 31.05 -24.23
C ALA D 480 -96.29 31.52 -25.46
N PRO E 14 -6.28 5.44 12.25
CA PRO E 14 -7.72 5.22 12.25
C PRO E 14 -8.51 6.50 12.48
N ILE E 15 -9.61 6.67 11.77
CA ILE E 15 -10.43 7.87 11.89
C ILE E 15 -11.80 7.54 12.47
N THR E 16 -11.99 7.84 13.74
CA THR E 16 -13.21 7.48 14.44
C THR E 16 -14.23 8.63 14.41
N GLY E 17 -15.51 8.28 14.45
CA GLY E 17 -16.58 9.25 14.47
C GLY E 17 -17.86 8.66 15.03
N LYS E 18 -18.61 9.46 15.78
CA LYS E 18 -19.86 9.01 16.38
C LYS E 18 -21.07 9.67 15.73
N VAL E 19 -22.26 9.16 16.03
CA VAL E 19 -23.50 9.71 15.47
C VAL E 19 -24.12 10.73 16.42
N THR E 20 -24.56 11.85 15.86
CA THR E 20 -25.14 12.92 16.66
C THR E 20 -26.65 13.01 16.45
N ALA E 21 -27.08 12.93 15.19
CA ALA E 21 -28.50 13.04 14.86
C ALA E 21 -28.86 12.37 13.55
N VAL E 22 -30.09 11.89 13.45
CA VAL E 22 -30.58 11.26 12.23
C VAL E 22 -31.99 11.73 11.89
N ILE E 23 -32.11 12.47 10.80
CA ILE E 23 -33.40 12.97 10.33
C ILE E 23 -33.66 12.49 8.90
N GLY E 24 -34.03 11.22 8.76
CA GLY E 24 -34.23 10.65 7.44
C GLY E 24 -32.92 10.22 6.81
N ALA E 25 -32.71 10.60 5.55
CA ALA E 25 -31.47 10.28 4.86
C ALA E 25 -30.36 11.25 5.23
N ILE E 26 -30.59 12.04 6.28
CA ILE E 26 -29.61 13.02 6.74
C ILE E 26 -29.03 12.62 8.09
N VAL E 27 -27.78 12.18 8.07
CA VAL E 27 -27.10 11.75 9.30
C VAL E 27 -26.01 12.74 9.70
N ASP E 28 -25.88 12.99 10.99
CA ASP E 28 -24.86 13.90 11.50
C ASP E 28 -23.79 13.14 12.29
N VAL E 29 -22.54 13.34 11.93
CA VAL E 29 -21.43 12.62 12.58
C VAL E 29 -20.52 13.57 13.34
N HIS E 30 -20.07 13.11 14.52
CA HIS E 30 -19.23 13.92 15.39
C HIS E 30 -17.79 13.41 15.41
N PHE E 31 -16.83 14.31 15.20
CA PHE E 31 -15.42 13.93 15.15
C PHE E 31 -14.57 14.66 16.17
N GLU E 32 -13.26 14.67 15.94
CA GLU E 32 -12.33 15.35 16.82
C GLU E 32 -11.78 16.62 16.18
N GLN E 33 -11.02 17.39 16.95
CA GLN E 33 -10.45 18.65 16.48
C GLN E 33 -9.37 18.40 15.44
N SER E 34 -9.47 19.11 14.31
CA SER E 34 -8.50 18.97 13.22
C SER E 34 -8.43 17.53 12.71
N GLU E 35 -9.59 16.89 12.62
CA GLU E 35 -9.67 15.52 12.14
C GLU E 35 -10.91 15.34 11.26
N LEU E 36 -11.68 16.41 11.12
CA LEU E 36 -12.91 16.40 10.34
C LEU E 36 -12.65 16.14 8.87
N PRO E 37 -13.47 15.27 8.25
CA PRO E 37 -13.38 14.94 6.82
C PRO E 37 -13.81 16.12 5.95
N ALA E 38 -13.27 16.20 4.73
CA ALA E 38 -13.64 17.27 3.81
C ALA E 38 -14.96 16.97 3.12
N ILE E 39 -15.60 18.00 2.60
CA ILE E 39 -16.85 17.83 1.86
C ILE E 39 -16.64 16.84 0.72
N LEU E 40 -17.69 16.09 0.38
CA LEU E 40 -17.62 15.09 -0.69
C LEU E 40 -16.94 13.79 -0.28
N ASN E 41 -16.32 13.78 0.91
CA ASN E 41 -15.70 12.56 1.41
C ASN E 41 -16.75 11.52 1.80
N ALA E 42 -16.43 10.25 1.56
CA ALA E 42 -17.35 9.16 1.85
C ALA E 42 -17.13 8.60 3.25
N LEU E 43 -18.17 7.96 3.79
CA LEU E 43 -18.10 7.36 5.11
C LEU E 43 -18.73 5.97 5.08
N GLU E 44 -18.48 5.18 6.12
CA GLU E 44 -18.99 3.83 6.18
C GLU E 44 -19.48 3.45 7.58
N ILE E 45 -20.67 2.85 7.64
CA ILE E 45 -21.22 2.36 8.90
C ILE E 45 -21.52 0.87 8.78
N LYS E 46 -20.88 0.07 9.64
CA LYS E 46 -21.05 -1.38 9.61
C LYS E 46 -22.39 -1.83 10.16
N THR E 47 -23.14 -2.57 9.34
CA THR E 47 -24.47 -3.04 9.70
C THR E 47 -24.60 -4.54 9.50
N PRO E 48 -25.63 -5.16 10.13
CA PRO E 48 -25.89 -6.59 9.98
C PRO E 48 -26.15 -6.98 8.53
N GLN E 49 -26.67 -6.05 7.74
CA GLN E 49 -26.93 -6.30 6.33
C GLN E 49 -25.67 -6.15 5.50
N GLY E 50 -25.06 -4.97 5.55
CA GLY E 50 -23.84 -4.69 4.81
C GLY E 50 -23.10 -3.51 5.39
N LYS E 51 -22.86 -2.50 4.56
CA LYS E 51 -22.19 -1.29 5.02
C LYS E 51 -22.88 -0.04 4.48
N LEU E 52 -23.28 0.84 5.38
CA LEU E 52 -23.96 2.08 5.02
C LEU E 52 -22.94 3.13 4.57
N VAL E 53 -23.30 3.88 3.54
CA VAL E 53 -22.38 4.89 2.99
C VAL E 53 -22.94 6.30 3.15
N LEU E 54 -22.15 7.17 3.76
CA LEU E 54 -22.55 8.56 3.97
C LEU E 54 -21.57 9.52 3.28
N GLU E 55 -22.11 10.48 2.54
CA GLU E 55 -21.28 11.48 1.90
C GLU E 55 -21.40 12.81 2.64
N VAL E 56 -20.25 13.41 2.96
CA VAL E 56 -20.23 14.67 3.69
C VAL E 56 -20.80 15.80 2.85
N ALA E 57 -21.55 16.69 3.50
CA ALA E 57 -22.20 17.80 2.81
C ALA E 57 -21.85 19.15 3.44
N GLN E 58 -21.75 19.17 4.77
CA GLN E 58 -21.50 20.42 5.49
C GLN E 58 -20.61 20.22 6.72
N HIS E 59 -20.06 21.32 7.21
CA HIS E 59 -19.36 21.36 8.48
C HIS E 59 -20.12 22.25 9.46
N LEU E 60 -21.20 21.71 10.01
CA LEU E 60 -22.09 22.47 10.89
C LEU E 60 -21.34 23.30 11.93
N GLY E 61 -20.22 22.77 12.41
CA GLY E 61 -19.44 23.45 13.43
C GLY E 61 -19.44 22.65 14.73
N GLU E 62 -18.53 23.01 15.63
CA GLU E 62 -18.40 22.29 16.89
C GLU E 62 -18.00 20.84 16.65
N ASN E 63 -17.25 20.62 15.57
CA ASN E 63 -16.78 19.28 15.21
C ASN E 63 -17.89 18.32 14.79
N THR E 64 -18.97 18.87 14.25
CA THR E 64 -20.08 18.07 13.76
C THR E 64 -20.30 18.32 12.28
N VAL E 65 -20.58 17.25 11.54
CA VAL E 65 -20.77 17.35 10.09
C VAL E 65 -22.11 16.77 9.66
N ARG E 66 -22.69 17.36 8.62
CA ARG E 66 -23.97 16.89 8.08
C ARG E 66 -23.73 16.09 6.79
N THR E 67 -24.21 14.86 6.77
CA THR E 67 -23.99 13.97 5.62
C THR E 67 -25.30 13.40 5.10
N ILE E 68 -25.26 12.90 3.86
CA ILE E 68 -26.41 12.25 3.24
C ILE E 68 -26.16 10.75 3.11
N ALA E 69 -27.21 9.96 3.22
CA ALA E 69 -27.07 8.51 3.15
C ALA E 69 -27.13 8.01 1.71
N MET E 70 -26.53 6.85 1.47
CA MET E 70 -26.56 6.23 0.15
C MET E 70 -27.43 4.98 0.19
N ASP E 71 -28.09 4.78 1.33
CA ASP E 71 -28.99 3.66 1.51
C ASP E 71 -29.84 3.89 2.76
N GLY E 72 -30.85 3.05 2.96
CA GLY E 72 -31.74 3.17 4.09
C GLY E 72 -31.01 3.41 5.41
N THR E 73 -31.61 4.25 6.26
CA THR E 73 -31.00 4.57 7.55
C THR E 73 -31.85 4.08 8.72
N GLU E 74 -32.78 3.16 8.45
CA GLU E 74 -33.61 2.59 9.51
C GLU E 74 -32.83 1.58 10.34
N GLY E 75 -32.60 1.92 11.61
CA GLY E 75 -31.89 1.04 12.51
C GLY E 75 -30.66 1.69 13.12
N LEU E 76 -30.44 2.96 12.79
CA LEU E 76 -29.29 3.70 13.30
C LEU E 76 -29.50 4.19 14.72
N VAL E 77 -28.51 3.95 15.58
CA VAL E 77 -28.53 4.42 16.96
C VAL E 77 -27.53 5.55 17.13
N ARG E 78 -27.90 6.55 17.93
CA ARG E 78 -27.03 7.72 18.14
C ARG E 78 -25.76 7.33 18.89
N GLY E 79 -24.66 7.22 18.14
CA GLY E 79 -23.37 6.92 18.73
C GLY E 79 -22.61 5.83 18.00
N GLU E 80 -23.14 5.41 16.86
CA GLU E 80 -22.53 4.33 16.09
C GLU E 80 -21.19 4.72 15.48
N LYS E 81 -20.27 3.77 15.45
CA LYS E 81 -18.92 3.99 14.93
C LYS E 81 -18.95 4.29 13.44
N VAL E 82 -18.41 5.45 13.06
CA VAL E 82 -18.38 5.87 11.66
C VAL E 82 -16.95 6.01 11.15
N LEU E 83 -16.65 5.35 10.03
CA LEU E 83 -15.30 5.34 9.49
C LEU E 83 -15.15 6.27 8.28
N ASP E 84 -14.00 6.93 8.18
CA ASP E 84 -13.69 7.79 7.05
C ASP E 84 -12.81 7.06 6.04
N THR E 85 -13.24 7.04 4.78
CA THR E 85 -12.45 6.40 3.73
C THR E 85 -11.22 7.21 3.38
N GLY E 86 -11.25 8.49 3.73
CA GLY E 86 -10.16 9.40 3.43
C GLY E 86 -10.51 10.31 2.26
N GLY E 87 -11.13 9.72 1.24
CA GLY E 87 -11.53 10.47 0.07
C GLY E 87 -12.99 10.27 -0.28
N PRO E 88 -13.41 10.74 -1.46
CA PRO E 88 -14.79 10.62 -1.92
C PRO E 88 -15.15 9.18 -2.26
N ILE E 89 -16.38 8.95 -2.71
CA ILE E 89 -16.81 7.63 -3.13
C ILE E 89 -15.94 7.15 -4.30
N SER E 90 -15.21 6.06 -4.08
CA SER E 90 -14.33 5.53 -5.11
C SER E 90 -14.94 4.28 -5.76
N VAL E 91 -14.70 4.13 -7.07
CA VAL E 91 -15.26 3.00 -7.81
C VAL E 91 -14.19 2.30 -8.65
N PRO E 92 -14.33 0.98 -8.83
CA PRO E 92 -13.43 0.18 -9.66
C PRO E 92 -13.48 0.60 -11.12
N VAL E 93 -12.33 0.93 -11.69
CA VAL E 93 -12.23 1.30 -13.10
C VAL E 93 -11.46 0.25 -13.89
N GLY E 94 -11.35 0.45 -15.20
CA GLY E 94 -10.60 -0.47 -16.05
C GLY E 94 -11.49 -1.43 -16.81
N ARG E 95 -10.86 -2.33 -17.57
CA ARG E 95 -11.59 -3.28 -18.40
C ARG E 95 -12.28 -4.36 -17.56
N GLU E 96 -11.90 -4.46 -16.30
CA GLU E 96 -12.47 -5.49 -15.43
C GLU E 96 -13.92 -5.19 -15.08
N THR E 97 -14.39 -4.01 -15.47
CA THR E 97 -15.76 -3.59 -15.19
C THR E 97 -16.70 -3.97 -16.33
N LEU E 98 -16.13 -4.22 -17.50
CA LEU E 98 -16.90 -4.60 -18.68
C LEU E 98 -17.79 -5.81 -18.41
N GLY E 99 -19.08 -5.65 -18.65
CA GLY E 99 -20.03 -6.74 -18.47
C GLY E 99 -20.35 -7.02 -17.02
N ARG E 100 -20.30 -5.98 -16.20
CA ARG E 100 -20.59 -6.11 -14.78
C ARG E 100 -21.60 -5.06 -14.33
N ILE E 101 -22.37 -5.38 -13.29
CA ILE E 101 -23.33 -4.45 -12.73
C ILE E 101 -22.81 -3.83 -11.44
N ILE E 102 -22.66 -2.51 -11.46
CA ILE E 102 -22.06 -1.78 -10.34
C ILE E 102 -22.99 -0.70 -9.80
N ASN E 103 -22.96 -0.47 -8.49
CA ASN E 103 -23.78 0.55 -7.88
C ASN E 103 -23.01 1.85 -7.62
N VAL E 104 -23.71 2.83 -7.04
CA VAL E 104 -23.11 4.12 -6.75
C VAL E 104 -21.82 4.01 -5.93
N ILE E 105 -21.81 3.11 -4.95
CA ILE E 105 -20.68 2.98 -4.04
C ILE E 105 -19.54 2.13 -4.61
N GLY E 106 -19.79 1.47 -5.73
CA GLY E 106 -18.76 0.74 -6.44
C GLY E 106 -18.79 -0.76 -6.31
N GLU E 107 -19.52 -1.26 -5.31
CA GLU E 107 -19.61 -2.71 -5.10
C GLU E 107 -20.44 -3.39 -6.20
N PRO E 108 -20.05 -4.61 -6.57
CA PRO E 108 -20.73 -5.38 -7.61
C PRO E 108 -22.11 -5.85 -7.17
N ILE E 109 -23.12 -5.61 -8.00
CA ILE E 109 -24.47 -6.08 -7.74
C ILE E 109 -24.98 -6.94 -8.89
N ASP E 110 -24.29 -8.05 -9.13
CA ASP E 110 -24.65 -8.97 -10.20
C ASP E 110 -24.37 -10.41 -9.78
N GLU E 111 -24.02 -10.59 -8.52
CA GLU E 111 -23.69 -11.91 -7.97
C GLU E 111 -22.54 -12.56 -8.73
N ARG E 112 -21.50 -11.78 -9.01
CA ARG E 112 -20.31 -12.30 -9.69
C ARG E 112 -19.04 -12.03 -8.88
N GLY E 113 -19.20 -11.91 -7.57
CA GLY E 113 -18.06 -11.70 -6.68
C GLY E 113 -17.36 -10.38 -6.90
N PRO E 114 -16.41 -10.05 -6.00
CA PRO E 114 -15.65 -8.80 -6.03
C PRO E 114 -14.93 -8.58 -7.36
N ILE E 115 -15.06 -7.38 -7.91
CA ILE E 115 -14.38 -7.02 -9.15
C ILE E 115 -12.91 -6.74 -8.87
N LYS E 116 -12.04 -7.62 -9.36
CA LYS E 116 -10.60 -7.42 -9.19
C LYS E 116 -10.09 -6.34 -10.14
N SER E 117 -10.22 -5.09 -9.71
CA SER E 117 -9.83 -3.95 -10.51
C SER E 117 -8.44 -3.44 -10.15
N LYS E 118 -7.70 -2.94 -11.14
CA LYS E 118 -6.37 -2.40 -10.91
C LYS E 118 -6.42 -1.18 -10.01
N LEU E 119 -6.90 -0.07 -10.54
CA LEU E 119 -7.00 1.18 -9.78
C LEU E 119 -8.37 1.35 -9.16
N ARG E 120 -8.70 2.58 -8.78
CA ARG E 120 -9.98 2.91 -8.18
C ARG E 120 -10.08 4.41 -7.97
N LYS E 121 -10.66 5.10 -8.94
CA LYS E 121 -10.72 6.56 -8.93
C LYS E 121 -12.01 7.09 -8.30
N PRO E 122 -11.91 8.23 -7.60
CA PRO E 122 -13.05 8.93 -7.01
C PRO E 122 -13.98 9.45 -8.10
N ILE E 123 -15.28 9.47 -7.82
CA ILE E 123 -16.25 9.93 -8.81
C ILE E 123 -16.19 11.45 -8.97
N HIS E 124 -15.89 12.16 -7.89
CA HIS E 124 -15.73 13.61 -7.95
C HIS E 124 -14.39 13.96 -8.58
N ALA E 125 -14.43 14.68 -9.69
CA ALA E 125 -13.22 15.05 -10.41
C ALA E 125 -13.38 16.37 -11.18
N ASP E 126 -12.31 17.15 -11.21
CA ASP E 126 -12.32 18.43 -11.93
C ASP E 126 -12.23 18.21 -13.43
N PRO E 127 -13.03 18.97 -14.19
CA PRO E 127 -13.09 18.86 -15.66
C PRO E 127 -11.78 19.27 -16.32
N PRO E 128 -11.51 18.74 -17.52
CA PRO E 128 -10.33 19.13 -18.29
C PRO E 128 -10.28 20.64 -18.49
N SER E 129 -9.20 21.26 -18.04
CA SER E 129 -9.06 22.71 -18.09
C SER E 129 -9.13 23.25 -19.51
N PHE E 130 -9.23 24.57 -19.62
CA PHE E 130 -9.30 25.24 -20.91
C PHE E 130 -8.11 24.86 -21.79
N ALA E 131 -6.94 24.74 -21.17
CA ALA E 131 -5.72 24.38 -21.89
C ALA E 131 -5.82 22.98 -22.49
N GLU E 132 -6.37 22.05 -21.72
CA GLU E 132 -6.50 20.66 -22.15
C GLU E 132 -7.63 20.50 -23.16
N GLN E 133 -8.51 21.49 -23.25
CA GLN E 133 -9.67 21.43 -24.12
C GLN E 133 -9.29 21.35 -25.60
N SER E 134 -10.09 20.60 -26.36
CA SER E 134 -9.90 20.49 -27.80
C SER E 134 -10.30 21.79 -28.50
N THR E 135 -9.58 22.12 -29.57
CA THR E 135 -9.80 23.38 -30.27
C THR E 135 -10.86 23.30 -31.37
N SER E 136 -10.97 22.13 -31.99
CA SER E 136 -11.89 21.96 -33.11
C SER E 136 -12.97 20.91 -32.82
N ALA E 137 -14.17 21.14 -33.36
CA ALA E 137 -15.28 20.20 -33.19
C ALA E 137 -15.35 19.21 -34.36
N GLU E 138 -15.41 17.93 -34.04
CA GLU E 138 -15.41 16.88 -35.05
C GLU E 138 -16.60 15.93 -34.94
N ILE E 139 -16.62 14.93 -35.83
CA ILE E 139 -17.73 14.00 -35.91
C ILE E 139 -17.34 12.60 -35.45
N LEU E 140 -18.31 11.85 -34.93
CA LEU E 140 -18.08 10.47 -34.52
C LEU E 140 -18.91 9.52 -35.39
N GLU E 141 -18.23 8.64 -36.11
CA GLU E 141 -18.92 7.66 -36.96
C GLU E 141 -19.79 6.72 -36.14
N THR E 142 -21.07 6.63 -36.50
CA THR E 142 -22.00 5.76 -35.80
C THR E 142 -22.31 4.52 -36.62
N GLY E 143 -21.83 4.50 -37.86
CA GLY E 143 -22.11 3.39 -38.76
C GLY E 143 -23.59 3.33 -39.10
N ILE E 144 -24.28 4.44 -38.90
CA ILE E 144 -25.71 4.53 -39.18
C ILE E 144 -25.99 5.57 -40.25
N LYS E 145 -26.94 5.27 -41.14
CA LYS E 145 -27.26 6.17 -42.25
C LYS E 145 -27.98 7.44 -41.80
N VAL E 146 -29.08 7.28 -41.07
CA VAL E 146 -29.89 8.41 -40.63
C VAL E 146 -29.08 9.37 -39.75
N VAL E 147 -28.33 8.79 -38.81
CA VAL E 147 -27.55 9.57 -37.86
C VAL E 147 -26.41 10.34 -38.53
N ASP E 148 -25.44 9.59 -39.06
CA ASP E 148 -24.24 10.19 -39.66
C ASP E 148 -24.55 11.25 -40.72
N LEU E 149 -25.76 11.20 -41.29
CA LEU E 149 -26.13 12.13 -42.35
C LEU E 149 -26.91 13.34 -41.82
N LEU E 150 -28.06 13.09 -41.21
CA LEU E 150 -28.97 14.16 -40.81
C LEU E 150 -28.62 14.78 -39.47
N ALA E 151 -28.12 13.97 -38.54
CA ALA E 151 -27.76 14.45 -37.21
C ALA E 151 -26.48 13.81 -36.69
N PRO E 152 -25.34 14.15 -37.32
CA PRO E 152 -24.03 13.62 -36.95
C PRO E 152 -23.67 13.91 -35.49
N TYR E 153 -23.21 12.90 -34.78
CA TYR E 153 -22.82 13.04 -33.39
C TYR E 153 -21.54 13.85 -33.23
N ALA E 154 -21.54 14.78 -32.29
CA ALA E 154 -20.35 15.59 -32.02
C ALA E 154 -19.36 14.81 -31.16
N ARG E 155 -18.22 14.49 -31.74
CA ARG E 155 -17.18 13.72 -31.04
C ARG E 155 -16.82 14.37 -29.71
N GLY E 156 -17.15 13.69 -28.62
CA GLY E 156 -16.89 14.21 -27.29
C GLY E 156 -17.94 15.22 -26.85
N GLY E 157 -19.15 15.07 -27.39
CA GLY E 157 -20.23 16.00 -27.10
C GLY E 157 -21.42 15.34 -26.43
N LYS E 158 -22.53 16.08 -26.37
CA LYS E 158 -23.75 15.60 -25.71
C LYS E 158 -24.85 15.34 -26.73
N ILE E 159 -25.51 14.20 -26.61
CA ILE E 159 -26.59 13.83 -27.52
C ILE E 159 -27.88 13.50 -26.76
N GLY E 160 -28.95 14.22 -27.08
CA GLY E 160 -30.24 13.99 -26.47
C GLY E 160 -31.04 12.92 -27.18
N LEU E 161 -31.80 12.14 -26.43
CA LEU E 161 -32.61 11.06 -26.99
C LEU E 161 -34.05 11.15 -26.48
N PHE E 162 -35.00 11.03 -27.40
CA PHE E 162 -36.41 11.14 -27.06
C PHE E 162 -37.20 9.91 -27.50
N GLY E 163 -38.33 9.66 -26.84
CA GLY E 163 -39.16 8.51 -27.14
C GLY E 163 -38.85 7.35 -26.21
N GLY E 164 -39.90 6.71 -25.69
CA GLY E 164 -39.74 5.60 -24.78
C GLY E 164 -39.53 4.28 -25.51
N ALA E 165 -40.32 3.27 -25.14
CA ALA E 165 -40.25 1.96 -25.78
C ALA E 165 -41.15 1.92 -27.01
N GLY E 166 -41.16 0.79 -27.70
CA GLY E 166 -41.98 0.63 -28.88
C GLY E 166 -41.39 1.34 -30.09
N VAL E 167 -40.18 1.83 -29.96
CA VAL E 167 -39.49 2.51 -31.05
C VAL E 167 -38.10 1.92 -31.26
N GLY E 168 -37.79 0.85 -30.54
CA GLY E 168 -36.53 0.15 -30.66
C GLY E 168 -35.35 0.91 -30.06
N LYS E 169 -35.57 1.51 -28.89
CA LYS E 169 -34.50 2.23 -28.20
C LYS E 169 -33.46 1.26 -27.66
N THR E 170 -33.93 0.21 -26.98
CA THR E 170 -33.03 -0.79 -26.41
C THR E 170 -32.09 -1.36 -27.47
N VAL E 171 -32.58 -1.46 -28.70
CA VAL E 171 -31.76 -1.93 -29.81
C VAL E 171 -30.84 -0.81 -30.29
N PHE E 172 -31.42 0.37 -30.48
CA PHE E 172 -30.67 1.54 -30.94
C PHE E 172 -29.37 1.71 -30.16
N ILE E 173 -29.48 1.74 -28.83
CA ILE E 173 -28.32 1.91 -27.97
C ILE E 173 -27.29 0.79 -28.15
N GLN E 174 -27.78 -0.46 -28.16
CA GLN E 174 -26.89 -1.61 -28.30
C GLN E 174 -26.12 -1.58 -29.61
N GLU E 175 -26.74 -1.03 -30.66
CA GLU E 175 -26.07 -0.91 -31.95
C GLU E 175 -24.89 0.06 -31.85
N LEU E 176 -25.12 1.19 -31.21
CA LEU E 176 -24.09 2.20 -31.01
C LEU E 176 -22.92 1.64 -30.21
N ILE E 177 -23.24 0.83 -29.20
CA ILE E 177 -22.22 0.17 -28.40
C ILE E 177 -21.38 -0.74 -29.29
N ASN E 178 -22.05 -1.46 -30.18
CA ASN E 178 -21.38 -2.40 -31.07
C ASN E 178 -20.53 -1.71 -32.13
N ASN E 179 -21.15 -0.83 -32.90
CA ASN E 179 -20.49 -0.15 -34.00
C ASN E 179 -19.23 0.62 -33.60
N ILE E 180 -19.32 1.38 -32.51
CA ILE E 180 -18.19 2.16 -32.04
C ILE E 180 -17.01 1.26 -31.67
N ALA E 181 -17.30 0.14 -31.02
CA ALA E 181 -16.26 -0.80 -30.61
C ALA E 181 -15.65 -1.52 -31.80
N LYS E 182 -16.18 -1.24 -32.99
CA LYS E 182 -15.70 -1.87 -34.22
C LYS E 182 -15.08 -0.85 -35.17
N ALA E 183 -15.65 0.34 -35.23
CA ALA E 183 -15.19 1.37 -36.15
C ALA E 183 -14.25 2.38 -35.47
N HIS E 184 -14.10 2.26 -34.16
CA HIS E 184 -13.22 3.15 -33.40
C HIS E 184 -12.52 2.39 -32.28
N GLY E 185 -12.93 1.14 -32.06
CA GLY E 185 -12.36 0.33 -31.02
C GLY E 185 -12.52 0.95 -29.65
N GLY E 186 -13.73 1.38 -29.34
CA GLY E 186 -14.01 2.01 -28.06
C GLY E 186 -15.10 1.33 -27.27
N PHE E 187 -14.88 1.17 -25.98
CA PHE E 187 -15.87 0.56 -25.10
C PHE E 187 -16.97 1.57 -24.76
N SER E 188 -18.04 1.07 -24.15
CA SER E 188 -19.16 1.93 -23.76
C SER E 188 -19.56 1.68 -22.31
N VAL E 189 -20.22 2.66 -21.72
CA VAL E 189 -20.70 2.54 -20.35
C VAL E 189 -22.16 2.99 -20.25
N PHE E 190 -22.99 2.14 -19.64
CA PHE E 190 -24.41 2.45 -19.49
C PHE E 190 -24.75 2.75 -18.02
N THR E 191 -25.40 3.89 -17.79
CA THR E 191 -25.77 4.29 -16.43
C THR E 191 -27.26 4.56 -16.31
N GLY E 192 -27.92 3.88 -15.38
CA GLY E 192 -29.34 4.05 -15.15
C GLY E 192 -29.67 4.96 -13.99
N VAL E 193 -29.60 6.27 -14.22
CA VAL E 193 -29.93 7.24 -13.18
C VAL E 193 -31.43 7.25 -12.93
N GLY E 194 -31.86 6.50 -11.92
CA GLY E 194 -33.27 6.34 -11.64
C GLY E 194 -33.88 5.28 -12.54
N GLU E 195 -33.15 4.20 -12.76
CA GLU E 195 -33.59 3.14 -13.66
C GLU E 195 -34.54 2.19 -12.97
N ARG E 196 -35.64 1.87 -13.64
CA ARG E 196 -36.59 0.88 -13.13
C ARG E 196 -35.88 -0.46 -12.91
N THR E 197 -35.96 -0.98 -11.70
CA THR E 197 -35.30 -2.25 -11.38
C THR E 197 -35.76 -3.35 -12.31
N ARG E 198 -36.98 -3.20 -12.84
CA ARG E 198 -37.54 -4.17 -13.76
C ARG E 198 -36.88 -4.07 -15.13
N GLU E 199 -36.74 -2.84 -15.62
CA GLU E 199 -36.14 -2.60 -16.92
C GLU E 199 -34.63 -2.84 -16.91
N GLY E 200 -34.04 -2.80 -15.72
CA GLY E 200 -32.64 -3.12 -15.56
C GLY E 200 -32.40 -4.58 -15.87
N ASN E 201 -33.16 -5.45 -15.22
CA ASN E 201 -33.09 -6.88 -15.49
C ASN E 201 -33.51 -7.19 -16.92
N ASP E 202 -34.44 -6.40 -17.44
CA ASP E 202 -34.93 -6.58 -18.80
C ASP E 202 -33.86 -6.20 -19.82
N LEU E 203 -32.99 -5.28 -19.43
CA LEU E 203 -31.91 -4.82 -20.29
C LEU E 203 -30.73 -5.79 -20.24
N TYR E 204 -30.29 -6.12 -19.03
CA TYR E 204 -29.15 -7.00 -18.84
C TYR E 204 -29.36 -8.33 -19.56
N ARG E 205 -30.54 -8.90 -19.41
CA ARG E 205 -30.87 -10.19 -20.04
C ARG E 205 -30.90 -10.05 -21.56
N GLU E 206 -31.05 -8.81 -22.03
CA GLU E 206 -31.11 -8.54 -23.47
C GLU E 206 -29.74 -8.22 -24.04
N MET E 207 -28.83 -7.77 -23.18
CA MET E 207 -27.47 -7.46 -23.60
C MET E 207 -26.63 -8.73 -23.75
N LYS E 208 -26.91 -9.72 -22.92
CA LYS E 208 -26.23 -11.01 -23.04
C LYS E 208 -26.70 -11.74 -24.29
N GLU E 209 -27.98 -11.57 -24.60
CA GLU E 209 -28.59 -12.25 -25.73
C GLU E 209 -28.20 -11.64 -27.07
N THR E 210 -27.88 -10.35 -27.06
CA THR E 210 -27.55 -9.63 -28.28
C THR E 210 -26.06 -9.72 -28.62
N GLY E 211 -25.23 -9.94 -27.60
CA GLY E 211 -23.80 -10.10 -27.81
C GLY E 211 -22.97 -8.89 -27.46
N VAL E 212 -23.61 -7.84 -26.96
CA VAL E 212 -22.87 -6.66 -26.50
C VAL E 212 -22.27 -6.97 -25.13
N ILE E 213 -22.63 -8.13 -24.59
CA ILE E 213 -22.07 -8.63 -23.34
C ILE E 213 -21.82 -10.13 -23.45
N ASN E 214 -20.58 -10.54 -23.18
CA ASN E 214 -20.24 -11.96 -23.20
C ASN E 214 -19.66 -12.40 -21.85
N LEU E 215 -20.40 -13.26 -21.15
CA LEU E 215 -20.03 -13.67 -19.80
C LEU E 215 -18.62 -14.25 -19.70
N GLU E 216 -18.25 -15.09 -20.68
CA GLU E 216 -16.93 -15.70 -20.67
C GLU E 216 -16.05 -15.19 -21.83
N GLY E 217 -16.67 -14.49 -22.77
CA GLY E 217 -15.95 -13.90 -23.87
C GLY E 217 -15.46 -12.51 -23.54
N GLU E 218 -15.64 -11.57 -24.48
CA GLU E 218 -15.24 -10.19 -24.25
C GLU E 218 -16.45 -9.28 -24.33
N SER E 219 -16.63 -8.44 -23.32
CA SER E 219 -17.77 -7.54 -23.25
C SER E 219 -17.46 -6.17 -23.85
N LYS E 220 -18.50 -5.45 -24.25
CA LYS E 220 -18.33 -4.15 -24.89
C LYS E 220 -19.01 -3.03 -24.11
N VAL E 221 -19.40 -3.29 -22.88
CA VAL E 221 -20.08 -2.29 -22.06
C VAL E 221 -20.16 -2.66 -20.58
N ALA E 222 -19.90 -1.69 -19.72
CA ALA E 222 -20.07 -1.86 -18.28
C ALA E 222 -21.38 -1.21 -17.85
N LEU E 223 -21.98 -1.71 -16.78
CA LEU E 223 -23.30 -1.26 -16.37
C LEU E 223 -23.35 -0.73 -14.93
N VAL E 224 -23.75 0.52 -14.79
CA VAL E 224 -23.94 1.13 -13.47
C VAL E 224 -25.41 1.49 -13.27
N PHE E 225 -25.99 1.10 -12.14
CA PHE E 225 -27.41 1.31 -11.91
C PHE E 225 -27.74 2.06 -10.63
N GLY E 226 -28.37 3.23 -10.79
CA GLY E 226 -28.89 3.99 -9.67
C GLY E 226 -30.38 3.81 -9.57
N GLN E 227 -30.79 2.60 -9.19
CA GLN E 227 -32.20 2.22 -9.13
C GLN E 227 -33.09 3.27 -8.49
N MET E 228 -34.36 3.28 -8.87
CA MET E 228 -35.32 4.23 -8.32
C MET E 228 -35.58 3.97 -6.84
N ASN E 229 -35.51 2.71 -6.44
CA ASN E 229 -35.70 2.34 -5.04
C ASN E 229 -34.57 2.82 -4.15
N GLU E 230 -33.53 3.37 -4.76
CA GLU E 230 -32.41 3.94 -4.02
C GLU E 230 -32.70 5.40 -3.66
N PRO E 231 -32.41 5.79 -2.40
CA PRO E 231 -32.65 7.14 -1.89
C PRO E 231 -32.06 8.22 -2.79
N PRO E 232 -32.47 9.49 -2.58
CA PRO E 232 -31.98 10.62 -3.38
C PRO E 232 -30.46 10.73 -3.37
N GLY E 233 -29.87 10.55 -2.19
CA GLY E 233 -28.43 10.68 -2.03
C GLY E 233 -27.62 9.84 -3.01
N ALA E 234 -28.18 8.70 -3.42
CA ALA E 234 -27.48 7.80 -4.33
C ALA E 234 -27.79 8.10 -5.80
N ARG E 235 -29.05 8.43 -6.08
CA ARG E 235 -29.48 8.71 -7.45
C ARG E 235 -28.76 9.91 -8.05
N ALA E 236 -28.55 10.94 -7.23
CA ALA E 236 -27.88 12.15 -7.68
C ALA E 236 -26.39 11.91 -7.93
N ARG E 237 -25.90 10.76 -7.47
CA ARG E 237 -24.47 10.48 -7.55
C ARG E 237 -24.09 9.44 -8.60
N VAL E 238 -24.98 8.50 -8.88
CA VAL E 238 -24.69 7.43 -9.83
C VAL E 238 -24.22 7.95 -11.19
N ALA E 239 -24.83 9.03 -11.65
CA ALA E 239 -24.42 9.66 -12.91
C ALA E 239 -22.93 9.95 -12.87
N LEU E 240 -22.45 10.44 -11.72
CA LEU E 240 -21.04 10.70 -11.52
C LEU E 240 -20.25 9.39 -11.50
N THR E 241 -20.75 8.42 -10.73
CA THR E 241 -20.11 7.12 -10.64
C THR E 241 -19.86 6.52 -12.01
N GLY E 242 -20.88 6.51 -12.85
CA GLY E 242 -20.79 5.95 -14.19
C GLY E 242 -19.93 6.78 -15.12
N LEU E 243 -19.83 8.08 -14.82
CA LEU E 243 -19.01 8.99 -15.62
C LEU E 243 -17.52 8.75 -15.37
N THR E 244 -17.18 8.38 -14.14
CA THR E 244 -15.79 8.11 -13.78
C THR E 244 -15.26 6.89 -14.51
N ILE E 245 -16.11 5.89 -14.70
CA ILE E 245 -15.76 4.67 -15.41
C ILE E 245 -15.34 4.99 -16.85
N ALA E 246 -16.16 5.79 -17.53
CA ALA E 246 -15.91 6.15 -18.92
C ALA E 246 -14.68 7.04 -19.08
N GLU E 247 -14.34 7.78 -18.04
CA GLU E 247 -13.18 8.67 -18.06
C GLU E 247 -11.89 7.89 -18.26
N TYR E 248 -11.79 6.74 -17.59
CA TYR E 248 -10.58 5.94 -17.62
C TYR E 248 -10.23 5.47 -19.03
N PHE E 249 -11.24 5.04 -19.78
CA PHE E 249 -11.02 4.55 -21.14
C PHE E 249 -10.74 5.70 -22.10
N ARG E 250 -10.55 6.88 -21.55
CA ARG E 250 -10.16 8.05 -22.33
C ARG E 250 -8.81 8.56 -21.84
N ASP E 251 -8.68 8.67 -20.53
CA ASP E 251 -7.48 9.19 -19.90
C ASP E 251 -6.36 8.14 -19.88
N GLU E 252 -6.74 6.87 -20.09
CA GLU E 252 -5.78 5.78 -19.94
C GLU E 252 -5.68 4.88 -21.17
N GLU E 253 -6.64 5.00 -22.07
CA GLU E 253 -6.62 4.19 -23.29
C GLU E 253 -6.90 5.02 -24.55
N GLY E 254 -7.24 6.28 -24.35
CA GLY E 254 -7.44 7.21 -25.46
C GLY E 254 -8.42 6.74 -26.51
N GLN E 255 -9.51 6.11 -26.08
CA GLN E 255 -10.54 5.64 -26.99
C GLN E 255 -11.69 6.63 -27.05
N ASP E 256 -12.64 6.36 -27.94
CA ASP E 256 -13.86 7.16 -28.02
C ASP E 256 -14.96 6.53 -27.18
N VAL E 257 -14.96 6.84 -25.89
CA VAL E 257 -15.87 6.20 -24.95
C VAL E 257 -17.28 6.74 -25.06
N LEU E 258 -18.26 5.86 -24.99
CA LEU E 258 -19.67 6.25 -24.99
C LEU E 258 -20.26 6.17 -23.59
N LEU E 259 -20.98 7.21 -23.20
CA LEU E 259 -21.65 7.24 -21.89
C LEU E 259 -23.14 7.44 -22.07
N PHE E 260 -23.92 6.51 -21.53
CA PHE E 260 -25.38 6.59 -21.65
C PHE E 260 -26.03 6.90 -20.30
N ILE E 261 -26.80 7.98 -20.25
CA ILE E 261 -27.49 8.37 -19.04
C ILE E 261 -29.00 8.33 -19.24
N ASP E 262 -29.65 7.33 -18.66
CA ASP E 262 -31.09 7.16 -18.79
C ASP E 262 -31.73 6.87 -17.44
N ASN E 263 -32.52 7.82 -16.93
CA ASN E 263 -32.78 9.06 -17.65
C ASN E 263 -32.02 10.23 -17.04
N ILE E 264 -31.74 11.25 -17.84
CA ILE E 264 -30.96 12.39 -17.39
C ILE E 264 -31.78 13.33 -16.49
N PHE E 265 -33.10 13.31 -16.67
CA PHE E 265 -33.97 14.17 -15.89
C PHE E 265 -34.00 13.78 -14.42
N ARG E 266 -33.90 12.49 -14.15
CA ARG E 266 -33.92 12.01 -12.77
C ARG E 266 -32.64 12.37 -12.02
N PHE E 267 -31.62 12.77 -12.77
CA PHE E 267 -30.41 13.30 -12.17
C PHE E 267 -30.71 14.69 -11.59
N THR E 268 -31.53 15.44 -12.32
CA THR E 268 -31.96 16.77 -11.89
C THR E 268 -32.95 16.66 -10.74
N GLN E 269 -33.92 15.76 -10.88
CA GLN E 269 -34.95 15.57 -9.87
C GLN E 269 -34.34 15.13 -8.54
N ALA E 270 -33.45 14.14 -8.59
CA ALA E 270 -32.80 13.65 -7.38
C ALA E 270 -31.98 14.75 -6.72
N GLY E 271 -31.43 15.65 -7.52
CA GLY E 271 -30.68 16.78 -7.01
C GLY E 271 -31.54 17.69 -6.18
N SER E 272 -32.77 17.92 -6.64
CA SER E 272 -33.73 18.76 -5.94
C SER E 272 -34.07 18.16 -4.58
N GLU E 273 -34.33 16.86 -4.56
CA GLU E 273 -34.66 16.16 -3.33
C GLU E 273 -33.55 16.31 -2.30
N VAL E 274 -32.31 16.07 -2.71
CA VAL E 274 -31.17 16.20 -1.82
C VAL E 274 -31.01 17.64 -1.35
N SER E 275 -31.07 18.58 -2.28
CA SER E 275 -30.95 19.99 -1.96
C SER E 275 -32.05 20.44 -1.01
N ALA E 276 -33.23 19.83 -1.16
CA ALA E 276 -34.37 20.14 -0.30
C ALA E 276 -34.21 19.50 1.07
N LEU E 277 -33.71 18.26 1.09
CA LEU E 277 -33.47 17.55 2.34
C LEU E 277 -32.48 18.30 3.22
N LEU E 278 -31.46 18.87 2.61
CA LEU E 278 -30.42 19.59 3.34
C LEU E 278 -30.93 20.90 3.94
N GLY E 279 -32.08 21.36 3.45
CA GLY E 279 -32.72 22.54 4.01
C GLY E 279 -32.55 23.81 3.18
N ARG E 280 -31.92 23.67 2.03
CA ARG E 280 -31.70 24.81 1.14
C ARG E 280 -33.01 25.31 0.55
N ILE E 281 -33.09 26.61 0.30
CA ILE E 281 -34.30 27.21 -0.24
C ILE E 281 -34.50 26.84 -1.70
N PRO E 282 -35.59 26.12 -2.00
CA PRO E 282 -35.92 25.73 -3.38
C PRO E 282 -35.95 26.95 -4.31
N SER E 283 -35.45 26.78 -5.52
CA SER E 283 -35.37 27.89 -6.47
C SER E 283 -36.63 28.01 -7.30
N ALA E 284 -36.48 28.36 -8.57
CA ALA E 284 -37.62 28.54 -9.47
C ALA E 284 -38.27 27.19 -9.79
N VAL E 285 -39.59 27.13 -9.64
CA VAL E 285 -40.36 25.93 -9.96
C VAL E 285 -40.07 24.79 -8.99
N GLY E 286 -39.29 25.07 -7.95
CA GLY E 286 -39.02 24.09 -6.92
C GLY E 286 -37.78 23.24 -7.15
N TYR E 287 -36.92 23.69 -8.05
CA TYR E 287 -35.65 23.00 -8.29
C TYR E 287 -34.57 23.50 -7.34
N GLN E 288 -33.43 22.83 -7.33
CA GLN E 288 -32.32 23.25 -6.49
C GLN E 288 -31.73 24.55 -7.01
N PRO E 289 -31.42 25.49 -6.10
CA PRO E 289 -30.80 26.77 -6.47
C PRO E 289 -29.49 26.51 -7.20
N THR E 290 -28.89 25.36 -6.95
CA THR E 290 -27.61 25.00 -7.56
C THR E 290 -27.81 24.20 -8.84
N LEU E 291 -28.90 24.49 -9.56
CA LEU E 291 -29.24 23.76 -10.77
C LEU E 291 -28.21 23.99 -11.88
N ALA E 292 -27.76 25.24 -12.01
CA ALA E 292 -26.77 25.59 -13.03
C ALA E 292 -25.46 24.85 -12.82
N THR E 293 -24.88 24.98 -11.63
CA THR E 293 -23.59 24.39 -11.33
C THR E 293 -23.65 22.86 -11.28
N ASP E 294 -24.65 22.31 -10.61
CA ASP E 294 -24.83 20.87 -10.51
C ASP E 294 -24.72 20.20 -11.87
N MET E 295 -25.52 20.67 -12.81
CA MET E 295 -25.51 20.14 -14.17
C MET E 295 -24.16 20.37 -14.84
N GLY E 296 -23.53 21.49 -14.49
CA GLY E 296 -22.25 21.87 -15.08
C GLY E 296 -21.13 20.91 -14.71
N LEU E 297 -21.02 20.59 -13.43
CA LEU E 297 -19.96 19.72 -12.94
C LEU E 297 -19.96 18.36 -13.63
N LEU E 298 -21.16 17.86 -13.94
CA LEU E 298 -21.31 16.57 -14.59
C LEU E 298 -21.00 16.65 -16.09
N GLN E 299 -21.74 17.51 -16.78
CA GLN E 299 -21.65 17.60 -18.24
C GLN E 299 -20.27 18.05 -18.75
N GLU E 300 -19.61 18.91 -17.99
CA GLU E 300 -18.31 19.46 -18.40
C GLU E 300 -17.23 18.39 -18.50
N ARG E 301 -17.38 17.32 -17.74
CA ARG E 301 -16.41 16.23 -17.75
C ARG E 301 -16.62 15.33 -18.97
N ILE E 302 -17.56 15.74 -19.84
CA ILE E 302 -17.82 15.03 -21.07
C ILE E 302 -17.31 15.85 -22.25
N THR E 303 -16.00 15.80 -22.47
CA THR E 303 -15.36 16.60 -23.50
C THR E 303 -14.29 15.81 -24.23
N THR E 304 -13.72 16.43 -25.27
CA THR E 304 -12.67 15.80 -26.06
C THR E 304 -11.30 16.27 -25.61
N THR E 305 -10.54 15.38 -24.98
CA THR E 305 -9.18 15.69 -24.54
C THR E 305 -8.17 15.44 -25.65
N LYS E 306 -6.90 15.62 -25.33
CA LYS E 306 -5.83 15.41 -26.31
C LYS E 306 -5.56 13.92 -26.55
N LYS E 307 -5.97 13.08 -25.61
CA LYS E 307 -5.76 11.64 -25.72
C LYS E 307 -6.94 10.96 -26.41
N GLY E 308 -8.14 11.19 -25.88
CA GLY E 308 -9.34 10.58 -26.43
C GLY E 308 -10.55 11.51 -26.39
N SER E 309 -11.72 10.92 -26.17
CA SER E 309 -12.97 11.69 -26.11
C SER E 309 -14.10 10.84 -25.55
N VAL E 310 -14.98 11.48 -24.78
CA VAL E 310 -16.14 10.80 -24.22
C VAL E 310 -17.43 11.40 -24.78
N THR E 311 -18.23 10.56 -25.43
CA THR E 311 -19.48 10.99 -26.05
C THR E 311 -20.68 10.44 -25.30
N SER E 312 -21.50 11.32 -24.74
CA SER E 312 -22.66 10.90 -23.98
C SER E 312 -23.96 10.98 -24.77
N VAL E 313 -24.74 9.90 -24.71
CA VAL E 313 -26.08 9.87 -25.29
C VAL E 313 -27.10 9.81 -24.17
N GLN E 314 -27.65 10.96 -23.81
CA GLN E 314 -28.54 11.06 -22.66
C GLN E 314 -30.00 11.20 -23.10
N ALA E 315 -30.88 10.41 -22.48
CA ALA E 315 -32.31 10.51 -22.73
C ALA E 315 -32.92 11.61 -21.87
N VAL E 316 -33.61 12.55 -22.51
CA VAL E 316 -34.15 13.70 -21.81
C VAL E 316 -35.68 13.65 -21.67
N TYR E 317 -36.16 13.75 -20.44
CA TYR E 317 -37.59 13.81 -20.17
C TYR E 317 -38.02 15.27 -20.03
N VAL E 318 -39.07 15.64 -20.75
CA VAL E 318 -39.57 17.02 -20.71
C VAL E 318 -40.88 17.11 -19.94
N PRO E 319 -40.81 17.61 -18.69
CA PRO E 319 -41.97 17.73 -17.80
C PRO E 319 -43.12 18.51 -18.42
N ALA E 320 -44.25 17.84 -18.61
CA ALA E 320 -45.45 18.48 -19.13
C ALA E 320 -45.24 19.07 -20.53
N ASP E 321 -44.36 18.44 -21.31
CA ASP E 321 -44.06 18.92 -22.66
C ASP E 321 -43.80 20.42 -22.65
N ASP E 322 -42.98 20.86 -21.71
CA ASP E 322 -42.62 22.27 -21.57
C ASP E 322 -41.10 22.46 -21.69
N LEU E 323 -40.69 23.19 -22.72
CA LEU E 323 -39.28 23.37 -23.01
C LEU E 323 -38.69 24.58 -22.30
N THR E 324 -39.54 25.35 -21.64
CA THR E 324 -39.10 26.51 -20.88
C THR E 324 -38.87 26.14 -19.40
N ASP E 325 -39.27 24.93 -19.04
CA ASP E 325 -39.05 24.42 -17.69
C ASP E 325 -37.56 24.46 -17.36
N PRO E 326 -37.22 24.85 -16.12
CA PRO E 326 -35.83 24.95 -15.68
C PRO E 326 -35.05 23.64 -15.85
N ALA E 327 -35.74 22.52 -15.87
CA ALA E 327 -35.08 21.22 -16.01
C ALA E 327 -34.44 21.02 -17.38
N PRO E 328 -35.26 21.10 -18.47
CA PRO E 328 -34.71 20.96 -19.81
C PRO E 328 -33.93 22.21 -20.25
N ALA E 329 -34.49 23.38 -20.01
CA ALA E 329 -33.86 24.64 -20.41
C ALA E 329 -32.40 24.69 -19.99
N THR E 330 -32.08 24.09 -18.86
CA THR E 330 -30.70 24.03 -18.36
C THR E 330 -29.94 22.90 -19.03
N THR E 331 -30.59 21.74 -19.17
CA THR E 331 -29.99 20.57 -19.77
C THR E 331 -29.66 20.78 -21.26
N PHE E 332 -30.63 21.31 -22.00
CA PHE E 332 -30.46 21.54 -23.44
C PHE E 332 -29.27 22.43 -23.76
N ALA E 333 -28.89 23.26 -22.80
CA ALA E 333 -27.75 24.16 -22.99
C ALA E 333 -26.47 23.40 -23.29
N HIS E 334 -26.36 22.18 -22.76
CA HIS E 334 -25.19 21.34 -22.96
C HIS E 334 -25.34 20.43 -24.17
N LEU E 335 -26.59 20.10 -24.49
CA LEU E 335 -26.89 19.18 -25.59
C LEU E 335 -26.43 19.72 -26.94
N ASP E 336 -25.69 18.90 -27.68
CA ASP E 336 -25.24 19.27 -29.02
C ASP E 336 -26.28 18.91 -30.07
N ALA E 337 -26.50 17.61 -30.27
CA ALA E 337 -27.48 17.12 -31.24
C ALA E 337 -28.57 16.32 -30.56
N THR E 338 -29.64 16.03 -31.31
CA THR E 338 -30.74 15.23 -30.79
C THR E 338 -31.08 14.07 -31.72
N THR E 339 -31.55 12.98 -31.15
CA THR E 339 -31.98 11.81 -31.92
C THR E 339 -33.38 11.39 -31.48
N VAL E 340 -34.38 11.82 -32.25
CA VAL E 340 -35.77 11.56 -31.90
C VAL E 340 -36.26 10.24 -32.49
N LEU E 341 -36.74 9.35 -31.64
CA LEU E 341 -37.26 8.07 -32.09
C LEU E 341 -38.78 8.05 -32.01
N SER E 342 -39.43 8.55 -33.05
CA SER E 342 -40.88 8.63 -33.10
C SER E 342 -41.52 7.28 -33.35
N ARG E 343 -42.76 7.12 -32.89
CA ARG E 343 -43.52 5.89 -33.13
C ARG E 343 -44.27 6.01 -34.44
N GLY E 344 -44.25 7.20 -35.03
CA GLY E 344 -44.89 7.45 -36.31
C GLY E 344 -44.05 6.95 -37.46
N ILE E 345 -42.73 6.95 -37.27
CA ILE E 345 -41.81 6.40 -38.25
C ILE E 345 -41.74 4.88 -38.08
N SER E 346 -41.85 4.43 -36.83
CA SER E 346 -41.89 3.01 -36.54
C SER E 346 -43.18 2.40 -37.08
N GLU E 347 -44.24 3.22 -37.10
CA GLU E 347 -45.53 2.78 -37.61
C GLU E 347 -45.42 2.43 -39.09
N LEU E 348 -44.52 3.11 -39.79
CA LEU E 348 -44.28 2.84 -41.20
C LEU E 348 -43.33 1.67 -41.37
N GLY E 349 -43.03 0.99 -40.27
CA GLY E 349 -42.12 -0.15 -40.28
C GLY E 349 -40.72 0.24 -40.71
N ILE E 350 -40.16 1.24 -40.03
CA ILE E 350 -38.81 1.72 -40.34
C ILE E 350 -37.89 1.59 -39.14
N TYR E 351 -36.81 0.83 -39.31
CA TYR E 351 -35.83 0.63 -38.25
C TYR E 351 -34.43 1.04 -38.70
N PRO E 352 -33.76 1.89 -37.90
CA PRO E 352 -34.31 2.43 -36.65
C PRO E 352 -35.40 3.45 -36.90
N ALA E 353 -36.23 3.70 -35.89
CA ALA E 353 -37.37 4.60 -36.03
C ALA E 353 -36.97 6.06 -35.82
N VAL E 354 -35.83 6.46 -36.38
CA VAL E 354 -35.35 7.83 -36.26
C VAL E 354 -36.17 8.78 -37.12
N ASP E 355 -36.41 9.98 -36.61
CA ASP E 355 -37.16 11.01 -37.33
C ASP E 355 -36.19 11.98 -38.03
N PRO E 356 -36.36 12.17 -39.35
CA PRO E 356 -35.35 12.86 -40.15
C PRO E 356 -35.53 14.36 -39.98
N LEU E 357 -36.76 14.75 -39.66
CA LEU E 357 -37.13 16.15 -39.59
C LEU E 357 -37.04 16.72 -38.18
N ASP E 358 -37.15 15.85 -37.18
CA ASP E 358 -37.07 16.26 -35.80
C ASP E 358 -35.63 16.31 -35.31
N SER E 359 -34.90 15.22 -35.53
CA SER E 359 -33.51 15.13 -35.13
C SER E 359 -32.65 16.17 -35.84
N LYS E 360 -31.95 16.99 -35.06
CA LYS E 360 -31.09 18.02 -35.62
C LYS E 360 -29.73 18.03 -34.91
N SER E 361 -28.71 18.56 -35.59
CA SER E 361 -27.36 18.58 -35.05
C SER E 361 -26.73 19.97 -35.11
N ARG E 362 -26.03 20.34 -34.05
CA ARG E 362 -25.35 21.63 -33.99
C ARG E 362 -24.13 21.62 -34.91
N LEU E 363 -23.66 20.42 -35.25
CA LEU E 363 -22.50 20.28 -36.11
C LEU E 363 -22.87 19.92 -37.55
N LEU E 364 -24.13 20.18 -37.91
CA LEU E 364 -24.54 20.05 -39.31
C LEU E 364 -24.12 21.32 -40.05
N ASP E 365 -22.82 21.61 -39.98
CA ASP E 365 -22.27 22.83 -40.57
C ASP E 365 -21.30 22.48 -41.68
N ALA E 366 -21.40 23.20 -42.79
CA ALA E 366 -20.54 22.98 -43.95
C ALA E 366 -19.06 23.10 -43.58
N ALA E 367 -18.79 23.83 -42.50
CA ALA E 367 -17.43 24.05 -42.05
C ALA E 367 -17.01 22.98 -41.04
N VAL E 368 -17.74 21.88 -41.00
CA VAL E 368 -17.44 20.79 -40.08
C VAL E 368 -17.50 19.44 -40.79
N VAL E 369 -18.60 19.22 -41.50
CA VAL E 369 -18.79 17.98 -42.24
C VAL E 369 -18.46 18.15 -43.72
N GLY E 370 -18.21 19.40 -44.11
CA GLY E 370 -17.89 19.72 -45.48
C GLY E 370 -19.08 20.25 -46.25
N GLN E 371 -18.83 21.19 -47.16
CA GLN E 371 -19.87 21.76 -47.99
C GLN E 371 -20.57 20.65 -48.78
N GLU E 372 -19.83 19.59 -49.08
CA GLU E 372 -20.37 18.45 -49.82
C GLU E 372 -21.45 17.76 -49.00
N HIS E 373 -21.05 17.23 -47.83
CA HIS E 373 -21.98 16.57 -46.93
C HIS E 373 -23.17 17.48 -46.61
N TYR E 374 -22.86 18.75 -46.36
CA TYR E 374 -23.88 19.74 -46.01
C TYR E 374 -24.95 19.83 -47.10
N ASP E 375 -24.52 20.10 -48.33
CA ASP E 375 -25.44 20.28 -49.45
C ASP E 375 -26.32 19.06 -49.69
N VAL E 376 -25.73 17.87 -49.56
CA VAL E 376 -26.48 16.63 -49.74
C VAL E 376 -27.56 16.50 -48.67
N ALA E 377 -27.18 16.73 -47.42
CA ALA E 377 -28.11 16.60 -46.30
C ALA E 377 -29.30 17.54 -46.41
N SER E 378 -29.03 18.78 -46.82
CA SER E 378 -30.07 19.80 -46.90
C SER E 378 -31.10 19.50 -48.00
N LYS E 379 -30.66 18.85 -49.06
CA LYS E 379 -31.55 18.46 -50.14
C LYS E 379 -32.43 17.28 -49.72
N VAL E 380 -31.86 16.40 -48.91
CA VAL E 380 -32.59 15.24 -48.41
C VAL E 380 -33.75 15.69 -47.51
N GLN E 381 -33.44 16.55 -46.55
CA GLN E 381 -34.45 17.06 -45.63
C GLN E 381 -35.51 17.89 -46.32
N GLU E 382 -35.07 18.76 -47.23
CA GLU E 382 -35.97 19.69 -47.91
C GLU E 382 -36.98 18.95 -48.76
N THR E 383 -36.55 17.86 -49.40
CA THR E 383 -37.43 17.06 -50.25
C THR E 383 -38.48 16.32 -49.43
N LEU E 384 -38.04 15.71 -48.33
CA LEU E 384 -38.95 15.00 -47.44
C LEU E 384 -39.94 15.97 -46.82
N GLN E 385 -39.52 17.22 -46.65
CA GLN E 385 -40.37 18.25 -46.06
C GLN E 385 -41.50 18.62 -47.00
N THR E 386 -41.22 18.61 -48.30
CA THR E 386 -42.24 18.86 -49.31
C THR E 386 -43.09 17.62 -49.55
N TYR E 387 -42.60 16.48 -49.06
CA TYR E 387 -43.34 15.22 -49.15
C TYR E 387 -44.36 15.13 -48.03
N LYS E 388 -44.01 15.68 -46.87
CA LYS E 388 -44.91 15.69 -45.72
C LYS E 388 -46.10 16.60 -45.97
N SER E 389 -45.87 17.66 -46.76
CA SER E 389 -46.92 18.62 -47.07
C SER E 389 -47.89 18.08 -48.12
N LEU E 390 -47.38 17.23 -49.00
CA LEU E 390 -48.20 16.65 -50.06
C LEU E 390 -49.19 15.62 -49.53
N GLN E 391 -48.93 15.14 -48.31
CA GLN E 391 -49.82 14.17 -47.67
C GLN E 391 -51.25 14.69 -47.64
N ASP E 392 -51.40 16.01 -47.79
CA ASP E 392 -52.70 16.65 -47.72
C ASP E 392 -53.58 16.33 -48.93
N ILE E 393 -53.13 16.77 -50.11
CA ILE E 393 -53.89 16.57 -51.35
C ILE E 393 -53.85 15.12 -51.85
N ILE E 394 -52.83 14.39 -51.44
CA ILE E 394 -52.67 13.00 -51.86
C ILE E 394 -53.71 12.08 -51.23
N ALA E 395 -54.12 12.41 -50.02
CA ALA E 395 -55.06 11.56 -49.28
C ALA E 395 -56.47 11.57 -49.89
N ILE E 396 -56.81 12.65 -50.58
CA ILE E 396 -58.17 12.81 -51.11
C ILE E 396 -58.23 12.77 -52.63
N LEU E 397 -57.24 13.38 -53.30
CA LEU E 397 -57.24 13.48 -54.75
C LEU E 397 -56.68 12.22 -55.41
N GLY E 398 -55.52 11.76 -54.95
CA GLY E 398 -54.89 10.57 -55.48
C GLY E 398 -53.40 10.73 -55.67
N MET E 399 -53.00 11.01 -56.91
CA MET E 399 -51.58 11.18 -57.24
C MET E 399 -51.41 11.82 -58.61
N ASP E 400 -52.50 11.96 -59.34
CA ASP E 400 -52.46 12.50 -60.69
C ASP E 400 -52.42 14.02 -60.69
N GLU E 401 -52.52 14.61 -59.50
CA GLU E 401 -52.48 16.07 -59.35
C GLU E 401 -51.05 16.58 -59.37
N LEU E 402 -50.09 15.65 -59.32
CA LEU E 402 -48.68 16.01 -59.31
C LEU E 402 -48.20 16.42 -60.70
N SER E 403 -47.57 17.60 -60.77
CA SER E 403 -47.02 18.09 -62.02
C SER E 403 -45.64 17.47 -62.29
N GLU E 404 -44.96 17.95 -63.31
CA GLU E 404 -43.67 17.40 -63.71
C GLU E 404 -42.69 17.35 -62.54
N GLN E 405 -42.42 18.50 -61.93
CA GLN E 405 -41.51 18.58 -60.79
C GLN E 405 -42.14 17.98 -59.53
N ASP E 406 -43.47 17.92 -59.52
CA ASP E 406 -44.21 17.46 -58.34
C ASP E 406 -44.23 15.94 -58.21
N LYS E 407 -44.17 15.23 -59.33
CA LYS E 407 -44.20 13.78 -59.30
C LYS E 407 -42.81 13.17 -59.41
N LEU E 408 -41.87 13.94 -59.95
CA LEU E 408 -40.49 13.48 -60.09
C LEU E 408 -39.80 13.40 -58.74
N THR E 409 -40.10 14.35 -57.88
CA THR E 409 -39.47 14.43 -56.55
C THR E 409 -40.09 13.45 -55.54
N VAL E 410 -41.41 13.28 -55.63
CA VAL E 410 -42.10 12.36 -54.73
C VAL E 410 -41.55 10.95 -54.86
N GLU E 411 -41.19 10.57 -56.08
CA GLU E 411 -40.59 9.26 -56.33
C GLU E 411 -39.34 9.10 -55.47
N ARG E 412 -38.46 10.08 -55.53
CA ARG E 412 -37.26 10.07 -54.69
C ARG E 412 -37.63 9.98 -53.23
N ALA E 413 -38.61 10.79 -52.80
CA ALA E 413 -39.06 10.80 -51.42
C ALA E 413 -39.50 9.41 -50.96
N ARG E 414 -40.35 8.77 -51.77
CA ARG E 414 -40.83 7.43 -51.48
C ARG E 414 -39.70 6.42 -51.32
N LYS E 415 -38.54 6.73 -51.89
CA LYS E 415 -37.39 5.84 -51.83
C LYS E 415 -36.41 6.25 -50.74
N ILE E 416 -36.11 7.54 -50.67
CA ILE E 416 -35.19 8.06 -49.66
C ILE E 416 -35.68 7.72 -48.26
N GLN E 417 -36.99 7.87 -48.04
CA GLN E 417 -37.59 7.56 -46.76
C GLN E 417 -37.45 6.08 -46.42
N ARG E 418 -37.19 5.27 -47.43
CA ARG E 418 -37.03 3.83 -47.25
C ARG E 418 -35.55 3.43 -47.24
N PHE E 419 -34.70 4.31 -47.76
CA PHE E 419 -33.27 4.04 -47.84
C PHE E 419 -32.55 4.46 -46.56
N LEU E 420 -33.28 5.13 -45.67
CA LEU E 420 -32.71 5.58 -44.41
C LEU E 420 -32.68 4.45 -43.37
N SER E 421 -33.67 3.58 -43.42
CA SER E 421 -33.71 2.44 -42.51
C SER E 421 -32.52 1.52 -42.74
N GLN E 422 -32.00 0.93 -41.67
CA GLN E 422 -30.81 0.10 -41.76
C GLN E 422 -30.84 -1.09 -40.80
N PRO E 423 -30.59 -2.30 -41.33
CA PRO E 423 -30.52 -3.53 -40.53
C PRO E 423 -29.31 -3.53 -39.60
N PHE E 424 -29.55 -3.50 -38.29
CA PHE E 424 -28.47 -3.48 -37.32
C PHE E 424 -27.94 -4.90 -37.05
N ALA E 425 -26.64 -4.99 -36.76
CA ALA E 425 -26.00 -6.28 -36.54
C ALA E 425 -26.34 -6.86 -35.17
N VAL E 426 -26.87 -6.02 -34.28
CA VAL E 426 -27.24 -6.47 -32.94
C VAL E 426 -28.58 -7.19 -32.93
N ALA E 427 -29.52 -6.70 -33.73
CA ALA E 427 -30.84 -7.31 -33.82
C ALA E 427 -30.85 -8.50 -34.76
N GLU E 428 -29.66 -8.93 -35.17
CA GLU E 428 -29.51 -10.05 -36.10
C GLU E 428 -30.11 -11.33 -35.52
N VAL E 429 -29.81 -11.60 -34.26
CA VAL E 429 -30.35 -12.79 -33.60
C VAL E 429 -31.82 -12.62 -33.26
N PHE E 430 -32.47 -11.69 -33.94
CA PHE E 430 -33.89 -11.44 -33.78
C PHE E 430 -34.56 -11.25 -35.13
N THR E 431 -33.85 -10.59 -36.04
CA THR E 431 -34.38 -10.29 -37.36
C THR E 431 -33.94 -11.34 -38.38
N GLY E 432 -32.80 -11.98 -38.11
CA GLY E 432 -32.22 -12.93 -39.04
C GLY E 432 -31.34 -12.23 -40.05
N ILE E 433 -31.78 -11.04 -40.46
CA ILE E 433 -31.03 -10.23 -41.42
C ILE E 433 -29.67 -9.84 -40.87
N PRO E 434 -28.59 -10.20 -41.57
CA PRO E 434 -27.23 -9.81 -41.18
C PRO E 434 -27.09 -8.29 -41.15
N GLY E 435 -26.35 -7.78 -40.18
CA GLY E 435 -26.19 -6.33 -40.02
C GLY E 435 -25.10 -5.76 -40.92
N LYS E 436 -25.33 -4.53 -41.38
CA LYS E 436 -24.36 -3.83 -42.22
C LYS E 436 -24.03 -2.45 -41.67
N LEU E 437 -22.75 -2.24 -41.34
CA LEU E 437 -22.29 -0.95 -40.82
C LEU E 437 -21.93 -0.02 -41.96
N VAL E 438 -22.78 0.99 -42.19
CA VAL E 438 -22.55 1.94 -43.28
C VAL E 438 -21.68 3.11 -42.81
N ARG E 439 -20.48 3.20 -43.37
CA ARG E 439 -19.51 4.21 -42.95
C ARG E 439 -19.84 5.59 -43.48
N LEU E 440 -19.31 6.61 -42.82
CA LEU E 440 -19.56 8.01 -43.17
C LEU E 440 -19.33 8.30 -44.65
N LYS E 441 -18.14 7.95 -45.14
CA LYS E 441 -17.76 8.24 -46.51
C LYS E 441 -18.80 7.77 -47.53
N ASP E 442 -19.35 6.58 -47.30
CA ASP E 442 -20.26 5.96 -48.26
C ASP E 442 -21.62 6.66 -48.32
N THR E 443 -22.20 6.93 -47.16
CA THR E 443 -23.54 7.53 -47.08
C THR E 443 -23.66 8.79 -47.91
N VAL E 444 -22.66 9.67 -47.81
CA VAL E 444 -22.66 10.94 -48.53
C VAL E 444 -22.72 10.70 -50.04
N ALA E 445 -21.97 9.72 -50.51
CA ALA E 445 -21.91 9.42 -51.94
C ALA E 445 -23.18 8.73 -52.41
N SER E 446 -23.68 7.79 -51.61
CA SER E 446 -24.87 7.02 -51.95
C SER E 446 -26.09 7.91 -52.19
N PHE E 447 -26.34 8.84 -51.26
CA PHE E 447 -27.50 9.71 -51.35
C PHE E 447 -27.39 10.72 -52.49
N LYS E 448 -26.21 11.34 -52.62
CA LYS E 448 -25.99 12.34 -53.65
C LYS E 448 -26.39 11.82 -55.03
N ALA E 449 -25.99 10.59 -55.33
CA ALA E 449 -26.31 9.97 -56.61
C ALA E 449 -27.83 9.90 -56.82
N VAL E 450 -28.54 9.45 -55.80
CA VAL E 450 -29.99 9.34 -55.87
C VAL E 450 -30.64 10.72 -56.05
N LEU E 451 -30.06 11.73 -55.39
CA LEU E 451 -30.56 13.08 -55.49
C LEU E 451 -30.46 13.62 -56.91
N GLU E 452 -29.37 13.27 -57.60
CA GLU E 452 -29.18 13.68 -58.99
C GLU E 452 -30.20 13.00 -59.89
N GLY E 453 -30.57 11.78 -59.55
CA GLY E 453 -31.54 11.03 -60.31
C GLY E 453 -30.92 9.96 -61.20
N LYS E 454 -29.92 9.26 -60.66
CA LYS E 454 -29.24 8.23 -61.43
C LYS E 454 -29.69 6.83 -61.03
N TYR E 455 -30.75 6.75 -60.24
CA TYR E 455 -31.27 5.47 -59.77
C TYR E 455 -32.80 5.47 -59.73
N ASP E 456 -33.40 6.40 -60.45
CA ASP E 456 -34.86 6.50 -60.52
C ASP E 456 -35.47 5.23 -61.11
N ASN E 457 -34.65 4.46 -61.82
CA ASN E 457 -35.09 3.21 -62.41
C ASN E 457 -35.27 2.10 -61.39
N ILE E 458 -34.48 2.13 -60.34
CA ILE E 458 -34.54 1.11 -59.30
C ILE E 458 -35.81 1.23 -58.47
N PRO E 459 -36.55 0.11 -58.32
CA PRO E 459 -37.81 0.02 -57.58
C PRO E 459 -37.67 0.49 -56.13
N GLU E 460 -38.79 0.80 -55.50
CA GLU E 460 -38.80 1.34 -54.13
C GLU E 460 -38.51 0.28 -53.08
N HIS E 461 -38.63 -1.00 -53.45
CA HIS E 461 -38.45 -2.09 -52.50
C HIS E 461 -36.98 -2.43 -52.30
N ALA E 462 -36.14 -2.08 -53.27
CA ALA E 462 -34.73 -2.39 -53.21
C ALA E 462 -33.98 -1.43 -52.29
N PHE E 463 -34.73 -0.65 -51.50
CA PHE E 463 -34.14 0.30 -50.56
C PHE E 463 -34.46 -0.07 -49.12
N TYR E 464 -35.55 -0.81 -48.93
CA TYR E 464 -36.01 -1.17 -47.60
C TYR E 464 -35.07 -2.15 -46.90
N MET E 465 -34.52 -1.73 -45.76
CA MET E 465 -33.64 -2.58 -44.97
C MET E 465 -32.42 -3.05 -45.76
N VAL E 466 -31.63 -2.11 -46.24
CA VAL E 466 -30.41 -2.42 -46.99
C VAL E 466 -29.22 -1.65 -46.44
N GLY E 467 -28.02 -2.13 -46.76
CA GLY E 467 -26.80 -1.49 -46.29
C GLY E 467 -26.47 -0.24 -47.08
N GLY E 468 -25.26 -0.20 -47.65
CA GLY E 468 -24.82 0.93 -48.45
C GLY E 468 -25.58 1.05 -49.75
N ILE E 469 -24.94 1.63 -50.76
CA ILE E 469 -25.58 1.79 -52.06
C ILE E 469 -25.36 0.55 -52.94
N GLU E 470 -24.22 -0.11 -52.76
CA GLU E 470 -23.92 -1.33 -53.50
C GLU E 470 -24.94 -2.40 -53.19
N ASP E 471 -25.40 -2.45 -51.94
CA ASP E 471 -26.36 -3.45 -51.51
C ASP E 471 -27.74 -3.19 -52.09
N VAL E 472 -27.90 -2.05 -52.75
CA VAL E 472 -29.15 -1.73 -53.42
C VAL E 472 -29.15 -2.33 -54.83
N VAL E 473 -28.01 -2.24 -55.50
CA VAL E 473 -27.86 -2.75 -56.86
C VAL E 473 -28.02 -4.28 -56.89
N ALA E 474 -27.30 -4.94 -56.00
CA ALA E 474 -27.34 -6.41 -55.93
C ALA E 474 -28.75 -6.91 -55.61
N LYS E 475 -29.54 -6.06 -54.94
CA LYS E 475 -30.90 -6.42 -54.57
C LYS E 475 -31.89 -6.06 -55.66
N ALA E 476 -31.46 -5.21 -56.59
CA ALA E 476 -32.31 -4.79 -57.69
C ALA E 476 -32.39 -5.87 -58.77
N GLU E 477 -31.33 -6.66 -58.89
CA GLU E 477 -31.26 -7.71 -59.90
C GLU E 477 -31.77 -9.05 -59.35
N LYS E 478 -31.86 -9.13 -58.03
CA LYS E 478 -32.36 -10.33 -57.37
C LYS E 478 -33.87 -10.30 -57.22
N LEU E 479 -34.45 -9.12 -57.38
CA LEU E 479 -35.90 -8.95 -57.27
C LEU E 479 -36.55 -9.10 -58.64
N ALA E 480 -35.75 -8.97 -59.69
CA ALA E 480 -36.23 -9.12 -61.05
C ALA E 480 -36.43 -10.58 -61.41
N ALA E 481 -35.59 -11.45 -60.84
CA ALA E 481 -35.68 -12.87 -61.10
C ALA E 481 -36.97 -13.46 -60.54
N GLN F 11 -21.29 68.41 26.66
CA GLN F 11 -22.48 69.09 26.18
C GLN F 11 -22.35 69.48 24.71
N SER F 12 -23.40 69.19 23.95
CA SER F 12 -23.47 69.56 22.53
C SER F 12 -22.42 68.88 21.67
N THR F 13 -21.44 68.24 22.31
CA THR F 13 -20.40 67.53 21.59
C THR F 13 -20.91 66.17 21.11
N PRO F 14 -21.12 66.03 19.79
CA PRO F 14 -21.70 64.86 19.14
C PRO F 14 -21.07 63.55 19.60
N ILE F 15 -21.85 62.70 20.24
CA ILE F 15 -21.40 61.39 20.69
C ILE F 15 -20.91 60.57 19.50
N THR F 16 -19.89 59.74 19.74
CA THR F 16 -19.34 58.89 18.69
C THR F 16 -19.76 57.43 18.87
N GLY F 17 -19.91 56.73 17.75
CA GLY F 17 -20.30 55.32 17.77
C GLY F 17 -19.29 54.46 17.06
N LYS F 18 -19.33 53.15 17.33
CA LYS F 18 -18.38 52.21 16.72
C LYS F 18 -19.12 51.18 15.88
N VAL F 19 -18.68 51.00 14.64
CA VAL F 19 -19.28 50.01 13.74
C VAL F 19 -19.11 48.61 14.31
N THR F 20 -20.21 47.86 14.39
CA THR F 20 -20.17 46.52 14.95
C THR F 20 -20.53 45.44 13.94
N ALA F 21 -21.32 45.82 12.93
CA ALA F 21 -21.75 44.87 11.91
C ALA F 21 -21.88 45.54 10.55
N VAL F 22 -21.44 44.84 9.50
CA VAL F 22 -21.53 45.36 8.14
C VAL F 22 -22.12 44.32 7.19
N ILE F 23 -23.40 44.49 6.86
CA ILE F 23 -24.07 43.60 5.91
C ILE F 23 -24.61 44.40 4.73
N GLY F 24 -23.93 44.28 3.60
CA GLY F 24 -24.31 45.01 2.40
C GLY F 24 -24.44 46.50 2.67
N ALA F 25 -25.61 47.05 2.35
CA ALA F 25 -25.86 48.48 2.53
C ALA F 25 -26.06 48.82 4.00
N ILE F 26 -26.61 47.89 4.76
CA ILE F 26 -26.93 48.12 6.17
C ILE F 26 -25.69 48.05 7.07
N VAL F 27 -25.50 49.08 7.89
CA VAL F 27 -24.39 49.12 8.84
C VAL F 27 -24.93 49.26 10.25
N ASP F 28 -24.33 48.51 11.18
CA ASP F 28 -24.76 48.56 12.58
C ASP F 28 -23.75 49.30 13.45
N VAL F 29 -24.21 50.31 14.16
CA VAL F 29 -23.34 51.13 15.00
C VAL F 29 -23.72 51.04 16.47
N HIS F 30 -22.72 50.91 17.33
CA HIS F 30 -22.94 50.84 18.77
C HIS F 30 -22.33 52.04 19.47
N PHE F 31 -23.15 52.76 20.23
CA PHE F 31 -22.69 53.93 20.98
C PHE F 31 -22.38 53.58 22.42
N GLU F 32 -21.50 54.37 23.05
CA GLU F 32 -21.01 54.07 24.39
C GLU F 32 -22.03 54.36 25.50
N GLN F 33 -22.55 55.58 25.52
CA GLN F 33 -23.49 55.98 26.56
C GLN F 33 -24.93 55.74 26.14
N SER F 34 -25.86 56.13 27.00
CA SER F 34 -27.28 55.90 26.76
C SER F 34 -27.91 57.04 25.95
N GLU F 35 -27.07 57.77 25.22
CA GLU F 35 -27.56 58.83 24.34
C GLU F 35 -27.42 58.39 22.88
N LEU F 36 -28.35 57.57 22.43
CA LEU F 36 -28.32 57.03 21.08
C LEU F 36 -29.01 57.97 20.09
N PRO F 37 -28.43 58.10 18.89
CA PRO F 37 -29.02 58.93 17.83
C PRO F 37 -30.37 58.39 17.40
N ALA F 38 -31.36 59.26 17.25
CA ALA F 38 -32.71 58.84 16.91
C ALA F 38 -32.82 58.41 15.45
N ILE F 39 -33.96 57.79 15.12
CA ILE F 39 -34.22 57.34 13.76
C ILE F 39 -34.27 58.54 12.82
N LEU F 40 -33.88 58.32 11.56
CA LEU F 40 -33.89 59.36 10.54
C LEU F 40 -32.69 60.31 10.67
N ASN F 41 -31.97 60.22 11.78
CA ASN F 41 -30.79 61.05 12.00
C ASN F 41 -29.62 60.59 11.14
N ALA F 42 -28.78 61.54 10.75
CA ALA F 42 -27.63 61.24 9.91
C ALA F 42 -26.40 60.86 10.73
N LEU F 43 -25.56 60.01 10.15
CA LEU F 43 -24.30 59.63 10.77
C LEU F 43 -23.19 59.69 9.73
N GLU F 44 -21.94 59.79 10.18
CA GLU F 44 -20.83 59.92 9.25
C GLU F 44 -19.58 59.20 9.71
N ILE F 45 -18.79 58.72 8.75
CA ILE F 45 -17.52 58.06 9.04
C ILE F 45 -16.41 58.69 8.21
N LYS F 46 -15.36 59.15 8.88
CA LYS F 46 -14.26 59.84 8.22
C LYS F 46 -13.47 58.89 7.31
N THR F 47 -13.34 59.27 6.04
CA THR F 47 -12.64 58.46 5.05
C THR F 47 -11.75 59.33 4.16
N PRO F 48 -10.60 58.76 3.71
CA PRO F 48 -9.65 59.44 2.83
C PRO F 48 -10.31 59.98 1.56
N GLN F 49 -11.34 59.29 1.09
CA GLN F 49 -12.06 59.71 -0.12
C GLN F 49 -12.93 60.93 0.17
N GLY F 50 -13.81 60.80 1.15
CA GLY F 50 -14.70 61.88 1.55
C GLY F 50 -15.33 61.61 2.90
N LYS F 51 -16.65 61.40 2.89
CA LYS F 51 -17.37 61.07 4.11
C LYS F 51 -18.61 60.22 3.82
N LEU F 52 -18.66 59.04 4.43
CA LEU F 52 -19.80 58.14 4.26
C LEU F 52 -20.93 58.52 5.21
N VAL F 53 -22.12 58.70 4.66
CA VAL F 53 -23.28 59.09 5.46
C VAL F 53 -24.24 57.93 5.71
N LEU F 54 -24.81 57.89 6.91
CA LEU F 54 -25.74 56.83 7.29
C LEU F 54 -27.05 57.43 7.79
N GLU F 55 -28.14 56.70 7.60
CA GLU F 55 -29.44 57.11 8.12
C GLU F 55 -30.02 56.03 9.03
N VAL F 56 -30.23 56.38 10.29
CA VAL F 56 -30.77 55.44 11.27
C VAL F 56 -32.14 54.94 10.84
N ALA F 57 -32.34 53.62 10.92
CA ALA F 57 -33.59 53.01 10.52
C ALA F 57 -34.35 52.44 11.71
N GLN F 58 -33.62 51.95 12.70
CA GLN F 58 -34.23 51.33 13.86
C GLN F 58 -33.28 51.23 15.05
N HIS F 59 -33.84 51.09 16.25
CA HIS F 59 -33.07 50.93 17.47
C HIS F 59 -33.07 49.47 17.92
N LEU F 60 -32.03 48.74 17.52
CA LEU F 60 -31.94 47.30 17.79
C LEU F 60 -32.01 46.98 19.28
N GLY F 61 -31.22 47.68 20.08
CA GLY F 61 -31.18 47.44 21.51
C GLY F 61 -29.77 47.25 22.03
N GLU F 62 -29.62 47.28 23.34
CA GLU F 62 -28.30 47.20 23.97
C GLU F 62 -27.37 48.26 23.40
N ASN F 63 -27.86 49.49 23.32
CA ASN F 63 -27.07 50.60 22.79
C ASN F 63 -26.58 50.34 21.37
N THR F 64 -27.48 49.89 20.51
CA THR F 64 -27.12 49.58 19.13
C THR F 64 -28.22 50.01 18.15
N VAL F 65 -27.84 50.73 17.11
CA VAL F 65 -28.78 51.17 16.09
C VAL F 65 -28.40 50.63 14.71
N ARG F 66 -29.40 50.24 13.93
CA ARG F 66 -29.17 49.74 12.58
C ARG F 66 -29.39 50.88 11.58
N THR F 67 -28.42 51.08 10.69
CA THR F 67 -28.48 52.20 9.76
C THR F 67 -28.37 51.77 8.30
N ILE F 68 -28.71 52.69 7.40
CA ILE F 68 -28.60 52.45 5.96
C ILE F 68 -27.64 53.46 5.35
N ALA F 69 -26.69 52.97 4.56
CA ALA F 69 -25.69 53.84 3.94
C ALA F 69 -26.18 54.41 2.62
N MET F 70 -25.65 55.57 2.25
CA MET F 70 -26.00 56.21 1.00
C MET F 70 -24.91 56.02 -0.05
N ASP F 71 -23.89 55.25 0.29
CA ASP F 71 -22.81 54.95 -0.64
C ASP F 71 -22.08 53.66 -0.29
N GLY F 72 -21.32 53.14 -1.24
CA GLY F 72 -20.61 51.89 -1.08
C GLY F 72 -19.87 51.74 0.23
N THR F 73 -20.31 50.81 1.06
CA THR F 73 -19.65 50.53 2.33
C THR F 73 -18.44 49.64 2.11
N GLU F 74 -18.13 49.36 0.85
CA GLU F 74 -17.01 48.48 0.50
C GLU F 74 -15.69 48.97 1.10
N GLY F 75 -15.29 48.37 2.20
CA GLY F 75 -14.03 48.72 2.84
C GLY F 75 -14.20 49.35 4.21
N LEU F 76 -15.05 48.75 5.04
CA LEU F 76 -15.24 49.23 6.40
C LEU F 76 -14.71 48.24 7.43
N VAL F 77 -14.15 48.77 8.51
CA VAL F 77 -13.61 47.94 9.58
C VAL F 77 -14.48 48.02 10.82
N ARG F 78 -14.58 46.92 11.55
CA ARG F 78 -15.39 46.87 12.76
C ARG F 78 -14.72 47.62 13.91
N GLY F 79 -15.40 48.65 14.40
CA GLY F 79 -14.89 49.46 15.49
C GLY F 79 -14.57 50.88 15.06
N GLU F 80 -14.91 51.20 13.82
CA GLU F 80 -14.61 52.52 13.25
C GLU F 80 -15.35 53.65 13.96
N LYS F 81 -14.87 54.87 13.76
CA LYS F 81 -15.44 56.06 14.40
C LYS F 81 -16.64 56.58 13.63
N VAL F 82 -17.78 56.69 14.32
CA VAL F 82 -19.01 57.17 13.70
C VAL F 82 -19.53 58.41 14.41
N LEU F 83 -19.19 59.59 13.88
CA LEU F 83 -19.61 60.85 14.45
C LEU F 83 -21.10 61.07 14.24
N ASP F 84 -21.79 61.52 15.29
CA ASP F 84 -23.23 61.75 15.21
C ASP F 84 -23.55 63.15 14.67
N THR F 85 -24.45 63.20 13.68
CA THR F 85 -24.87 64.46 13.11
C THR F 85 -25.90 65.15 14.01
N GLY F 86 -26.71 64.33 14.68
CA GLY F 86 -27.73 64.83 15.57
C GLY F 86 -28.96 65.32 14.83
N GLY F 87 -28.95 65.13 13.51
CA GLY F 87 -30.06 65.56 12.67
C GLY F 87 -30.10 64.82 11.35
N PRO F 88 -31.29 64.76 10.74
CA PRO F 88 -31.51 64.08 9.46
C PRO F 88 -30.68 64.69 8.34
N ILE F 89 -30.67 64.03 7.18
CA ILE F 89 -29.95 64.54 6.02
C ILE F 89 -30.55 65.88 5.57
N SER F 90 -29.75 66.94 5.67
CA SER F 90 -30.21 68.27 5.32
C SER F 90 -29.73 68.67 3.93
N VAL F 91 -30.64 69.20 3.11
CA VAL F 91 -30.30 69.61 1.76
C VAL F 91 -30.55 71.10 1.56
N PRO F 92 -29.74 71.74 0.68
CA PRO F 92 -29.90 73.15 0.36
C PRO F 92 -31.26 73.44 -0.27
N VAL F 93 -32.02 74.35 0.33
CA VAL F 93 -33.31 74.74 -0.20
C VAL F 93 -33.33 76.21 -0.59
N GLY F 94 -34.29 76.60 -1.41
CA GLY F 94 -34.38 77.96 -1.88
C GLY F 94 -34.22 78.07 -3.39
N ARG F 95 -33.90 79.27 -3.86
CA ARG F 95 -33.79 79.52 -5.30
C ARG F 95 -32.35 79.37 -5.79
N GLU F 96 -31.41 79.39 -4.86
CA GLU F 96 -29.99 79.28 -5.21
C GLU F 96 -29.64 77.89 -5.76
N THR F 97 -30.56 76.93 -5.61
CA THR F 97 -30.33 75.58 -6.10
C THR F 97 -30.84 75.39 -7.52
N LEU F 98 -31.24 76.49 -8.16
CA LEU F 98 -31.70 76.46 -9.54
C LEU F 98 -30.53 76.36 -10.51
N GLY F 99 -30.63 75.46 -11.48
CA GLY F 99 -29.58 75.26 -12.45
C GLY F 99 -28.36 74.58 -11.86
N ARG F 100 -28.58 73.77 -10.83
CA ARG F 100 -27.50 73.06 -10.16
C ARG F 100 -27.79 71.57 -10.06
N ILE F 101 -26.75 70.75 -10.23
CA ILE F 101 -26.88 69.31 -10.08
C ILE F 101 -26.67 68.90 -8.63
N ILE F 102 -27.73 68.38 -8.00
CA ILE F 102 -27.69 68.02 -6.59
C ILE F 102 -27.82 66.51 -6.42
N ASN F 103 -27.02 65.94 -5.52
CA ASN F 103 -27.07 64.51 -5.27
C ASN F 103 -28.02 64.14 -4.13
N VAL F 104 -27.82 62.96 -3.55
CA VAL F 104 -28.72 62.46 -2.51
C VAL F 104 -28.66 63.29 -1.23
N ILE F 105 -27.47 63.72 -0.84
CA ILE F 105 -27.30 64.44 0.43
C ILE F 105 -27.08 65.94 0.24
N GLY F 106 -27.43 66.46 -0.92
CA GLY F 106 -27.35 67.90 -1.17
C GLY F 106 -26.11 68.34 -1.92
N GLU F 107 -25.02 67.60 -1.76
CA GLU F 107 -23.75 67.93 -2.41
C GLU F 107 -23.93 68.19 -3.90
N PRO F 108 -23.18 69.17 -4.44
CA PRO F 108 -23.20 69.49 -5.87
C PRO F 108 -22.50 68.41 -6.69
N ILE F 109 -22.93 68.23 -7.93
CA ILE F 109 -22.32 67.23 -8.81
C ILE F 109 -21.91 67.83 -10.15
N ASP F 110 -22.17 69.12 -10.31
CA ASP F 110 -21.79 69.83 -11.53
C ASP F 110 -20.41 70.47 -11.38
N GLU F 111 -19.80 70.28 -10.22
CA GLU F 111 -18.44 70.76 -9.96
C GLU F 111 -18.32 72.27 -10.04
N ARG F 112 -19.45 72.97 -9.94
CA ARG F 112 -19.44 74.42 -9.99
C ARG F 112 -19.52 75.04 -8.60
N GLY F 113 -18.58 74.66 -7.74
CA GLY F 113 -18.52 75.19 -6.38
C GLY F 113 -19.69 74.76 -5.53
N PRO F 114 -19.55 74.90 -4.21
CA PRO F 114 -20.61 74.53 -3.27
C PRO F 114 -21.86 75.37 -3.47
N ILE F 115 -23.00 74.88 -2.98
CA ILE F 115 -24.25 75.63 -3.07
C ILE F 115 -24.36 76.61 -1.92
N LYS F 116 -24.33 77.90 -2.24
CA LYS F 116 -24.49 78.93 -1.22
C LYS F 116 -25.97 79.28 -1.03
N SER F 117 -26.70 78.38 -0.39
CA SER F 117 -28.13 78.56 -0.16
C SER F 117 -28.38 79.35 1.12
N LYS F 118 -29.60 79.83 1.29
CA LYS F 118 -29.97 80.58 2.49
C LYS F 118 -30.27 79.63 3.65
N LEU F 119 -31.09 78.61 3.38
CA LEU F 119 -31.47 77.65 4.40
C LEU F 119 -31.20 76.21 3.97
N ARG F 120 -31.38 75.28 4.90
CA ARG F 120 -31.25 73.85 4.61
C ARG F 120 -32.25 73.05 5.42
N LYS F 121 -33.17 72.38 4.73
CA LYS F 121 -34.19 71.57 5.39
C LYS F 121 -33.95 70.08 5.19
N PRO F 122 -34.37 69.25 6.16
CA PRO F 122 -34.28 67.80 6.07
C PRO F 122 -35.12 67.25 4.92
N ILE F 123 -34.77 66.08 4.40
CA ILE F 123 -35.51 65.49 3.30
C ILE F 123 -36.74 64.74 3.80
N HIS F 124 -36.85 64.61 5.12
CA HIS F 124 -38.00 63.95 5.71
C HIS F 124 -38.96 64.98 6.32
N ALA F 125 -40.16 65.07 5.74
CA ALA F 125 -41.16 66.02 6.22
C ALA F 125 -42.55 65.40 6.22
N ASP F 126 -43.34 65.75 7.24
CA ASP F 126 -44.70 65.24 7.36
C ASP F 126 -45.62 65.91 6.34
N PRO F 127 -46.33 65.09 5.54
CA PRO F 127 -47.21 65.53 4.45
C PRO F 127 -48.30 66.48 4.92
N PRO F 128 -48.71 67.42 4.05
CA PRO F 128 -49.79 68.37 4.33
C PRO F 128 -51.05 67.67 4.83
N SER F 129 -51.75 68.27 5.77
CA SER F 129 -52.94 67.67 6.37
C SER F 129 -54.13 67.71 5.42
N PHE F 130 -55.26 67.20 5.89
CA PHE F 130 -56.47 67.17 5.08
C PHE F 130 -57.06 68.57 4.95
N ALA F 131 -56.80 69.41 5.94
CA ALA F 131 -57.28 70.78 5.94
C ALA F 131 -56.55 71.63 4.91
N GLU F 132 -55.26 71.38 4.75
CA GLU F 132 -54.42 72.18 3.85
C GLU F 132 -54.59 71.80 2.39
N GLN F 133 -55.45 70.82 2.13
CA GLN F 133 -55.66 70.34 0.77
C GLN F 133 -56.36 71.39 -0.11
N SER F 134 -56.03 71.38 -1.39
CA SER F 134 -56.64 72.30 -2.35
C SER F 134 -56.99 71.56 -3.64
N THR F 135 -58.29 71.45 -3.92
CA THR F 135 -58.75 70.71 -5.09
C THR F 135 -59.29 71.64 -6.18
N SER F 136 -58.76 71.46 -7.39
CA SER F 136 -59.19 72.26 -8.55
C SER F 136 -59.04 71.47 -9.84
N ALA F 137 -60.09 71.49 -10.66
CA ALA F 137 -60.10 70.73 -11.90
C ALA F 137 -59.88 71.62 -13.13
N GLU F 138 -58.62 71.79 -13.50
CA GLU F 138 -58.27 72.55 -14.70
C GLU F 138 -57.42 71.72 -15.65
N ILE F 139 -57.66 71.88 -16.94
CA ILE F 139 -57.01 71.05 -17.96
C ILE F 139 -55.61 71.54 -18.30
N LEU F 140 -54.69 70.60 -18.52
CA LEU F 140 -53.33 70.93 -18.91
C LEU F 140 -53.05 70.46 -20.33
N GLU F 141 -52.90 71.41 -21.24
CA GLU F 141 -52.61 71.10 -22.63
C GLU F 141 -51.26 70.41 -22.74
N THR F 142 -51.23 69.27 -23.44
CA THR F 142 -50.00 68.48 -23.56
C THR F 142 -49.39 68.55 -24.96
N GLY F 143 -50.22 68.30 -25.97
CA GLY F 143 -49.75 68.27 -27.34
C GLY F 143 -49.95 66.90 -27.96
N ILE F 144 -49.92 65.87 -27.12
CA ILE F 144 -50.14 64.51 -27.57
C ILE F 144 -51.63 64.24 -27.73
N LYS F 145 -52.05 63.88 -28.94
CA LYS F 145 -53.45 63.64 -29.24
C LYS F 145 -54.10 62.67 -28.27
N VAL F 146 -53.49 61.50 -28.11
CA VAL F 146 -54.03 60.45 -27.25
C VAL F 146 -54.42 61.00 -25.87
N VAL F 147 -53.46 61.64 -25.21
CA VAL F 147 -53.67 62.15 -23.86
C VAL F 147 -54.70 63.28 -23.81
N ASP F 148 -54.58 64.23 -24.74
CA ASP F 148 -55.49 65.37 -24.76
C ASP F 148 -56.95 64.96 -24.89
N LEU F 149 -57.20 63.85 -25.58
CA LEU F 149 -58.56 63.42 -25.86
C LEU F 149 -59.11 62.44 -24.83
N LEU F 150 -58.37 61.39 -24.55
CA LEU F 150 -58.85 60.30 -23.70
C LEU F 150 -58.59 60.52 -22.21
N ALA F 151 -57.38 60.98 -21.87
CA ALA F 151 -57.02 61.19 -20.48
C ALA F 151 -56.15 62.42 -20.29
N PRO F 152 -56.76 63.62 -20.37
CA PRO F 152 -56.05 64.89 -20.23
C PRO F 152 -55.47 65.06 -18.83
N TYR F 153 -54.27 65.60 -18.74
CA TYR F 153 -53.62 65.83 -17.44
C TYR F 153 -54.24 67.04 -16.74
N ALA F 154 -53.96 67.17 -15.45
CA ALA F 154 -54.52 68.26 -14.66
C ALA F 154 -53.45 69.21 -14.16
N ARG F 155 -53.72 70.51 -14.22
CA ARG F 155 -52.80 71.51 -13.72
C ARG F 155 -52.77 71.49 -12.20
N GLY F 156 -51.62 71.14 -11.64
CA GLY F 156 -51.48 71.02 -10.20
C GLY F 156 -51.84 69.62 -9.72
N GLY F 157 -52.36 68.81 -10.63
CA GLY F 157 -52.73 67.45 -10.30
C GLY F 157 -51.57 66.47 -10.35
N LYS F 158 -51.74 65.32 -9.72
CA LYS F 158 -50.71 64.29 -9.72
C LYS F 158 -50.85 63.37 -10.93
N ILE F 159 -49.88 63.45 -11.83
CA ILE F 159 -49.92 62.69 -13.07
C ILE F 159 -48.85 61.60 -13.06
N GLY F 160 -49.14 60.50 -13.76
CA GLY F 160 -48.20 59.40 -13.87
C GLY F 160 -48.48 58.52 -15.06
N LEU F 161 -47.42 57.98 -15.66
CA LEU F 161 -47.56 57.06 -16.78
C LEU F 161 -46.87 55.73 -16.46
N PHE F 162 -47.60 54.63 -16.67
CA PHE F 162 -47.03 53.31 -16.46
C PHE F 162 -46.56 52.73 -17.79
N GLY F 163 -45.73 51.69 -17.71
CA GLY F 163 -45.18 51.08 -18.91
C GLY F 163 -43.98 50.21 -18.61
N GLY F 164 -43.84 49.11 -19.36
CA GLY F 164 -42.73 48.20 -19.17
C GLY F 164 -41.41 48.81 -19.59
N ALA F 165 -40.41 47.96 -19.78
CA ALA F 165 -39.09 48.43 -20.20
C ALA F 165 -38.97 48.42 -21.72
N GLY F 166 -38.57 49.55 -22.28
CA GLY F 166 -38.40 49.67 -23.72
C GLY F 166 -39.70 49.93 -24.46
N VAL F 167 -40.56 50.73 -23.85
CA VAL F 167 -41.83 51.11 -24.48
C VAL F 167 -41.92 52.61 -24.70
N GLY F 168 -40.88 53.32 -24.28
CA GLY F 168 -40.81 54.75 -24.49
C GLY F 168 -41.28 55.58 -23.31
N LYS F 169 -40.77 55.25 -22.12
CA LYS F 169 -41.07 56.03 -20.93
C LYS F 169 -40.19 57.27 -20.87
N THR F 170 -38.89 57.07 -21.03
CA THR F 170 -37.94 58.17 -21.02
C THR F 170 -38.20 59.12 -22.18
N VAL F 171 -38.58 58.56 -23.32
CA VAL F 171 -38.92 59.36 -24.49
C VAL F 171 -40.12 60.23 -24.18
N PHE F 172 -41.23 59.58 -23.85
CA PHE F 172 -42.46 60.27 -23.48
C PHE F 172 -42.19 61.35 -22.43
N ILE F 173 -41.39 61.00 -21.43
CA ILE F 173 -41.06 61.93 -20.36
C ILE F 173 -40.37 63.18 -20.90
N GLN F 174 -39.31 62.98 -21.68
CA GLN F 174 -38.54 64.10 -22.21
C GLN F 174 -39.36 64.94 -23.19
N GLU F 175 -40.47 64.39 -23.65
CA GLU F 175 -41.37 65.12 -24.53
C GLU F 175 -42.24 66.08 -23.71
N LEU F 176 -42.67 65.62 -22.54
CA LEU F 176 -43.46 66.46 -21.65
C LEU F 176 -42.61 67.59 -21.08
N ILE F 177 -41.29 67.41 -21.14
CA ILE F 177 -40.36 68.44 -20.69
C ILE F 177 -40.20 69.51 -21.75
N ASN F 178 -40.20 69.11 -23.02
CA ASN F 178 -40.06 70.05 -24.13
C ASN F 178 -41.38 70.65 -24.59
N ASN F 179 -42.45 70.34 -23.87
CA ASN F 179 -43.77 70.88 -24.19
C ASN F 179 -44.33 71.77 -23.09
N ILE F 180 -44.37 71.25 -21.87
CA ILE F 180 -44.94 71.97 -20.73
C ILE F 180 -43.87 72.70 -19.92
N ALA F 181 -42.77 72.00 -19.62
CA ALA F 181 -41.70 72.54 -18.80
C ALA F 181 -41.15 73.87 -19.33
N LYS F 182 -41.03 73.98 -20.65
CA LYS F 182 -40.53 75.21 -21.26
C LYS F 182 -41.49 76.38 -21.01
N ALA F 183 -42.66 76.31 -21.64
CA ALA F 183 -43.68 77.33 -21.44
C ALA F 183 -44.56 76.97 -20.24
N HIS F 184 -43.92 76.81 -19.08
CA HIS F 184 -44.63 76.43 -17.86
C HIS F 184 -45.18 77.64 -17.12
N GLY F 185 -44.28 78.41 -16.51
CA GLY F 185 -44.68 79.56 -15.72
C GLY F 185 -43.85 79.67 -14.45
N GLY F 186 -44.13 78.79 -13.50
CA GLY F 186 -43.37 78.73 -12.26
C GLY F 186 -42.02 78.07 -12.47
N PHE F 187 -41.54 77.37 -11.45
CA PHE F 187 -40.26 76.68 -11.55
C PHE F 187 -40.44 75.21 -11.94
N SER F 188 -39.32 74.48 -11.94
CA SER F 188 -39.36 73.06 -12.27
C SER F 188 -38.23 72.31 -11.56
N VAL F 189 -38.54 71.11 -11.10
CA VAL F 189 -37.55 70.27 -10.43
C VAL F 189 -37.58 68.85 -10.97
N PHE F 190 -36.48 68.41 -11.56
CA PHE F 190 -36.38 67.06 -12.10
C PHE F 190 -35.56 66.16 -11.19
N THR F 191 -36.14 65.03 -10.80
CA THR F 191 -35.46 64.06 -9.95
C THR F 191 -35.21 62.77 -10.70
N GLY F 192 -33.97 62.28 -10.65
CA GLY F 192 -33.59 61.06 -11.33
C GLY F 192 -33.39 59.89 -10.38
N VAL F 193 -34.46 59.15 -10.13
CA VAL F 193 -34.41 58.01 -9.22
C VAL F 193 -34.16 56.71 -9.97
N GLY F 194 -32.94 56.18 -9.85
CA GLY F 194 -32.59 54.90 -10.43
C GLY F 194 -32.90 54.75 -11.91
N GLU F 195 -32.33 55.64 -12.72
CA GLU F 195 -32.49 55.57 -14.17
C GLU F 195 -31.15 55.72 -14.88
N ARG F 196 -31.18 55.64 -16.22
CA ARG F 196 -29.97 55.75 -17.01
C ARG F 196 -29.27 57.09 -16.77
N THR F 197 -27.97 57.04 -16.49
CA THR F 197 -27.19 58.24 -16.25
C THR F 197 -26.89 58.96 -17.55
N ARG F 198 -26.79 58.19 -18.64
CA ARG F 198 -26.52 58.75 -19.96
C ARG F 198 -27.64 59.71 -20.37
N GLU F 199 -28.87 59.32 -20.10
CA GLU F 199 -30.03 60.15 -20.45
C GLU F 199 -30.25 61.24 -19.41
N GLY F 200 -29.47 61.20 -18.34
CA GLY F 200 -29.46 62.28 -17.36
C GLY F 200 -28.46 63.32 -17.79
N ASN F 201 -27.51 62.89 -18.63
CA ASN F 201 -26.53 63.79 -19.22
C ASN F 201 -27.05 64.42 -20.51
N ASP F 202 -27.73 63.61 -21.31
CA ASP F 202 -28.31 64.08 -22.56
C ASP F 202 -29.43 65.08 -22.29
N LEU F 203 -30.06 64.95 -21.13
CA LEU F 203 -31.12 65.86 -20.72
C LEU F 203 -30.50 67.18 -20.25
N TYR F 204 -29.40 67.08 -19.49
CA TYR F 204 -28.71 68.24 -18.98
C TYR F 204 -28.33 69.21 -20.10
N ARG F 205 -27.72 68.68 -21.16
CA ARG F 205 -27.31 69.49 -22.30
C ARG F 205 -28.47 69.87 -23.18
N GLU F 206 -29.55 69.08 -23.12
CA GLU F 206 -30.76 69.37 -23.89
C GLU F 206 -31.53 70.52 -23.24
N MET F 207 -31.39 70.65 -21.92
CA MET F 207 -32.04 71.71 -21.18
C MET F 207 -31.16 72.96 -21.17
N LYS F 208 -29.88 72.77 -21.44
CA LYS F 208 -28.91 73.85 -21.34
C LYS F 208 -28.76 74.60 -22.67
N GLU F 209 -29.26 74.01 -23.75
CA GLU F 209 -29.17 74.63 -25.07
C GLU F 209 -30.54 75.10 -25.56
N THR F 210 -31.58 74.80 -24.79
CA THR F 210 -32.92 75.26 -25.12
C THR F 210 -33.19 76.65 -24.54
N GLY F 211 -32.79 76.84 -23.28
CA GLY F 211 -32.96 78.12 -22.63
C GLY F 211 -33.64 78.03 -21.27
N VAL F 212 -33.74 76.82 -20.75
CA VAL F 212 -34.32 76.60 -19.42
C VAL F 212 -33.22 76.63 -18.37
N ILE F 213 -32.06 76.10 -18.74
CA ILE F 213 -30.88 76.16 -17.89
C ILE F 213 -29.90 77.21 -18.42
N ASN F 214 -29.44 78.09 -17.54
CA ASN F 214 -28.50 79.13 -17.94
C ASN F 214 -27.18 79.03 -17.20
N LEU F 215 -26.13 78.62 -17.92
CA LEU F 215 -24.81 78.47 -17.35
C LEU F 215 -24.35 79.74 -16.62
N GLU F 216 -24.44 80.87 -17.31
CA GLU F 216 -24.06 82.16 -16.73
C GLU F 216 -25.27 83.09 -16.65
N GLY F 217 -26.05 82.94 -15.59
CA GLY F 217 -27.22 83.77 -15.39
C GLY F 217 -28.31 83.09 -14.59
N GLU F 218 -29.55 83.27 -15.03
CA GLU F 218 -30.70 82.73 -14.32
C GLU F 218 -31.38 81.59 -15.09
N SER F 219 -31.59 80.48 -14.40
CA SER F 219 -32.26 79.32 -14.98
C SER F 219 -33.53 79.00 -14.20
N LYS F 220 -34.42 78.24 -14.82
CA LYS F 220 -35.73 77.96 -14.23
C LYS F 220 -35.97 76.49 -13.97
N VAL F 221 -34.95 75.77 -13.50
CA VAL F 221 -35.11 74.36 -13.16
C VAL F 221 -33.93 73.80 -12.37
N ALA F 222 -34.23 73.22 -11.21
CA ALA F 222 -33.22 72.60 -10.37
C ALA F 222 -33.14 71.11 -10.65
N LEU F 223 -31.94 70.54 -10.51
CA LEU F 223 -31.73 69.13 -10.82
C LEU F 223 -31.23 68.33 -9.62
N VAL F 224 -31.82 67.16 -9.42
CA VAL F 224 -31.41 66.24 -8.37
C VAL F 224 -31.36 64.82 -8.93
N PHE F 225 -30.22 64.15 -8.79
CA PHE F 225 -30.04 62.84 -9.40
C PHE F 225 -29.49 61.76 -8.48
N GLY F 226 -29.90 60.53 -8.75
CA GLY F 226 -29.43 59.35 -8.04
C GLY F 226 -29.71 58.14 -8.90
N GLN F 227 -28.96 58.02 -10.00
CA GLN F 227 -29.23 57.04 -11.04
C GLN F 227 -29.05 55.59 -10.58
N MET F 228 -29.39 54.65 -11.47
CA MET F 228 -29.42 53.23 -11.15
C MET F 228 -28.06 52.63 -10.76
N ASN F 229 -26.99 53.39 -10.97
CA ASN F 229 -25.65 52.89 -10.63
C ASN F 229 -25.35 53.05 -9.14
N GLU F 230 -26.00 54.02 -8.50
CA GLU F 230 -25.78 54.29 -7.09
C GLU F 230 -26.49 53.26 -6.21
N PRO F 231 -25.88 52.94 -5.06
CA PRO F 231 -26.36 51.93 -4.10
C PRO F 231 -27.83 52.15 -3.72
N PRO F 232 -28.46 51.13 -3.12
CA PRO F 232 -29.86 51.18 -2.69
C PRO F 232 -30.13 52.37 -1.77
N GLY F 233 -29.27 52.56 -0.78
CA GLY F 233 -29.42 53.67 0.15
C GLY F 233 -29.61 55.00 -0.56
N ALA F 234 -28.82 55.23 -1.60
CA ALA F 234 -28.92 56.47 -2.37
C ALA F 234 -30.24 56.54 -3.11
N ARG F 235 -30.50 55.56 -3.96
CA ARG F 235 -31.73 55.49 -4.74
C ARG F 235 -32.97 55.63 -3.87
N ALA F 236 -32.85 55.21 -2.61
CA ALA F 236 -33.98 55.20 -1.69
C ALA F 236 -34.41 56.61 -1.29
N ARG F 237 -33.44 57.46 -0.94
CA ARG F 237 -33.74 58.78 -0.39
C ARG F 237 -33.63 59.89 -1.43
N VAL F 238 -33.02 59.61 -2.58
CA VAL F 238 -32.81 60.62 -3.61
C VAL F 238 -34.15 61.18 -4.10
N ALA F 239 -35.22 60.45 -3.83
CA ALA F 239 -36.56 60.91 -4.19
C ALA F 239 -37.08 61.93 -3.17
N LEU F 240 -36.75 61.70 -1.90
CA LEU F 240 -37.16 62.58 -0.83
C LEU F 240 -36.41 63.92 -0.89
N THR F 241 -35.21 63.89 -1.44
CA THR F 241 -34.38 65.09 -1.55
C THR F 241 -35.00 66.09 -2.53
N GLY F 242 -35.14 65.67 -3.78
CA GLY F 242 -35.69 66.54 -4.82
C GLY F 242 -37.09 67.02 -4.49
N LEU F 243 -37.76 66.29 -3.59
CA LEU F 243 -39.10 66.65 -3.15
C LEU F 243 -39.05 67.85 -2.22
N THR F 244 -38.03 67.90 -1.37
CA THR F 244 -37.86 68.99 -0.42
C THR F 244 -37.53 70.29 -1.14
N ILE F 245 -36.81 70.18 -2.25
CA ILE F 245 -36.44 71.35 -3.05
C ILE F 245 -37.69 71.95 -3.70
N ALA F 246 -38.62 71.08 -4.07
CA ALA F 246 -39.88 71.52 -4.66
C ALA F 246 -40.87 71.96 -3.58
N GLU F 247 -40.70 71.41 -2.38
CA GLU F 247 -41.58 71.73 -1.26
C GLU F 247 -41.33 73.14 -0.72
N TYR F 248 -40.11 73.63 -0.87
CA TYR F 248 -39.79 74.98 -0.42
C TYR F 248 -40.43 76.02 -1.34
N PHE F 249 -40.48 75.70 -2.63
CA PHE F 249 -41.11 76.58 -3.60
C PHE F 249 -42.62 76.60 -3.43
N ARG F 250 -43.18 75.49 -2.93
CA ARG F 250 -44.62 75.38 -2.73
C ARG F 250 -45.08 76.20 -1.53
N ASP F 251 -44.40 76.02 -0.40
CA ASP F 251 -44.81 76.66 0.86
C ASP F 251 -44.19 78.04 1.06
N GLU F 252 -42.91 78.07 1.39
CA GLU F 252 -42.22 79.30 1.70
C GLU F 252 -42.26 80.30 0.54
N GLU F 253 -41.99 79.83 -0.66
CA GLU F 253 -41.98 80.68 -1.85
C GLU F 253 -43.41 80.94 -2.35
N GLY F 254 -44.21 79.88 -2.40
CA GLY F 254 -45.58 79.97 -2.87
C GLY F 254 -45.67 80.11 -4.38
N GLN F 255 -44.99 79.23 -5.09
CA GLN F 255 -44.95 79.28 -6.56
C GLN F 255 -45.54 78.01 -7.18
N ASP F 256 -45.99 78.13 -8.42
CA ASP F 256 -46.46 76.97 -9.18
C ASP F 256 -45.28 76.10 -9.58
N VAL F 257 -45.09 74.99 -8.88
CA VAL F 257 -43.96 74.11 -9.12
C VAL F 257 -44.32 72.96 -10.04
N LEU F 258 -43.40 72.61 -10.94
CA LEU F 258 -43.58 71.45 -11.80
C LEU F 258 -42.54 70.41 -11.43
N LEU F 259 -43.00 69.25 -10.96
CA LEU F 259 -42.10 68.22 -10.45
C LEU F 259 -42.14 66.93 -11.27
N PHE F 260 -41.02 66.62 -11.91
CA PHE F 260 -40.88 65.36 -12.64
C PHE F 260 -40.10 64.36 -11.79
N ILE F 261 -40.50 63.09 -11.84
CA ILE F 261 -39.80 62.04 -11.12
C ILE F 261 -39.67 60.77 -11.97
N ASP F 262 -38.43 60.38 -12.25
CA ASP F 262 -38.16 59.21 -13.06
C ASP F 262 -36.86 58.54 -12.62
N ASN F 263 -36.96 57.30 -12.16
CA ASN F 263 -38.22 56.57 -12.09
C ASN F 263 -38.65 56.35 -10.65
N ILE F 264 -39.88 56.72 -10.33
CA ILE F 264 -40.39 56.65 -8.96
C ILE F 264 -40.46 55.22 -8.45
N PHE F 265 -40.53 54.26 -9.37
CA PHE F 265 -40.59 52.85 -9.01
C PHE F 265 -39.32 52.41 -8.28
N ARG F 266 -38.19 53.00 -8.64
CA ARG F 266 -36.91 52.63 -8.07
C ARG F 266 -36.85 52.90 -6.57
N PHE F 267 -37.79 53.68 -6.06
CA PHE F 267 -37.84 54.01 -4.64
C PHE F 267 -38.29 52.81 -3.80
N THR F 268 -39.40 52.19 -4.22
CA THR F 268 -39.90 51.00 -3.54
C THR F 268 -39.05 49.80 -3.89
N GLN F 269 -38.50 49.80 -5.10
CA GLN F 269 -37.62 48.74 -5.55
C GLN F 269 -36.34 48.73 -4.71
N ALA F 270 -35.75 49.90 -4.52
CA ALA F 270 -34.54 50.01 -3.71
C ALA F 270 -34.85 49.70 -2.25
N GLY F 271 -36.05 50.08 -1.82
CA GLY F 271 -36.48 49.82 -0.45
C GLY F 271 -36.57 48.34 -0.13
N SER F 272 -36.81 47.52 -1.16
CA SER F 272 -36.95 46.09 -0.96
C SER F 272 -35.59 45.39 -0.88
N GLU F 273 -34.59 45.97 -1.54
CA GLU F 273 -33.25 45.39 -1.53
C GLU F 273 -32.67 45.33 -0.11
N VAL F 274 -32.98 46.34 0.69
CA VAL F 274 -32.47 46.42 2.06
C VAL F 274 -33.43 45.78 3.06
N SER F 275 -34.71 45.73 2.70
CA SER F 275 -35.74 45.23 3.60
C SER F 275 -35.39 43.87 4.21
N ALA F 276 -34.74 43.03 3.42
CA ALA F 276 -34.35 41.70 3.88
C ALA F 276 -33.31 41.78 4.99
N LEU F 277 -32.40 42.74 4.87
CA LEU F 277 -31.31 42.90 5.82
C LEU F 277 -31.74 43.68 7.07
N LEU F 278 -32.99 44.15 7.06
CA LEU F 278 -33.54 44.84 8.22
C LEU F 278 -34.32 43.87 9.10
N GLY F 279 -34.20 42.59 8.80
CA GLY F 279 -34.86 41.55 9.56
C GLY F 279 -36.37 41.54 9.38
N ARG F 280 -36.81 41.91 8.17
CA ARG F 280 -38.22 41.97 7.86
C ARG F 280 -38.69 40.72 7.11
N ILE F 281 -39.77 40.11 7.57
CA ILE F 281 -40.38 38.99 6.87
C ILE F 281 -40.95 39.48 5.55
N PRO F 282 -40.42 38.97 4.43
CA PRO F 282 -40.87 39.36 3.09
C PRO F 282 -42.39 39.31 2.97
N SER F 283 -42.96 40.20 2.15
CA SER F 283 -44.40 40.25 1.97
C SER F 283 -44.80 39.57 0.66
N ALA F 284 -45.71 40.19 -0.08
CA ALA F 284 -46.17 39.64 -1.34
C ALA F 284 -45.11 39.80 -2.42
N VAL F 285 -44.76 38.68 -3.07
CA VAL F 285 -43.77 38.67 -4.14
C VAL F 285 -42.40 39.18 -3.65
N GLY F 286 -42.16 39.04 -2.35
CA GLY F 286 -40.87 39.39 -1.78
C GLY F 286 -40.66 40.88 -1.55
N TYR F 287 -41.72 41.66 -1.64
CA TYR F 287 -41.62 43.09 -1.36
C TYR F 287 -41.59 43.36 0.15
N GLN F 288 -41.19 44.57 0.53
CA GLN F 288 -41.14 44.94 1.95
C GLN F 288 -42.55 45.05 2.52
N PRO F 289 -42.72 44.61 3.78
CA PRO F 289 -44.02 44.64 4.47
C PRO F 289 -44.61 46.03 4.54
N THR F 290 -43.75 47.05 4.47
CA THR F 290 -44.19 48.44 4.55
C THR F 290 -44.19 49.10 3.19
N LEU F 291 -44.70 48.39 2.18
CA LEU F 291 -44.69 48.87 0.80
C LEU F 291 -45.60 50.08 0.58
N ALA F 292 -46.83 49.99 1.10
CA ALA F 292 -47.83 51.03 0.85
C ALA F 292 -47.59 52.30 1.66
N THR F 293 -47.16 52.16 2.90
CA THR F 293 -46.95 53.30 3.78
C THR F 293 -45.77 54.16 3.32
N ASP F 294 -44.70 53.50 2.88
CA ASP F 294 -43.56 54.22 2.33
C ASP F 294 -43.99 55.01 1.10
N MET F 295 -44.77 54.36 0.24
CA MET F 295 -45.31 55.00 -0.95
C MET F 295 -46.43 55.96 -0.56
N GLY F 296 -46.59 56.18 0.74
CA GLY F 296 -47.57 57.13 1.25
C GLY F 296 -46.91 58.37 1.81
N LEU F 297 -45.98 58.17 2.72
CA LEU F 297 -45.24 59.28 3.32
C LEU F 297 -44.59 60.13 2.24
N LEU F 298 -44.19 59.48 1.16
CA LEU F 298 -43.52 60.15 0.05
C LEU F 298 -44.51 60.78 -0.94
N GLN F 299 -45.53 60.00 -1.31
CA GLN F 299 -46.46 60.42 -2.35
C GLN F 299 -47.41 61.52 -1.89
N GLU F 300 -47.69 61.55 -0.60
CA GLU F 300 -48.62 62.53 -0.04
C GLU F 300 -47.99 63.91 0.14
N ARG F 301 -46.69 64.00 -0.11
CA ARG F 301 -45.99 65.28 -0.05
C ARG F 301 -46.02 65.94 -1.42
N ILE F 302 -46.10 65.12 -2.45
CA ILE F 302 -46.22 65.61 -3.82
C ILE F 302 -47.67 65.99 -4.11
N THR F 303 -48.09 67.14 -3.59
CA THR F 303 -49.48 67.56 -3.73
C THR F 303 -49.62 69.07 -3.87
N THR F 304 -50.82 69.53 -4.21
CA THR F 304 -51.10 70.96 -4.31
C THR F 304 -51.82 71.45 -3.06
N THR F 305 -51.23 72.45 -2.41
CA THR F 305 -51.83 73.02 -1.21
C THR F 305 -52.32 74.44 -1.46
N LYS F 306 -52.98 75.03 -0.47
CA LYS F 306 -53.43 76.40 -0.57
C LYS F 306 -52.23 77.35 -0.58
N LYS F 307 -51.12 76.89 -0.02
CA LYS F 307 -49.89 77.67 -0.01
C LYS F 307 -49.31 77.83 -1.42
N GLY F 308 -49.30 76.74 -2.17
CA GLY F 308 -48.77 76.75 -3.51
C GLY F 308 -49.12 75.50 -4.29
N SER F 309 -49.27 75.64 -5.60
CA SER F 309 -49.64 74.52 -6.46
C SER F 309 -48.43 73.67 -6.83
N VAL F 310 -48.67 72.40 -7.13
CA VAL F 310 -47.61 71.49 -7.53
C VAL F 310 -48.10 70.51 -8.60
N THR F 311 -47.55 70.63 -9.80
CA THR F 311 -47.87 69.71 -10.88
C THR F 311 -46.84 68.58 -10.92
N SER F 312 -47.30 67.35 -10.80
CA SER F 312 -46.40 66.20 -10.77
C SER F 312 -46.57 65.31 -12.00
N VAL F 313 -45.44 64.91 -12.59
CA VAL F 313 -45.44 63.99 -13.72
C VAL F 313 -44.35 62.94 -13.53
N GLN F 314 -44.70 61.86 -12.83
CA GLN F 314 -43.73 60.82 -12.50
C GLN F 314 -43.94 59.55 -13.32
N ALA F 315 -42.84 58.96 -13.76
CA ALA F 315 -42.88 57.71 -14.51
C ALA F 315 -42.81 56.52 -13.57
N VAL F 316 -43.55 55.47 -13.87
CA VAL F 316 -43.60 54.28 -13.02
C VAL F 316 -43.27 53.01 -13.80
N TYR F 317 -42.21 52.32 -13.39
CA TYR F 317 -41.81 51.09 -14.04
C TYR F 317 -42.71 49.92 -13.60
N VAL F 318 -42.90 48.97 -14.50
CA VAL F 318 -43.71 47.80 -14.22
C VAL F 318 -42.92 46.53 -14.51
N PRO F 319 -42.41 45.88 -13.45
CA PRO F 319 -41.57 44.67 -13.57
C PRO F 319 -42.27 43.56 -14.36
N ALA F 320 -41.57 43.04 -15.36
CA ALA F 320 -42.09 41.94 -16.17
C ALA F 320 -43.47 42.24 -16.76
N ASP F 321 -43.75 43.52 -16.97
CA ASP F 321 -45.02 43.94 -17.57
C ASP F 321 -46.24 43.52 -16.76
N ASP F 322 -46.05 43.27 -15.48
CA ASP F 322 -47.14 42.82 -14.62
C ASP F 322 -47.75 43.99 -13.85
N LEU F 323 -48.91 44.44 -14.28
CA LEU F 323 -49.60 45.55 -13.63
C LEU F 323 -50.16 45.16 -12.26
N THR F 324 -50.18 43.87 -11.98
CA THR F 324 -50.68 43.37 -10.70
C THR F 324 -49.58 43.41 -9.64
N ASP F 325 -48.36 43.66 -10.07
CA ASP F 325 -47.22 43.76 -9.15
C ASP F 325 -47.53 44.79 -8.07
N PRO F 326 -47.31 44.41 -6.80
CA PRO F 326 -47.60 45.27 -5.64
C PRO F 326 -47.08 46.69 -5.79
N ALA F 327 -46.03 46.89 -6.59
CA ALA F 327 -45.44 48.22 -6.74
C ALA F 327 -46.30 49.14 -7.62
N PRO F 328 -46.47 48.79 -8.92
CA PRO F 328 -47.28 49.64 -9.78
C PRO F 328 -48.76 49.59 -9.41
N ALA F 329 -49.16 48.56 -8.69
CA ALA F 329 -50.55 48.39 -8.29
C ALA F 329 -51.00 49.42 -7.26
N THR F 330 -50.18 49.59 -6.22
CA THR F 330 -50.49 50.55 -5.16
C THR F 330 -50.45 51.98 -5.66
N THR F 331 -49.57 52.24 -6.61
CA THR F 331 -49.35 53.58 -7.14
C THR F 331 -50.62 54.20 -7.75
N PHE F 332 -51.35 53.39 -8.51
CA PHE F 332 -52.55 53.88 -9.21
C PHE F 332 -53.44 54.77 -8.36
N ALA F 333 -53.66 54.37 -7.11
CA ALA F 333 -54.56 55.09 -6.22
C ALA F 333 -53.98 56.42 -5.73
N HIS F 334 -52.87 56.85 -6.34
CA HIS F 334 -52.24 58.11 -5.97
C HIS F 334 -52.29 59.11 -7.11
N LEU F 335 -52.62 58.63 -8.32
CA LEU F 335 -52.61 59.48 -9.50
C LEU F 335 -54.02 59.94 -9.89
N ASP F 336 -54.11 61.14 -10.44
CA ASP F 336 -55.37 61.69 -10.91
C ASP F 336 -55.63 61.27 -12.36
N ALA F 337 -54.55 61.12 -13.12
CA ALA F 337 -54.64 60.70 -14.51
C ALA F 337 -53.48 59.76 -14.85
N THR F 338 -53.81 58.64 -15.48
CA THR F 338 -52.80 57.64 -15.83
C THR F 338 -52.80 57.32 -17.32
N THR F 339 -51.63 57.29 -17.91
CA THR F 339 -51.47 56.90 -19.31
C THR F 339 -50.56 55.68 -19.39
N VAL F 340 -51.14 54.50 -19.51
CA VAL F 340 -50.40 53.25 -19.50
C VAL F 340 -49.76 52.94 -20.85
N LEU F 341 -48.54 52.42 -20.81
CA LEU F 341 -47.82 52.04 -22.02
C LEU F 341 -47.81 50.53 -22.19
N SER F 342 -48.59 50.04 -23.16
CA SER F 342 -48.69 48.62 -23.42
C SER F 342 -47.77 48.18 -24.54
N ARG F 343 -46.89 47.22 -24.25
CA ARG F 343 -45.97 46.68 -25.23
C ARG F 343 -46.73 46.07 -26.40
N GLY F 344 -47.95 45.59 -26.11
CA GLY F 344 -48.79 45.01 -27.13
C GLY F 344 -49.05 45.98 -28.26
N ILE F 345 -49.18 47.26 -27.93
CA ILE F 345 -49.39 48.29 -28.93
C ILE F 345 -48.08 48.63 -29.63
N SER F 346 -46.98 48.51 -28.89
CA SER F 346 -45.65 48.80 -29.43
C SER F 346 -45.22 47.78 -30.47
N GLU F 347 -45.74 46.56 -30.37
CA GLU F 347 -45.39 45.50 -31.31
C GLU F 347 -46.04 45.71 -32.66
N LEU F 348 -47.04 46.59 -32.71
CA LEU F 348 -47.71 46.92 -33.96
C LEU F 348 -46.93 47.99 -34.72
N GLY F 349 -46.26 48.87 -33.98
CA GLY F 349 -45.50 49.95 -34.57
C GLY F 349 -46.08 51.30 -34.19
N ILE F 350 -47.04 51.30 -33.27
CA ILE F 350 -47.68 52.53 -32.83
C ILE F 350 -46.86 53.24 -31.76
N TYR F 351 -46.66 54.55 -31.94
CA TYR F 351 -45.92 55.36 -30.99
C TYR F 351 -46.63 56.69 -30.75
N PRO F 352 -46.83 57.05 -29.47
CA PRO F 352 -46.40 56.26 -28.32
C PRO F 352 -47.30 55.05 -28.10
N ALA F 353 -46.83 54.09 -27.31
CA ALA F 353 -47.58 52.85 -27.08
C ALA F 353 -48.60 53.03 -25.96
N VAL F 354 -49.35 54.12 -26.00
CA VAL F 354 -50.36 54.40 -24.98
C VAL F 354 -51.60 53.52 -25.16
N ASP F 355 -52.00 52.86 -24.08
CA ASP F 355 -53.21 52.04 -24.10
C ASP F 355 -54.43 52.95 -23.91
N PRO F 356 -55.24 53.07 -24.97
CA PRO F 356 -56.38 53.99 -25.03
C PRO F 356 -57.57 53.55 -24.17
N LEU F 357 -57.66 52.25 -23.88
CA LEU F 357 -58.80 51.70 -23.16
C LEU F 357 -58.54 51.51 -21.66
N ASP F 358 -57.30 51.67 -21.24
CA ASP F 358 -56.95 51.48 -19.83
C ASP F 358 -56.36 52.73 -19.20
N SER F 359 -56.46 53.85 -19.89
CA SER F 359 -55.99 55.13 -19.37
C SER F 359 -57.16 55.96 -18.84
N LYS F 360 -57.10 56.30 -17.56
CA LYS F 360 -58.17 57.02 -16.91
C LYS F 360 -57.74 58.41 -16.45
N SER F 361 -58.71 59.27 -16.16
CA SER F 361 -58.44 60.63 -15.73
C SER F 361 -59.64 61.24 -15.00
N ARG F 362 -59.36 62.05 -13.99
CA ARG F 362 -60.42 62.71 -13.22
C ARG F 362 -61.08 63.83 -14.03
N LEU F 363 -60.41 64.27 -15.09
CA LEU F 363 -60.88 65.42 -15.85
C LEU F 363 -61.80 65.05 -17.02
N LEU F 364 -61.96 63.75 -17.27
CA LEU F 364 -62.83 63.30 -18.34
C LEU F 364 -64.30 63.37 -17.95
N ASP F 365 -64.77 64.59 -17.68
CA ASP F 365 -66.18 64.80 -17.35
C ASP F 365 -66.75 65.91 -18.22
N ALA F 366 -68.02 65.76 -18.59
CA ALA F 366 -68.68 66.72 -19.48
C ALA F 366 -68.75 68.12 -18.87
N ALA F 367 -68.32 68.24 -17.62
CA ALA F 367 -68.35 69.53 -16.92
C ALA F 367 -67.03 70.29 -17.07
N VAL F 368 -65.93 69.55 -17.16
CA VAL F 368 -64.61 70.16 -17.24
C VAL F 368 -64.14 70.32 -18.68
N VAL F 369 -64.37 69.28 -19.49
CA VAL F 369 -63.93 69.30 -20.89
C VAL F 369 -65.10 69.56 -21.86
N GLY F 370 -66.28 69.75 -21.30
CA GLY F 370 -67.46 70.02 -22.12
C GLY F 370 -68.13 68.75 -22.61
N GLN F 371 -69.42 68.83 -22.87
CA GLN F 371 -70.20 67.66 -23.28
C GLN F 371 -69.67 67.03 -24.58
N GLU F 372 -69.23 67.87 -25.50
CA GLU F 372 -68.74 67.38 -26.79
C GLU F 372 -67.46 66.58 -26.66
N HIS F 373 -66.49 67.11 -25.93
CA HIS F 373 -65.22 66.43 -25.71
C HIS F 373 -65.46 65.06 -25.11
N TYR F 374 -66.33 65.01 -24.11
CA TYR F 374 -66.68 63.77 -23.43
C TYR F 374 -67.39 62.80 -24.37
N ASP F 375 -68.32 63.33 -25.15
CA ASP F 375 -69.07 62.53 -26.12
C ASP F 375 -68.14 61.90 -27.16
N VAL F 376 -67.20 62.69 -27.67
CA VAL F 376 -66.25 62.19 -28.65
C VAL F 376 -65.32 61.14 -28.05
N ALA F 377 -64.67 61.49 -26.94
CA ALA F 377 -63.77 60.58 -26.26
C ALA F 377 -64.47 59.26 -25.94
N SER F 378 -65.71 59.35 -25.50
CA SER F 378 -66.50 58.17 -25.17
C SER F 378 -66.76 57.32 -26.39
N LYS F 379 -67.18 57.97 -27.48
CA LYS F 379 -67.47 57.25 -28.72
C LYS F 379 -66.21 56.66 -29.35
N VAL F 380 -65.05 57.07 -28.86
CA VAL F 380 -63.79 56.47 -29.28
C VAL F 380 -63.52 55.21 -28.49
N GLN F 381 -63.82 55.25 -27.19
CA GLN F 381 -63.65 54.11 -26.31
C GLN F 381 -64.64 53.00 -26.67
N GLU F 382 -65.92 53.37 -26.78
CA GLU F 382 -66.97 52.42 -27.14
C GLU F 382 -66.59 51.60 -28.38
N THR F 383 -65.97 52.26 -29.35
CA THR F 383 -65.60 51.60 -30.60
C THR F 383 -64.36 50.73 -30.45
N LEU F 384 -63.39 51.21 -29.68
CA LEU F 384 -62.13 50.50 -29.50
C LEU F 384 -62.32 49.19 -28.72
N GLN F 385 -63.34 49.13 -27.89
CA GLN F 385 -63.64 47.93 -27.12
C GLN F 385 -64.26 46.87 -28.01
N THR F 386 -65.03 47.31 -29.00
CA THR F 386 -65.69 46.40 -29.94
C THR F 386 -64.64 45.71 -30.80
N TYR F 387 -63.62 46.46 -31.20
CA TYR F 387 -62.53 45.92 -32.01
C TYR F 387 -61.62 45.05 -31.16
N LYS F 388 -61.56 45.37 -29.87
CA LYS F 388 -60.76 44.60 -28.91
C LYS F 388 -61.42 43.26 -28.61
N SER F 389 -62.73 43.30 -28.40
CA SER F 389 -63.50 42.11 -28.06
C SER F 389 -63.63 41.17 -29.26
N LEU F 390 -63.04 41.54 -30.38
CA LEU F 390 -63.10 40.73 -31.59
C LEU F 390 -61.71 40.44 -32.15
N GLN F 391 -60.68 40.88 -31.43
CA GLN F 391 -59.30 40.63 -31.83
C GLN F 391 -59.09 39.16 -32.16
N ASP F 392 -59.73 38.29 -31.39
CA ASP F 392 -59.65 36.85 -31.60
C ASP F 392 -60.42 36.44 -32.85
N ILE F 393 -61.69 36.83 -32.92
CA ILE F 393 -62.55 36.48 -34.04
C ILE F 393 -61.87 36.79 -35.38
N ILE F 394 -61.33 38.00 -35.48
CA ILE F 394 -60.63 38.41 -36.69
C ILE F 394 -59.35 37.61 -36.91
N ALA F 395 -58.58 37.43 -35.84
CA ALA F 395 -57.28 36.77 -35.92
C ALA F 395 -57.37 35.33 -36.42
N ILE F 396 -58.54 34.72 -36.29
CA ILE F 396 -58.72 33.33 -36.71
C ILE F 396 -59.62 33.21 -37.93
N LEU F 397 -60.86 33.68 -37.81
CA LEU F 397 -61.83 33.60 -38.89
C LEU F 397 -61.58 34.67 -39.96
N GLY F 398 -61.55 35.92 -39.52
CA GLY F 398 -61.37 37.05 -40.43
C GLY F 398 -62.57 37.98 -40.42
N MET F 399 -62.38 39.18 -40.95
CA MET F 399 -63.45 40.18 -41.00
C MET F 399 -64.65 39.68 -41.80
N ASP F 400 -64.40 38.75 -42.72
CA ASP F 400 -65.47 38.21 -43.56
C ASP F 400 -66.64 37.68 -42.74
N GLU F 401 -66.33 36.95 -41.68
CA GLU F 401 -67.36 36.33 -40.85
C GLU F 401 -68.12 37.31 -39.96
N LEU F 402 -67.67 38.56 -39.94
CA LEU F 402 -68.36 39.59 -39.15
C LEU F 402 -69.38 40.35 -39.98
N SER F 403 -70.56 40.57 -39.40
CA SER F 403 -71.63 41.28 -40.07
C SER F 403 -71.20 42.71 -40.44
N GLU F 404 -71.92 43.32 -41.36
CA GLU F 404 -71.61 44.68 -41.80
C GLU F 404 -71.61 45.67 -40.65
N GLN F 405 -72.55 45.50 -39.73
CA GLN F 405 -72.61 46.34 -38.53
C GLN F 405 -71.23 46.39 -37.89
N ASP F 406 -70.69 45.22 -37.58
CA ASP F 406 -69.35 45.11 -37.01
C ASP F 406 -68.30 45.53 -38.02
N LYS F 407 -68.50 45.13 -39.27
CA LYS F 407 -67.56 45.41 -40.35
C LYS F 407 -67.17 46.88 -40.37
N LEU F 408 -68.16 47.76 -40.26
CA LEU F 408 -67.93 49.20 -40.29
C LEU F 408 -67.19 49.68 -39.04
N THR F 409 -67.76 49.40 -37.87
CA THR F 409 -67.16 49.80 -36.60
C THR F 409 -65.70 49.37 -36.52
N VAL F 410 -65.44 48.11 -36.84
CA VAL F 410 -64.08 47.58 -36.83
C VAL F 410 -63.16 48.40 -37.73
N GLU F 411 -63.56 48.60 -38.97
CA GLU F 411 -62.76 49.35 -39.93
C GLU F 411 -62.45 50.76 -39.44
N ARG F 412 -63.40 51.38 -38.75
CA ARG F 412 -63.21 52.72 -38.23
C ARG F 412 -62.24 52.72 -37.05
N ALA F 413 -62.32 51.70 -36.22
CA ALA F 413 -61.43 51.57 -35.08
C ALA F 413 -59.98 51.42 -35.52
N ARG F 414 -59.78 50.61 -36.57
CA ARG F 414 -58.46 50.42 -37.15
C ARG F 414 -57.88 51.76 -37.60
N LYS F 415 -58.73 52.72 -37.89
CA LYS F 415 -58.30 54.04 -38.30
C LYS F 415 -58.10 54.95 -37.08
N ILE F 416 -58.93 54.76 -36.06
CA ILE F 416 -58.83 55.54 -34.84
C ILE F 416 -57.52 55.26 -34.12
N GLN F 417 -57.19 53.97 -33.98
CA GLN F 417 -56.00 53.56 -33.24
C GLN F 417 -54.72 54.02 -33.91
N ARG F 418 -54.68 53.99 -35.23
CA ARG F 418 -53.49 54.37 -35.98
C ARG F 418 -53.35 55.89 -36.08
N PHE F 419 -54.47 56.60 -35.91
CA PHE F 419 -54.46 58.05 -35.93
C PHE F 419 -54.08 58.62 -34.57
N LEU F 420 -54.22 57.79 -33.54
CA LEU F 420 -53.80 58.18 -32.20
C LEU F 420 -52.29 58.24 -32.14
N SER F 421 -51.65 57.65 -33.15
CA SER F 421 -50.19 57.69 -33.28
C SER F 421 -49.71 59.09 -33.59
N GLN F 422 -48.64 59.51 -32.93
CA GLN F 422 -48.10 60.85 -33.11
C GLN F 422 -46.60 60.89 -32.85
N PRO F 423 -45.83 61.36 -33.85
CA PRO F 423 -44.37 61.46 -33.73
C PRO F 423 -43.97 62.45 -32.63
N PHE F 424 -42.84 62.19 -31.99
CA PHE F 424 -42.34 63.07 -30.95
C PHE F 424 -41.05 63.78 -31.38
N ALA F 425 -40.89 65.02 -30.93
CA ALA F 425 -39.73 65.83 -31.29
C ALA F 425 -38.42 65.19 -30.86
N VAL F 426 -38.39 64.66 -29.64
CA VAL F 426 -37.18 64.06 -29.09
C VAL F 426 -36.84 62.72 -29.75
N ALA F 427 -37.87 62.01 -30.19
CA ALA F 427 -37.69 60.68 -30.78
C ALA F 427 -37.11 60.75 -32.20
N GLU F 428 -37.18 61.93 -32.81
CA GLU F 428 -36.75 62.11 -34.19
C GLU F 428 -35.29 61.73 -34.42
N VAL F 429 -34.54 61.55 -33.33
CA VAL F 429 -33.12 61.24 -33.41
C VAL F 429 -32.86 59.84 -33.95
N PHE F 430 -33.80 58.93 -33.74
CA PHE F 430 -33.66 57.57 -34.23
C PHE F 430 -34.90 57.10 -35.00
N THR F 431 -35.97 57.88 -34.92
CA THR F 431 -37.20 57.56 -35.64
C THR F 431 -37.10 57.94 -37.11
N GLY F 432 -36.65 59.16 -37.37
CA GLY F 432 -36.51 59.65 -38.73
C GLY F 432 -37.67 60.53 -39.16
N ILE F 433 -38.76 60.46 -38.41
CA ILE F 433 -39.95 61.24 -38.72
C ILE F 433 -40.09 62.45 -37.80
N PRO F 434 -40.32 63.63 -38.40
CA PRO F 434 -40.49 64.89 -37.67
C PRO F 434 -41.63 64.83 -36.66
N GLY F 435 -41.39 65.28 -35.44
CA GLY F 435 -42.40 65.26 -34.41
C GLY F 435 -43.36 66.43 -34.51
N LYS F 436 -44.65 66.13 -34.68
CA LYS F 436 -45.66 67.17 -34.82
C LYS F 436 -46.55 67.26 -33.59
N LEU F 437 -46.66 68.47 -33.04
CA LEU F 437 -47.47 68.72 -31.85
C LEU F 437 -48.87 69.21 -32.24
N VAL F 438 -49.89 68.58 -31.67
CA VAL F 438 -51.27 68.92 -31.97
C VAL F 438 -51.98 69.47 -30.74
N ARG F 439 -52.68 70.59 -30.92
CA ARG F 439 -53.42 71.21 -29.82
C ARG F 439 -54.78 70.54 -29.59
N LEU F 440 -55.36 70.77 -28.43
CA LEU F 440 -56.56 70.07 -28.00
C LEU F 440 -57.77 70.27 -28.92
N LYS F 441 -58.04 71.52 -29.29
CA LYS F 441 -59.21 71.84 -30.11
C LYS F 441 -59.28 71.03 -31.40
N ASP F 442 -58.17 71.01 -32.15
CA ASP F 442 -58.11 70.30 -33.41
C ASP F 442 -58.37 68.81 -33.19
N THR F 443 -57.77 68.26 -32.14
CA THR F 443 -57.89 66.84 -31.81
C THR F 443 -59.35 66.39 -31.72
N VAL F 444 -60.13 67.10 -30.91
CA VAL F 444 -61.53 66.72 -30.67
C VAL F 444 -62.36 66.73 -31.96
N ALA F 445 -62.28 67.82 -32.71
CA ALA F 445 -63.04 67.95 -33.95
C ALA F 445 -62.64 66.89 -34.97
N SER F 446 -61.34 66.63 -35.06
CA SER F 446 -60.83 65.66 -36.02
C SER F 446 -61.42 64.27 -35.80
N PHE F 447 -61.16 63.71 -34.62
CA PHE F 447 -61.63 62.37 -34.29
C PHE F 447 -63.14 62.24 -34.39
N LYS F 448 -63.85 63.34 -34.17
CA LYS F 448 -65.31 63.33 -34.29
C LYS F 448 -65.72 63.09 -35.73
N ALA F 449 -64.98 63.70 -36.67
CA ALA F 449 -65.27 63.56 -38.09
C ALA F 449 -65.16 62.12 -38.56
N VAL F 450 -64.09 61.43 -38.15
CA VAL F 450 -63.86 60.05 -38.53
C VAL F 450 -64.99 59.14 -38.04
N LEU F 451 -65.51 59.45 -36.86
CA LEU F 451 -66.60 58.68 -36.28
C LEU F 451 -67.88 58.79 -37.10
N GLU F 452 -68.17 60.01 -37.54
CA GLU F 452 -69.39 60.27 -38.30
C GLU F 452 -69.37 59.62 -39.68
N GLY F 453 -68.17 59.34 -40.18
CA GLY F 453 -68.01 58.66 -41.46
C GLY F 453 -67.55 59.58 -42.56
N LYS F 454 -66.90 60.68 -42.17
CA LYS F 454 -66.42 61.67 -43.13
C LYS F 454 -65.13 61.23 -43.83
N TYR F 455 -64.52 60.16 -43.32
CA TYR F 455 -63.24 59.70 -43.86
C TYR F 455 -63.18 58.18 -43.98
N ASP F 456 -64.31 57.56 -44.31
CA ASP F 456 -64.39 56.10 -44.40
C ASP F 456 -63.83 55.56 -45.72
N ASN F 457 -63.22 56.43 -46.51
CA ASN F 457 -62.68 56.03 -47.81
C ASN F 457 -61.17 56.26 -47.94
N ILE F 458 -60.58 56.86 -46.91
CA ILE F 458 -59.14 57.12 -46.90
C ILE F 458 -58.37 55.91 -46.37
N PRO F 459 -57.28 55.53 -47.06
CA PRO F 459 -56.44 54.41 -46.64
C PRO F 459 -55.97 54.57 -45.19
N GLU F 460 -55.93 53.46 -44.46
CA GLU F 460 -55.57 53.50 -43.05
C GLU F 460 -54.14 53.99 -42.82
N HIS F 461 -53.26 53.68 -43.77
CA HIS F 461 -51.85 54.05 -43.65
C HIS F 461 -51.67 55.56 -43.70
N ALA F 462 -52.74 56.27 -44.05
CA ALA F 462 -52.69 57.73 -44.12
C ALA F 462 -52.83 58.37 -42.75
N PHE F 463 -53.33 57.58 -41.79
CA PHE F 463 -53.51 58.07 -40.43
C PHE F 463 -52.26 57.85 -39.58
N TYR F 464 -51.40 56.95 -40.04
CA TYR F 464 -50.21 56.54 -39.28
C TYR F 464 -49.17 57.65 -39.16
N MET F 465 -48.76 57.93 -37.93
CA MET F 465 -47.70 58.90 -37.66
C MET F 465 -47.96 60.25 -38.31
N VAL F 466 -49.01 60.94 -37.86
CA VAL F 466 -49.35 62.24 -38.41
C VAL F 466 -49.81 63.21 -37.33
N GLY F 467 -49.97 64.48 -37.71
CA GLY F 467 -50.44 65.50 -36.79
C GLY F 467 -51.95 65.65 -36.82
N GLY F 468 -52.42 66.82 -37.26
CA GLY F 468 -53.84 67.09 -37.34
C GLY F 468 -54.52 66.41 -38.52
N ILE F 469 -55.84 66.52 -38.58
CA ILE F 469 -56.61 65.95 -39.67
C ILE F 469 -56.18 66.52 -41.01
N GLU F 470 -55.74 67.77 -41.00
CA GLU F 470 -55.28 68.46 -42.19
C GLU F 470 -53.99 67.84 -42.71
N ASP F 471 -53.38 67.00 -41.88
CA ASP F 471 -52.14 66.33 -42.25
C ASP F 471 -52.44 64.96 -42.87
N VAL F 472 -53.64 64.46 -42.61
CA VAL F 472 -54.06 63.17 -43.15
C VAL F 472 -54.33 63.29 -44.65
N VAL F 473 -55.07 64.33 -45.03
CA VAL F 473 -55.35 64.58 -46.44
C VAL F 473 -54.07 64.84 -47.22
N ALA F 474 -53.05 65.35 -46.52
CA ALA F 474 -51.76 65.61 -47.13
C ALA F 474 -51.06 64.31 -47.49
N LYS F 475 -51.01 63.38 -46.55
CA LYS F 475 -50.37 62.09 -46.76
C LYS F 475 -51.25 61.16 -47.60
N ALA F 476 -52.56 61.39 -47.54
CA ALA F 476 -53.50 60.56 -48.27
C ALA F 476 -53.31 60.66 -49.78
N GLU F 477 -53.15 61.89 -50.27
CA GLU F 477 -53.01 62.13 -51.70
C GLU F 477 -51.59 61.88 -52.19
N LYS F 478 -50.60 62.21 -51.36
CA LYS F 478 -49.20 61.95 -51.71
C LYS F 478 -48.94 60.47 -51.86
N LEU F 479 -49.82 59.65 -51.30
CA LEU F 479 -49.71 58.20 -51.42
C LEU F 479 -50.64 57.67 -52.50
N ALA F 480 -51.64 58.47 -52.85
CA ALA F 480 -52.57 58.11 -53.91
C ALA F 480 -51.86 58.08 -55.26
N ALA F 481 -51.17 59.17 -55.57
CA ALA F 481 -50.42 59.27 -56.82
C ALA F 481 -49.26 58.29 -56.82
N ALA G 1 -53.81 35.17 -16.70
CA ALA G 1 -53.43 35.47 -15.32
C ALA G 1 -53.96 34.40 -14.36
N THR G 2 -55.22 34.03 -14.54
CA THR G 2 -55.85 33.03 -13.70
C THR G 2 -55.20 31.67 -13.87
N LEU G 3 -55.19 30.87 -12.81
CA LEU G 3 -54.62 29.53 -12.85
C LEU G 3 -55.31 28.71 -13.94
N LYS G 4 -56.62 28.90 -14.08
CA LYS G 4 -57.42 28.07 -14.96
C LYS G 4 -57.84 28.79 -16.25
N GLU G 5 -58.12 30.09 -16.16
CA GLU G 5 -58.64 30.83 -17.31
C GLU G 5 -57.76 30.70 -18.55
N VAL G 6 -56.46 30.55 -18.35
CA VAL G 6 -55.53 30.41 -19.47
C VAL G 6 -55.47 28.98 -19.99
N GLU G 7 -56.04 28.05 -19.22
CA GLU G 7 -56.09 26.65 -19.63
C GLU G 7 -57.38 26.35 -20.38
N MET G 8 -58.50 26.89 -19.89
CA MET G 8 -59.79 26.68 -20.54
C MET G 8 -59.94 27.60 -21.75
N ARG G 9 -59.13 28.65 -21.79
CA ARG G 9 -59.07 29.51 -22.98
C ARG G 9 -58.21 28.84 -24.03
N LEU G 10 -57.25 28.03 -23.58
CA LEU G 10 -56.40 27.27 -24.47
C LEU G 10 -57.17 26.08 -25.03
N LYS G 11 -58.19 25.65 -24.30
CA LYS G 11 -59.04 24.54 -24.73
C LYS G 11 -60.03 24.99 -25.80
N SER G 12 -60.64 26.16 -25.60
CA SER G 12 -61.62 26.69 -26.54
C SER G 12 -60.94 27.23 -27.80
N ILE G 13 -59.63 26.97 -27.91
CA ILE G 13 -58.88 27.35 -29.09
C ILE G 13 -58.13 26.13 -29.64
N LYS G 14 -57.80 25.20 -28.77
CA LYS G 14 -57.14 23.97 -29.18
C LYS G 14 -58.10 23.09 -29.96
N ASN G 15 -59.38 23.12 -29.58
CA ASN G 15 -60.40 22.36 -30.28
C ASN G 15 -61.01 23.15 -31.43
N ILE G 16 -60.81 24.47 -31.42
CA ILE G 16 -61.19 25.31 -32.54
C ILE G 16 -60.17 25.15 -33.65
N GLU G 17 -58.95 24.77 -33.26
CA GLU G 17 -57.88 24.54 -34.21
C GLU G 17 -58.13 23.30 -35.05
N LYS G 18 -58.68 22.26 -34.42
CA LYS G 18 -58.95 21.01 -35.10
C LYS G 18 -60.27 21.09 -35.87
N ILE G 19 -61.21 21.87 -35.37
CA ILE G 19 -62.53 21.96 -35.97
C ILE G 19 -62.51 22.68 -37.32
N THR G 20 -61.67 23.70 -37.43
CA THR G 20 -61.53 24.42 -38.69
C THR G 20 -60.74 23.57 -39.68
N LYS G 21 -59.89 22.71 -39.13
CA LYS G 21 -59.08 21.81 -39.96
C LYS G 21 -59.89 20.59 -40.37
N THR G 22 -60.89 20.26 -39.57
CA THR G 22 -61.74 19.10 -39.86
C THR G 22 -62.81 19.48 -40.89
N MET G 23 -63.14 20.76 -40.94
CA MET G 23 -64.08 21.26 -41.95
C MET G 23 -63.34 21.62 -43.24
N LYS G 24 -62.04 21.85 -43.11
CA LYS G 24 -61.20 22.09 -44.28
C LYS G 24 -61.11 20.81 -45.11
N ILE G 25 -61.06 19.68 -44.43
CA ILE G 25 -61.05 18.37 -45.09
C ILE G 25 -62.40 18.10 -45.73
N VAL G 26 -63.46 18.42 -44.99
CA VAL G 26 -64.82 18.25 -45.50
C VAL G 26 -65.02 19.07 -46.77
N ALA G 27 -64.45 20.26 -46.80
CA ALA G 27 -64.55 21.13 -47.97
C ALA G 27 -63.59 20.70 -49.07
N SER G 28 -62.47 20.11 -48.67
CA SER G 28 -61.45 19.68 -49.63
C SER G 28 -61.79 18.32 -50.23
N THR G 29 -62.45 17.47 -49.46
CA THR G 29 -62.87 16.15 -49.92
C THR G 29 -64.19 16.24 -50.66
N ARG G 30 -64.86 17.38 -50.54
CA ARG G 30 -66.12 17.62 -51.23
C ARG G 30 -65.87 18.45 -52.48
N LEU G 31 -64.59 18.76 -52.73
CA LEU G 31 -64.20 19.48 -53.93
C LEU G 31 -64.27 18.56 -55.15
N SER G 32 -64.24 17.25 -54.88
CA SER G 32 -64.33 16.25 -55.93
C SER G 32 -65.68 16.28 -56.63
N LYS G 33 -66.75 16.37 -55.84
CA LYS G 33 -68.09 16.50 -56.40
C LYS G 33 -68.28 17.88 -57.02
N ALA G 34 -67.57 18.86 -56.48
CA ALA G 34 -67.67 20.24 -56.96
C ALA G 34 -67.06 20.39 -58.35
N GLU G 35 -65.88 19.78 -58.55
CA GLU G 35 -65.18 19.87 -59.82
C GLU G 35 -65.76 18.92 -60.86
N LYS G 36 -66.76 18.13 -60.46
CA LYS G 36 -67.45 17.25 -61.38
C LYS G 36 -68.78 17.85 -61.81
N ALA G 37 -69.63 18.15 -60.84
CA ALA G 37 -70.93 18.77 -61.10
C ALA G 37 -70.74 20.09 -61.83
N LYS G 38 -69.54 20.65 -61.73
CA LYS G 38 -69.22 21.90 -62.42
C LYS G 38 -69.08 21.66 -63.92
N ILE G 39 -68.36 20.60 -64.27
CA ILE G 39 -68.12 20.26 -65.67
C ILE G 39 -69.36 19.66 -66.32
N SER G 40 -70.11 18.87 -65.56
CA SER G 40 -71.34 18.27 -66.06
C SER G 40 -72.36 19.36 -66.41
N ALA G 41 -72.54 20.31 -65.49
CA ALA G 41 -73.45 21.42 -65.72
C ALA G 41 -73.03 22.22 -66.94
N LYS G 42 -71.77 22.63 -66.98
CA LYS G 42 -71.25 23.42 -68.09
C LYS G 42 -71.45 22.74 -69.44
N LYS G 43 -71.24 21.42 -69.49
CA LYS G 43 -71.40 20.67 -70.72
C LYS G 43 -72.86 20.63 -71.18
N MET G 44 -73.78 20.53 -70.22
CA MET G 44 -75.20 20.61 -70.53
C MET G 44 -75.56 22.05 -70.86
N ASP G 45 -74.79 22.98 -70.33
CA ASP G 45 -75.00 24.41 -70.55
C ASP G 45 -74.75 24.73 -72.02
N GLU G 46 -73.69 24.16 -72.57
CA GLU G 46 -73.38 24.33 -73.99
C GLU G 46 -74.46 23.73 -74.86
N ALA G 47 -74.91 22.54 -74.48
CA ALA G 47 -75.96 21.84 -75.21
C ALA G 47 -77.26 22.62 -75.17
N GLU G 48 -77.48 23.35 -74.07
CA GLU G 48 -78.72 24.09 -73.87
C GLU G 48 -78.68 25.47 -74.52
N GLN G 49 -77.48 26.05 -74.60
CA GLN G 49 -77.34 27.41 -75.11
C GLN G 49 -77.06 27.47 -76.60
N LEU G 50 -76.73 26.32 -77.20
CA LEU G 50 -76.41 26.30 -78.63
C LEU G 50 -77.62 26.66 -79.48
N PHE G 51 -78.81 26.27 -79.02
CA PHE G 51 -80.04 26.67 -79.68
C PHE G 51 -80.22 28.18 -79.54
N TYR G 52 -79.99 28.69 -78.33
CA TYR G 52 -80.12 30.12 -78.06
C TYR G 52 -79.08 30.93 -78.84
N LYS G 53 -78.03 30.26 -79.29
CA LYS G 53 -76.98 30.92 -80.06
C LYS G 53 -77.34 30.96 -81.55
N ASN G 54 -77.60 29.78 -82.11
CA ASN G 54 -77.94 29.67 -83.53
C ASN G 54 -79.29 30.32 -83.86
N ALA G 55 -80.08 30.60 -82.82
CA ALA G 55 -81.35 31.27 -83.00
C ALA G 55 -81.21 32.76 -82.79
N GLU G 56 -80.07 33.17 -82.24
CA GLU G 56 -79.77 34.57 -82.03
C GLU G 56 -80.82 35.24 -81.14
N THR G 57 -81.08 34.63 -79.97
CA THR G 57 -82.07 35.17 -79.05
C THR G 57 -81.47 36.28 -78.19
N LYS G 58 -82.21 37.38 -78.06
CA LYS G 58 -81.77 38.51 -77.25
C LYS G 58 -82.96 39.26 -76.67
N ASN G 59 -82.73 39.97 -75.57
CA ASN G 59 -83.80 40.72 -74.91
C ASN G 59 -84.47 41.74 -75.81
N LEU G 60 -85.79 41.84 -75.69
CA LEU G 60 -86.58 42.80 -76.45
C LEU G 60 -86.18 44.24 -76.08
N ASP G 61 -86.74 45.20 -76.80
CA ASP G 61 -86.41 46.61 -76.57
C ASP G 61 -87.34 47.24 -75.54
N PRO G 70 -91.27 48.64 -66.43
CA PRO G 70 -89.82 48.54 -66.28
C PRO G 70 -89.42 47.43 -65.35
N LYS G 71 -90.06 46.29 -65.56
CA LYS G 71 -89.89 45.19 -64.63
C LYS G 71 -88.69 44.39 -65.06
N GLU G 72 -87.91 43.90 -64.10
CA GLU G 72 -86.93 42.83 -64.34
C GLU G 72 -86.72 41.98 -63.09
N LEU G 73 -86.73 40.67 -63.27
CA LEU G 73 -86.56 39.73 -62.17
C LEU G 73 -85.11 39.34 -61.91
N ILE G 74 -84.65 39.61 -60.69
CA ILE G 74 -83.30 39.28 -60.27
C ILE G 74 -83.29 38.08 -59.33
N VAL G 75 -82.44 37.10 -59.63
CA VAL G 75 -82.31 35.90 -58.80
C VAL G 75 -80.91 35.82 -58.19
N ALA G 76 -80.86 35.83 -56.86
CA ALA G 76 -79.58 35.73 -56.14
C ALA G 76 -79.28 34.29 -55.80
N ILE G 77 -78.05 33.85 -56.08
CA ILE G 77 -77.68 32.45 -55.88
C ILE G 77 -76.51 32.29 -54.93
N THR G 78 -76.81 31.91 -53.68
CA THR G 78 -75.78 31.55 -52.71
C THR G 78 -76.37 30.64 -51.63
N SER G 79 -75.62 30.44 -50.55
CA SER G 79 -76.03 29.51 -49.50
C SER G 79 -76.43 30.21 -48.22
N ASP G 80 -76.79 29.42 -47.21
CA ASP G 80 -77.12 29.95 -45.89
C ASP G 80 -75.93 29.76 -44.96
N LYS G 81 -75.00 28.89 -45.37
CA LYS G 81 -73.82 28.60 -44.58
C LYS G 81 -72.74 29.67 -44.77
N GLY G 82 -72.16 30.11 -43.67
CA GLY G 82 -71.07 31.06 -43.72
C GLY G 82 -69.74 30.34 -43.86
N LEU G 83 -68.71 30.90 -43.24
CA LEU G 83 -67.38 30.30 -43.26
C LEU G 83 -67.01 29.82 -44.66
N CYS G 84 -66.99 30.75 -45.62
CA CYS G 84 -66.70 30.41 -47.00
C CYS G 84 -65.92 31.54 -47.69
N GLY G 85 -65.80 32.67 -47.00
CA GLY G 85 -65.06 33.80 -47.53
C GLY G 85 -65.96 34.91 -48.00
N SER G 86 -65.43 35.78 -48.86
CA SER G 86 -66.16 36.93 -49.37
C SER G 86 -67.08 36.55 -50.53
N ILE G 87 -67.54 35.31 -50.56
CA ILE G 87 -68.40 34.84 -51.63
C ILE G 87 -69.81 35.44 -51.50
N HIS G 88 -70.23 35.67 -50.26
CA HIS G 88 -71.51 36.31 -50.00
C HIS G 88 -71.31 37.83 -49.97
N SER G 89 -70.05 38.24 -49.98
CA SER G 89 -69.69 39.65 -49.91
C SER G 89 -69.67 40.28 -51.31
N GLN G 90 -68.85 39.73 -52.19
CA GLN G 90 -68.65 40.31 -53.51
C GLN G 90 -69.84 40.11 -54.45
N LEU G 91 -70.56 39.01 -54.26
CA LEU G 91 -71.70 38.71 -55.13
C LEU G 91 -72.88 39.63 -54.81
N ALA G 92 -73.06 39.95 -53.53
CA ALA G 92 -74.14 40.83 -53.11
C ALA G 92 -73.90 42.25 -53.61
N LYS G 93 -72.64 42.64 -53.72
CA LYS G 93 -72.29 43.95 -54.25
C LYS G 93 -72.51 44.00 -55.76
N ALA G 94 -72.17 42.91 -56.44
CA ALA G 94 -72.39 42.80 -57.88
C ALA G 94 -73.87 42.99 -58.20
N VAL G 95 -74.71 42.43 -57.34
CA VAL G 95 -76.16 42.59 -57.48
C VAL G 95 -76.58 44.02 -57.18
N ARG G 96 -76.15 44.53 -56.03
CA ARG G 96 -76.47 45.89 -55.63
C ARG G 96 -76.03 46.90 -56.68
N ARG G 97 -74.83 46.70 -57.21
CA ARG G 97 -74.26 47.60 -58.20
C ARG G 97 -75.02 47.53 -59.52
N HIS G 98 -75.54 46.34 -59.84
CA HIS G 98 -76.34 46.17 -61.04
C HIS G 98 -77.76 46.67 -60.81
N LEU G 99 -78.16 46.71 -59.54
CA LEU G 99 -79.50 47.16 -59.17
C LEU G 99 -79.58 48.69 -59.20
N ASN G 100 -78.44 49.34 -58.97
CA ASN G 100 -78.37 50.79 -58.97
C ASN G 100 -78.88 51.39 -60.27
N ASP G 101 -78.47 50.80 -61.39
CA ASP G 101 -78.86 51.28 -62.71
C ASP G 101 -80.36 51.17 -62.92
N GLN G 102 -80.93 50.02 -62.53
CA GLN G 102 -82.37 49.82 -62.64
C GLN G 102 -82.98 49.48 -61.29
N PRO G 103 -83.26 50.51 -60.48
CA PRO G 103 -83.91 50.33 -59.17
C PRO G 103 -85.25 49.62 -59.33
N ASN G 104 -85.89 49.81 -60.47
CA ASN G 104 -87.17 49.17 -60.74
C ASN G 104 -87.00 47.68 -61.03
N ALA G 105 -87.00 46.87 -59.98
CA ALA G 105 -86.82 45.43 -60.14
C ALA G 105 -87.21 44.67 -58.88
N ASP G 106 -87.55 43.40 -59.05
CA ASP G 106 -87.84 42.53 -57.92
C ASP G 106 -86.73 41.49 -57.76
N ILE G 107 -86.35 41.21 -56.52
CA ILE G 107 -85.24 40.29 -56.27
C ILE G 107 -85.67 39.06 -55.48
N VAL G 108 -85.47 37.89 -56.09
CA VAL G 108 -85.66 36.62 -55.40
C VAL G 108 -84.30 36.12 -54.93
N THR G 109 -84.19 35.80 -53.64
CA THR G 109 -82.91 35.43 -53.06
C THR G 109 -82.88 33.96 -52.61
N ILE G 110 -81.92 33.21 -53.14
CA ILE G 110 -81.71 31.83 -52.74
C ILE G 110 -80.57 31.76 -51.74
N GLY G 111 -80.88 31.35 -50.51
CA GLY G 111 -79.93 31.39 -49.42
C GLY G 111 -80.16 32.62 -48.57
N ASP G 112 -79.87 32.51 -47.27
CA ASP G 112 -80.12 33.61 -46.35
C ASP G 112 -78.95 34.58 -46.27
N LYS G 113 -77.73 34.06 -46.42
CA LYS G 113 -76.53 34.89 -46.33
C LYS G 113 -76.39 35.85 -47.51
N ILE G 114 -77.31 35.75 -48.47
CA ILE G 114 -77.39 36.72 -49.55
C ILE G 114 -78.52 37.69 -49.24
N LYS G 115 -79.49 37.20 -48.47
CA LYS G 115 -80.63 38.00 -48.04
C LYS G 115 -80.17 39.04 -47.01
N MET G 116 -78.99 38.83 -46.45
CA MET G 116 -78.43 39.75 -45.47
C MET G 116 -78.15 41.12 -46.08
N GLN G 117 -77.22 41.18 -47.03
CA GLN G 117 -76.83 42.45 -47.64
C GLN G 117 -77.97 43.15 -48.35
N LEU G 118 -78.89 42.36 -48.91
CA LEU G 118 -80.01 42.90 -49.68
C LEU G 118 -81.11 43.46 -48.79
N LEU G 119 -81.27 42.90 -47.61
CA LEU G 119 -82.23 43.42 -46.63
C LEU G 119 -81.76 44.78 -46.14
N ARG G 120 -80.45 44.98 -46.13
CA ARG G 120 -79.87 46.25 -45.71
C ARG G 120 -80.00 47.31 -46.78
N THR G 121 -79.41 47.05 -47.95
CA THR G 121 -79.35 48.03 -49.03
C THR G 121 -80.69 48.25 -49.74
N HIS G 122 -81.39 47.16 -50.03
CA HIS G 122 -82.67 47.25 -50.72
C HIS G 122 -83.69 46.26 -50.16
N PRO G 123 -84.23 46.56 -48.98
CA PRO G 123 -85.11 45.65 -48.23
C PRO G 123 -86.42 45.34 -48.96
N ASN G 124 -87.00 46.35 -49.61
CA ASN G 124 -88.30 46.18 -50.25
C ASN G 124 -88.25 45.44 -51.58
N ASN G 125 -87.08 45.43 -52.21
CA ASN G 125 -86.92 44.76 -53.50
C ASN G 125 -87.14 43.25 -53.40
N ILE G 126 -86.74 42.68 -52.27
CA ILE G 126 -86.89 41.24 -52.05
C ILE G 126 -88.36 40.85 -51.93
N LYS G 127 -88.86 40.13 -52.92
CA LYS G 127 -90.25 39.72 -52.93
C LYS G 127 -90.38 38.23 -52.64
N LEU G 128 -89.26 37.52 -52.64
CA LEU G 128 -89.25 36.09 -52.36
C LEU G 128 -87.85 35.63 -51.95
N SER G 129 -87.79 34.68 -51.03
CA SER G 129 -86.52 34.15 -50.56
C SER G 129 -86.60 32.65 -50.28
N ILE G 130 -85.58 31.92 -50.70
CA ILE G 130 -85.50 30.48 -50.47
C ILE G 130 -84.61 30.19 -49.26
N ASN G 131 -85.05 29.28 -48.41
CA ASN G 131 -84.36 29.00 -47.15
C ASN G 131 -83.79 27.59 -47.04
N GLY G 132 -82.60 27.48 -46.46
CA GLY G 132 -81.98 26.19 -46.21
C GLY G 132 -81.76 25.33 -47.43
N ILE G 133 -80.88 25.77 -48.33
CA ILE G 133 -80.55 25.00 -49.53
C ILE G 133 -79.06 24.76 -49.66
N GLY G 134 -78.27 25.81 -49.48
CA GLY G 134 -76.82 25.73 -49.66
C GLY G 134 -76.12 24.93 -48.58
N LYS G 135 -76.09 23.61 -48.75
CA LYS G 135 -75.38 22.72 -47.84
C LYS G 135 -74.85 21.50 -48.58
N ASP G 136 -75.60 21.05 -49.58
CA ASP G 136 -75.19 19.93 -50.43
C ASP G 136 -74.90 20.43 -51.84
N ALA G 137 -74.73 19.49 -52.77
CA ALA G 137 -74.65 19.84 -54.18
C ALA G 137 -76.07 19.95 -54.72
N PRO G 138 -76.33 20.97 -55.55
CA PRO G 138 -77.67 21.24 -56.07
C PRO G 138 -78.22 20.08 -56.90
N THR G 139 -79.54 20.00 -57.00
CA THR G 139 -80.19 18.98 -57.81
C THR G 139 -81.26 19.62 -58.69
N PHE G 140 -81.67 18.94 -59.75
CA PHE G 140 -82.67 19.45 -60.66
C PHE G 140 -84.00 19.65 -59.94
N GLN G 141 -84.43 18.63 -59.21
CA GLN G 141 -85.67 18.69 -58.46
C GLN G 141 -85.73 19.95 -57.60
N GLU G 142 -84.60 20.29 -56.99
CA GLU G 142 -84.51 21.48 -56.15
C GLU G 142 -84.78 22.73 -56.97
N SER G 143 -84.05 22.89 -58.08
CA SER G 143 -84.18 24.06 -58.92
C SER G 143 -85.52 24.12 -59.64
N ALA G 144 -85.94 22.99 -60.20
CA ALA G 144 -87.21 22.90 -60.91
C ALA G 144 -88.37 23.35 -60.03
N LEU G 145 -88.23 23.18 -58.72
CA LEU G 145 -89.25 23.60 -57.78
C LEU G 145 -89.11 25.09 -57.45
N ILE G 146 -87.88 25.57 -57.40
CA ILE G 146 -87.62 26.99 -57.19
C ILE G 146 -88.18 27.80 -58.36
N ALA G 147 -88.04 27.25 -59.56
CA ALA G 147 -88.56 27.89 -60.76
C ALA G 147 -90.08 27.79 -60.82
N ASP G 148 -90.62 26.71 -60.25
CA ASP G 148 -92.06 26.50 -60.22
C ASP G 148 -92.75 27.56 -59.37
N LYS G 149 -92.11 27.94 -58.28
CA LYS G 149 -92.60 29.01 -57.43
C LYS G 149 -92.30 30.36 -58.07
N LEU G 150 -91.10 30.49 -58.61
CA LEU G 150 -90.71 31.72 -59.31
C LEU G 150 -91.73 32.01 -60.40
N LEU G 151 -92.21 30.96 -61.04
CA LEU G 151 -93.17 31.07 -62.12
C LEU G 151 -94.57 31.36 -61.58
N SER G 152 -94.92 30.72 -60.46
CA SER G 152 -96.25 30.85 -59.89
C SER G 152 -96.41 32.10 -59.03
N VAL G 153 -95.85 32.06 -57.82
CA VAL G 153 -96.02 33.14 -56.86
C VAL G 153 -95.43 34.46 -57.32
N MET G 154 -94.49 34.39 -58.26
CA MET G 154 -93.80 35.60 -58.74
C MET G 154 -94.25 36.02 -60.14
N LYS G 155 -94.77 35.07 -60.91
CA LYS G 155 -95.20 35.36 -62.28
C LYS G 155 -94.05 35.91 -63.10
N ALA G 156 -93.03 35.08 -63.30
CA ALA G 156 -91.83 35.48 -64.03
C ALA G 156 -92.14 35.68 -65.51
N GLY G 157 -93.18 35.01 -66.00
CA GLY G 157 -93.58 35.12 -67.38
C GLY G 157 -94.06 36.51 -67.76
N THR G 158 -94.34 37.33 -66.75
CA THR G 158 -94.81 38.69 -66.97
C THR G 158 -93.64 39.67 -66.96
N TYR G 159 -92.43 39.14 -66.83
CA TYR G 159 -91.23 39.97 -66.81
C TYR G 159 -90.61 40.05 -68.19
N PRO G 160 -90.12 41.24 -68.57
CA PRO G 160 -89.44 41.49 -69.85
C PRO G 160 -87.98 41.04 -69.81
N LYS G 161 -87.44 40.84 -68.62
CA LYS G 161 -86.03 40.50 -68.47
C LYS G 161 -85.75 39.69 -67.22
N ILE G 162 -85.04 38.58 -67.37
CA ILE G 162 -84.65 37.74 -66.25
C ILE G 162 -83.13 37.71 -66.13
N SER G 163 -82.63 37.81 -64.90
CA SER G 163 -81.19 37.80 -64.66
C SER G 163 -80.82 36.94 -63.46
N ILE G 164 -79.95 35.97 -63.68
CA ILE G 164 -79.48 35.10 -62.61
C ILE G 164 -78.06 35.46 -62.18
N PHE G 165 -77.88 35.77 -60.90
CA PHE G 165 -76.56 36.10 -60.36
C PHE G 165 -75.97 34.94 -59.58
N TYR G 166 -74.77 34.51 -59.98
CA TYR G 166 -74.11 33.38 -59.35
C TYR G 166 -72.61 33.57 -59.29
N ASN G 167 -71.92 32.56 -58.75
CA ASN G 167 -70.47 32.61 -58.65
C ASN G 167 -69.82 31.62 -59.62
N ASP G 168 -68.85 32.11 -60.40
CA ASP G 168 -68.18 31.27 -61.38
C ASP G 168 -66.72 31.04 -61.00
N PRO G 169 -66.36 29.77 -60.78
CA PRO G 169 -65.00 29.38 -60.38
C PRO G 169 -64.01 29.50 -61.54
N VAL G 170 -63.43 30.68 -61.71
CA VAL G 170 -62.42 30.89 -62.75
C VAL G 170 -61.16 30.10 -62.42
N SER G 171 -60.69 30.27 -61.19
CA SER G 171 -59.52 29.54 -60.72
C SER G 171 -59.87 28.73 -59.47
N SER G 172 -58.99 27.83 -59.09
CA SER G 172 -59.22 26.97 -57.93
C SER G 172 -58.87 27.69 -56.62
N LEU G 173 -58.44 28.93 -56.73
CA LEU G 173 -58.08 29.73 -55.57
C LEU G 173 -58.84 31.06 -55.55
N SER G 174 -59.63 31.30 -56.59
CA SER G 174 -60.38 32.54 -56.71
C SER G 174 -61.69 32.34 -57.47
N PHE G 175 -62.74 33.03 -57.04
CA PHE G 175 -64.04 32.93 -57.69
C PHE G 175 -64.32 34.19 -58.50
N GLU G 176 -65.51 34.26 -59.10
CA GLU G 176 -65.87 35.38 -59.97
C GLU G 176 -67.37 35.57 -60.08
N PRO G 177 -67.88 36.70 -59.56
CA PRO G 177 -69.30 37.05 -59.67
C PRO G 177 -69.70 37.23 -61.13
N SER G 178 -70.76 36.54 -61.56
CA SER G 178 -71.18 36.59 -62.95
C SER G 178 -72.70 36.71 -63.10
N GLU G 179 -73.16 36.84 -64.34
CA GLU G 179 -74.57 37.03 -64.62
C GLU G 179 -74.99 36.37 -65.94
N LYS G 180 -76.14 35.71 -65.94
CA LYS G 180 -76.68 35.11 -67.15
C LYS G 180 -78.14 35.51 -67.34
N PRO G 181 -78.58 35.63 -68.60
CA PRO G 181 -79.95 36.06 -68.91
C PRO G 181 -80.88 34.87 -69.17
N ILE G 182 -82.15 35.02 -68.78
CA ILE G 182 -83.18 34.05 -69.13
C ILE G 182 -84.28 34.74 -69.92
N PHE G 183 -84.60 34.18 -71.09
CA PHE G 183 -85.57 34.82 -71.98
C PHE G 183 -86.94 34.16 -71.88
N ASN G 184 -87.98 34.99 -71.80
CA ASN G 184 -89.36 34.51 -71.65
C ASN G 184 -89.94 33.97 -72.97
N ALA G 185 -91.15 33.43 -72.88
CA ALA G 185 -91.81 32.81 -74.03
C ALA G 185 -91.87 33.74 -75.24
N LYS G 186 -92.21 35.00 -75.00
CA LYS G 186 -92.37 35.97 -76.07
C LYS G 186 -91.04 36.36 -76.73
N THR G 187 -89.98 36.37 -75.93
CA THR G 187 -88.65 36.74 -76.42
C THR G 187 -88.03 35.63 -77.26
N ILE G 188 -88.52 34.40 -77.07
CA ILE G 188 -87.96 33.24 -77.77
C ILE G 188 -88.47 33.13 -79.20
N GLU G 189 -89.80 33.19 -79.36
CA GLU G 189 -90.40 33.04 -80.68
C GLU G 189 -90.18 34.27 -81.55
N GLN G 190 -89.93 35.41 -80.91
CA GLN G 190 -89.68 36.65 -81.65
C GLN G 190 -88.18 36.83 -81.91
N SER G 191 -87.44 35.74 -81.83
CA SER G 191 -86.00 35.78 -82.11
C SER G 191 -85.75 35.90 -83.60
N PRO G 192 -84.74 36.70 -83.98
CA PRO G 192 -84.39 36.93 -85.39
C PRO G 192 -84.23 35.62 -86.16
N SER G 193 -83.37 34.73 -85.67
CA SER G 193 -83.10 33.48 -86.36
C SER G 193 -83.85 32.31 -85.73
N PHE G 194 -85.11 32.54 -85.37
CA PHE G 194 -85.93 31.53 -84.72
C PHE G 194 -86.61 30.61 -85.74
N GLY G 195 -86.93 31.14 -86.91
CA GLY G 195 -87.54 30.36 -87.95
C GLY G 195 -86.58 29.34 -88.52
N LYS G 196 -85.29 29.58 -88.30
CA LYS G 196 -84.23 28.70 -88.77
C LYS G 196 -84.52 27.25 -88.38
N PHE G 197 -85.15 27.08 -87.21
CA PHE G 197 -85.51 25.76 -86.72
C PHE G 197 -86.97 25.46 -87.03
N GLU G 198 -87.24 24.25 -87.53
CA GLU G 198 -88.60 23.84 -87.80
C GLU G 198 -89.32 23.51 -86.50
N ILE G 199 -90.45 24.18 -86.27
CA ILE G 199 -91.22 24.02 -85.04
C ILE G 199 -92.72 24.11 -85.34
N ASP G 200 -93.47 23.13 -84.84
CA ASP G 200 -94.92 23.12 -85.05
C ASP G 200 -95.59 24.24 -84.25
N THR G 201 -96.20 25.18 -84.98
CA THR G 201 -96.84 26.33 -84.35
C THR G 201 -98.18 25.95 -83.72
N ASP G 202 -98.12 25.19 -82.64
CA ASP G 202 -99.32 24.75 -81.94
C ASP G 202 -99.00 24.07 -80.60
N ALA G 203 -97.90 23.34 -80.56
CA ALA G 203 -97.53 22.59 -79.36
C ALA G 203 -96.76 23.45 -78.35
N ASN G 204 -97.12 24.73 -78.28
CA ASN G 204 -96.54 25.67 -77.32
C ASN G 204 -95.08 25.38 -76.96
N VAL G 205 -94.24 25.23 -77.98
CA VAL G 205 -92.83 24.91 -77.77
C VAL G 205 -92.07 26.05 -77.08
N PRO G 206 -92.23 27.28 -77.57
CA PRO G 206 -91.53 28.42 -76.96
C PRO G 206 -91.89 28.54 -75.49
N ARG G 207 -93.15 28.27 -75.14
CA ARG G 207 -93.60 28.37 -73.76
C ARG G 207 -92.96 27.29 -72.89
N ASP G 208 -92.90 26.07 -73.40
CA ASP G 208 -92.30 24.96 -72.67
C ASP G 208 -90.78 25.10 -72.61
N LEU G 209 -90.22 25.81 -73.57
CA LEU G 209 -88.78 25.99 -73.65
C LEU G 209 -88.26 26.94 -72.57
N PHE G 210 -89.09 27.91 -72.22
CA PHE G 210 -88.72 28.90 -71.21
C PHE G 210 -88.84 28.31 -69.80
N GLU G 211 -89.93 27.59 -69.56
CA GLU G 211 -90.18 26.98 -68.26
C GLU G 211 -89.17 25.87 -67.97
N TYR G 212 -88.51 25.40 -69.02
CA TYR G 212 -87.53 24.32 -68.88
C TYR G 212 -86.12 24.89 -68.76
N THR G 213 -85.85 25.98 -69.47
CA THR G 213 -84.56 26.65 -69.41
C THR G 213 -84.47 27.50 -68.14
N LEU G 214 -85.61 27.68 -67.48
CA LEU G 214 -85.65 28.44 -66.23
C LEU G 214 -85.08 27.61 -65.09
N ALA G 215 -85.36 26.31 -65.12
CA ALA G 215 -84.89 25.41 -64.07
C ALA G 215 -83.43 25.00 -64.28
N ASN G 216 -83.09 24.65 -65.52
CA ASN G 216 -81.73 24.23 -65.85
C ASN G 216 -80.68 25.31 -65.60
N GLN G 217 -80.92 26.50 -66.14
CA GLN G 217 -79.98 27.61 -65.98
C GLN G 217 -79.78 27.98 -64.52
N MET G 218 -80.76 27.66 -63.68
CA MET G 218 -80.62 27.85 -62.24
C MET G 218 -79.66 26.81 -61.67
N LEU G 219 -79.90 25.55 -62.00
CA LEU G 219 -79.04 24.46 -61.54
C LEU G 219 -77.61 24.66 -62.03
N THR G 220 -77.47 25.07 -63.29
CA THR G 220 -76.15 25.36 -63.86
C THR G 220 -75.48 26.49 -63.08
N ALA G 221 -76.29 27.46 -62.66
CA ALA G 221 -75.78 28.57 -61.86
C ALA G 221 -75.47 28.12 -60.45
N MET G 222 -76.31 27.24 -59.91
CA MET G 222 -76.11 26.70 -58.57
C MET G 222 -74.90 25.78 -58.53
N ALA G 223 -74.78 24.92 -59.53
CA ALA G 223 -73.69 23.96 -59.59
C ALA G 223 -72.34 24.66 -59.49
N GLN G 224 -72.15 25.68 -60.31
CA GLN G 224 -70.92 26.46 -60.31
C GLN G 224 -70.87 27.36 -59.08
N GLY G 225 -72.04 27.73 -58.57
CA GLY G 225 -72.14 28.60 -57.42
C GLY G 225 -71.72 27.93 -56.12
N TYR G 226 -72.18 26.69 -55.93
CA TYR G 226 -71.84 25.93 -54.74
C TYR G 226 -70.54 25.16 -54.93
N ALA G 227 -69.97 25.26 -56.12
CA ALA G 227 -68.66 24.68 -56.40
C ALA G 227 -67.58 25.70 -56.10
N ALA G 228 -67.82 26.94 -56.52
CA ALA G 228 -66.91 28.04 -56.21
C ALA G 228 -66.89 28.29 -54.71
N GLU G 229 -67.95 27.89 -54.02
CA GLU G 229 -68.06 28.07 -52.58
C GLU G 229 -67.19 27.06 -51.83
N ILE G 230 -67.39 25.78 -52.13
CA ILE G 230 -66.59 24.71 -51.53
C ILE G 230 -65.10 24.94 -51.79
N SER G 231 -64.79 25.45 -52.98
CA SER G 231 -63.41 25.76 -53.33
C SER G 231 -62.92 26.98 -52.54
N ALA G 232 -63.86 27.76 -52.03
CA ALA G 232 -63.53 28.95 -51.26
C ALA G 232 -63.57 28.68 -49.75
N ARG G 233 -64.28 27.63 -49.35
CA ARG G 233 -64.36 27.26 -47.95
C ARG G 233 -63.07 26.56 -47.51
N ARG G 234 -62.51 25.74 -48.39
CA ARG G 234 -61.24 25.09 -48.12
C ARG G 234 -60.17 26.15 -47.90
N ASN G 235 -60.14 27.13 -48.81
CA ASN G 235 -59.23 28.26 -48.70
C ASN G 235 -59.47 29.04 -47.41
N ALA G 236 -60.73 29.29 -47.09
CA ALA G 236 -61.11 30.08 -45.92
C ALA G 236 -60.69 29.42 -44.62
N MET G 237 -60.66 28.09 -44.61
CA MET G 237 -60.35 27.35 -43.38
C MET G 237 -58.94 26.76 -43.34
N ASP G 238 -58.21 26.91 -44.45
CA ASP G 238 -56.79 26.56 -44.44
C ASP G 238 -56.04 27.68 -43.76
N ASN G 239 -56.52 28.90 -43.98
CA ASN G 239 -55.97 30.08 -43.35
C ASN G 239 -56.42 30.13 -41.89
N ALA G 240 -57.50 29.42 -41.59
CA ALA G 240 -58.07 29.38 -40.25
C ALA G 240 -57.27 28.44 -39.34
N SER G 241 -56.99 27.24 -39.83
CA SER G 241 -56.22 26.27 -39.05
C SER G 241 -54.82 26.80 -38.79
N LYS G 242 -54.28 27.53 -39.76
CA LYS G 242 -52.97 28.15 -39.64
C LYS G 242 -53.05 29.29 -38.64
N ASN G 243 -54.15 30.04 -38.67
CA ASN G 243 -54.37 31.12 -37.73
C ASN G 243 -54.70 30.58 -36.33
N ALA G 244 -55.20 29.36 -36.27
CA ALA G 244 -55.46 28.70 -35.00
C ALA G 244 -54.15 28.18 -34.42
N GLY G 245 -53.13 28.13 -35.27
CA GLY G 245 -51.81 27.72 -34.85
C GLY G 245 -51.11 28.81 -34.06
N ASP G 246 -51.22 30.06 -34.54
CA ASP G 246 -50.67 31.20 -33.82
C ASP G 246 -51.53 31.54 -32.62
N MET G 247 -52.16 30.52 -32.06
CA MET G 247 -53.01 30.67 -30.87
C MET G 247 -52.76 29.51 -29.92
N ILE G 248 -52.92 28.30 -30.45
CA ILE G 248 -52.70 27.08 -29.67
C ILE G 248 -51.28 27.04 -29.12
N ASN G 249 -50.34 27.61 -29.87
CA ASN G 249 -48.94 27.62 -29.47
C ASN G 249 -48.54 28.93 -28.80
N ARG G 250 -49.22 30.01 -29.16
CA ARG G 250 -48.95 31.30 -28.56
C ARG G 250 -49.39 31.30 -27.10
N TYR G 251 -50.64 30.93 -26.86
CA TYR G 251 -51.18 30.86 -25.51
C TYR G 251 -50.66 29.64 -24.77
N SER G 252 -50.11 28.69 -25.52
CA SER G 252 -49.50 27.51 -24.92
C SER G 252 -48.30 27.94 -24.08
N ILE G 253 -47.47 28.79 -24.64
CA ILE G 253 -46.33 29.34 -23.93
C ILE G 253 -46.80 30.16 -22.73
N LEU G 254 -47.94 30.83 -22.88
CA LEU G 254 -48.47 31.68 -21.82
C LEU G 254 -49.04 30.85 -20.68
N TYR G 255 -49.48 29.64 -21.00
CA TYR G 255 -49.94 28.70 -19.98
C TYR G 255 -48.77 28.28 -19.09
N ASN G 256 -47.65 27.92 -19.71
CA ASN G 256 -46.46 27.52 -18.96
C ASN G 256 -45.88 28.67 -18.16
N ARG G 257 -45.81 29.85 -18.77
CA ARG G 257 -45.34 31.04 -18.09
C ARG G 257 -46.16 31.29 -16.83
N THR G 258 -47.36 30.71 -16.81
CA THR G 258 -48.26 30.84 -15.67
C THR G 258 -48.13 29.65 -14.74
N ARG G 259 -47.84 28.48 -15.30
CA ARG G 259 -47.70 27.27 -14.50
C ARG G 259 -46.45 27.32 -13.64
N GLN G 260 -45.34 27.73 -14.23
CA GLN G 260 -44.08 27.86 -13.50
C GLN G 260 -44.21 28.92 -12.40
N ALA G 261 -44.94 29.98 -12.70
CA ALA G 261 -45.13 31.07 -11.75
C ALA G 261 -46.12 30.71 -10.65
N VAL G 262 -46.96 29.70 -10.92
CA VAL G 262 -47.92 29.22 -9.93
C VAL G 262 -47.24 28.33 -8.91
N ILE G 263 -46.37 27.45 -9.38
CA ILE G 263 -45.64 26.53 -8.51
C ILE G 263 -44.64 27.27 -7.62
N THR G 264 -44.01 28.29 -8.16
CA THR G 264 -43.05 29.09 -7.40
C THR G 264 -43.73 29.94 -6.33
N ASN G 265 -44.74 30.71 -6.74
CA ASN G 265 -45.48 31.54 -5.81
C ASN G 265 -46.21 30.71 -4.75
N GLU G 266 -46.65 29.52 -5.13
CA GLU G 266 -47.33 28.62 -4.22
C GLU G 266 -46.33 28.06 -3.21
N LEU G 267 -45.06 28.08 -3.58
CA LEU G 267 -44.00 27.53 -2.74
C LEU G 267 -43.36 28.61 -1.87
N VAL G 268 -43.39 29.85 -2.34
CA VAL G 268 -42.83 30.96 -1.58
C VAL G 268 -43.55 31.18 -0.25
N ASP G 269 -44.88 31.14 -0.28
CA ASP G 269 -45.67 31.31 0.93
C ASP G 269 -45.32 30.27 1.98
N ILE G 270 -44.97 29.07 1.52
CA ILE G 270 -44.62 27.97 2.42
C ILE G 270 -43.28 28.22 3.08
N ILE G 271 -42.29 28.61 2.27
CA ILE G 271 -40.95 28.88 2.77
C ILE G 271 -40.93 30.10 3.67
N THR G 272 -41.70 31.12 3.30
CA THR G 272 -41.78 32.35 4.07
C THR G 272 -42.40 32.12 5.45
N GLY G 273 -43.46 31.32 5.48
CA GLY G 273 -44.15 31.03 6.72
C GLY G 273 -43.54 29.90 7.51
N ALA G 274 -42.37 29.43 7.06
CA ALA G 274 -41.68 28.34 7.74
C ALA G 274 -40.48 28.86 8.52
N SER G 275 -40.09 30.10 8.25
CA SER G 275 -38.97 30.72 8.96
C SER G 275 -39.38 31.14 10.37
N SER G 276 -40.67 31.47 10.53
CA SER G 276 -41.21 31.85 11.82
C SER G 276 -40.32 32.84 12.56
N LYS H 11 -73.11 13.83 -85.32
CA LYS H 11 -72.55 14.34 -84.08
C LYS H 11 -73.63 14.48 -83.01
N LEU H 12 -73.52 13.66 -81.97
CA LEU H 12 -74.49 13.68 -80.88
C LEU H 12 -73.92 14.33 -79.64
N GLN H 13 -74.78 14.98 -78.86
CA GLN H 13 -74.35 15.63 -77.63
C GLN H 13 -75.37 15.41 -76.51
N PHE H 14 -75.47 14.16 -76.06
CA PHE H 14 -76.37 13.80 -74.97
C PHE H 14 -75.87 14.46 -73.68
N ALA H 15 -76.79 15.04 -72.91
CA ALA H 15 -76.41 15.79 -71.71
C ALA H 15 -77.33 15.58 -70.52
N LEU H 16 -76.74 15.59 -69.33
CA LEU H 16 -77.48 15.53 -68.08
C LEU H 16 -76.82 16.46 -67.07
N PRO H 17 -77.61 16.94 -66.09
CA PRO H 17 -77.08 17.86 -65.06
C PRO H 17 -75.95 17.24 -64.25
N HIS H 18 -75.99 15.92 -64.04
CA HIS H 18 -75.00 15.25 -63.21
C HIS H 18 -73.89 14.54 -64.01
N GLU H 19 -74.22 14.07 -65.20
CA GLU H 19 -73.22 13.41 -66.04
C GLU H 19 -73.50 13.56 -67.53
N THR H 20 -72.45 13.88 -68.29
CA THR H 20 -72.55 13.98 -69.74
C THR H 20 -72.26 12.63 -70.38
N LEU H 21 -73.10 12.23 -71.32
CA LEU H 21 -72.94 10.93 -71.98
C LEU H 21 -72.14 11.05 -73.27
N TYR H 22 -72.59 11.92 -74.16
CA TYR H 22 -71.89 12.17 -75.42
C TYR H 22 -71.42 13.62 -75.49
N SER H 23 -70.33 13.85 -76.21
CA SER H 23 -69.77 15.20 -76.34
C SER H 23 -69.10 15.39 -77.70
N GLY H 24 -69.93 15.57 -78.73
CA GLY H 24 -69.42 15.76 -80.07
C GLY H 24 -69.02 14.47 -80.74
N SER H 25 -69.33 13.36 -80.08
CA SER H 25 -69.00 12.04 -80.60
C SER H 25 -69.75 11.76 -81.90
N GLU H 26 -69.12 11.01 -82.80
CA GLU H 26 -69.71 10.69 -84.10
C GLU H 26 -70.70 9.53 -83.99
N VAL H 27 -71.95 9.80 -84.39
CA VAL H 27 -72.98 8.77 -84.39
C VAL H 27 -73.66 8.70 -85.75
N THR H 28 -74.17 7.53 -86.11
CA THR H 28 -74.78 7.32 -87.41
C THR H 28 -76.26 7.68 -87.42
N GLN H 29 -76.97 7.32 -86.35
CA GLN H 29 -78.40 7.61 -86.23
C GLN H 29 -78.87 7.51 -84.78
N VAL H 30 -79.73 8.45 -84.38
CA VAL H 30 -80.28 8.47 -83.03
C VAL H 30 -81.80 8.54 -83.07
N ASN H 31 -82.45 7.69 -82.27
CA ASN H 31 -83.91 7.67 -82.20
C ASN H 31 -84.43 8.39 -80.96
N LEU H 32 -85.04 9.56 -81.16
CA LEU H 32 -85.51 10.38 -80.06
C LEU H 32 -87.02 10.37 -79.94
N PRO H 33 -87.53 10.07 -78.73
CA PRO H 33 -88.97 10.03 -78.43
C PRO H 33 -89.53 11.43 -78.25
N ALA H 34 -89.84 12.10 -79.35
CA ALA H 34 -90.37 13.46 -79.29
C ALA H 34 -91.78 13.47 -78.72
N LYS H 35 -92.36 14.66 -78.59
CA LYS H 35 -93.73 14.80 -78.11
C LYS H 35 -94.70 14.20 -79.11
N SER H 36 -94.23 14.00 -80.34
CA SER H 36 -95.04 13.42 -81.40
C SER H 36 -94.85 11.92 -81.46
N GLY H 37 -93.89 11.48 -82.27
CA GLY H 37 -93.56 10.07 -82.37
C GLY H 37 -92.06 9.86 -82.42
N ARG H 38 -91.62 8.71 -81.92
CA ARG H 38 -90.20 8.37 -81.91
C ARG H 38 -89.61 8.38 -83.31
N ILE H 39 -88.94 9.48 -83.66
CA ILE H 39 -88.36 9.62 -84.99
C ILE H 39 -86.83 9.55 -84.94
N GLY H 40 -86.25 8.80 -85.87
CA GLY H 40 -84.80 8.68 -85.96
C GLY H 40 -84.20 9.87 -86.66
N VAL H 41 -83.30 10.57 -85.97
CA VAL H 41 -82.63 11.73 -86.54
C VAL H 41 -81.50 11.29 -87.47
N LEU H 42 -81.59 11.69 -88.73
CA LEU H 42 -80.60 11.31 -89.74
C LEU H 42 -79.27 12.04 -89.52
N ALA H 43 -78.32 11.80 -90.42
CA ALA H 43 -77.01 12.44 -90.33
C ALA H 43 -77.08 13.92 -90.65
N ASN H 44 -77.75 14.25 -91.76
CA ASN H 44 -77.94 15.64 -92.16
C ASN H 44 -79.40 16.05 -92.07
N HIS H 45 -80.00 15.86 -90.90
CA HIS H 45 -81.40 16.18 -90.69
C HIS H 45 -81.65 17.68 -90.55
N VAL H 46 -82.84 18.11 -90.94
CA VAL H 46 -83.22 19.52 -90.88
C VAL H 46 -83.31 20.01 -89.44
N PRO H 47 -82.73 21.19 -89.16
CA PRO H 47 -82.75 21.80 -87.83
C PRO H 47 -84.16 21.94 -87.27
N THR H 48 -84.45 21.20 -86.20
CA THR H 48 -85.74 21.31 -85.51
C THR H 48 -85.53 21.35 -84.00
N VAL H 49 -86.55 21.80 -83.28
CA VAL H 49 -86.49 21.86 -81.83
C VAL H 49 -87.75 21.31 -81.22
N GLU H 50 -87.70 20.05 -80.78
CA GLU H 50 -88.87 19.40 -80.22
C GLU H 50 -88.61 18.81 -78.83
N GLN H 51 -89.62 18.93 -77.97
CA GLN H 51 -89.54 18.45 -76.59
C GLN H 51 -89.59 16.92 -76.53
N LEU H 52 -88.83 16.34 -75.62
CA LEU H 52 -88.74 14.89 -75.48
C LEU H 52 -89.52 14.40 -74.26
N LEU H 53 -90.50 13.54 -74.50
CA LEU H 53 -91.23 12.89 -73.41
C LEU H 53 -90.50 11.61 -73.00
N PRO H 54 -90.63 11.21 -71.74
CA PRO H 54 -89.93 10.03 -71.22
C PRO H 54 -90.11 8.80 -72.09
N GLY H 55 -89.01 8.26 -72.60
CA GLY H 55 -89.05 7.08 -73.45
C GLY H 55 -87.68 6.43 -73.58
N VAL H 56 -87.43 5.84 -74.74
CA VAL H 56 -86.15 5.17 -75.00
C VAL H 56 -85.37 5.88 -76.09
N VAL H 57 -84.11 6.19 -75.79
CA VAL H 57 -83.23 6.85 -76.74
C VAL H 57 -82.19 5.88 -77.30
N GLU H 58 -82.35 5.53 -78.58
CA GLU H 58 -81.43 4.60 -79.22
C GLU H 58 -80.35 5.37 -79.99
N VAL H 59 -79.09 5.11 -79.65
CA VAL H 59 -77.97 5.74 -80.33
C VAL H 59 -77.17 4.69 -81.10
N MET H 60 -77.02 4.91 -82.40
CA MET H 60 -76.37 3.93 -83.28
C MET H 60 -74.94 4.33 -83.62
N GLU H 61 -73.97 3.75 -82.91
CA GLU H 61 -72.57 3.94 -83.23
C GLU H 61 -72.14 2.96 -84.30
N GLY H 62 -72.26 3.37 -85.55
CA GLY H 62 -71.96 2.49 -86.67
C GLY H 62 -73.10 1.52 -86.91
N SER H 63 -73.07 0.41 -86.19
CA SER H 63 -74.13 -0.59 -86.24
C SER H 63 -74.48 -1.06 -84.84
N ASN H 64 -73.57 -0.81 -83.90
CA ASN H 64 -73.78 -1.15 -82.50
C ASN H 64 -75.00 -0.43 -81.95
N SER H 65 -75.75 -1.10 -81.08
CA SER H 65 -76.97 -0.53 -80.53
C SER H 65 -76.83 -0.15 -79.06
N LYS H 66 -77.13 1.11 -78.76
CA LYS H 66 -77.15 1.58 -77.37
C LYS H 66 -78.50 2.21 -77.04
N LYS H 67 -79.13 1.73 -75.97
CA LYS H 67 -80.44 2.25 -75.57
C LYS H 67 -80.46 2.75 -74.14
N PHE H 68 -80.95 3.97 -73.95
CA PHE H 68 -81.08 4.56 -72.63
C PHE H 68 -82.54 4.96 -72.38
N PHE H 69 -82.97 4.88 -71.13
CA PHE H 69 -84.29 5.39 -70.76
C PHE H 69 -84.13 6.83 -70.27
N ILE H 70 -84.93 7.73 -70.83
CA ILE H 70 -84.73 9.16 -70.60
C ILE H 70 -85.76 9.76 -69.62
N SER H 71 -85.33 10.75 -68.85
CA SER H 71 -86.21 11.41 -67.89
C SER H 71 -87.17 12.36 -68.60
N GLY H 72 -86.66 13.06 -69.61
CA GLY H 72 -87.47 13.99 -70.37
C GLY H 72 -86.87 15.38 -70.39
N GLY H 73 -86.63 15.90 -71.59
CA GLY H 73 -86.04 17.22 -71.75
C GLY H 73 -86.29 17.83 -73.10
N PHE H 74 -85.21 18.22 -73.78
CA PHE H 74 -85.32 18.86 -75.10
C PHE H 74 -84.28 18.35 -76.09
N ALA H 75 -84.72 18.10 -77.32
CA ALA H 75 -83.84 17.72 -78.41
C ALA H 75 -83.74 18.87 -79.41
N THR H 76 -82.54 19.11 -79.94
CA THR H 76 -82.34 20.22 -80.86
C THR H 76 -81.35 19.89 -81.97
N VAL H 77 -81.84 19.87 -83.20
CA VAL H 77 -80.97 19.71 -84.36
C VAL H 77 -80.48 21.08 -84.79
N GLN H 78 -79.15 21.26 -84.79
CA GLN H 78 -78.56 22.54 -85.15
C GLN H 78 -78.29 22.61 -86.65
N PRO H 79 -78.18 23.82 -87.20
CA PRO H 79 -77.85 24.00 -88.62
C PRO H 79 -76.63 23.19 -89.01
N ASP H 80 -75.65 23.10 -88.11
CA ASP H 80 -74.45 22.31 -88.36
C ASP H 80 -74.70 20.83 -88.09
N SER H 81 -75.92 20.38 -88.36
CA SER H 81 -76.32 18.99 -88.18
C SER H 81 -75.80 18.40 -86.87
N GLN H 82 -75.87 19.19 -85.80
CA GLN H 82 -75.46 18.72 -84.49
C GLN H 82 -76.66 18.56 -83.57
N LEU H 83 -76.71 17.42 -82.87
CA LEU H 83 -77.86 17.09 -82.04
C LEU H 83 -77.62 17.42 -80.57
N CYS H 84 -78.61 18.05 -79.93
CA CYS H 84 -78.52 18.40 -78.52
C CYS H 84 -79.67 17.76 -77.73
N VAL H 85 -79.37 16.67 -77.05
CA VAL H 85 -80.35 15.95 -76.24
C VAL H 85 -80.07 16.16 -74.76
N THR H 86 -81.09 16.60 -74.01
CA THR H 86 -80.93 16.85 -72.59
C THR H 86 -82.10 16.28 -71.79
N ALA H 87 -81.81 15.84 -70.57
CA ALA H 87 -82.83 15.35 -69.66
C ALA H 87 -82.31 15.38 -68.23
N ILE H 88 -83.13 14.92 -67.29
CA ILE H 88 -82.73 14.92 -65.89
C ILE H 88 -81.81 13.74 -65.58
N GLU H 89 -82.26 12.54 -65.93
CA GLU H 89 -81.50 11.33 -65.66
C GLU H 89 -81.71 10.27 -66.74
N ALA H 90 -80.61 9.81 -67.34
CA ALA H 90 -80.68 8.80 -68.39
C ALA H 90 -80.37 7.41 -67.83
N LEU H 93 -79.72 4.32 -68.46
CA LEU H 93 -79.28 3.06 -69.06
C LEU H 93 -80.40 2.03 -69.01
N GLU H 94 -80.14 0.84 -69.55
CA GLU H 94 -81.16 -0.20 -69.61
C GLU H 94 -80.80 -1.41 -68.74
N SER H 95 -79.52 -1.75 -68.72
CA SER H 95 -79.06 -2.90 -67.94
C SER H 95 -78.89 -2.52 -66.48
N PHE H 96 -79.08 -1.24 -66.17
CA PHE H 96 -78.95 -0.76 -64.80
C PHE H 96 -80.33 -0.48 -64.20
N SER H 97 -81.32 -0.30 -65.05
CA SER H 97 -82.69 -0.06 -64.60
C SER H 97 -83.27 -1.31 -63.98
N ILE H 101 -90.64 -3.28 -58.94
CA ILE H 101 -91.92 -2.81 -59.44
C ILE H 101 -92.59 -1.87 -58.44
N LYS H 102 -93.04 -0.72 -58.93
CA LYS H 102 -93.69 0.27 -58.08
C LYS H 102 -95.18 0.38 -58.42
N ASN H 103 -96.03 -0.13 -57.54
CA ASN H 103 -97.47 -0.11 -57.77
C ASN H 103 -98.25 0.56 -56.63
N LEU H 104 -97.51 1.10 -55.66
CA LEU H 104 -98.13 1.77 -54.52
C LEU H 104 -98.54 3.20 -54.87
N LEU H 105 -98.92 3.42 -56.12
CA LEU H 105 -99.27 4.74 -56.61
C LEU H 105 -100.63 4.72 -57.32
N ALA H 106 -101.15 3.52 -57.53
CA ALA H 106 -102.44 3.36 -58.19
C ALA H 106 -103.57 3.48 -57.19
N GLU H 107 -103.23 3.43 -55.91
CA GLU H 107 -104.21 3.56 -54.84
C GLU H 107 -103.88 4.73 -53.93
N ALA H 108 -102.66 4.72 -53.39
CA ALA H 108 -102.22 5.76 -52.47
C ALA H 108 -102.02 7.10 -53.18
N LYS H 109 -101.80 7.04 -54.50
CA LYS H 109 -101.57 8.25 -55.28
C LYS H 109 -102.69 8.51 -56.28
N LYS H 110 -103.03 7.49 -57.08
CA LYS H 110 -104.01 7.64 -58.13
C LYS H 110 -105.37 8.07 -57.59
N ASN H 111 -105.75 7.53 -56.43
CA ASN H 111 -107.05 7.82 -55.84
C ASN H 111 -106.98 8.81 -54.68
N VAL H 112 -105.85 9.47 -54.52
CA VAL H 112 -105.69 10.47 -53.47
C VAL H 112 -106.19 11.83 -53.95
N SER H 113 -107.11 11.79 -54.92
CA SER H 113 -107.68 13.01 -55.49
C SER H 113 -108.44 13.80 -54.43
N SER H 114 -108.14 15.09 -54.32
CA SER H 114 -108.79 15.95 -53.35
C SER H 114 -109.55 17.09 -54.03
N GLU H 119 -99.68 18.31 -57.13
CA GLU H 119 -99.00 17.16 -56.54
C GLU H 119 -99.95 15.98 -56.37
N ALA H 120 -101.14 16.25 -55.83
CA ALA H 120 -102.14 15.22 -55.59
C ALA H 120 -103.11 15.13 -56.75
N ALA H 121 -103.78 16.24 -57.05
CA ALA H 121 -104.75 16.29 -58.14
C ALA H 121 -104.09 15.91 -59.48
N GLU H 122 -102.80 16.19 -59.59
CA GLU H 122 -102.06 15.92 -60.82
C GLU H 122 -101.23 14.65 -60.73
N ALA H 123 -101.44 13.89 -59.66
CA ALA H 123 -100.72 12.63 -59.47
C ALA H 123 -101.25 11.55 -60.42
N ALA H 124 -101.03 11.75 -61.71
CA ALA H 124 -101.49 10.80 -62.72
C ALA H 124 -100.43 10.56 -63.79
N ILE H 125 -99.35 11.34 -63.72
CA ILE H 125 -98.24 11.19 -64.67
C ILE H 125 -97.35 10.01 -64.27
N GLN H 126 -97.44 9.62 -63.01
CA GLN H 126 -96.64 8.52 -62.48
C GLN H 126 -96.95 7.20 -63.18
N VAL H 127 -98.23 6.94 -63.43
CA VAL H 127 -98.66 5.69 -64.05
C VAL H 127 -98.18 5.56 -65.49
N GLU H 128 -98.14 6.68 -66.21
CA GLU H 128 -97.77 6.67 -67.62
C GLU H 128 -96.29 6.38 -67.83
N VAL H 129 -95.48 6.64 -66.81
CA VAL H 129 -94.04 6.50 -66.92
C VAL H 129 -93.57 5.05 -66.76
N LEU H 130 -94.09 4.38 -65.73
CA LEU H 130 -93.65 3.04 -65.38
C LEU H 130 -94.17 1.96 -66.32
N GLU H 131 -95.36 2.18 -66.87
CA GLU H 131 -95.98 1.20 -67.75
C GLU H 131 -95.06 0.81 -68.90
N ASN H 132 -94.46 1.81 -69.54
CA ASN H 132 -93.57 1.56 -70.68
C ASN H 132 -92.13 1.29 -70.25
N LEU H 133 -91.82 1.55 -68.99
CA LEU H 133 -90.50 1.27 -68.45
C LEU H 133 -90.23 -0.24 -68.49
N GLN H 134 -91.28 -1.02 -68.24
CA GLN H 134 -91.20 -2.46 -68.33
C GLN H 134 -90.99 -2.87 -69.78
N SER H 135 -91.45 -2.02 -70.69
CA SER H 135 -91.30 -2.27 -72.11
C SER H 135 -89.90 -1.91 -72.59
N ILE I 8 -98.95 23.89 -61.72
CA ILE I 8 -98.11 22.87 -62.34
C ILE I 8 -97.23 23.47 -63.43
N SER I 9 -95.97 23.05 -63.46
CA SER I 9 -95.01 23.57 -64.43
C SER I 9 -94.43 22.46 -65.31
N TYR I 10 -93.80 22.84 -66.41
CA TYR I 10 -93.18 21.87 -67.30
C TYR I 10 -91.99 21.20 -66.63
N ALA I 11 -91.32 21.95 -65.76
CA ALA I 11 -90.21 21.40 -64.99
C ALA I 11 -90.74 20.37 -64.00
N ALA I 12 -92.03 20.49 -63.69
CA ALA I 12 -92.70 19.54 -62.79
C ALA I 12 -93.11 18.29 -63.56
N TYR I 13 -93.62 18.49 -64.76
CA TYR I 13 -93.98 17.38 -65.65
C TYR I 13 -92.76 16.50 -65.90
N LEU I 14 -91.57 17.05 -65.67
CA LEU I 14 -90.33 16.30 -65.85
C LEU I 14 -89.80 15.76 -64.52
N ASN I 15 -90.05 16.51 -63.45
CA ASN I 15 -89.61 16.09 -62.13
C ASN I 15 -90.20 14.74 -61.75
N VAL I 16 -91.51 14.59 -61.93
CA VAL I 16 -92.20 13.34 -61.62
C VAL I 16 -91.50 12.14 -62.24
N ALA I 17 -91.16 12.26 -63.52
CA ALA I 17 -90.50 11.19 -64.24
C ALA I 17 -89.13 10.86 -63.64
N ALA I 18 -88.43 11.91 -63.21
CA ALA I 18 -87.10 11.74 -62.62
C ALA I 18 -87.17 11.02 -61.28
N GLN I 19 -88.34 11.05 -60.65
CA GLN I 19 -88.54 10.34 -59.39
C GLN I 19 -88.82 8.86 -59.66
N ALA I 20 -89.46 8.58 -60.79
CA ALA I 20 -89.77 7.22 -61.19
C ALA I 20 -88.49 6.41 -61.44
N ILE I 21 -87.47 7.09 -61.97
CA ILE I 21 -86.21 6.43 -62.28
C ILE I 21 -85.35 6.28 -61.02
N ARG I 22 -86.01 6.09 -59.89
CA ARG I 22 -85.32 5.76 -58.65
C ARG I 22 -85.41 4.26 -58.44
N SER I 23 -86.06 3.58 -59.37
CA SER I 23 -86.22 2.13 -59.30
C SER I 23 -84.89 1.41 -59.49
N GLU I 28 -81.50 -0.73 -55.02
CA GLU I 28 -80.42 -1.66 -54.70
C GLU I 28 -79.06 -0.99 -54.80
N LEU I 29 -78.61 -0.76 -56.04
CA LEU I 29 -77.32 -0.14 -56.29
C LEU I 29 -77.48 1.29 -56.80
N GLN I 30 -78.14 2.13 -56.02
CA GLN I 30 -78.36 3.52 -56.37
C GLN I 30 -77.59 4.44 -55.41
N THR I 31 -76.29 4.58 -55.63
CA THR I 31 -75.45 5.39 -54.77
C THR I 31 -76.00 6.80 -54.58
N SER I 33 -74.75 9.73 -54.11
CA SER I 33 -75.08 10.71 -55.12
C SER I 33 -76.53 10.56 -55.60
N VAL I 34 -76.84 9.38 -56.12
CA VAL I 34 -78.17 9.09 -56.63
C VAL I 34 -79.24 9.37 -55.58
N LEU I 35 -78.90 9.12 -54.32
CA LEU I 35 -79.83 9.30 -53.22
C LEU I 35 -79.82 10.75 -52.73
N ASN I 36 -78.75 11.47 -53.05
CA ASN I 36 -78.65 12.87 -52.69
C ASN I 36 -79.51 13.76 -53.57
N ARG I 37 -79.85 13.27 -54.76
CA ARG I 37 -80.66 14.01 -55.70
C ARG I 37 -82.12 13.56 -55.66
N SER I 38 -82.38 12.52 -54.88
CA SER I 38 -83.74 11.97 -54.77
C SER I 38 -84.66 12.89 -53.98
N GLN I 39 -84.09 13.66 -53.05
CA GLN I 39 -84.87 14.59 -52.25
C GLN I 39 -84.08 15.81 -51.79
N THR I 40 -84.81 16.82 -51.33
CA THR I 40 -84.20 18.06 -50.87
C THR I 40 -85.08 18.76 -49.84
N ASP I 41 -84.46 19.57 -49.00
CA ASP I 41 -85.17 20.34 -47.98
C ASP I 41 -85.27 21.80 -48.42
N ALA I 42 -86.49 22.25 -48.72
CA ALA I 42 -86.69 23.59 -49.24
C ALA I 42 -87.80 24.34 -48.52
N PHE I 43 -87.53 25.58 -48.16
CA PHE I 43 -88.51 26.44 -47.50
C PHE I 43 -88.57 27.81 -48.17
N TYR I 44 -89.67 28.09 -48.87
CA TYR I 44 -89.84 29.40 -49.49
C TYR I 44 -90.66 30.32 -48.60
N THR I 45 -90.37 31.62 -48.67
CA THR I 45 -91.01 32.59 -47.79
C THR I 45 -91.25 33.91 -48.51
N GLN I 46 -92.52 34.22 -48.78
CA GLN I 46 -92.87 35.48 -49.43
C GLN I 46 -92.38 36.68 -48.61
N TYR I 47 -92.49 37.87 -49.18
CA TYR I 47 -92.08 39.09 -48.51
C TYR I 47 -92.93 40.29 -48.88
N LYS I 48 -93.01 41.24 -47.96
CA LYS I 48 -93.75 42.48 -48.18
C LYS I 48 -92.92 43.68 -47.75
N ASN I 49 -93.42 44.88 -48.05
CA ASN I 49 -92.71 46.11 -47.72
C ASN I 49 -92.07 46.09 -46.33
N ALA I 53 -87.66 43.65 -44.30
CA ALA I 53 -88.99 43.61 -44.88
C ALA I 53 -89.84 42.51 -44.26
N SER I 54 -91.14 42.73 -44.15
CA SER I 54 -92.06 41.75 -43.59
C SER I 54 -92.14 40.53 -44.51
N GLU I 55 -92.70 39.44 -43.99
CA GLU I 55 -92.78 38.19 -44.75
C GLU I 55 -93.86 37.24 -44.26
N PRO I 56 -94.72 36.76 -45.18
CA PRO I 56 -95.74 35.76 -44.90
C PRO I 56 -95.16 34.44 -44.40
N THR I 57 -96.03 33.54 -43.94
CA THR I 57 -95.60 32.28 -43.34
C THR I 57 -94.76 31.41 -44.27
N PRO I 58 -93.60 30.93 -43.77
CA PRO I 58 -92.68 30.07 -44.52
C PRO I 58 -93.18 28.63 -44.65
N ILE I 59 -93.53 28.24 -45.87
CA ILE I 59 -93.98 26.88 -46.13
C ILE I 59 -92.87 26.10 -46.83
N THR I 60 -93.04 24.79 -46.94
CA THR I 60 -92.08 23.95 -47.65
C THR I 60 -92.49 23.79 -49.11
N LYS I 61 -91.56 23.31 -49.92
CA LYS I 61 -91.82 23.12 -51.35
C LYS I 61 -92.74 21.92 -51.60
N ASN J 26 57.80 24.73 7.42
CA ASN J 26 56.55 25.41 7.10
C ASN J 26 55.54 24.47 6.45
N LEU J 27 55.97 23.82 5.36
CA LEU J 27 55.15 22.84 4.64
C LEU J 27 54.05 23.47 3.79
N ASN J 28 53.73 24.73 4.05
CA ASN J 28 52.72 25.44 3.27
C ASN J 28 53.32 26.07 2.01
N GLU J 29 54.38 26.86 2.20
CA GLU J 29 55.06 27.50 1.09
C GLU J 29 56.21 26.65 0.61
N THR J 30 56.78 25.86 1.52
CA THR J 30 57.94 25.03 1.21
C THR J 30 57.56 23.58 0.91
N GLY J 31 58.43 22.89 0.17
CA GLY J 31 58.24 21.49 -0.14
C GLY J 31 59.57 20.77 -0.30
N ARG J 32 59.61 19.51 0.10
CA ARG J 32 60.83 18.71 -0.04
C ARG J 32 60.58 17.53 -0.97
N VAL J 33 61.53 17.26 -1.85
CA VAL J 33 61.38 16.19 -2.83
C VAL J 33 61.33 14.81 -2.19
N LEU J 34 60.26 14.08 -2.49
CA LEU J 34 60.07 12.72 -1.95
C LEU J 34 60.74 11.71 -2.87
N ALA J 35 60.54 11.89 -4.18
CA ALA J 35 61.16 11.03 -5.19
C ALA J 35 61.20 11.79 -6.51
N VAL J 36 62.15 11.44 -7.38
CA VAL J 36 62.30 12.14 -8.65
C VAL J 36 62.77 11.22 -9.77
N GLY J 37 62.49 11.61 -11.00
CA GLY J 37 62.85 10.82 -12.17
C GLY J 37 61.79 10.91 -13.25
N ASP J 38 62.17 10.54 -14.47
CA ASP J 38 61.25 10.54 -15.60
C ASP J 38 60.65 11.93 -15.84
N GLY J 39 61.46 12.96 -15.65
CA GLY J 39 61.02 14.33 -15.82
C GLY J 39 59.92 14.71 -14.85
N ILE J 40 59.68 13.83 -13.88
CA ILE J 40 58.65 14.07 -12.87
C ILE J 40 59.27 14.23 -11.48
N ALA J 41 58.62 15.03 -10.65
CA ALA J 41 59.06 15.23 -9.28
C ALA J 41 57.90 15.11 -8.31
N ARG J 42 57.94 14.07 -7.48
CA ARG J 42 56.93 13.87 -6.44
C ARG J 42 57.39 14.53 -5.15
N VAL J 43 56.75 15.64 -4.79
CA VAL J 43 57.18 16.44 -3.66
C VAL J 43 56.21 16.36 -2.48
N PHE J 44 56.76 16.46 -1.27
CA PHE J 44 55.95 16.54 -0.06
C PHE J 44 55.95 17.98 0.45
N GLY J 45 54.76 18.46 0.81
CA GLY J 45 54.61 19.84 1.25
C GLY J 45 53.86 20.67 0.24
N LEU J 46 54.23 21.95 0.14
CA LEU J 46 53.56 22.88 -0.77
C LEU J 46 52.05 22.77 -0.62
N ASN J 47 51.55 23.03 0.58
CA ASN J 47 50.12 22.88 0.87
C ASN J 47 49.25 23.93 0.19
N ASN J 48 49.67 25.19 0.29
CA ASN J 48 48.91 26.30 -0.28
C ASN J 48 49.07 26.37 -1.79
N ILE J 49 49.50 25.27 -2.40
CA ILE J 49 49.77 25.23 -3.83
C ILE J 49 48.48 25.24 -4.65
N GLN J 50 48.55 25.88 -5.82
CA GLN J 50 47.42 25.92 -6.74
C GLN J 50 47.60 24.90 -7.85
N ALA J 51 46.48 24.45 -8.41
CA ALA J 51 46.52 23.53 -9.54
C ALA J 51 47.12 24.23 -10.75
N GLU J 52 48.17 23.63 -11.31
CA GLU J 52 48.88 24.21 -12.45
C GLU J 52 49.70 25.43 -12.06
N GLU J 53 50.25 25.42 -10.85
CA GLU J 53 51.12 26.51 -10.40
C GLU J 53 52.59 26.10 -10.45
N LEU J 54 53.42 26.98 -10.99
CA LEU J 54 54.85 26.71 -11.12
C LEU J 54 55.56 26.68 -9.76
N VAL J 55 56.74 26.08 -9.74
CA VAL J 55 57.56 26.00 -8.54
C VAL J 55 59.02 25.98 -8.95
N GLU J 56 59.88 26.53 -8.08
CA GLU J 56 61.31 26.60 -8.39
C GLU J 56 62.12 25.68 -7.49
N PHE J 57 63.06 24.95 -8.08
CA PHE J 57 63.87 24.00 -7.33
C PHE J 57 65.19 24.62 -6.88
N SER J 58 65.95 23.88 -6.07
CA SER J 58 67.19 24.37 -5.49
C SER J 58 68.28 24.57 -6.55
N SER J 59 68.18 23.85 -7.65
CA SER J 59 69.18 23.94 -8.70
C SER J 59 68.95 25.14 -9.62
N GLY J 60 67.69 25.50 -9.80
CA GLY J 60 67.34 26.62 -10.67
C GLY J 60 66.31 26.23 -11.71
N VAL J 61 66.08 24.92 -11.84
CA VAL J 61 65.08 24.41 -12.78
C VAL J 61 63.68 24.54 -12.18
N LYS J 62 62.77 25.13 -12.95
CA LYS J 62 61.40 25.32 -12.51
C LYS J 62 60.48 24.22 -13.02
N GLY J 63 59.20 24.31 -12.67
CA GLY J 63 58.23 23.31 -13.07
C GLY J 63 56.85 23.58 -12.48
N MET J 64 55.84 22.90 -13.01
CA MET J 64 54.47 23.10 -12.54
C MET J 64 53.87 21.82 -11.97
N ALA J 65 52.88 21.97 -11.10
CA ALA J 65 52.23 20.82 -10.47
C ALA J 65 50.88 20.51 -11.10
N LEU J 66 50.78 19.32 -11.68
CA LEU J 66 49.56 18.89 -12.36
C LEU J 66 48.75 17.91 -11.53
N ASN J 67 49.43 17.11 -10.72
CA ASN J 67 48.77 16.14 -9.84
C ASN J 67 48.81 16.53 -8.37
N LEU J 68 47.74 17.15 -7.89
CA LEU J 68 47.62 17.47 -6.47
C LEU J 68 47.00 16.29 -5.74
N GLU J 69 47.84 15.53 -5.04
CA GLU J 69 47.40 14.32 -4.35
C GLU J 69 47.31 14.52 -2.84
N PRO J 70 46.58 13.63 -2.15
CA PRO J 70 46.33 13.75 -0.70
C PRO J 70 47.60 14.00 0.11
N GLY J 71 48.63 13.20 -0.11
CA GLY J 71 49.85 13.30 0.67
C GLY J 71 51.03 13.86 -0.10
N GLN J 72 50.92 13.86 -1.42
CA GLN J 72 52.02 14.29 -2.27
C GLN J 72 51.55 15.21 -3.39
N VAL J 73 52.52 15.82 -4.09
CA VAL J 73 52.23 16.69 -5.22
C VAL J 73 53.03 16.23 -6.44
N GLY J 74 52.45 16.38 -7.62
CA GLY J 74 53.09 15.94 -8.85
C GLY J 74 53.52 17.09 -9.73
N ILE J 75 54.81 17.42 -9.68
CA ILE J 75 55.37 18.48 -10.50
C ILE J 75 56.09 17.91 -11.71
N VAL J 76 55.81 18.47 -12.89
CA VAL J 76 56.50 18.08 -14.11
C VAL J 76 57.62 19.06 -14.43
N LEU J 77 58.83 18.53 -14.64
CA LEU J 77 60.01 19.36 -14.84
C LEU J 77 60.10 19.94 -16.24
N PHE J 78 60.40 21.24 -16.32
CA PHE J 78 60.60 21.91 -17.60
C PHE J 78 62.01 21.66 -18.12
N GLY J 79 62.87 21.10 -17.28
CA GLY J 79 64.24 20.84 -17.64
C GLY J 79 64.70 19.46 -17.24
N SER J 80 66.01 19.26 -17.19
CA SER J 80 66.59 17.97 -16.83
C SER J 80 66.21 17.56 -15.42
N ASP J 81 65.98 16.27 -15.22
CA ASP J 81 65.67 15.73 -13.90
C ASP J 81 66.93 15.33 -13.15
N ARG J 82 68.07 15.44 -13.84
CA ARG J 82 69.37 15.15 -13.23
C ARG J 82 69.69 16.15 -12.13
N LEU J 83 69.22 17.38 -12.28
CA LEU J 83 69.49 18.44 -11.33
C LEU J 83 68.76 18.23 -10.00
N VAL J 84 67.60 17.60 -10.05
CA VAL J 84 66.80 17.38 -8.85
C VAL J 84 67.19 16.09 -8.14
N LYS J 85 67.54 16.21 -6.86
CA LYS J 85 67.87 15.06 -6.04
C LYS J 85 66.83 14.89 -4.93
N GLU J 86 66.83 13.74 -4.28
CA GLU J 86 65.86 13.45 -3.23
C GLU J 86 66.03 14.37 -2.03
N GLY J 87 64.93 14.96 -1.59
CA GLY J 87 64.94 15.86 -0.45
C GLY J 87 65.41 17.25 -0.82
N GLU J 88 64.97 17.73 -1.98
CA GLU J 88 65.36 19.04 -2.48
C GLU J 88 64.42 20.12 -1.99
N LEU J 89 64.96 21.32 -1.77
CA LEU J 89 64.15 22.44 -1.32
C LEU J 89 63.28 22.98 -2.46
N VAL J 90 61.97 22.97 -2.27
CA VAL J 90 61.03 23.40 -3.29
C VAL J 90 60.26 24.65 -2.88
N LYS J 91 60.64 25.78 -3.46
CA LYS J 91 59.95 27.04 -3.21
C LYS J 91 58.82 27.21 -4.21
N ARG J 92 57.79 27.98 -3.84
CA ARG J 92 56.71 28.30 -4.75
C ARG J 92 57.02 29.58 -5.50
N THR J 93 56.32 29.81 -6.60
CA THR J 93 56.46 31.05 -7.35
C THR J 93 55.11 31.76 -7.43
N GLY J 94 54.07 31.08 -6.97
CA GLY J 94 52.73 31.65 -6.93
C GLY J 94 52.21 32.05 -8.29
N ASN J 95 52.96 31.71 -9.34
CA ASN J 95 52.60 32.09 -10.70
C ASN J 95 51.91 30.98 -11.48
N ILE J 96 50.85 31.34 -12.20
CA ILE J 96 50.24 30.44 -13.16
C ILE J 96 50.83 30.75 -14.53
N VAL J 97 51.04 29.73 -15.34
CA VAL J 97 51.68 29.89 -16.64
C VAL J 97 51.14 31.10 -17.40
N ASP J 98 51.99 32.12 -17.56
CA ASP J 98 51.60 33.31 -18.32
C ASP J 98 52.66 33.64 -19.37
N VAL J 99 52.27 34.41 -20.39
CA VAL J 99 53.16 34.71 -21.51
C VAL J 99 53.19 36.19 -21.85
N PRO J 100 54.40 36.73 -22.09
CA PRO J 100 54.60 38.11 -22.56
C PRO J 100 53.93 38.32 -23.91
N VAL J 101 52.82 39.03 -23.93
CA VAL J 101 52.10 39.30 -25.17
C VAL J 101 52.38 40.72 -25.67
N GLY J 102 51.93 41.01 -26.88
CA GLY J 102 52.11 42.33 -27.45
C GLY J 102 52.75 42.33 -28.82
N PRO J 103 52.98 43.52 -29.39
CA PRO J 103 53.58 43.70 -30.71
C PRO J 103 55.09 43.45 -30.67
N GLY J 104 55.65 43.44 -29.47
CA GLY J 104 57.08 43.26 -29.30
C GLY J 104 57.54 41.84 -29.56
N LEU J 105 56.67 41.04 -30.18
CA LEU J 105 56.99 39.65 -30.48
C LEU J 105 57.00 39.38 -31.97
N LEU J 106 56.72 40.41 -32.76
CA LEU J 106 56.76 40.29 -34.21
C LEU J 106 58.20 40.39 -34.72
N GLY J 107 58.59 39.40 -35.53
CA GLY J 107 59.96 39.34 -36.02
C GLY J 107 60.88 38.69 -34.99
N ARG J 108 60.28 38.12 -33.97
CA ARG J 108 61.03 37.48 -32.89
C ARG J 108 60.78 35.97 -32.85
N VAL J 109 61.70 35.25 -32.20
CA VAL J 109 61.56 33.82 -32.03
C VAL J 109 61.76 33.44 -30.57
N VAL J 110 60.70 32.98 -29.92
CA VAL J 110 60.74 32.66 -28.50
C VAL J 110 60.32 31.22 -28.23
N ASP J 111 60.70 30.70 -27.07
CA ASP J 111 60.32 29.35 -26.68
C ASP J 111 58.92 29.34 -26.08
N ALA J 112 58.53 28.22 -25.50
CA ALA J 112 57.19 28.06 -24.94
C ALA J 112 56.89 29.04 -23.82
N LEU J 113 57.91 29.36 -23.02
CA LEU J 113 57.73 30.24 -21.87
C LEU J 113 57.69 31.71 -22.26
N GLY J 114 58.21 32.02 -23.45
CA GLY J 114 58.22 33.39 -23.94
C GLY J 114 59.61 33.99 -23.94
N ASN J 115 60.62 33.14 -23.80
CA ASN J 115 62.01 33.58 -23.76
C ASN J 115 62.63 33.64 -25.16
N PRO J 116 63.35 34.73 -25.47
CA PRO J 116 64.01 34.89 -26.77
C PRO J 116 65.08 33.83 -26.98
N ILE J 117 64.94 33.03 -28.03
CA ILE J 117 65.88 31.95 -28.30
C ILE J 117 66.78 32.24 -29.50
N ASP J 118 66.46 33.31 -30.23
CA ASP J 118 67.26 33.69 -31.40
C ASP J 118 68.37 34.65 -31.03
N GLY J 119 68.43 35.03 -29.76
CA GLY J 119 69.46 35.92 -29.26
C GLY J 119 69.49 37.26 -29.96
N LYS J 120 68.33 37.91 -30.04
CA LYS J 120 68.24 39.23 -30.64
C LYS J 120 67.82 40.29 -29.62
N GLY J 121 67.95 39.97 -28.35
CA GLY J 121 67.60 40.89 -27.29
C GLY J 121 66.40 40.46 -26.49
N PRO J 122 65.95 41.31 -25.55
CA PRO J 122 64.80 41.04 -24.68
C PRO J 122 63.47 41.15 -25.41
N ILE J 123 62.38 40.84 -24.72
CA ILE J 123 61.05 40.93 -25.29
C ILE J 123 60.26 42.09 -24.67
N ASP J 124 59.63 42.89 -25.51
CA ASP J 124 58.85 44.03 -25.05
C ASP J 124 57.39 43.66 -24.80
N ALA J 125 57.11 43.12 -23.62
CA ALA J 125 55.76 42.70 -23.26
C ALA J 125 54.84 43.91 -23.10
N ALA J 126 53.83 43.99 -23.96
CA ALA J 126 52.82 45.04 -23.85
C ALA J 126 51.82 44.68 -22.76
N GLY J 127 51.98 43.47 -22.22
CA GLY J 127 51.11 42.97 -21.16
C GLY J 127 51.49 41.54 -20.85
N ARG J 128 50.66 40.86 -20.05
CA ARG J 128 50.90 39.45 -19.73
C ARG J 128 49.59 38.68 -19.62
N SER J 129 49.48 37.60 -20.39
CA SER J 129 48.27 36.79 -20.42
C SER J 129 48.57 35.35 -19.99
N ARG J 130 47.64 34.75 -19.25
CA ARG J 130 47.80 33.35 -18.84
C ARG J 130 47.80 32.43 -20.05
N ALA J 131 48.18 31.18 -19.85
CA ALA J 131 48.18 30.19 -20.90
C ALA J 131 46.77 29.62 -21.10
N GLN J 132 46.13 29.30 -19.98
CA GLN J 132 44.77 28.76 -20.02
C GLN J 132 43.73 29.87 -19.99
N VAL J 133 43.25 30.27 -21.16
CA VAL J 133 42.26 31.33 -21.26
C VAL J 133 40.95 30.78 -21.84
N LYS J 134 39.83 31.27 -21.29
CA LYS J 134 38.51 30.84 -21.75
C LYS J 134 38.20 31.41 -23.13
N ALA J 135 37.57 30.59 -23.97
CA ALA J 135 37.23 30.98 -25.33
C ALA J 135 36.11 32.01 -25.35
N PRO J 136 36.05 32.82 -26.43
CA PRO J 136 34.98 33.81 -26.60
C PRO J 136 33.61 33.16 -26.57
N GLY J 137 32.71 33.70 -25.75
CA GLY J 137 31.38 33.14 -25.59
C GLY J 137 30.56 33.12 -26.86
N ILE J 138 29.32 32.63 -26.75
CA ILE J 138 28.41 32.56 -27.89
C ILE J 138 28.02 33.94 -28.37
N LEU J 139 27.59 34.78 -27.43
CA LEU J 139 27.11 36.13 -27.74
C LEU J 139 28.17 37.02 -28.40
N PRO J 140 29.36 37.12 -27.80
CA PRO J 140 30.38 38.07 -28.28
C PRO J 140 31.07 37.64 -29.57
N ARG J 141 30.33 36.99 -30.47
CA ARG J 141 30.91 36.54 -31.72
C ARG J 141 30.15 37.04 -32.95
N ARG J 142 30.88 37.25 -34.04
CA ARG J 142 30.30 37.73 -35.28
C ARG J 142 30.49 36.67 -36.36
N SER J 143 29.40 36.34 -37.05
CA SER J 143 29.46 35.32 -38.10
C SER J 143 30.58 35.62 -39.10
N VAL J 144 31.49 34.66 -39.26
CA VAL J 144 32.65 34.84 -40.12
C VAL J 144 32.26 35.32 -41.52
N HIS J 145 32.99 36.33 -42.01
CA HIS J 145 32.70 36.90 -43.32
C HIS J 145 33.99 37.27 -44.06
N GLU J 146 34.90 37.92 -43.33
CA GLU J 146 36.18 38.34 -43.91
C GLU J 146 36.96 37.17 -44.47
N PRO J 147 37.63 37.38 -45.61
CA PRO J 147 38.40 36.33 -46.29
C PRO J 147 39.84 36.24 -45.80
N VAL J 148 40.39 35.02 -45.79
CA VAL J 148 41.79 34.80 -45.53
C VAL J 148 42.46 34.33 -46.82
N GLN J 149 43.07 35.26 -47.54
CA GLN J 149 43.66 34.94 -48.83
C GLN J 149 44.97 34.17 -48.69
N THR J 150 44.96 32.92 -49.14
CA THR J 150 46.14 32.06 -49.06
C THR J 150 47.01 32.21 -50.29
N GLY J 151 46.42 32.68 -51.39
CA GLY J 151 47.12 32.83 -52.64
C GLY J 151 47.17 31.52 -53.40
N LEU J 152 46.65 30.47 -52.78
CA LEU J 152 46.58 29.16 -53.41
C LEU J 152 45.33 29.04 -54.27
N LYS J 153 45.54 28.97 -55.58
CA LYS J 153 44.43 28.87 -56.55
C LYS J 153 43.41 27.81 -56.14
N ALA J 154 43.90 26.65 -55.70
CA ALA J 154 43.03 25.55 -55.32
C ALA J 154 42.26 25.82 -54.03
N VAL J 155 42.94 26.43 -53.07
CA VAL J 155 42.36 26.67 -51.74
C VAL J 155 41.30 27.76 -51.75
N ASP J 156 41.70 28.99 -52.06
CA ASP J 156 40.81 30.14 -52.00
C ASP J 156 39.57 29.98 -52.87
N ALA J 157 39.62 29.06 -53.82
CA ALA J 157 38.52 28.89 -54.78
C ALA J 157 37.52 27.80 -54.38
N LEU J 158 38.03 26.68 -53.88
CA LEU J 158 37.20 25.54 -53.54
C LEU J 158 36.92 25.41 -52.05
N VAL J 159 37.95 25.61 -51.24
CA VAL J 159 37.81 25.55 -49.79
C VAL J 159 38.30 26.85 -49.14
N PRO J 160 37.45 27.89 -49.15
CA PRO J 160 37.76 29.22 -48.65
C PRO J 160 37.99 29.25 -47.14
N ILE J 161 38.85 30.14 -46.68
CA ILE J 161 39.13 30.30 -45.26
C ILE J 161 38.71 31.68 -44.80
N GLY J 162 37.85 31.74 -43.78
CA GLY J 162 37.40 33.00 -43.24
C GLY J 162 38.21 33.41 -42.02
N ARG J 163 38.21 34.70 -41.72
CA ARG J 163 38.95 35.20 -40.55
C ARG J 163 38.21 34.85 -39.27
N GLY J 164 38.90 34.16 -38.37
CA GLY J 164 38.29 33.66 -37.15
C GLY J 164 37.84 32.23 -37.32
N GLN J 165 37.98 31.71 -38.53
CA GLN J 165 37.60 30.35 -38.85
C GLN J 165 38.70 29.37 -38.47
N ARG J 166 38.32 28.12 -38.23
CA ARG J 166 39.28 27.08 -37.87
C ARG J 166 39.38 26.01 -38.96
N GLU J 167 40.32 26.20 -39.89
CA GLU J 167 40.53 25.25 -40.98
C GLU J 167 41.70 24.32 -40.68
N LEU J 168 41.48 23.03 -40.78
CA LEU J 168 42.49 22.04 -40.45
C LEU J 168 43.29 21.58 -41.67
N ILE J 169 44.61 21.44 -41.49
CA ILE J 169 45.47 20.88 -42.52
C ILE J 169 45.84 19.45 -42.11
N ILE J 170 45.39 18.48 -42.90
CA ILE J 170 45.55 17.08 -42.53
C ILE J 170 46.01 16.21 -43.70
N GLY J 171 46.80 15.18 -43.39
CA GLY J 171 47.30 14.27 -44.41
C GLY J 171 48.56 13.55 -43.98
N ASP J 172 48.99 12.57 -44.76
CA ASP J 172 50.19 11.81 -44.46
C ASP J 172 51.43 12.70 -44.37
N ARG J 173 52.57 12.07 -44.10
CA ARG J 173 53.84 12.78 -43.98
C ARG J 173 54.36 13.20 -45.35
N GLN J 174 55.14 14.27 -45.38
CA GLN J 174 55.82 14.71 -46.58
C GLN J 174 54.87 14.92 -47.76
N THR J 175 53.63 15.27 -47.47
CA THR J 175 52.64 15.53 -48.50
C THR J 175 52.52 17.02 -48.78
N GLY J 176 53.23 17.82 -47.99
CA GLY J 176 53.23 19.26 -48.17
C GLY J 176 52.22 19.99 -47.30
N LYS J 177 52.10 19.57 -46.05
CA LYS J 177 51.20 20.23 -45.11
C LYS J 177 51.73 21.60 -44.72
N THR J 178 52.99 21.63 -44.29
CA THR J 178 53.65 22.86 -43.89
C THR J 178 53.65 23.88 -45.03
N ALA J 179 53.94 23.40 -46.23
CA ALA J 179 54.01 24.26 -47.42
C ALA J 179 52.73 25.09 -47.58
N VAL J 180 51.58 24.41 -47.58
CA VAL J 180 50.30 25.10 -47.73
C VAL J 180 50.15 26.23 -46.72
N ALA J 181 50.61 26.00 -45.50
CA ALA J 181 50.51 27.00 -44.44
C ALA J 181 51.53 28.12 -44.62
N LEU J 182 52.73 27.76 -45.06
CA LEU J 182 53.80 28.73 -45.25
C LEU J 182 53.46 29.76 -46.34
N ASP J 183 52.98 29.29 -47.48
CA ASP J 183 52.58 30.17 -48.57
C ASP J 183 51.50 31.14 -48.11
N THR J 184 50.62 30.68 -47.24
CA THR J 184 49.56 31.52 -46.69
C THR J 184 50.16 32.73 -45.99
N ILE J 185 51.20 32.49 -45.19
CA ILE J 185 51.91 33.56 -44.51
C ILE J 185 52.60 34.47 -45.53
N LEU J 186 53.22 33.85 -46.53
CA LEU J 186 53.97 34.59 -47.54
C LEU J 186 53.05 35.37 -48.47
N ASN J 187 51.74 35.16 -48.35
CA ASN J 187 50.77 35.83 -49.20
C ASN J 187 50.24 37.11 -48.57
N GLN J 188 50.53 37.30 -47.28
CA GLN J 188 50.01 38.44 -46.54
C GLN J 188 50.91 39.67 -46.66
N LYS J 189 51.90 39.60 -47.54
CA LYS J 189 52.78 40.74 -47.79
C LYS J 189 52.01 41.89 -48.44
N ARG J 190 50.98 41.54 -49.20
CA ARG J 190 50.20 42.52 -49.96
C ARG J 190 49.53 43.56 -49.06
N TRP J 191 49.12 43.14 -47.86
CA TRP J 191 48.40 44.03 -46.97
C TRP J 191 49.24 44.51 -45.79
N ASN J 192 50.08 43.63 -45.26
CA ASN J 192 50.88 43.95 -44.08
C ASN J 192 51.90 45.07 -44.31
N ASN J 193 52.00 45.53 -45.55
CA ASN J 193 52.91 46.63 -45.88
C ASN J 193 52.16 47.89 -46.30
N GLY J 194 50.82 47.78 -46.34
CA GLY J 194 49.99 48.92 -46.66
C GLY J 194 49.73 49.76 -45.41
N SER J 195 48.56 50.38 -45.36
CA SER J 195 48.19 51.22 -44.21
C SER J 195 47.02 50.63 -43.43
N ASP J 196 46.03 50.11 -44.15
CA ASP J 196 44.81 49.60 -43.54
C ASP J 196 45.07 48.41 -42.63
N GLU J 197 44.82 48.59 -41.34
CA GLU J 197 45.01 47.54 -40.34
C GLU J 197 43.90 46.49 -40.43
N SER J 198 42.72 46.91 -40.87
CA SER J 198 41.57 46.03 -40.96
C SER J 198 41.72 45.01 -42.10
N LYS J 199 42.81 45.12 -42.84
CA LYS J 199 43.10 44.16 -43.92
C LYS J 199 44.39 43.41 -43.65
N LYS J 200 45.22 43.96 -42.76
CA LYS J 200 46.46 43.30 -42.37
C LYS J 200 46.17 42.02 -41.61
N LEU J 201 47.16 41.14 -41.56
CA LEU J 201 47.01 39.86 -40.88
C LEU J 201 48.34 39.38 -40.31
N TYR J 202 48.52 39.58 -39.01
CA TYR J 202 49.72 39.10 -38.33
C TYR J 202 49.69 37.59 -38.24
N CYS J 203 50.87 36.96 -38.28
CA CYS J 203 50.95 35.50 -38.28
C CYS J 203 51.72 34.94 -37.09
N VAL J 204 51.31 33.77 -36.63
CA VAL J 204 51.97 33.08 -35.54
C VAL J 204 52.22 31.63 -35.90
N TYR J 205 53.48 31.24 -36.00
CA TYR J 205 53.83 29.87 -36.33
C TYR J 205 54.29 29.10 -35.11
N VAL J 206 53.58 28.02 -34.79
CA VAL J 206 53.89 27.20 -33.63
C VAL J 206 54.65 25.95 -34.04
N ALA J 207 55.93 25.90 -33.70
CA ALA J 207 56.78 24.76 -34.02
C ALA J 207 56.84 23.79 -32.84
N VAL J 208 56.26 22.60 -33.03
CA VAL J 208 56.20 21.59 -31.97
C VAL J 208 56.64 20.23 -32.48
N GLY J 209 57.64 19.65 -31.82
CA GLY J 209 58.10 18.31 -32.16
C GLY J 209 59.11 18.27 -33.30
N GLN J 210 59.37 19.44 -33.88
CA GLN J 210 60.33 19.54 -34.97
C GLN J 210 61.74 19.71 -34.43
N LYS J 211 62.73 19.31 -35.24
CA LYS J 211 64.12 19.57 -34.89
C LYS J 211 64.44 21.03 -35.14
N ARG J 212 65.50 21.53 -34.52
CA ARG J 212 65.85 22.95 -34.62
C ARG J 212 66.32 23.33 -36.02
N SER J 213 66.97 22.39 -36.70
CA SER J 213 67.43 22.63 -38.07
C SER J 213 66.27 23.04 -38.97
N THR J 214 65.10 22.47 -38.70
CA THR J 214 63.90 22.76 -39.47
C THR J 214 63.35 24.16 -39.17
N VAL J 215 63.39 24.54 -37.90
CA VAL J 215 62.91 25.86 -37.48
C VAL J 215 63.88 26.95 -37.94
N ALA J 216 65.16 26.63 -37.95
CA ALA J 216 66.18 27.56 -38.40
C ALA J 216 66.03 27.83 -39.89
N GLN J 217 65.61 26.80 -40.63
CA GLN J 217 65.41 26.91 -42.07
C GLN J 217 64.12 27.67 -42.39
N LEU J 218 63.05 27.36 -41.66
CA LEU J 218 61.77 28.00 -41.88
C LEU J 218 61.86 29.51 -41.67
N VAL J 219 62.52 29.91 -40.58
CA VAL J 219 62.69 31.33 -40.26
C VAL J 219 63.50 32.04 -41.32
N GLN J 220 64.51 31.36 -41.87
CA GLN J 220 65.38 31.95 -42.87
C GLN J 220 64.64 32.14 -44.19
N THR J 221 63.65 31.28 -44.45
CA THR J 221 62.83 31.39 -45.65
C THR J 221 61.83 32.53 -45.49
N LEU J 222 61.42 32.77 -44.25
CA LEU J 222 60.57 33.92 -43.94
C LEU J 222 61.40 35.18 -43.96
N GLU J 223 62.69 35.04 -43.68
CA GLU J 223 63.60 36.17 -43.61
C GLU J 223 63.96 36.66 -45.01
N GLN J 224 63.89 35.77 -45.99
CA GLN J 224 64.25 36.09 -47.36
C GLN J 224 63.09 36.74 -48.13
N HIS J 225 61.87 36.47 -47.69
CA HIS J 225 60.69 37.11 -48.27
C HIS J 225 60.29 38.32 -47.46
N ASP J 226 61.11 38.63 -46.45
CA ASP J 226 60.88 39.76 -45.57
C ASP J 226 59.49 39.72 -44.93
N ALA J 227 58.92 38.53 -44.85
CA ALA J 227 57.64 38.35 -44.20
C ALA J 227 57.86 37.89 -42.76
N MET J 228 59.12 37.91 -42.34
CA MET J 228 59.50 37.47 -41.01
C MET J 228 59.19 38.56 -39.99
N LYS J 229 58.96 39.77 -40.48
CA LYS J 229 58.71 40.93 -39.62
C LYS J 229 57.33 40.90 -38.97
N TYR J 230 56.31 40.51 -39.73
CA TYR J 230 54.95 40.47 -39.20
C TYR J 230 54.54 39.08 -38.72
N SER J 231 55.52 38.27 -38.34
CA SER J 231 55.26 36.91 -37.88
C SER J 231 55.92 36.62 -36.54
N ILE J 232 55.28 35.77 -35.74
CA ILE J 232 55.82 35.38 -34.44
C ILE J 232 56.08 33.89 -34.39
N ILE J 233 57.26 33.50 -33.94
CA ILE J 233 57.65 32.09 -33.90
C ILE J 233 57.76 31.56 -32.48
N VAL J 234 56.85 30.67 -32.11
CA VAL J 234 56.88 30.02 -30.81
C VAL J 234 57.45 28.61 -30.95
N ALA J 235 58.64 28.39 -30.40
CA ALA J 235 59.36 27.15 -30.63
C ALA J 235 59.51 26.27 -29.38
N ALA J 236 58.95 25.07 -29.46
CA ALA J 236 59.16 24.05 -28.44
C ALA J 236 59.63 22.77 -29.12
N THR J 237 60.91 22.72 -29.47
CA THR J 237 61.46 21.63 -30.27
C THR J 237 61.51 20.30 -29.55
N ALA J 238 61.68 19.22 -30.31
CA ALA J 238 61.64 17.86 -29.78
C ALA J 238 62.72 17.60 -28.73
N SER J 239 63.67 18.51 -28.61
CA SER J 239 64.73 18.37 -27.61
C SER J 239 64.27 18.84 -26.23
N GLU J 240 63.39 19.83 -26.22
CA GLU J 240 62.92 20.42 -24.97
C GLU J 240 61.95 19.51 -24.23
N ALA J 241 61.73 19.81 -22.95
CA ALA J 241 60.89 18.98 -22.11
C ALA J 241 59.48 18.81 -22.67
N ALA J 242 58.80 17.75 -22.24
CA ALA J 242 57.44 17.48 -22.68
C ALA J 242 56.46 18.60 -22.32
N PRO J 243 56.51 19.08 -21.05
CA PRO J 243 55.62 20.17 -20.64
C PRO J 243 55.78 21.40 -21.52
N LEU J 244 57.01 21.71 -21.92
CA LEU J 244 57.28 22.87 -22.76
C LEU J 244 56.54 22.78 -24.09
N GLN J 245 56.52 21.60 -24.69
CA GLN J 245 55.79 21.37 -25.93
C GLN J 245 54.29 21.41 -25.67
N TYR J 246 53.89 20.96 -24.49
CA TYR J 246 52.49 20.94 -24.09
C TYR J 246 51.89 22.35 -23.99
N LEU J 247 52.69 23.28 -23.49
CA LEU J 247 52.24 24.66 -23.31
C LEU J 247 52.30 25.46 -24.60
N ALA J 248 53.34 25.22 -25.40
CA ALA J 248 53.61 26.00 -26.60
C ALA J 248 52.37 26.45 -27.37
N PRO J 249 51.52 25.50 -27.79
CA PRO J 249 50.33 25.86 -28.56
C PRO J 249 49.41 26.82 -27.80
N PHE J 250 49.25 26.59 -26.51
CA PHE J 250 48.44 27.46 -25.66
C PHE J 250 49.10 28.82 -25.48
N THR J 251 50.40 28.82 -25.23
CA THR J 251 51.16 30.05 -25.08
C THR J 251 51.04 30.93 -26.32
N ALA J 252 51.22 30.31 -27.48
CA ALA J 252 51.10 31.02 -28.75
C ALA J 252 49.69 31.56 -28.95
N ALA J 253 48.70 30.79 -28.50
CA ALA J 253 47.31 31.18 -28.65
C ALA J 253 47.02 32.53 -28.00
N SER J 254 47.68 32.80 -26.88
CA SER J 254 47.49 34.06 -26.16
C SER J 254 48.28 35.20 -26.79
N ILE J 255 49.36 34.86 -27.48
CA ILE J 255 50.17 35.87 -28.16
C ILE J 255 49.41 36.44 -29.35
N GLY J 256 48.70 35.58 -30.06
CA GLY J 256 47.87 36.00 -31.18
C GLY J 256 46.55 36.55 -30.71
N GLU J 257 46.07 36.02 -29.58
CA GLU J 257 44.81 36.45 -28.99
C GLU J 257 44.83 37.94 -28.67
N TRP J 258 46.03 38.45 -28.40
CA TRP J 258 46.21 39.88 -28.12
C TRP J 258 45.70 40.72 -29.28
N PHE J 259 46.17 40.40 -30.48
CA PHE J 259 45.73 41.09 -31.69
C PHE J 259 44.22 41.01 -31.82
N ARG J 260 43.69 39.80 -31.70
CA ARG J 260 42.26 39.56 -31.80
C ARG J 260 41.47 40.48 -30.87
N ASP J 261 42.00 40.71 -29.68
CA ASP J 261 41.31 41.52 -28.67
C ASP J 261 41.51 43.02 -28.92
N ASN J 262 42.64 43.38 -29.50
CA ASN J 262 42.98 44.78 -29.72
C ASN J 262 42.65 45.28 -31.12
N GLY J 263 41.49 44.88 -31.63
CA GLY J 263 40.99 45.36 -32.90
C GLY J 263 41.93 45.14 -34.08
N LYS J 264 42.37 43.90 -34.25
CA LYS J 264 43.22 43.54 -35.39
C LYS J 264 42.94 42.12 -35.86
N HIS J 265 43.81 41.59 -36.70
CA HIS J 265 43.63 40.24 -37.23
C HIS J 265 44.92 39.44 -37.16
N ALA J 266 44.84 38.23 -36.63
CA ALA J 266 46.01 37.38 -36.47
C ALA J 266 45.74 35.94 -36.90
N LEU J 267 46.70 35.35 -37.61
CA LEU J 267 46.63 33.95 -38.01
C LEU J 267 47.61 33.14 -37.17
N ILE J 268 47.25 31.90 -36.87
CA ILE J 268 48.13 31.02 -36.11
C ILE J 268 48.12 29.60 -36.67
N VAL J 269 49.31 29.05 -36.88
CA VAL J 269 49.46 27.71 -37.43
C VAL J 269 50.07 26.74 -36.42
N TYR J 270 49.29 25.75 -36.00
CA TYR J 270 49.78 24.74 -35.09
C TYR J 270 50.43 23.59 -35.87
N ASP J 271 51.75 23.51 -35.82
CA ASP J 271 52.48 22.46 -36.52
C ASP J 271 53.44 21.73 -35.59
N ASP J 272 52.96 20.64 -34.99
CA ASP J 272 51.60 20.18 -35.21
C ASP J 272 50.97 19.65 -33.92
N LEU J 273 49.65 19.57 -33.91
CA LEU J 273 48.92 19.11 -32.73
C LEU J 273 49.12 17.62 -32.50
N SER J 274 49.59 16.92 -33.53
CA SER J 274 49.85 15.49 -33.43
C SER J 274 50.98 15.22 -32.46
N LYS J 275 52.02 16.05 -32.54
CA LYS J 275 53.19 15.91 -31.68
C LYS J 275 52.96 16.58 -30.34
N GLN J 276 51.87 17.35 -30.24
CA GLN J 276 51.50 17.98 -28.98
C GLN J 276 50.71 17.01 -28.12
N ALA J 277 49.81 16.26 -28.76
CA ALA J 277 48.99 15.28 -28.05
C ALA J 277 49.86 14.18 -27.45
N VAL J 278 50.97 13.89 -28.11
CA VAL J 278 51.91 12.89 -27.62
C VAL J 278 52.65 13.39 -26.39
N ALA J 279 53.01 14.68 -26.40
CA ALA J 279 53.68 15.29 -25.27
C ALA J 279 52.80 15.22 -24.03
N TYR J 280 51.52 15.56 -24.19
CA TYR J 280 50.57 15.49 -23.09
C TYR J 280 50.30 14.05 -22.68
N ARG J 281 50.51 13.12 -23.60
CA ARG J 281 50.34 11.70 -23.31
C ARG J 281 51.47 11.21 -22.41
N GLN J 282 52.68 11.65 -22.71
CA GLN J 282 53.83 11.29 -21.89
C GLN J 282 53.61 11.71 -20.44
N LEU J 283 53.31 13.00 -20.26
CA LEU J 283 53.02 13.53 -18.93
C LEU J 283 51.91 12.73 -18.25
N SER J 284 50.80 12.58 -18.96
CA SER J 284 49.64 11.88 -18.40
C SER J 284 50.00 10.47 -17.92
N LEU J 285 50.64 9.70 -18.79
CA LEU J 285 51.02 8.32 -18.45
C LEU J 285 51.98 8.27 -17.27
N LEU J 286 53.04 9.06 -17.34
CA LEU J 286 54.05 9.08 -16.28
C LEU J 286 53.46 9.54 -14.95
N LEU J 287 52.30 10.20 -15.02
CA LEU J 287 51.62 10.66 -13.81
C LEU J 287 50.58 9.66 -13.34
N ARG J 288 50.66 8.44 -13.85
CA ARG J 288 49.76 7.35 -13.43
C ARG J 288 48.29 7.63 -13.78
N ARG J 289 48.05 8.65 -14.60
CA ARG J 289 46.69 8.95 -15.04
C ARG J 289 46.19 7.86 -15.97
N PRO J 290 44.94 7.41 -15.75
CA PRO J 290 44.37 6.31 -16.54
C PRO J 290 44.52 6.53 -18.05
N PRO J 291 45.00 5.49 -18.76
CA PRO J 291 45.16 5.56 -20.20
C PRO J 291 43.89 5.14 -20.92
N GLY J 292 43.64 5.71 -22.10
CA GLY J 292 42.47 5.37 -22.88
C GLY J 292 42.84 4.69 -24.18
N ARG J 293 42.23 5.14 -25.27
CA ARG J 293 42.54 4.59 -26.59
C ARG J 293 43.91 5.07 -27.05
N GLU J 294 44.70 4.15 -27.57
CA GLU J 294 46.05 4.48 -28.04
C GLU J 294 46.89 5.07 -26.92
N ALA J 295 46.50 4.78 -25.68
CA ALA J 295 47.23 5.22 -24.49
C ALA J 295 47.10 6.72 -24.22
N TYR J 296 46.20 7.37 -24.95
CA TYR J 296 45.93 8.79 -24.73
C TYR J 296 44.97 8.98 -23.55
N PRO J 297 45.25 9.98 -22.71
CA PRO J 297 44.41 10.31 -21.55
C PRO J 297 42.97 10.54 -21.95
N GLY J 298 42.06 10.55 -20.97
CA GLY J 298 40.64 10.70 -21.24
C GLY J 298 40.23 12.12 -21.57
N ASP J 299 41.11 13.08 -21.27
CA ASP J 299 40.80 14.49 -21.49
C ASP J 299 41.63 15.10 -22.60
N VAL J 300 42.04 14.27 -23.55
CA VAL J 300 42.88 14.74 -24.67
C VAL J 300 42.04 15.48 -25.71
N PHE J 301 40.78 15.11 -25.84
CA PHE J 301 39.86 15.82 -26.73
C PHE J 301 39.62 17.21 -26.18
N TYR J 302 39.35 17.27 -24.88
CA TYR J 302 39.16 18.54 -24.18
C TYR J 302 40.41 19.40 -24.27
N LEU J 303 41.55 18.75 -24.48
CA LEU J 303 42.83 19.45 -24.65
C LEU J 303 42.83 20.28 -25.93
N HIS J 304 42.51 19.63 -27.06
CA HIS J 304 42.46 20.32 -28.34
C HIS J 304 41.21 21.17 -28.47
N SER J 305 40.19 20.86 -27.68
CA SER J 305 38.94 21.61 -27.71
C SER J 305 39.14 23.01 -27.14
N ARG J 306 39.93 23.10 -26.07
CA ARG J 306 40.24 24.38 -25.46
C ARG J 306 41.01 25.28 -26.43
N LEU J 307 42.11 24.75 -26.95
CA LEU J 307 43.00 25.51 -27.83
C LEU J 307 42.32 25.98 -29.11
N LEU J 308 41.41 25.16 -29.64
CA LEU J 308 40.78 25.45 -30.92
C LEU J 308 39.71 26.53 -30.84
N GLU J 309 38.67 26.28 -30.04
CA GLU J 309 37.55 27.21 -29.92
C GLU J 309 37.99 28.63 -29.55
N ARG J 310 39.19 28.75 -29.00
CA ARG J 310 39.74 30.06 -28.63
C ARG J 310 39.90 30.97 -29.84
N ALA J 311 40.00 30.37 -31.02
CA ALA J 311 40.09 31.13 -32.26
C ALA J 311 38.71 31.35 -32.85
N ALA J 312 38.34 32.63 -33.02
CA ALA J 312 37.03 32.98 -33.56
C ALA J 312 36.96 34.44 -33.96
N LYS J 313 35.78 34.86 -34.42
CA LYS J 313 35.55 36.24 -34.84
C LYS J 313 34.75 37.01 -33.79
N LEU J 314 35.37 38.00 -33.17
CA LEU J 314 34.70 38.80 -32.15
C LEU J 314 33.57 39.62 -32.77
N SER J 315 32.58 39.97 -31.94
CA SER J 315 31.44 40.74 -32.40
C SER J 315 31.80 42.21 -32.59
N GLU J 316 30.99 42.91 -33.36
CA GLU J 316 31.18 44.33 -33.60
C GLU J 316 31.25 45.09 -32.29
N LYS J 317 30.57 44.56 -31.28
CA LYS J 317 30.48 45.19 -29.97
C LYS J 317 31.78 45.10 -29.18
N GLU J 318 32.58 44.08 -29.48
CA GLU J 318 33.80 43.83 -28.74
C GLU J 318 35.02 44.54 -29.34
N GLY J 319 35.16 44.43 -30.67
CA GLY J 319 36.29 45.06 -31.34
C GLY J 319 36.45 44.61 -32.79
N SER J 320 35.62 43.66 -33.21
CA SER J 320 35.63 43.19 -34.58
C SER J 320 36.93 42.47 -34.94
N GLY J 321 37.80 42.28 -33.95
CA GLY J 321 39.04 41.57 -34.16
C GLY J 321 38.80 40.10 -34.40
N SER J 322 39.85 39.36 -34.78
CA SER J 322 39.70 37.94 -35.06
C SER J 322 41.01 37.17 -34.89
N LEU J 323 40.89 35.86 -34.72
CA LEU J 323 42.03 34.96 -34.67
C LEU J 323 41.74 33.71 -35.50
N THR J 324 42.51 33.50 -36.56
CA THR J 324 42.29 32.36 -37.44
C THR J 324 43.26 31.22 -37.13
N ALA J 325 42.75 30.00 -37.08
CA ALA J 325 43.56 28.85 -36.71
C ALA J 325 43.83 27.87 -37.85
N LEU J 326 45.09 27.54 -38.05
CA LEU J 326 45.48 26.55 -39.07
C LEU J 326 46.26 25.40 -38.43
N PRO J 327 45.54 24.46 -37.81
CA PRO J 327 46.17 23.30 -37.17
C PRO J 327 46.73 22.31 -38.19
N VAL J 328 47.72 21.54 -37.79
CA VAL J 328 48.29 20.51 -38.66
C VAL J 328 48.19 19.14 -37.98
N ILE J 329 47.68 18.17 -38.72
CA ILE J 329 47.55 16.82 -38.18
C ILE J 329 48.18 15.78 -39.10
N GLU J 330 49.24 15.14 -38.63
CA GLU J 330 49.93 14.12 -39.41
C GLU J 330 49.25 12.78 -39.23
N THR J 331 48.81 12.18 -40.34
CA THR J 331 48.13 10.89 -40.30
C THR J 331 49.08 9.75 -40.61
N GLN J 332 48.63 8.52 -40.34
CA GLN J 332 49.43 7.32 -40.62
C GLN J 332 48.67 6.37 -41.53
N GLY J 333 49.00 6.42 -42.82
CA GLY J 333 48.33 5.58 -43.81
C GLY J 333 47.05 6.20 -44.31
N GLY J 334 46.93 7.52 -44.14
CA GLY J 334 45.73 8.23 -44.55
C GLY J 334 44.56 7.89 -43.66
N ASP J 335 44.85 7.25 -42.53
CA ASP J 335 43.82 6.84 -41.59
C ASP J 335 43.32 8.03 -40.77
N VAL J 336 42.27 8.68 -41.27
CA VAL J 336 41.64 9.78 -40.54
C VAL J 336 40.69 9.24 -39.48
N SER J 337 40.57 7.92 -39.42
CA SER J 337 39.70 7.27 -38.44
C SER J 337 40.40 7.18 -37.09
N ALA J 338 41.71 7.38 -37.09
CA ALA J 338 42.50 7.33 -35.86
C ALA J 338 41.94 8.30 -34.84
N TYR J 339 42.28 8.08 -33.57
CA TYR J 339 41.71 8.87 -32.48
C TYR J 339 41.97 10.37 -32.60
N ILE J 340 43.25 10.76 -32.61
CA ILE J 340 43.61 12.17 -32.64
C ILE J 340 43.03 12.92 -33.84
N PRO J 341 43.25 12.41 -35.06
CA PRO J 341 42.68 13.05 -36.25
C PRO J 341 41.16 13.13 -36.18
N THR J 342 40.52 12.06 -35.72
CA THR J 342 39.06 12.05 -35.57
C THR J 342 38.60 13.18 -34.65
N ASN J 343 39.44 13.53 -33.68
CA ASN J 343 39.13 14.59 -32.73
C ASN J 343 39.16 15.98 -33.33
N VAL J 344 40.30 16.33 -33.94
CA VAL J 344 40.50 17.66 -34.50
C VAL J 344 39.52 17.97 -35.64
N ILE J 345 39.19 16.95 -36.44
CA ILE J 345 38.27 17.13 -37.55
C ILE J 345 36.87 17.49 -37.08
N SER J 346 36.39 16.79 -36.05
CA SER J 346 35.03 17.02 -35.54
C SER J 346 34.92 18.35 -34.81
N ILE J 347 36.06 18.93 -34.44
CA ILE J 347 36.08 20.21 -33.74
C ILE J 347 36.18 21.38 -34.71
N THR J 348 37.19 21.33 -35.59
CA THR J 348 37.47 22.41 -36.52
C THR J 348 36.31 22.70 -37.46
N ASP J 349 36.38 23.84 -38.14
CA ASP J 349 35.32 24.29 -39.05
C ASP J 349 35.56 23.85 -40.48
N GLY J 350 36.75 23.30 -40.74
CA GLY J 350 37.11 22.86 -42.07
C GLY J 350 38.29 21.91 -42.11
N GLN J 351 38.46 21.24 -43.23
CA GLN J 351 39.56 20.30 -43.39
C GLN J 351 40.17 20.37 -44.79
N ILE J 352 41.50 20.35 -44.86
CA ILE J 352 42.20 20.31 -46.13
C ILE J 352 43.08 19.07 -46.18
N PHE J 353 42.56 18.02 -46.81
CA PHE J 353 43.26 16.74 -46.85
C PHE J 353 44.26 16.67 -47.99
N LEU J 354 45.46 16.20 -47.68
CA LEU J 354 46.52 16.05 -48.68
C LEU J 354 46.92 14.59 -48.85
N GLU J 355 46.50 13.99 -49.95
CA GLU J 355 46.83 12.59 -50.24
C GLU J 355 48.25 12.47 -50.77
N ALA J 356 48.86 11.31 -50.55
CA ALA J 356 50.20 11.04 -51.06
C ALA J 356 50.12 10.65 -52.55
N GLU J 357 49.06 9.94 -52.90
CA GLU J 357 48.82 9.54 -54.28
C GLU J 357 48.74 10.76 -55.19
N LEU J 358 48.08 11.81 -54.71
CA LEU J 358 47.88 13.02 -55.50
C LEU J 358 49.19 13.76 -55.75
N PHE J 359 50.11 13.66 -54.81
CA PHE J 359 51.39 14.38 -54.91
C PHE J 359 52.27 13.80 -56.01
N TYR J 360 52.51 12.49 -55.97
CA TYR J 360 53.39 11.84 -56.93
C TYR J 360 52.80 11.82 -58.34
N LYS J 361 51.47 11.92 -58.43
CA LYS J 361 50.80 11.94 -59.72
C LYS J 361 51.01 13.27 -60.42
N GLY J 362 51.48 14.26 -59.68
CA GLY J 362 51.75 15.58 -60.23
C GLY J 362 50.95 16.68 -59.58
N ILE J 363 49.72 16.35 -59.16
CA ILE J 363 48.83 17.34 -58.56
C ILE J 363 49.47 18.00 -57.34
N ARG J 364 49.86 19.25 -57.49
CA ARG J 364 50.46 20.02 -56.40
C ARG J 364 49.96 21.46 -56.41
N PRO J 365 49.43 21.92 -55.26
CA PRO J 365 49.39 21.15 -54.01
C PRO J 365 48.37 20.01 -54.06
N ALA J 366 48.73 18.87 -53.47
CA ALA J 366 47.86 17.71 -53.45
C ALA J 366 46.60 17.97 -52.64
N ILE J 367 45.51 18.26 -53.32
CA ILE J 367 44.24 18.56 -52.65
C ILE J 367 43.14 17.61 -53.09
N ASN J 368 42.71 16.74 -52.19
CA ASN J 368 41.57 15.87 -52.46
C ASN J 368 40.26 16.64 -52.31
N VAL J 369 39.95 17.45 -53.31
CA VAL J 369 38.77 18.31 -53.27
C VAL J 369 37.51 17.57 -52.83
N GLY J 370 37.40 16.30 -53.22
CA GLY J 370 36.25 15.49 -52.89
C GLY J 370 35.93 15.51 -51.40
N LEU J 371 36.94 15.24 -50.58
CA LEU J 371 36.75 15.17 -49.13
C LEU J 371 36.93 16.53 -48.46
N SER J 372 38.14 17.08 -48.55
CA SER J 372 38.46 18.36 -47.93
C SER J 372 37.41 19.43 -48.21
N VAL J 373 36.74 19.89 -47.16
CA VAL J 373 35.69 20.89 -47.30
C VAL J 373 35.68 21.90 -46.15
N SER J 374 35.23 23.11 -46.45
CA SER J 374 35.07 24.14 -45.44
C SER J 374 33.59 24.36 -45.14
N ARG J 375 33.25 24.57 -43.88
CA ARG J 375 31.86 24.75 -43.49
C ARG J 375 31.38 26.18 -43.79
N VAL J 376 32.28 27.14 -43.63
CA VAL J 376 31.97 28.53 -43.95
C VAL J 376 31.90 28.72 -45.46
N GLY J 377 33.07 28.65 -46.10
CA GLY J 377 33.16 28.70 -47.55
C GLY J 377 32.61 29.95 -48.20
N SER J 378 31.42 29.82 -48.79
CA SER J 378 30.78 30.89 -49.54
C SER J 378 30.90 32.27 -48.90
N ALA J 379 30.41 32.39 -47.66
CA ALA J 379 30.37 33.68 -46.98
C ALA J 379 31.75 34.30 -46.75
N ALA J 380 32.79 33.48 -46.79
CA ALA J 380 34.14 33.94 -46.52
C ALA J 380 34.93 34.22 -47.79
N GLN J 381 34.38 33.81 -48.93
CA GLN J 381 35.08 33.92 -50.21
C GLN J 381 34.89 35.30 -50.84
N VAL J 382 35.90 35.75 -51.59
CA VAL J 382 35.82 37.02 -52.28
C VAL J 382 34.66 37.00 -53.27
N LYS J 383 33.81 38.02 -53.22
CA LYS J 383 32.60 38.06 -54.04
C LYS J 383 32.90 37.88 -55.52
N ALA J 384 34.02 38.45 -55.97
CA ALA J 384 34.44 38.32 -57.35
C ALA J 384 34.87 36.88 -57.64
N LEU J 385 35.61 36.29 -56.72
CA LEU J 385 36.11 34.93 -56.87
C LEU J 385 34.97 33.92 -56.91
N LYS J 386 33.91 34.20 -56.15
CA LYS J 386 32.76 33.31 -56.11
C LYS J 386 32.01 33.33 -57.43
N GLN J 387 32.11 34.44 -58.14
CA GLN J 387 31.42 34.62 -59.42
C GLN J 387 32.12 33.88 -60.56
N VAL J 388 33.45 33.88 -60.54
CA VAL J 388 34.22 33.22 -61.58
C VAL J 388 34.28 31.71 -61.39
N ALA J 389 33.83 31.26 -60.22
CA ALA J 389 33.82 29.83 -59.91
C ALA J 389 32.53 29.44 -59.20
N GLY J 390 31.40 29.90 -59.74
CA GLY J 390 30.10 29.61 -59.16
C GLY J 390 29.82 28.13 -59.03
N SER J 391 30.21 27.36 -60.04
CA SER J 391 29.98 25.92 -60.04
C SER J 391 31.21 25.14 -60.47
N LEU J 392 32.39 25.67 -60.16
CA LEU J 392 33.65 24.97 -60.42
C LEU J 392 33.70 23.71 -59.58
N LYS J 393 33.14 23.78 -58.38
CA LYS J 393 33.06 22.63 -57.49
C LYS J 393 32.27 21.51 -58.13
N LEU J 394 31.18 21.88 -58.81
CA LEU J 394 30.31 20.90 -59.46
C LEU J 394 31.03 20.18 -60.61
N PHE J 395 31.55 20.96 -61.55
CA PHE J 395 32.29 20.40 -62.68
C PHE J 395 33.38 19.43 -62.22
N LEU J 396 34.22 19.89 -61.30
CA LEU J 396 35.30 19.07 -60.77
C LEU J 396 34.77 17.83 -60.05
N ALA J 397 33.60 17.97 -59.43
CA ALA J 397 32.99 16.83 -58.74
C ALA J 397 32.67 15.72 -59.72
N GLN J 398 32.02 16.08 -60.83
CA GLN J 398 31.63 15.11 -61.85
C GLN J 398 32.86 14.51 -62.55
N TYR J 399 33.89 15.32 -62.76
CA TYR J 399 35.09 14.85 -63.42
C TYR J 399 35.78 13.73 -62.64
N ARG J 400 35.68 13.79 -61.32
CA ARG J 400 36.34 12.80 -60.48
C ARG J 400 35.68 11.42 -60.62
N GLU J 401 34.42 11.40 -61.01
CA GLU J 401 33.70 10.14 -61.20
C GLU J 401 33.70 9.70 -62.66
N VAL J 402 33.77 10.67 -63.57
CA VAL J 402 33.86 10.37 -65.00
C VAL J 402 35.33 10.34 -65.43
N ALA J 403 36.10 9.46 -64.81
CA ALA J 403 37.52 9.32 -65.13
C ALA J 403 37.78 7.95 -65.75
N ALA J 404 36.81 7.05 -65.62
CA ALA J 404 36.92 5.72 -66.20
C ALA J 404 36.57 5.74 -67.68
N PHE J 405 35.93 6.82 -68.11
CA PHE J 405 35.54 6.98 -69.51
C PHE J 405 36.69 7.50 -70.36
N ALA J 406 37.85 7.67 -69.74
CA ALA J 406 39.02 8.17 -70.45
C ALA J 406 39.74 7.06 -71.20
N SER J 410 37.29 5.10 -73.42
CA SER J 410 37.96 5.76 -74.53
C SER J 410 37.00 6.09 -75.65
N ASP J 411 35.78 5.58 -75.55
CA ASP J 411 34.75 5.82 -76.55
C ASP J 411 34.06 7.16 -76.33
N LEU J 412 34.18 8.04 -77.32
CA LEU J 412 33.62 9.39 -77.25
C LEU J 412 32.11 9.37 -77.49
N ASP J 413 31.36 10.06 -76.62
CA ASP J 413 29.92 10.15 -76.78
C ASP J 413 29.42 11.59 -76.70
N ALA J 414 28.21 11.77 -76.17
CA ALA J 414 27.54 13.07 -76.18
C ALA J 414 28.05 14.04 -75.11
N SER J 415 27.26 14.19 -74.05
CA SER J 415 27.52 15.21 -73.02
C SER J 415 28.83 15.00 -72.26
N THR J 416 29.11 13.77 -71.87
CA THR J 416 30.26 13.47 -71.04
C THR J 416 31.58 13.55 -71.81
N LYS J 417 31.51 13.95 -73.07
CA LYS J 417 32.70 14.11 -73.89
C LYS J 417 33.38 15.45 -73.58
N GLN J 418 32.56 16.50 -73.46
CA GLN J 418 33.05 17.83 -73.19
C GLN J 418 33.58 17.95 -71.76
N THR J 419 32.94 17.24 -70.83
CA THR J 419 33.31 17.28 -69.42
C THR J 419 34.70 16.69 -69.18
N LEU J 420 35.04 15.65 -69.95
CA LEU J 420 36.36 15.04 -69.86
C LEU J 420 37.39 15.99 -70.45
N VAL J 421 36.95 16.82 -71.38
CA VAL J 421 37.82 17.82 -72.00
C VAL J 421 38.09 18.99 -71.04
N ARG J 422 37.08 19.36 -70.27
CA ARG J 422 37.18 20.45 -69.31
C ARG J 422 38.06 20.08 -68.12
N GLY J 423 37.63 19.08 -67.37
CA GLY J 423 38.27 18.69 -66.13
C GLY J 423 39.76 18.43 -66.21
N GLU J 424 40.19 17.70 -67.23
CA GLU J 424 41.59 17.28 -67.34
C GLU J 424 42.56 18.47 -67.31
N ARG J 425 42.16 19.58 -67.92
CA ARG J 425 43.01 20.77 -67.97
C ARG J 425 42.72 21.75 -66.83
N LEU J 426 41.59 21.58 -66.17
CA LEU J 426 41.26 22.40 -65.01
C LEU J 426 42.16 22.03 -63.84
N THR J 427 42.38 20.73 -63.65
CA THR J 427 43.25 20.25 -62.57
C THR J 427 44.70 20.67 -62.84
N GLN J 428 45.03 20.82 -64.12
CA GLN J 428 46.34 21.31 -64.50
C GLN J 428 46.46 22.80 -64.19
N LEU J 429 45.30 23.47 -64.18
CA LEU J 429 45.25 24.89 -63.92
C LEU J 429 45.34 25.15 -62.41
N LEU J 430 44.91 24.16 -61.63
CA LEU J 430 44.95 24.26 -60.18
C LEU J 430 46.33 23.92 -59.63
N LYS J 431 47.19 23.37 -60.48
CA LYS J 431 48.57 23.11 -60.11
C LYS J 431 49.27 24.44 -59.82
N GLN J 432 50.17 24.43 -58.85
CA GLN J 432 50.83 25.65 -58.42
C GLN J 432 52.09 25.35 -57.61
N ASN J 433 53.23 25.88 -58.05
CA ASN J 433 54.50 25.63 -57.40
C ASN J 433 54.65 26.40 -56.08
N GLN J 434 55.48 25.85 -55.20
CA GLN J 434 55.68 26.40 -53.86
C GLN J 434 56.32 27.78 -53.90
N TYR J 435 56.08 28.57 -52.87
CA TYR J 435 56.66 29.91 -52.74
C TYR J 435 56.25 30.85 -53.87
N SER J 436 55.08 30.60 -54.46
CA SER J 436 54.60 31.43 -55.56
C SER J 436 53.08 31.57 -55.53
N PRO J 437 52.57 32.43 -54.65
CA PRO J 437 51.13 32.68 -54.49
C PRO J 437 50.55 33.50 -55.63
N LEU J 438 49.24 33.74 -55.59
CA LEU J 438 48.57 34.58 -56.58
C LEU J 438 47.52 35.46 -55.92
N ALA J 439 47.50 36.74 -56.29
CA ALA J 439 46.49 37.65 -55.79
C ALA J 439 45.14 37.33 -56.43
N THR J 440 44.05 37.62 -55.72
CA THR J 440 42.72 37.33 -56.22
C THR J 440 42.44 38.03 -57.54
N GLU J 441 43.13 39.14 -57.77
CA GLU J 441 42.99 39.90 -59.00
C GLU J 441 43.57 39.15 -60.19
N GLU J 442 44.64 38.38 -59.93
CA GLU J 442 45.26 37.56 -60.97
C GLU J 442 44.60 36.19 -61.03
N GLN J 443 43.90 35.82 -59.95
CA GLN J 443 43.25 34.52 -59.85
C GLN J 443 41.96 34.46 -60.66
N VAL J 444 41.12 35.47 -60.50
CA VAL J 444 39.80 35.48 -61.14
C VAL J 444 39.81 35.26 -62.66
N PRO J 445 40.82 35.81 -63.37
CA PRO J 445 40.85 35.56 -64.81
C PRO J 445 41.16 34.09 -65.13
N LEU J 446 42.21 33.56 -64.51
CA LEU J 446 42.63 32.18 -64.73
C LEU J 446 41.47 31.20 -64.54
N ILE J 447 40.51 31.57 -63.71
CA ILE J 447 39.35 30.71 -63.45
C ILE J 447 38.27 30.92 -64.49
N TYR J 448 38.07 32.17 -64.89
CA TYR J 448 37.05 32.51 -65.87
C TYR J 448 37.29 31.77 -67.18
N ALA J 449 38.53 31.77 -67.65
CA ALA J 449 38.90 31.08 -68.87
C ALA J 449 38.54 29.60 -68.82
N GLY J 450 38.79 28.98 -67.66
CA GLY J 450 38.56 27.56 -67.50
C GLY J 450 37.10 27.16 -67.46
N VAL J 451 36.29 27.95 -66.74
CA VAL J 451 34.89 27.60 -66.53
C VAL J 451 34.01 27.94 -67.72
N ASN J 452 34.05 29.20 -68.17
CA ASN J 452 33.23 29.65 -69.28
C ASN J 452 33.47 28.86 -70.57
N GLY J 453 34.75 28.73 -70.94
CA GLY J 453 35.10 28.03 -72.16
C GLY J 453 36.01 28.86 -73.05
N HIS J 454 37.22 29.11 -72.57
CA HIS J 454 38.21 29.89 -73.31
C HIS J 454 39.50 29.10 -73.48
N LEU J 455 39.61 28.00 -72.74
CA LEU J 455 40.78 27.14 -72.79
C LEU J 455 40.40 25.68 -73.01
N ASP J 456 39.34 25.45 -73.78
CA ASP J 456 38.82 24.11 -74.00
C ASP J 456 39.57 23.39 -75.12
N GLY J 457 40.37 24.13 -75.88
CA GLY J 457 41.11 23.55 -77.00
C GLY J 457 42.57 23.96 -77.04
N ILE J 458 43.23 23.91 -75.89
CA ILE J 458 44.65 24.28 -75.82
C ILE J 458 45.50 23.08 -75.42
N GLU J 459 46.65 22.91 -76.06
CA GLU J 459 47.57 21.84 -75.70
C GLU J 459 47.96 21.95 -74.23
N LEU J 460 47.91 20.83 -73.53
CA LEU J 460 48.12 20.81 -72.08
C LEU J 460 49.56 21.16 -71.69
N SER J 461 50.51 20.87 -72.56
CA SER J 461 51.92 21.06 -72.24
C SER J 461 52.33 22.52 -72.13
N ARG J 462 51.48 23.42 -72.63
CA ARG J 462 51.78 24.85 -72.58
C ARG J 462 50.82 25.61 -71.66
N ILE J 463 49.95 24.88 -70.98
CA ILE J 463 49.06 25.50 -70.00
C ILE J 463 49.88 25.99 -68.81
N GLY J 464 50.97 25.29 -68.53
CA GLY J 464 51.86 25.65 -67.45
C GLY J 464 52.54 26.99 -67.68
N GLU J 465 52.85 27.27 -68.94
CA GLU J 465 53.45 28.55 -69.31
C GLU J 465 52.40 29.51 -69.84
N PHE J 466 51.15 29.05 -69.91
CA PHE J 466 50.04 29.90 -70.29
C PHE J 466 49.65 30.81 -69.13
N GLU J 467 49.70 30.25 -67.93
CA GLU J 467 49.37 31.01 -66.72
C GLU J 467 50.23 32.26 -66.60
N SER J 468 51.52 32.11 -66.85
CA SER J 468 52.47 33.21 -66.68
C SER J 468 52.51 34.16 -67.88
N SER J 469 51.82 33.77 -68.96
CA SER J 469 51.79 34.59 -70.16
C SER J 469 50.49 35.37 -70.29
N PHE J 470 49.40 34.77 -69.81
CA PHE J 470 48.10 35.41 -69.84
C PHE J 470 48.01 36.52 -68.79
N LEU J 471 48.74 36.34 -67.69
CA LEU J 471 48.77 37.34 -66.63
C LEU J 471 49.61 38.55 -67.03
N SER J 472 50.79 38.28 -67.59
CA SER J 472 51.66 39.35 -68.06
C SER J 472 51.04 40.08 -69.24
N TYR J 473 50.05 39.44 -69.87
CA TYR J 473 49.31 40.07 -70.95
C TYR J 473 48.29 41.05 -70.38
N LEU J 474 47.82 40.76 -69.17
CA LEU J 474 46.84 41.62 -68.50
C LEU J 474 47.51 42.73 -67.71
N LYS J 475 48.67 42.44 -67.12
CA LYS J 475 49.40 43.43 -66.33
C LYS J 475 50.09 44.44 -67.24
N SER J 476 49.70 44.47 -68.51
CA SER J 476 50.28 45.41 -69.47
C SER J 476 49.19 46.06 -70.32
N ASN J 477 48.24 45.25 -70.78
CA ASN J 477 47.18 45.72 -71.66
C ASN J 477 45.91 46.09 -70.90
N HIS J 478 45.42 45.17 -70.07
CA HIS J 478 44.19 45.39 -69.34
C HIS J 478 44.44 45.61 -67.85
N ASN J 479 45.58 46.21 -67.52
CA ASN J 479 45.96 46.43 -66.13
C ASN J 479 44.90 47.14 -65.30
N GLU J 480 44.07 47.94 -65.97
CA GLU J 480 43.01 48.70 -65.28
C GLU J 480 41.88 47.79 -64.82
N LEU J 481 41.60 46.74 -65.60
CA LEU J 481 40.58 45.76 -65.22
C LEU J 481 41.02 44.96 -64.01
N LEU J 482 42.33 44.75 -63.89
CA LEU J 482 42.90 44.07 -62.74
C LEU J 482 42.78 44.95 -61.50
N THR J 483 42.85 46.26 -61.71
CA THR J 483 42.79 47.23 -60.62
C THR J 483 41.39 47.31 -60.03
N GLU J 484 40.37 47.12 -60.87
CA GLU J 484 38.99 47.17 -60.42
C GLU J 484 38.64 45.98 -59.54
N ILE J 485 39.25 44.83 -59.84
CA ILE J 485 39.06 43.64 -59.02
C ILE J 485 39.73 43.81 -57.67
N ARG J 486 40.98 44.26 -57.70
CA ARG J 486 41.76 44.49 -56.49
C ARG J 486 41.03 45.43 -55.53
N GLU J 487 40.26 46.35 -56.10
CA GLU J 487 39.61 47.39 -55.31
C GLU J 487 38.16 47.05 -54.96
N LYS J 488 37.34 46.79 -55.97
CA LYS J 488 35.92 46.52 -55.75
C LYS J 488 35.63 45.09 -55.31
N GLY J 489 36.38 44.14 -55.86
CA GLY J 489 36.24 42.74 -55.48
C GLY J 489 34.91 42.12 -55.88
N GLU J 490 34.28 42.70 -56.90
CA GLU J 490 33.04 42.13 -57.44
C GLU J 490 33.10 42.12 -58.96
N LEU J 491 32.05 41.61 -59.60
CA LEU J 491 31.98 41.54 -61.04
C LEU J 491 30.63 42.01 -61.58
N SER J 492 30.56 43.27 -61.98
CA SER J 492 29.34 43.84 -62.53
C SER J 492 29.15 43.40 -63.98
N LYS J 493 27.94 43.61 -64.51
CA LYS J 493 27.63 43.24 -65.88
C LYS J 493 28.56 43.95 -66.87
N GLU J 494 29.08 45.09 -66.46
CA GLU J 494 29.97 45.88 -67.31
C GLU J 494 31.41 45.39 -67.23
N LEU J 495 31.74 44.75 -66.10
CA LEU J 495 33.07 44.21 -65.88
C LEU J 495 33.15 42.78 -66.42
N LEU J 496 32.04 42.06 -66.32
CA LEU J 496 31.97 40.69 -66.81
C LEU J 496 31.88 40.67 -68.34
N ALA J 497 31.23 41.67 -68.90
CA ALA J 497 31.17 41.84 -70.35
C ALA J 497 32.54 42.29 -70.87
N SER J 498 33.24 43.07 -70.05
CA SER J 498 34.57 43.55 -70.40
C SER J 498 35.58 42.40 -70.41
N LEU J 499 35.49 41.52 -69.42
CA LEU J 499 36.41 40.39 -69.30
C LEU J 499 36.18 39.36 -70.39
N LYS J 500 34.92 39.07 -70.67
CA LYS J 500 34.55 38.02 -71.63
C LYS J 500 35.24 38.21 -72.98
N SER J 501 35.35 39.46 -73.43
CA SER J 501 35.98 39.75 -74.70
C SER J 501 37.50 39.90 -74.55
N ALA J 502 37.93 40.39 -73.40
CA ALA J 502 39.35 40.56 -73.13
C ALA J 502 40.07 39.22 -73.15
N THR J 503 39.39 38.18 -72.69
CA THR J 503 39.96 36.83 -72.66
C THR J 503 39.97 36.19 -74.05
N GLU J 504 38.86 36.30 -74.76
CA GLU J 504 38.72 35.72 -76.09
C GLU J 504 39.82 36.20 -77.03
N SER J 505 40.41 37.35 -76.71
CA SER J 505 41.47 37.92 -77.54
C SER J 505 42.76 37.13 -77.41
N PHE J 506 43.02 36.64 -76.20
CA PHE J 506 44.26 35.90 -75.92
C PHE J 506 44.15 34.45 -76.37
N VAL J 507 42.93 34.03 -76.71
CA VAL J 507 42.71 32.66 -77.17
C VAL J 507 43.41 32.39 -78.50
N ALA J 508 43.04 33.17 -79.52
CA ALA J 508 43.63 33.01 -80.84
C ALA J 508 45.14 33.26 -80.81
N THR J 509 45.52 34.45 -80.38
CA THR J 509 46.93 34.82 -80.28
C THR J 509 47.55 34.28 -79.00
N ILE K 18 17.05 3.76 18.11
CA ILE K 18 17.99 2.64 18.24
C ILE K 18 19.36 3.02 17.68
N LYS K 19 20.40 2.40 18.23
CA LYS K 19 21.77 2.66 17.81
C LYS K 19 22.27 1.59 16.85
N GLY K 20 23.17 1.99 15.95
CA GLY K 20 23.73 1.07 14.98
C GLY K 20 24.77 0.14 15.59
N VAL K 21 25.00 -0.99 14.94
CA VAL K 21 25.96 -1.96 15.44
C VAL K 21 27.38 -1.37 15.46
N SER K 22 28.14 -1.73 16.49
CA SER K 22 29.47 -1.16 16.69
C SER K 22 30.58 -2.04 16.11
N ASP K 23 31.16 -2.89 16.97
CA ASP K 23 32.29 -3.72 16.58
C ASP K 23 31.97 -4.62 15.39
N GLU K 24 33.02 -5.23 14.83
CA GLU K 24 32.87 -6.13 13.70
C GLU K 24 32.25 -7.45 14.14
N ALA K 25 32.41 -7.79 15.43
CA ALA K 25 31.87 -9.02 15.97
C ALA K 25 30.34 -9.01 16.00
N ASN K 26 29.77 -7.82 16.18
CA ASN K 26 28.32 -7.67 16.24
C ASN K 26 27.65 -7.88 14.89
N LEU K 27 28.24 -7.29 13.85
CA LEU K 27 27.70 -7.36 12.49
C LEU K 27 27.73 -8.78 11.95
N ASN K 28 26.61 -9.50 12.08
CA ASN K 28 26.51 -10.87 11.61
C ASN K 28 25.43 -11.02 10.55
N GLU K 29 24.30 -10.37 10.77
CA GLU K 29 23.20 -10.37 9.82
C GLU K 29 23.07 -9.02 9.13
N THR K 30 23.71 -8.01 9.72
CA THR K 30 23.72 -6.67 9.15
C THR K 30 25.14 -6.25 8.79
N GLY K 31 25.26 -5.31 7.86
CA GLY K 31 26.57 -4.85 7.42
C GLY K 31 26.63 -3.35 7.20
N ARG K 32 27.83 -2.79 7.29
CA ARG K 32 28.02 -1.36 7.10
C ARG K 32 28.77 -1.07 5.80
N VAL K 33 28.10 -0.39 4.87
CA VAL K 33 28.72 -0.04 3.59
C VAL K 33 30.00 0.74 3.79
N LEU K 34 31.09 0.26 3.18
CA LEU K 34 32.39 0.90 3.33
C LEU K 34 32.68 1.79 2.12
N ALA K 35 32.18 1.40 0.96
CA ALA K 35 32.38 2.15 -0.28
C ALA K 35 31.41 1.70 -1.36
N VAL K 36 31.15 2.57 -2.33
CA VAL K 36 30.24 2.24 -3.41
C VAL K 36 30.56 3.02 -4.69
N GLY K 37 30.42 2.36 -5.82
CA GLY K 37 30.72 2.97 -7.11
C GLY K 37 31.05 1.92 -8.15
N ASP K 38 30.70 2.20 -9.40
CA ASP K 38 30.95 1.24 -10.48
C ASP K 38 30.11 -0.02 -10.31
N GLY K 39 28.85 0.16 -9.94
CA GLY K 39 27.91 -0.95 -9.85
C GLY K 39 28.12 -1.86 -8.65
N ILE K 40 29.24 -1.69 -7.96
CA ILE K 40 29.55 -2.55 -6.83
C ILE K 40 29.68 -1.76 -5.52
N ALA K 41 29.57 -2.45 -4.40
CA ALA K 41 29.66 -1.83 -3.09
C ALA K 41 30.39 -2.73 -2.09
N ARG K 42 31.44 -2.20 -1.48
CA ARG K 42 32.20 -2.94 -0.47
C ARG K 42 31.54 -2.80 0.89
N VAL K 43 30.95 -3.89 1.38
CA VAL K 43 30.25 -3.87 2.66
C VAL K 43 31.05 -4.53 3.78
N PHE K 44 31.21 -3.81 4.88
CA PHE K 44 31.91 -4.34 6.04
C PHE K 44 30.96 -5.17 6.89
N GLY K 45 31.44 -6.34 7.33
CA GLY K 45 30.62 -7.23 8.14
C GLY K 45 29.91 -8.28 7.33
N LEU K 46 28.62 -8.50 7.64
CA LEU K 46 27.84 -9.54 6.98
C LEU K 46 28.51 -10.89 7.13
N ASN K 47 29.14 -11.12 8.27
CA ASN K 47 29.89 -12.35 8.53
C ASN K 47 29.13 -13.63 8.18
N ASN K 48 27.90 -13.73 8.67
CA ASN K 48 27.12 -14.96 8.50
C ASN K 48 26.57 -15.15 7.10
N ILE K 49 26.96 -14.27 6.17
CA ILE K 49 26.40 -14.30 4.82
C ILE K 49 26.93 -15.46 3.98
N GLN K 50 26.08 -15.91 3.06
CA GLN K 50 26.45 -16.98 2.14
C GLN K 50 27.10 -16.42 0.89
N ALA K 51 27.20 -17.26 -0.14
CA ALA K 51 27.73 -16.83 -1.43
C ALA K 51 26.59 -16.69 -2.44
N GLU K 52 26.58 -15.59 -3.18
CA GLU K 52 25.52 -15.32 -4.14
C GLU K 52 24.18 -15.10 -3.42
N GLU K 53 24.26 -14.61 -2.18
CA GLU K 53 23.07 -14.34 -1.40
C GLU K 53 22.58 -12.91 -1.60
N LEU K 54 21.26 -12.76 -1.73
CA LEU K 54 20.66 -11.45 -1.95
C LEU K 54 20.73 -10.60 -0.69
N VAL K 55 20.91 -9.30 -0.85
CA VAL K 55 20.95 -8.38 0.29
C VAL K 55 20.02 -7.19 0.04
N GLU K 56 19.84 -6.37 1.06
CA GLU K 56 18.99 -5.18 0.95
C GLU K 56 19.61 -3.99 1.66
N PHE K 57 19.72 -2.87 0.95
CA PHE K 57 20.31 -1.67 1.51
C PHE K 57 19.27 -0.76 2.15
N SER K 58 19.72 0.38 2.67
CA SER K 58 18.84 1.33 3.33
C SER K 58 17.74 1.82 2.39
N SER K 59 18.09 2.02 1.12
CA SER K 59 17.16 2.58 0.15
C SER K 59 16.34 1.49 -0.55
N GLY K 60 16.19 0.34 0.12
CA GLY K 60 15.37 -0.74 -0.39
C GLY K 60 15.92 -1.43 -1.63
N VAL K 61 16.92 -0.82 -2.25
CA VAL K 61 17.53 -1.39 -3.45
C VAL K 61 18.22 -2.71 -3.15
N LYS K 62 17.72 -3.79 -3.74
CA LYS K 62 18.31 -5.10 -3.54
C LYS K 62 19.75 -5.16 -4.06
N GLY K 63 20.43 -6.25 -3.76
CA GLY K 63 21.80 -6.44 -4.18
C GLY K 63 22.19 -7.91 -4.16
N MET K 64 23.46 -8.20 -4.42
CA MET K 64 23.93 -9.58 -4.43
C MET K 64 25.39 -9.68 -3.98
N ALA K 65 25.63 -10.48 -2.93
CA ALA K 65 26.98 -10.72 -2.47
C ALA K 65 27.72 -11.62 -3.46
N LEU K 66 28.70 -11.07 -4.14
CA LEU K 66 29.44 -11.80 -5.17
C LEU K 66 30.69 -12.47 -4.60
N ASN K 67 31.54 -11.67 -3.96
CA ASN K 67 32.78 -12.19 -3.38
C ASN K 67 32.90 -11.91 -1.87
N LEU K 68 33.18 -12.97 -1.11
CA LEU K 68 33.37 -12.85 0.33
C LEU K 68 34.85 -12.83 0.67
N GLU K 69 35.34 -11.70 1.17
CA GLU K 69 36.74 -11.57 1.54
C GLU K 69 36.90 -11.38 3.04
N PRO K 70 38.04 -11.81 3.59
CA PRO K 70 38.36 -11.61 5.00
C PRO K 70 38.37 -10.13 5.37
N GLY K 71 37.22 -9.60 5.79
CA GLY K 71 37.12 -8.21 6.15
C GLY K 71 35.95 -7.50 5.49
N GLN K 72 35.78 -7.75 4.20
CA GLN K 72 34.71 -7.08 3.45
C GLN K 72 33.94 -8.06 2.57
N VAL K 73 32.91 -7.54 1.90
CA VAL K 73 32.13 -8.32 0.94
C VAL K 73 31.71 -7.44 -0.24
N GLY K 74 31.97 -7.92 -1.45
CA GLY K 74 31.62 -7.17 -2.65
C GLY K 74 30.21 -7.47 -3.12
N ILE K 75 29.37 -6.45 -3.12
CA ILE K 75 27.97 -6.62 -3.52
C ILE K 75 27.67 -6.01 -4.89
N VAL K 76 26.98 -6.78 -5.72
CA VAL K 76 26.55 -6.31 -7.04
C VAL K 76 25.17 -5.68 -6.96
N LEU K 77 25.13 -4.35 -6.99
CA LEU K 77 23.89 -3.60 -6.86
C LEU K 77 22.97 -3.84 -8.06
N PHE K 78 21.69 -4.05 -7.77
CA PHE K 78 20.69 -4.26 -8.82
C PHE K 78 19.98 -2.96 -9.16
N GLY K 79 20.44 -1.86 -8.55
CA GLY K 79 19.86 -0.55 -8.80
C GLY K 79 20.93 0.48 -9.09
N SER K 80 20.53 1.75 -9.15
CA SER K 80 21.46 2.83 -9.40
C SER K 80 22.45 2.98 -8.27
N ASP K 81 23.64 3.50 -8.58
CA ASP K 81 24.68 3.68 -7.58
C ASP K 81 24.31 4.80 -6.60
N ARG K 82 23.23 5.52 -6.92
CA ARG K 82 22.79 6.65 -6.11
C ARG K 82 22.12 6.20 -4.82
N LEU K 83 21.44 5.06 -4.87
CA LEU K 83 20.64 4.59 -3.74
C LEU K 83 21.49 4.04 -2.60
N VAL K 84 22.78 3.86 -2.84
CA VAL K 84 23.68 3.32 -1.82
C VAL K 84 24.73 4.33 -1.38
N LYS K 85 24.69 4.70 -0.10
CA LYS K 85 25.65 5.66 0.45
C LYS K 85 26.68 4.96 1.33
N GLU K 86 27.77 5.66 1.62
CA GLU K 86 28.82 5.12 2.49
C GLU K 86 28.36 5.12 3.93
N GLY K 87 28.19 3.92 4.50
CA GLY K 87 27.73 3.78 5.86
C GLY K 87 26.23 3.60 5.93
N GLU K 88 25.76 2.42 5.54
CA GLU K 88 24.32 2.12 5.56
C GLU K 88 24.04 0.72 6.11
N LEU K 89 22.80 0.51 6.52
CA LEU K 89 22.38 -0.79 7.01
C LEU K 89 22.23 -1.78 5.86
N VAL K 90 22.89 -2.94 5.99
CA VAL K 90 22.81 -3.97 4.97
C VAL K 90 22.29 -5.27 5.55
N LYS K 91 21.00 -5.52 5.38
CA LYS K 91 20.36 -6.69 5.96
C LYS K 91 20.42 -7.91 5.04
N ARG K 92 20.73 -9.07 5.62
CA ARG K 92 20.74 -10.32 4.87
C ARG K 92 19.34 -10.68 4.40
N THR K 93 19.26 -11.59 3.44
CA THR K 93 17.98 -12.14 3.01
C THR K 93 18.01 -13.65 3.29
N GLY K 94 19.21 -14.18 3.46
CA GLY K 94 19.39 -15.60 3.73
C GLY K 94 19.16 -16.46 2.51
N ASN K 95 18.50 -15.90 1.50
CA ASN K 95 18.12 -16.65 0.31
C ASN K 95 19.08 -16.47 -0.86
N ILE K 96 19.56 -17.58 -1.40
CA ILE K 96 20.31 -17.55 -2.65
C ILE K 96 19.36 -17.03 -3.72
N VAL K 97 19.71 -15.92 -4.34
CA VAL K 97 18.80 -15.22 -5.23
C VAL K 97 17.72 -16.13 -5.80
N ASP K 98 16.48 -15.93 -5.35
CA ASP K 98 15.35 -16.74 -5.76
C ASP K 98 14.26 -15.90 -6.43
N VAL K 99 13.42 -16.57 -7.22
CA VAL K 99 12.33 -15.89 -7.92
C VAL K 99 11.00 -16.66 -7.85
N PRO K 100 9.91 -15.94 -7.58
CA PRO K 100 8.57 -16.54 -7.46
C PRO K 100 8.11 -17.21 -8.75
N VAL K 101 8.14 -18.55 -8.77
CA VAL K 101 7.67 -19.30 -9.93
C VAL K 101 6.36 -20.02 -9.62
N GLY K 102 5.66 -20.45 -10.66
CA GLY K 102 4.40 -21.14 -10.48
C GLY K 102 3.41 -20.86 -11.59
N PRO K 103 2.13 -21.22 -11.35
CA PRO K 103 1.05 -21.05 -12.34
C PRO K 103 0.45 -19.65 -12.28
N GLY K 104 0.44 -19.07 -11.09
CA GLY K 104 -0.19 -17.77 -10.89
C GLY K 104 0.57 -16.62 -11.52
N LEU K 105 1.34 -16.93 -12.56
CA LEU K 105 2.12 -15.92 -13.26
C LEU K 105 1.61 -15.66 -14.67
N LEU K 106 0.99 -16.66 -15.27
CA LEU K 106 0.46 -16.53 -16.62
C LEU K 106 -0.38 -15.27 -16.78
N GLY K 107 -0.02 -14.44 -17.75
CA GLY K 107 -0.73 -13.20 -18.00
C GLY K 107 -0.15 -12.03 -17.25
N ARG K 108 0.97 -12.27 -16.55
CA ARG K 108 1.62 -11.24 -15.76
C ARG K 108 2.94 -10.81 -16.40
N VAL K 109 3.36 -9.58 -16.13
CA VAL K 109 4.63 -9.06 -16.63
C VAL K 109 5.52 -8.64 -15.47
N VAL K 110 6.65 -9.34 -15.33
CA VAL K 110 7.56 -9.10 -14.21
C VAL K 110 8.98 -8.79 -14.67
N ASP K 111 9.84 -8.42 -13.73
CA ASP K 111 11.23 -8.14 -14.04
C ASP K 111 12.14 -9.30 -13.64
N ALA K 112 13.44 -9.11 -13.77
CA ALA K 112 14.41 -10.17 -13.48
C ALA K 112 14.26 -10.71 -12.06
N LEU K 113 13.96 -9.83 -11.11
CA LEU K 113 13.84 -10.24 -9.71
C LEU K 113 12.53 -10.97 -9.42
N GLY K 114 11.54 -10.78 -10.28
CA GLY K 114 10.25 -11.43 -10.12
C GLY K 114 9.19 -10.48 -9.58
N ASN K 115 9.39 -9.19 -9.81
CA ASN K 115 8.45 -8.17 -9.36
C ASN K 115 7.50 -7.76 -10.48
N PRO K 116 6.19 -7.74 -10.20
CA PRO K 116 5.16 -7.33 -11.17
C PRO K 116 5.33 -5.89 -11.58
N ILE K 117 5.38 -5.62 -12.89
CA ILE K 117 5.53 -4.27 -13.39
C ILE K 117 4.32 -3.82 -14.21
N ASP K 118 3.37 -4.72 -14.40
CA ASP K 118 2.14 -4.38 -15.13
C ASP K 118 1.10 -3.78 -14.20
N GLY K 119 1.40 -3.80 -12.90
CA GLY K 119 0.58 -3.12 -11.92
C GLY K 119 -0.63 -3.92 -11.42
N LYS K 120 -0.61 -5.22 -11.64
CA LYS K 120 -1.72 -6.06 -11.21
C LYS K 120 -1.49 -6.69 -9.84
N GLY K 121 -1.14 -5.86 -8.86
CA GLY K 121 -0.95 -6.29 -7.49
C GLY K 121 0.10 -7.38 -7.32
N PRO K 122 0.14 -8.00 -6.13
CA PRO K 122 1.07 -9.10 -5.82
C PRO K 122 0.84 -10.29 -6.73
N ILE K 123 1.74 -11.27 -6.67
CA ILE K 123 1.64 -12.45 -7.53
C ILE K 123 1.26 -13.70 -6.74
N ASP K 124 0.65 -14.66 -7.43
CA ASP K 124 0.22 -15.90 -6.81
C ASP K 124 1.33 -16.94 -6.85
N ALA K 125 2.35 -16.74 -6.02
CA ALA K 125 3.52 -17.60 -6.01
C ALA K 125 3.25 -18.94 -5.34
N ALA K 126 3.41 -20.02 -6.11
CA ALA K 126 3.27 -21.36 -5.58
C ALA K 126 4.65 -21.96 -5.32
N GLY K 127 5.30 -21.50 -4.26
CA GLY K 127 6.66 -21.91 -3.97
C GLY K 127 7.65 -21.01 -4.68
N ARG K 128 8.94 -21.20 -4.41
CA ARG K 128 9.97 -20.38 -5.05
C ARG K 128 11.14 -21.23 -5.52
N SER K 129 11.87 -20.73 -6.52
CA SER K 129 12.99 -21.47 -7.09
C SER K 129 14.21 -20.57 -7.29
N ARG K 130 15.40 -21.16 -7.19
CA ARG K 130 16.64 -20.41 -7.36
C ARG K 130 16.79 -19.89 -8.79
N ALA K 131 17.66 -18.88 -8.94
CA ALA K 131 17.91 -18.28 -10.24
C ALA K 131 18.87 -19.15 -11.05
N GLN K 132 19.96 -19.55 -10.42
CA GLN K 132 20.92 -20.42 -11.07
C GLN K 132 20.68 -21.87 -10.67
N VAL K 133 20.08 -22.63 -11.57
CA VAL K 133 19.82 -24.05 -11.37
C VAL K 133 20.70 -24.89 -12.27
N LYS K 134 21.21 -25.98 -11.72
CA LYS K 134 22.02 -26.90 -12.49
C LYS K 134 21.13 -27.73 -13.42
N ALA K 135 21.51 -27.76 -14.69
CA ALA K 135 20.71 -28.44 -15.71
C ALA K 135 20.70 -29.96 -15.52
N PRO K 136 19.59 -30.61 -15.91
CA PRO K 136 19.43 -32.06 -15.80
C PRO K 136 20.64 -32.84 -16.31
N GLY K 137 21.06 -33.85 -15.56
CA GLY K 137 22.19 -34.68 -15.96
C GLY K 137 21.91 -35.51 -17.20
N ILE K 138 22.69 -36.56 -17.39
CA ILE K 138 22.57 -37.41 -18.57
C ILE K 138 21.37 -38.33 -18.47
N LEU K 139 21.03 -38.74 -17.26
CA LEU K 139 20.02 -39.78 -17.05
C LEU K 139 18.56 -39.31 -17.14
N PRO K 140 18.21 -38.24 -16.41
CA PRO K 140 16.81 -37.80 -16.36
C PRO K 140 16.27 -37.28 -17.71
N ARG K 141 17.04 -37.43 -18.77
CA ARG K 141 16.65 -36.89 -20.08
C ARG K 141 16.09 -37.96 -21.02
N ARG K 142 15.48 -37.49 -22.10
CA ARG K 142 14.90 -38.37 -23.11
C ARG K 142 14.93 -37.68 -24.47
N SER K 143 15.17 -38.43 -25.53
CA SER K 143 15.20 -37.88 -26.87
C SER K 143 13.87 -37.24 -27.21
N VAL K 144 13.89 -36.30 -28.17
CA VAL K 144 12.68 -35.57 -28.54
C VAL K 144 11.85 -36.33 -29.57
N HIS K 145 10.53 -36.35 -29.37
CA HIS K 145 9.62 -37.04 -30.26
C HIS K 145 8.45 -36.13 -30.63
N GLU K 146 8.06 -35.27 -29.70
CA GLU K 146 6.96 -34.34 -29.92
C GLU K 146 7.45 -33.07 -30.58
N PRO K 147 6.86 -32.71 -31.73
CA PRO K 147 7.24 -31.53 -32.49
C PRO K 147 6.60 -30.25 -31.96
N VAL K 148 7.36 -29.15 -31.95
CA VAL K 148 6.82 -27.84 -31.64
C VAL K 148 6.40 -27.17 -32.94
N GLN K 149 5.10 -26.94 -33.08
CA GLN K 149 4.54 -26.38 -34.31
C GLN K 149 4.51 -24.86 -34.29
N THR K 150 5.42 -24.23 -35.03
CA THR K 150 5.47 -22.78 -35.09
C THR K 150 4.33 -22.24 -35.94
N GLY K 151 3.76 -23.11 -36.77
CA GLY K 151 2.72 -22.69 -37.70
C GLY K 151 3.31 -21.92 -38.86
N LEU K 152 4.56 -22.24 -39.19
CA LEU K 152 5.26 -21.56 -40.28
C LEU K 152 5.76 -22.56 -41.32
N LYS K 153 5.27 -22.43 -42.54
CA LYS K 153 5.61 -23.33 -43.63
C LYS K 153 7.12 -23.53 -43.77
N ALA K 154 7.85 -22.44 -43.99
CA ALA K 154 9.30 -22.49 -44.20
C ALA K 154 10.04 -23.15 -43.04
N VAL K 155 9.56 -22.93 -41.82
CA VAL K 155 10.24 -23.44 -40.64
C VAL K 155 9.90 -24.90 -40.34
N ASP K 156 8.62 -25.19 -40.15
CA ASP K 156 8.18 -26.54 -39.80
C ASP K 156 8.48 -27.56 -40.90
N ALA K 157 9.12 -27.10 -41.97
CA ALA K 157 9.48 -27.98 -43.08
C ALA K 157 10.98 -28.15 -43.19
N LEU K 158 11.69 -27.05 -43.36
CA LEU K 158 13.14 -27.07 -43.54
C LEU K 158 13.89 -27.18 -42.22
N VAL K 159 13.32 -26.59 -41.17
CA VAL K 159 13.92 -26.63 -39.84
C VAL K 159 12.88 -26.83 -38.75
N PRO K 160 12.46 -28.08 -38.52
CA PRO K 160 11.43 -28.39 -37.52
C PRO K 160 11.96 -28.30 -36.09
N ILE K 161 11.20 -27.70 -35.20
CA ILE K 161 11.58 -27.60 -33.80
C ILE K 161 10.83 -28.66 -32.99
N GLY K 162 11.51 -29.27 -32.04
CA GLY K 162 10.92 -30.30 -31.20
C GLY K 162 10.85 -29.90 -29.74
N ARG K 163 9.86 -30.44 -29.03
CA ARG K 163 9.69 -30.13 -27.62
C ARG K 163 10.88 -30.63 -26.81
N GLY K 164 11.54 -29.71 -26.11
CA GLY K 164 12.72 -30.04 -25.34
C GLY K 164 13.98 -29.88 -26.16
N GLN K 165 13.92 -28.97 -27.14
CA GLN K 165 15.05 -28.72 -28.02
C GLN K 165 15.58 -27.30 -27.82
N ARG K 166 16.74 -27.02 -28.40
CA ARG K 166 17.35 -25.69 -28.33
C ARG K 166 17.67 -25.18 -29.73
N GLU K 167 16.80 -24.34 -30.27
CA GLU K 167 17.00 -23.78 -31.60
C GLU K 167 17.27 -22.28 -31.52
N LEU K 168 18.35 -21.84 -32.16
CA LEU K 168 18.76 -20.44 -32.10
C LEU K 168 18.27 -19.63 -33.30
N ILE K 169 17.62 -18.50 -33.01
CA ILE K 169 17.23 -17.56 -34.05
C ILE K 169 18.30 -16.49 -34.21
N ILE K 170 19.20 -16.69 -35.17
CA ILE K 170 20.29 -15.76 -35.39
C ILE K 170 20.11 -14.98 -36.70
N GLY K 171 20.39 -13.69 -36.64
CA GLY K 171 20.26 -12.84 -37.82
C GLY K 171 20.74 -11.43 -37.54
N ASP K 172 20.45 -10.52 -38.47
CA ASP K 172 20.87 -9.13 -38.35
C ASP K 172 19.73 -8.26 -37.82
N ARG K 173 20.07 -7.06 -37.35
CA ARG K 173 19.07 -6.14 -36.81
C ARG K 173 17.96 -5.86 -37.82
N GLN K 174 16.73 -6.18 -37.44
CA GLN K 174 15.55 -5.97 -38.29
C GLN K 174 15.51 -6.92 -39.50
N THR K 175 15.73 -8.20 -39.25
CA THR K 175 15.61 -9.22 -40.29
C THR K 175 14.42 -10.12 -40.00
N GLY K 176 13.77 -9.90 -38.86
CA GLY K 176 12.61 -10.66 -38.48
C GLY K 176 12.89 -11.74 -37.45
N LYS K 177 13.86 -11.47 -36.57
CA LYS K 177 14.19 -12.42 -35.51
C LYS K 177 13.02 -12.59 -34.55
N THR K 178 12.65 -11.50 -33.88
CA THR K 178 11.53 -11.51 -32.95
C THR K 178 10.24 -11.84 -33.68
N ALA K 179 10.17 -11.50 -34.96
CA ALA K 179 8.98 -11.73 -35.77
C ALA K 179 8.66 -13.22 -35.88
N VAL K 180 9.70 -14.04 -36.04
CA VAL K 180 9.52 -15.48 -36.18
C VAL K 180 9.10 -16.13 -34.86
N ALA K 181 9.77 -15.74 -33.77
CA ALA K 181 9.46 -16.27 -32.46
C ALA K 181 8.02 -15.94 -32.06
N LEU K 182 7.63 -14.68 -32.25
CA LEU K 182 6.29 -14.22 -31.91
C LEU K 182 5.22 -15.14 -32.50
N ASP K 183 5.35 -15.43 -33.80
CA ASP K 183 4.40 -16.29 -34.48
C ASP K 183 4.31 -17.67 -33.83
N THR K 184 5.45 -18.15 -33.32
CA THR K 184 5.50 -19.45 -32.68
C THR K 184 4.58 -19.50 -31.46
N ILE K 185 4.64 -18.48 -30.62
CA ILE K 185 3.77 -18.39 -29.45
C ILE K 185 2.32 -18.27 -29.87
N LEU K 186 2.05 -17.39 -30.81
CA LEU K 186 0.68 -17.10 -31.24
C LEU K 186 -0.01 -18.31 -31.86
N ASN K 187 0.75 -19.17 -32.52
CA ASN K 187 0.20 -20.36 -33.15
C ASN K 187 -0.27 -21.39 -32.12
N GLN K 188 0.18 -21.22 -30.89
CA GLN K 188 -0.17 -22.14 -29.81
C GLN K 188 -1.59 -21.91 -29.32
N LYS K 189 -2.23 -20.88 -29.86
CA LYS K 189 -3.60 -20.53 -29.48
C LYS K 189 -4.51 -21.74 -29.67
N ARG K 190 -4.16 -22.60 -30.63
CA ARG K 190 -4.94 -23.80 -30.92
C ARG K 190 -4.98 -24.76 -29.75
N TRP K 191 -3.80 -25.18 -29.29
CA TRP K 191 -3.69 -26.22 -28.28
C TRP K 191 -3.99 -25.74 -26.86
N ASN K 192 -3.69 -24.48 -26.57
CA ASN K 192 -3.83 -23.95 -25.22
C ASN K 192 -5.27 -23.67 -24.81
N ASN K 193 -6.20 -23.78 -25.75
CA ASN K 193 -7.61 -23.58 -25.47
C ASN K 193 -8.33 -24.88 -25.14
N GLY K 194 -7.73 -26.00 -25.56
CA GLY K 194 -8.31 -27.31 -25.32
C GLY K 194 -8.21 -27.72 -23.86
N SER K 195 -8.17 -29.03 -23.62
CA SER K 195 -8.11 -29.55 -22.26
C SER K 195 -6.96 -30.54 -22.08
N ASP K 196 -6.31 -30.88 -23.18
CA ASP K 196 -5.21 -31.83 -23.15
C ASP K 196 -3.91 -31.18 -22.67
N GLU K 197 -3.39 -31.67 -21.55
CA GLU K 197 -2.17 -31.13 -20.97
C GLU K 197 -0.91 -31.71 -21.61
N SER K 198 -1.08 -32.79 -22.36
CA SER K 198 0.04 -33.41 -23.06
C SER K 198 0.24 -32.77 -24.43
N LYS K 199 -0.58 -31.76 -24.73
CA LYS K 199 -0.51 -31.06 -26.01
C LYS K 199 -0.32 -29.56 -25.81
N LYS K 200 -0.66 -29.08 -24.63
CA LYS K 200 -0.53 -27.65 -24.32
C LYS K 200 0.93 -27.24 -24.19
N LEU K 201 1.27 -26.08 -24.76
CA LEU K 201 2.63 -25.58 -24.72
C LEU K 201 2.67 -24.15 -24.22
N TYR K 202 2.93 -23.99 -22.92
CA TYR K 202 3.03 -22.66 -22.31
C TYR K 202 4.27 -21.94 -22.80
N CYS K 203 4.24 -20.61 -22.76
CA CYS K 203 5.33 -19.82 -23.32
C CYS K 203 5.89 -18.79 -22.34
N VAL K 204 7.18 -18.47 -22.50
CA VAL K 204 7.84 -17.47 -21.68
C VAL K 204 8.76 -16.61 -22.54
N TYR K 205 8.45 -15.33 -22.63
CA TYR K 205 9.25 -14.41 -23.43
C TYR K 205 10.11 -13.52 -22.54
N VAL K 206 11.42 -13.52 -22.79
CA VAL K 206 12.35 -12.71 -22.03
C VAL K 206 12.81 -11.50 -22.83
N ALA K 207 12.70 -10.32 -22.24
CA ALA K 207 13.08 -9.08 -22.90
C ALA K 207 14.31 -8.45 -22.25
N VAL K 208 15.48 -8.79 -22.77
CA VAL K 208 16.73 -8.25 -22.23
C VAL K 208 17.26 -7.11 -23.11
N GLY K 209 17.53 -5.97 -22.48
CA GLY K 209 18.12 -4.84 -23.18
C GLY K 209 17.21 -4.19 -24.22
N GLN K 210 16.01 -4.73 -24.37
CA GLN K 210 15.05 -4.20 -25.34
C GLN K 210 14.48 -2.87 -24.87
N LYS K 211 13.86 -2.14 -25.79
CA LYS K 211 13.20 -0.89 -25.46
C LYS K 211 11.90 -1.16 -24.70
N ARG K 212 11.67 -0.39 -23.65
CA ARG K 212 10.49 -0.57 -22.81
C ARG K 212 9.22 -0.47 -23.64
N SER K 213 9.22 0.46 -24.59
CA SER K 213 8.07 0.66 -25.46
C SER K 213 7.83 -0.55 -26.34
N THR K 214 8.89 -1.06 -26.94
CA THR K 214 8.81 -2.22 -27.82
C THR K 214 8.14 -3.40 -27.12
N VAL K 215 8.53 -3.63 -25.87
CA VAL K 215 7.96 -4.73 -25.09
C VAL K 215 6.51 -4.44 -24.71
N ALA K 216 6.19 -3.16 -24.53
CA ALA K 216 4.83 -2.75 -24.19
C ALA K 216 3.87 -3.10 -25.33
N GLN K 217 4.25 -2.73 -26.55
CA GLN K 217 3.45 -3.04 -27.72
C GLN K 217 3.44 -4.54 -27.96
N LEU K 218 4.52 -5.20 -27.60
CA LEU K 218 4.62 -6.66 -27.72
C LEU K 218 3.58 -7.32 -26.82
N VAL K 219 3.33 -6.72 -25.67
CA VAL K 219 2.33 -7.21 -24.75
C VAL K 219 0.93 -7.01 -25.32
N GLN K 220 0.67 -5.79 -25.80
CA GLN K 220 -0.63 -5.43 -26.33
C GLN K 220 -1.09 -6.37 -27.45
N THR K 221 -0.13 -6.92 -28.19
CA THR K 221 -0.44 -7.80 -29.31
C THR K 221 -0.78 -9.20 -28.82
N LEU K 222 -0.28 -9.56 -27.65
CA LEU K 222 -0.51 -10.87 -27.08
C LEU K 222 -1.87 -10.96 -26.38
N GLU K 223 -2.41 -9.80 -26.01
CA GLU K 223 -3.74 -9.73 -25.41
C GLU K 223 -4.79 -9.61 -26.51
N GLN K 224 -4.41 -8.99 -27.61
CA GLN K 224 -5.32 -8.77 -28.74
C GLN K 224 -5.50 -10.06 -29.54
N HIS K 225 -4.58 -11.00 -29.36
CA HIS K 225 -4.68 -12.30 -30.01
C HIS K 225 -5.07 -13.39 -29.02
N ASP K 226 -5.41 -12.98 -27.80
CA ASP K 226 -5.75 -13.91 -26.72
C ASP K 226 -4.67 -14.98 -26.55
N ALA K 227 -3.42 -14.55 -26.50
CA ALA K 227 -2.30 -15.45 -26.26
C ALA K 227 -1.66 -15.14 -24.91
N MET K 228 -2.08 -14.03 -24.32
CA MET K 228 -1.52 -13.56 -23.06
C MET K 228 -1.90 -14.45 -21.88
N LYS K 229 -3.00 -15.18 -22.03
CA LYS K 229 -3.50 -16.00 -20.93
C LYS K 229 -2.67 -17.26 -20.70
N TYR K 230 -1.72 -17.51 -21.59
CA TYR K 230 -0.88 -18.71 -21.47
C TYR K 230 0.62 -18.45 -21.63
N SER K 231 1.04 -17.22 -21.35
CA SER K 231 2.46 -16.88 -21.46
C SER K 231 2.93 -16.00 -20.31
N ILE K 232 4.24 -16.00 -20.08
CA ILE K 232 4.84 -15.20 -19.01
C ILE K 232 5.98 -14.34 -19.55
N ILE K 233 5.80 -13.03 -19.51
CA ILE K 233 6.81 -12.10 -20.01
C ILE K 233 7.68 -11.54 -18.89
N VAL K 234 8.97 -11.83 -18.95
CA VAL K 234 9.93 -11.28 -18.00
C VAL K 234 10.78 -10.22 -18.70
N ALA K 235 10.65 -8.98 -18.26
CA ALA K 235 11.28 -7.86 -18.97
C ALA K 235 12.35 -7.13 -18.16
N ALA K 236 13.57 -7.16 -18.69
CA ALA K 236 14.66 -6.33 -18.16
C ALA K 236 15.17 -5.43 -19.28
N THR K 237 14.54 -4.26 -19.40
CA THR K 237 14.78 -3.37 -20.53
C THR K 237 16.16 -2.70 -20.51
N ALA K 238 16.42 -1.87 -21.52
CA ALA K 238 17.72 -1.25 -21.71
C ALA K 238 18.03 -0.16 -20.69
N SER K 239 17.01 0.30 -19.97
CA SER K 239 17.19 1.32 -18.95
C SER K 239 17.63 0.72 -17.62
N GLU K 240 17.23 -0.53 -17.39
CA GLU K 240 17.58 -1.24 -16.17
C GLU K 240 19.10 -1.27 -15.96
N ALA K 241 19.51 -1.66 -14.76
CA ALA K 241 20.93 -1.83 -14.46
C ALA K 241 21.45 -3.11 -15.11
N ALA K 242 22.75 -3.17 -15.36
CA ALA K 242 23.37 -4.32 -16.02
C ALA K 242 22.93 -5.67 -15.42
N PRO K 243 23.08 -5.83 -14.10
CA PRO K 243 22.77 -7.11 -13.45
C PRO K 243 21.37 -7.61 -13.76
N LEU K 244 20.37 -6.73 -13.64
CA LEU K 244 18.98 -7.10 -13.90
C LEU K 244 18.80 -7.69 -15.30
N GLN K 245 19.51 -7.13 -16.28
CA GLN K 245 19.50 -7.69 -17.62
C GLN K 245 20.20 -9.04 -17.61
N TYR K 246 21.41 -9.05 -17.06
CA TYR K 246 22.22 -10.25 -16.94
C TYR K 246 21.45 -11.41 -16.29
N LEU K 247 20.63 -11.08 -15.30
CA LEU K 247 19.90 -12.10 -14.55
C LEU K 247 18.60 -12.49 -15.23
N ALA K 248 18.04 -11.56 -16.00
CA ALA K 248 16.72 -11.73 -16.61
C ALA K 248 16.47 -13.12 -17.22
N PRO K 249 17.34 -13.56 -18.14
CA PRO K 249 17.13 -14.83 -18.83
C PRO K 249 17.23 -16.04 -17.92
N PHE K 250 17.95 -15.90 -16.81
CA PHE K 250 18.13 -17.00 -15.87
C PHE K 250 16.90 -17.25 -15.01
N THR K 251 16.27 -16.17 -14.54
CA THR K 251 15.10 -16.27 -13.68
C THR K 251 13.87 -16.71 -14.48
N ALA K 252 13.85 -16.35 -15.76
CA ALA K 252 12.74 -16.71 -16.63
C ALA K 252 12.90 -18.15 -17.12
N ALA K 253 14.02 -18.76 -16.76
CA ALA K 253 14.28 -20.15 -17.11
C ALA K 253 13.88 -21.07 -15.95
N SER K 254 13.84 -20.51 -14.75
CA SER K 254 13.39 -21.24 -13.56
C SER K 254 11.88 -21.36 -13.57
N ILE K 255 11.22 -20.34 -14.11
CA ILE K 255 9.77 -20.33 -14.22
C ILE K 255 9.32 -21.38 -15.24
N GLY K 256 10.08 -21.48 -16.33
CA GLY K 256 9.80 -22.47 -17.36
C GLY K 256 10.06 -23.87 -16.87
N GLU K 257 10.91 -23.98 -15.85
CA GLU K 257 11.23 -25.27 -15.25
C GLU K 257 10.05 -25.80 -14.43
N TRP K 258 9.23 -24.89 -13.92
CA TRP K 258 8.07 -25.28 -13.14
C TRP K 258 7.09 -26.10 -13.99
N PHE K 259 7.01 -25.74 -15.27
CA PHE K 259 6.18 -26.49 -16.21
C PHE K 259 6.90 -27.76 -16.64
N ARG K 260 8.22 -27.68 -16.73
CA ARG K 260 9.04 -28.82 -17.15
C ARG K 260 9.04 -29.92 -16.09
N ASP K 261 9.18 -29.54 -14.83
CA ASP K 261 9.29 -30.49 -13.73
C ASP K 261 7.95 -31.07 -13.31
N ASN K 262 6.87 -30.43 -13.75
CA ASN K 262 5.52 -30.86 -13.35
C ASN K 262 4.74 -31.53 -14.47
N GLY K 263 5.46 -32.13 -15.42
CA GLY K 263 4.83 -32.89 -16.48
C GLY K 263 4.32 -32.07 -17.64
N LYS K 264 4.20 -30.76 -17.44
CA LYS K 264 3.70 -29.88 -18.49
C LYS K 264 4.80 -29.54 -19.50
N HIS K 265 4.48 -28.65 -20.43
CA HIS K 265 5.43 -28.26 -21.47
C HIS K 265 5.61 -26.74 -21.51
N ALA K 266 6.82 -26.29 -21.80
CA ALA K 266 7.13 -24.88 -21.81
C ALA K 266 7.97 -24.48 -23.02
N LEU K 267 7.71 -23.29 -23.55
CA LEU K 267 8.51 -22.73 -24.64
C LEU K 267 9.09 -21.40 -24.18
N ILE K 268 10.41 -21.30 -24.14
CA ILE K 268 11.07 -20.10 -23.64
C ILE K 268 11.87 -19.40 -24.73
N VAL K 269 11.60 -18.10 -24.89
CA VAL K 269 12.24 -17.30 -25.93
C VAL K 269 13.13 -16.20 -25.35
N TYR K 270 14.44 -16.37 -25.50
CA TYR K 270 15.39 -15.38 -25.03
C TYR K 270 15.61 -14.29 -26.07
N ASP K 271 15.38 -13.04 -25.69
CA ASP K 271 15.53 -11.92 -26.61
C ASP K 271 15.87 -10.64 -25.84
N ASP K 272 17.09 -10.15 -26.01
CA ASP K 272 18.07 -10.75 -26.90
C ASP K 272 19.32 -11.19 -26.13
N LEU K 273 19.76 -12.43 -26.36
CA LEU K 273 20.93 -12.96 -25.68
C LEU K 273 22.19 -12.14 -25.95
N SER K 274 22.36 -11.68 -27.18
CA SER K 274 23.51 -10.86 -27.54
C SER K 274 23.63 -9.67 -26.62
N LYS K 275 22.50 -9.04 -26.32
CA LYS K 275 22.47 -7.86 -25.45
C LYS K 275 22.75 -8.21 -23.99
N GLN K 276 22.60 -9.49 -23.64
CA GLN K 276 22.90 -9.95 -22.29
C GLN K 276 24.41 -9.97 -22.07
N ALA K 277 25.14 -10.46 -23.06
CA ALA K 277 26.59 -10.53 -22.98
C ALA K 277 27.20 -9.15 -22.75
N VAL K 278 26.75 -8.17 -23.54
CA VAL K 278 27.20 -6.80 -23.39
C VAL K 278 26.97 -6.30 -21.98
N ALA K 279 25.91 -6.80 -21.34
CA ALA K 279 25.60 -6.43 -19.97
C ALA K 279 26.56 -7.11 -18.99
N TYR K 280 26.71 -8.43 -19.14
CA TYR K 280 27.64 -9.19 -18.31
C TYR K 280 29.06 -8.65 -18.49
N ARG K 281 29.34 -8.15 -19.69
CA ARG K 281 30.63 -7.56 -19.99
C ARG K 281 30.85 -6.32 -19.15
N GLN K 282 29.77 -5.59 -18.91
CA GLN K 282 29.82 -4.37 -18.10
C GLN K 282 30.24 -4.68 -16.66
N LEU K 283 29.63 -5.71 -16.08
CA LEU K 283 29.95 -6.13 -14.72
C LEU K 283 31.44 -6.44 -14.59
N SER K 284 31.89 -7.43 -15.34
CA SER K 284 33.28 -7.89 -15.28
C SER K 284 34.30 -6.76 -15.40
N LEU K 285 34.16 -5.95 -16.45
CA LEU K 285 35.12 -4.88 -16.71
C LEU K 285 35.20 -3.89 -15.55
N LEU K 286 34.12 -3.78 -14.79
CA LEU K 286 34.10 -2.93 -13.60
C LEU K 286 34.68 -3.70 -12.42
N LEU K 287 34.61 -5.02 -12.47
CA LEU K 287 35.19 -5.88 -11.44
C LEU K 287 36.63 -6.21 -11.77
N ARG K 288 37.20 -5.51 -12.75
CA ARG K 288 38.61 -5.63 -13.09
C ARG K 288 38.96 -6.95 -13.79
N ARG K 289 37.95 -7.76 -14.07
CA ARG K 289 38.16 -9.04 -14.75
C ARG K 289 38.79 -8.80 -16.11
N PRO K 290 39.98 -9.37 -16.33
CA PRO K 290 40.72 -9.16 -17.58
C PRO K 290 39.86 -9.38 -18.84
N PRO K 291 40.03 -8.54 -19.88
CA PRO K 291 39.29 -8.60 -21.15
C PRO K 291 39.79 -9.70 -22.10
N GLY K 292 38.86 -10.47 -22.66
CA GLY K 292 39.18 -11.47 -23.66
C GLY K 292 38.86 -11.01 -25.07
N ARG K 293 38.34 -11.92 -25.89
CA ARG K 293 37.95 -11.57 -27.25
C ARG K 293 36.81 -10.56 -27.21
N GLU K 294 37.00 -9.46 -27.95
CA GLU K 294 36.00 -8.39 -27.99
C GLU K 294 35.72 -7.82 -26.61
N ALA K 295 36.62 -8.12 -25.67
CA ALA K 295 36.54 -7.63 -24.29
C ALA K 295 35.68 -8.50 -23.37
N TYR K 296 35.01 -9.48 -23.94
CA TYR K 296 34.20 -10.40 -23.14
C TYR K 296 35.09 -11.30 -22.27
N PRO K 297 34.76 -11.40 -20.98
CA PRO K 297 35.49 -12.29 -20.07
C PRO K 297 35.49 -13.73 -20.57
N GLY K 298 36.37 -14.55 -20.04
CA GLY K 298 36.48 -15.94 -20.48
C GLY K 298 35.22 -16.73 -20.21
N ASP K 299 34.54 -16.44 -19.10
CA ASP K 299 33.38 -17.20 -18.68
C ASP K 299 32.09 -16.79 -19.39
N VAL K 300 32.22 -15.98 -20.44
CA VAL K 300 31.06 -15.55 -21.21
C VAL K 300 30.37 -16.73 -21.88
N PHE K 301 31.17 -17.74 -22.23
CA PHE K 301 30.63 -18.97 -22.80
C PHE K 301 29.78 -19.70 -21.78
N TYR K 302 30.29 -19.79 -20.56
CA TYR K 302 29.58 -20.45 -19.47
C TYR K 302 28.28 -19.72 -19.13
N LEU K 303 28.22 -18.44 -19.49
CA LEU K 303 27.04 -17.63 -19.20
C LEU K 303 25.83 -18.09 -20.01
N HIS K 304 26.09 -18.74 -21.13
CA HIS K 304 25.02 -19.23 -22.00
C HIS K 304 24.94 -20.76 -21.99
N SER K 305 26.04 -21.40 -21.61
CA SER K 305 26.09 -22.86 -21.57
C SER K 305 25.21 -23.43 -20.46
N ARG K 306 25.26 -22.80 -19.29
CA ARG K 306 24.47 -23.26 -18.15
C ARG K 306 23.04 -22.74 -18.23
N LEU K 307 22.79 -21.85 -19.18
CA LEU K 307 21.45 -21.28 -19.37
C LEU K 307 20.65 -22.08 -20.38
N LEU K 308 21.23 -22.28 -21.56
CA LEU K 308 20.54 -22.98 -22.64
C LEU K 308 20.35 -24.47 -22.34
N GLU K 309 21.27 -25.05 -21.59
CA GLU K 309 21.19 -26.47 -21.26
C GLU K 309 20.04 -26.80 -20.33
N ARG K 310 19.62 -25.83 -19.54
CA ARG K 310 18.50 -26.02 -18.62
C ARG K 310 17.22 -26.37 -19.39
N ALA K 311 17.27 -26.21 -20.71
CA ALA K 311 16.18 -26.62 -21.58
C ALA K 311 16.42 -28.03 -22.10
N ALA K 312 15.48 -28.93 -21.85
CA ALA K 312 15.62 -30.32 -22.27
C ALA K 312 14.35 -31.14 -22.05
N LYS K 313 14.12 -32.10 -22.92
CA LYS K 313 12.99 -33.01 -22.79
C LYS K 313 13.26 -34.02 -21.67
N LEU K 314 12.47 -33.95 -20.61
CA LEU K 314 12.63 -34.87 -19.49
C LEU K 314 12.15 -36.28 -19.83
N SER K 315 12.66 -37.26 -19.10
CA SER K 315 12.33 -38.67 -19.37
C SER K 315 10.96 -39.05 -18.83
N GLU K 316 10.47 -40.20 -19.25
CA GLU K 316 9.18 -40.71 -18.79
C GLU K 316 9.21 -41.00 -17.29
N LYS K 317 10.39 -41.29 -16.78
CA LYS K 317 10.55 -41.67 -15.38
C LYS K 317 10.56 -40.44 -14.46
N GLU K 318 10.84 -39.28 -15.03
CA GLU K 318 10.85 -38.04 -14.26
C GLU K 318 9.47 -37.40 -14.23
N GLY K 319 8.91 -37.16 -15.41
CA GLY K 319 7.59 -36.56 -15.53
C GLY K 319 7.24 -36.21 -16.95
N SER K 320 8.11 -36.59 -17.88
CA SER K 320 7.89 -36.34 -19.30
C SER K 320 7.59 -34.88 -19.59
N GLY K 321 8.09 -33.99 -18.74
CA GLY K 321 7.93 -32.57 -18.95
C GLY K 321 8.99 -32.05 -19.92
N SER K 322 8.77 -30.86 -20.46
CA SER K 322 9.69 -30.31 -21.45
C SER K 322 9.82 -28.79 -21.39
N LEU K 323 11.01 -28.30 -21.69
CA LEU K 323 11.27 -26.87 -21.84
C LEU K 323 12.07 -26.63 -23.11
N THR K 324 11.44 -25.98 -24.08
CA THR K 324 12.09 -25.72 -25.37
C THR K 324 12.74 -24.34 -25.40
N ALA K 325 13.92 -24.24 -25.99
CA ALA K 325 14.67 -22.99 -26.01
C ALA K 325 14.72 -22.34 -27.39
N LEU K 326 14.45 -21.04 -27.43
CA LEU K 326 14.54 -20.27 -28.66
C LEU K 326 15.33 -18.99 -28.46
N PRO K 327 16.66 -19.11 -28.33
CA PRO K 327 17.54 -17.96 -28.13
C PRO K 327 17.57 -17.07 -29.37
N VAL K 328 17.90 -15.79 -29.17
CA VAL K 328 17.99 -14.85 -30.29
C VAL K 328 19.32 -14.10 -30.25
N ILE K 329 20.05 -14.16 -31.36
CA ILE K 329 21.35 -13.49 -31.46
C ILE K 329 21.38 -12.50 -32.61
N GLU K 330 21.86 -11.29 -32.34
CA GLU K 330 21.92 -10.24 -33.34
C GLU K 330 23.35 -10.01 -33.83
N THR K 331 23.62 -10.46 -35.05
CA THR K 331 24.94 -10.31 -35.65
C THR K 331 25.15 -8.91 -36.21
N GLN K 332 26.37 -8.64 -36.67
CA GLN K 332 26.70 -7.36 -37.28
C GLN K 332 27.25 -7.55 -38.68
N GLY K 333 26.41 -7.31 -39.68
CA GLY K 333 26.81 -7.49 -41.06
C GLY K 333 26.83 -8.95 -41.46
N GLY K 334 25.89 -9.72 -40.94
CA GLY K 334 25.77 -11.13 -41.27
C GLY K 334 26.99 -11.96 -40.87
N ASP K 335 27.81 -11.42 -39.98
CA ASP K 335 29.00 -12.10 -39.53
C ASP K 335 28.69 -13.11 -38.42
N VAL K 336 28.58 -14.38 -38.80
CA VAL K 336 28.33 -15.44 -37.85
C VAL K 336 29.63 -15.96 -37.25
N SER K 337 30.75 -15.43 -37.73
CA SER K 337 32.06 -15.81 -37.22
C SER K 337 32.52 -14.89 -36.09
N ALA K 338 31.57 -14.21 -35.46
CA ALA K 338 31.86 -13.37 -34.30
C ALA K 338 31.98 -14.23 -33.05
N TYR K 339 32.53 -13.65 -31.98
CA TYR K 339 32.77 -14.39 -30.75
C TYR K 339 31.47 -14.84 -30.06
N ILE K 340 30.58 -13.89 -29.78
CA ILE K 340 29.33 -14.20 -29.09
C ILE K 340 28.43 -15.18 -29.86
N PRO K 341 28.12 -14.86 -31.12
CA PRO K 341 27.27 -15.74 -31.92
C PRO K 341 27.79 -17.17 -31.96
N THR K 342 29.05 -17.36 -32.34
CA THR K 342 29.65 -18.69 -32.42
C THR K 342 29.44 -19.46 -31.12
N ASN K 343 29.74 -18.83 -29.99
CA ASN K 343 29.55 -19.43 -28.68
C ASN K 343 28.16 -20.05 -28.54
N VAL K 344 27.14 -19.22 -28.74
CA VAL K 344 25.75 -19.67 -28.65
C VAL K 344 25.47 -20.82 -29.61
N ILE K 345 25.97 -20.69 -30.84
CA ILE K 345 25.75 -21.69 -31.88
C ILE K 345 26.26 -23.07 -31.45
N SER K 346 27.41 -23.08 -30.77
CA SER K 346 28.02 -24.34 -30.32
C SER K 346 27.16 -25.02 -29.26
N ILE K 347 26.44 -24.23 -28.49
CA ILE K 347 25.57 -24.76 -27.43
C ILE K 347 24.26 -25.28 -28.00
N THR K 348 23.52 -24.40 -28.66
CA THR K 348 22.24 -24.77 -29.26
C THR K 348 22.45 -25.81 -30.36
N ASP K 349 21.59 -26.82 -30.39
CA ASP K 349 21.66 -27.86 -31.41
C ASP K 349 20.81 -27.51 -32.63
N GLY K 350 21.17 -26.43 -33.30
CA GLY K 350 20.46 -25.97 -34.47
C GLY K 350 20.41 -24.46 -34.57
N GLN K 351 20.30 -23.95 -35.80
CA GLN K 351 20.23 -22.52 -36.02
C GLN K 351 19.27 -22.15 -37.15
N ILE K 352 18.59 -21.01 -36.99
CA ILE K 352 17.75 -20.45 -38.04
C ILE K 352 18.31 -19.10 -38.46
N PHE K 353 19.06 -19.09 -39.55
CA PHE K 353 19.74 -17.88 -40.01
C PHE K 353 18.82 -16.98 -40.82
N LEU K 354 18.89 -15.69 -40.54
CA LEU K 354 18.08 -14.70 -41.24
C LEU K 354 18.97 -13.64 -41.89
N GLU K 355 19.12 -13.73 -43.21
CA GLU K 355 19.97 -12.80 -43.94
C GLU K 355 19.19 -11.58 -44.40
N ALA K 356 19.80 -10.41 -44.27
CA ALA K 356 19.15 -9.16 -44.67
C ALA K 356 18.96 -9.10 -46.17
N GLU K 357 19.77 -9.87 -46.90
CA GLU K 357 19.70 -9.91 -48.36
C GLU K 357 18.34 -10.42 -48.82
N LEU K 358 17.96 -11.60 -48.34
CA LEU K 358 16.70 -12.22 -48.73
C LEU K 358 15.50 -11.49 -48.13
N PHE K 359 15.73 -10.80 -47.02
CA PHE K 359 14.66 -10.06 -46.35
C PHE K 359 14.24 -8.85 -47.16
N TYR K 360 15.21 -8.15 -47.74
CA TYR K 360 14.93 -6.97 -48.56
C TYR K 360 14.26 -7.38 -49.87
N LYS K 361 14.76 -8.43 -50.49
CA LYS K 361 14.19 -8.93 -51.75
C LYS K 361 12.70 -9.23 -51.60
N GLY K 362 12.30 -9.64 -50.40
CA GLY K 362 10.90 -9.93 -50.13
C GLY K 362 10.69 -11.28 -49.50
N ILE K 363 11.74 -12.11 -49.51
CA ILE K 363 11.67 -13.44 -48.93
C ILE K 363 11.53 -13.36 -47.41
N ARG K 364 10.31 -13.54 -46.93
CA ARG K 364 10.03 -13.49 -45.50
C ARG K 364 9.29 -14.73 -45.04
N PRO K 365 9.87 -15.46 -44.07
CA PRO K 365 11.15 -15.16 -43.44
C PRO K 365 12.34 -15.39 -44.38
N ALA K 366 13.45 -14.71 -44.12
CA ALA K 366 14.64 -14.84 -44.96
C ALA K 366 15.47 -16.05 -44.52
N ILE K 367 14.90 -17.24 -44.68
CA ILE K 367 15.56 -18.46 -44.25
C ILE K 367 16.64 -18.90 -45.24
N ASN K 368 17.89 -18.84 -44.81
CA ASN K 368 18.99 -19.37 -45.60
C ASN K 368 19.14 -20.86 -45.37
N VAL K 369 18.72 -21.67 -46.34
CA VAL K 369 18.74 -23.12 -46.20
C VAL K 369 20.17 -23.66 -46.16
N GLY K 370 21.13 -22.83 -46.57
CA GLY K 370 22.52 -23.24 -46.64
C GLY K 370 23.22 -23.28 -45.30
N LEU K 371 22.84 -22.38 -44.41
CA LEU K 371 23.44 -22.31 -43.08
C LEU K 371 22.50 -22.77 -41.98
N SER K 372 21.20 -22.66 -42.23
CA SER K 372 20.20 -23.09 -41.26
C SER K 372 20.01 -24.60 -41.29
N VAL K 373 19.85 -25.20 -40.12
CA VAL K 373 19.68 -26.64 -40.01
C VAL K 373 19.29 -27.06 -38.59
N SER K 374 18.26 -27.90 -38.49
CA SER K 374 17.84 -28.45 -37.21
C SER K 374 18.48 -29.83 -37.00
N ARG K 375 19.31 -29.93 -35.97
CA ARG K 375 20.08 -31.15 -35.75
C ARG K 375 19.22 -32.40 -35.53
N VAL K 376 17.99 -32.20 -35.08
CA VAL K 376 17.04 -33.31 -34.98
C VAL K 376 15.92 -33.13 -36.01
N GLY K 377 16.12 -33.74 -37.18
CA GLY K 377 15.21 -33.56 -38.30
C GLY K 377 13.87 -34.29 -38.17
N SER K 378 13.80 -35.50 -38.72
CA SER K 378 12.56 -36.24 -38.78
C SER K 378 11.95 -36.56 -37.41
N ALA K 379 12.82 -36.82 -36.43
CA ALA K 379 12.37 -37.22 -35.09
C ALA K 379 11.56 -36.14 -34.38
N ALA K 380 11.80 -34.88 -34.75
CA ALA K 380 11.11 -33.76 -34.13
C ALA K 380 10.14 -33.11 -35.12
N GLN K 381 9.62 -33.91 -36.03
CA GLN K 381 8.75 -33.42 -37.10
C GLN K 381 7.54 -34.32 -37.26
N VAL K 382 6.43 -33.74 -37.71
CA VAL K 382 5.22 -34.52 -38.00
C VAL K 382 5.49 -35.41 -39.19
N LYS K 383 5.27 -36.72 -39.02
CA LYS K 383 5.57 -37.68 -40.08
C LYS K 383 4.92 -37.32 -41.42
N ALA K 384 3.80 -36.59 -41.36
CA ALA K 384 3.14 -36.12 -42.57
C ALA K 384 4.06 -35.19 -43.35
N LEU K 385 4.68 -34.25 -42.64
CA LEU K 385 5.61 -33.31 -43.25
C LEU K 385 6.83 -34.02 -43.82
N LYS K 386 7.39 -34.94 -43.04
CA LYS K 386 8.57 -35.70 -43.46
C LYS K 386 8.37 -36.33 -44.84
N GLN K 387 7.19 -36.88 -45.06
CA GLN K 387 6.90 -37.57 -46.32
C GLN K 387 6.74 -36.62 -47.50
N VAL K 388 6.14 -35.45 -47.24
CA VAL K 388 5.83 -34.50 -48.31
C VAL K 388 7.03 -33.65 -48.72
N ALA K 389 8.07 -33.65 -47.89
CA ALA K 389 9.26 -32.87 -48.18
C ALA K 389 10.48 -33.76 -48.36
N GLY K 390 10.49 -34.54 -49.43
CA GLY K 390 11.59 -35.44 -49.72
C GLY K 390 12.90 -34.69 -49.96
N SER K 391 13.71 -34.58 -48.90
CA SER K 391 14.97 -33.86 -48.98
C SER K 391 14.77 -32.46 -49.57
N LEU K 392 13.74 -31.77 -49.10
CA LEU K 392 13.46 -30.41 -49.55
C LEU K 392 14.59 -29.47 -49.16
N LYS K 393 15.27 -29.79 -48.06
CA LYS K 393 16.36 -28.96 -47.56
C LYS K 393 17.52 -28.91 -48.53
N LEU K 394 18.05 -30.07 -48.88
CA LEU K 394 19.22 -30.17 -49.77
C LEU K 394 18.88 -29.85 -51.22
N PHE K 395 17.59 -29.89 -51.55
CA PHE K 395 17.14 -29.50 -52.89
C PHE K 395 17.32 -28.00 -53.07
N LEU K 396 17.03 -27.26 -52.00
CA LEU K 396 17.17 -25.80 -52.01
C LEU K 396 18.61 -25.39 -51.71
N ALA K 397 19.37 -26.30 -51.12
CA ALA K 397 20.78 -26.04 -50.84
C ALA K 397 21.60 -26.07 -52.12
N GLN K 398 21.00 -26.60 -53.19
CA GLN K 398 21.65 -26.66 -54.48
C GLN K 398 20.99 -25.71 -55.47
N TYR K 399 19.71 -25.41 -55.21
CA TYR K 399 18.95 -24.50 -56.06
C TYR K 399 19.53 -23.09 -56.02
N ARG K 400 19.99 -22.68 -54.85
CA ARG K 400 20.54 -21.34 -54.68
C ARG K 400 21.91 -21.21 -55.33
N GLU K 401 22.76 -22.21 -55.11
CA GLU K 401 24.11 -22.21 -55.66
C GLU K 401 24.10 -22.12 -57.18
N VAL K 402 22.95 -22.42 -57.78
CA VAL K 402 22.78 -22.33 -59.23
C VAL K 402 22.10 -21.03 -59.63
N ALA K 403 21.19 -20.55 -58.78
CA ALA K 403 20.44 -19.34 -59.05
C ALA K 403 21.35 -18.14 -59.34
N ALA K 404 22.52 -18.12 -58.71
CA ALA K 404 23.46 -17.02 -58.88
C ALA K 404 24.29 -17.17 -60.15
N PHE K 405 24.61 -18.40 -60.51
CA PHE K 405 25.43 -18.68 -61.68
C PHE K 405 24.61 -18.47 -62.96
N ALA K 406 23.31 -18.26 -62.79
CA ALA K 406 22.41 -18.09 -63.93
C ALA K 406 22.45 -16.66 -64.47
N GLN K 407 23.39 -16.41 -65.39
CA GLN K 407 23.50 -15.10 -66.01
C GLN K 407 24.26 -15.18 -67.33
N LEU K 412 21.05 -20.62 -72.33
CA LEU K 412 19.96 -21.22 -71.58
C LEU K 412 20.05 -22.73 -71.55
N ASP K 413 19.47 -23.34 -70.53
CA ASP K 413 19.46 -24.79 -70.39
C ASP K 413 18.02 -25.30 -70.44
N ALA K 414 17.86 -26.63 -70.30
CA ALA K 414 16.54 -27.23 -70.31
C ALA K 414 16.36 -28.21 -69.16
N SER K 415 17.48 -28.80 -68.73
CA SER K 415 17.45 -29.76 -67.64
C SER K 415 17.48 -29.07 -66.27
N THR K 416 18.62 -28.52 -65.92
CA THR K 416 18.79 -27.84 -64.63
C THR K 416 18.09 -26.50 -64.59
N LYS K 417 17.70 -26.00 -65.76
CA LYS K 417 17.02 -24.71 -65.85
C LYS K 417 15.53 -24.84 -65.58
N GLN K 418 15.02 -26.06 -65.68
CA GLN K 418 13.61 -26.31 -65.42
C GLN K 418 13.35 -26.43 -63.92
N THR K 419 14.33 -27.00 -63.21
CA THR K 419 14.29 -27.01 -61.75
C THR K 419 14.42 -25.59 -61.23
N LEU K 420 14.86 -24.69 -62.11
CA LEU K 420 14.97 -23.28 -61.79
C LEU K 420 13.59 -22.64 -61.83
N VAL K 421 12.75 -23.13 -62.74
CA VAL K 421 11.38 -22.66 -62.85
C VAL K 421 10.53 -23.30 -61.75
N ARG K 422 11.07 -24.36 -61.16
CA ARG K 422 10.42 -25.03 -60.04
C ARG K 422 10.68 -24.28 -58.74
N GLY K 423 11.96 -24.02 -58.47
CA GLY K 423 12.36 -23.35 -57.24
C GLY K 423 11.91 -21.90 -57.18
N GLU K 424 11.66 -21.30 -58.33
CA GLU K 424 11.23 -19.91 -58.39
C GLU K 424 9.90 -19.73 -57.67
N ARG K 425 8.97 -20.65 -57.91
CA ARG K 425 7.65 -20.58 -57.31
C ARG K 425 7.62 -21.33 -55.99
N LEU K 426 8.53 -22.29 -55.83
CA LEU K 426 8.70 -22.99 -54.56
C LEU K 426 9.09 -21.99 -53.48
N THR K 427 10.14 -21.22 -53.74
CA THR K 427 10.60 -20.20 -52.81
C THR K 427 9.51 -19.15 -52.58
N GLN K 428 8.74 -18.87 -53.63
CA GLN K 428 7.67 -17.89 -53.55
C GLN K 428 6.53 -18.42 -52.69
N LEU K 429 6.37 -19.75 -52.68
CA LEU K 429 5.32 -20.39 -51.90
C LEU K 429 5.66 -20.39 -50.41
N LEU K 430 6.88 -20.78 -50.09
CA LEU K 430 7.35 -20.80 -48.69
C LEU K 430 7.20 -19.44 -48.04
N LYS K 431 7.14 -18.39 -48.86
CA LYS K 431 6.94 -17.04 -48.35
C LYS K 431 5.66 -16.98 -47.51
N GLN K 432 5.78 -16.54 -46.27
CA GLN K 432 4.66 -16.52 -45.35
C GLN K 432 4.50 -15.15 -44.68
N ASN K 433 3.26 -14.69 -44.60
CA ASN K 433 2.96 -13.39 -44.02
C ASN K 433 3.01 -13.39 -42.49
N GLN K 434 3.18 -12.21 -41.91
CA GLN K 434 3.23 -12.06 -40.47
C GLN K 434 1.83 -12.22 -39.88
N TYR K 435 1.75 -12.91 -38.74
CA TYR K 435 0.48 -13.17 -38.08
C TYR K 435 -0.45 -14.02 -38.92
N SER K 436 0.12 -14.94 -39.70
CA SER K 436 -0.67 -15.82 -40.54
C SER K 436 -0.32 -17.30 -40.32
N PRO K 437 -0.46 -17.77 -39.06
CA PRO K 437 -0.12 -19.15 -38.73
C PRO K 437 -0.99 -20.14 -39.49
N LEU K 438 -0.50 -21.37 -39.65
CA LEU K 438 -1.25 -22.41 -40.34
C LEU K 438 -1.24 -23.71 -39.53
N ALA K 439 -2.02 -24.69 -39.98
CA ALA K 439 -2.07 -25.99 -39.33
C ALA K 439 -1.27 -27.02 -40.13
N THR K 440 -0.90 -28.11 -39.47
CA THR K 440 -0.12 -29.16 -40.11
C THR K 440 -0.79 -29.65 -41.39
N GLU K 441 -2.12 -29.70 -41.38
CA GLU K 441 -2.89 -30.15 -42.53
C GLU K 441 -2.85 -29.15 -43.68
N GLU K 442 -2.70 -27.88 -43.34
CA GLU K 442 -2.67 -26.83 -44.36
C GLU K 442 -1.31 -26.75 -45.04
N GLN K 443 -0.29 -27.29 -44.39
CA GLN K 443 1.08 -27.19 -44.88
C GLN K 443 1.44 -28.33 -45.83
N VAL K 444 1.04 -29.54 -45.48
CA VAL K 444 1.43 -30.74 -46.22
C VAL K 444 1.04 -30.75 -47.72
N PRO K 445 -0.16 -30.27 -48.06
CA PRO K 445 -0.55 -30.30 -49.47
C PRO K 445 0.32 -29.37 -50.31
N LEU K 446 0.59 -28.18 -49.78
CA LEU K 446 1.42 -27.21 -50.47
C LEU K 446 2.80 -27.78 -50.78
N ILE K 447 3.39 -28.46 -49.81
CA ILE K 447 4.72 -29.03 -49.96
C ILE K 447 4.75 -30.10 -51.05
N TYR K 448 3.65 -30.84 -51.18
CA TYR K 448 3.54 -31.89 -52.17
C TYR K 448 3.47 -31.32 -53.59
N ALA K 449 3.11 -30.05 -53.68
CA ALA K 449 2.96 -29.37 -54.96
C ALA K 449 4.30 -28.88 -55.49
N GLY K 450 5.23 -28.60 -54.58
CA GLY K 450 6.53 -28.08 -54.96
C GLY K 450 7.56 -29.14 -55.29
N VAL K 451 7.64 -30.16 -54.42
CA VAL K 451 8.63 -31.22 -54.58
C VAL K 451 8.54 -31.90 -55.94
N ASN K 452 7.33 -31.97 -56.49
CA ASN K 452 7.12 -32.62 -57.78
C ASN K 452 6.66 -31.64 -58.87
N GLY K 453 6.41 -30.40 -58.47
CA GLY K 453 5.99 -29.37 -59.40
C GLY K 453 4.58 -29.58 -59.93
N HIS K 454 3.61 -29.04 -59.21
CA HIS K 454 2.21 -29.19 -59.59
C HIS K 454 1.57 -27.85 -59.93
N LEU K 455 2.30 -26.76 -59.68
CA LEU K 455 1.79 -25.42 -59.91
C LEU K 455 2.68 -24.61 -60.85
N ASP K 456 3.37 -25.30 -61.76
CA ASP K 456 4.25 -24.64 -62.72
C ASP K 456 3.43 -23.83 -63.73
N GLY K 457 2.13 -24.07 -63.76
CA GLY K 457 1.25 -23.41 -64.71
C GLY K 457 0.83 -22.02 -64.28
N ILE K 458 0.64 -21.82 -62.98
CA ILE K 458 0.24 -20.52 -62.45
C ILE K 458 1.41 -19.54 -62.58
N GLU K 459 1.12 -18.30 -62.97
CA GLU K 459 2.16 -17.31 -63.15
C GLU K 459 2.69 -16.77 -61.82
N LEU K 460 3.88 -16.17 -61.86
CA LEU K 460 4.56 -15.68 -60.66
C LEU K 460 3.90 -14.42 -60.13
N SER K 461 2.59 -14.49 -59.87
CA SER K 461 1.86 -13.34 -59.35
C SER K 461 0.72 -13.75 -58.43
N ARG K 462 0.13 -14.92 -58.68
CA ARG K 462 -0.97 -15.42 -57.88
C ARG K 462 -0.70 -16.81 -57.32
N ILE K 463 0.58 -17.16 -57.22
CA ILE K 463 0.98 -18.45 -56.66
C ILE K 463 0.48 -18.57 -55.21
N GLY K 464 0.51 -17.45 -54.50
CA GLY K 464 0.04 -17.41 -53.13
C GLY K 464 -1.47 -17.31 -53.04
N GLU K 465 -2.09 -16.93 -54.15
CA GLU K 465 -3.54 -16.82 -54.21
C GLU K 465 -4.20 -18.20 -54.15
N PHE K 466 -3.53 -19.20 -54.73
CA PHE K 466 -4.01 -20.57 -54.69
C PHE K 466 -4.04 -21.10 -53.27
N GLU K 467 -3.14 -20.58 -52.44
CA GLU K 467 -3.08 -20.98 -51.03
C GLU K 467 -4.34 -20.59 -50.30
N SER K 468 -4.96 -19.50 -50.73
CA SER K 468 -6.19 -19.01 -50.13
C SER K 468 -7.43 -19.54 -50.86
N SER K 469 -7.24 -19.94 -52.11
CA SER K 469 -8.34 -20.49 -52.91
C SER K 469 -8.57 -21.96 -52.60
N PHE K 470 -7.48 -22.73 -52.60
CA PHE K 470 -7.56 -24.16 -52.31
C PHE K 470 -7.97 -24.39 -50.86
N LEU K 471 -7.83 -23.36 -50.03
CA LEU K 471 -8.23 -23.43 -48.63
C LEU K 471 -9.74 -23.41 -48.50
N SER K 472 -10.39 -22.56 -49.30
CA SER K 472 -11.84 -22.49 -49.31
C SER K 472 -12.44 -23.76 -49.90
N TYR K 473 -11.66 -24.42 -50.76
CA TYR K 473 -12.09 -25.67 -51.37
C TYR K 473 -12.11 -26.80 -50.33
N LEU K 474 -11.27 -26.65 -49.31
CA LEU K 474 -11.18 -27.62 -48.24
C LEU K 474 -12.18 -27.30 -47.13
N LYS K 475 -12.77 -26.11 -47.21
CA LYS K 475 -13.73 -25.66 -46.20
C LYS K 475 -15.03 -26.46 -46.25
N SER K 476 -15.59 -26.61 -47.45
CA SER K 476 -16.87 -27.28 -47.61
C SER K 476 -16.79 -28.50 -48.52
N ASN K 477 -16.04 -28.38 -49.61
CA ASN K 477 -15.92 -29.48 -50.56
C ASN K 477 -14.97 -30.58 -50.09
N HIS K 478 -13.80 -30.18 -49.59
CA HIS K 478 -12.78 -31.13 -49.17
C HIS K 478 -12.39 -30.96 -47.71
N ASN K 479 -13.35 -31.15 -46.81
CA ASN K 479 -13.08 -31.12 -45.38
C ASN K 479 -12.80 -32.53 -44.87
N GLU K 480 -12.87 -33.49 -45.78
CA GLU K 480 -12.65 -34.90 -45.44
C GLU K 480 -11.16 -35.18 -45.25
N LEU K 481 -10.34 -34.60 -46.12
CA LEU K 481 -8.90 -34.80 -46.07
C LEU K 481 -8.28 -34.09 -44.88
N LEU K 482 -8.94 -33.04 -44.41
CA LEU K 482 -8.46 -32.28 -43.26
C LEU K 482 -8.66 -33.05 -41.97
N THR K 483 -9.72 -33.86 -41.92
CA THR K 483 -10.05 -34.63 -40.73
C THR K 483 -9.00 -35.72 -40.47
N GLU K 484 -8.61 -36.42 -41.52
CA GLU K 484 -7.67 -37.53 -41.41
C GLU K 484 -6.31 -37.07 -40.88
N ILE K 485 -5.72 -36.10 -41.57
CA ILE K 485 -4.36 -35.65 -41.27
C ILE K 485 -4.23 -35.04 -39.87
N ARG K 486 -5.25 -34.31 -39.43
CA ARG K 486 -5.21 -33.68 -38.11
C ARG K 486 -5.24 -34.71 -36.99
N GLU K 487 -6.10 -35.72 -37.13
CA GLU K 487 -6.29 -36.72 -36.09
C GLU K 487 -5.22 -37.80 -36.11
N LYS K 488 -4.82 -38.23 -37.30
CA LYS K 488 -3.78 -39.23 -37.44
C LYS K 488 -2.39 -38.62 -37.29
N GLY K 489 -2.10 -37.62 -38.12
CA GLY K 489 -0.81 -36.94 -38.10
C GLY K 489 0.11 -37.46 -39.18
N GLU K 490 -0.16 -38.67 -39.66
CA GLU K 490 0.66 -39.29 -40.69
C GLU K 490 -0.12 -39.42 -42.00
N LEU K 491 0.60 -39.75 -43.07
CA LEU K 491 -0.03 -39.99 -44.35
C LEU K 491 0.09 -41.46 -44.73
N SER K 492 -1.02 -42.06 -45.13
CA SER K 492 -1.05 -43.48 -45.48
C SER K 492 -1.09 -43.67 -46.99
N LYS K 493 -0.73 -44.88 -47.44
CA LYS K 493 -0.79 -45.21 -48.87
C LYS K 493 -2.19 -44.99 -49.40
N GLU K 494 -3.18 -45.14 -48.52
CA GLU K 494 -4.58 -44.93 -48.87
C GLU K 494 -4.79 -43.48 -49.31
N LEU K 495 -4.17 -42.55 -48.58
CA LEU K 495 -4.32 -41.14 -48.87
C LEU K 495 -3.20 -40.65 -49.79
N LEU K 496 -2.24 -41.52 -50.06
CA LEU K 496 -1.11 -41.17 -50.90
C LEU K 496 -1.54 -41.02 -52.36
N ALA K 497 -2.53 -41.80 -52.76
CA ALA K 497 -3.05 -41.76 -54.12
C ALA K 497 -4.33 -40.93 -54.18
N SER K 498 -5.09 -40.95 -53.08
CA SER K 498 -6.35 -40.21 -53.01
C SER K 498 -6.12 -38.70 -53.06
N LEU K 499 -4.88 -38.28 -52.81
CA LEU K 499 -4.55 -36.86 -52.76
C LEU K 499 -4.30 -36.29 -54.15
N LYS K 500 -3.73 -37.11 -55.03
CA LYS K 500 -3.37 -36.67 -56.37
C LYS K 500 -4.60 -36.44 -57.28
N SER K 501 -5.78 -36.47 -56.68
CA SER K 501 -7.01 -36.25 -57.44
C SER K 501 -7.50 -34.82 -57.28
N ALA K 502 -7.50 -34.33 -56.04
CA ALA K 502 -7.99 -32.99 -55.74
C ALA K 502 -6.99 -31.91 -56.15
N THR K 503 -5.77 -32.33 -56.47
CA THR K 503 -4.71 -31.39 -56.83
C THR K 503 -4.78 -31.03 -58.31
N GLU K 504 -4.92 -32.04 -59.16
CA GLU K 504 -4.95 -31.83 -60.61
C GLU K 504 -6.01 -30.81 -61.00
N SER K 505 -7.19 -30.92 -60.39
CA SER K 505 -8.29 -30.02 -60.70
C SER K 505 -8.00 -28.61 -60.20
N ASN L 26 71.02 -19.70 10.29
CA ASN L 26 71.63 -18.66 9.47
C ASN L 26 70.95 -18.55 8.10
N LEU L 27 70.29 -17.42 7.87
CA LEU L 27 69.48 -17.22 6.68
C LEU L 27 70.27 -16.75 5.47
N ASN L 28 71.60 -16.77 5.58
CA ASN L 28 72.46 -16.32 4.48
C ASN L 28 72.61 -17.36 3.37
N GLU L 29 72.42 -18.63 3.73
CA GLU L 29 72.61 -19.72 2.76
C GLU L 29 71.37 -20.60 2.63
N THR L 30 70.32 -20.24 3.36
CA THR L 30 69.06 -20.97 3.28
C THR L 30 67.86 -20.02 3.26
N GLY L 31 66.66 -20.55 3.04
CA GLY L 31 65.47 -19.73 2.99
C GLY L 31 64.20 -20.51 3.29
N ARG L 32 63.14 -19.78 3.65
CA ARG L 32 61.85 -20.39 3.94
C ARG L 32 60.81 -19.98 2.91
N VAL L 33 60.08 -20.96 2.39
CA VAL L 33 59.04 -20.69 1.40
C VAL L 33 57.89 -19.89 1.99
N LEU L 34 57.72 -18.66 1.50
CA LEU L 34 56.61 -17.81 1.93
C LEU L 34 55.32 -18.24 1.25
N ALA L 35 55.43 -18.63 -0.02
CA ALA L 35 54.28 -19.08 -0.80
C ALA L 35 54.74 -19.79 -2.05
N VAL L 36 53.89 -20.65 -2.60
CA VAL L 36 54.24 -21.42 -3.79
C VAL L 36 53.01 -21.80 -4.60
N GLY L 37 53.14 -21.76 -5.93
CA GLY L 37 52.04 -22.11 -6.82
C GLY L 37 52.30 -21.72 -8.26
N ASP L 38 52.05 -22.65 -9.16
CA ASP L 38 52.19 -22.40 -10.59
C ASP L 38 53.66 -22.28 -11.03
N GLY L 39 54.51 -23.13 -10.46
CA GLY L 39 55.91 -23.16 -10.85
C GLY L 39 56.71 -21.97 -10.33
N ILE L 40 56.14 -21.24 -9.39
CA ILE L 40 56.82 -20.10 -8.78
C ILE L 40 56.90 -20.27 -7.27
N ALA L 41 57.87 -19.62 -6.64
CA ALA L 41 58.04 -19.69 -5.20
C ALA L 41 58.68 -18.43 -4.64
N ARG L 42 58.01 -17.83 -3.65
CA ARG L 42 58.54 -16.65 -2.97
C ARG L 42 59.20 -17.08 -1.66
N VAL L 43 60.52 -16.97 -1.62
CA VAL L 43 61.30 -17.46 -0.49
C VAL L 43 61.85 -16.35 0.39
N PHE L 44 61.82 -16.56 1.70
CA PHE L 44 62.37 -15.61 2.67
C PHE L 44 63.74 -16.07 3.13
N GLY L 45 64.77 -15.28 2.82
CA GLY L 45 66.13 -15.63 3.19
C GLY L 45 67.07 -15.57 2.01
N LEU L 46 68.08 -16.45 2.02
CA LEU L 46 69.07 -16.50 0.95
C LEU L 46 69.67 -15.12 0.71
N ASN L 47 70.03 -14.45 1.81
CA ASN L 47 70.49 -13.06 1.75
C ASN L 47 71.83 -12.87 1.07
N ASN L 48 72.43 -13.98 0.61
CA ASN L 48 73.71 -13.93 -0.09
C ASN L 48 73.63 -14.54 -1.47
N ILE L 49 72.40 -14.75 -1.95
CA ILE L 49 72.16 -15.42 -3.21
C ILE L 49 72.56 -14.54 -4.41
N GLN L 50 72.66 -15.17 -5.57
CA GLN L 50 73.04 -14.48 -6.80
C GLN L 50 71.90 -14.47 -7.80
N ALA L 51 71.97 -13.54 -8.75
CA ALA L 51 70.99 -13.48 -9.84
C ALA L 51 71.18 -14.67 -10.76
N GLU L 52 70.07 -15.29 -11.16
CA GLU L 52 70.11 -16.48 -12.00
C GLU L 52 70.87 -17.64 -11.36
N GLU L 53 70.84 -17.70 -10.03
CA GLU L 53 71.51 -18.78 -9.31
C GLU L 53 70.62 -20.01 -9.18
N LEU L 54 71.26 -21.17 -9.04
CA LEU L 54 70.54 -22.44 -8.89
C LEU L 54 70.30 -22.73 -7.41
N VAL L 55 69.07 -23.06 -7.07
CA VAL L 55 68.71 -23.39 -5.69
C VAL L 55 67.96 -24.72 -5.61
N GLU L 56 68.14 -25.43 -4.51
CA GLU L 56 67.50 -26.73 -4.34
C GLU L 56 66.44 -26.71 -3.24
N PHE L 57 65.31 -27.35 -3.50
CA PHE L 57 64.26 -27.49 -2.50
C PHE L 57 64.44 -28.81 -1.74
N SER L 58 63.87 -28.89 -0.54
CA SER L 58 64.08 -30.04 0.32
C SER L 58 63.23 -31.25 -0.06
N SER L 59 62.24 -31.03 -0.92
CA SER L 59 61.38 -32.12 -1.39
C SER L 59 62.06 -32.88 -2.52
N GLY L 60 63.00 -32.22 -3.20
CA GLY L 60 63.77 -32.88 -4.25
C GLY L 60 63.89 -32.07 -5.53
N VAL L 61 63.15 -30.98 -5.63
CA VAL L 61 63.11 -30.18 -6.85
C VAL L 61 64.11 -29.03 -6.83
N LYS L 62 64.81 -28.84 -7.95
CA LYS L 62 65.73 -27.71 -8.11
C LYS L 62 64.98 -26.50 -8.65
N GLY L 63 65.56 -25.32 -8.46
CA GLY L 63 64.95 -24.08 -8.90
C GLY L 63 65.96 -23.03 -9.31
N MET L 64 65.46 -21.92 -9.84
CA MET L 64 66.32 -20.84 -10.31
C MET L 64 65.80 -19.48 -9.85
N ALA L 65 66.67 -18.68 -9.25
CA ALA L 65 66.28 -17.36 -8.77
C ALA L 65 66.48 -16.30 -9.85
N LEU L 66 65.39 -15.65 -10.25
CA LEU L 66 65.44 -14.60 -11.26
C LEU L 66 65.19 -13.23 -10.65
N ASN L 67 64.24 -13.17 -9.72
CA ASN L 67 63.92 -11.93 -9.04
C ASN L 67 64.56 -11.85 -7.66
N LEU L 68 65.23 -10.72 -7.38
CA LEU L 68 65.86 -10.52 -6.08
C LEU L 68 65.31 -9.28 -5.39
N GLU L 69 64.02 -9.33 -5.04
CA GLU L 69 63.38 -8.22 -4.36
C GLU L 69 63.91 -8.09 -2.93
N PRO L 70 63.79 -6.90 -2.34
CA PRO L 70 64.29 -6.66 -0.98
C PRO L 70 63.75 -7.68 0.02
N GLY L 71 62.43 -7.77 0.13
CA GLY L 71 61.80 -8.67 1.08
C GLY L 71 62.00 -10.13 0.74
N GLN L 72 61.41 -10.57 -0.37
CA GLN L 72 61.43 -11.98 -0.75
C GLN L 72 62.32 -12.25 -1.96
N VAL L 73 62.36 -13.51 -2.38
CA VAL L 73 63.16 -13.92 -3.54
C VAL L 73 62.31 -14.70 -4.54
N GLY L 74 62.27 -14.23 -5.77
CA GLY L 74 61.49 -14.88 -6.81
C GLY L 74 62.24 -16.03 -7.46
N ILE L 75 61.72 -17.24 -7.31
CA ILE L 75 62.36 -18.43 -7.86
C ILE L 75 61.39 -19.28 -8.68
N VAL L 76 61.79 -19.62 -9.90
CA VAL L 76 60.98 -20.48 -10.75
C VAL L 76 61.40 -21.94 -10.62
N LEU L 77 60.41 -22.83 -10.60
CA LEU L 77 60.67 -24.26 -10.42
C LEU L 77 61.07 -24.95 -11.72
N PHE L 78 61.88 -25.99 -11.60
CA PHE L 78 62.26 -26.81 -12.74
C PHE L 78 61.45 -28.11 -12.75
N GLY L 79 60.72 -28.34 -11.68
CA GLY L 79 59.90 -29.53 -11.55
C GLY L 79 58.43 -29.21 -11.35
N SER L 80 57.78 -29.93 -10.44
CA SER L 80 56.37 -29.73 -10.17
C SER L 80 56.14 -28.91 -8.91
N ASP L 81 54.92 -28.42 -8.73
CA ASP L 81 54.58 -27.55 -7.62
C ASP L 81 54.20 -28.35 -6.38
N ARG L 82 53.54 -29.48 -6.60
CA ARG L 82 53.00 -30.29 -5.51
C ARG L 82 54.01 -30.60 -4.40
N LEU L 83 55.23 -30.96 -4.80
CA LEU L 83 56.26 -31.33 -3.82
C LEU L 83 56.55 -30.20 -2.83
N VAL L 84 56.45 -28.97 -3.31
CA VAL L 84 56.76 -27.80 -2.48
C VAL L 84 55.58 -27.38 -1.62
N LYS L 85 55.88 -26.98 -0.39
CA LYS L 85 54.86 -26.48 0.53
C LYS L 85 55.36 -25.18 1.17
N GLU L 86 54.50 -24.55 1.97
CA GLU L 86 54.90 -23.34 2.68
C GLU L 86 55.89 -23.67 3.79
N GLY L 87 56.77 -22.73 4.10
CA GLY L 87 57.73 -22.90 5.17
C GLY L 87 58.77 -23.96 4.89
N GLU L 88 58.71 -24.54 3.70
CA GLU L 88 59.69 -25.55 3.30
C GLU L 88 61.08 -24.93 3.24
N LEU L 89 62.10 -25.76 3.31
CA LEU L 89 63.48 -25.27 3.34
C LEU L 89 64.12 -25.27 1.95
N VAL L 90 64.82 -24.20 1.63
CA VAL L 90 65.50 -24.06 0.35
C VAL L 90 66.98 -23.77 0.55
N LYS L 91 67.82 -24.49 -0.18
CA LYS L 91 69.27 -24.34 -0.04
C LYS L 91 69.89 -23.78 -1.31
N ARG L 92 70.99 -23.03 -1.15
CA ARG L 92 71.70 -22.48 -2.29
C ARG L 92 72.49 -23.55 -3.03
N THR L 93 73.29 -23.11 -3.99
CA THR L 93 74.22 -23.98 -4.69
C THR L 93 75.53 -23.22 -4.84
N GLY L 94 75.42 -21.89 -4.86
CA GLY L 94 76.57 -21.03 -5.07
C GLY L 94 76.91 -20.94 -6.54
N ASN L 95 76.18 -21.70 -7.35
CA ASN L 95 76.45 -21.78 -8.78
C ASN L 95 75.31 -21.26 -9.65
N ILE L 96 75.66 -20.47 -10.65
CA ILE L 96 74.70 -20.05 -11.66
C ILE L 96 74.42 -21.23 -12.58
N VAL L 97 73.16 -21.44 -12.93
CA VAL L 97 72.76 -22.57 -13.76
C VAL L 97 73.78 -22.86 -14.85
N ASP L 98 74.26 -24.11 -14.89
CA ASP L 98 75.22 -24.53 -15.91
C ASP L 98 74.97 -25.98 -16.33
N VAL L 99 75.62 -26.41 -17.41
CA VAL L 99 75.43 -27.75 -17.95
C VAL L 99 76.75 -28.39 -18.35
N PRO L 100 76.78 -29.73 -18.43
CA PRO L 100 78.00 -30.46 -18.81
C PRO L 100 78.23 -30.45 -20.31
N VAL L 101 79.41 -30.02 -20.74
CA VAL L 101 79.76 -30.00 -22.15
C VAL L 101 80.92 -30.94 -22.45
N GLY L 102 80.96 -31.46 -23.67
CA GLY L 102 82.01 -32.39 -24.06
C GLY L 102 81.49 -33.47 -25.00
N PRO L 103 82.42 -34.18 -25.68
CA PRO L 103 82.09 -35.23 -26.64
C PRO L 103 81.29 -36.36 -26.01
N GLY L 104 81.33 -36.45 -24.68
CA GLY L 104 80.59 -37.49 -23.97
C GLY L 104 79.09 -37.33 -24.10
N LEU L 105 78.67 -36.37 -24.92
CA LEU L 105 77.25 -36.09 -25.12
C LEU L 105 76.75 -36.65 -26.44
N LEU L 106 77.66 -36.89 -27.37
CA LEU L 106 77.31 -37.40 -28.69
C LEU L 106 76.54 -38.72 -28.61
N GLY L 107 75.40 -38.76 -29.29
CA GLY L 107 74.57 -39.96 -29.32
C GLY L 107 73.69 -40.09 -28.09
N ARG L 108 73.68 -39.04 -27.26
CA ARG L 108 72.92 -39.06 -26.02
C ARG L 108 71.81 -38.01 -26.02
N VAL L 109 70.62 -38.41 -25.59
CA VAL L 109 69.50 -37.49 -25.45
C VAL L 109 69.44 -36.97 -24.01
N VAL L 110 69.42 -35.65 -23.85
CA VAL L 110 69.46 -35.05 -22.52
C VAL L 110 68.44 -33.93 -22.38
N ASP L 111 67.90 -33.77 -21.18
CA ASP L 111 66.95 -32.69 -20.91
C ASP L 111 67.66 -31.35 -20.82
N ALA L 112 66.90 -30.28 -20.61
CA ALA L 112 67.42 -28.92 -20.64
C ALA L 112 68.60 -28.70 -19.69
N LEU L 113 68.70 -29.52 -18.64
CA LEU L 113 69.74 -29.34 -17.64
C LEU L 113 70.98 -30.21 -17.88
N GLY L 114 70.87 -31.16 -18.79
CA GLY L 114 72.01 -31.99 -19.16
C GLY L 114 72.00 -33.37 -18.54
N ASN L 115 70.79 -33.86 -18.22
CA ASN L 115 70.64 -35.18 -17.65
C ASN L 115 70.08 -36.17 -18.67
N PRO L 116 70.73 -37.33 -18.80
CA PRO L 116 70.34 -38.38 -19.75
C PRO L 116 68.90 -38.83 -19.55
N ILE L 117 68.15 -38.96 -20.65
CA ILE L 117 66.78 -39.44 -20.60
C ILE L 117 66.58 -40.58 -21.58
N ASP L 118 67.69 -41.05 -22.16
CA ASP L 118 67.65 -42.13 -23.14
C ASP L 118 67.99 -43.47 -22.49
N GLY L 119 68.15 -43.47 -21.17
CA GLY L 119 68.49 -44.67 -20.44
C GLY L 119 69.76 -45.31 -20.96
N LYS L 120 70.86 -44.56 -20.92
CA LYS L 120 72.16 -45.08 -21.34
C LYS L 120 73.27 -44.68 -20.38
N GLY L 121 72.93 -44.59 -19.10
CA GLY L 121 73.91 -44.23 -18.09
C GLY L 121 74.30 -42.77 -18.12
N PRO L 122 74.93 -42.28 -17.04
CA PRO L 122 75.35 -40.89 -16.93
C PRO L 122 76.30 -40.48 -18.05
N ILE L 123 76.29 -39.21 -18.42
CA ILE L 123 77.16 -38.70 -19.46
C ILE L 123 78.46 -38.14 -18.88
N ASP L 124 79.58 -38.47 -19.52
CA ASP L 124 80.89 -38.04 -19.06
C ASP L 124 81.13 -36.55 -19.32
N ALA L 125 80.97 -35.74 -18.28
CA ALA L 125 81.20 -34.31 -18.40
C ALA L 125 82.69 -34.01 -18.56
N ALA L 126 83.03 -33.39 -19.68
CA ALA L 126 84.41 -32.97 -19.92
C ALA L 126 84.57 -31.53 -19.43
N GLY L 127 83.70 -31.14 -18.50
CA GLY L 127 83.66 -29.78 -17.99
C GLY L 127 82.23 -29.29 -17.95
N ARG L 128 82.01 -28.11 -17.38
CA ARG L 128 80.68 -27.54 -17.30
C ARG L 128 80.67 -26.05 -17.64
N SER L 129 79.82 -25.68 -18.59
CA SER L 129 79.68 -24.28 -19.00
C SER L 129 78.32 -23.72 -18.62
N ARG L 130 78.29 -22.44 -18.28
CA ARG L 130 77.04 -21.78 -17.90
C ARG L 130 76.03 -21.82 -19.03
N ALA L 131 74.76 -21.63 -18.69
CA ALA L 131 73.70 -21.56 -19.70
C ALA L 131 73.79 -20.24 -20.46
N GLN L 132 74.10 -19.17 -19.74
CA GLN L 132 74.25 -17.86 -20.35
C GLN L 132 75.73 -17.55 -20.61
N VAL L 133 76.11 -17.54 -21.89
CA VAL L 133 77.49 -17.24 -22.25
C VAL L 133 77.57 -15.99 -23.10
N LYS L 134 78.55 -15.12 -22.80
CA LYS L 134 78.73 -13.89 -23.55
C LYS L 134 79.26 -14.18 -24.95
N ALA L 135 78.47 -13.85 -25.96
CA ALA L 135 78.84 -14.09 -27.35
C ALA L 135 80.18 -13.46 -27.70
N PRO L 136 80.88 -14.05 -28.68
CA PRO L 136 82.19 -13.56 -29.12
C PRO L 136 82.11 -12.13 -29.66
N GLY L 137 83.16 -11.35 -29.42
CA GLY L 137 83.20 -9.96 -29.86
C GLY L 137 83.58 -9.83 -31.32
N ILE L 138 83.83 -8.59 -31.74
CA ILE L 138 84.19 -8.29 -33.13
C ILE L 138 85.55 -8.88 -33.50
N LEU L 139 86.48 -8.87 -32.55
CA LEU L 139 87.87 -9.25 -32.82
C LEU L 139 88.05 -10.72 -33.19
N PRO L 140 87.62 -11.64 -32.31
CA PRO L 140 87.85 -13.08 -32.55
C PRO L 140 86.89 -13.67 -33.57
N ARG L 141 86.89 -13.16 -34.80
CA ARG L 141 85.97 -13.65 -35.82
C ARG L 141 86.58 -13.62 -37.23
N ARG L 142 86.30 -14.66 -38.00
CA ARG L 142 86.68 -14.72 -39.41
C ARG L 142 85.42 -14.69 -40.28
N SER L 143 85.55 -14.22 -41.50
CA SER L 143 84.42 -14.17 -42.43
C SER L 143 84.06 -15.57 -42.91
N VAL L 144 82.78 -15.92 -42.78
CA VAL L 144 82.31 -17.24 -43.19
C VAL L 144 82.74 -17.59 -44.61
N HIS L 145 83.56 -18.61 -44.74
CA HIS L 145 84.07 -19.03 -46.05
C HIS L 145 83.82 -20.50 -46.33
N GLU L 146 83.58 -21.27 -45.27
CA GLU L 146 83.33 -22.70 -45.39
C GLU L 146 81.86 -23.01 -45.61
N PRO L 147 81.55 -23.93 -46.53
CA PRO L 147 80.19 -24.28 -46.90
C PRO L 147 79.60 -25.42 -46.07
N VAL L 148 78.37 -25.26 -45.61
CA VAL L 148 77.63 -26.36 -45.00
C VAL L 148 76.65 -26.92 -46.00
N GLN L 149 77.02 -28.02 -46.64
CA GLN L 149 76.21 -28.60 -47.70
C GLN L 149 74.99 -29.34 -47.15
N THR L 150 73.80 -28.90 -47.55
CA THR L 150 72.56 -29.48 -47.05
C THR L 150 72.07 -30.62 -47.95
N GLY L 151 72.71 -30.79 -49.10
CA GLY L 151 72.33 -31.83 -50.03
C GLY L 151 71.09 -31.49 -50.82
N LEU L 152 70.29 -30.57 -50.28
CA LEU L 152 69.09 -30.11 -50.96
C LEU L 152 69.45 -29.17 -52.10
N LYS L 153 69.10 -29.58 -53.32
CA LYS L 153 69.44 -28.82 -54.52
C LYS L 153 69.08 -27.34 -54.42
N ALA L 154 67.81 -27.05 -54.23
CA ALA L 154 67.34 -25.67 -54.18
C ALA L 154 68.01 -24.85 -53.08
N VAL L 155 68.33 -25.51 -51.96
CA VAL L 155 68.94 -24.83 -50.82
C VAL L 155 70.39 -24.43 -51.07
N ASP L 156 71.24 -25.40 -51.37
CA ASP L 156 72.66 -25.14 -51.58
C ASP L 156 72.92 -24.26 -52.80
N ALA L 157 71.97 -24.23 -53.72
CA ALA L 157 72.12 -23.46 -54.96
C ALA L 157 71.66 -22.02 -54.81
N LEU L 158 70.49 -21.83 -54.21
CA LEU L 158 69.88 -20.51 -54.14
C LEU L 158 70.13 -19.80 -52.81
N VAL L 159 70.11 -20.56 -51.72
CA VAL L 159 70.34 -19.99 -50.39
C VAL L 159 71.30 -20.86 -49.57
N PRO L 160 72.57 -20.91 -49.98
CA PRO L 160 73.62 -21.74 -49.36
C PRO L 160 73.84 -21.39 -47.89
N ILE L 161 74.21 -22.39 -47.09
CA ILE L 161 74.51 -22.17 -45.69
C ILE L 161 76.02 -22.27 -45.47
N GLY L 162 76.52 -21.55 -44.46
CA GLY L 162 77.94 -21.55 -44.18
C GLY L 162 78.25 -21.77 -42.72
N ARG L 163 79.46 -22.27 -42.43
CA ARG L 163 79.87 -22.52 -41.05
C ARG L 163 80.05 -21.21 -40.30
N GLY L 164 79.16 -20.96 -39.34
CA GLY L 164 79.14 -19.72 -38.60
C GLY L 164 77.91 -18.91 -38.95
N GLN L 165 77.38 -19.15 -40.14
CA GLN L 165 76.18 -18.47 -40.61
C GLN L 165 74.97 -18.84 -39.75
N ARG L 166 73.94 -17.99 -39.79
CA ARG L 166 72.71 -18.25 -39.07
C ARG L 166 71.51 -18.16 -40.01
N GLU L 167 71.11 -19.30 -40.56
CA GLU L 167 70.00 -19.33 -41.52
C GLU L 167 68.69 -19.72 -40.84
N LEU L 168 67.72 -18.82 -40.89
CA LEU L 168 66.42 -19.05 -40.29
C LEU L 168 65.53 -19.91 -41.18
N ILE L 169 64.79 -20.83 -40.57
CA ILE L 169 63.79 -21.62 -41.28
C ILE L 169 62.40 -21.16 -40.85
N ILE L 170 61.79 -20.29 -41.64
CA ILE L 170 60.49 -19.74 -41.29
C ILE L 170 59.40 -20.28 -42.23
N GLY L 171 58.21 -20.48 -41.67
CA GLY L 171 57.09 -21.01 -42.43
C GLY L 171 56.00 -21.52 -41.51
N ASP L 172 54.81 -21.71 -42.05
CA ASP L 172 53.68 -22.18 -41.26
C ASP L 172 53.88 -23.62 -40.83
N ARG L 173 53.01 -24.10 -39.94
CA ARG L 173 53.08 -25.47 -39.46
C ARG L 173 52.92 -26.47 -40.61
N GLN L 174 53.52 -27.65 -40.45
CA GLN L 174 53.40 -28.72 -41.44
C GLN L 174 53.71 -28.26 -42.86
N THR L 175 54.78 -27.49 -43.00
CA THR L 175 55.24 -27.06 -44.32
C THR L 175 56.58 -27.71 -44.65
N GLY L 176 57.03 -28.60 -43.78
CA GLY L 176 58.26 -29.35 -44.01
C GLY L 176 59.49 -28.67 -43.45
N LYS L 177 59.28 -27.79 -42.47
CA LYS L 177 60.38 -27.07 -41.84
C LYS L 177 61.40 -28.04 -41.23
N THR L 178 60.92 -28.90 -40.35
CA THR L 178 61.79 -29.87 -39.67
C THR L 178 62.50 -30.75 -40.68
N ALA L 179 61.80 -31.12 -41.75
CA ALA L 179 62.36 -31.99 -42.77
C ALA L 179 63.63 -31.39 -43.39
N VAL L 180 63.61 -30.09 -43.64
CA VAL L 180 64.75 -29.40 -44.21
C VAL L 180 65.94 -29.38 -43.27
N ALA L 181 65.67 -29.18 -41.99
CA ALA L 181 66.74 -29.18 -40.97
C ALA L 181 67.28 -30.58 -40.75
N LEU L 182 66.40 -31.57 -40.85
CA LEU L 182 66.80 -32.97 -40.68
C LEU L 182 67.66 -33.45 -41.85
N ASP L 183 67.20 -33.17 -43.06
CA ASP L 183 67.92 -33.55 -44.27
C ASP L 183 69.34 -33.01 -44.26
N THR L 184 69.51 -31.81 -43.70
CA THR L 184 70.82 -31.19 -43.59
C THR L 184 71.70 -31.98 -42.62
N ILE L 185 71.10 -32.53 -41.58
CA ILE L 185 71.83 -33.30 -40.58
C ILE L 185 72.24 -34.67 -41.11
N LEU L 186 71.32 -35.35 -41.78
CA LEU L 186 71.59 -36.65 -42.38
C LEU L 186 72.71 -36.55 -43.40
N ASN L 187 72.68 -35.48 -44.19
CA ASN L 187 73.64 -35.27 -45.26
C ASN L 187 75.09 -35.25 -44.78
N GLN L 188 75.28 -34.89 -43.51
CA GLN L 188 76.63 -34.73 -42.96
C GLN L 188 77.38 -36.06 -42.84
N LYS L 189 76.65 -37.16 -43.00
CA LYS L 189 77.25 -38.49 -42.85
C LYS L 189 78.48 -38.68 -43.74
N ARG L 190 78.45 -38.07 -44.92
CA ARG L 190 79.53 -38.22 -45.90
C ARG L 190 80.90 -37.95 -45.29
N TRP L 191 81.07 -36.77 -44.70
CA TRP L 191 82.36 -36.31 -44.21
C TRP L 191 82.68 -36.79 -42.80
N ASN L 192 81.63 -36.92 -41.97
CA ASN L 192 81.81 -37.36 -40.58
C ASN L 192 82.40 -38.76 -40.48
N ASN L 193 81.99 -39.63 -41.40
CA ASN L 193 82.54 -40.98 -41.48
C ASN L 193 83.99 -40.96 -41.96
N GLY L 194 84.50 -39.78 -42.26
CA GLY L 194 85.85 -39.62 -42.74
C GLY L 194 86.87 -39.48 -41.64
N SER L 195 88.11 -39.15 -42.01
CA SER L 195 89.21 -39.04 -41.07
C SER L 195 89.56 -37.59 -40.77
N ASP L 196 89.26 -36.71 -41.72
CA ASP L 196 89.58 -35.29 -41.57
C ASP L 196 88.60 -34.60 -40.63
N GLU L 197 89.04 -34.34 -39.41
CA GLU L 197 88.19 -33.71 -38.40
C GLU L 197 87.73 -32.32 -38.82
N SER L 198 88.57 -31.64 -39.60
CA SER L 198 88.30 -30.25 -39.98
C SER L 198 87.07 -30.11 -40.88
N LYS L 199 86.71 -31.19 -41.57
CA LYS L 199 85.58 -31.17 -42.49
C LYS L 199 84.32 -31.76 -41.88
N LYS L 200 84.47 -32.36 -40.70
CA LYS L 200 83.32 -32.90 -39.97
C LYS L 200 82.39 -31.79 -39.51
N LEU L 201 81.16 -32.16 -39.17
CA LEU L 201 80.19 -31.20 -38.65
C LEU L 201 79.24 -31.87 -37.65
N TYR L 202 79.57 -31.73 -36.37
CA TYR L 202 78.75 -32.33 -35.31
C TYR L 202 77.44 -31.57 -35.15
N CYS L 203 76.34 -32.30 -35.09
CA CYS L 203 75.01 -31.69 -35.05
C CYS L 203 74.41 -31.69 -33.64
N VAL L 204 73.79 -30.57 -33.28
CA VAL L 204 73.09 -30.46 -32.01
C VAL L 204 71.64 -30.04 -32.25
N TYR L 205 70.74 -31.01 -32.20
CA TYR L 205 69.32 -30.74 -32.43
C TYR L 205 68.59 -30.45 -31.13
N VAL L 206 67.90 -29.31 -31.09
CA VAL L 206 67.13 -28.93 -29.91
C VAL L 206 65.64 -29.17 -30.15
N ALA L 207 64.94 -29.60 -29.11
CA ALA L 207 63.51 -29.90 -29.20
C ALA L 207 62.72 -29.16 -28.13
N VAL L 208 62.28 -27.95 -28.45
CA VAL L 208 61.50 -27.13 -27.52
C VAL L 208 60.01 -27.14 -27.89
N GLY L 209 59.17 -27.35 -26.89
CA GLY L 209 57.74 -27.30 -27.07
C GLY L 209 57.14 -28.52 -27.74
N GLN L 210 57.99 -29.32 -28.40
CA GLN L 210 57.53 -30.53 -29.07
C GLN L 210 57.02 -31.55 -28.07
N LYS L 211 56.35 -32.59 -28.57
CA LYS L 211 55.87 -33.67 -27.72
C LYS L 211 56.90 -34.79 -27.65
N ARG L 212 56.93 -35.50 -26.52
CA ARG L 212 57.90 -36.55 -26.28
C ARG L 212 57.86 -37.67 -27.31
N SER L 213 56.73 -37.77 -28.02
CA SER L 213 56.58 -38.78 -29.06
C SER L 213 57.32 -38.39 -30.33
N THR L 214 57.17 -37.14 -30.75
CA THR L 214 57.81 -36.64 -31.96
C THR L 214 59.34 -36.75 -31.88
N VAL L 215 59.90 -36.26 -30.78
CA VAL L 215 61.34 -36.35 -30.56
C VAL L 215 61.79 -37.80 -30.49
N ALA L 216 60.90 -38.66 -30.02
CA ALA L 216 61.19 -40.09 -29.97
C ALA L 216 61.18 -40.68 -31.38
N GLN L 217 60.39 -40.07 -32.26
CA GLN L 217 60.33 -40.50 -33.66
C GLN L 217 61.57 -40.02 -34.41
N LEU L 218 62.09 -38.87 -33.99
CA LEU L 218 63.26 -38.27 -34.63
C LEU L 218 64.50 -39.13 -34.43
N VAL L 219 64.80 -39.43 -33.16
CA VAL L 219 65.99 -40.20 -32.82
C VAL L 219 65.95 -41.58 -33.47
N GLN L 220 64.75 -42.10 -33.69
CA GLN L 220 64.59 -43.42 -34.29
C GLN L 220 65.09 -43.41 -35.74
N THR L 221 64.74 -42.37 -36.48
CA THR L 221 65.13 -42.25 -37.87
C THR L 221 66.60 -41.86 -37.99
N LEU L 222 67.05 -40.97 -37.12
CA LEU L 222 68.46 -40.57 -37.09
C LEU L 222 69.36 -41.80 -36.97
N GLU L 223 69.00 -42.72 -36.09
CA GLU L 223 69.77 -43.94 -35.88
C GLU L 223 69.70 -44.85 -37.10
N GLN L 224 68.52 -44.94 -37.71
CA GLN L 224 68.32 -45.75 -38.90
C GLN L 224 69.27 -45.30 -40.02
N HIS L 225 69.66 -44.03 -39.97
CA HIS L 225 70.58 -43.47 -40.96
C HIS L 225 72.00 -43.40 -40.41
N ASP L 226 72.20 -43.94 -39.21
CA ASP L 226 73.49 -43.89 -38.55
C ASP L 226 73.94 -42.44 -38.41
N ALA L 227 72.99 -41.54 -38.15
CA ALA L 227 73.28 -40.12 -38.03
C ALA L 227 73.26 -39.67 -36.57
N MET L 228 73.12 -40.63 -35.66
CA MET L 228 73.10 -40.34 -34.23
C MET L 228 74.50 -40.35 -33.64
N LYS L 229 75.40 -41.09 -34.29
CA LYS L 229 76.77 -41.26 -33.81
C LYS L 229 77.50 -39.94 -33.65
N TYR L 230 76.95 -38.87 -34.20
CA TYR L 230 77.57 -37.56 -34.13
C TYR L 230 76.56 -36.47 -33.74
N SER L 231 75.34 -36.89 -33.43
CA SER L 231 74.29 -35.94 -33.09
C SER L 231 74.04 -35.85 -31.58
N ILE L 232 73.58 -34.69 -31.13
CA ILE L 232 73.24 -34.47 -29.74
C ILE L 232 71.85 -33.85 -29.63
N ILE L 233 70.89 -34.62 -29.15
CA ILE L 233 69.51 -34.14 -29.03
C ILE L 233 69.19 -33.68 -27.61
N VAL L 234 69.08 -32.37 -27.43
CA VAL L 234 68.69 -31.81 -26.15
C VAL L 234 67.20 -31.46 -26.18
N ALA L 235 66.40 -32.23 -25.45
CA ALA L 235 64.94 -32.09 -25.52
C ALA L 235 64.32 -31.44 -24.28
N ALA L 236 63.42 -30.50 -24.51
CA ALA L 236 62.60 -29.92 -23.46
C ALA L 236 61.15 -29.92 -23.90
N THR L 237 60.53 -31.10 -23.88
CA THR L 237 59.20 -31.30 -24.45
C THR L 237 58.11 -30.45 -23.80
N ALA L 238 56.89 -30.56 -24.34
CA ALA L 238 55.78 -29.73 -23.90
C ALA L 238 55.23 -30.14 -22.54
N SER L 239 55.77 -31.21 -21.98
CA SER L 239 55.34 -31.68 -20.67
C SER L 239 56.19 -31.08 -19.54
N GLU L 240 57.42 -30.71 -19.87
CA GLU L 240 58.35 -30.21 -18.87
C GLU L 240 58.07 -28.76 -18.47
N ALA L 241 58.65 -28.35 -17.35
CA ALA L 241 58.43 -27.01 -16.82
C ALA L 241 58.81 -25.92 -17.81
N ALA L 242 58.12 -24.79 -17.73
CA ALA L 242 58.36 -23.66 -18.62
C ALA L 242 59.82 -23.20 -18.62
N PRO L 243 60.42 -23.04 -17.43
CA PRO L 243 61.82 -22.63 -17.36
C PRO L 243 62.74 -23.60 -18.10
N LEU L 244 62.38 -24.87 -18.12
CA LEU L 244 63.16 -25.87 -18.84
C LEU L 244 63.12 -25.61 -20.35
N GLN L 245 61.94 -25.26 -20.85
CA GLN L 245 61.80 -24.88 -22.26
C GLN L 245 62.59 -23.60 -22.53
N TYR L 246 62.72 -22.77 -21.50
CA TYR L 246 63.44 -21.51 -21.61
C TYR L 246 64.95 -21.71 -21.66
N LEU L 247 65.45 -22.66 -20.87
CA LEU L 247 66.88 -22.94 -20.82
C LEU L 247 67.33 -23.82 -21.99
N ALA L 248 66.46 -24.70 -22.45
CA ALA L 248 66.81 -25.68 -23.48
C ALA L 248 67.66 -25.10 -24.61
N PRO L 249 67.14 -24.09 -25.32
CA PRO L 249 67.89 -23.51 -26.43
C PRO L 249 69.24 -22.96 -25.99
N PHE L 250 69.28 -22.39 -24.78
CA PHE L 250 70.50 -21.80 -24.25
C PHE L 250 71.56 -22.85 -23.88
N THR L 251 71.19 -23.76 -23.00
CA THR L 251 72.11 -24.81 -22.58
C THR L 251 72.62 -25.62 -23.78
N ALA L 252 71.71 -25.87 -24.73
CA ALA L 252 72.06 -26.61 -25.94
C ALA L 252 73.06 -25.82 -26.78
N ALA L 253 73.09 -24.51 -26.58
CA ALA L 253 74.05 -23.66 -27.28
C ALA L 253 75.46 -23.86 -26.72
N SER L 254 75.54 -24.07 -25.41
CA SER L 254 76.82 -24.35 -24.76
C SER L 254 77.37 -25.70 -25.18
N ILE L 255 76.46 -26.65 -25.40
CA ILE L 255 76.84 -27.99 -25.85
C ILE L 255 77.56 -27.90 -27.19
N GLY L 256 77.07 -27.03 -28.05
CA GLY L 256 77.65 -26.84 -29.37
C GLY L 256 78.86 -25.92 -29.35
N GLU L 257 78.92 -25.04 -28.35
CA GLU L 257 80.03 -24.09 -28.21
C GLU L 257 81.33 -24.81 -27.86
N TRP L 258 81.22 -25.97 -27.22
CA TRP L 258 82.40 -26.75 -26.88
C TRP L 258 83.20 -27.08 -28.14
N PHE L 259 82.50 -27.54 -29.18
CA PHE L 259 83.14 -27.81 -30.46
C PHE L 259 83.72 -26.53 -31.03
N ARG L 260 82.91 -25.47 -31.01
CA ARG L 260 83.32 -24.16 -31.52
C ARG L 260 84.65 -23.72 -30.90
N ASP L 261 84.72 -23.77 -29.58
CA ASP L 261 85.90 -23.29 -28.86
C ASP L 261 87.10 -24.21 -29.01
N ASN L 262 86.84 -25.47 -29.36
CA ASN L 262 87.90 -26.46 -29.49
C ASN L 262 88.22 -26.81 -30.94
N GLY L 263 88.41 -25.79 -31.78
CA GLY L 263 88.81 -25.97 -33.16
C GLY L 263 87.97 -26.96 -33.94
N LYS L 264 86.72 -27.15 -33.52
CA LYS L 264 85.82 -28.07 -34.20
C LYS L 264 84.59 -27.34 -34.74
N HIS L 265 83.90 -27.96 -35.68
CA HIS L 265 82.73 -27.35 -36.29
C HIS L 265 81.44 -28.04 -35.82
N ALA L 266 80.41 -27.25 -35.56
CA ALA L 266 79.13 -27.79 -35.10
C ALA L 266 77.95 -27.03 -35.70
N LEU L 267 76.87 -27.76 -35.99
CA LEU L 267 75.62 -27.16 -36.47
C LEU L 267 74.54 -27.38 -35.42
N ILE L 268 73.73 -26.36 -35.19
CA ILE L 268 72.68 -26.43 -34.17
C ILE L 268 71.31 -25.99 -34.71
N VAL L 269 70.28 -26.78 -34.40
CA VAL L 269 68.93 -26.49 -34.86
C VAL L 269 68.01 -26.14 -33.70
N TYR L 270 67.53 -24.90 -33.67
CA TYR L 270 66.62 -24.44 -32.64
C TYR L 270 65.16 -24.66 -33.05
N ASP L 271 64.60 -25.81 -32.66
CA ASP L 271 63.23 -26.15 -33.00
C ASP L 271 62.45 -26.48 -31.73
N ASP L 272 61.43 -25.68 -31.41
CA ASP L 272 61.01 -24.55 -32.23
C ASP L 272 61.10 -23.25 -31.43
N LEU L 273 61.83 -22.27 -31.96
CA LEU L 273 62.05 -21.00 -31.27
C LEU L 273 60.76 -20.23 -31.00
N SER L 274 59.69 -20.54 -31.73
CA SER L 274 58.39 -19.95 -31.48
C SER L 274 57.86 -20.40 -30.13
N LYS L 275 58.05 -21.69 -29.84
CA LYS L 275 57.53 -22.28 -28.61
C LYS L 275 58.35 -21.89 -27.39
N GLN L 276 59.56 -21.37 -27.63
CA GLN L 276 60.39 -20.88 -26.54
C GLN L 276 59.89 -19.54 -26.04
N ALA L 277 59.69 -18.61 -26.96
CA ALA L 277 59.23 -17.27 -26.61
C ALA L 277 57.92 -17.32 -25.83
N VAL L 278 57.14 -18.37 -26.08
CA VAL L 278 55.90 -18.58 -25.35
C VAL L 278 56.17 -18.97 -23.91
N ALA L 279 57.07 -19.94 -23.73
CA ALA L 279 57.46 -20.37 -22.39
C ALA L 279 58.10 -19.21 -21.62
N TYR L 280 58.89 -18.42 -22.33
CA TYR L 280 59.54 -17.26 -21.71
C TYR L 280 58.51 -16.22 -21.29
N ARG L 281 57.39 -16.18 -22.01
CA ARG L 281 56.29 -15.30 -21.67
C ARG L 281 55.60 -15.81 -20.41
N GLN L 282 55.53 -17.14 -20.29
CA GLN L 282 54.89 -17.78 -19.14
C GLN L 282 55.61 -17.45 -17.83
N LEU L 283 56.93 -17.33 -17.90
CA LEU L 283 57.73 -17.00 -16.72
C LEU L 283 57.48 -15.58 -16.24
N SER L 284 57.77 -14.61 -17.11
CA SER L 284 57.64 -13.20 -16.75
C SER L 284 56.26 -12.83 -16.23
N LEU L 285 55.23 -13.54 -16.68
CA LEU L 285 53.87 -13.23 -16.26
C LEU L 285 53.54 -13.83 -14.89
N LEU L 286 54.18 -14.95 -14.57
CA LEU L 286 54.00 -15.59 -13.27
C LEU L 286 54.93 -14.96 -12.23
N LEU L 287 55.97 -14.28 -12.72
CA LEU L 287 56.85 -13.49 -11.86
C LEU L 287 56.34 -12.06 -11.78
N ARG L 288 55.13 -11.86 -12.30
CA ARG L 288 54.46 -10.56 -12.26
C ARG L 288 55.27 -9.43 -12.88
N ARG L 289 56.11 -9.78 -13.86
CA ARG L 289 56.80 -8.77 -14.67
C ARG L 289 55.84 -8.26 -15.73
N PRO L 290 55.75 -6.93 -15.89
CA PRO L 290 54.82 -6.32 -16.86
C PRO L 290 55.08 -6.80 -18.29
N PRO L 291 54.02 -7.13 -19.02
CA PRO L 291 54.10 -7.56 -20.42
C PRO L 291 54.19 -6.38 -21.38
N GLY L 292 54.73 -6.62 -22.57
CA GLY L 292 54.81 -5.60 -23.60
C GLY L 292 53.79 -5.87 -24.70
N ARG L 293 54.26 -5.95 -25.93
CA ARG L 293 53.38 -6.26 -27.05
C ARG L 293 52.98 -7.74 -27.04
N GLU L 294 51.69 -7.99 -27.17
CA GLU L 294 51.16 -9.36 -27.23
C GLU L 294 51.54 -10.18 -26.00
N ALA L 295 51.56 -9.53 -24.84
CA ALA L 295 51.84 -10.20 -23.58
C ALA L 295 53.30 -10.66 -23.44
N TYR L 296 54.00 -10.76 -24.56
CA TYR L 296 55.42 -11.11 -24.55
C TYR L 296 56.21 -10.09 -23.74
N PRO L 297 57.30 -10.54 -23.10
CA PRO L 297 58.18 -9.64 -22.33
C PRO L 297 58.78 -8.57 -23.23
N GLY L 298 59.13 -7.42 -22.65
CA GLY L 298 59.70 -6.33 -23.40
C GLY L 298 61.02 -6.69 -24.05
N ASP L 299 61.81 -7.51 -23.36
CA ASP L 299 63.12 -7.92 -23.89
C ASP L 299 63.04 -9.25 -24.63
N VAL L 300 61.86 -9.56 -25.17
CA VAL L 300 61.67 -10.78 -25.93
C VAL L 300 62.62 -10.82 -27.11
N PHE L 301 63.07 -9.65 -27.54
CA PHE L 301 64.05 -9.54 -28.60
C PHE L 301 65.40 -10.06 -28.12
N TYR L 302 65.78 -9.65 -26.91
CA TYR L 302 67.06 -10.04 -26.33
C TYR L 302 67.14 -11.54 -26.13
N LEU L 303 65.98 -12.19 -25.96
CA LEU L 303 65.93 -13.64 -25.80
C LEU L 303 66.58 -14.36 -26.98
N HIS L 304 66.28 -13.90 -28.19
CA HIS L 304 66.83 -14.52 -29.39
C HIS L 304 68.08 -13.80 -29.88
N SER L 305 68.30 -12.59 -29.37
CA SER L 305 69.48 -11.81 -29.72
C SER L 305 70.75 -12.49 -29.23
N ARG L 306 70.89 -12.59 -27.90
CA ARG L 306 72.07 -13.17 -27.28
C ARG L 306 72.25 -14.65 -27.62
N LEU L 307 71.14 -15.34 -27.87
CA LEU L 307 71.18 -16.77 -28.17
C LEU L 307 71.87 -17.06 -29.50
N LEU L 308 71.44 -16.36 -30.55
CA LEU L 308 71.94 -16.61 -31.89
C LEU L 308 73.32 -15.99 -32.13
N GLU L 309 73.59 -14.87 -31.46
CA GLU L 309 74.88 -14.19 -31.61
C GLU L 309 76.04 -15.12 -31.28
N ARG L 310 75.80 -16.10 -30.41
CA ARG L 310 76.84 -17.05 -30.00
C ARG L 310 77.25 -17.96 -31.15
N ALA L 311 76.40 -18.05 -32.17
CA ALA L 311 76.72 -18.81 -33.37
C ALA L 311 77.61 -17.98 -34.29
N ALA L 312 78.83 -18.44 -34.52
CA ALA L 312 79.80 -17.69 -35.31
C ALA L 312 80.96 -18.52 -35.82
N LYS L 313 81.87 -17.87 -36.54
CA LYS L 313 83.08 -18.51 -37.04
C LYS L 313 84.30 -17.87 -36.40
N LEU L 314 85.00 -18.64 -35.56
CA LEU L 314 86.14 -18.12 -34.82
C LEU L 314 87.37 -17.90 -35.70
N SER L 315 88.26 -17.02 -35.27
CA SER L 315 89.47 -16.71 -36.02
C SER L 315 90.52 -17.80 -35.84
N GLU L 316 91.63 -17.68 -36.55
CA GLU L 316 92.72 -18.63 -36.43
C GLU L 316 93.30 -18.61 -35.02
N LYS L 317 93.36 -17.43 -34.43
CA LYS L 317 93.90 -17.26 -33.08
C LYS L 317 93.05 -18.02 -32.06
N GLU L 318 91.82 -18.36 -32.45
CA GLU L 318 90.90 -19.08 -31.57
C GLU L 318 90.60 -20.48 -32.07
N GLY L 319 91.35 -20.94 -33.07
CA GLY L 319 91.23 -22.30 -33.55
C GLY L 319 90.34 -22.50 -34.76
N SER L 320 89.76 -21.41 -35.27
CA SER L 320 88.93 -21.47 -36.45
C SER L 320 87.76 -22.43 -36.28
N GLY L 321 87.25 -22.53 -35.05
CA GLY L 321 86.06 -23.32 -34.78
C GLY L 321 84.84 -22.58 -35.30
N SER L 322 83.69 -23.24 -35.30
CA SER L 322 82.48 -22.62 -35.81
C SER L 322 81.21 -23.27 -35.28
N LEU L 323 80.19 -22.44 -35.04
CA LEU L 323 78.87 -22.92 -34.65
C LEU L 323 77.82 -22.37 -35.59
N THR L 324 77.26 -23.24 -36.42
CA THR L 324 76.22 -22.84 -37.37
C THR L 324 74.84 -22.95 -36.71
N ALA L 325 73.98 -21.97 -36.99
CA ALA L 325 72.66 -21.94 -36.37
C ALA L 325 71.54 -22.05 -37.39
N LEU L 326 70.60 -22.95 -37.13
CA LEU L 326 69.42 -23.11 -37.98
C LEU L 326 68.14 -22.96 -37.17
N PRO L 327 67.93 -21.77 -36.58
CA PRO L 327 66.74 -21.50 -35.77
C PRO L 327 65.47 -21.68 -36.58
N VAL L 328 64.56 -22.53 -36.11
CA VAL L 328 63.28 -22.71 -36.77
C VAL L 328 62.22 -21.84 -36.11
N ILE L 329 61.33 -21.27 -36.91
CA ILE L 329 60.24 -20.46 -36.38
C ILE L 329 58.94 -20.72 -37.14
N GLU L 330 57.84 -20.84 -36.41
CA GLU L 330 56.55 -21.16 -37.00
C GLU L 330 55.63 -19.94 -37.03
N THR L 331 55.03 -19.69 -38.19
CA THR L 331 54.13 -18.56 -38.37
C THR L 331 52.68 -19.00 -38.46
N GLN L 332 51.76 -18.07 -38.31
CA GLN L 332 50.33 -18.35 -38.37
C GLN L 332 49.67 -17.65 -39.55
N GLY L 333 49.33 -18.41 -40.58
CA GLY L 333 48.66 -17.86 -41.74
C GLY L 333 49.60 -17.25 -42.76
N GLY L 334 50.88 -17.53 -42.60
CA GLY L 334 51.89 -17.03 -43.53
C GLY L 334 52.19 -15.56 -43.35
N ASP L 335 51.89 -15.04 -42.16
CA ASP L 335 52.17 -13.64 -41.86
C ASP L 335 53.61 -13.49 -41.37
N VAL L 336 54.52 -13.27 -42.31
CA VAL L 336 55.94 -13.10 -41.97
C VAL L 336 56.23 -11.66 -41.53
N SER L 337 55.18 -10.91 -41.23
CA SER L 337 55.32 -9.54 -40.77
C SER L 337 54.84 -9.39 -39.34
N ALA L 338 54.66 -10.52 -38.65
CA ALA L 338 54.25 -10.51 -37.26
C ALA L 338 55.40 -10.09 -36.36
N TYR L 339 55.07 -9.54 -35.20
CA TYR L 339 56.08 -9.02 -34.27
C TYR L 339 57.21 -10.02 -34.00
N ILE L 340 56.85 -11.27 -33.69
CA ILE L 340 57.83 -12.27 -33.30
C ILE L 340 58.75 -12.70 -34.46
N PRO L 341 58.17 -13.23 -35.54
CA PRO L 341 58.99 -13.67 -36.68
C PRO L 341 59.87 -12.55 -37.22
N THR L 342 59.36 -11.33 -37.22
CA THR L 342 60.13 -10.18 -37.69
C THR L 342 61.40 -10.01 -36.86
N ASN L 343 61.25 -10.12 -35.54
CA ASN L 343 62.39 -10.03 -34.63
C ASN L 343 63.51 -11.01 -34.99
N VAL L 344 63.13 -12.27 -35.18
CA VAL L 344 64.10 -13.33 -35.48
C VAL L 344 64.77 -13.11 -36.83
N ILE L 345 63.98 -12.80 -37.85
CA ILE L 345 64.49 -12.55 -39.20
C ILE L 345 65.61 -11.51 -39.18
N SER L 346 65.41 -10.45 -38.41
CA SER L 346 66.36 -9.34 -38.36
C SER L 346 67.69 -9.73 -37.72
N ILE L 347 67.69 -10.82 -36.95
CA ILE L 347 68.89 -11.27 -36.25
C ILE L 347 69.76 -12.16 -37.15
N THR L 348 69.13 -13.11 -37.83
CA THR L 348 69.84 -14.08 -38.65
C THR L 348 70.49 -13.45 -39.88
N ASP L 349 71.17 -14.27 -40.67
CA ASP L 349 71.85 -13.81 -41.88
C ASP L 349 71.10 -14.26 -43.13
N GLY L 350 69.77 -14.11 -43.09
CA GLY L 350 68.93 -14.57 -44.17
C GLY L 350 67.92 -15.58 -43.67
N GLN L 351 67.00 -15.99 -44.53
CA GLN L 351 65.94 -16.91 -44.12
C GLN L 351 65.51 -17.84 -45.25
N ILE L 352 64.97 -18.99 -44.88
CA ILE L 352 64.34 -19.89 -45.84
C ILE L 352 62.84 -19.96 -45.54
N PHE L 353 62.03 -19.41 -46.43
CA PHE L 353 60.59 -19.38 -46.22
C PHE L 353 59.90 -20.53 -46.94
N LEU L 354 58.97 -21.18 -46.24
CA LEU L 354 58.23 -22.30 -46.79
C LEU L 354 56.74 -21.99 -46.88
N GLU L 355 56.24 -21.89 -48.10
CA GLU L 355 54.84 -21.57 -48.32
C GLU L 355 53.95 -22.80 -48.32
N ALA L 356 52.81 -22.70 -47.65
CA ALA L 356 51.81 -23.75 -47.65
C ALA L 356 51.22 -23.87 -49.05
N GLU L 357 51.18 -22.76 -49.77
CA GLU L 357 50.63 -22.72 -51.12
C GLU L 357 51.50 -23.54 -52.07
N LEU L 358 52.79 -23.21 -52.12
CA LEU L 358 53.72 -23.89 -53.02
C LEU L 358 53.79 -25.39 -52.73
N PHE L 359 53.68 -25.75 -51.46
CA PHE L 359 53.81 -27.14 -51.05
C PHE L 359 52.76 -28.04 -51.69
N TYR L 360 51.53 -27.55 -51.78
CA TYR L 360 50.44 -28.33 -52.37
C TYR L 360 50.42 -28.21 -53.88
N LYS L 361 51.22 -27.29 -54.42
CA LYS L 361 51.32 -27.10 -55.85
C LYS L 361 52.28 -28.12 -56.45
N GLY L 362 52.96 -28.86 -55.58
CA GLY L 362 53.89 -29.90 -56.01
C GLY L 362 55.34 -29.56 -55.78
N ILE L 363 55.61 -28.32 -55.42
CA ILE L 363 56.98 -27.85 -55.21
C ILE L 363 57.51 -28.22 -53.83
N ARG L 364 58.44 -29.16 -53.80
CA ARG L 364 59.09 -29.58 -52.55
C ARG L 364 60.58 -29.80 -52.80
N PRO L 365 61.44 -29.18 -51.98
CA PRO L 365 61.12 -28.29 -50.86
C PRO L 365 60.40 -27.02 -51.32
N ALA L 366 59.39 -26.61 -50.56
CA ALA L 366 58.58 -25.45 -50.92
C ALA L 366 59.24 -24.13 -50.54
N ILE L 367 60.39 -23.84 -51.13
CA ILE L 367 61.08 -22.59 -50.88
C ILE L 367 60.49 -21.47 -51.74
N ASN L 368 60.17 -20.34 -51.12
CA ASN L 368 59.72 -19.16 -51.86
C ASN L 368 60.90 -18.25 -52.17
N VAL L 369 61.57 -18.52 -53.29
CA VAL L 369 62.79 -17.80 -53.68
C VAL L 369 62.72 -16.30 -53.40
N GLY L 370 61.56 -15.70 -53.69
CA GLY L 370 61.40 -14.27 -53.55
C GLY L 370 61.55 -13.72 -52.14
N LEU L 371 61.20 -14.54 -51.15
CA LEU L 371 61.23 -14.11 -49.76
C LEU L 371 62.40 -14.72 -48.97
N SER L 372 63.14 -15.60 -49.61
CA SER L 372 64.27 -16.27 -48.96
C SER L 372 65.61 -15.83 -49.54
N VAL L 373 66.55 -15.50 -48.67
CA VAL L 373 67.86 -15.03 -49.10
C VAL L 373 68.98 -15.56 -48.19
N SER L 374 70.20 -15.55 -48.72
CA SER L 374 71.38 -15.94 -47.94
C SER L 374 72.43 -14.84 -48.01
N ARG L 375 72.65 -14.18 -46.88
CA ARG L 375 73.51 -13.00 -46.83
C ARG L 375 75.01 -13.32 -46.96
N VAL L 376 75.37 -14.59 -46.75
CA VAL L 376 76.75 -15.02 -46.95
C VAL L 376 76.99 -15.33 -48.43
N GLY L 377 75.91 -15.74 -49.11
CA GLY L 377 75.96 -15.96 -50.54
C GLY L 377 76.98 -16.98 -50.99
N SER L 378 77.54 -16.74 -52.18
CA SER L 378 78.51 -17.66 -52.77
C SER L 378 79.76 -17.85 -51.91
N ALA L 379 79.93 -16.98 -50.92
CA ALA L 379 81.07 -17.08 -50.02
C ALA L 379 81.05 -18.43 -49.29
N ALA L 380 79.88 -18.82 -48.83
CA ALA L 380 79.71 -20.11 -48.16
C ALA L 380 79.19 -21.16 -49.14
N GLN L 381 79.75 -21.15 -50.34
CA GLN L 381 79.31 -22.05 -51.40
C GLN L 381 80.52 -22.60 -52.16
N VAL L 382 80.46 -23.88 -52.51
CA VAL L 382 81.55 -24.51 -53.25
C VAL L 382 81.81 -23.76 -54.54
N LYS L 383 83.09 -23.44 -54.79
CA LYS L 383 83.48 -22.72 -55.98
C LYS L 383 82.97 -23.38 -57.26
N ALA L 384 82.81 -24.70 -57.22
CA ALA L 384 82.30 -25.44 -58.37
C ALA L 384 80.83 -25.08 -58.63
N LEU L 385 80.07 -24.88 -57.56
CA LEU L 385 78.67 -24.52 -57.68
C LEU L 385 78.52 -23.04 -57.97
N LYS L 386 79.52 -22.25 -57.56
CA LYS L 386 79.52 -20.83 -57.83
C LYS L 386 79.57 -20.57 -59.34
N GLN L 387 80.22 -21.47 -60.06
CA GLN L 387 80.30 -21.38 -61.51
C GLN L 387 78.94 -21.58 -62.17
N VAL L 388 78.38 -22.76 -62.00
CA VAL L 388 77.12 -23.13 -62.63
C VAL L 388 75.96 -22.24 -62.20
N ALA L 389 75.97 -21.80 -60.95
CA ALA L 389 74.89 -20.97 -60.43
C ALA L 389 75.23 -19.49 -60.47
N GLY L 390 74.84 -18.82 -61.55
CA GLY L 390 75.05 -17.39 -61.69
C GLY L 390 74.05 -16.58 -60.89
N SER L 391 73.15 -15.90 -61.59
CA SER L 391 72.11 -15.12 -60.94
C SER L 391 70.78 -15.88 -60.97
N LEU L 392 70.86 -17.19 -60.81
CA LEU L 392 69.67 -18.04 -60.83
C LEU L 392 68.64 -17.59 -59.81
N LYS L 393 69.13 -17.15 -58.65
CA LYS L 393 68.27 -16.68 -57.58
C LYS L 393 67.45 -15.46 -58.00
N LEU L 394 68.05 -14.63 -58.85
CA LEU L 394 67.38 -13.43 -59.34
C LEU L 394 66.56 -13.73 -60.58
N PHE L 395 66.95 -14.76 -61.32
CA PHE L 395 66.23 -15.16 -62.53
C PHE L 395 64.90 -15.81 -62.17
N LEU L 396 64.91 -16.59 -61.08
CA LEU L 396 63.71 -17.27 -60.62
C LEU L 396 62.76 -16.28 -59.94
N ALA L 397 63.33 -15.22 -59.38
CA ALA L 397 62.54 -14.15 -58.78
C ALA L 397 61.82 -13.37 -59.87
N GLN L 398 62.45 -13.23 -61.03
CA GLN L 398 61.85 -12.55 -62.16
C GLN L 398 60.88 -13.47 -62.89
N TYR L 399 61.26 -14.73 -63.05
CA TYR L 399 60.41 -15.70 -63.73
C TYR L 399 59.01 -15.75 -63.15
N ARG L 400 58.92 -15.63 -61.82
CA ARG L 400 57.62 -15.65 -61.15
C ARG L 400 56.78 -14.47 -61.57
N GLU L 401 57.32 -13.26 -61.41
CA GLU L 401 56.62 -12.04 -61.74
C GLU L 401 56.18 -12.03 -63.21
N VAL L 402 57.06 -12.50 -64.09
CA VAL L 402 56.75 -12.56 -65.51
C VAL L 402 55.52 -13.43 -65.75
N ALA L 403 55.53 -14.62 -65.16
CA ALA L 403 54.44 -15.57 -65.31
C ALA L 403 53.11 -14.99 -64.81
N ALA L 404 53.17 -14.30 -63.68
CA ALA L 404 51.98 -13.75 -63.04
C ALA L 404 51.40 -12.55 -63.80
N PHE L 405 52.25 -11.84 -64.53
CA PHE L 405 51.82 -10.67 -65.28
C PHE L 405 50.93 -11.07 -66.46
N ALA L 406 51.25 -12.19 -67.08
CA ALA L 406 50.48 -12.69 -68.21
C ALA L 406 49.19 -13.36 -67.73
N GLN L 407 48.22 -12.53 -67.31
CA GLN L 407 46.94 -13.03 -66.84
C GLN L 407 45.84 -12.79 -67.87
N PHE L 408 46.22 -12.24 -69.02
CA PHE L 408 45.27 -11.93 -70.08
C PHE L 408 45.05 -13.11 -71.02
N GLY L 409 46.13 -13.83 -71.33
CA GLY L 409 46.03 -14.98 -72.21
C GLY L 409 46.28 -14.65 -73.67
N SER L 410 47.38 -13.93 -73.92
CA SER L 410 47.76 -13.58 -75.29
C SER L 410 49.13 -14.17 -75.62
N ASP L 411 49.71 -13.70 -76.72
CA ASP L 411 51.05 -14.15 -77.10
C ASP L 411 52.11 -13.17 -76.60
N LEU L 412 53.18 -13.72 -76.03
CA LEU L 412 54.26 -12.91 -75.50
C LEU L 412 55.45 -12.91 -76.47
N ASP L 413 56.21 -11.82 -76.46
CA ASP L 413 57.39 -11.70 -77.31
C ASP L 413 58.39 -12.82 -77.04
N ALA L 414 59.35 -13.00 -77.94
CA ALA L 414 60.33 -14.06 -77.80
C ALA L 414 61.27 -13.82 -76.63
N SER L 415 61.35 -12.57 -76.17
CA SER L 415 62.23 -12.21 -75.07
C SER L 415 61.76 -12.80 -73.75
N THR L 416 60.45 -12.67 -73.49
CA THR L 416 59.89 -13.19 -72.25
C THR L 416 59.40 -14.62 -72.41
N LYS L 417 59.22 -15.05 -73.66
CA LYS L 417 58.85 -16.44 -73.95
C LYS L 417 60.07 -17.33 -73.74
N GLN L 418 61.24 -16.75 -74.02
CA GLN L 418 62.50 -17.44 -73.79
C GLN L 418 62.68 -17.77 -72.32
N THR L 419 62.29 -16.83 -71.45
CA THR L 419 62.44 -17.00 -70.01
C THR L 419 61.34 -17.86 -69.41
N LEU L 420 60.13 -17.71 -69.93
CA LEU L 420 58.98 -18.44 -69.42
C LEU L 420 59.14 -19.94 -69.62
N VAL L 421 59.83 -20.31 -70.70
CA VAL L 421 60.08 -21.72 -70.99
C VAL L 421 61.15 -22.27 -70.06
N ARG L 422 62.24 -21.53 -69.91
CA ARG L 422 63.36 -21.95 -69.08
C ARG L 422 63.00 -21.94 -67.60
N GLY L 423 62.47 -20.82 -67.13
CA GLY L 423 62.10 -20.67 -65.74
C GLY L 423 61.19 -21.76 -65.23
N GLU L 424 60.23 -22.18 -66.05
CA GLU L 424 59.28 -23.21 -65.66
C GLU L 424 59.96 -24.59 -65.63
N ARG L 425 61.03 -24.74 -66.40
CA ARG L 425 61.76 -26.00 -66.47
C ARG L 425 62.88 -26.08 -65.43
N LEU L 426 63.28 -24.91 -64.92
CA LEU L 426 64.27 -24.86 -63.86
C LEU L 426 63.63 -25.13 -62.50
N THR L 427 62.38 -24.68 -62.34
CA THR L 427 61.65 -24.91 -61.11
C THR L 427 61.36 -26.39 -60.91
N GLN L 428 61.10 -27.09 -62.01
CA GLN L 428 60.87 -28.52 -61.98
C GLN L 428 62.19 -29.24 -61.72
N LEU L 429 63.29 -28.54 -61.93
CA LEU L 429 64.63 -29.10 -61.75
C LEU L 429 65.09 -29.02 -60.30
N LEU L 430 64.38 -28.21 -59.50
CA LEU L 430 64.74 -28.02 -58.10
C LEU L 430 64.01 -28.99 -57.17
N LYS L 431 62.84 -29.45 -57.58
CA LYS L 431 62.06 -30.39 -56.77
C LYS L 431 62.91 -31.53 -56.24
N GLN L 432 62.52 -32.07 -55.09
CA GLN L 432 63.33 -33.09 -54.42
C GLN L 432 62.52 -33.85 -53.37
N ASN L 433 63.05 -34.99 -52.95
CA ASN L 433 62.39 -35.83 -51.95
C ASN L 433 63.15 -35.86 -50.63
N GLN L 434 62.44 -36.16 -49.55
CA GLN L 434 63.06 -36.26 -48.23
C GLN L 434 64.06 -37.40 -48.19
N TYR L 435 65.02 -37.31 -47.27
CA TYR L 435 65.99 -38.37 -47.05
C TYR L 435 66.81 -38.71 -48.29
N SER L 436 66.67 -37.89 -49.33
CA SER L 436 67.35 -38.16 -50.60
C SER L 436 68.21 -36.99 -51.04
N PRO L 437 69.40 -36.84 -50.44
CA PRO L 437 70.31 -35.72 -50.73
C PRO L 437 71.13 -35.96 -51.99
N LEU L 438 71.87 -34.93 -52.41
CA LEU L 438 72.77 -35.04 -53.55
C LEU L 438 74.08 -34.30 -53.26
N ALA L 439 75.21 -35.01 -53.41
CA ALA L 439 76.51 -34.41 -53.20
C ALA L 439 76.77 -33.32 -54.25
N THR L 440 77.69 -32.42 -53.95
CA THR L 440 77.99 -31.30 -54.84
C THR L 440 78.32 -31.75 -56.27
N GLU L 441 79.06 -32.84 -56.39
CA GLU L 441 79.45 -33.35 -57.70
C GLU L 441 78.24 -33.80 -58.52
N GLU L 442 77.14 -34.07 -57.83
CA GLU L 442 75.90 -34.48 -58.49
C GLU L 442 75.01 -33.28 -58.77
N GLN L 443 75.30 -32.16 -58.11
CA GLN L 443 74.52 -30.95 -58.27
C GLN L 443 75.02 -30.07 -59.41
N VAL L 444 76.34 -29.93 -59.51
CA VAL L 444 76.95 -29.06 -60.51
C VAL L 444 76.49 -29.37 -61.94
N PRO L 445 76.54 -30.65 -62.35
CA PRO L 445 76.08 -31.01 -63.70
C PRO L 445 74.62 -30.65 -63.92
N LEU L 446 73.76 -31.08 -63.00
CA LEU L 446 72.32 -30.81 -63.09
C LEU L 446 72.02 -29.32 -63.22
N ILE L 447 72.72 -28.50 -62.44
CA ILE L 447 72.55 -27.06 -62.50
C ILE L 447 73.03 -26.50 -63.84
N TYR L 448 74.15 -27.04 -64.31
CA TYR L 448 74.71 -26.62 -65.58
C TYR L 448 73.77 -26.90 -66.74
N ALA L 449 73.13 -28.07 -66.71
CA ALA L 449 72.19 -28.46 -67.75
C ALA L 449 70.90 -27.65 -67.69
N GLY L 450 70.86 -26.67 -66.79
CA GLY L 450 69.70 -25.81 -66.64
C GLY L 450 70.02 -24.36 -66.95
N VAL L 451 71.10 -23.86 -66.37
CA VAL L 451 71.50 -22.47 -66.58
C VAL L 451 72.01 -22.23 -67.99
N ASN L 452 72.68 -23.23 -68.56
CA ASN L 452 73.21 -23.13 -69.92
C ASN L 452 72.17 -23.42 -70.99
N GLY L 453 71.01 -23.89 -70.56
CA GLY L 453 69.91 -24.17 -71.48
C GLY L 453 70.05 -25.48 -72.22
N HIS L 454 69.76 -26.58 -71.53
CA HIS L 454 69.81 -27.91 -72.14
C HIS L 454 68.51 -28.65 -71.87
N LEU L 455 67.86 -28.32 -70.76
CA LEU L 455 66.60 -28.94 -70.39
C LEU L 455 65.42 -28.26 -71.07
N ASP L 456 65.71 -27.34 -71.97
CA ASP L 456 64.67 -26.57 -72.65
C ASP L 456 63.99 -27.39 -73.74
N GLY L 457 64.71 -28.37 -74.27
CA GLY L 457 64.15 -29.26 -75.29
C GLY L 457 63.35 -30.39 -74.68
N ILE L 458 63.75 -30.80 -73.48
CA ILE L 458 63.08 -31.88 -72.77
C ILE L 458 61.68 -31.48 -72.34
N GLU L 459 60.74 -32.43 -72.38
CA GLU L 459 59.37 -32.18 -71.99
C GLU L 459 59.28 -31.88 -70.48
N LEU L 460 58.26 -31.12 -70.10
CA LEU L 460 58.10 -30.70 -68.71
C LEU L 460 57.81 -31.89 -67.79
N SER L 461 57.31 -32.98 -68.38
CA SER L 461 56.93 -34.16 -67.59
C SER L 461 58.09 -35.13 -67.42
N ARG L 462 59.08 -35.05 -68.31
CA ARG L 462 60.19 -35.99 -68.28
C ARG L 462 61.36 -35.54 -67.42
N ILE L 463 61.42 -34.25 -67.13
CA ILE L 463 62.52 -33.69 -66.35
C ILE L 463 62.73 -34.48 -65.05
N GLY L 464 61.62 -34.86 -64.42
CA GLY L 464 61.68 -35.64 -63.19
C GLY L 464 62.46 -36.92 -63.35
N GLU L 465 62.40 -37.50 -64.55
CA GLU L 465 63.13 -38.72 -64.85
C GLU L 465 64.54 -38.40 -65.35
N PHE L 466 64.68 -37.24 -65.99
CA PHE L 466 65.95 -36.83 -66.57
C PHE L 466 67.06 -36.75 -65.52
N GLU L 467 66.74 -36.20 -64.36
CA GLU L 467 67.71 -36.03 -63.29
C GLU L 467 68.48 -37.31 -63.01
N SER L 468 67.78 -38.31 -62.50
CA SER L 468 68.39 -39.59 -62.16
C SER L 468 68.99 -40.29 -63.37
N SER L 469 68.45 -40.01 -64.54
CA SER L 469 68.90 -40.64 -65.78
C SER L 469 70.26 -40.09 -66.22
N PHE L 470 70.40 -38.76 -66.16
CA PHE L 470 71.63 -38.10 -66.57
C PHE L 470 72.78 -38.42 -65.64
N LEU L 471 72.47 -38.74 -64.39
CA LEU L 471 73.48 -39.08 -63.40
C LEU L 471 74.15 -40.41 -63.74
N SER L 472 73.35 -41.39 -64.13
CA SER L 472 73.86 -42.70 -64.51
C SER L 472 74.89 -42.55 -65.61
N TYR L 473 74.52 -41.81 -66.65
CA TYR L 473 75.41 -41.57 -67.79
C TYR L 473 76.74 -40.96 -67.34
N LEU L 474 76.71 -40.16 -66.28
CA LEU L 474 77.91 -39.52 -65.76
C LEU L 474 78.79 -40.51 -65.00
N LYS L 475 78.17 -41.34 -64.18
CA LYS L 475 78.90 -42.32 -63.37
C LYS L 475 79.39 -43.48 -64.23
N SER L 476 78.82 -43.62 -65.42
CA SER L 476 79.17 -44.72 -66.31
C SER L 476 80.23 -44.29 -67.32
N ASN L 477 79.97 -43.19 -68.02
CA ASN L 477 80.87 -42.73 -69.07
C ASN L 477 81.89 -41.70 -68.58
N HIS L 478 81.42 -40.51 -68.24
CA HIS L 478 82.29 -39.44 -67.76
C HIS L 478 82.43 -39.50 -66.24
N ASN L 479 82.99 -40.60 -65.75
CA ASN L 479 83.15 -40.81 -64.32
C ASN L 479 84.30 -40.00 -63.73
N GLU L 480 85.38 -39.87 -64.49
CA GLU L 480 86.56 -39.15 -64.03
C GLU L 480 86.24 -37.69 -63.68
N LEU L 481 85.28 -37.11 -64.38
CA LEU L 481 84.93 -35.70 -64.18
C LEU L 481 84.35 -35.43 -62.80
N LEU L 482 83.32 -36.18 -62.43
CA LEU L 482 82.68 -36.01 -61.12
C LEU L 482 83.72 -36.02 -60.01
N THR L 483 84.71 -36.88 -60.15
CA THR L 483 85.78 -37.00 -59.15
C THR L 483 86.53 -35.69 -59.04
N GLU L 484 86.84 -35.08 -60.19
CA GLU L 484 87.51 -33.79 -60.22
C GLU L 484 86.69 -32.74 -59.46
N ILE L 485 85.40 -32.68 -59.77
CA ILE L 485 84.49 -31.76 -59.09
C ILE L 485 84.60 -31.92 -57.58
N ARG L 486 84.58 -33.17 -57.13
CA ARG L 486 84.60 -33.48 -55.70
C ARG L 486 85.88 -33.01 -55.03
N GLU L 487 87.01 -33.47 -55.54
CA GLU L 487 88.31 -33.21 -54.92
C GLU L 487 88.84 -31.80 -55.18
N LYS L 488 88.69 -31.32 -56.41
CA LYS L 488 89.15 -29.99 -56.78
C LYS L 488 88.23 -28.91 -56.19
N GLY L 489 86.93 -29.15 -56.26
CA GLY L 489 85.96 -28.22 -55.72
C GLY L 489 85.85 -26.94 -56.51
N GLU L 490 86.29 -26.98 -57.75
CA GLU L 490 86.24 -25.81 -58.63
C GLU L 490 86.37 -26.20 -60.10
N LEU L 491 85.46 -25.71 -60.93
CA LEU L 491 85.48 -26.00 -62.36
C LEU L 491 86.50 -25.15 -63.08
N SER L 492 87.62 -25.76 -63.47
CA SER L 492 88.65 -25.07 -64.24
C SER L 492 88.29 -25.08 -65.72
N LYS L 493 88.94 -24.21 -66.49
CA LYS L 493 88.68 -24.11 -67.92
C LYS L 493 88.77 -25.47 -68.62
N GLU L 494 89.61 -26.34 -68.09
CA GLU L 494 89.76 -27.68 -68.64
C GLU L 494 88.49 -28.49 -68.40
N LEU L 495 88.01 -28.47 -67.17
CA LEU L 495 86.81 -29.22 -66.78
C LEU L 495 85.56 -28.63 -67.42
N LEU L 496 85.45 -27.30 -67.43
CA LEU L 496 84.31 -26.63 -68.05
C LEU L 496 84.09 -27.10 -69.47
N ALA L 497 85.17 -27.20 -70.24
CA ALA L 497 85.11 -27.66 -71.63
C ALA L 497 84.65 -29.11 -71.70
N SER L 498 85.25 -29.95 -70.86
CA SER L 498 84.89 -31.37 -70.80
C SER L 498 83.41 -31.52 -70.39
N LEU L 499 82.98 -30.67 -69.47
CA LEU L 499 81.60 -30.67 -69.00
C LEU L 499 80.65 -30.25 -70.11
N LYS L 500 81.08 -29.28 -70.91
CA LYS L 500 80.25 -28.72 -71.97
C LYS L 500 79.84 -29.80 -72.98
N SER L 501 80.81 -30.59 -73.43
CA SER L 501 80.54 -31.63 -74.42
C SER L 501 79.86 -32.85 -73.79
N ALA L 502 80.37 -33.29 -72.65
CA ALA L 502 79.82 -34.46 -71.96
C ALA L 502 78.31 -34.33 -71.78
N THR L 503 77.86 -33.11 -71.51
CA THR L 503 76.44 -32.86 -71.30
C THR L 503 75.64 -32.99 -72.59
N GLU L 504 76.08 -32.27 -73.63
CA GLU L 504 75.38 -32.27 -74.91
C GLU L 504 75.16 -33.68 -75.45
N SER L 505 76.03 -34.60 -75.03
CA SER L 505 75.92 -35.99 -75.46
C SER L 505 74.58 -36.59 -75.02
N PHE L 506 74.26 -36.43 -73.75
CA PHE L 506 73.00 -36.95 -73.21
C PHE L 506 71.82 -36.13 -73.69
N VAL L 507 72.09 -34.92 -74.18
CA VAL L 507 71.05 -34.08 -74.76
C VAL L 507 70.56 -34.74 -76.05
N ALA L 508 71.44 -35.50 -76.68
CA ALA L 508 71.08 -36.30 -77.85
C ALA L 508 70.51 -37.63 -77.40
N THR L 509 70.94 -38.07 -76.21
CA THR L 509 70.48 -39.32 -75.60
C THR L 509 70.82 -40.54 -76.43
N THR M 13 86.46 12.21 -1.37
CA THR M 13 85.88 11.25 -0.43
C THR M 13 84.84 10.36 -1.12
N PRO M 14 85.13 9.06 -1.19
CA PRO M 14 84.29 8.06 -1.88
C PRO M 14 82.93 7.85 -1.20
N ILE M 15 81.91 7.59 -2.01
CA ILE M 15 80.58 7.28 -1.50
C ILE M 15 80.23 5.82 -1.80
N THR M 16 79.86 5.08 -0.77
CA THR M 16 79.52 3.67 -0.93
C THR M 16 78.01 3.43 -0.84
N GLY M 17 77.54 2.36 -1.46
CA GLY M 17 76.13 2.03 -1.46
C GLY M 17 75.89 0.54 -1.65
N LYS M 18 75.06 -0.03 -0.79
CA LYS M 18 74.73 -1.44 -0.84
C LYS M 18 73.53 -1.72 -1.73
N VAL M 19 73.64 -2.73 -2.59
CA VAL M 19 72.54 -3.11 -3.47
C VAL M 19 71.33 -3.54 -2.65
N THR M 20 70.14 -3.18 -3.11
CA THR M 20 68.92 -3.48 -2.39
C THR M 20 68.10 -4.56 -3.09
N ALA M 21 68.03 -4.49 -4.42
CA ALA M 21 67.25 -5.44 -5.20
C ALA M 21 67.78 -5.57 -6.62
N VAL M 22 67.66 -6.77 -7.19
CA VAL M 22 68.11 -7.02 -8.56
C VAL M 22 67.09 -7.84 -9.34
N ILE M 23 66.70 -7.34 -10.50
CA ILE M 23 65.79 -8.04 -11.39
C ILE M 23 65.94 -7.49 -12.81
N GLY M 24 66.28 -8.38 -13.74
CA GLY M 24 66.54 -7.96 -15.10
C GLY M 24 67.80 -7.11 -15.17
N ALA M 25 67.78 -6.07 -15.99
CA ALA M 25 68.91 -5.16 -16.11
C ALA M 25 68.76 -4.00 -15.13
N ILE M 26 67.86 -4.15 -14.17
CA ILE M 26 67.62 -3.11 -13.18
C ILE M 26 68.20 -3.47 -11.81
N VAL M 27 68.96 -2.54 -11.23
CA VAL M 27 69.56 -2.76 -9.93
C VAL M 27 69.29 -1.58 -8.98
N ASP M 28 68.56 -1.86 -7.90
CA ASP M 28 68.25 -0.83 -6.92
C ASP M 28 69.33 -0.76 -5.85
N VAL M 29 69.83 0.44 -5.59
CA VAL M 29 70.88 0.65 -4.60
C VAL M 29 70.42 1.61 -3.52
N HIS M 30 70.72 1.25 -2.27
CA HIS M 30 70.34 2.07 -1.12
C HIS M 30 71.54 2.84 -0.58
N PHE M 31 71.36 4.13 -0.35
CA PHE M 31 72.41 4.96 0.23
C PHE M 31 72.00 5.57 1.55
N GLU M 32 72.99 5.97 2.37
CA GLU M 32 72.69 6.62 3.65
C GLU M 32 72.20 8.05 3.45
N GLN M 33 71.58 8.61 4.46
CA GLN M 33 71.06 9.97 4.39
C GLN M 33 72.18 10.96 4.10
N SER M 34 71.84 12.07 3.44
CA SER M 34 72.83 13.11 3.19
C SER M 34 73.92 12.66 2.23
N GLU M 35 73.75 11.48 1.65
CA GLU M 35 74.67 11.03 0.61
C GLU M 35 73.89 10.41 -0.56
N LEU M 36 74.01 11.05 -1.73
CA LEU M 36 73.25 10.61 -2.90
C LEU M 36 73.94 10.98 -4.22
N PRO M 37 73.88 10.08 -5.20
CA PRO M 37 74.34 10.30 -6.57
C PRO M 37 73.16 10.75 -7.43
N ALA M 38 73.34 11.79 -8.24
CA ALA M 38 72.24 12.29 -9.07
C ALA M 38 71.91 11.31 -10.19
N ILE M 39 70.93 11.69 -11.01
CA ILE M 39 70.51 10.88 -12.13
C ILE M 39 71.51 11.00 -13.27
N LEU M 40 71.68 9.91 -14.02
CA LEU M 40 72.65 9.85 -15.11
C LEU M 40 74.08 9.65 -14.58
N ASN M 41 74.21 9.57 -13.26
CA ASN M 41 75.49 9.29 -12.63
C ASN M 41 75.90 7.83 -12.83
N ALA M 42 77.19 7.61 -13.03
CA ALA M 42 77.71 6.26 -13.26
C ALA M 42 78.24 5.64 -11.98
N LEU M 43 77.72 4.47 -11.64
CA LEU M 43 78.16 3.74 -10.46
C LEU M 43 78.98 2.52 -10.90
N GLU M 44 79.77 1.97 -9.99
CA GLU M 44 80.60 0.81 -10.31
C GLU M 44 80.54 -0.28 -9.25
N ILE M 45 80.78 -1.51 -9.68
CA ILE M 45 80.79 -2.66 -8.78
C ILE M 45 82.01 -3.55 -9.08
N LYS M 46 82.76 -3.89 -8.05
CA LYS M 46 83.98 -4.68 -8.22
C LYS M 46 83.69 -6.17 -8.27
N THR M 47 83.51 -6.70 -9.47
CA THR M 47 83.32 -8.13 -9.67
C THR M 47 84.67 -8.78 -9.98
N PRO M 48 84.83 -10.06 -9.62
CA PRO M 48 86.07 -10.80 -9.89
C PRO M 48 86.43 -10.79 -11.37
N GLN M 49 85.42 -10.79 -12.24
CA GLN M 49 85.66 -10.77 -13.68
C GLN M 49 86.29 -9.46 -14.13
N GLY M 50 85.65 -8.34 -13.79
CA GLY M 50 86.13 -7.04 -14.19
C GLY M 50 85.39 -5.92 -13.46
N LYS M 51 84.42 -5.32 -14.14
CA LYS M 51 83.61 -4.27 -13.53
C LYS M 51 82.23 -4.16 -14.18
N LEU M 52 81.21 -4.04 -13.34
CA LEU M 52 79.84 -3.85 -13.81
C LEU M 52 79.39 -2.42 -13.56
N VAL M 53 79.20 -1.66 -14.64
CA VAL M 53 78.84 -0.25 -14.51
C VAL M 53 77.32 -0.04 -14.50
N LEU M 54 76.84 0.73 -13.53
CA LEU M 54 75.43 1.08 -13.45
C LEU M 54 75.25 2.56 -13.77
N GLU M 55 74.04 2.93 -14.16
CA GLU M 55 73.71 4.34 -14.32
C GLU M 55 72.39 4.66 -13.63
N VAL M 56 72.42 5.66 -12.75
CA VAL M 56 71.23 6.06 -12.02
C VAL M 56 70.14 6.54 -12.97
N ALA M 57 68.97 5.91 -12.89
CA ALA M 57 67.85 6.27 -13.75
C ALA M 57 66.87 7.19 -13.02
N GLN M 58 66.81 7.05 -11.70
CA GLN M 58 65.87 7.84 -10.90
C GLN M 58 66.06 7.62 -9.40
N HIS M 59 65.52 8.55 -8.61
CA HIS M 59 65.57 8.44 -7.15
C HIS M 59 64.23 7.94 -6.63
N LEU M 60 64.17 6.65 -6.30
CA LEU M 60 62.92 6.02 -5.86
C LEU M 60 62.39 6.62 -4.57
N GLY M 61 63.30 7.10 -3.72
CA GLY M 61 62.93 7.70 -2.46
C GLY M 61 63.41 6.89 -1.26
N GLU M 62 63.41 7.52 -0.10
CA GLU M 62 63.88 6.89 1.13
C GLU M 62 65.33 6.44 0.99
N ASN M 63 66.16 7.30 0.40
CA ASN M 63 67.58 7.02 0.23
C ASN M 63 67.84 5.81 -0.67
N THR M 64 67.13 5.75 -1.79
CA THR M 64 67.29 4.65 -2.74
C THR M 64 67.18 5.15 -4.17
N VAL M 65 67.98 4.58 -5.06
CA VAL M 65 67.96 4.97 -6.47
C VAL M 65 67.94 3.73 -7.38
N ARG M 66 67.14 3.80 -8.45
CA ARG M 66 67.03 2.71 -9.41
C ARG M 66 67.96 2.97 -10.60
N THR M 67 68.72 1.95 -10.99
CA THR M 67 69.73 2.12 -12.05
C THR M 67 69.57 1.14 -13.20
N ILE M 68 70.35 1.36 -14.26
CA ILE M 68 70.34 0.49 -15.43
C ILE M 68 71.72 -0.15 -15.60
N ALA M 69 71.76 -1.48 -15.59
CA ALA M 69 73.01 -2.20 -15.72
C ALA M 69 73.56 -2.13 -17.14
N MET M 70 74.85 -1.86 -17.26
CA MET M 70 75.50 -1.75 -18.56
C MET M 70 75.95 -3.12 -19.08
N ASP M 71 76.25 -4.03 -18.15
CA ASP M 71 76.65 -5.38 -18.50
C ASP M 71 75.76 -6.42 -17.82
N GLY M 72 76.26 -7.63 -17.70
CA GLY M 72 75.49 -8.72 -17.12
C GLY M 72 75.30 -8.60 -15.62
N THR M 73 74.05 -8.57 -15.18
CA THR M 73 73.73 -8.54 -13.76
C THR M 73 73.84 -9.95 -13.20
N GLU M 74 73.86 -10.93 -14.10
CA GLU M 74 73.94 -12.33 -13.72
C GLU M 74 75.11 -12.58 -12.77
N GLY M 75 74.77 -13.00 -11.55
CA GLY M 75 75.78 -13.24 -10.53
C GLY M 75 76.06 -12.00 -9.71
N LEU M 76 74.99 -11.29 -9.32
CA LEU M 76 75.12 -10.09 -8.52
C LEU M 76 74.52 -10.30 -7.13
N VAL M 77 75.38 -10.48 -6.14
CA VAL M 77 74.93 -10.76 -4.78
C VAL M 77 74.17 -9.58 -4.18
N ARG M 78 72.97 -9.87 -3.66
CA ARG M 78 72.13 -8.86 -3.03
C ARG M 78 72.84 -8.29 -1.81
N GLY M 79 73.30 -7.05 -1.91
CA GLY M 79 74.06 -6.42 -0.84
C GLY M 79 75.53 -6.31 -1.18
N GLU M 80 75.81 -5.82 -2.39
CA GLU M 80 77.17 -5.63 -2.85
C GLU M 80 77.56 -4.17 -2.69
N LYS M 81 78.86 -3.91 -2.51
CA LYS M 81 79.34 -2.53 -2.39
C LYS M 81 79.43 -1.86 -3.75
N VAL M 82 78.75 -0.73 -3.89
CA VAL M 82 78.71 0.02 -5.14
C VAL M 82 79.20 1.44 -4.92
N LEU M 83 80.19 1.85 -5.71
CA LEU M 83 80.79 3.17 -5.54
C LEU M 83 80.38 4.14 -6.65
N ASP M 84 80.06 5.37 -6.24
CA ASP M 84 79.74 6.43 -7.18
C ASP M 84 81.01 6.98 -7.81
N THR M 85 80.91 7.47 -9.04
CA THR M 85 82.06 8.06 -9.72
C THR M 85 81.94 9.57 -9.80
N GLY M 86 80.76 10.08 -9.43
CA GLY M 86 80.54 11.52 -9.40
C GLY M 86 79.62 12.02 -10.50
N GLY M 87 79.59 11.31 -11.62
CA GLY M 87 78.76 11.69 -12.74
C GLY M 87 78.63 10.63 -13.81
N PRO M 88 78.10 11.02 -14.98
CA PRO M 88 77.87 10.12 -16.12
C PRO M 88 79.16 9.48 -16.61
N ILE M 89 79.05 8.32 -17.23
CA ILE M 89 80.21 7.63 -17.79
C ILE M 89 80.85 8.44 -18.91
N SER M 90 82.16 8.55 -18.88
CA SER M 90 82.89 9.35 -19.86
C SER M 90 83.85 8.48 -20.69
N VAL M 91 83.81 8.65 -22.01
CA VAL M 91 84.65 7.87 -22.91
C VAL M 91 85.77 8.74 -23.49
N PRO M 92 86.91 8.11 -23.81
CA PRO M 92 88.07 8.80 -24.40
C PRO M 92 87.70 9.48 -25.72
N VAL M 93 87.95 10.77 -25.82
CA VAL M 93 87.66 11.52 -27.04
C VAL M 93 88.94 12.03 -27.69
N GLY M 94 88.80 12.62 -28.88
CA GLY M 94 89.93 13.17 -29.58
C GLY M 94 90.32 12.38 -30.81
N ARG M 95 91.48 12.70 -31.37
CA ARG M 95 91.98 12.04 -32.58
C ARG M 95 92.59 10.69 -32.25
N GLU M 96 92.67 10.39 -30.96
CA GLU M 96 93.27 9.15 -30.49
C GLU M 96 92.27 8.00 -30.46
N THR M 97 91.12 8.19 -31.11
CA THR M 97 90.10 7.16 -31.19
C THR M 97 90.06 6.55 -32.58
N LEU M 98 90.86 7.11 -33.48
CA LEU M 98 90.89 6.65 -34.87
C LEU M 98 91.64 5.33 -35.01
N GLY M 99 90.99 4.36 -35.66
CA GLY M 99 91.60 3.07 -35.89
C GLY M 99 91.42 2.12 -34.72
N ARG M 100 90.58 2.50 -33.78
CA ARG M 100 90.33 1.68 -32.59
C ARG M 100 88.86 1.27 -32.49
N ILE M 101 88.58 0.33 -31.60
CA ILE M 101 87.24 -0.15 -31.37
C ILE M 101 86.93 -0.17 -29.88
N ILE M 102 86.09 0.76 -29.44
CA ILE M 102 85.72 0.84 -28.03
C ILE M 102 84.22 0.62 -27.80
N ASN M 103 83.88 0.01 -26.68
CA ASN M 103 82.48 -0.28 -26.36
C ASN M 103 81.77 0.90 -25.70
N VAL M 104 80.61 0.62 -25.10
CA VAL M 104 79.79 1.66 -24.48
C VAL M 104 80.49 2.37 -23.33
N ILE M 105 81.45 1.69 -22.71
CA ILE M 105 82.14 2.24 -21.54
C ILE M 105 83.35 3.10 -21.92
N GLY M 106 84.05 2.69 -22.97
CA GLY M 106 85.21 3.44 -23.43
C GLY M 106 86.49 2.64 -23.39
N GLU M 107 86.38 1.37 -23.02
CA GLU M 107 87.54 0.48 -22.96
C GLU M 107 87.85 -0.09 -24.34
N PRO M 108 89.14 -0.09 -24.71
CA PRO M 108 89.59 -0.62 -26.01
C PRO M 108 89.27 -2.10 -26.16
N ILE M 109 88.29 -2.43 -26.98
CA ILE M 109 87.90 -3.82 -27.20
C ILE M 109 88.44 -4.37 -28.52
N ASP M 110 89.41 -3.67 -29.10
CA ASP M 110 90.11 -4.18 -30.27
C ASP M 110 91.41 -4.82 -29.84
N GLU M 111 91.63 -4.85 -28.53
CA GLU M 111 92.82 -5.46 -27.93
C GLU M 111 94.11 -5.08 -28.64
N ARG M 112 94.28 -3.79 -28.90
CA ARG M 112 95.53 -3.26 -29.41
C ARG M 112 96.08 -2.22 -28.45
N GLY M 113 96.06 -2.56 -27.15
CA GLY M 113 96.52 -1.68 -26.11
C GLY M 113 95.43 -0.72 -25.66
N PRO M 114 95.76 0.18 -24.73
CA PRO M 114 94.84 1.22 -24.26
C PRO M 114 94.93 2.46 -25.17
N ILE M 115 93.91 3.31 -25.12
CA ILE M 115 93.92 4.53 -25.89
C ILE M 115 94.74 5.61 -25.19
N LYS M 116 95.70 6.18 -25.91
CA LYS M 116 96.50 7.27 -25.38
C LYS M 116 95.65 8.54 -25.36
N SER M 117 94.54 8.48 -24.63
CA SER M 117 93.56 9.55 -24.62
C SER M 117 93.98 10.74 -23.76
N LYS M 118 93.97 11.92 -24.35
CA LYS M 118 94.27 13.14 -23.63
C LYS M 118 93.07 13.56 -22.78
N LEU M 119 91.93 13.72 -23.44
CA LEU M 119 90.72 14.18 -22.76
C LEU M 119 89.63 13.10 -22.68
N ARG M 120 88.60 13.39 -21.89
CA ARG M 120 87.43 12.52 -21.78
C ARG M 120 86.19 13.37 -21.58
N LYS M 121 85.11 13.01 -22.27
CA LYS M 121 83.85 13.74 -22.16
C LYS M 121 82.69 12.82 -21.80
N PRO M 122 81.78 13.30 -20.95
CA PRO M 122 80.56 12.55 -20.59
C PRO M 122 79.68 12.34 -21.81
N ILE M 123 79.03 11.19 -21.90
CA ILE M 123 78.18 10.88 -23.04
C ILE M 123 76.86 11.65 -23.00
N HIS M 124 76.57 12.26 -21.85
CA HIS M 124 75.35 13.05 -21.71
C HIS M 124 75.63 14.54 -21.82
N ALA M 125 75.18 15.15 -22.91
CA ALA M 125 75.38 16.58 -23.14
C ALA M 125 74.20 17.19 -23.89
N ASP M 126 73.84 18.41 -23.53
CA ASP M 126 72.72 19.11 -24.16
C ASP M 126 73.03 19.44 -25.62
N PRO M 127 72.00 19.38 -26.48
CA PRO M 127 72.11 19.67 -27.92
C PRO M 127 72.41 21.15 -28.17
N PRO M 128 72.97 21.44 -29.36
CA PRO M 128 73.27 22.83 -29.77
C PRO M 128 72.01 23.70 -29.75
N SER M 129 72.16 24.94 -29.30
CA SER M 129 71.02 25.86 -29.20
C SER M 129 70.42 26.20 -30.55
N PHE M 130 69.37 27.01 -30.56
CA PHE M 130 68.68 27.39 -31.78
C PHE M 130 69.54 28.28 -32.67
N ALA M 131 70.24 29.22 -32.06
CA ALA M 131 71.07 30.17 -32.80
C ALA M 131 72.26 29.48 -33.47
N GLU M 132 72.79 28.46 -32.81
CA GLU M 132 73.98 27.76 -33.31
C GLU M 132 73.70 27.05 -34.64
N GLN M 133 72.46 26.62 -34.84
CA GLN M 133 72.07 25.88 -36.03
C GLN M 133 72.59 26.54 -37.31
N SER M 134 73.20 25.75 -38.18
CA SER M 134 73.69 26.23 -39.46
C SER M 134 72.98 25.52 -40.61
N THR M 135 72.70 26.24 -41.68
CA THR M 135 71.94 25.70 -42.79
C THR M 135 72.79 25.47 -44.04
N SER M 136 72.64 24.30 -44.64
CA SER M 136 73.38 23.94 -45.85
C SER M 136 72.50 23.11 -46.78
N ALA M 137 72.59 23.39 -48.09
CA ALA M 137 71.79 22.68 -49.08
C ALA M 137 72.64 22.21 -50.25
N GLU M 138 73.78 21.58 -49.94
CA GLU M 138 74.67 21.10 -50.98
C GLU M 138 74.43 19.63 -51.31
N ILE M 139 74.30 19.34 -52.60
CA ILE M 139 74.02 17.99 -53.07
C ILE M 139 75.14 17.00 -52.77
N LEU M 140 74.76 15.82 -52.28
CA LEU M 140 75.71 14.73 -52.04
C LEU M 140 75.50 13.60 -53.04
N GLU M 141 76.57 13.20 -53.71
CA GLU M 141 76.50 12.13 -54.70
C GLU M 141 76.85 10.79 -54.05
N THR M 142 76.31 9.71 -54.59
CA THR M 142 76.55 8.38 -54.04
C THR M 142 76.88 7.34 -55.11
N GLY M 143 76.26 7.47 -56.28
CA GLY M 143 76.49 6.54 -57.37
C GLY M 143 75.37 5.53 -57.49
N ILE M 144 74.25 5.79 -56.82
CA ILE M 144 73.10 4.90 -56.88
C ILE M 144 71.98 5.53 -57.71
N LYS M 145 71.56 4.82 -58.74
CA LYS M 145 70.55 5.33 -59.67
C LYS M 145 69.28 5.82 -58.98
N VAL M 146 68.62 4.93 -58.25
CA VAL M 146 67.34 5.24 -57.62
C VAL M 146 67.40 6.44 -56.67
N VAL M 147 68.51 6.58 -55.95
CA VAL M 147 68.64 7.64 -54.95
C VAL M 147 69.01 8.99 -55.54
N ASP M 148 70.17 9.06 -56.18
CA ASP M 148 70.69 10.32 -56.73
C ASP M 148 69.65 11.08 -57.57
N LEU M 149 68.68 10.35 -58.11
CA LEU M 149 67.64 10.96 -58.94
C LEU M 149 66.41 11.34 -58.13
N LEU M 150 65.70 10.33 -57.64
CA LEU M 150 64.43 10.55 -56.96
C LEU M 150 64.57 11.21 -55.60
N ALA M 151 65.67 10.92 -54.91
CA ALA M 151 65.90 11.48 -53.58
C ALA M 151 67.38 11.60 -53.26
N PRO M 152 68.01 12.70 -53.71
CA PRO M 152 69.44 12.92 -53.50
C PRO M 152 69.75 13.33 -52.07
N TYR M 153 70.78 12.72 -51.48
CA TYR M 153 71.17 13.04 -50.11
C TYR M 153 71.75 14.44 -50.01
N ALA M 154 71.74 14.99 -48.79
CA ALA M 154 72.28 16.32 -48.54
C ALA M 154 73.60 16.24 -47.76
N ARG M 155 74.63 16.87 -48.29
CA ARG M 155 75.92 16.92 -47.61
C ARG M 155 75.83 17.79 -46.36
N GLY M 156 76.08 17.18 -45.21
CA GLY M 156 75.99 17.88 -43.95
C GLY M 156 74.62 17.75 -43.32
N GLY M 157 73.70 17.16 -44.06
CA GLY M 157 72.34 16.96 -43.59
C GLY M 157 72.14 15.60 -42.95
N LYS M 158 70.92 15.32 -42.50
CA LYS M 158 70.60 14.06 -41.84
C LYS M 158 69.93 13.09 -42.81
N ILE M 159 70.59 11.96 -43.04
CA ILE M 159 70.09 10.95 -43.97
C ILE M 159 69.42 9.79 -43.23
N GLY M 160 68.29 9.33 -43.77
CA GLY M 160 67.56 8.23 -43.17
C GLY M 160 67.45 7.04 -44.11
N LEU M 161 67.78 5.85 -43.59
CA LEU M 161 67.74 4.64 -44.39
C LEU M 161 66.81 3.61 -43.75
N PHE M 162 65.52 3.74 -44.05
CA PHE M 162 64.51 2.86 -43.47
C PHE M 162 64.55 1.46 -44.08
N GLY M 163 63.81 0.53 -43.49
CA GLY M 163 63.74 -0.82 -43.98
C GLY M 163 63.35 -1.82 -42.91
N GLY M 164 62.76 -2.94 -43.33
CA GLY M 164 62.36 -3.99 -42.42
C GLY M 164 63.45 -5.02 -42.22
N ALA M 165 63.06 -6.19 -41.71
CA ALA M 165 64.00 -7.27 -41.43
C ALA M 165 64.42 -7.99 -42.71
N GLY M 166 65.72 -7.91 -43.04
CA GLY M 166 66.25 -8.60 -44.18
C GLY M 166 65.90 -7.96 -45.51
N VAL M 167 66.23 -6.68 -45.66
CA VAL M 167 65.99 -5.97 -46.90
C VAL M 167 67.28 -5.38 -47.47
N GLY M 168 68.40 -5.73 -46.83
CA GLY M 168 69.71 -5.28 -47.28
C GLY M 168 70.09 -3.91 -46.74
N LYS M 169 69.74 -3.65 -45.48
CA LYS M 169 70.10 -2.39 -44.83
C LYS M 169 71.60 -2.33 -44.52
N THR M 170 72.09 -3.33 -43.80
CA THR M 170 73.51 -3.40 -43.49
C THR M 170 74.32 -3.40 -44.78
N VAL M 171 73.75 -4.00 -45.82
CA VAL M 171 74.37 -4.01 -47.14
C VAL M 171 74.44 -2.60 -47.69
N PHE M 172 73.31 -1.91 -47.65
CA PHE M 172 73.20 -0.55 -48.19
C PHE M 172 74.27 0.38 -47.62
N ILE M 173 74.33 0.45 -46.29
CA ILE M 173 75.28 1.36 -45.64
C ILE M 173 76.71 0.88 -45.77
N GLN M 174 76.90 -0.38 -46.15
CA GLN M 174 78.23 -0.89 -46.45
C GLN M 174 78.66 -0.45 -47.84
N GLU M 175 77.68 -0.06 -48.65
CA GLU M 175 77.94 0.48 -49.97
C GLU M 175 78.18 1.97 -49.88
N LEU M 176 77.46 2.62 -48.96
CA LEU M 176 77.64 4.05 -48.71
C LEU M 176 79.03 4.31 -48.16
N ILE M 177 79.44 3.52 -47.18
CA ILE M 177 80.80 3.58 -46.64
C ILE M 177 81.80 3.42 -47.79
N ASN M 178 81.48 2.52 -48.70
CA ASN M 178 82.35 2.24 -49.84
C ASN M 178 82.40 3.38 -50.85
N ASN M 179 81.32 4.15 -50.92
CA ASN M 179 81.20 5.20 -51.93
C ASN M 179 81.46 6.61 -51.41
N ILE M 180 81.08 6.87 -50.16
CA ILE M 180 81.20 8.21 -49.58
C ILE M 180 82.50 8.42 -48.83
N ALA M 181 82.75 7.57 -47.84
CA ALA M 181 83.88 7.73 -46.94
C ALA M 181 85.22 7.94 -47.64
N LYS M 182 85.45 7.22 -48.73
CA LYS M 182 86.74 7.26 -49.41
C LYS M 182 87.09 8.64 -49.95
N ALA M 183 86.11 9.29 -50.57
CA ALA M 183 86.31 10.63 -51.14
C ALA M 183 86.17 11.73 -50.09
N HIS M 184 85.11 11.62 -49.28
CA HIS M 184 84.84 12.60 -48.24
C HIS M 184 86.08 12.83 -47.36
N GLY M 185 86.45 14.10 -47.20
CA GLY M 185 87.60 14.45 -46.40
C GLY M 185 87.26 14.56 -44.93
N GLY M 186 88.29 14.52 -44.09
CA GLY M 186 88.10 14.64 -42.65
C GLY M 186 87.85 13.30 -41.99
N PHE M 187 87.35 13.34 -40.75
CA PHE M 187 87.12 12.12 -39.98
C PHE M 187 85.77 11.47 -40.31
N SER M 188 85.62 10.23 -39.84
CA SER M 188 84.35 9.52 -39.95
C SER M 188 84.15 8.67 -38.70
N VAL M 189 82.92 8.63 -38.20
CA VAL M 189 82.63 7.86 -37.00
C VAL M 189 81.49 6.87 -37.23
N PHE M 190 81.80 5.58 -37.09
CA PHE M 190 80.80 4.53 -37.27
C PHE M 190 80.40 3.92 -35.93
N THR M 191 79.11 3.94 -35.65
CA THR M 191 78.59 3.39 -34.40
C THR M 191 77.71 2.17 -34.67
N GLY M 192 78.03 1.07 -34.00
CA GLY M 192 77.25 -0.16 -34.15
C GLY M 192 76.29 -0.35 -33.00
N VAL M 193 75.02 -0.08 -33.25
CA VAL M 193 73.99 -0.16 -32.22
C VAL M 193 72.99 -1.27 -32.49
N GLY M 194 73.10 -2.37 -31.75
CA GLY M 194 72.15 -3.46 -31.85
C GLY M 194 72.08 -4.10 -33.23
N GLU M 195 73.23 -4.24 -33.88
CA GLU M 195 73.30 -4.92 -35.17
C GLU M 195 74.07 -6.23 -35.05
N ARG M 196 74.10 -7.00 -36.12
CA ARG M 196 74.80 -8.28 -36.13
C ARG M 196 76.30 -8.08 -36.00
N THR M 197 76.90 -8.80 -35.06
CA THR M 197 78.32 -8.64 -34.76
C THR M 197 79.23 -9.07 -35.92
N ARG M 198 78.81 -10.11 -36.65
CA ARG M 198 79.61 -10.65 -37.73
C ARG M 198 79.85 -9.63 -38.84
N GLU M 199 78.87 -8.75 -39.05
CA GLU M 199 78.97 -7.75 -40.09
C GLU M 199 79.78 -6.54 -39.62
N GLY M 200 79.88 -6.38 -38.31
CA GLY M 200 80.77 -5.39 -37.74
C GLY M 200 82.20 -5.84 -37.90
N ASN M 201 82.40 -7.16 -37.82
CA ASN M 201 83.69 -7.76 -38.08
C ASN M 201 84.11 -7.58 -39.53
N ASP M 202 83.15 -7.77 -40.43
CA ASP M 202 83.40 -7.62 -41.86
C ASP M 202 83.70 -6.18 -42.20
N LEU M 203 83.13 -5.26 -41.44
CA LEU M 203 83.36 -3.84 -41.64
C LEU M 203 84.74 -3.45 -41.12
N TYR M 204 85.24 -4.23 -40.16
CA TYR M 204 86.57 -4.00 -39.61
C TYR M 204 87.63 -4.65 -40.48
N ARG M 205 87.23 -5.71 -41.19
CA ARG M 205 88.12 -6.38 -42.12
C ARG M 205 88.16 -5.63 -43.44
N GLU M 206 87.01 -5.14 -43.87
CA GLU M 206 86.88 -4.39 -45.11
C GLU M 206 87.71 -3.10 -45.09
N MET M 207 87.76 -2.45 -43.94
CA MET M 207 88.43 -1.16 -43.83
C MET M 207 89.93 -1.28 -43.64
N LYS M 208 90.37 -2.39 -43.05
CA LYS M 208 91.80 -2.62 -42.84
C LYS M 208 92.51 -2.97 -44.14
N GLU M 209 91.94 -3.89 -44.91
CA GLU M 209 92.53 -4.31 -46.18
C GLU M 209 92.51 -3.17 -47.20
N THR M 210 91.46 -2.38 -47.20
CA THR M 210 91.33 -1.26 -48.11
C THR M 210 92.40 -0.21 -47.85
N GLY M 211 92.33 0.42 -46.69
CA GLY M 211 93.29 1.44 -46.32
C GLY M 211 92.68 2.47 -45.38
N VAL M 212 91.37 2.38 -45.18
CA VAL M 212 90.66 3.29 -44.29
C VAL M 212 91.30 3.26 -42.91
N ILE M 213 91.55 2.06 -42.40
CA ILE M 213 92.25 1.87 -41.14
C ILE M 213 93.69 1.47 -41.43
N ASN M 214 94.59 1.83 -40.52
CA ASN M 214 96.00 1.49 -40.68
C ASN M 214 96.64 1.08 -39.35
N LEU M 215 96.80 -0.22 -39.15
CA LEU M 215 97.38 -0.76 -37.93
C LEU M 215 98.69 -0.05 -37.59
N GLU M 216 99.50 0.20 -38.62
CA GLU M 216 100.80 0.83 -38.43
C GLU M 216 100.89 2.14 -39.19
N GLY M 217 99.81 2.92 -39.13
CA GLY M 217 99.74 4.21 -39.78
C GLY M 217 98.61 5.05 -39.22
N GLU M 218 98.17 6.04 -39.99
CA GLU M 218 97.08 6.91 -39.57
C GLU M 218 95.74 6.46 -40.13
N SER M 219 94.77 6.27 -39.23
CA SER M 219 93.43 5.88 -39.62
C SER M 219 92.50 7.09 -39.67
N LYS M 220 91.61 7.14 -40.65
CA LYS M 220 90.70 8.26 -40.80
C LYS M 220 89.27 7.93 -40.43
N VAL M 221 89.09 6.93 -39.58
CA VAL M 221 87.75 6.54 -39.11
C VAL M 221 87.80 5.89 -37.74
N ALA M 222 86.81 6.22 -36.90
CA ALA M 222 86.72 5.64 -35.57
C ALA M 222 85.54 4.68 -35.47
N LEU M 223 85.73 3.59 -34.74
CA LEU M 223 84.70 2.55 -34.62
C LEU M 223 84.18 2.40 -33.19
N VAL M 224 82.86 2.47 -33.05
CA VAL M 224 82.22 2.21 -31.77
C VAL M 224 81.22 1.08 -31.94
N PHE M 225 81.21 0.13 -31.02
CA PHE M 225 80.31 -1.01 -31.12
C PHE M 225 79.61 -1.38 -29.81
N GLY M 226 78.37 -1.85 -29.95
CA GLY M 226 77.57 -2.32 -28.84
C GLY M 226 76.40 -3.10 -29.41
N GLN M 227 76.72 -4.23 -30.04
CA GLN M 227 75.75 -4.98 -30.83
C GLN M 227 74.61 -5.61 -30.02
N MET M 228 73.75 -6.36 -30.71
CA MET M 228 72.54 -6.92 -30.12
C MET M 228 72.82 -8.04 -29.12
N ASN M 229 74.09 -8.38 -28.93
CA ASN M 229 74.46 -9.43 -28.00
C ASN M 229 74.48 -8.94 -26.55
N GLU M 230 74.78 -7.66 -26.36
CA GLU M 230 74.82 -7.09 -25.02
C GLU M 230 73.44 -6.67 -24.52
N PRO M 231 73.24 -6.72 -23.19
CA PRO M 231 71.98 -6.39 -22.52
C PRO M 231 71.41 -5.03 -22.92
N PRO M 232 70.12 -4.79 -22.60
CA PRO M 232 69.40 -3.56 -22.94
C PRO M 232 70.18 -2.29 -22.62
N GLY M 233 70.61 -2.15 -21.37
CA GLY M 233 71.34 -0.97 -20.95
C GLY M 233 72.49 -0.60 -21.87
N ALA M 234 73.15 -1.62 -22.42
CA ALA M 234 74.28 -1.41 -23.30
C ALA M 234 73.90 -0.66 -24.59
N ARG M 235 72.93 -1.21 -25.32
CA ARG M 235 72.53 -0.62 -26.60
C ARG M 235 71.92 0.78 -26.43
N ALA M 236 71.26 1.00 -25.30
CA ALA M 236 70.61 2.27 -25.05
C ALA M 236 71.60 3.43 -24.98
N ARG M 237 72.79 3.18 -24.46
CA ARG M 237 73.77 4.22 -24.25
C ARG M 237 74.96 4.15 -25.21
N VAL M 238 75.08 3.03 -25.93
CA VAL M 238 76.17 2.86 -26.89
C VAL M 238 76.00 3.82 -28.06
N ALA M 239 74.76 4.22 -28.33
CA ALA M 239 74.48 5.18 -29.38
C ALA M 239 75.02 6.56 -28.98
N LEU M 240 74.84 6.90 -27.71
CA LEU M 240 75.33 8.17 -27.18
C LEU M 240 76.85 8.18 -27.11
N THR M 241 77.44 7.00 -26.95
CA THR M 241 78.90 6.87 -26.82
C THR M 241 79.62 7.30 -28.09
N GLY M 242 79.20 6.77 -29.23
CA GLY M 242 79.80 7.11 -30.50
C GLY M 242 79.45 8.52 -30.94
N LEU M 243 78.41 9.07 -30.33
CA LEU M 243 77.95 10.41 -30.65
C LEU M 243 78.92 11.46 -30.13
N THR M 244 79.47 11.20 -28.94
CA THR M 244 80.39 12.13 -28.30
C THR M 244 81.69 12.24 -29.09
N ILE M 245 82.23 11.10 -29.50
CA ILE M 245 83.43 11.07 -30.31
C ILE M 245 83.23 11.90 -31.57
N ALA M 246 82.03 11.85 -32.11
CA ALA M 246 81.69 12.59 -33.32
C ALA M 246 81.61 14.09 -33.04
N GLU M 247 81.00 14.45 -31.92
CA GLU M 247 80.83 15.86 -31.56
C GLU M 247 82.16 16.56 -31.32
N TYR M 248 83.14 15.82 -30.83
CA TYR M 248 84.45 16.41 -30.55
C TYR M 248 85.14 16.86 -31.85
N PHE M 249 85.05 16.02 -32.88
CA PHE M 249 85.64 16.36 -34.17
C PHE M 249 84.94 17.58 -34.78
N ARG M 250 83.71 17.81 -34.36
CA ARG M 250 82.92 18.93 -34.85
C ARG M 250 83.18 20.20 -34.06
N ASP M 251 82.78 20.19 -32.80
CA ASP M 251 82.88 21.36 -31.94
C ASP M 251 84.32 21.83 -31.74
N GLU M 252 85.12 21.01 -31.07
CA GLU M 252 86.47 21.42 -30.69
C GLU M 252 87.48 21.34 -31.84
N GLU M 253 87.36 20.33 -32.68
CA GLU M 253 88.32 20.13 -33.76
C GLU M 253 87.94 20.91 -35.01
N GLY M 254 86.67 21.30 -35.11
CA GLY M 254 86.18 22.04 -36.25
C GLY M 254 86.48 21.34 -37.56
N GLN M 255 85.95 20.13 -37.70
CA GLN M 255 86.21 19.31 -38.88
C GLN M 255 84.90 18.80 -39.49
N ASP M 256 84.98 18.25 -40.70
CA ASP M 256 83.83 17.67 -41.36
C ASP M 256 83.65 16.22 -40.97
N VAL M 257 82.71 15.97 -40.05
CA VAL M 257 82.48 14.63 -39.54
C VAL M 257 81.50 13.85 -40.40
N LEU M 258 81.78 12.57 -40.60
CA LEU M 258 80.87 11.68 -41.33
C LEU M 258 80.42 10.58 -40.39
N LEU M 259 79.22 10.74 -39.83
CA LEU M 259 78.70 9.82 -38.84
C LEU M 259 77.84 8.72 -39.43
N PHE M 260 78.06 7.48 -38.98
CA PHE M 260 77.25 6.34 -39.40
C PHE M 260 76.65 5.63 -38.19
N ILE M 261 75.33 5.62 -38.11
CA ILE M 261 74.64 4.96 -37.01
C ILE M 261 73.78 3.81 -37.50
N ASP M 262 74.03 2.62 -36.95
CA ASP M 262 73.30 1.42 -37.36
C ASP M 262 73.33 0.37 -36.26
N ASN M 263 72.15 0.06 -35.72
CA ASN M 263 70.90 0.69 -36.15
C ASN M 263 70.34 1.62 -35.07
N ILE M 264 69.86 2.78 -35.49
CA ILE M 264 69.38 3.79 -34.55
C ILE M 264 68.12 3.34 -33.81
N PHE M 265 67.40 2.38 -34.38
CA PHE M 265 66.16 1.90 -33.77
C PHE M 265 66.42 1.11 -32.49
N ARG M 266 67.48 0.31 -32.49
CA ARG M 266 67.83 -0.51 -31.33
C ARG M 266 68.00 0.36 -30.08
N PHE M 267 68.12 1.67 -30.30
CA PHE M 267 68.24 2.61 -29.19
C PHE M 267 66.90 2.82 -28.48
N THR M 268 65.83 2.96 -29.25
CA THR M 268 64.50 3.14 -28.69
C THR M 268 63.96 1.82 -28.15
N GLN M 269 64.28 0.73 -28.84
CA GLN M 269 63.86 -0.60 -28.41
C GLN M 269 64.46 -0.93 -27.04
N ALA M 270 65.75 -0.65 -26.88
CA ALA M 270 66.42 -0.88 -25.61
C ALA M 270 65.71 -0.10 -24.50
N GLY M 271 65.04 0.98 -24.89
CA GLY M 271 64.28 1.78 -23.95
C GLY M 271 62.98 1.11 -23.55
N SER M 272 62.36 0.40 -24.50
CA SER M 272 61.09 -0.27 -24.24
C SER M 272 61.30 -1.55 -23.43
N GLU M 273 62.47 -2.17 -23.60
CA GLU M 273 62.81 -3.39 -22.87
C GLU M 273 62.78 -3.16 -21.37
N VAL M 274 63.42 -2.08 -20.92
CA VAL M 274 63.55 -1.80 -19.50
C VAL M 274 62.50 -0.81 -19.00
N SER M 275 61.73 -0.23 -19.92
CA SER M 275 60.72 0.75 -19.56
C SER M 275 59.69 0.17 -18.60
N ALA M 276 59.48 -1.14 -18.68
CA ALA M 276 58.50 -1.81 -17.84
C ALA M 276 59.00 -1.96 -16.40
N LEU M 277 60.24 -2.42 -16.25
CA LEU M 277 60.81 -2.63 -14.92
C LEU M 277 61.14 -1.31 -14.23
N LEU M 278 61.07 -0.22 -14.97
CA LEU M 278 61.31 1.11 -14.41
C LEU M 278 60.05 1.68 -13.79
N GLY M 279 58.95 0.94 -13.89
CA GLY M 279 57.68 1.34 -13.30
C GLY M 279 56.94 2.39 -14.11
N ARG M 280 56.92 2.21 -15.42
CA ARG M 280 56.25 3.16 -16.31
C ARG M 280 55.01 2.54 -16.94
N ILE M 281 53.93 3.31 -17.02
CA ILE M 281 52.73 2.87 -17.70
C ILE M 281 53.04 2.69 -19.19
N PRO M 282 52.83 1.46 -19.69
CA PRO M 282 53.12 1.13 -21.09
C PRO M 282 52.44 2.08 -22.05
N SER M 283 53.23 2.73 -22.91
CA SER M 283 52.70 3.65 -23.90
C SER M 283 51.95 2.87 -24.97
N ALA M 284 51.86 3.45 -26.17
CA ALA M 284 51.19 2.79 -27.28
C ALA M 284 52.12 1.77 -27.94
N VAL M 285 51.58 0.60 -28.26
CA VAL M 285 52.35 -0.46 -28.91
C VAL M 285 53.52 -0.93 -28.05
N GLY M 286 53.35 -0.84 -26.73
CA GLY M 286 54.32 -1.38 -25.79
C GLY M 286 55.63 -0.61 -25.66
N TYR M 287 55.65 0.61 -26.18
CA TYR M 287 56.85 1.45 -26.08
C TYR M 287 56.86 2.26 -24.79
N GLN M 288 57.96 2.96 -24.54
CA GLN M 288 58.05 3.83 -23.37
C GLN M 288 57.36 5.16 -23.64
N PRO M 289 56.74 5.74 -22.60
CA PRO M 289 56.02 7.02 -22.72
C PRO M 289 56.97 8.16 -23.05
N THR M 290 58.27 7.89 -22.96
CA THR M 290 59.29 8.91 -23.22
C THR M 290 59.93 8.75 -24.59
N LEU M 291 59.38 7.84 -25.40
CA LEU M 291 59.90 7.58 -26.74
C LEU M 291 60.13 8.85 -27.55
N ALA M 292 59.12 9.72 -27.55
CA ALA M 292 59.19 10.96 -28.32
C ALA M 292 60.35 11.86 -27.89
N THR M 293 60.45 12.12 -26.60
CA THR M 293 61.47 13.02 -26.08
C THR M 293 62.85 12.37 -26.00
N ASP M 294 62.89 11.08 -25.69
CA ASP M 294 64.14 10.34 -25.62
C ASP M 294 64.92 10.48 -26.93
N MET M 295 64.23 10.20 -28.04
CA MET M 295 64.85 10.30 -29.36
C MET M 295 65.15 11.75 -29.71
N GLY M 296 64.41 12.67 -29.09
CA GLY M 296 64.62 14.09 -29.30
C GLY M 296 65.92 14.56 -28.69
N LEU M 297 66.19 14.13 -27.46
CA LEU M 297 67.42 14.51 -26.77
C LEU M 297 68.66 13.89 -27.43
N LEU M 298 68.43 12.99 -28.38
CA LEU M 298 69.51 12.31 -29.08
C LEU M 298 69.70 12.87 -30.49
N GLN M 299 68.63 12.85 -31.27
CA GLN M 299 68.69 13.33 -32.66
C GLN M 299 69.15 14.78 -32.74
N GLU M 300 68.62 15.62 -31.85
CA GLU M 300 68.96 17.04 -31.84
C GLU M 300 70.45 17.27 -31.61
N ARG M 301 71.13 16.27 -31.05
CA ARG M 301 72.56 16.36 -30.81
C ARG M 301 73.35 16.12 -32.09
N ILE M 302 72.75 15.38 -33.02
CA ILE M 302 73.38 15.09 -34.29
C ILE M 302 72.98 16.14 -35.33
N THR M 303 73.73 17.24 -35.39
CA THR M 303 73.41 18.33 -36.30
C THR M 303 74.66 19.14 -36.68
N THR M 304 74.50 20.01 -37.68
CA THR M 304 75.57 20.89 -38.11
C THR M 304 75.49 22.23 -37.39
N THR M 305 76.63 22.71 -36.91
CA THR M 305 76.69 23.99 -36.21
C THR M 305 77.57 24.97 -36.98
N LYS M 306 77.75 26.16 -36.41
CA LYS M 306 78.60 27.17 -37.01
C LYS M 306 80.06 26.72 -36.98
N LYS M 307 80.40 25.93 -35.97
CA LYS M 307 81.76 25.44 -35.79
C LYS M 307 82.13 24.37 -36.82
N GLY M 308 81.31 23.32 -36.88
CA GLY M 308 81.55 22.22 -37.80
C GLY M 308 80.29 21.69 -38.44
N SER M 309 80.42 20.63 -39.23
CA SER M 309 79.28 20.03 -39.92
C SER M 309 79.27 18.51 -39.76
N VAL M 310 78.08 17.95 -39.60
CA VAL M 310 77.94 16.50 -39.44
C VAL M 310 76.98 15.92 -40.48
N THR M 311 77.50 14.99 -41.28
CA THR M 311 76.67 14.26 -42.24
C THR M 311 76.29 12.91 -41.65
N SER M 312 75.08 12.82 -41.12
CA SER M 312 74.63 11.62 -40.41
C SER M 312 73.79 10.69 -41.28
N VAL M 313 74.31 9.50 -41.56
CA VAL M 313 73.57 8.49 -42.30
C VAL M 313 73.10 7.38 -41.36
N GLN M 314 71.88 7.52 -40.85
CA GLN M 314 71.33 6.56 -39.90
C GLN M 314 70.45 5.54 -40.60
N ALA M 315 70.67 4.27 -40.29
CA ALA M 315 69.80 3.20 -40.79
C ALA M 315 68.67 3.00 -39.78
N VAL M 316 67.43 3.11 -40.25
CA VAL M 316 66.28 3.00 -39.36
C VAL M 316 65.51 1.70 -39.59
N TYR M 317 65.29 0.96 -38.50
CA TYR M 317 64.59 -0.32 -38.57
C TYR M 317 63.08 -0.15 -38.51
N VAL M 318 62.36 -1.01 -39.23
CA VAL M 318 60.90 -0.95 -39.29
C VAL M 318 60.29 -2.26 -38.82
N PRO M 319 59.85 -2.30 -37.55
CA PRO M 319 59.24 -3.49 -36.93
C PRO M 319 57.95 -3.91 -37.61
N ALA M 320 57.75 -5.22 -37.74
CA ALA M 320 56.53 -5.77 -38.32
C ALA M 320 56.24 -5.24 -39.71
N ASP M 321 57.28 -4.75 -40.39
CA ASP M 321 57.14 -4.21 -41.74
C ASP M 321 56.09 -3.11 -41.81
N ASP M 322 55.86 -2.45 -40.68
CA ASP M 322 54.86 -1.38 -40.61
C ASP M 322 55.51 -0.03 -40.33
N LEU M 323 55.44 0.86 -41.31
CA LEU M 323 56.03 2.20 -41.18
C LEU M 323 55.24 3.09 -40.24
N THR M 324 54.06 2.63 -39.83
CA THR M 324 53.22 3.40 -38.92
C THR M 324 53.51 3.04 -37.47
N ASP M 325 54.52 2.20 -37.25
CA ASP M 325 54.98 1.87 -35.91
C ASP M 325 55.51 3.13 -35.25
N PRO M 326 55.10 3.39 -34.00
CA PRO M 326 55.48 4.60 -33.26
C PRO M 326 56.99 4.89 -33.32
N ALA M 327 57.81 3.85 -33.23
CA ALA M 327 59.26 4.03 -33.21
C ALA M 327 59.81 4.62 -34.52
N PRO M 328 59.64 3.91 -35.65
CA PRO M 328 60.14 4.44 -36.92
C PRO M 328 59.39 5.69 -37.34
N ALA M 329 58.09 5.75 -37.06
CA ALA M 329 57.27 6.88 -37.44
C ALA M 329 57.86 8.20 -36.93
N THR M 330 58.07 8.27 -35.63
CA THR M 330 58.63 9.47 -35.01
C THR M 330 59.97 9.86 -35.63
N THR M 331 60.72 8.87 -36.08
CA THR M 331 62.06 9.10 -36.63
C THR M 331 62.07 10.01 -37.86
N PHE M 332 61.06 9.85 -38.72
CA PHE M 332 60.99 10.57 -39.98
C PHE M 332 61.27 12.07 -39.86
N ALA M 333 60.56 12.73 -38.95
CA ALA M 333 60.66 14.18 -38.79
C ALA M 333 62.06 14.66 -38.45
N HIS M 334 62.97 13.74 -38.14
CA HIS M 334 64.33 14.09 -37.77
C HIS M 334 65.30 14.01 -38.95
N LEU M 335 64.76 13.76 -40.13
CA LEU M 335 65.60 13.53 -41.31
C LEU M 335 65.41 14.59 -42.39
N ASP M 336 66.46 14.83 -43.17
CA ASP M 336 66.40 15.77 -44.27
C ASP M 336 66.17 15.06 -45.59
N ALA M 337 66.27 13.74 -45.56
CA ALA M 337 66.06 12.91 -46.74
C ALA M 337 65.96 11.45 -46.34
N THR M 338 65.06 10.71 -46.98
CA THR M 338 64.83 9.31 -46.62
C THR M 338 65.09 8.36 -47.78
N THR M 339 65.24 7.08 -47.46
CA THR M 339 65.41 6.03 -48.45
C THR M 339 64.80 4.74 -47.92
N VAL M 340 63.52 4.54 -48.20
CA VAL M 340 62.76 3.43 -47.64
C VAL M 340 62.95 2.13 -48.42
N LEU M 341 63.29 1.06 -47.71
CA LEU M 341 63.42 -0.26 -48.31
C LEU M 341 62.20 -1.11 -47.96
N SER M 342 61.47 -1.53 -48.98
CA SER M 342 60.25 -2.32 -48.78
C SER M 342 60.43 -3.75 -49.27
N ARG M 343 59.84 -4.70 -48.54
CA ARG M 343 59.92 -6.10 -48.89
C ARG M 343 58.95 -6.46 -50.00
N GLY M 344 58.04 -5.53 -50.28
CA GLY M 344 57.10 -5.71 -51.38
C GLY M 344 57.81 -5.56 -52.71
N ILE M 345 59.08 -5.16 -52.65
CA ILE M 345 59.89 -4.96 -53.84
C ILE M 345 61.01 -6.00 -53.92
N SER M 346 61.47 -6.46 -52.75
CA SER M 346 62.51 -7.47 -52.69
C SER M 346 62.06 -8.77 -53.34
N GLU M 347 60.76 -9.03 -53.28
CA GLU M 347 60.19 -10.21 -53.91
C GLU M 347 60.25 -10.11 -55.44
N LEU M 348 60.22 -8.87 -55.93
CA LEU M 348 60.27 -8.63 -57.37
C LEU M 348 61.69 -8.77 -57.89
N GLY M 349 62.62 -9.05 -56.99
CA GLY M 349 64.02 -9.22 -57.35
C GLY M 349 64.77 -7.92 -57.39
N ILE M 350 64.05 -6.81 -57.37
CA ILE M 350 64.66 -5.49 -57.44
C ILE M 350 65.54 -5.18 -56.23
N TYR M 351 66.84 -5.07 -56.48
CA TYR M 351 67.79 -4.63 -55.47
C TYR M 351 68.45 -3.35 -55.96
N PRO M 352 68.46 -2.30 -55.12
CA PRO M 352 67.96 -2.35 -53.75
C PRO M 352 66.44 -2.24 -53.69
N ALA M 353 65.86 -2.75 -52.61
CA ALA M 353 64.40 -2.72 -52.45
C ALA M 353 63.90 -1.34 -52.09
N VAL M 354 64.47 -0.31 -52.72
CA VAL M 354 64.08 1.06 -52.45
C VAL M 354 62.73 1.40 -53.07
N ASP M 355 61.78 1.81 -52.23
CA ASP M 355 60.48 2.24 -52.71
C ASP M 355 60.60 3.60 -53.37
N PRO M 356 60.46 3.64 -54.70
CA PRO M 356 60.65 4.86 -55.49
C PRO M 356 59.61 5.93 -55.15
N LEU M 357 58.46 5.50 -54.64
CA LEU M 357 57.36 6.40 -54.34
C LEU M 357 57.20 6.61 -52.84
N ASP M 358 58.31 6.58 -52.11
CA ASP M 358 58.31 6.79 -50.67
C ASP M 358 59.58 7.49 -50.22
N SER M 359 60.61 7.44 -51.06
CA SER M 359 61.87 8.11 -50.78
C SER M 359 61.74 9.61 -51.06
N LYS M 360 61.87 10.40 -50.00
CA LYS M 360 61.73 11.85 -50.11
C LYS M 360 63.03 12.58 -49.76
N SER M 361 63.24 13.73 -50.40
CA SER M 361 64.39 14.57 -50.11
C SER M 361 63.98 16.03 -50.00
N ARG M 362 64.77 16.82 -49.26
CA ARG M 362 64.52 18.24 -49.15
C ARG M 362 65.34 19.00 -50.17
N LEU M 363 66.28 18.30 -50.80
CA LEU M 363 67.12 18.90 -51.83
C LEU M 363 66.55 18.67 -53.23
N LEU M 364 65.49 17.87 -53.29
CA LEU M 364 64.81 17.62 -54.56
C LEU M 364 64.01 18.84 -54.98
N ASP M 365 64.71 19.92 -55.31
CA ASP M 365 64.08 21.17 -55.72
C ASP M 365 64.78 21.73 -56.95
N ALA M 366 64.00 22.22 -57.91
CA ALA M 366 64.55 22.76 -59.14
C ALA M 366 65.60 23.83 -58.87
N ALA M 367 65.47 24.50 -57.72
CA ALA M 367 66.37 25.59 -57.35
C ALA M 367 67.70 25.09 -56.78
N VAL M 368 67.87 23.77 -56.74
CA VAL M 368 69.09 23.18 -56.18
C VAL M 368 69.66 22.08 -57.06
N VAL M 369 68.81 21.19 -57.54
CA VAL M 369 69.26 20.07 -58.35
C VAL M 369 69.20 20.39 -59.85
N GLY M 370 68.49 21.46 -60.20
CA GLY M 370 68.35 21.86 -61.58
C GLY M 370 66.99 21.50 -62.13
N GLN M 371 66.38 22.44 -62.85
CA GLN M 371 65.05 22.24 -63.43
C GLN M 371 65.01 20.97 -64.28
N GLU M 372 66.15 20.62 -64.87
CA GLU M 372 66.25 19.40 -65.67
C GLU M 372 66.15 18.18 -64.78
N HIS M 373 67.01 18.14 -63.76
CA HIS M 373 67.01 17.05 -62.79
C HIS M 373 65.62 16.87 -62.18
N TYR M 374 65.04 17.97 -61.73
CA TYR M 374 63.72 17.97 -61.12
C TYR M 374 62.67 17.37 -62.06
N ASP M 375 62.43 18.06 -63.16
CA ASP M 375 61.42 17.63 -64.14
C ASP M 375 61.55 16.15 -64.49
N VAL M 376 62.77 15.70 -64.77
CA VAL M 376 63.01 14.31 -65.10
C VAL M 376 62.58 13.39 -63.96
N ALA M 377 63.12 13.62 -62.78
CA ALA M 377 62.76 12.83 -61.61
C ALA M 377 61.25 12.90 -61.35
N SER M 378 60.67 14.07 -61.56
CA SER M 378 59.24 14.27 -61.39
C SER M 378 58.45 13.37 -62.34
N LYS M 379 58.86 13.33 -63.60
CA LYS M 379 58.21 12.49 -64.59
C LYS M 379 58.32 11.01 -64.22
N VAL M 380 59.50 10.62 -63.76
CA VAL M 380 59.74 9.23 -63.37
C VAL M 380 58.67 8.73 -62.40
N GLN M 381 58.57 9.39 -61.24
CA GLN M 381 57.60 9.00 -60.23
C GLN M 381 56.18 9.00 -60.76
N GLU M 382 55.82 10.05 -61.50
CA GLU M 382 54.49 10.15 -62.09
C GLU M 382 54.19 8.92 -62.96
N THR M 383 55.17 8.53 -63.77
CA THR M 383 55.01 7.38 -64.66
C THR M 383 54.86 6.09 -63.86
N LEU M 384 55.50 6.05 -62.69
CA LEU M 384 55.43 4.87 -61.82
C LEU M 384 54.13 4.81 -61.04
N GLN M 385 53.63 5.99 -60.65
CA GLN M 385 52.40 6.07 -59.87
C GLN M 385 51.21 5.55 -60.67
N THR M 386 51.13 5.96 -61.93
CA THR M 386 50.06 5.50 -62.82
C THR M 386 50.12 3.99 -62.97
N TYR M 387 51.34 3.45 -62.94
CA TYR M 387 51.54 2.01 -63.06
C TYR M 387 51.04 1.27 -61.83
N LYS M 388 51.36 1.81 -60.65
CA LYS M 388 50.95 1.19 -59.40
C LYS M 388 49.46 1.38 -59.15
N SER M 389 48.85 2.33 -59.86
CA SER M 389 47.44 2.61 -59.70
C SER M 389 46.58 1.61 -60.48
N LEU M 390 47.21 0.85 -61.37
CA LEU M 390 46.52 -0.16 -62.16
C LEU M 390 47.04 -1.55 -61.80
N GLN M 391 47.69 -1.64 -60.65
CA GLN M 391 48.30 -2.89 -60.19
C GLN M 391 47.27 -3.99 -60.06
N ASP M 392 46.13 -3.66 -59.47
CA ASP M 392 45.07 -4.64 -59.24
C ASP M 392 43.95 -4.49 -60.26
N ILE M 393 44.30 -3.91 -61.41
CA ILE M 393 43.35 -3.71 -62.49
C ILE M 393 43.81 -4.46 -63.74
N ILE M 394 45.10 -4.38 -64.01
CA ILE M 394 45.69 -5.09 -65.15
C ILE M 394 45.81 -6.58 -64.83
N ALA M 395 46.08 -6.90 -63.57
CA ALA M 395 46.17 -8.28 -63.13
C ALA M 395 44.84 -9.00 -63.34
N ILE M 396 43.75 -8.24 -63.32
CA ILE M 396 42.42 -8.81 -63.51
C ILE M 396 41.99 -8.77 -64.97
N LEU M 397 42.27 -7.66 -65.63
CA LEU M 397 41.83 -7.43 -67.01
C LEU M 397 42.92 -7.79 -68.02
N GLY M 398 43.75 -6.82 -68.37
CA GLY M 398 44.83 -7.06 -69.31
C GLY M 398 45.63 -5.82 -69.68
N MET M 399 46.91 -6.03 -70.01
CA MET M 399 47.78 -4.92 -70.39
C MET M 399 47.44 -4.40 -71.78
N ASP M 400 46.70 -5.19 -72.55
CA ASP M 400 46.26 -4.78 -73.87
C ASP M 400 44.84 -4.24 -73.80
N GLU M 401 44.28 -4.22 -72.59
CA GLU M 401 42.92 -3.73 -72.36
C GLU M 401 42.87 -2.20 -72.36
N LEU M 402 43.95 -1.59 -71.88
CA LEU M 402 44.01 -0.13 -71.77
C LEU M 402 44.17 0.54 -73.14
N SER M 403 44.04 1.87 -73.14
CA SER M 403 44.17 2.65 -74.37
C SER M 403 45.64 2.84 -74.75
N GLU M 404 45.87 3.69 -75.74
CA GLU M 404 47.23 3.98 -76.21
C GLU M 404 48.05 4.67 -75.13
N GLN M 405 47.46 5.67 -74.49
CA GLN M 405 48.15 6.47 -73.49
C GLN M 405 48.55 5.63 -72.27
N ASP M 406 47.78 4.59 -72.00
CA ASP M 406 48.00 3.76 -70.81
C ASP M 406 48.90 2.56 -71.10
N LYS M 407 48.82 2.04 -72.33
CA LYS M 407 49.65 0.90 -72.73
C LYS M 407 51.10 1.32 -72.87
N LEU M 408 51.33 2.47 -73.50
CA LEU M 408 52.68 3.01 -73.67
C LEU M 408 53.33 3.31 -72.32
N THR M 409 52.55 3.88 -71.41
CA THR M 409 53.05 4.28 -70.10
C THR M 409 53.43 3.10 -69.22
N VAL M 410 52.59 2.07 -69.21
CA VAL M 410 52.84 0.88 -68.40
C VAL M 410 54.06 0.13 -68.90
N GLU M 411 54.22 0.06 -70.22
CA GLU M 411 55.38 -0.61 -70.81
C GLU M 411 56.67 0.05 -70.35
N ARG M 412 56.67 1.39 -70.28
CA ARG M 412 57.83 2.12 -69.82
C ARG M 412 57.94 2.05 -68.29
N ALA M 413 56.80 1.95 -67.62
CA ALA M 413 56.77 1.87 -66.16
C ALA M 413 57.41 0.57 -65.67
N ARG M 414 57.18 -0.51 -66.42
CA ARG M 414 57.77 -1.80 -66.08
C ARG M 414 59.25 -1.83 -66.45
N LYS M 415 59.67 -0.86 -67.26
CA LYS M 415 61.07 -0.74 -67.65
C LYS M 415 61.82 0.18 -66.70
N ILE M 416 61.19 1.28 -66.32
CA ILE M 416 61.79 2.25 -65.40
C ILE M 416 62.09 1.61 -64.06
N GLN M 417 61.07 1.01 -63.44
CA GLN M 417 61.24 0.32 -62.17
C GLN M 417 62.31 -0.74 -62.28
N ARG M 418 62.33 -1.44 -63.42
CA ARG M 418 63.31 -2.47 -63.69
C ARG M 418 64.69 -1.84 -63.82
N PHE M 419 64.72 -0.62 -64.36
CA PHE M 419 65.96 0.09 -64.63
C PHE M 419 66.50 0.77 -63.38
N LEU M 420 65.73 0.71 -62.30
CA LEU M 420 66.13 1.32 -61.04
C LEU M 420 66.99 0.37 -60.20
N SER M 421 66.84 -0.93 -60.44
CA SER M 421 67.67 -1.92 -59.76
C SER M 421 69.12 -1.77 -60.21
N GLN M 422 70.06 -2.13 -59.33
CA GLN M 422 71.47 -1.90 -59.60
C GLN M 422 72.37 -2.72 -58.68
N PRO M 423 73.34 -3.44 -59.28
CA PRO M 423 74.31 -4.26 -58.55
C PRO M 423 75.26 -3.42 -57.72
N PHE M 424 75.52 -3.84 -56.49
CA PHE M 424 76.45 -3.13 -55.62
C PHE M 424 77.70 -3.96 -55.38
N ALA M 425 78.80 -3.29 -55.04
CA ALA M 425 80.06 -3.98 -54.78
C ALA M 425 79.91 -5.01 -53.66
N VAL M 426 79.27 -4.61 -52.57
CA VAL M 426 79.05 -5.50 -51.43
C VAL M 426 78.07 -6.61 -51.79
N ALA M 427 77.20 -6.34 -52.76
CA ALA M 427 76.21 -7.32 -53.19
C ALA M 427 76.81 -8.31 -54.18
N GLU M 428 78.14 -8.40 -54.21
CA GLU M 428 78.84 -9.31 -55.09
C GLU M 428 78.40 -10.75 -54.88
N VAL M 429 78.56 -11.21 -53.65
CA VAL M 429 78.19 -12.55 -53.27
C VAL M 429 76.68 -12.71 -53.14
N PHE M 430 75.94 -11.59 -53.14
CA PHE M 430 74.48 -11.69 -53.10
C PHE M 430 73.91 -12.16 -54.44
N THR M 431 74.26 -11.46 -55.51
CA THR M 431 73.56 -11.62 -56.79
C THR M 431 74.40 -12.44 -57.77
N GLY M 432 75.71 -12.24 -57.76
CA GLY M 432 76.58 -12.87 -58.75
C GLY M 432 76.90 -11.90 -59.87
N ILE M 433 76.63 -10.62 -59.63
CA ILE M 433 76.92 -9.58 -60.61
C ILE M 433 77.88 -8.53 -60.03
N PRO M 434 79.05 -8.35 -60.70
CA PRO M 434 80.05 -7.40 -60.23
C PRO M 434 79.47 -6.00 -59.97
N GLY M 435 80.02 -5.30 -58.98
CA GLY M 435 79.50 -4.01 -58.57
C GLY M 435 79.53 -2.95 -59.65
N LYS M 436 78.53 -2.07 -59.63
CA LYS M 436 78.44 -0.96 -60.57
C LYS M 436 78.32 0.37 -59.84
N LEU M 437 78.94 1.41 -60.40
CA LEU M 437 78.82 2.76 -59.85
C LEU M 437 78.43 3.73 -60.96
N VAL M 438 77.25 4.32 -60.83
CA VAL M 438 76.73 5.23 -61.85
C VAL M 438 76.70 6.68 -61.37
N ARG M 439 77.30 7.57 -62.15
CA ARG M 439 77.40 8.98 -61.77
C ARG M 439 76.03 9.64 -61.63
N LEU M 440 76.03 10.90 -61.21
CA LEU M 440 74.79 11.65 -61.03
C LEU M 440 74.30 12.22 -62.35
N LYS M 441 75.20 12.91 -63.06
CA LYS M 441 74.87 13.50 -64.35
C LYS M 441 74.43 12.44 -65.36
N ASP M 442 75.02 11.26 -65.26
CA ASP M 442 74.77 10.19 -66.23
C ASP M 442 73.39 9.55 -66.04
N THR M 443 72.83 9.69 -64.83
CA THR M 443 71.54 9.08 -64.52
C THR M 443 70.37 9.90 -65.06
N VAL M 444 70.39 11.20 -64.79
CA VAL M 444 69.30 12.08 -65.22
C VAL M 444 69.14 12.10 -66.74
N ALA M 445 70.26 12.25 -67.46
CA ALA M 445 70.23 12.25 -68.91
C ALA M 445 69.81 10.88 -69.44
N SER M 446 70.19 9.83 -68.73
CA SER M 446 69.83 8.48 -69.11
C SER M 446 68.32 8.26 -69.04
N PHE M 447 67.73 8.60 -67.89
CA PHE M 447 66.30 8.44 -67.69
C PHE M 447 65.47 9.35 -68.58
N LYS M 448 65.99 10.53 -68.86
CA LYS M 448 65.31 11.45 -69.77
C LYS M 448 65.17 10.80 -71.15
N ALA M 449 66.17 10.01 -71.52
CA ALA M 449 66.15 9.30 -72.80
C ALA M 449 65.04 8.25 -72.82
N VAL M 450 64.93 7.50 -71.74
CA VAL M 450 63.91 6.46 -71.62
C VAL M 450 62.51 7.06 -71.59
N LEU M 451 62.38 8.22 -70.96
CA LEU M 451 61.09 8.87 -70.79
C LEU M 451 60.49 9.32 -72.13
N GLU M 452 61.32 9.91 -72.99
CA GLU M 452 60.86 10.38 -74.29
C GLU M 452 60.54 9.23 -75.23
N GLY M 453 60.69 8.01 -74.73
CA GLY M 453 60.41 6.82 -75.51
C GLY M 453 61.41 6.59 -76.62
N LYS M 454 62.69 6.56 -76.25
CA LYS M 454 63.76 6.32 -77.22
C LYS M 454 64.16 4.85 -77.25
N TYR M 455 64.27 4.26 -76.07
CA TYR M 455 64.69 2.87 -75.95
C TYR M 455 63.49 1.95 -75.68
N ASP M 456 62.39 2.21 -76.40
CA ASP M 456 61.19 1.41 -76.25
C ASP M 456 61.30 0.10 -77.00
N ASN M 457 62.32 -0.01 -77.85
CA ASN M 457 62.56 -1.22 -78.63
C ASN M 457 63.29 -2.29 -77.84
N ILE M 458 63.76 -1.92 -76.65
CA ILE M 458 64.54 -2.83 -75.82
C ILE M 458 63.68 -3.57 -74.81
N PRO M 459 63.88 -4.90 -74.70
CA PRO M 459 63.14 -5.76 -73.77
C PRO M 459 63.39 -5.41 -72.31
N GLU M 460 62.54 -5.89 -71.42
CA GLU M 460 62.63 -5.57 -69.99
C GLU M 460 63.96 -5.99 -69.36
N HIS M 461 64.36 -7.23 -69.59
CA HIS M 461 65.53 -7.79 -68.93
C HIS M 461 66.83 -7.02 -69.21
N ALA M 462 66.79 -6.13 -70.19
CA ALA M 462 67.97 -5.36 -70.56
C ALA M 462 68.19 -4.15 -69.66
N PHE M 463 67.19 -3.85 -68.82
CA PHE M 463 67.29 -2.75 -67.88
C PHE M 463 67.59 -3.26 -66.48
N TYR M 464 67.55 -4.58 -66.31
CA TYR M 464 67.71 -5.20 -65.01
C TYR M 464 69.18 -5.33 -64.61
N MET M 465 69.50 -4.82 -63.43
CA MET M 465 70.87 -4.90 -62.90
C MET M 465 71.93 -4.47 -63.91
N VAL M 466 71.99 -3.18 -64.21
CA VAL M 466 72.99 -2.64 -65.11
C VAL M 466 73.45 -1.25 -64.66
N GLY M 467 74.53 -0.76 -65.27
CA GLY M 467 75.04 0.56 -64.96
C GLY M 467 74.13 1.66 -65.48
N GLY M 468 74.67 2.51 -66.33
CA GLY M 468 73.89 3.57 -66.94
C GLY M 468 73.19 3.09 -68.20
N ILE M 469 72.62 4.03 -68.95
CA ILE M 469 71.96 3.68 -70.21
C ILE M 469 72.96 3.06 -71.18
N GLU M 470 74.23 3.40 -71.00
CA GLU M 470 75.30 2.88 -71.84
C GLU M 470 75.38 1.36 -71.73
N ASP M 471 75.17 0.84 -70.52
CA ASP M 471 75.27 -0.57 -70.25
C ASP M 471 74.09 -1.37 -70.81
N VAL M 472 72.96 -0.69 -70.99
CA VAL M 472 71.77 -1.34 -71.51
C VAL M 472 71.98 -1.79 -72.96
N VAL M 473 72.59 -0.91 -73.75
CA VAL M 473 72.86 -1.19 -75.16
C VAL M 473 73.66 -2.48 -75.33
N ALA M 474 74.71 -2.62 -74.53
CA ALA M 474 75.55 -3.81 -74.58
C ALA M 474 74.80 -5.02 -74.03
N LYS M 475 73.90 -4.77 -73.09
CA LYS M 475 73.10 -5.84 -72.50
C LYS M 475 72.14 -6.40 -73.53
N ALA M 476 71.81 -5.59 -74.53
CA ALA M 476 70.94 -6.03 -75.62
C ALA M 476 71.74 -6.80 -76.66
N GLU M 477 73.03 -6.51 -76.74
CA GLU M 477 73.92 -7.21 -77.65
C GLU M 477 74.09 -8.66 -77.20
N LYS M 478 74.24 -8.86 -75.90
CA LYS M 478 74.39 -10.20 -75.34
C LYS M 478 73.04 -10.86 -75.12
N LEU M 479 71.98 -10.06 -75.14
CA LEU M 479 70.62 -10.58 -74.96
C LEU M 479 70.13 -11.26 -76.23
N ALA M 480 70.80 -10.99 -77.33
CA ALA M 480 70.46 -11.60 -78.61
C ALA M 480 71.21 -12.91 -78.81
N ALA M 481 70.60 -14.01 -78.39
CA ALA M 481 71.22 -15.33 -78.50
C ALA M 481 70.19 -16.41 -78.79
N PRO N 14 24.22 23.87 6.54
CA PRO N 14 24.78 23.46 5.26
C PRO N 14 25.96 22.51 5.44
N ILE N 15 26.11 21.57 4.50
CA ILE N 15 27.15 20.56 4.58
C ILE N 15 28.46 21.07 3.99
N THR N 16 29.46 21.26 4.85
CA THR N 16 30.76 21.74 4.41
C THR N 16 31.67 20.57 4.03
N GLY N 17 32.46 20.76 2.98
CA GLY N 17 33.39 19.73 2.53
C GLY N 17 34.75 20.31 2.19
N LYS N 18 35.79 19.48 2.28
CA LYS N 18 37.15 19.93 1.98
C LYS N 18 37.69 19.27 0.70
N VAL N 19 38.67 19.93 0.09
CA VAL N 19 39.31 19.40 -1.11
C VAL N 19 40.51 18.55 -0.75
N THR N 20 40.42 17.26 -1.01
CA THR N 20 41.49 16.33 -0.65
C THR N 20 42.58 16.29 -1.73
N ALA N 21 42.16 16.15 -2.99
CA ALA N 21 43.10 16.03 -4.09
C ALA N 21 42.42 16.26 -5.44
N VAL N 22 43.19 16.78 -6.39
CA VAL N 22 42.69 17.00 -7.75
C VAL N 22 43.70 16.54 -8.79
N ILE N 23 43.22 15.81 -9.78
CA ILE N 23 44.06 15.38 -10.91
C ILE N 23 43.34 15.63 -12.24
N GLY N 24 43.48 16.85 -12.75
CA GLY N 24 42.84 17.22 -13.99
C GLY N 24 41.37 17.55 -13.81
N ALA N 25 40.51 16.70 -14.37
CA ALA N 25 39.07 16.93 -14.29
C ALA N 25 38.41 16.08 -13.20
N ILE N 26 39.24 15.44 -12.37
CA ILE N 26 38.73 14.64 -11.25
C ILE N 26 39.07 15.30 -9.92
N VAL N 27 38.05 15.52 -9.10
CA VAL N 27 38.24 16.16 -7.81
C VAL N 27 37.76 15.25 -6.68
N ASP N 28 38.51 15.23 -5.58
CA ASP N 28 38.18 14.39 -4.44
C ASP N 28 37.81 15.23 -3.21
N VAL N 29 36.62 15.01 -2.67
CA VAL N 29 36.12 15.80 -1.55
C VAL N 29 36.05 14.98 -0.26
N HIS N 30 36.18 15.65 0.88
CA HIS N 30 36.14 14.97 2.17
C HIS N 30 34.99 15.49 3.03
N PHE N 31 34.32 14.59 3.75
CA PHE N 31 33.24 14.98 4.63
C PHE N 31 33.44 14.38 6.02
N GLU N 32 32.34 14.28 6.77
CA GLU N 32 32.40 13.71 8.10
C GLU N 32 31.43 12.55 8.30
N GLN N 33 31.32 12.11 9.56
CA GLN N 33 30.72 10.83 9.89
C GLN N 33 29.67 10.37 8.91
N SER N 34 28.58 11.12 8.78
CA SER N 34 27.53 10.77 7.85
C SER N 34 27.10 11.94 6.99
N GLU N 35 28.04 12.71 6.49
CA GLU N 35 27.67 13.90 5.74
C GLU N 35 27.61 13.58 4.25
N LEU N 36 28.45 12.62 3.85
CA LEU N 36 28.66 12.27 2.45
C LEU N 36 27.39 12.34 1.61
N PRO N 37 27.40 13.19 0.57
CA PRO N 37 26.27 13.29 -0.36
C PRO N 37 26.21 12.08 -1.28
N ALA N 38 25.00 11.56 -1.51
CA ALA N 38 24.82 10.40 -2.37
C ALA N 38 25.41 10.64 -3.75
N ILE N 39 25.56 9.56 -4.53
CA ILE N 39 26.06 9.66 -5.89
C ILE N 39 25.05 10.40 -6.77
N LEU N 40 25.57 11.11 -7.78
CA LEU N 40 24.75 11.91 -8.68
C LEU N 40 24.41 13.28 -8.10
N ASN N 41 24.78 13.50 -6.84
CA ASN N 41 24.57 14.79 -6.19
C ASN N 41 25.55 15.84 -6.70
N ALA N 42 25.11 17.10 -6.71
CA ALA N 42 25.92 18.18 -7.22
C ALA N 42 26.58 19.00 -6.10
N LEU N 43 27.89 19.16 -6.18
CA LEU N 43 28.63 19.98 -5.23
C LEU N 43 29.02 21.30 -5.89
N GLU N 44 29.43 22.27 -5.08
CA GLU N 44 29.79 23.59 -5.60
C GLU N 44 30.94 24.24 -4.85
N ILE N 45 31.82 24.91 -5.59
CA ILE N 45 32.90 25.67 -4.98
C ILE N 45 32.86 27.11 -5.49
N LYS N 46 32.83 28.06 -4.56
CA LYS N 46 32.77 29.47 -4.93
C LYS N 46 34.09 29.94 -5.53
N THR N 47 34.08 30.14 -6.85
CA THR N 47 35.26 30.61 -7.57
C THR N 47 35.16 32.11 -7.83
N PRO N 48 36.31 32.77 -8.00
CA PRO N 48 36.35 34.22 -8.22
C PRO N 48 35.41 34.68 -9.33
N GLN N 49 35.37 33.95 -10.43
CA GLN N 49 34.58 34.32 -11.59
C GLN N 49 33.12 33.87 -11.46
N GLY N 50 32.91 32.66 -10.96
CA GLY N 50 31.58 32.12 -10.80
C GLY N 50 31.51 31.05 -9.74
N LYS N 51 31.21 29.82 -10.16
CA LYS N 51 31.08 28.69 -9.24
C LYS N 51 31.42 27.37 -9.92
N LEU N 52 32.47 26.72 -9.44
CA LEU N 52 32.85 25.41 -9.95
C LEU N 52 31.85 24.35 -9.46
N VAL N 53 31.31 23.59 -10.39
CA VAL N 53 30.32 22.57 -10.04
C VAL N 53 30.87 21.16 -10.21
N LEU N 54 30.71 20.33 -9.19
CA LEU N 54 31.14 18.95 -9.24
C LEU N 54 29.96 18.00 -9.12
N GLU N 55 30.11 16.79 -9.64
CA GLU N 55 29.06 15.78 -9.54
C GLU N 55 29.61 14.50 -8.92
N VAL N 56 28.99 14.06 -7.83
CA VAL N 56 29.43 12.85 -7.14
C VAL N 56 29.29 11.64 -8.04
N ALA N 57 30.35 10.83 -8.11
CA ALA N 57 30.36 9.67 -8.98
C ALA N 57 30.73 8.39 -8.24
N GLN N 58 31.50 8.53 -7.17
CA GLN N 58 31.97 7.36 -6.42
C GLN N 58 32.22 7.65 -4.94
N HIS N 59 31.80 6.72 -4.09
CA HIS N 59 32.16 6.75 -2.68
C HIS N 59 33.39 5.87 -2.47
N LEU N 60 34.56 6.51 -2.36
CA LEU N 60 35.83 5.78 -2.28
C LEU N 60 36.02 5.09 -0.94
N GLY N 61 35.46 5.67 0.12
CA GLY N 61 35.61 5.12 1.45
C GLY N 61 36.36 6.06 2.37
N GLU N 62 36.37 5.74 3.66
CA GLU N 62 37.00 6.58 4.67
C GLU N 62 36.55 8.04 4.53
N ASN N 63 35.28 8.23 4.21
CA ASN N 63 34.68 9.55 4.13
C ASN N 63 35.29 10.45 3.06
N THR N 64 35.29 9.96 1.82
CA THR N 64 35.78 10.73 0.68
C THR N 64 35.05 10.31 -0.58
N VAL N 65 34.70 11.29 -1.41
CA VAL N 65 33.98 11.02 -2.66
C VAL N 65 34.77 11.49 -3.87
N ARG N 66 34.65 10.76 -4.97
CA ARG N 66 35.32 11.12 -6.21
C ARG N 66 34.32 11.77 -7.16
N THR N 67 34.67 12.96 -7.66
CA THR N 67 33.77 13.72 -8.51
C THR N 67 34.43 14.12 -9.83
N ILE N 68 33.61 14.35 -10.86
CA ILE N 68 34.12 14.79 -12.15
C ILE N 68 33.76 16.26 -12.40
N ALA N 69 34.75 17.03 -12.81
CA ALA N 69 34.58 18.48 -12.96
C ALA N 69 33.59 18.85 -14.05
N MET N 70 32.99 20.04 -13.92
CA MET N 70 32.08 20.55 -14.94
C MET N 70 32.70 21.76 -15.64
N ASP N 71 33.84 22.20 -15.11
CA ASP N 71 34.58 23.30 -15.72
C ASP N 71 36.06 23.20 -15.34
N GLY N 72 36.84 24.20 -15.71
CA GLY N 72 38.26 24.22 -15.44
C GLY N 72 38.59 24.16 -13.96
N THR N 73 39.52 23.29 -13.60
CA THR N 73 39.96 23.15 -12.22
C THR N 73 41.25 23.93 -11.99
N GLU N 74 41.71 24.64 -13.02
CA GLU N 74 42.95 25.41 -12.91
C GLU N 74 42.86 26.48 -11.83
N GLY N 75 43.53 26.23 -10.70
CA GLY N 75 43.57 27.18 -9.62
C GLY N 75 43.05 26.62 -8.30
N LEU N 76 42.71 25.33 -8.30
CA LEU N 76 42.19 24.69 -7.11
C LEU N 76 43.27 24.39 -6.08
N VAL N 77 43.03 24.79 -4.84
CA VAL N 77 43.95 24.52 -3.75
C VAL N 77 43.34 23.50 -2.79
N ARG N 78 44.15 22.56 -2.34
CA ARG N 78 43.67 21.49 -1.46
C ARG N 78 43.14 22.04 -0.14
N GLY N 79 41.87 21.72 0.14
CA GLY N 79 41.26 22.10 1.40
C GLY N 79 40.30 23.26 1.30
N GLU N 80 39.61 23.38 0.17
CA GLU N 80 38.65 24.46 -0.03
C GLU N 80 37.21 24.01 0.25
N LYS N 81 36.38 24.97 0.65
CA LYS N 81 34.99 24.70 1.00
C LYS N 81 34.20 24.18 -0.20
N VAL N 82 33.51 23.07 -0.01
CA VAL N 82 32.68 22.48 -1.05
C VAL N 82 31.24 22.34 -0.58
N LEU N 83 30.40 23.31 -0.98
CA LEU N 83 29.00 23.31 -0.59
C LEU N 83 28.25 22.17 -1.28
N ASP N 84 27.39 21.50 -0.51
CA ASP N 84 26.53 20.45 -1.06
C ASP N 84 25.15 21.02 -1.37
N THR N 85 24.68 20.80 -2.59
CA THR N 85 23.38 21.32 -3.01
C THR N 85 22.24 20.47 -2.47
N GLY N 86 22.49 19.18 -2.30
CA GLY N 86 21.48 18.26 -1.79
C GLY N 86 21.16 17.16 -2.77
N GLY N 87 20.66 17.55 -3.94
CA GLY N 87 20.34 16.59 -4.98
C GLY N 87 21.24 16.75 -6.19
N PRO N 88 20.82 16.20 -7.35
CA PRO N 88 21.58 16.29 -8.59
C PRO N 88 21.62 17.73 -9.09
N ILE N 89 22.18 17.93 -10.29
CA ILE N 89 22.21 19.24 -10.91
C ILE N 89 20.79 19.64 -11.30
N SER N 90 20.34 20.79 -10.81
CA SER N 90 18.98 21.23 -11.07
C SER N 90 18.92 22.30 -12.16
N VAL N 91 17.87 22.22 -12.99
CA VAL N 91 17.69 23.18 -14.08
C VAL N 91 16.25 23.69 -14.15
N PRO N 92 16.08 24.97 -14.50
CA PRO N 92 14.78 25.61 -14.64
C PRO N 92 13.93 24.95 -15.73
N VAL N 93 12.65 24.73 -15.44
CA VAL N 93 11.74 24.12 -16.40
C VAL N 93 10.50 24.98 -16.60
N GLY N 94 9.77 24.73 -17.68
CA GLY N 94 8.57 25.48 -17.98
C GLY N 94 8.73 26.38 -19.19
N ARG N 95 7.85 27.38 -19.31
CA ARG N 95 7.87 28.28 -20.45
C ARG N 95 8.83 29.45 -20.27
N GLU N 96 9.27 29.66 -19.04
CA GLU N 96 10.19 30.77 -18.75
C GLU N 96 11.57 30.53 -19.35
N THR N 97 11.81 29.31 -19.81
CA THR N 97 13.09 28.96 -20.41
C THR N 97 13.08 29.14 -21.93
N LEU N 98 11.89 29.13 -22.52
CA LEU N 98 11.74 29.29 -23.96
C LEU N 98 12.42 30.56 -24.48
N GLY N 99 13.31 30.39 -25.46
CA GLY N 99 14.02 31.52 -26.04
C GLY N 99 15.23 31.94 -25.22
N ARG N 100 15.78 31.00 -24.46
CA ARG N 100 16.95 31.27 -23.62
C ARG N 100 18.05 30.25 -23.88
N ILE N 101 19.29 30.64 -23.63
CA ILE N 101 20.44 29.75 -23.78
C ILE N 101 20.91 29.26 -22.41
N ILE N 102 20.82 27.95 -22.20
CA ILE N 102 21.16 27.35 -20.92
C ILE N 102 22.39 26.46 -21.03
N ASN N 103 23.35 26.63 -20.14
CA ASN N 103 24.50 25.74 -20.09
C ASN N 103 24.11 24.47 -19.33
N VAL N 104 25.11 23.66 -18.99
CA VAL N 104 24.85 22.36 -18.36
C VAL N 104 24.24 22.48 -16.96
N ILE N 105 24.76 23.41 -16.16
CA ILE N 105 24.39 23.49 -14.75
C ILE N 105 23.02 24.14 -14.51
N GLY N 106 22.53 24.88 -15.49
CA GLY N 106 21.21 25.48 -15.38
C GLY N 106 21.18 26.98 -15.58
N GLU N 107 22.24 27.66 -15.14
CA GLU N 107 22.34 29.11 -15.28
C GLU N 107 22.29 29.52 -16.76
N PRO N 108 21.91 30.77 -17.03
CA PRO N 108 21.86 31.28 -18.40
C PRO N 108 23.21 31.85 -18.82
N ILE N 109 23.39 32.04 -20.11
CA ILE N 109 24.62 32.63 -20.64
C ILE N 109 24.36 33.51 -21.85
N ASP N 110 23.10 33.92 -22.02
CA ASP N 110 22.73 34.80 -23.12
C ASP N 110 22.73 36.27 -22.70
N GLU N 111 23.22 36.53 -21.49
CA GLU N 111 23.33 37.89 -20.97
C GLU N 111 21.98 38.56 -20.76
N ARG N 112 20.94 37.76 -20.55
CA ARG N 112 19.60 38.30 -20.32
C ARG N 112 19.21 38.25 -18.85
N GLY N 113 20.19 38.01 -17.99
CA GLY N 113 19.95 37.93 -16.56
C GLY N 113 19.19 36.67 -16.19
N PRO N 114 19.09 36.39 -14.89
CA PRO N 114 18.46 35.18 -14.34
C PRO N 114 17.10 34.87 -14.96
N ILE N 115 16.74 33.58 -14.97
CA ILE N 115 15.43 33.17 -15.45
C ILE N 115 14.49 32.96 -14.27
N LYS N 116 13.43 33.77 -14.21
CA LYS N 116 12.47 33.67 -13.12
C LYS N 116 11.48 32.54 -13.39
N SER N 117 11.94 31.31 -13.21
CA SER N 117 11.11 30.13 -13.43
C SER N 117 10.41 29.70 -12.16
N LYS N 118 9.37 28.87 -12.30
CA LYS N 118 8.60 28.39 -11.16
C LYS N 118 9.31 27.27 -10.41
N LEU N 119 9.27 26.07 -10.98
CA LEU N 119 9.90 24.91 -10.36
C LEU N 119 11.33 24.71 -10.84
N ARG N 120 11.96 23.63 -10.40
CA ARG N 120 13.33 23.31 -10.79
C ARG N 120 13.60 21.82 -10.62
N LYS N 121 13.70 21.11 -11.72
CA LYS N 121 13.88 19.66 -11.69
C LYS N 121 15.33 19.23 -11.88
N PRO N 122 15.71 18.10 -11.27
CA PRO N 122 17.03 17.50 -11.45
C PRO N 122 17.17 16.94 -12.87
N ILE N 123 18.40 16.85 -13.36
CA ILE N 123 18.65 16.33 -14.70
C ILE N 123 18.50 14.81 -14.74
N HIS N 124 18.80 14.15 -13.63
CA HIS N 124 18.70 12.70 -13.55
C HIS N 124 17.31 12.26 -13.11
N ALA N 125 16.76 11.29 -13.84
CA ALA N 125 15.46 10.72 -13.51
C ALA N 125 15.27 9.37 -14.20
N ASP N 126 14.42 8.52 -13.62
CA ASP N 126 14.17 7.19 -14.17
C ASP N 126 13.12 7.23 -15.26
N PRO N 127 13.40 6.57 -16.39
CA PRO N 127 12.46 6.48 -17.51
C PRO N 127 11.13 5.89 -17.09
N PRO N 128 10.02 6.40 -17.65
CA PRO N 128 8.65 6.01 -17.30
C PRO N 128 8.49 4.51 -17.07
N SER N 129 7.67 4.15 -16.09
CA SER N 129 7.42 2.76 -15.76
C SER N 129 6.79 2.01 -16.92
N PHE N 130 6.93 0.70 -16.92
CA PHE N 130 6.39 -0.13 -18.00
C PHE N 130 4.89 0.05 -18.14
N ALA N 131 4.23 0.46 -17.07
CA ALA N 131 2.78 0.66 -17.08
C ALA N 131 2.40 1.97 -17.77
N GLU N 132 3.23 3.00 -17.60
CA GLU N 132 2.96 4.33 -18.15
C GLU N 132 3.16 4.37 -19.66
N GLN N 133 3.82 3.36 -20.20
CA GLN N 133 4.13 3.31 -21.62
C GLN N 133 2.87 3.14 -22.47
N SER N 134 2.89 3.74 -23.65
CA SER N 134 1.77 3.63 -24.59
C SER N 134 1.82 2.32 -25.34
N THR N 135 0.71 1.59 -25.34
CA THR N 135 0.65 0.27 -25.94
C THR N 135 0.57 0.33 -27.47
N SER N 136 0.49 1.54 -28.02
CA SER N 136 0.35 1.70 -29.47
C SER N 136 1.30 2.76 -30.02
N ALA N 137 1.94 2.43 -31.15
CA ALA N 137 2.83 3.38 -31.82
C ALA N 137 2.04 4.22 -32.82
N GLU N 138 2.23 5.52 -32.76
CA GLU N 138 1.49 6.45 -33.61
C GLU N 138 2.41 7.35 -34.43
N ILE N 139 1.84 8.03 -35.42
CA ILE N 139 2.60 8.89 -36.30
C ILE N 139 2.51 10.36 -35.87
N LEU N 140 3.61 11.09 -36.06
CA LEU N 140 3.63 12.51 -35.75
C LEU N 140 3.72 13.33 -37.03
N GLU N 141 2.73 14.19 -37.25
CA GLU N 141 2.72 15.05 -38.44
C GLU N 141 3.77 16.15 -38.34
N THR N 142 4.59 16.25 -39.38
CA THR N 142 5.67 17.24 -39.41
C THR N 142 5.34 18.43 -40.29
N GLY N 143 4.44 18.22 -41.25
CA GLY N 143 4.10 19.24 -42.22
C GLY N 143 5.07 19.23 -43.38
N ILE N 144 5.72 18.08 -43.58
CA ILE N 144 6.69 17.92 -44.66
C ILE N 144 6.27 16.76 -45.56
N LYS N 145 6.02 17.06 -46.83
CA LYS N 145 5.59 16.04 -47.79
C LYS N 145 6.51 14.83 -47.81
N VAL N 146 7.80 15.07 -48.05
CA VAL N 146 8.79 14.00 -48.11
C VAL N 146 8.69 13.09 -46.88
N VAL N 147 8.72 13.68 -45.70
CA VAL N 147 8.71 12.93 -44.44
C VAL N 147 7.43 12.12 -44.24
N ASP N 148 6.31 12.81 -44.12
CA ASP N 148 5.03 12.19 -43.77
C ASP N 148 4.52 11.21 -44.83
N LEU N 149 5.35 10.92 -45.83
CA LEU N 149 4.99 9.94 -46.85
C LEU N 149 5.97 8.77 -46.88
N LEU N 150 7.26 9.11 -46.98
CA LEU N 150 8.30 8.09 -47.15
C LEU N 150 8.89 7.63 -45.83
N ALA N 151 9.05 8.55 -44.88
CA ALA N 151 9.63 8.22 -43.58
C ALA N 151 8.93 8.97 -42.45
N PRO N 152 7.75 8.48 -42.04
CA PRO N 152 6.94 9.08 -40.98
C PRO N 152 7.63 9.04 -39.63
N TYR N 153 7.66 10.18 -38.93
CA TYR N 153 8.21 10.24 -37.59
C TYR N 153 7.29 9.56 -36.59
N ALA N 154 7.87 8.88 -35.61
CA ALA N 154 7.08 8.19 -34.59
C ALA N 154 6.80 9.13 -33.41
N ARG N 155 5.52 9.23 -33.04
CA ARG N 155 5.13 10.05 -31.91
C ARG N 155 5.76 9.48 -30.64
N GLY N 156 6.64 10.27 -30.04
CA GLY N 156 7.42 9.78 -28.91
C GLY N 156 8.44 8.77 -29.38
N GLY N 157 9.00 9.03 -30.56
CA GLY N 157 9.95 8.12 -31.17
C GLY N 157 11.30 8.76 -31.45
N LYS N 158 12.27 7.94 -31.79
CA LYS N 158 13.62 8.41 -32.04
C LYS N 158 13.91 8.47 -33.54
N ILE N 159 14.42 9.62 -33.99
CA ILE N 159 14.73 9.82 -35.40
C ILE N 159 16.19 10.20 -35.62
N GLY N 160 16.87 9.45 -36.49
CA GLY N 160 18.26 9.72 -36.80
C GLY N 160 18.40 10.65 -37.98
N LEU N 161 19.04 11.80 -37.76
CA LEU N 161 19.24 12.78 -38.82
C LEU N 161 20.68 12.74 -39.33
N PHE N 162 20.83 12.84 -40.65
CA PHE N 162 22.15 12.83 -41.28
C PHE N 162 22.36 14.05 -42.15
N GLY N 163 23.55 14.17 -42.72
CA GLY N 163 23.91 15.33 -43.51
C GLY N 163 24.44 16.45 -42.65
N GLY N 164 25.52 17.09 -43.12
CA GLY N 164 26.13 18.17 -42.36
C GLY N 164 25.66 19.54 -42.80
N ALA N 165 26.55 20.29 -43.44
CA ALA N 165 26.22 21.64 -43.90
C ALA N 165 25.96 21.65 -45.40
N GLY N 166 25.23 22.65 -45.87
CA GLY N 166 24.93 22.79 -47.27
C GLY N 166 23.85 21.83 -47.74
N VAL N 167 23.03 21.37 -46.80
CA VAL N 167 21.95 20.44 -47.12
C VAL N 167 20.61 21.00 -46.66
N GLY N 168 20.67 21.98 -45.76
CA GLY N 168 19.46 22.60 -45.24
C GLY N 168 19.03 21.99 -43.92
N LYS N 169 19.99 21.69 -43.05
CA LYS N 169 19.69 21.09 -41.76
C LYS N 169 19.18 22.15 -40.77
N THR N 170 19.94 23.23 -40.61
CA THR N 170 19.57 24.31 -39.73
C THR N 170 18.13 24.78 -39.97
N VAL N 171 17.72 24.81 -41.24
CA VAL N 171 16.37 25.22 -41.60
C VAL N 171 15.37 24.09 -41.32
N PHE N 172 15.71 22.88 -41.78
CA PHE N 172 14.85 21.73 -41.58
C PHE N 172 14.42 21.61 -40.12
N ILE N 173 15.36 21.85 -39.21
CA ILE N 173 15.06 21.83 -37.78
C ILE N 173 14.11 22.95 -37.41
N GLN N 174 14.43 24.17 -37.84
CA GLN N 174 13.60 25.34 -37.55
C GLN N 174 12.17 25.17 -38.04
N GLU N 175 12.01 24.49 -39.18
CA GLU N 175 10.69 24.24 -39.72
C GLU N 175 9.93 23.24 -38.86
N LEU N 176 10.61 22.18 -38.44
CA LEU N 176 10.02 21.20 -37.55
C LEU N 176 9.52 21.88 -36.28
N ILE N 177 10.35 22.77 -35.73
CA ILE N 177 9.99 23.54 -34.56
C ILE N 177 8.72 24.35 -34.82
N ASN N 178 8.61 24.87 -36.04
CA ASN N 178 7.48 25.72 -36.42
C ASN N 178 6.19 24.94 -36.63
N ASN N 179 6.30 23.76 -37.24
CA ASN N 179 5.12 22.98 -37.61
C ASN N 179 4.52 22.19 -36.45
N ILE N 180 5.37 21.70 -35.55
CA ILE N 180 4.89 21.00 -34.36
C ILE N 180 4.23 21.99 -33.39
N ALA N 181 4.73 23.22 -33.37
CA ALA N 181 4.17 24.25 -32.51
C ALA N 181 2.80 24.70 -33.02
N LYS N 182 2.57 24.52 -34.32
CA LYS N 182 1.31 24.93 -34.94
C LYS N 182 0.32 23.77 -35.05
N ALA N 183 0.77 22.68 -35.65
CA ALA N 183 -0.10 21.52 -35.90
C ALA N 183 -0.56 20.85 -34.61
N HIS N 184 0.35 20.72 -33.65
CA HIS N 184 0.04 20.02 -32.40
C HIS N 184 0.10 20.95 -31.19
N GLY N 185 0.86 22.04 -31.33
CA GLY N 185 1.01 23.00 -30.25
C GLY N 185 2.09 22.62 -29.26
N GLY N 186 2.93 21.66 -29.65
CA GLY N 186 4.02 21.22 -28.80
C GLY N 186 5.28 22.05 -28.99
N PHE N 187 6.04 22.22 -27.91
CA PHE N 187 7.27 23.00 -27.97
C PHE N 187 8.46 22.13 -28.33
N SER N 188 9.61 22.76 -28.57
CA SER N 188 10.82 22.04 -28.94
C SER N 188 11.99 22.46 -28.07
N VAL N 189 12.94 21.55 -27.87
CA VAL N 189 14.11 21.83 -27.06
C VAL N 189 15.38 21.41 -27.79
N PHE N 190 16.09 22.38 -28.34
CA PHE N 190 17.33 22.11 -29.06
C PHE N 190 18.50 21.98 -28.09
N THR N 191 19.20 20.85 -28.16
CA THR N 191 20.33 20.60 -27.28
C THR N 191 21.61 20.34 -28.06
N GLY N 192 22.54 21.30 -27.99
CA GLY N 192 23.80 21.18 -28.68
C GLY N 192 24.87 20.47 -27.86
N VAL N 193 24.98 19.16 -28.06
CA VAL N 193 26.00 18.37 -27.38
C VAL N 193 27.32 18.45 -28.15
N GLY N 194 28.37 18.90 -27.46
CA GLY N 194 29.65 19.11 -28.10
C GLY N 194 29.51 20.12 -29.23
N GLU N 195 28.66 21.12 -29.01
CA GLU N 195 28.38 22.13 -30.02
C GLU N 195 29.51 23.15 -30.14
N ARG N 196 29.94 23.40 -31.37
CA ARG N 196 30.95 24.41 -31.61
C ARG N 196 30.40 25.77 -31.18
N THR N 197 31.22 26.54 -30.49
CA THR N 197 30.79 27.84 -29.98
C THR N 197 30.49 28.82 -31.11
N ARG N 198 31.11 28.59 -32.26
CA ARG N 198 30.89 29.44 -33.44
C ARG N 198 29.53 29.17 -34.06
N GLU N 199 29.22 27.89 -34.22
CA GLU N 199 27.93 27.47 -34.78
C GLU N 199 26.81 27.78 -33.78
N GLY N 200 27.17 27.85 -32.50
CA GLY N 200 26.20 28.19 -31.48
C GLY N 200 25.68 29.60 -31.66
N ASN N 201 26.58 30.52 -32.00
CA ASN N 201 26.20 31.90 -32.28
C ASN N 201 25.41 32.01 -33.58
N ASP N 202 25.89 31.33 -34.61
CA ASP N 202 25.28 31.40 -35.94
C ASP N 202 23.88 30.79 -35.94
N LEU N 203 23.65 29.82 -35.05
CA LEU N 203 22.33 29.21 -34.91
C LEU N 203 21.40 30.14 -34.15
N TYR N 204 21.91 30.70 -33.06
CA TYR N 204 21.14 31.61 -32.23
C TYR N 204 20.70 32.83 -33.02
N ARG N 205 21.67 33.57 -33.57
CA ARG N 205 21.38 34.74 -34.39
C ARG N 205 20.42 34.39 -35.52
N GLU N 206 20.60 33.22 -36.11
CA GLU N 206 19.79 32.77 -37.22
C GLU N 206 18.34 32.50 -36.78
N MET N 207 18.18 31.99 -35.57
CA MET N 207 16.87 31.65 -35.05
C MET N 207 16.00 32.89 -34.79
N LYS N 208 16.58 33.91 -34.17
CA LYS N 208 15.86 35.15 -33.92
C LYS N 208 15.37 35.73 -35.25
N GLU N 209 16.20 35.57 -36.27
CA GLU N 209 15.94 36.15 -37.58
C GLU N 209 14.82 35.41 -38.31
N THR N 210 14.67 34.12 -38.02
CA THR N 210 13.68 33.30 -38.72
C THR N 210 12.29 33.33 -38.10
N GLY N 211 12.21 33.66 -36.82
CA GLY N 211 10.92 33.83 -36.16
C GLY N 211 10.55 32.78 -35.13
N VAL N 212 11.37 31.73 -35.02
CA VAL N 212 11.15 30.71 -34.01
C VAL N 212 11.54 31.26 -32.64
N ILE N 213 12.46 32.22 -32.66
CA ILE N 213 12.89 32.91 -31.45
C ILE N 213 12.43 34.36 -31.49
N ASN N 214 11.41 34.68 -30.70
CA ASN N 214 10.90 36.05 -30.62
C ASN N 214 11.20 36.66 -29.25
N LEU N 215 12.32 37.38 -29.18
CA LEU N 215 12.79 37.96 -27.92
C LEU N 215 11.67 38.62 -27.13
N GLU N 216 11.00 39.61 -27.73
CA GLU N 216 9.92 40.32 -27.05
C GLU N 216 8.61 39.52 -27.11
N GLY N 217 8.32 38.94 -28.27
CA GLY N 217 7.14 38.13 -28.44
C GLY N 217 7.25 36.80 -27.72
N GLU N 218 6.69 35.76 -28.32
CA GLU N 218 6.74 34.42 -27.73
C GLU N 218 7.60 33.48 -28.55
N SER N 219 8.62 32.91 -27.92
CA SER N 219 9.53 31.99 -28.60
C SER N 219 8.93 30.58 -28.65
N LYS N 220 9.55 29.70 -29.42
CA LYS N 220 8.99 28.35 -29.62
C LYS N 220 9.97 27.23 -29.26
N VAL N 221 11.21 27.57 -28.93
CA VAL N 221 12.21 26.56 -28.64
C VAL N 221 13.24 27.04 -27.61
N ALA N 222 13.72 26.10 -26.78
CA ALA N 222 14.75 26.38 -25.80
C ALA N 222 16.12 25.93 -26.30
N LEU N 223 17.16 26.65 -25.92
CA LEU N 223 18.51 26.34 -26.38
C LEU N 223 19.44 25.94 -25.25
N VAL N 224 20.01 24.74 -25.35
CA VAL N 224 20.99 24.26 -24.39
C VAL N 224 22.31 23.98 -25.11
N PHE N 225 23.38 24.66 -24.70
CA PHE N 225 24.66 24.52 -25.39
C PHE N 225 25.73 23.86 -24.55
N GLY N 226 25.95 22.57 -24.79
CA GLY N 226 27.06 21.85 -24.18
C GLY N 226 28.32 22.07 -24.99
N GLN N 227 28.83 23.29 -24.95
CA GLN N 227 29.98 23.69 -25.75
C GLN N 227 31.14 22.69 -25.70
N MET N 228 31.98 22.71 -26.73
CA MET N 228 33.06 21.74 -26.86
C MET N 228 34.20 21.99 -25.88
N ASN N 229 34.64 23.24 -25.77
CA ASN N 229 35.78 23.58 -24.91
C ASN N 229 35.53 23.36 -23.43
N GLU N 230 34.50 22.58 -23.11
CA GLU N 230 34.21 22.21 -21.73
C GLU N 230 34.70 20.80 -21.44
N PRO N 231 35.21 20.57 -20.22
CA PRO N 231 35.69 19.24 -19.81
C PRO N 231 34.66 18.15 -20.09
N PRO N 232 35.12 16.89 -20.21
CA PRO N 232 34.28 15.75 -20.56
C PRO N 232 33.01 15.65 -19.73
N GLY N 233 33.08 16.06 -18.46
CA GLY N 233 31.94 15.95 -17.56
C GLY N 233 30.69 16.65 -18.05
N ALA N 234 30.85 17.87 -18.54
CA ALA N 234 29.72 18.67 -19.00
C ALA N 234 29.03 18.05 -20.21
N ARG N 235 29.79 17.84 -21.28
CA ARG N 235 29.25 17.34 -22.54
C ARG N 235 28.45 16.04 -22.39
N ALA N 236 28.82 15.24 -21.39
CA ALA N 236 28.16 13.97 -21.17
C ALA N 236 26.81 14.13 -20.46
N ARG N 237 26.64 15.25 -19.78
CA ARG N 237 25.44 15.50 -18.99
C ARG N 237 24.52 16.54 -19.64
N VAL N 238 25.05 17.28 -20.61
CA VAL N 238 24.26 18.31 -21.29
C VAL N 238 23.10 17.71 -22.08
N ALA N 239 23.28 16.47 -22.53
CA ALA N 239 22.22 15.77 -23.24
C ALA N 239 21.05 15.50 -22.31
N LEU N 240 21.35 15.44 -21.01
CA LEU N 240 20.33 15.22 -20.00
C LEU N 240 19.70 16.54 -19.57
N THR N 241 20.50 17.60 -19.55
CA THR N 241 20.04 18.92 -19.13
C THR N 241 18.80 19.35 -19.91
N GLY N 242 18.82 19.09 -21.21
CA GLY N 242 17.71 19.47 -22.07
C GLY N 242 16.58 18.46 -22.07
N LEU N 243 16.95 17.19 -21.90
CA LEU N 243 15.98 16.11 -21.88
C LEU N 243 14.95 16.31 -20.77
N THR N 244 15.39 16.85 -19.64
CA THR N 244 14.52 17.13 -18.52
C THR N 244 13.58 18.30 -18.84
N ILE N 245 14.07 19.22 -19.65
CA ILE N 245 13.27 20.37 -20.06
C ILE N 245 12.06 19.92 -20.88
N ALA N 246 12.29 18.97 -21.77
CA ALA N 246 11.21 18.44 -22.60
C ALA N 246 10.25 17.57 -21.80
N GLU N 247 10.77 16.93 -20.76
CA GLU N 247 9.96 16.07 -19.89
C GLU N 247 8.82 16.85 -19.25
N TYR N 248 9.13 18.03 -18.72
CA TYR N 248 8.14 18.87 -18.06
C TYR N 248 6.93 19.07 -18.98
N PHE N 249 7.16 19.65 -20.14
CA PHE N 249 6.08 19.93 -21.09
C PHE N 249 5.24 18.69 -21.37
N ARG N 250 5.89 17.53 -21.41
CA ARG N 250 5.22 16.27 -21.70
C ARG N 250 4.36 15.78 -20.53
N ASP N 251 4.96 15.76 -19.35
CA ASP N 251 4.28 15.23 -18.16
C ASP N 251 3.42 16.28 -17.47
N GLU N 252 3.70 17.55 -17.74
CA GLU N 252 3.01 18.64 -17.06
C GLU N 252 1.95 19.29 -17.96
N GLU N 253 2.33 19.58 -19.20
CA GLU N 253 1.44 20.27 -20.11
C GLU N 253 0.91 19.35 -21.22
N GLY N 254 1.09 18.05 -21.03
CA GLY N 254 0.61 17.06 -21.98
C GLY N 254 0.92 17.42 -23.42
N GLN N 255 2.15 17.84 -23.68
CA GLN N 255 2.55 18.27 -25.01
C GLN N 255 3.27 17.18 -25.79
N ASP N 256 3.26 17.30 -27.11
CA ASP N 256 4.06 16.45 -27.97
C ASP N 256 5.35 17.17 -28.31
N VAL N 257 6.29 17.13 -27.37
CA VAL N 257 7.51 17.92 -27.44
C VAL N 257 8.50 17.40 -28.49
N LEU N 258 9.50 18.21 -28.80
CA LEU N 258 10.57 17.83 -29.71
C LEU N 258 11.93 18.08 -29.05
N LEU N 259 12.79 17.07 -29.09
CA LEU N 259 14.12 17.20 -28.49
C LEU N 259 15.22 16.91 -29.51
N PHE N 260 15.87 17.97 -29.98
CA PHE N 260 16.96 17.82 -30.94
C PHE N 260 18.30 17.64 -30.23
N ILE N 261 19.01 16.57 -30.58
CA ILE N 261 20.32 16.31 -30.03
C ILE N 261 21.37 16.36 -31.13
N ASP N 262 22.43 17.13 -30.90
CA ASP N 262 23.46 17.33 -31.92
C ASP N 262 24.79 17.69 -31.27
N ASN N 263 25.73 16.74 -31.30
CA ASN N 263 25.53 15.45 -31.94
C ASN N 263 25.51 14.31 -30.92
N ILE N 264 24.67 13.31 -31.17
CA ILE N 264 24.51 12.18 -30.27
C ILE N 264 25.83 11.43 -30.02
N PHE N 265 26.66 11.33 -31.06
CA PHE N 265 27.91 10.60 -30.96
C PHE N 265 28.88 11.27 -30.00
N ARG N 266 28.83 12.60 -29.94
CA ARG N 266 29.69 13.36 -29.04
C ARG N 266 29.20 13.24 -27.60
N PHE N 267 28.00 12.70 -27.43
CA PHE N 267 27.51 12.35 -26.11
C PHE N 267 28.08 10.99 -25.72
N THR N 268 28.11 10.08 -26.70
CA THR N 268 28.68 8.76 -26.50
C THR N 268 30.18 8.84 -26.25
N GLN N 269 30.88 9.55 -27.13
CA GLN N 269 32.33 9.72 -27.00
C GLN N 269 32.69 10.35 -25.67
N ALA N 270 31.92 11.37 -25.28
CA ALA N 270 32.14 12.03 -24.00
C ALA N 270 31.97 11.02 -22.86
N GLY N 271 30.98 10.15 -23.00
CA GLY N 271 30.74 9.09 -22.03
C GLY N 271 31.92 8.14 -21.97
N SER N 272 32.74 8.14 -23.02
CA SER N 272 33.93 7.32 -23.06
C SER N 272 35.12 8.08 -22.49
N GLU N 273 35.07 9.40 -22.57
CA GLU N 273 36.13 10.25 -22.04
C GLU N 273 36.09 10.31 -20.52
N VAL N 274 34.89 10.47 -19.98
CA VAL N 274 34.69 10.49 -18.54
C VAL N 274 35.06 9.14 -17.93
N SER N 275 34.54 8.08 -18.52
CA SER N 275 34.79 6.72 -18.03
C SER N 275 36.29 6.44 -17.94
N ALA N 276 37.03 6.85 -18.97
CA ALA N 276 38.48 6.66 -18.98
C ALA N 276 39.13 7.43 -17.84
N LEU N 277 38.61 8.63 -17.55
CA LEU N 277 39.14 9.45 -16.48
C LEU N 277 38.85 8.85 -15.09
N LEU N 278 37.63 8.36 -14.91
CA LEU N 278 37.24 7.75 -13.64
C LEU N 278 38.18 6.60 -13.27
N GLY N 279 38.58 5.83 -14.28
CA GLY N 279 39.49 4.72 -14.05
C GLY N 279 38.87 3.37 -14.36
N ARG N 280 37.84 3.36 -15.20
CA ARG N 280 37.16 2.14 -15.59
C ARG N 280 37.87 1.49 -16.78
N ILE N 281 37.80 0.17 -16.87
CA ILE N 281 38.46 -0.55 -17.97
C ILE N 281 37.69 -0.41 -19.27
N PRO N 282 38.35 0.13 -20.30
CA PRO N 282 37.76 0.30 -21.64
C PRO N 282 37.29 -1.04 -22.20
N SER N 283 36.05 -1.07 -22.68
CA SER N 283 35.48 -2.29 -23.23
C SER N 283 35.96 -2.54 -24.65
N ALA N 284 35.02 -2.72 -25.57
CA ALA N 284 35.35 -2.98 -26.97
C ALA N 284 35.59 -1.68 -27.72
N VAL N 285 36.58 -1.70 -28.62
CA VAL N 285 36.90 -0.55 -29.47
C VAL N 285 37.13 0.73 -28.67
N GLY N 286 37.57 0.59 -27.42
CA GLY N 286 37.93 1.73 -26.60
C GLY N 286 36.76 2.48 -25.99
N TYR N 287 35.53 2.07 -26.31
CA TYR N 287 34.36 2.70 -25.71
C TYR N 287 34.20 2.28 -24.27
N GLN N 288 33.47 3.08 -23.49
CA GLN N 288 33.28 2.77 -22.07
C GLN N 288 32.55 1.45 -21.89
N PRO N 289 32.84 0.74 -20.79
CA PRO N 289 32.18 -0.54 -20.48
C PRO N 289 30.68 -0.37 -20.35
N THR N 290 30.26 0.82 -19.92
CA THR N 290 28.84 1.12 -19.73
C THR N 290 28.26 1.87 -20.92
N LEU N 291 28.42 1.28 -22.12
CA LEU N 291 27.95 1.92 -23.34
C LEU N 291 26.45 1.70 -23.55
N ALA N 292 25.94 0.55 -23.12
CA ALA N 292 24.55 0.20 -23.33
C ALA N 292 23.62 0.85 -22.31
N THR N 293 24.00 0.81 -21.04
CA THR N 293 23.18 1.38 -19.98
C THR N 293 23.14 2.90 -20.05
N ASP N 294 24.30 3.51 -20.30
CA ASP N 294 24.39 4.96 -20.45
C ASP N 294 23.53 5.42 -21.62
N MET N 295 23.33 4.53 -22.59
CA MET N 295 22.51 4.86 -23.76
C MET N 295 21.04 4.60 -23.47
N GLY N 296 20.78 3.76 -22.48
CA GLY N 296 19.41 3.45 -22.09
C GLY N 296 18.84 4.48 -21.15
N LEU N 297 19.71 5.12 -20.37
CA LEU N 297 19.29 6.14 -19.42
C LEU N 297 18.93 7.45 -20.10
N LEU N 298 18.97 7.46 -21.43
CA LEU N 298 18.62 8.65 -22.19
C LEU N 298 17.51 8.33 -23.19
N GLN N 299 17.69 7.27 -23.96
CA GLN N 299 16.74 6.90 -25.01
C GLN N 299 15.40 6.44 -24.44
N GLU N 300 15.43 5.84 -23.26
CA GLU N 300 14.21 5.34 -22.64
C GLU N 300 13.40 6.44 -21.97
N ARG N 301 14.00 7.61 -21.84
CA ARG N 301 13.30 8.78 -21.30
C ARG N 301 12.57 9.51 -22.43
N ILE N 302 12.77 9.03 -23.65
CA ILE N 302 12.13 9.61 -24.83
C ILE N 302 11.07 8.66 -25.37
N THR N 303 9.88 8.68 -24.76
CA THR N 303 8.77 7.83 -25.19
C THR N 303 7.44 8.51 -24.91
N THR N 304 6.36 7.85 -25.31
CA THR N 304 5.02 8.43 -25.18
C THR N 304 4.32 7.99 -23.89
N THR N 305 4.23 8.90 -22.93
CA THR N 305 3.55 8.63 -21.67
C THR N 305 2.05 8.70 -21.83
N LYS N 306 1.32 8.70 -20.72
CA LYS N 306 -0.11 8.86 -20.73
C LYS N 306 -0.48 10.34 -20.65
N LYS N 307 0.50 11.16 -20.29
CA LYS N 307 0.32 12.60 -20.22
C LYS N 307 0.51 13.22 -21.61
N GLY N 308 1.68 13.00 -22.20
CA GLY N 308 1.98 13.51 -23.52
C GLY N 308 3.01 12.66 -24.23
N SER N 309 3.91 13.30 -24.97
CA SER N 309 4.96 12.59 -25.70
C SER N 309 6.16 13.48 -25.96
N VAL N 310 7.33 12.87 -26.06
CA VAL N 310 8.55 13.57 -26.43
C VAL N 310 9.22 12.87 -27.60
N THR N 311 9.10 13.45 -28.79
CA THR N 311 9.75 12.91 -29.97
C THR N 311 11.11 13.57 -30.16
N SER N 312 12.10 12.79 -30.58
CA SER N 312 13.45 13.32 -30.73
C SER N 312 14.05 13.09 -32.11
N VAL N 313 14.59 14.15 -32.69
CA VAL N 313 15.36 14.06 -33.92
C VAL N 313 16.83 14.32 -33.62
N GLN N 314 17.64 13.28 -33.67
CA GLN N 314 19.04 13.37 -33.25
C GLN N 314 20.00 13.12 -34.41
N ALA N 315 20.92 14.06 -34.64
CA ALA N 315 21.93 13.92 -35.67
C ALA N 315 22.92 12.83 -35.28
N VAL N 316 23.11 11.86 -36.16
CA VAL N 316 23.96 10.70 -35.87
C VAL N 316 25.28 10.74 -36.64
N TYR N 317 26.36 10.45 -35.95
CA TYR N 317 27.67 10.32 -36.58
C TYR N 317 28.11 8.86 -36.59
N VAL N 318 28.80 8.45 -37.64
CA VAL N 318 29.27 7.08 -37.77
C VAL N 318 30.78 7.03 -37.96
N PRO N 319 31.50 6.40 -37.02
CA PRO N 319 32.96 6.29 -37.02
C PRO N 319 33.48 5.45 -38.19
N ALA N 320 34.45 5.99 -38.92
CA ALA N 320 35.07 5.26 -40.02
C ALA N 320 34.04 4.67 -40.98
N ASP N 321 32.88 5.31 -41.07
CA ASP N 321 31.80 4.81 -41.92
C ASP N 321 31.52 3.34 -41.62
N ASP N 322 31.69 2.96 -40.36
CA ASP N 322 31.49 1.58 -39.93
C ASP N 322 30.21 1.47 -39.10
N LEU N 323 29.17 0.91 -39.70
CA LEU N 323 27.89 0.77 -39.03
C LEU N 323 27.92 -0.31 -37.96
N THR N 324 28.90 -1.21 -38.05
CA THR N 324 29.05 -2.28 -37.08
C THR N 324 29.87 -1.82 -35.88
N ASP N 325 30.28 -0.55 -35.89
CA ASP N 325 30.97 0.05 -34.76
C ASP N 325 30.00 0.18 -33.59
N PRO N 326 30.47 -0.11 -32.36
CA PRO N 326 29.63 -0.06 -31.16
C PRO N 326 28.83 1.23 -31.03
N ALA N 327 29.48 2.37 -31.22
CA ALA N 327 28.82 3.66 -31.03
C ALA N 327 27.50 3.79 -31.79
N PRO N 328 27.54 3.64 -33.13
CA PRO N 328 26.29 3.72 -33.90
C PRO N 328 25.38 2.52 -33.66
N ALA N 329 25.93 1.31 -33.77
CA ALA N 329 25.16 0.09 -33.64
C ALA N 329 24.30 0.07 -32.37
N THR N 330 24.87 0.55 -31.27
CA THR N 330 24.16 0.62 -30.00
C THR N 330 23.00 1.62 -30.07
N THR N 331 23.25 2.75 -30.72
CA THR N 331 22.25 3.80 -30.82
C THR N 331 21.18 3.46 -31.87
N PHE N 332 21.63 2.89 -32.99
CA PHE N 332 20.72 2.55 -34.09
C PHE N 332 19.65 1.55 -33.69
N ALA N 333 19.92 0.77 -32.65
CA ALA N 333 18.93 -0.17 -32.14
C ALA N 333 17.73 0.58 -31.59
N HIS N 334 17.98 1.78 -31.09
CA HIS N 334 16.93 2.61 -30.51
C HIS N 334 16.21 3.46 -31.57
N LEU N 335 16.85 3.64 -32.71
CA LEU N 335 16.29 4.49 -33.77
C LEU N 335 15.02 3.90 -34.39
N ASP N 336 14.06 4.78 -34.68
CA ASP N 336 12.81 4.38 -35.32
C ASP N 336 12.80 4.78 -36.79
N ALA N 337 13.13 6.04 -37.06
CA ALA N 337 13.14 6.56 -38.42
C ALA N 337 14.42 7.32 -38.73
N THR N 338 14.77 7.39 -40.02
CA THR N 338 15.97 8.12 -40.45
C THR N 338 15.62 9.19 -41.49
N THR N 339 16.27 10.34 -41.39
CA THR N 339 16.09 11.41 -42.35
C THR N 339 17.43 11.83 -42.94
N VAL N 340 17.69 11.38 -44.17
CA VAL N 340 18.98 11.61 -44.81
C VAL N 340 18.96 12.85 -45.71
N LEU N 341 19.69 13.88 -45.30
CA LEU N 341 19.81 15.08 -46.11
C LEU N 341 21.05 15.00 -47.00
N SER N 342 20.90 14.34 -48.13
CA SER N 342 22.00 14.18 -49.08
C SER N 342 22.20 15.44 -49.92
N ARG N 343 23.45 15.89 -50.01
CA ARG N 343 23.78 17.06 -50.81
C ARG N 343 23.55 16.76 -52.29
N GLY N 344 23.44 15.47 -52.61
CA GLY N 344 23.15 15.04 -53.96
C GLY N 344 21.75 15.43 -54.39
N ILE N 345 20.89 15.70 -53.39
CA ILE N 345 19.54 16.15 -53.65
C ILE N 345 19.52 17.67 -53.74
N SER N 346 20.34 18.31 -52.91
CA SER N 346 20.46 19.76 -52.90
C SER N 346 21.09 20.25 -54.20
N GLU N 347 21.88 19.38 -54.82
CA GLU N 347 22.54 19.71 -56.08
C GLU N 347 21.52 19.83 -57.20
N LEU N 348 20.51 18.97 -57.17
CA LEU N 348 19.43 19.01 -58.15
C LEU N 348 18.44 20.12 -57.82
N GLY N 349 18.76 20.90 -56.79
CA GLY N 349 17.94 22.04 -56.40
C GLY N 349 16.66 21.66 -55.69
N ILE N 350 16.60 20.43 -55.18
CA ILE N 350 15.43 19.96 -54.47
C ILE N 350 15.54 20.27 -52.97
N TYR N 351 14.52 20.95 -52.44
CA TYR N 351 14.52 21.32 -51.03
C TYR N 351 13.15 21.09 -50.41
N PRO N 352 13.11 20.43 -49.24
CA PRO N 352 14.27 19.96 -48.45
C PRO N 352 15.13 18.96 -49.22
N ALA N 353 16.41 18.88 -48.85
CA ALA N 353 17.35 18.01 -49.53
C ALA N 353 17.23 16.56 -49.04
N VAL N 354 16.05 16.21 -48.54
CA VAL N 354 15.80 14.86 -48.05
C VAL N 354 15.89 13.83 -49.17
N ASP N 355 16.75 12.83 -48.99
CA ASP N 355 16.88 11.74 -49.94
C ASP N 355 15.72 10.77 -49.75
N PRO N 356 14.83 10.69 -50.76
CA PRO N 356 13.61 9.88 -50.72
C PRO N 356 13.88 8.39 -50.50
N LEU N 357 15.05 7.93 -50.92
CA LEU N 357 15.37 6.51 -50.89
C LEU N 357 16.17 6.10 -49.65
N ASP N 358 17.16 6.91 -49.29
CA ASP N 358 17.99 6.62 -48.13
C ASP N 358 17.19 6.66 -46.84
N SER N 359 16.29 7.64 -46.74
CA SER N 359 15.46 7.79 -45.55
C SER N 359 14.43 6.66 -45.45
N LYS N 360 14.36 6.03 -44.29
CA LYS N 360 13.41 4.94 -44.05
C LYS N 360 12.85 5.01 -42.64
N SER N 361 11.60 4.56 -42.48
CA SER N 361 10.95 4.57 -41.18
C SER N 361 10.42 3.18 -40.81
N ARG N 362 10.48 2.85 -39.52
CA ARG N 362 10.01 1.56 -39.05
C ARG N 362 8.49 1.51 -39.08
N LEU N 363 7.85 2.67 -38.97
CA LEU N 363 6.40 2.75 -38.99
C LEU N 363 5.83 2.82 -40.41
N LEU N 364 6.67 2.51 -41.39
CA LEU N 364 6.22 2.51 -42.78
C LEU N 364 5.57 1.17 -43.12
N ASP N 365 4.54 0.82 -42.36
CA ASP N 365 3.83 -0.45 -42.55
C ASP N 365 2.35 -0.21 -42.79
N ALA N 366 1.70 -1.15 -43.48
CA ALA N 366 0.28 -1.04 -43.78
C ALA N 366 -0.59 -1.10 -42.52
N ALA N 367 0.02 -1.49 -41.40
CA ALA N 367 -0.71 -1.67 -40.16
C ALA N 367 -0.75 -0.40 -39.31
N VAL N 368 0.21 0.49 -39.54
CA VAL N 368 0.33 1.69 -38.71
C VAL N 368 -0.29 2.92 -39.37
N VAL N 369 0.09 3.17 -40.62
CA VAL N 369 -0.36 4.37 -41.32
C VAL N 369 -1.55 4.11 -42.24
N GLY N 370 -1.90 2.84 -42.41
CA GLY N 370 -3.01 2.47 -43.26
C GLY N 370 -2.57 1.84 -44.56
N GLN N 371 -3.30 0.82 -45.00
CA GLN N 371 -2.97 0.12 -46.24
C GLN N 371 -2.91 1.08 -47.42
N GLU N 372 -3.75 2.11 -47.37
CA GLU N 372 -3.81 3.12 -48.42
C GLU N 372 -2.46 3.81 -48.57
N HIS N 373 -1.99 4.38 -47.46
CA HIS N 373 -0.70 5.08 -47.44
C HIS N 373 0.43 4.18 -47.90
N TYR N 374 0.43 2.94 -47.42
CA TYR N 374 1.49 1.98 -47.72
C TYR N 374 1.62 1.74 -49.22
N ASP N 375 0.49 1.45 -49.88
CA ASP N 375 0.49 1.22 -51.31
C ASP N 375 1.04 2.42 -52.07
N VAL N 376 0.62 3.61 -51.67
CA VAL N 376 1.04 4.84 -52.32
C VAL N 376 2.53 5.11 -52.12
N ALA N 377 3.01 4.91 -50.89
CA ALA N 377 4.41 5.14 -50.58
C ALA N 377 5.31 4.12 -51.25
N SER N 378 4.83 2.89 -51.37
CA SER N 378 5.58 1.81 -52.01
C SER N 378 5.72 2.05 -53.51
N LYS N 379 4.65 2.57 -54.12
CA LYS N 379 4.67 2.89 -55.55
C LYS N 379 5.62 4.06 -55.82
N VAL N 380 5.52 5.10 -55.01
CA VAL N 380 6.41 6.25 -55.13
C VAL N 380 7.87 5.81 -55.16
N GLN N 381 8.28 5.08 -54.13
CA GLN N 381 9.66 4.60 -54.01
C GLN N 381 10.05 3.72 -55.19
N GLU N 382 9.20 2.75 -55.51
CA GLU N 382 9.48 1.79 -56.57
C GLU N 382 9.65 2.47 -57.93
N THR N 383 9.06 3.65 -58.08
CA THR N 383 9.15 4.39 -59.32
C THR N 383 10.45 5.20 -59.38
N LEU N 384 10.84 5.76 -58.24
CA LEU N 384 12.08 6.52 -58.15
C LEU N 384 13.29 5.61 -58.29
N GLN N 385 13.12 4.34 -57.90
CA GLN N 385 14.23 3.38 -57.94
C GLN N 385 14.42 2.82 -59.35
N THR N 386 13.37 2.87 -60.17
CA THR N 386 13.47 2.46 -61.56
C THR N 386 14.02 3.62 -62.39
N TYR N 387 13.77 4.84 -61.92
CA TYR N 387 14.26 6.04 -62.58
C TYR N 387 15.75 6.23 -62.31
N LYS N 388 16.17 5.84 -61.10
CA LYS N 388 17.57 5.96 -60.71
C LYS N 388 18.45 4.98 -61.48
N SER N 389 17.87 3.84 -61.86
CA SER N 389 18.59 2.83 -62.61
C SER N 389 18.68 3.19 -64.08
N LEU N 390 17.63 3.84 -64.58
CA LEU N 390 17.55 4.23 -65.99
C LEU N 390 18.57 5.31 -66.35
N GLN N 391 19.23 5.86 -65.34
CA GLN N 391 20.20 6.93 -65.56
C GLN N 391 21.35 6.47 -66.46
N ASP N 392 21.58 5.17 -66.52
CA ASP N 392 22.71 4.61 -67.26
C ASP N 392 22.54 4.72 -68.78
N ILE N 393 21.38 4.30 -69.28
CA ILE N 393 21.14 4.28 -70.72
C ILE N 393 20.66 5.62 -71.28
N ILE N 394 20.04 6.42 -70.43
CA ILE N 394 19.54 7.73 -70.85
C ILE N 394 20.70 8.70 -71.10
N ALA N 395 21.83 8.46 -70.42
CA ALA N 395 23.00 9.32 -70.55
C ALA N 395 23.65 9.21 -71.92
N ILE N 396 23.39 8.11 -72.61
CA ILE N 396 23.99 7.86 -73.93
C ILE N 396 22.94 7.72 -75.03
N LEU N 397 21.94 6.88 -74.79
CA LEU N 397 20.92 6.60 -75.79
C LEU N 397 20.01 7.80 -76.05
N GLY N 398 19.48 8.37 -74.98
CA GLY N 398 18.47 9.41 -75.09
C GLY N 398 17.11 8.85 -74.71
N MET N 399 16.09 9.70 -74.76
CA MET N 399 14.75 9.30 -74.35
C MET N 399 14.09 8.33 -75.35
N ASP N 400 14.59 8.34 -76.57
CA ASP N 400 13.98 7.58 -77.67
C ASP N 400 13.95 6.07 -77.46
N GLU N 401 14.91 5.54 -76.72
CA GLU N 401 15.03 4.09 -76.55
C GLU N 401 14.11 3.52 -75.48
N LEU N 402 13.43 4.40 -74.74
CA LEU N 402 12.50 3.97 -73.71
C LEU N 402 11.29 3.27 -74.32
N SER N 403 10.84 2.19 -73.68
CA SER N 403 9.71 1.41 -74.19
C SER N 403 8.38 2.07 -73.86
N GLU N 404 7.29 1.35 -74.11
CA GLU N 404 5.94 1.87 -73.88
C GLU N 404 5.66 2.03 -72.39
N GLN N 405 6.18 1.11 -71.59
CA GLN N 405 6.00 1.17 -70.14
C GLN N 405 7.09 2.00 -69.48
N ASP N 406 8.25 2.06 -70.12
CA ASP N 406 9.38 2.81 -69.59
C ASP N 406 9.11 4.31 -69.53
N LYS N 407 8.94 4.92 -70.70
CA LYS N 407 8.71 6.36 -70.78
C LYS N 407 7.46 6.77 -70.03
N LEU N 408 6.54 5.84 -69.84
CA LEU N 408 5.29 6.11 -69.14
C LEU N 408 5.54 6.47 -67.68
N THR N 409 6.31 5.63 -66.99
CA THR N 409 6.60 5.84 -65.58
C THR N 409 7.74 6.85 -65.37
N VAL N 410 8.54 7.05 -66.41
CA VAL N 410 9.63 8.02 -66.35
C VAL N 410 9.09 9.44 -66.26
N GLU N 411 7.95 9.67 -66.90
CA GLU N 411 7.32 10.99 -66.91
C GLU N 411 6.85 11.37 -65.51
N ARG N 412 6.39 10.39 -64.75
CA ARG N 412 5.88 10.63 -63.41
C ARG N 412 7.00 10.81 -62.37
N ALA N 413 8.10 10.09 -62.56
CA ALA N 413 9.20 10.14 -61.61
C ALA N 413 9.83 11.53 -61.53
N ARG N 414 9.90 12.21 -62.67
CA ARG N 414 10.46 13.55 -62.73
C ARG N 414 9.46 14.57 -62.19
N LYS N 415 8.19 14.15 -62.11
CA LYS N 415 7.13 14.98 -61.56
C LYS N 415 7.05 14.80 -60.05
N ILE N 416 7.12 13.55 -59.61
CA ILE N 416 7.07 13.22 -58.18
C ILE N 416 8.30 13.78 -57.47
N GLN N 417 9.47 13.55 -58.05
CA GLN N 417 10.73 14.01 -57.46
C GLN N 417 10.70 15.50 -57.15
N ARG N 418 10.12 16.27 -58.06
CA ARG N 418 10.01 17.71 -57.89
C ARG N 418 8.86 18.08 -56.97
N PHE N 419 7.85 17.21 -56.92
CA PHE N 419 6.67 17.44 -56.09
C PHE N 419 7.03 17.32 -54.62
N LEU N 420 8.08 16.55 -54.32
CA LEU N 420 8.54 16.37 -52.96
C LEU N 420 9.01 17.68 -52.34
N SER N 421 9.80 18.45 -53.09
CA SER N 421 10.30 19.73 -52.61
C SER N 421 9.14 20.60 -52.12
N GLN N 422 9.43 21.49 -51.17
CA GLN N 422 8.38 22.28 -50.53
C GLN N 422 8.94 23.51 -49.82
N PRO N 423 8.23 24.64 -49.94
CA PRO N 423 8.63 25.90 -49.29
C PRO N 423 8.42 25.83 -47.78
N PHE N 424 9.44 26.19 -47.02
CA PHE N 424 9.32 26.22 -45.56
C PHE N 424 8.88 27.61 -45.09
N ALA N 425 7.96 27.63 -44.14
CA ALA N 425 7.41 28.88 -43.61
C ALA N 425 8.50 29.73 -42.97
N VAL N 426 9.51 29.08 -42.41
CA VAL N 426 10.62 29.78 -41.76
C VAL N 426 11.61 30.30 -42.79
N ALA N 427 11.64 29.66 -43.95
CA ALA N 427 12.53 30.07 -45.04
C ALA N 427 11.92 31.19 -45.85
N GLU N 428 10.81 31.72 -45.37
CA GLU N 428 10.09 32.78 -46.07
C GLU N 428 10.88 34.09 -46.06
N VAL N 429 11.67 34.32 -45.03
CA VAL N 429 12.45 35.53 -44.91
C VAL N 429 13.67 35.55 -45.84
N PHE N 430 14.05 34.36 -46.30
CA PHE N 430 15.23 34.23 -47.16
C PHE N 430 14.87 34.18 -48.64
N THR N 431 13.78 33.47 -48.96
CA THR N 431 13.39 33.27 -50.35
C THR N 431 12.26 34.21 -50.76
N GLY N 432 11.34 34.47 -49.83
CA GLY N 432 10.19 35.31 -50.13
C GLY N 432 8.98 34.47 -50.47
N ILE N 433 9.23 33.22 -50.89
CA ILE N 433 8.16 32.31 -51.23
C ILE N 433 7.44 31.83 -49.98
N PRO N 434 6.12 32.09 -49.90
CA PRO N 434 5.29 31.70 -48.76
C PRO N 434 5.33 30.19 -48.51
N GLY N 435 5.72 29.81 -47.30
CA GLY N 435 5.80 28.40 -46.94
C GLY N 435 4.45 27.80 -46.60
N LYS N 436 4.18 26.61 -47.15
CA LYS N 436 2.91 25.94 -46.94
C LYS N 436 3.08 24.63 -46.16
N LEU N 437 2.13 24.34 -45.29
CA LEU N 437 2.16 23.12 -44.49
C LEU N 437 1.10 22.13 -44.99
N VAL N 438 1.55 20.98 -45.48
CA VAL N 438 0.66 19.98 -46.02
C VAL N 438 0.39 18.85 -45.03
N ARG N 439 -0.86 18.70 -44.64
CA ARG N 439 -1.24 17.70 -43.64
C ARG N 439 -1.27 16.30 -44.24
N LEU N 440 -1.22 15.29 -43.38
CA LEU N 440 -1.18 13.90 -43.80
C LEU N 440 -2.29 13.54 -44.78
N LYS N 441 -3.53 13.76 -44.36
CA LYS N 441 -4.70 13.40 -45.18
C LYS N 441 -4.52 13.82 -46.63
N ASP N 442 -4.13 15.08 -46.83
CA ASP N 442 -3.98 15.63 -48.17
C ASP N 442 -2.77 15.05 -48.89
N THR N 443 -1.69 14.81 -48.15
CA THR N 443 -0.45 14.32 -48.73
C THR N 443 -0.63 12.93 -49.36
N VAL N 444 -1.37 12.06 -48.67
CA VAL N 444 -1.63 10.72 -49.18
C VAL N 444 -2.45 10.78 -50.46
N ALA N 445 -3.54 11.53 -50.42
CA ALA N 445 -4.43 11.66 -51.56
C ALA N 445 -3.76 12.37 -52.73
N SER N 446 -2.78 13.20 -52.42
CA SER N 446 -2.06 13.96 -53.44
C SER N 446 -1.26 13.07 -54.37
N PHE N 447 -0.46 12.18 -53.80
CA PHE N 447 0.40 11.30 -54.59
C PHE N 447 -0.37 10.19 -55.27
N LYS N 448 -1.43 9.70 -54.62
CA LYS N 448 -2.24 8.64 -55.21
C LYS N 448 -2.86 9.11 -56.52
N ALA N 449 -3.45 10.30 -56.50
CA ALA N 449 -4.06 10.88 -57.69
C ALA N 449 -3.07 10.95 -58.86
N VAL N 450 -1.84 11.35 -58.57
CA VAL N 450 -0.81 11.46 -59.60
C VAL N 450 -0.53 10.11 -60.26
N LEU N 451 -0.32 9.09 -59.45
CA LEU N 451 -0.03 7.76 -59.96
C LEU N 451 -1.18 7.24 -60.84
N GLY N 453 -2.76 7.72 -64.12
CA GLY N 453 -2.18 9.05 -64.15
C GLY N 453 -3.19 10.12 -64.51
N LYS N 454 -3.85 10.67 -63.50
CA LYS N 454 -4.85 11.71 -63.71
C LYS N 454 -4.24 13.09 -63.90
N TYR N 455 -2.91 13.17 -63.78
CA TYR N 455 -2.21 14.44 -63.93
C TYR N 455 -0.98 14.32 -64.82
N ASP N 456 -1.17 13.82 -66.03
CA ASP N 456 -0.08 13.69 -66.98
C ASP N 456 -0.14 14.82 -68.02
N ASN N 457 -1.18 15.63 -67.93
CA ASN N 457 -1.36 16.75 -68.85
C ASN N 457 -0.66 18.01 -68.36
N ILE N 458 -0.42 18.08 -67.06
CA ILE N 458 0.19 19.26 -66.45
C ILE N 458 1.72 19.20 -66.50
N PRO N 459 2.36 20.29 -66.93
CA PRO N 459 3.82 20.40 -67.03
C PRO N 459 4.51 20.11 -65.69
N GLU N 460 5.72 19.58 -65.76
CA GLU N 460 6.46 19.19 -64.57
C GLU N 460 6.79 20.39 -63.67
N HIS N 461 7.12 21.52 -64.29
CA HIS N 461 7.55 22.70 -63.54
C HIS N 461 6.49 23.21 -62.58
N ALA N 462 5.28 22.67 -62.69
CA ALA N 462 4.17 23.09 -61.83
C ALA N 462 4.17 22.33 -60.50
N PHE N 463 5.00 21.28 -60.42
CA PHE N 463 5.11 20.48 -59.22
C PHE N 463 6.23 20.98 -58.31
N TYR N 464 7.21 21.64 -58.92
CA TYR N 464 8.40 22.12 -58.22
C TYR N 464 8.08 23.24 -57.22
N MET N 465 8.48 23.04 -55.97
CA MET N 465 8.34 24.05 -54.93
C MET N 465 6.90 24.56 -54.78
N VAL N 466 5.98 23.65 -54.45
CA VAL N 466 4.59 24.02 -54.23
C VAL N 466 4.07 23.38 -52.95
N GLY N 467 2.93 23.88 -52.47
CA GLY N 467 2.34 23.35 -51.25
C GLY N 467 1.69 22.00 -51.46
N GLY N 468 0.36 21.95 -51.35
CA GLY N 468 -0.38 20.72 -51.52
C GLY N 468 -0.58 20.35 -52.97
N ILE N 469 -1.66 19.62 -53.25
CA ILE N 469 -1.98 19.21 -54.60
C ILE N 469 -2.81 20.28 -55.32
N GLU N 470 -3.61 21.01 -54.54
CA GLU N 470 -4.44 22.07 -55.09
C GLU N 470 -3.58 23.18 -55.69
N ASP N 471 -2.47 23.48 -55.04
CA ASP N 471 -1.60 24.58 -55.45
C ASP N 471 -0.94 24.29 -56.80
N VAL N 472 -0.97 23.04 -57.22
CA VAL N 472 -0.37 22.65 -58.49
C VAL N 472 -1.24 23.11 -59.66
N VAL N 473 -2.53 22.86 -59.57
CA VAL N 473 -3.48 23.26 -60.61
C VAL N 473 -3.49 24.78 -60.77
N ALA N 474 -3.41 25.47 -59.64
CA ALA N 474 -3.38 26.93 -59.65
C ALA N 474 -2.14 27.43 -60.40
N LYS N 475 -1.04 26.71 -60.25
CA LYS N 475 0.21 27.07 -60.90
C LYS N 475 0.20 26.65 -62.37
N ALA N 476 -0.43 25.52 -62.65
CA ALA N 476 -0.50 25.00 -64.01
C ALA N 476 -1.19 25.97 -64.96
N GLU N 477 -2.43 26.32 -64.65
CA GLU N 477 -3.20 27.24 -65.48
C GLU N 477 -2.57 28.64 -65.49
N LYS N 478 -1.70 28.90 -64.52
CA LYS N 478 -1.05 30.20 -64.42
C LYS N 478 0.18 30.29 -65.33
N LEU N 479 0.51 29.19 -65.98
CA LEU N 479 1.61 29.18 -66.93
C LEU N 479 1.21 29.82 -68.26
N ALA N 480 1.89 30.90 -68.61
CA ALA N 480 1.57 31.62 -69.85
C ALA N 480 2.84 32.13 -70.51
N THR O 13 45.18 -38.62 12.38
CA THR O 13 44.38 -37.48 12.80
C THR O 13 44.02 -36.60 11.61
N PRO O 14 42.70 -36.42 11.37
CA PRO O 14 42.18 -35.60 10.28
C PRO O 14 42.60 -34.14 10.39
N ILE O 15 42.81 -33.49 9.25
CA ILE O 15 43.17 -32.07 9.23
C ILE O 15 41.97 -31.23 8.84
N THR O 16 41.74 -30.14 9.56
CA THR O 16 40.59 -29.28 9.30
C THR O 16 41.00 -27.83 9.05
N GLY O 17 40.21 -27.14 8.23
CA GLY O 17 40.46 -25.74 7.92
C GLY O 17 39.17 -24.94 7.79
N LYS O 18 39.30 -23.62 7.84
CA LYS O 18 38.13 -22.75 7.77
C LYS O 18 38.15 -21.88 6.51
N VAL O 19 36.99 -21.72 5.89
CA VAL O 19 36.86 -20.92 4.68
C VAL O 19 36.94 -19.43 5.02
N THR O 20 37.93 -18.74 4.44
CA THR O 20 38.14 -17.33 4.72
C THR O 20 37.74 -16.43 3.55
N ALA O 21 37.60 -17.03 2.36
CA ALA O 21 37.25 -16.26 1.17
C ALA O 21 36.61 -17.13 0.09
N VAL O 22 35.56 -16.60 -0.54
CA VAL O 22 34.89 -17.29 -1.63
C VAL O 22 34.58 -16.33 -2.77
N ILE O 23 35.14 -16.61 -3.95
CA ILE O 23 34.95 -15.76 -5.12
C ILE O 23 34.72 -16.62 -6.36
N GLY O 24 33.46 -16.73 -6.78
CA GLY O 24 33.11 -17.54 -7.93
C GLY O 24 33.39 -19.02 -7.70
N ALA O 25 34.50 -19.50 -8.25
CA ALA O 25 34.87 -20.91 -8.11
C ALA O 25 36.24 -21.07 -7.46
N ILE O 26 36.64 -20.07 -6.67
CA ILE O 26 37.93 -20.10 -6.00
C ILE O 26 37.80 -19.75 -4.52
N VAL O 27 38.04 -20.75 -3.67
CA VAL O 27 37.88 -20.58 -2.23
C VAL O 27 39.23 -20.54 -1.51
N ASP O 28 39.37 -19.60 -0.58
CA ASP O 28 40.59 -19.50 0.22
C ASP O 28 40.39 -20.12 1.59
N VAL O 29 40.94 -21.31 1.78
CA VAL O 29 40.83 -22.01 3.05
C VAL O 29 42.07 -21.77 3.92
N HIS O 30 41.85 -21.55 5.21
CA HIS O 30 42.94 -21.33 6.15
C HIS O 30 43.10 -22.50 7.12
N PHE O 31 44.32 -22.73 7.57
CA PHE O 31 44.60 -23.83 8.49
C PHE O 31 45.29 -23.35 9.77
N GLU O 32 44.96 -24.00 10.88
CA GLU O 32 45.44 -23.60 12.19
C GLU O 32 46.94 -23.79 12.38
N GLN O 33 47.36 -25.04 12.52
CA GLN O 33 48.76 -25.35 12.82
C GLN O 33 49.64 -25.41 11.58
N SER O 34 50.80 -26.05 11.71
CA SER O 34 51.79 -26.07 10.64
C SER O 34 51.45 -27.03 9.50
N GLU O 35 50.48 -27.92 9.74
CA GLU O 35 50.09 -28.90 8.72
C GLU O 35 49.19 -28.28 7.65
N LEU O 36 49.66 -28.30 6.41
CA LEU O 36 48.89 -27.79 5.28
C LEU O 36 48.87 -28.76 4.11
N PRO O 37 47.73 -28.85 3.42
CA PRO O 37 47.55 -29.74 2.27
C PRO O 37 48.49 -29.37 1.12
N ALA O 38 49.09 -30.37 0.51
CA ALA O 38 49.96 -30.14 -0.64
C ALA O 38 49.11 -29.82 -1.87
N ILE O 39 49.76 -29.30 -2.92
CA ILE O 39 49.05 -28.96 -4.14
C ILE O 39 48.41 -30.20 -4.76
N LEU O 40 47.29 -30.01 -5.45
CA LEU O 40 46.58 -31.09 -6.12
C LEU O 40 45.76 -31.95 -5.16
N ASN O 41 46.02 -31.81 -3.86
CA ASN O 41 45.25 -32.53 -2.85
C ASN O 41 43.79 -32.10 -2.87
N ALA O 42 42.92 -32.96 -2.36
CA ALA O 42 41.49 -32.68 -2.36
C ALA O 42 41.01 -32.16 -1.01
N LEU O 43 39.92 -31.41 -1.01
CA LEU O 43 39.32 -30.90 0.21
C LEU O 43 37.81 -31.10 0.17
N GLU O 44 37.20 -31.29 1.35
CA GLU O 44 35.77 -31.55 1.42
C GLU O 44 35.06 -30.56 2.35
N ILE O 45 33.82 -30.25 2.02
CA ILE O 45 33.00 -29.37 2.85
C ILE O 45 31.63 -29.98 3.09
N LYS O 46 31.24 -30.12 4.35
CA LYS O 46 29.97 -30.72 4.70
C LYS O 46 28.80 -29.83 4.30
N THR O 47 28.02 -30.29 3.33
CA THR O 47 26.86 -29.54 2.85
C THR O 47 25.61 -30.41 2.88
N PRO O 48 24.45 -29.79 3.14
CA PRO O 48 23.17 -30.50 3.23
C PRO O 48 22.93 -31.45 2.07
N GLN O 49 23.24 -31.02 0.86
CA GLN O 49 23.04 -31.86 -0.33
C GLN O 49 23.94 -33.09 -0.32
N GLY O 50 25.24 -32.87 -0.17
CA GLY O 50 26.20 -33.95 -0.12
C GLY O 50 27.53 -33.48 0.45
N LYS O 51 28.48 -33.23 -0.43
CA LYS O 51 29.79 -32.68 -0.01
C LYS O 51 30.46 -31.91 -1.14
N LEU O 52 31.01 -30.75 -0.79
CA LEU O 52 31.68 -29.89 -1.77
C LEU O 52 33.16 -30.23 -1.88
N VAL O 53 33.56 -30.69 -3.06
CA VAL O 53 34.95 -31.07 -3.29
C VAL O 53 35.80 -29.91 -3.80
N LEU O 54 36.95 -29.70 -3.15
CA LEU O 54 37.89 -28.66 -3.56
C LEU O 54 39.20 -29.29 -4.02
N GLU O 55 40.08 -28.48 -4.59
CA GLU O 55 41.42 -28.92 -4.96
C GLU O 55 42.43 -27.79 -4.79
N VAL O 56 43.44 -28.03 -3.98
CA VAL O 56 44.48 -27.03 -3.73
C VAL O 56 45.24 -26.73 -5.02
N ALA O 57 45.29 -25.46 -5.39
CA ALA O 57 45.98 -25.04 -6.61
C ALA O 57 47.26 -24.26 -6.30
N GLN O 58 47.34 -23.71 -5.09
CA GLN O 58 48.49 -22.91 -4.69
C GLN O 58 48.47 -22.51 -3.22
N HIS O 59 49.64 -22.30 -2.65
CA HIS O 59 49.76 -21.82 -1.26
C HIS O 59 49.93 -20.30 -1.25
N LEU O 60 48.88 -19.60 -0.84
CA LEU O 60 48.89 -18.15 -0.82
C LEU O 60 49.94 -17.61 0.16
N GLY O 61 50.07 -18.27 1.31
CA GLY O 61 51.00 -17.84 2.33
C GLY O 61 50.30 -17.62 3.65
N GLU O 62 51.08 -17.59 4.73
CA GLU O 62 50.54 -17.41 6.08
C GLU O 62 49.46 -18.44 6.40
N ASN O 63 49.82 -19.72 6.29
CA ASN O 63 48.92 -20.83 6.63
C ASN O 63 47.59 -20.81 5.91
N THR O 64 47.54 -20.16 4.75
CA THR O 64 46.32 -20.13 3.94
C THR O 64 46.57 -20.78 2.58
N VAL O 65 45.54 -21.41 2.03
CA VAL O 65 45.65 -22.06 0.73
C VAL O 65 44.47 -21.70 -0.16
N ARG O 66 44.69 -21.73 -1.47
CA ARG O 66 43.64 -21.41 -2.44
C ARG O 66 43.23 -22.68 -3.20
N THR O 67 41.93 -22.86 -3.36
CA THR O 67 41.41 -24.08 -3.97
C THR O 67 40.42 -23.82 -5.10
N ILE O 68 40.09 -24.88 -5.84
CA ILE O 68 39.16 -24.78 -6.97
C ILE O 68 38.05 -25.82 -6.85
N ALA O 69 36.83 -25.34 -6.64
CA ALA O 69 35.70 -26.24 -6.44
C ALA O 69 35.27 -26.94 -7.72
N MET O 70 34.68 -28.13 -7.56
CA MET O 70 34.16 -28.89 -8.70
C MET O 70 32.64 -28.84 -8.75
N ASP O 71 32.06 -27.94 -7.96
CA ASP O 71 30.62 -27.68 -7.99
C ASP O 71 30.33 -26.25 -7.58
N GLY O 72 29.08 -25.84 -7.75
CA GLY O 72 28.67 -24.49 -7.43
C GLY O 72 28.94 -24.11 -5.99
N THR O 73 29.70 -23.03 -5.81
CA THR O 73 29.97 -22.51 -4.48
C THR O 73 28.79 -21.70 -3.98
N GLU O 74 27.71 -21.74 -4.77
CA GLU O 74 26.47 -21.04 -4.42
C GLU O 74 25.97 -21.43 -3.04
N GLY O 75 26.34 -20.64 -2.04
CA GLY O 75 25.94 -20.90 -0.67
C GLY O 75 27.07 -21.39 0.21
N LEU O 76 27.96 -20.47 0.59
CA LEU O 76 29.07 -20.79 1.47
C LEU O 76 29.35 -19.64 2.42
N VAL O 77 29.48 -19.95 3.71
CA VAL O 77 29.74 -18.93 4.72
C VAL O 77 31.19 -18.99 5.17
N ARG O 78 31.74 -17.85 5.54
CA ARG O 78 33.13 -17.76 5.99
C ARG O 78 33.34 -18.44 7.34
N GLY O 79 34.05 -19.56 7.34
CA GLY O 79 34.36 -20.27 8.56
C GLY O 79 33.99 -21.74 8.51
N GLU O 80 33.53 -22.20 7.34
CA GLU O 80 33.11 -23.59 7.16
C GLU O 80 34.23 -24.57 7.50
N LYS O 81 33.84 -25.78 7.87
CA LYS O 81 34.80 -26.83 8.19
C LYS O 81 35.25 -27.54 6.92
N VAL O 82 36.54 -27.43 6.61
CA VAL O 82 37.09 -28.02 5.40
C VAL O 82 37.97 -29.23 5.70
N LEU O 83 37.47 -30.42 5.37
CA LEU O 83 38.20 -31.65 5.61
C LEU O 83 39.31 -31.87 4.59
N ASP O 84 40.45 -32.36 5.06
CA ASP O 84 41.57 -32.67 4.18
C ASP O 84 41.58 -34.16 3.84
N THR O 85 41.48 -34.46 2.55
CA THR O 85 41.49 -35.85 2.10
C THR O 85 42.90 -36.44 2.23
N GLY O 86 43.91 -35.58 2.22
CA GLY O 86 45.29 -36.01 2.33
C GLY O 86 45.86 -36.44 0.99
N GLY O 87 45.08 -36.28 -0.06
CA GLY O 87 45.49 -36.66 -1.40
C GLY O 87 44.59 -36.08 -2.47
N PRO O 88 45.03 -36.20 -3.73
CA PRO O 88 44.30 -35.65 -4.89
C PRO O 88 43.00 -36.40 -5.15
N ILE O 89 42.22 -35.89 -6.10
CA ILE O 89 40.98 -36.55 -6.49
C ILE O 89 41.28 -37.91 -7.12
N SER O 90 40.84 -38.97 -6.46
CA SER O 90 41.05 -40.32 -6.98
C SER O 90 39.78 -40.86 -7.62
N VAL O 91 39.94 -41.71 -8.63
CA VAL O 91 38.79 -42.23 -9.38
C VAL O 91 38.81 -43.75 -9.50
N PRO O 92 37.62 -44.36 -9.59
CA PRO O 92 37.48 -45.81 -9.75
C PRO O 92 38.15 -46.29 -11.05
N VAL O 93 39.19 -47.10 -10.91
CA VAL O 93 39.89 -47.64 -12.06
C VAL O 93 39.84 -49.17 -12.07
N GLY O 94 39.50 -49.74 -13.23
CA GLY O 94 39.40 -51.17 -13.35
C GLY O 94 38.53 -51.60 -14.53
N ARG O 95 38.06 -52.83 -14.49
CA ARG O 95 37.23 -53.37 -15.56
C ARG O 95 35.75 -53.32 -15.20
N GLU O 96 35.47 -52.83 -14.00
CA GLU O 96 34.09 -52.70 -13.51
C GLU O 96 33.57 -51.29 -13.78
N THR O 97 34.40 -50.46 -14.39
CA THR O 97 34.03 -49.08 -14.70
C THR O 97 33.25 -49.00 -16.00
N LEU O 98 33.47 -49.97 -16.89
CA LEU O 98 32.81 -50.00 -18.18
C LEU O 98 31.29 -49.97 -18.04
N GLY O 99 30.60 -49.54 -19.09
CA GLY O 99 29.15 -49.51 -19.11
C GLY O 99 28.53 -48.68 -18.01
N ARG O 100 29.32 -47.78 -17.44
CA ARG O 100 28.85 -46.91 -16.36
C ARG O 100 29.18 -45.45 -16.67
N ILE O 101 28.40 -44.54 -16.09
CA ILE O 101 28.65 -43.11 -16.25
C ILE O 101 29.36 -42.57 -15.02
N ILE O 102 30.63 -42.20 -15.18
CA ILE O 102 31.45 -41.73 -14.08
C ILE O 102 31.37 -40.22 -13.91
N ASN O 103 31.71 -39.74 -12.71
CA ASN O 103 31.70 -38.32 -12.41
C ASN O 103 33.12 -37.74 -12.46
N VAL O 104 33.21 -36.42 -12.36
CA VAL O 104 34.52 -35.74 -12.34
C VAL O 104 35.29 -36.14 -11.08
N ILE O 105 34.56 -36.45 -10.02
CA ILE O 105 35.16 -36.92 -8.78
C ILE O 105 34.97 -38.43 -8.61
N GLY O 106 34.77 -39.12 -9.74
CA GLY O 106 34.62 -40.56 -9.74
C GLY O 106 33.44 -41.06 -8.94
N GLU O 107 32.24 -40.71 -9.38
CA GLU O 107 31.01 -41.16 -8.72
C GLU O 107 30.00 -41.63 -9.76
N PRO O 108 29.21 -42.66 -9.42
CA PRO O 108 28.18 -43.17 -10.32
C PRO O 108 27.13 -42.12 -10.66
N ILE O 109 26.76 -42.02 -11.93
CA ILE O 109 25.74 -41.07 -12.36
C ILE O 109 24.55 -41.81 -12.96
N ASP O 110 24.79 -43.02 -13.44
CA ASP O 110 23.72 -43.86 -13.98
C ASP O 110 22.83 -44.41 -12.88
N GLU O 111 23.15 -44.05 -11.64
CA GLU O 111 22.35 -44.43 -10.48
C GLU O 111 22.23 -45.95 -10.32
N ARG O 112 23.17 -46.68 -10.88
CA ARG O 112 23.17 -48.14 -10.75
C ARG O 112 24.06 -48.60 -9.61
N GLY O 113 23.99 -47.90 -8.49
CA GLY O 113 24.72 -48.27 -7.29
C GLY O 113 26.19 -47.91 -7.34
N PRO O 114 26.90 -48.19 -6.23
CA PRO O 114 28.34 -47.94 -6.13
C PRO O 114 29.13 -48.78 -7.13
N ILE O 115 30.34 -48.34 -7.45
CA ILE O 115 31.19 -49.07 -8.38
C ILE O 115 32.26 -49.86 -7.63
N LYS O 116 32.03 -51.16 -7.51
CA LYS O 116 32.96 -52.04 -6.80
C LYS O 116 34.28 -52.19 -7.55
N SER O 117 35.21 -51.27 -7.29
CA SER O 117 36.51 -51.29 -7.94
C SER O 117 37.59 -51.80 -6.98
N LYS O 118 38.52 -52.58 -7.53
CA LYS O 118 39.59 -53.16 -6.72
C LYS O 118 40.61 -52.11 -6.29
N LEU O 119 40.78 -51.08 -7.11
CA LEU O 119 41.73 -50.02 -6.81
C LEU O 119 41.25 -48.65 -7.30
N ARG O 120 41.84 -47.59 -6.74
CA ARG O 120 41.52 -46.23 -7.16
C ARG O 120 42.80 -45.40 -7.29
N LYS O 121 42.92 -44.69 -8.41
CA LYS O 121 44.11 -43.87 -8.66
C LYS O 121 43.75 -42.40 -8.87
N PRO O 122 44.65 -41.50 -8.44
CA PRO O 122 44.51 -40.05 -8.62
C PRO O 122 44.55 -39.65 -10.09
N ILE O 123 43.83 -38.61 -10.46
CA ILE O 123 43.79 -38.18 -11.85
C ILE O 123 45.08 -37.48 -12.25
N HIS O 124 45.76 -36.88 -11.29
CA HIS O 124 47.02 -36.18 -11.57
C HIS O 124 48.21 -37.14 -11.54
N ALA O 125 48.46 -37.79 -12.67
CA ALA O 125 49.59 -38.70 -12.80
C ALA O 125 50.54 -38.23 -13.89
N ASP O 126 51.84 -38.29 -13.62
CA ASP O 126 52.85 -37.81 -14.55
C ASP O 126 52.90 -38.64 -15.83
N PRO O 127 53.01 -37.96 -16.98
CA PRO O 127 53.07 -38.59 -18.31
C PRO O 127 54.25 -39.53 -18.45
N PRO O 128 54.08 -40.61 -19.23
CA PRO O 128 55.13 -41.60 -19.50
C PRO O 128 56.44 -40.96 -19.94
N SER O 129 57.55 -41.49 -19.44
CA SER O 129 58.87 -40.91 -19.72
C SER O 129 59.27 -41.04 -21.18
N PHE O 130 60.43 -40.46 -21.51
CA PHE O 130 60.94 -40.48 -22.88
C PHE O 130 61.29 -41.89 -23.34
N ALA O 131 61.85 -42.69 -22.44
CA ALA O 131 62.27 -44.05 -22.78
C ALA O 131 61.08 -44.98 -22.98
N GLU O 132 59.99 -44.72 -22.26
CA GLU O 132 58.81 -45.57 -22.32
C GLU O 132 58.00 -45.34 -23.59
N GLN O 133 58.47 -44.43 -24.43
CA GLN O 133 57.77 -44.10 -25.67
C GLN O 133 57.80 -45.24 -26.69
N SER O 134 56.78 -45.29 -27.54
CA SER O 134 56.69 -46.30 -28.59
C SER O 134 56.13 -45.69 -29.87
N THR O 135 56.85 -45.84 -30.97
CA THR O 135 56.45 -45.23 -32.24
C THR O 135 56.19 -46.26 -33.33
N SER O 136 55.00 -46.22 -33.91
CA SER O 136 54.64 -47.12 -35.01
C SER O 136 53.78 -46.41 -36.05
N ALA O 137 53.95 -46.81 -37.30
CA ALA O 137 53.15 -46.26 -38.40
C ALA O 137 52.23 -47.32 -38.96
N GLU O 138 50.92 -47.12 -38.81
CA GLU O 138 49.93 -48.10 -39.25
C GLU O 138 48.60 -47.44 -39.58
N ILE O 139 48.01 -47.85 -40.71
CA ILE O 139 46.78 -47.23 -41.19
C ILE O 139 45.56 -47.68 -40.38
N LEU O 140 44.60 -46.78 -40.23
CA LEU O 140 43.34 -47.08 -39.56
C LEU O 140 42.17 -46.69 -40.45
N GLU O 141 41.72 -47.64 -41.27
CA GLU O 141 40.62 -47.38 -42.19
C GLU O 141 39.43 -46.79 -41.43
N THR O 142 38.81 -45.76 -42.02
CA THR O 142 37.75 -45.04 -41.34
C THR O 142 36.41 -45.15 -42.07
N GLY O 143 36.45 -45.09 -43.39
CA GLY O 143 35.25 -45.09 -44.19
C GLY O 143 35.07 -43.77 -44.92
N ILE O 144 35.34 -42.68 -44.22
CA ILE O 144 35.28 -41.35 -44.82
C ILE O 144 36.25 -41.27 -45.99
N LYS O 145 35.75 -40.83 -47.14
CA LYS O 145 36.57 -40.75 -48.34
C LYS O 145 37.68 -39.70 -48.20
N VAL O 146 37.32 -38.54 -47.65
CA VAL O 146 38.27 -37.45 -47.46
C VAL O 146 39.42 -37.89 -46.57
N VAL O 147 39.10 -38.47 -45.42
CA VAL O 147 40.10 -38.89 -44.45
C VAL O 147 40.97 -40.03 -44.97
N ASP O 148 40.32 -41.09 -45.43
CA ASP O 148 41.00 -42.27 -45.94
C ASP O 148 42.12 -41.93 -46.94
N LEU O 149 41.96 -40.82 -47.64
CA LEU O 149 42.87 -40.47 -48.72
C LEU O 149 43.84 -39.35 -48.35
N LEU O 150 43.31 -38.25 -47.83
CA LEU O 150 44.09 -37.04 -47.62
C LEU O 150 44.74 -36.96 -46.24
N ALA O 151 44.19 -37.69 -45.28
CA ALA O 151 44.73 -37.69 -43.92
C ALA O 151 44.25 -38.91 -43.12
N PRO O 152 44.82 -40.09 -43.44
CA PRO O 152 44.45 -41.34 -42.79
C PRO O 152 44.78 -41.34 -41.31
N TYR O 153 43.91 -41.90 -40.48
CA TYR O 153 44.17 -42.00 -39.05
C TYR O 153 45.09 -43.18 -38.76
N ALA O 154 45.72 -43.16 -37.58
CA ALA O 154 46.67 -44.19 -37.21
C ALA O 154 46.25 -44.93 -35.94
N ARG O 155 46.59 -46.21 -35.87
CA ARG O 155 46.34 -47.01 -34.68
C ARG O 155 47.36 -46.64 -33.60
N GLY O 156 46.88 -46.23 -32.44
CA GLY O 156 47.75 -45.81 -31.36
C GLY O 156 48.23 -44.39 -31.52
N GLY O 157 47.88 -43.78 -32.66
CA GLY O 157 48.25 -42.40 -32.93
C GLY O 157 47.30 -41.42 -32.29
N LYS O 158 47.65 -40.14 -32.36
CA LYS O 158 46.80 -39.09 -31.78
C LYS O 158 46.06 -38.31 -32.86
N ILE O 159 44.75 -38.54 -32.95
CA ILE O 159 43.91 -37.88 -33.94
C ILE O 159 43.16 -36.70 -33.30
N GLY O 160 42.92 -35.66 -34.09
CA GLY O 160 42.19 -34.50 -33.62
C GLY O 160 41.57 -33.71 -34.75
N LEU O 161 40.25 -33.62 -34.76
CA LEU O 161 39.54 -32.85 -35.78
C LEU O 161 39.19 -31.46 -35.26
N PHE O 162 39.45 -30.45 -36.08
CA PHE O 162 39.19 -29.07 -35.70
C PHE O 162 37.97 -28.53 -36.45
N GLY O 163 37.41 -27.43 -35.94
CA GLY O 163 36.25 -26.81 -36.57
C GLY O 163 35.56 -25.84 -35.64
N GLY O 164 34.97 -24.79 -36.22
CA GLY O 164 34.25 -23.79 -35.45
C GLY O 164 32.93 -24.31 -34.94
N ALA O 165 31.95 -23.42 -34.82
CA ALA O 165 30.64 -23.79 -34.31
C ALA O 165 29.66 -24.06 -35.46
N GLY O 166 29.07 -25.26 -35.45
CA GLY O 166 28.08 -25.61 -36.45
C GLY O 166 28.65 -26.29 -37.67
N VAL O 167 29.95 -26.58 -37.63
CA VAL O 167 30.62 -27.26 -38.75
C VAL O 167 30.32 -28.76 -38.76
N GLY O 168 29.81 -29.26 -37.65
CA GLY O 168 29.41 -30.66 -37.56
C GLY O 168 30.45 -31.56 -36.89
N LYS O 169 31.12 -31.02 -35.87
CA LYS O 169 32.10 -31.80 -35.12
C LYS O 169 31.48 -33.04 -34.49
N THR O 170 30.43 -32.83 -33.70
CA THR O 170 29.76 -33.92 -33.01
C THR O 170 29.32 -35.02 -33.98
N VAL O 171 28.76 -34.61 -35.11
CA VAL O 171 28.30 -35.56 -36.12
C VAL O 171 29.47 -36.38 -36.65
N PHE O 172 30.64 -35.75 -36.72
CA PHE O 172 31.83 -36.41 -37.25
C PHE O 172 32.41 -37.40 -36.25
N ILE O 173 32.10 -37.20 -34.97
CA ILE O 173 32.59 -38.07 -33.91
C ILE O 173 31.72 -39.31 -33.77
N GLN O 174 30.40 -39.14 -33.83
CA GLN O 174 29.47 -40.25 -33.71
C GLN O 174 29.75 -41.32 -34.77
N GLU O 175 29.96 -40.89 -36.00
CA GLU O 175 30.28 -41.79 -37.09
C GLU O 175 31.57 -42.57 -36.78
N LEU O 176 32.55 -41.86 -36.25
CA LEU O 176 33.84 -42.48 -35.91
C LEU O 176 33.69 -43.49 -34.78
N ILE O 177 32.56 -43.45 -34.08
CA ILE O 177 32.28 -44.40 -33.01
C ILE O 177 31.50 -45.60 -33.57
N ASN O 178 30.63 -45.33 -34.55
CA ASN O 178 29.87 -46.39 -35.20
C ASN O 178 30.73 -47.25 -36.13
N ASN O 179 31.84 -46.67 -36.58
CA ASN O 179 32.71 -47.37 -37.53
C ASN O 179 33.84 -48.13 -36.84
N ILE O 180 34.69 -47.41 -36.12
CA ILE O 180 35.87 -47.99 -35.50
C ILE O 180 35.58 -48.62 -34.14
N ALA O 181 34.95 -47.85 -33.26
CA ALA O 181 34.70 -48.29 -31.89
C ALA O 181 33.92 -49.61 -31.80
N LYS O 182 33.00 -49.82 -32.73
CA LYS O 182 32.20 -51.03 -32.73
C LYS O 182 33.03 -52.28 -33.05
N ALA O 183 33.88 -52.17 -34.06
CA ALA O 183 34.75 -53.27 -34.45
C ALA O 183 36.21 -52.95 -34.15
N HIS O 184 36.53 -52.75 -32.89
CA HIS O 184 37.89 -52.43 -32.48
C HIS O 184 38.55 -53.61 -31.80
N GLY O 185 37.81 -54.30 -30.93
CA GLY O 185 38.31 -55.47 -30.25
C GLY O 185 38.48 -55.27 -28.76
N GLY O 186 39.33 -54.33 -28.38
CA GLY O 186 39.61 -54.07 -26.98
C GLY O 186 38.59 -53.19 -26.30
N PHE O 187 39.02 -52.51 -25.25
CA PHE O 187 38.14 -51.63 -24.46
C PHE O 187 38.12 -50.23 -25.03
N SER O 188 37.32 -49.36 -24.42
CA SER O 188 37.18 -47.98 -24.89
C SER O 188 36.71 -47.07 -23.77
N VAL O 189 37.01 -45.78 -23.91
CA VAL O 189 36.57 -44.78 -22.93
C VAL O 189 36.21 -43.46 -23.61
N PHE O 190 35.00 -42.99 -23.35
CA PHE O 190 34.54 -41.72 -23.92
C PHE O 190 34.41 -40.66 -22.84
N THR O 191 35.17 -39.57 -22.97
CA THR O 191 35.08 -38.46 -22.04
C THR O 191 34.29 -37.31 -22.66
N GLY O 192 33.46 -36.65 -21.87
CA GLY O 192 32.67 -35.54 -22.34
C GLY O 192 32.96 -34.25 -21.60
N VAL O 193 33.90 -33.47 -22.13
CA VAL O 193 34.33 -32.24 -21.47
C VAL O 193 33.62 -31.00 -22.02
N GLY O 194 32.72 -30.44 -21.22
CA GLY O 194 32.06 -29.19 -21.54
C GLY O 194 31.37 -29.11 -22.89
N GLU O 195 30.66 -30.17 -23.25
CA GLU O 195 29.88 -30.15 -24.49
C GLU O 195 28.39 -30.36 -24.18
N ARG O 196 27.58 -30.46 -25.23
CA ARG O 196 26.15 -30.64 -25.06
C ARG O 196 25.83 -31.90 -24.27
N THR O 197 24.86 -31.80 -23.37
CA THR O 197 24.45 -32.94 -22.56
C THR O 197 23.33 -33.69 -23.25
N ARG O 198 22.60 -33.00 -24.11
CA ARG O 198 21.49 -33.59 -24.84
C ARG O 198 21.98 -34.69 -25.77
N GLU O 199 23.08 -34.43 -26.45
CA GLU O 199 23.68 -35.42 -27.34
C GLU O 199 24.51 -36.43 -26.55
N GLY O 200 24.56 -36.24 -25.24
CA GLY O 200 25.21 -37.20 -24.35
C GLY O 200 24.26 -38.34 -24.05
N ASN O 201 23.01 -37.99 -23.73
CA ASN O 201 21.98 -38.98 -23.49
C ASN O 201 21.76 -39.86 -24.72
N ASP O 202 21.78 -39.22 -25.88
CA ASP O 202 21.60 -39.90 -27.16
C ASP O 202 22.68 -40.95 -27.39
N LEU O 203 23.94 -40.58 -27.12
CA LEU O 203 25.06 -41.49 -27.27
C LEU O 203 24.91 -42.69 -26.35
N TYR O 204 24.42 -42.44 -25.14
CA TYR O 204 24.22 -43.50 -24.16
C TYR O 204 23.10 -44.44 -24.61
N ARG O 205 22.12 -43.88 -25.31
CA ARG O 205 21.01 -44.68 -25.82
C ARG O 205 21.43 -45.44 -27.07
N GLU O 206 22.30 -44.82 -27.87
CA GLU O 206 22.81 -45.45 -29.08
C GLU O 206 23.75 -46.60 -28.75
N MET O 207 24.74 -46.33 -27.90
CA MET O 207 25.72 -47.33 -27.51
C MET O 207 25.06 -48.51 -26.82
N LYS O 208 23.90 -48.28 -26.20
CA LYS O 208 23.21 -49.32 -25.45
C LYS O 208 22.32 -50.17 -26.34
N GLU O 209 21.73 -49.54 -27.35
CA GLU O 209 20.80 -50.23 -28.25
C GLU O 209 21.51 -50.91 -29.42
N THR O 210 22.76 -50.55 -29.65
CA THR O 210 23.54 -51.14 -30.73
C THR O 210 24.22 -52.44 -30.30
N GLY O 211 24.50 -52.56 -29.00
CA GLY O 211 25.13 -53.74 -28.47
C GLY O 211 26.56 -53.52 -28.02
N VAL O 212 26.86 -52.29 -27.62
CA VAL O 212 28.18 -51.95 -27.10
C VAL O 212 28.11 -51.76 -25.59
N ILE O 213 26.97 -51.28 -25.11
CA ILE O 213 26.71 -51.13 -23.69
C ILE O 213 25.73 -52.20 -23.24
N ASN O 214 26.22 -53.17 -22.46
CA ASN O 214 25.37 -54.25 -21.97
C ASN O 214 24.84 -53.96 -20.57
N LEU O 215 23.53 -53.69 -20.49
CA LEU O 215 22.91 -53.32 -19.23
C LEU O 215 22.90 -54.47 -18.21
N GLU O 216 22.85 -55.70 -18.72
CA GLU O 216 22.89 -56.88 -17.85
C GLU O 216 23.90 -57.90 -18.35
N GLY O 217 25.11 -57.43 -18.65
CA GLY O 217 26.17 -58.30 -19.13
C GLY O 217 27.51 -57.57 -19.18
N GLU O 218 28.39 -58.02 -20.06
CA GLU O 218 29.70 -57.42 -20.20
C GLU O 218 29.70 -56.29 -21.22
N SER O 219 30.24 -55.14 -20.84
CA SER O 219 30.33 -53.99 -21.74
C SER O 219 31.80 -53.68 -22.08
N LYS O 220 32.02 -52.84 -23.08
CA LYS O 220 33.37 -52.58 -23.56
C LYS O 220 33.75 -51.10 -23.59
N VAL O 221 32.97 -50.26 -22.93
CA VAL O 221 33.25 -48.83 -22.94
C VAL O 221 32.85 -48.12 -21.65
N ALA O 222 33.79 -47.36 -21.08
CA ALA O 222 33.53 -46.59 -19.87
C ALA O 222 33.27 -45.13 -20.22
N LEU O 223 32.16 -44.60 -19.71
CA LEU O 223 31.75 -43.23 -20.03
C LEU O 223 32.05 -42.26 -18.89
N VAL O 224 32.74 -41.17 -19.21
CA VAL O 224 33.08 -40.15 -18.22
C VAL O 224 32.54 -38.80 -18.68
N PHE O 225 31.72 -38.16 -17.83
CA PHE O 225 31.06 -36.93 -18.23
C PHE O 225 31.35 -35.74 -17.31
N GLY O 226 31.38 -34.55 -17.90
CA GLY O 226 31.56 -33.29 -17.21
C GLY O 226 31.20 -32.18 -18.17
N GLN O 227 29.90 -31.91 -18.30
CA GLN O 227 29.41 -31.09 -19.40
C GLN O 227 29.36 -29.58 -19.12
N MET O 228 28.96 -28.84 -20.15
CA MET O 228 28.99 -27.38 -20.14
C MET O 228 28.12 -26.74 -19.06
N ASN O 229 27.21 -27.52 -18.48
CA ASN O 229 26.36 -27.02 -17.41
C ASN O 229 27.06 -27.08 -16.06
N GLU O 230 28.27 -27.64 -16.04
CA GLU O 230 29.03 -27.76 -14.81
C GLU O 230 30.13 -26.70 -14.71
N PRO O 231 30.31 -26.12 -13.52
CA PRO O 231 31.28 -25.06 -13.25
C PRO O 231 32.66 -25.34 -13.82
N PRO O 232 33.51 -24.30 -13.95
CA PRO O 232 34.86 -24.39 -14.51
C PRO O 232 35.68 -25.52 -13.89
N GLY O 233 35.74 -25.56 -12.56
CA GLY O 233 36.48 -26.58 -11.86
C GLY O 233 36.15 -27.99 -12.32
N ALA O 234 34.92 -28.20 -12.76
CA ALA O 234 34.48 -29.51 -13.21
C ALA O 234 35.07 -29.86 -14.57
N ARG O 235 34.85 -28.99 -15.55
CA ARG O 235 35.34 -29.22 -16.92
C ARG O 235 36.86 -29.27 -16.98
N ALA O 236 37.50 -28.51 -16.10
CA ALA O 236 38.96 -28.40 -16.10
C ALA O 236 39.63 -29.69 -15.64
N ARG O 237 38.88 -30.56 -14.96
CA ARG O 237 39.43 -31.79 -14.42
C ARG O 237 38.84 -33.05 -15.05
N VAL O 238 37.61 -32.94 -15.57
CA VAL O 238 36.91 -34.08 -16.14
C VAL O 238 37.74 -34.80 -17.20
N ALA O 239 38.65 -34.05 -17.83
CA ALA O 239 39.53 -34.64 -18.85
C ALA O 239 40.54 -35.58 -18.19
N LEU O 240 41.24 -35.07 -17.19
CA LEU O 240 42.23 -35.87 -16.45
C LEU O 240 41.59 -37.13 -15.86
N THR O 241 40.40 -36.98 -15.29
CA THR O 241 39.67 -38.09 -14.70
C THR O 241 39.47 -39.22 -15.70
N GLY O 242 38.74 -38.94 -16.77
CA GLY O 242 38.45 -39.93 -17.79
C GLY O 242 39.70 -40.53 -18.38
N LEU O 243 40.78 -39.75 -18.36
CA LEU O 243 42.07 -40.21 -18.89
C LEU O 243 42.69 -41.29 -18.00
N THR O 244 42.65 -41.07 -16.69
CA THR O 244 43.24 -42.01 -15.73
C THR O 244 42.61 -43.39 -15.86
N ILE O 245 41.33 -43.42 -16.25
CA ILE O 245 40.64 -44.68 -16.48
C ILE O 245 41.28 -45.40 -17.66
N ALA O 246 41.68 -44.63 -18.66
CA ALA O 246 42.28 -45.18 -19.87
C ALA O 246 43.73 -45.59 -19.66
N GLU O 247 44.45 -44.82 -18.84
CA GLU O 247 45.86 -45.11 -18.57
C GLU O 247 46.04 -46.42 -17.83
N TYR O 248 44.97 -46.89 -17.19
CA TYR O 248 45.02 -48.17 -16.47
C TYR O 248 44.98 -49.34 -17.44
N PHE O 249 44.14 -49.23 -18.47
CA PHE O 249 43.99 -50.28 -19.45
C PHE O 249 45.26 -50.46 -20.29
N ARG O 250 46.11 -49.43 -20.30
CA ARG O 250 47.36 -49.46 -21.05
C ARG O 250 48.52 -49.93 -20.18
N ASP O 251 48.48 -49.55 -18.91
CA ASP O 251 49.60 -49.83 -18.01
C ASP O 251 49.43 -51.15 -17.24
N GLU O 252 48.20 -51.50 -16.91
CA GLU O 252 47.95 -52.69 -16.09
C GLU O 252 47.19 -53.78 -16.84
N GLU O 253 46.44 -53.39 -17.87
CA GLU O 253 45.64 -54.34 -18.63
C GLU O 253 46.40 -54.83 -19.86
N GLY O 254 47.23 -53.96 -20.42
CA GLY O 254 48.04 -54.31 -21.57
C GLY O 254 47.23 -54.54 -22.83
N GLN O 255 46.09 -53.87 -22.93
CA GLN O 255 45.24 -53.99 -24.11
C GLN O 255 45.25 -52.70 -24.92
N ASP O 256 44.85 -52.80 -26.19
CA ASP O 256 44.75 -51.63 -27.04
C ASP O 256 43.53 -50.80 -26.68
N VAL O 257 43.77 -49.56 -26.26
CA VAL O 257 42.69 -48.69 -25.80
C VAL O 257 42.27 -47.69 -26.87
N LEU O 258 41.00 -47.29 -26.83
CA LEU O 258 40.49 -46.26 -27.73
C LEU O 258 39.93 -45.13 -26.88
N LEU O 259 40.34 -43.90 -27.18
CA LEU O 259 39.95 -42.76 -26.37
C LEU O 259 39.35 -41.62 -27.19
N PHE O 260 38.19 -41.13 -26.76
CA PHE O 260 37.55 -39.99 -27.38
C PHE O 260 37.44 -38.85 -26.38
N ILE O 261 37.82 -37.64 -26.78
CA ILE O 261 37.69 -36.48 -25.93
C ILE O 261 36.89 -35.39 -26.64
N ASP O 262 35.78 -34.98 -26.03
CA ASP O 262 34.90 -34.00 -26.63
C ASP O 262 34.21 -33.14 -25.56
N ASN O 263 34.57 -31.87 -25.50
CA ASN O 263 35.55 -31.28 -26.41
C ASN O 263 36.78 -30.81 -25.66
N ILE O 264 37.95 -31.27 -26.08
CA ILE O 264 39.21 -30.99 -25.39
C ILE O 264 39.45 -29.49 -25.17
N PHE O 265 38.89 -28.66 -26.04
CA PHE O 265 39.07 -27.21 -25.92
C PHE O 265 38.50 -26.66 -24.62
N ARG O 266 37.40 -27.26 -24.17
CA ARG O 266 36.73 -26.81 -22.95
C ARG O 266 37.66 -26.92 -21.73
N PHE O 267 38.68 -27.75 -21.84
CA PHE O 267 39.65 -27.91 -20.76
C PHE O 267 40.50 -26.65 -20.61
N THR O 268 40.87 -26.05 -21.72
CA THR O 268 41.64 -24.82 -21.71
C THR O 268 40.72 -23.63 -21.44
N GLN O 269 39.54 -23.68 -22.04
CA GLN O 269 38.53 -22.64 -21.86
C GLN O 269 38.22 -22.44 -20.37
N ALA O 270 37.74 -23.51 -19.73
CA ALA O 270 37.46 -23.48 -18.31
C ALA O 270 38.67 -23.02 -17.52
N GLY O 271 39.86 -23.38 -18.00
CA GLY O 271 41.09 -22.99 -17.35
C GLY O 271 41.26 -21.49 -17.25
N SER O 272 40.97 -20.79 -18.35
CA SER O 272 41.12 -19.34 -18.39
C SER O 272 40.12 -18.64 -17.46
N GLU O 273 38.92 -19.20 -17.38
CA GLU O 273 37.86 -18.62 -16.55
C GLU O 273 38.35 -18.29 -15.14
N VAL O 274 38.94 -19.28 -14.48
CA VAL O 274 39.40 -19.11 -13.11
C VAL O 274 40.76 -18.43 -13.01
N SER O 275 41.52 -18.47 -14.10
CA SER O 275 42.86 -17.89 -14.12
C SER O 275 42.86 -16.43 -13.67
N ALA O 276 41.78 -15.71 -13.99
CA ALA O 276 41.66 -14.31 -13.61
C ALA O 276 41.60 -14.12 -12.10
N LEU O 277 41.08 -15.14 -11.41
CA LEU O 277 40.89 -15.07 -9.97
C LEU O 277 41.99 -15.79 -9.21
N LEU O 278 42.73 -16.65 -9.91
CA LEU O 278 43.87 -17.33 -9.30
C LEU O 278 45.02 -16.34 -9.08
N GLY O 279 44.88 -15.15 -9.66
CA GLY O 279 45.88 -14.12 -9.48
C GLY O 279 46.98 -14.15 -10.51
N ARG O 280 46.60 -14.23 -11.78
CA ARG O 280 47.58 -14.29 -12.86
C ARG O 280 47.46 -13.08 -13.79
N ILE O 281 48.58 -12.65 -14.35
CA ILE O 281 48.57 -11.58 -15.34
C ILE O 281 48.18 -12.17 -16.69
N PRO O 282 46.99 -11.78 -17.20
CA PRO O 282 46.42 -12.32 -18.44
C PRO O 282 47.44 -12.41 -19.57
N SER O 283 47.40 -13.50 -20.33
CA SER O 283 48.33 -13.71 -21.44
C SER O 283 47.78 -13.14 -22.74
N ALA O 284 47.99 -13.86 -23.84
CA ALA O 284 47.50 -13.42 -25.14
C ALA O 284 46.01 -13.71 -25.30
N VAL O 285 45.25 -12.66 -25.61
CA VAL O 285 43.81 -12.79 -25.82
C VAL O 285 43.09 -13.28 -24.57
N GLY O 286 43.60 -12.88 -23.41
CA GLY O 286 42.96 -13.16 -22.14
C GLY O 286 43.08 -14.59 -21.65
N TYR O 287 43.90 -15.40 -22.31
CA TYR O 287 44.11 -16.78 -21.88
C TYR O 287 45.08 -16.85 -20.70
N GLN O 288 45.05 -17.96 -19.98
CA GLN O 288 45.94 -18.15 -18.84
C GLN O 288 47.39 -18.23 -19.30
N PRO O 289 48.30 -17.64 -18.51
CA PRO O 289 49.73 -17.60 -18.83
C PRO O 289 50.34 -19.00 -18.95
N THR O 290 49.66 -19.99 -18.37
CA THR O 290 50.16 -21.36 -18.39
C THR O 290 49.41 -22.25 -19.37
N LEU O 291 48.86 -21.64 -20.42
CA LEU O 291 48.11 -22.37 -21.42
C LEU O 291 48.90 -23.54 -22.02
N ALA O 292 50.19 -23.30 -22.27
CA ALA O 292 51.04 -24.31 -22.90
C ALA O 292 51.29 -25.52 -21.99
N THR O 293 51.78 -25.28 -20.79
CA THR O 293 52.11 -26.36 -19.86
C THR O 293 50.86 -27.10 -19.39
N ASP O 294 49.78 -26.36 -19.19
CA ASP O 294 48.51 -26.95 -18.76
C ASP O 294 48.01 -27.98 -19.78
N MET O 295 48.32 -27.75 -21.04
CA MET O 295 47.93 -28.66 -22.11
C MET O 295 48.92 -29.84 -22.21
N GLY O 296 50.20 -29.53 -22.07
CA GLY O 296 51.23 -30.55 -22.13
C GLY O 296 51.11 -31.59 -21.04
N LEU O 297 50.73 -31.15 -19.84
CA LEU O 297 50.57 -32.02 -18.70
C LEU O 297 49.31 -32.87 -18.81
N LEU O 298 48.66 -32.78 -19.97
CA LEU O 298 47.45 -33.56 -20.22
C LEU O 298 47.58 -34.33 -21.54
N GLN O 299 48.15 -33.67 -22.54
CA GLN O 299 48.29 -34.26 -23.86
C GLN O 299 49.39 -35.31 -23.87
N GLU O 300 50.45 -35.06 -23.11
CA GLU O 300 51.58 -35.97 -23.04
C GLU O 300 51.23 -37.28 -22.32
N ARG O 301 50.16 -37.24 -21.53
CA ARG O 301 49.68 -38.44 -20.85
C ARG O 301 48.86 -39.29 -21.81
N ILE O 302 48.20 -38.62 -22.74
CA ILE O 302 47.46 -39.32 -23.79
C ILE O 302 48.41 -39.73 -24.90
N THR O 303 48.90 -40.97 -24.83
CA THR O 303 49.88 -41.45 -25.80
C THR O 303 50.02 -42.98 -25.75
N THR O 304 50.77 -43.52 -26.71
CA THR O 304 51.01 -44.95 -26.78
C THR O 304 52.39 -45.30 -26.23
N THR O 305 52.41 -46.00 -25.10
CA THR O 305 53.66 -46.44 -24.50
C THR O 305 53.97 -47.86 -24.91
N LYS O 306 55.16 -48.35 -24.57
CA LYS O 306 55.54 -49.73 -24.86
C LYS O 306 54.55 -50.69 -24.21
N LYS O 307 54.03 -50.31 -23.05
CA LYS O 307 53.05 -51.12 -22.33
C LYS O 307 51.89 -51.51 -23.25
N GLY O 308 51.12 -50.53 -23.68
CA GLY O 308 49.98 -50.77 -24.54
C GLY O 308 49.77 -49.65 -25.54
N SER O 309 49.02 -49.95 -26.60
CA SER O 309 48.73 -48.96 -27.63
C SER O 309 47.46 -48.18 -27.29
N VAL O 310 47.48 -46.88 -27.55
CA VAL O 310 46.35 -46.02 -27.24
C VAL O 310 45.97 -45.12 -28.42
N THR O 311 44.81 -45.38 -29.00
CA THR O 311 44.27 -44.53 -30.06
C THR O 311 43.45 -43.41 -29.42
N SER O 312 43.78 -42.16 -29.73
CA SER O 312 43.08 -41.03 -29.14
C SER O 312 42.54 -40.07 -30.21
N VAL O 313 41.21 -39.92 -30.24
CA VAL O 313 40.56 -39.00 -31.15
C VAL O 313 39.96 -37.83 -30.39
N GLN O 314 40.55 -36.65 -30.54
CA GLN O 314 40.12 -35.47 -29.81
C GLN O 314 39.36 -34.50 -30.71
N ALA O 315 38.33 -33.86 -30.15
CA ALA O 315 37.61 -32.81 -30.87
C ALA O 315 38.06 -31.45 -30.33
N VAL O 316 38.47 -30.56 -31.24
CA VAL O 316 38.97 -29.25 -30.83
C VAL O 316 38.11 -28.12 -31.39
N TYR O 317 37.49 -27.38 -30.48
CA TYR O 317 36.65 -26.24 -30.85
C TYR O 317 37.51 -25.05 -31.25
N VAL O 318 37.09 -24.35 -32.31
CA VAL O 318 37.82 -23.18 -32.78
C VAL O 318 36.96 -21.92 -32.64
N PRO O 319 37.35 -21.05 -31.68
CA PRO O 319 36.62 -19.82 -31.35
C PRO O 319 36.54 -18.84 -32.52
N ALA O 320 35.33 -18.40 -32.85
CA ALA O 320 35.11 -17.45 -33.92
C ALA O 320 35.83 -17.85 -35.21
N ASP O 321 35.92 -19.16 -35.44
CA ASP O 321 36.61 -19.68 -36.61
C ASP O 321 38.00 -19.06 -36.77
N ASP O 322 38.71 -18.93 -35.66
CA ASP O 322 40.04 -18.32 -35.65
C ASP O 322 41.11 -19.38 -35.40
N LEU O 323 41.80 -19.78 -36.47
CA LEU O 323 42.82 -20.82 -36.37
C LEU O 323 44.09 -20.30 -35.69
N THR O 324 44.13 -19.00 -35.42
CA THR O 324 45.28 -18.38 -34.78
C THR O 324 45.09 -18.24 -33.28
N ASP O 325 43.87 -18.52 -32.80
CA ASP O 325 43.56 -18.47 -31.38
C ASP O 325 44.58 -19.31 -30.61
N PRO O 326 45.09 -18.75 -29.49
CA PRO O 326 46.10 -19.42 -28.67
C PRO O 326 45.76 -20.87 -28.36
N ALA O 327 44.48 -21.17 -28.21
CA ALA O 327 44.04 -22.52 -27.84
C ALA O 327 44.23 -23.56 -28.96
N PRO O 328 43.47 -23.44 -30.06
CA PRO O 328 43.57 -24.45 -31.11
C PRO O 328 44.97 -24.51 -31.73
N ALA O 329 45.62 -23.35 -31.83
CA ALA O 329 46.94 -23.26 -32.43
C ALA O 329 47.96 -24.15 -31.73
N THR O 330 47.93 -24.15 -30.40
CA THR O 330 48.85 -24.96 -29.61
C THR O 330 48.52 -26.45 -29.71
N THR O 331 47.25 -26.76 -29.95
CA THR O 331 46.79 -28.14 -30.01
C THR O 331 47.41 -28.90 -31.18
N PHE O 332 47.59 -28.21 -32.30
CA PHE O 332 48.09 -28.83 -33.53
C PHE O 332 49.37 -29.64 -33.31
N ALA O 333 50.36 -29.02 -32.69
CA ALA O 333 51.68 -29.63 -32.52
C ALA O 333 51.66 -30.89 -31.67
N HIS O 334 50.50 -31.25 -31.15
CA HIS O 334 50.38 -32.41 -30.26
C HIS O 334 49.83 -33.65 -30.98
N LEU O 335 49.15 -33.42 -32.10
CA LEU O 335 48.44 -34.51 -32.80
C LEU O 335 49.28 -35.16 -33.90
N ASP O 336 48.98 -36.41 -34.21
CA ASP O 336 49.63 -37.14 -35.29
C ASP O 336 48.84 -37.04 -36.58
N ALA O 337 47.54 -36.80 -36.45
CA ALA O 337 46.67 -36.66 -37.61
C ALA O 337 45.56 -35.66 -37.34
N THR O 338 45.40 -34.69 -38.23
CA THR O 338 44.39 -33.65 -38.04
C THR O 338 43.50 -33.51 -39.28
N THR O 339 42.19 -33.47 -39.04
CA THR O 339 41.22 -33.23 -40.10
C THR O 339 40.37 -32.01 -39.77
N VAL O 340 40.76 -30.85 -40.30
CA VAL O 340 40.10 -29.60 -39.99
C VAL O 340 38.72 -29.48 -40.62
N LEU O 341 37.94 -28.54 -40.14
CA LEU O 341 36.61 -28.28 -40.67
C LEU O 341 36.43 -26.78 -40.91
N SER O 342 35.97 -26.42 -42.11
CA SER O 342 35.79 -25.01 -42.46
C SER O 342 34.33 -24.68 -42.71
N ARG O 343 33.90 -23.52 -42.23
CA ARG O 343 32.53 -23.06 -42.46
C ARG O 343 32.34 -22.70 -43.92
N GLY O 344 33.39 -22.19 -44.55
CA GLY O 344 33.34 -21.83 -45.95
C GLY O 344 32.90 -23.01 -46.80
N ILE O 345 33.26 -24.21 -46.37
CA ILE O 345 32.90 -25.42 -47.08
C ILE O 345 31.50 -25.89 -46.69
N SER O 346 31.08 -25.56 -45.48
CA SER O 346 29.76 -25.94 -45.00
C SER O 346 28.67 -25.11 -45.65
N GLU O 347 28.98 -23.85 -45.96
CA GLU O 347 28.03 -22.99 -46.64
C GLU O 347 27.79 -23.49 -48.06
N LEU O 348 28.78 -24.19 -48.60
CA LEU O 348 28.67 -24.74 -49.95
C LEU O 348 27.75 -25.96 -49.96
N GLY O 349 27.70 -26.67 -48.84
CA GLY O 349 26.86 -27.85 -48.73
C GLY O 349 27.67 -29.14 -48.72
N ILE O 350 28.99 -29.00 -48.81
CA ILE O 350 29.87 -30.16 -48.80
C ILE O 350 30.02 -30.72 -47.39
N TYR O 351 29.23 -31.74 -47.08
CA TYR O 351 29.29 -32.39 -45.78
C TYR O 351 29.93 -33.77 -45.89
N PRO O 352 30.96 -34.03 -45.07
CA PRO O 352 31.43 -33.10 -44.04
C PRO O 352 32.25 -31.95 -44.61
N ALA O 353 32.23 -30.81 -43.93
CA ALA O 353 32.95 -29.63 -44.38
C ALA O 353 34.43 -29.71 -44.03
N VAL O 354 35.13 -30.66 -44.63
CA VAL O 354 36.54 -30.86 -44.37
C VAL O 354 37.40 -30.12 -45.40
N ASP O 355 38.45 -29.47 -44.92
CA ASP O 355 39.37 -28.75 -45.80
C ASP O 355 40.56 -29.64 -46.18
N PRO O 356 40.53 -30.19 -47.39
CA PRO O 356 41.54 -31.13 -47.88
C PRO O 356 42.94 -30.53 -47.93
N LEU O 357 43.03 -29.20 -47.89
CA LEU O 357 44.30 -28.52 -48.03
C LEU O 357 44.89 -28.08 -46.69
N ASP O 358 44.25 -28.48 -45.60
CA ASP O 358 44.71 -28.11 -44.27
C ASP O 358 44.79 -29.33 -43.36
N SER O 359 44.18 -30.43 -43.80
CA SER O 359 44.21 -31.68 -43.04
C SER O 359 45.48 -32.47 -43.34
N LYS O 360 46.38 -32.53 -42.36
CA LYS O 360 47.66 -33.21 -42.55
C LYS O 360 47.77 -34.50 -41.72
N SER O 361 48.58 -35.43 -42.22
CA SER O 361 48.79 -36.71 -41.53
C SER O 361 50.21 -37.22 -41.73
N ARG O 362 50.81 -37.71 -40.67
CA ARG O 362 52.16 -38.26 -40.73
C ARG O 362 52.22 -39.56 -41.51
N LEU O 363 51.05 -40.15 -41.77
CA LEU O 363 50.96 -41.43 -42.46
C LEU O 363 50.90 -41.28 -43.98
N LEU O 364 50.86 -40.03 -44.45
CA LEU O 364 50.77 -39.77 -45.87
C LEU O 364 52.12 -39.94 -46.56
N ASP O 365 52.86 -40.98 -46.18
CA ASP O 365 54.15 -41.26 -46.77
C ASP O 365 54.08 -42.48 -47.68
N ALA O 366 54.83 -42.43 -48.80
CA ALA O 366 54.81 -43.49 -49.78
C ALA O 366 55.09 -44.87 -49.18
N ALA O 367 56.12 -44.93 -48.34
CA ALA O 367 56.53 -46.19 -47.73
C ALA O 367 55.44 -46.82 -46.86
N VAL O 368 54.39 -46.05 -46.57
CA VAL O 368 53.31 -46.53 -45.72
C VAL O 368 52.03 -46.80 -46.51
N VAL O 369 51.47 -45.74 -47.10
CA VAL O 369 50.22 -45.85 -47.84
C VAL O 369 50.42 -46.41 -49.25
N GLY O 370 51.68 -46.50 -49.68
CA GLY O 370 52.00 -47.01 -51.00
C GLY O 370 52.19 -45.89 -52.01
N GLN O 371 53.21 -46.03 -52.85
CA GLN O 371 53.53 -45.03 -53.86
C GLN O 371 52.29 -44.57 -54.61
N GLU O 372 51.42 -45.52 -54.96
CA GLU O 372 50.20 -45.23 -55.69
C GLU O 372 49.31 -44.27 -54.90
N HIS O 373 48.97 -44.66 -53.68
CA HIS O 373 48.16 -43.84 -52.80
C HIS O 373 48.71 -42.41 -52.72
N TYR O 374 50.00 -42.31 -52.41
CA TYR O 374 50.66 -41.02 -52.28
C TYR O 374 50.48 -40.17 -53.53
N ASP O 375 50.83 -40.72 -54.69
CA ASP O 375 50.75 -40.00 -55.95
C ASP O 375 49.32 -39.59 -56.30
N VAL O 376 48.36 -40.42 -55.92
CA VAL O 376 46.94 -40.12 -56.15
C VAL O 376 46.51 -38.95 -55.27
N ALA O 377 46.87 -39.00 -54.00
CA ALA O 377 46.53 -37.93 -53.06
C ALA O 377 47.18 -36.62 -53.47
N SER O 378 48.44 -36.68 -53.87
CA SER O 378 49.20 -35.50 -54.27
C SER O 378 48.54 -34.79 -55.45
N LYS O 379 48.22 -35.55 -56.49
CA LYS O 379 47.59 -34.98 -57.67
C LYS O 379 46.24 -34.37 -57.34
N VAL O 380 45.52 -35.00 -56.41
CA VAL O 380 44.25 -34.47 -55.95
C VAL O 380 44.43 -33.12 -55.27
N GLN O 381 45.41 -33.05 -54.37
CA GLN O 381 45.72 -31.80 -53.67
C GLN O 381 46.16 -30.73 -54.65
N GLU O 382 47.00 -31.12 -55.61
CA GLU O 382 47.45 -30.20 -56.65
C GLU O 382 46.28 -29.57 -57.38
N THR O 383 45.26 -30.39 -57.63
CA THR O 383 44.07 -29.94 -58.34
C THR O 383 43.33 -28.86 -57.56
N LEU O 384 42.98 -29.17 -56.32
CA LEU O 384 42.19 -28.26 -55.48
C LEU O 384 42.90 -26.93 -55.23
N GLN O 385 44.22 -26.98 -55.08
CA GLN O 385 45.02 -25.78 -54.83
C GLN O 385 44.95 -24.82 -56.02
N THR O 386 44.83 -25.39 -57.22
CA THR O 386 44.74 -24.58 -58.44
C THR O 386 43.38 -23.90 -58.53
N TYR O 387 42.33 -24.63 -58.18
CA TYR O 387 40.97 -24.08 -58.17
C TYR O 387 40.83 -23.03 -57.07
N LYS O 388 41.60 -23.21 -56.00
CA LYS O 388 41.60 -22.26 -54.90
C LYS O 388 42.33 -20.98 -55.29
N SER O 389 43.39 -21.13 -56.08
CA SER O 389 44.19 -19.99 -56.52
C SER O 389 43.40 -19.11 -57.50
N LEU O 390 42.34 -19.66 -58.06
CA LEU O 390 41.50 -18.94 -59.00
C LEU O 390 40.12 -18.66 -58.41
N GLN O 391 39.97 -18.86 -57.11
CA GLN O 391 38.70 -18.65 -56.42
C GLN O 391 38.21 -17.21 -56.59
N ASP O 392 39.12 -16.26 -56.42
CA ASP O 392 38.78 -14.84 -56.48
C ASP O 392 38.57 -14.36 -57.91
N ILE O 393 39.38 -14.87 -58.84
CA ILE O 393 39.28 -14.49 -60.24
C ILE O 393 37.93 -14.91 -60.82
N ILE O 394 37.56 -16.17 -60.62
CA ILE O 394 36.33 -16.72 -61.15
C ILE O 394 35.08 -16.00 -60.62
N ALA O 395 35.12 -15.64 -59.34
CA ALA O 395 33.99 -15.01 -58.69
C ALA O 395 33.75 -13.59 -59.21
N ILE O 396 34.56 -13.17 -60.18
CA ILE O 396 34.45 -11.83 -60.75
C ILE O 396 34.19 -11.88 -62.25
N LEU O 397 35.20 -12.28 -63.01
CA LEU O 397 35.10 -12.34 -64.46
C LEU O 397 34.20 -13.49 -64.90
N GLY O 398 34.34 -14.63 -64.23
CA GLY O 398 33.58 -15.82 -64.59
C GLY O 398 34.50 -16.89 -65.15
N MET O 399 34.01 -18.13 -65.20
CA MET O 399 34.82 -19.24 -65.69
C MET O 399 35.16 -19.10 -67.17
N ASP O 400 34.39 -18.27 -67.87
CA ASP O 400 34.59 -18.07 -69.31
C ASP O 400 35.94 -17.45 -69.64
N GLU O 401 36.39 -16.54 -68.78
CA GLU O 401 37.63 -15.80 -69.05
C GLU O 401 38.88 -16.53 -68.54
N LEU O 402 38.74 -17.83 -68.27
CA LEU O 402 39.87 -18.63 -67.82
C LEU O 402 40.60 -19.29 -68.98
N SER O 403 41.89 -19.52 -68.80
CA SER O 403 42.69 -20.24 -69.78
C SER O 403 42.12 -21.64 -69.96
N GLU O 404 42.04 -22.09 -71.21
CA GLU O 404 41.44 -23.39 -71.51
C GLU O 404 42.16 -24.53 -70.78
N GLN O 405 43.49 -24.44 -70.72
CA GLN O 405 44.28 -25.46 -70.05
C GLN O 405 43.88 -25.56 -68.58
N ASP O 406 43.78 -24.41 -67.92
CA ASP O 406 43.40 -24.36 -66.51
C ASP O 406 41.90 -24.58 -66.35
N LYS O 407 41.13 -24.18 -67.35
CA LYS O 407 39.67 -24.27 -67.31
C LYS O 407 39.24 -25.73 -67.18
N LEU O 408 40.03 -26.64 -67.72
CA LEU O 408 39.77 -28.06 -67.59
C LEU O 408 39.99 -28.50 -66.15
N THR O 409 41.05 -28.00 -65.54
CA THR O 409 41.41 -28.36 -64.18
C THR O 409 40.30 -28.03 -63.19
N VAL O 410 39.80 -26.80 -63.27
CA VAL O 410 38.78 -26.32 -62.34
C VAL O 410 37.45 -27.04 -62.51
N GLU O 411 37.12 -27.43 -63.73
CA GLU O 411 35.87 -28.14 -63.99
C GLU O 411 35.89 -29.52 -63.35
N ARG O 412 37.06 -30.14 -63.30
CA ARG O 412 37.22 -31.43 -62.65
C ARG O 412 37.35 -31.25 -61.13
N ALA O 413 37.92 -30.13 -60.72
CA ALA O 413 38.07 -29.82 -59.30
C ALA O 413 36.72 -29.65 -58.63
N ARG O 414 35.82 -28.93 -59.29
CA ARG O 414 34.48 -28.71 -58.78
C ARG O 414 33.74 -30.02 -58.57
N LYS O 415 34.26 -31.10 -59.13
CA LYS O 415 33.67 -32.42 -58.96
C LYS O 415 34.36 -33.19 -57.83
N ILE O 416 35.69 -33.14 -57.84
CA ILE O 416 36.48 -33.79 -56.79
C ILE O 416 36.10 -33.26 -55.42
N GLN O 417 35.89 -31.94 -55.34
CA GLN O 417 35.54 -31.29 -54.09
C GLN O 417 34.16 -31.72 -53.61
N ARG O 418 33.35 -32.22 -54.52
CA ARG O 418 32.00 -32.68 -54.19
C ARG O 418 31.93 -34.20 -54.10
N PHE O 419 32.99 -34.86 -54.58
CA PHE O 419 33.08 -36.31 -54.49
C PHE O 419 33.73 -36.71 -53.17
N LEU O 420 34.18 -35.70 -52.41
CA LEU O 420 34.68 -35.93 -51.08
C LEU O 420 33.50 -35.97 -50.11
N SER O 421 32.40 -35.36 -50.51
CA SER O 421 31.17 -35.37 -49.72
C SER O 421 30.68 -36.79 -49.52
N GLN O 422 30.29 -37.12 -48.30
CA GLN O 422 29.86 -38.47 -47.98
C GLN O 422 28.84 -38.49 -46.86
N PRO O 423 27.66 -39.10 -47.12
CA PRO O 423 26.59 -39.21 -46.13
C PRO O 423 27.04 -40.02 -44.91
N PHE O 424 26.48 -39.71 -43.75
CA PHE O 424 26.83 -40.41 -42.52
C PHE O 424 25.63 -41.11 -41.91
N ALA O 425 25.85 -42.34 -41.45
CA ALA O 425 24.80 -43.14 -40.83
C ALA O 425 24.09 -42.35 -39.72
N VAL O 426 24.87 -41.57 -38.98
CA VAL O 426 24.33 -40.79 -37.87
C VAL O 426 23.49 -39.62 -38.35
N ALA O 427 23.93 -38.98 -39.43
CA ALA O 427 23.31 -37.74 -39.90
C ALA O 427 21.99 -37.95 -40.64
N GLU O 428 21.63 -39.20 -40.90
CA GLU O 428 20.43 -39.50 -41.67
C GLU O 428 19.18 -38.83 -41.10
N VAL O 429 19.14 -38.68 -39.77
CA VAL O 429 17.99 -38.12 -39.08
C VAL O 429 17.53 -36.78 -39.65
N PHE O 430 18.47 -35.89 -39.92
CA PHE O 430 18.15 -34.56 -40.41
C PHE O 430 18.55 -34.36 -41.87
N THR O 431 19.44 -35.22 -42.35
CA THR O 431 19.90 -35.13 -43.74
C THR O 431 18.89 -35.77 -44.69
N GLY O 432 18.49 -37.00 -44.37
CA GLY O 432 17.53 -37.72 -45.19
C GLY O 432 18.19 -38.83 -45.99
N ILE O 433 19.38 -38.53 -46.53
CA ILE O 433 20.12 -39.50 -47.33
C ILE O 433 20.87 -40.49 -46.45
N PRO O 434 20.58 -41.79 -46.60
CA PRO O 434 21.25 -42.86 -45.86
C PRO O 434 22.76 -42.81 -46.03
N GLY O 435 23.50 -43.12 -44.96
CA GLY O 435 24.94 -43.05 -44.99
C GLY O 435 25.60 -44.29 -45.57
N LYS O 436 26.67 -44.08 -46.32
CA LYS O 436 27.41 -45.18 -46.93
C LYS O 436 28.89 -45.15 -46.53
N LEU O 437 29.44 -46.31 -46.20
CA LEU O 437 30.84 -46.42 -45.82
C LEU O 437 31.67 -46.88 -47.02
N VAL O 438 32.70 -46.10 -47.34
CA VAL O 438 33.56 -46.40 -48.49
C VAL O 438 34.93 -46.89 -48.03
N ARG O 439 35.40 -47.99 -48.61
CA ARG O 439 36.68 -48.57 -48.24
C ARG O 439 37.84 -47.85 -48.90
N LEU O 440 39.03 -48.02 -48.32
CA LEU O 440 40.22 -47.33 -48.79
C LEU O 440 40.58 -47.69 -50.22
N LYS O 441 40.68 -48.98 -50.51
CA LYS O 441 41.04 -49.45 -51.84
C LYS O 441 40.14 -48.88 -52.92
N ASP O 442 38.83 -48.93 -52.68
CA ASP O 442 37.85 -48.42 -53.64
C ASP O 442 38.03 -46.93 -53.85
N THR O 443 38.34 -46.22 -52.77
CA THR O 443 38.48 -44.76 -52.82
C THR O 443 39.70 -44.32 -53.62
N VAL O 444 40.86 -44.90 -53.31
CA VAL O 444 42.10 -44.54 -53.98
C VAL O 444 42.00 -44.73 -55.49
N ALA O 445 41.30 -45.79 -55.89
CA ALA O 445 41.11 -46.09 -57.31
C ALA O 445 40.12 -45.10 -57.93
N SER O 446 38.99 -44.90 -57.27
CA SER O 446 37.97 -43.98 -57.72
C SER O 446 38.54 -42.63 -58.16
N PHE O 447 39.26 -41.98 -57.25
CA PHE O 447 39.83 -40.66 -57.52
C PHE O 447 40.89 -40.69 -58.61
N LYS O 448 41.75 -41.71 -58.58
CA LYS O 448 42.78 -41.86 -59.60
C LYS O 448 42.16 -41.81 -61.00
N ALA O 449 40.99 -42.42 -61.15
CA ALA O 449 40.27 -42.42 -62.41
C ALA O 449 39.82 -41.02 -62.79
N VAL O 450 39.17 -40.34 -61.86
CA VAL O 450 38.68 -38.98 -62.10
C VAL O 450 39.80 -38.09 -62.62
N LEU O 451 40.96 -38.18 -62.00
CA LEU O 451 42.13 -37.41 -62.40
C LEU O 451 42.55 -37.74 -63.84
N GLU O 452 42.53 -39.04 -64.17
CA GLU O 452 42.93 -39.49 -65.49
C GLU O 452 41.99 -39.02 -66.59
N GLY O 453 40.80 -38.56 -66.19
CA GLY O 453 39.80 -38.12 -67.15
C GLY O 453 38.98 -39.28 -67.68
N LYS O 454 38.31 -39.98 -66.76
CA LYS O 454 37.46 -41.11 -67.12
C LYS O 454 35.99 -40.74 -66.96
N TYR O 455 35.72 -39.67 -66.23
CA TYR O 455 34.36 -39.24 -65.95
C TYR O 455 34.18 -37.74 -66.13
N ASP O 456 35.03 -37.14 -66.96
CA ASP O 456 34.91 -35.72 -67.27
C ASP O 456 33.57 -35.42 -67.92
N ASN O 457 33.00 -36.45 -68.57
CA ASN O 457 31.69 -36.31 -69.21
C ASN O 457 30.55 -36.68 -68.27
N ILE O 458 30.71 -36.37 -66.99
CA ILE O 458 29.68 -36.64 -66.00
C ILE O 458 29.34 -35.39 -65.20
N PRO O 459 28.04 -35.10 -65.06
CA PRO O 459 27.55 -33.92 -64.32
C PRO O 459 28.13 -33.82 -62.91
N GLU O 460 28.13 -32.62 -62.35
CA GLU O 460 28.70 -32.39 -61.03
C GLU O 460 27.86 -33.01 -59.92
N HIS O 461 26.54 -32.79 -60.00
CA HIS O 461 25.63 -33.27 -58.96
C HIS O 461 25.64 -34.79 -58.83
N ALA O 462 26.32 -35.46 -59.76
CA ALA O 462 26.43 -36.91 -59.73
C ALA O 462 27.47 -37.37 -58.71
N PHE O 463 28.52 -36.59 -58.54
CA PHE O 463 29.58 -36.90 -57.59
C PHE O 463 29.21 -36.44 -56.19
N TYR O 464 28.16 -35.64 -56.10
CA TYR O 464 27.75 -35.03 -54.84
C TYR O 464 26.96 -35.97 -53.94
N MET O 465 27.46 -36.17 -52.73
CA MET O 465 26.75 -36.94 -51.70
C MET O 465 26.47 -38.38 -52.12
N VAL O 466 27.54 -39.13 -52.41
CA VAL O 466 27.42 -40.54 -52.75
C VAL O 466 28.57 -41.33 -52.17
N GLY O 467 28.55 -42.64 -52.39
CA GLY O 467 29.61 -43.51 -51.91
C GLY O 467 30.85 -43.44 -52.78
N GLY O 468 31.29 -44.59 -53.27
CA GLY O 468 32.46 -44.66 -54.12
C GLY O 468 32.15 -44.23 -55.54
N ILE O 469 33.09 -44.49 -56.45
CA ILE O 469 32.91 -44.13 -57.86
C ILE O 469 31.72 -44.86 -58.47
N GLU O 470 31.48 -46.08 -58.01
CA GLU O 470 30.42 -46.91 -58.54
C GLU O 470 29.05 -46.34 -58.22
N ASP O 471 28.98 -45.54 -57.17
CA ASP O 471 27.73 -44.94 -56.73
C ASP O 471 27.43 -43.68 -57.54
N VAL O 472 28.42 -43.21 -58.29
CA VAL O 472 28.27 -42.02 -59.12
C VAL O 472 27.47 -42.33 -60.38
N VAL O 473 27.96 -43.31 -61.15
CA VAL O 473 27.31 -43.70 -62.40
C VAL O 473 25.85 -44.12 -62.18
N ALA O 474 25.61 -44.83 -61.10
CA ALA O 474 24.25 -45.28 -60.77
C ALA O 474 23.34 -44.08 -60.58
N LYS O 475 23.86 -43.02 -59.95
CA LYS O 475 23.10 -41.81 -59.72
C LYS O 475 23.07 -40.97 -60.99
N ALA O 476 24.03 -41.20 -61.87
CA ALA O 476 24.09 -40.51 -63.15
C ALA O 476 23.01 -41.04 -64.10
N GLU O 477 22.67 -42.32 -63.93
CA GLU O 477 21.61 -42.94 -64.71
C GLU O 477 20.25 -42.47 -64.22
N LYS O 478 20.13 -42.30 -62.91
CA LYS O 478 18.89 -41.82 -62.31
C LYS O 478 18.64 -40.36 -62.68
N LEU O 479 19.73 -39.65 -62.97
CA LEU O 479 19.64 -38.25 -63.39
C LEU O 479 19.70 -38.13 -64.90
N ALA O 480 19.98 -39.25 -65.57
CA ALA O 480 19.99 -39.29 -67.02
C ALA O 480 18.56 -39.30 -67.55
N ALA O 481 17.64 -39.86 -66.76
CA ALA O 481 16.23 -39.90 -67.11
C ALA O 481 15.54 -38.61 -66.69
N ALA P 1 45.05 -11.77 -43.49
CA ALA P 1 44.60 -10.38 -43.40
C ALA P 1 45.40 -9.57 -42.37
N THR P 2 45.86 -8.39 -42.78
CA THR P 2 46.61 -7.49 -41.90
C THR P 2 46.14 -6.04 -42.01
N LEU P 3 46.53 -5.22 -41.03
CA LEU P 3 46.09 -3.82 -40.94
C LEU P 3 45.56 -3.23 -42.24
N LYS P 4 46.48 -2.92 -43.16
CA LYS P 4 46.14 -2.22 -44.40
C LYS P 4 45.99 -3.17 -45.58
N GLU P 5 46.48 -4.40 -45.41
CA GLU P 5 46.40 -5.41 -46.47
C GLU P 5 44.95 -5.72 -46.82
N VAL P 6 44.01 -5.21 -46.01
CA VAL P 6 42.60 -5.42 -46.27
C VAL P 6 41.95 -4.18 -46.89
N GLU P 7 42.52 -3.01 -46.63
CA GLU P 7 42.01 -1.77 -47.22
C GLU P 7 42.46 -1.61 -48.66
N MET P 8 43.71 -2.02 -48.93
CA MET P 8 44.26 -1.93 -50.28
C MET P 8 43.62 -3.00 -51.16
N ARG P 9 43.35 -4.16 -50.59
CA ARG P 9 42.67 -5.24 -51.30
C ARG P 9 41.17 -4.93 -51.42
N LEU P 10 40.65 -4.14 -50.48
CA LEU P 10 39.26 -3.70 -50.52
C LEU P 10 39.03 -2.67 -51.61
N LYS P 11 39.86 -1.63 -51.62
CA LYS P 11 39.76 -0.57 -52.61
C LYS P 11 40.01 -1.12 -54.01
N SER P 12 40.75 -2.23 -54.07
CA SER P 12 40.98 -2.93 -55.32
C SER P 12 39.65 -3.41 -55.87
N ILE P 13 38.85 -4.02 -55.01
CA ILE P 13 37.54 -4.51 -55.40
C ILE P 13 36.61 -3.35 -55.71
N LYS P 14 36.87 -2.21 -55.08
CA LYS P 14 36.08 -1.00 -55.31
C LYS P 14 36.18 -0.59 -56.77
N ASN P 15 37.41 -0.45 -57.27
CA ASN P 15 37.63 -0.07 -58.65
C ASN P 15 36.99 -1.05 -59.62
N ILE P 16 37.13 -2.34 -59.33
CA ILE P 16 36.62 -3.38 -60.21
C ILE P 16 35.11 -3.28 -60.42
N GLU P 17 34.36 -3.01 -59.36
CA GLU P 17 32.90 -2.87 -59.49
C GLU P 17 32.55 -1.64 -60.31
N LYS P 18 33.42 -0.64 -60.25
CA LYS P 18 33.21 0.62 -60.95
C LYS P 18 33.55 0.48 -62.44
N ILE P 19 34.79 0.12 -62.74
CA ILE P 19 35.25 0.05 -64.13
C ILE P 19 34.49 -1.01 -64.93
N THR P 20 33.78 -1.90 -64.22
CA THR P 20 32.93 -2.88 -64.88
C THR P 20 31.53 -2.29 -65.10
N LYS P 21 31.08 -1.48 -64.15
CA LYS P 21 29.84 -0.74 -64.34
C LYS P 21 30.05 0.29 -65.44
N THR P 22 31.31 0.68 -65.65
CA THR P 22 31.68 1.56 -66.74
C THR P 22 31.66 0.81 -68.06
N MET P 23 32.16 -0.42 -68.05
CA MET P 23 32.17 -1.25 -69.26
C MET P 23 30.81 -1.90 -69.50
N LYS P 24 29.80 -1.48 -68.74
CA LYS P 24 28.43 -1.90 -69.01
C LYS P 24 27.74 -0.82 -69.84
N ILE P 25 28.13 0.43 -69.60
CA ILE P 25 27.65 1.56 -70.39
C ILE P 25 28.48 1.72 -71.67
N VAL P 26 29.79 1.81 -71.51
CA VAL P 26 30.70 1.94 -72.65
C VAL P 26 30.50 0.78 -73.63
N ALA P 27 29.80 -0.26 -73.20
CA ALA P 27 29.42 -1.34 -74.08
C ALA P 27 28.13 -0.98 -74.82
N SER P 28 27.12 -0.56 -74.06
CA SER P 28 25.83 -0.21 -74.64
C SER P 28 25.87 1.09 -75.45
N THR P 29 27.04 1.72 -75.53
CA THR P 29 27.22 2.87 -76.42
C THR P 29 27.25 2.36 -77.86
N ARG P 30 27.67 1.10 -77.99
CA ARG P 30 27.67 0.42 -79.26
C ARG P 30 26.61 -0.67 -79.24
N LEU P 31 25.49 -0.37 -78.57
CA LEU P 31 24.38 -1.30 -78.46
C LEU P 31 23.54 -1.26 -79.73
N SER P 32 23.06 -0.07 -80.08
CA SER P 32 22.25 0.13 -81.28
C SER P 32 23.13 0.51 -82.46
N LYS P 33 24.29 1.09 -82.18
CA LYS P 33 25.23 1.50 -83.22
C LYS P 33 25.53 0.34 -84.16
N ALA P 34 25.61 -0.86 -83.61
CA ALA P 34 25.89 -2.06 -84.39
C ALA P 34 24.61 -2.78 -84.79
N GLU P 35 23.51 -2.42 -84.16
CA GLU P 35 22.20 -2.90 -84.58
C GLU P 35 21.74 -2.11 -85.81
N LYS P 36 22.43 -1.00 -86.06
CA LYS P 36 22.20 -0.21 -87.26
C LYS P 36 23.19 -0.64 -88.34
N ALA P 37 24.46 -0.74 -87.96
CA ALA P 37 25.49 -1.17 -88.90
C ALA P 37 25.24 -2.61 -89.36
N LYS P 38 24.24 -3.24 -88.77
CA LYS P 38 23.77 -4.54 -89.24
C LYS P 38 22.83 -4.25 -90.42
CA SER P 40 22.34 -2.59 -92.20
C SER P 40 22.69 -3.51 -93.35
N ALA P 41 23.82 -4.18 -93.25
CA ALA P 41 24.22 -5.16 -94.24
C ALA P 41 23.15 -6.23 -94.45
N LYS P 42 22.25 -6.37 -93.49
CA LYS P 42 21.16 -7.33 -93.57
C LYS P 42 20.35 -7.15 -94.85
N LYS P 43 19.92 -5.91 -95.11
CA LYS P 43 19.21 -5.61 -96.35
C LYS P 43 20.18 -5.66 -97.53
N MET P 44 21.42 -5.30 -97.28
CA MET P 44 22.44 -5.34 -98.32
C MET P 44 22.91 -6.77 -98.56
N ASP P 45 22.43 -7.69 -97.74
CA ASP P 45 22.74 -9.11 -97.90
C ASP P 45 21.66 -9.76 -98.75
N GLU P 46 20.41 -9.33 -98.56
CA GLU P 46 19.29 -9.82 -99.35
C GLU P 46 19.50 -9.45 -100.81
N ALA P 47 19.99 -8.23 -101.03
CA ALA P 47 20.27 -7.73 -102.37
C ALA P 47 21.39 -8.52 -103.04
N GLU P 48 22.40 -8.89 -102.25
CA GLU P 48 23.50 -9.68 -102.76
C GLU P 48 23.16 -11.17 -102.80
N GLN P 49 22.06 -11.55 -102.15
CA GLN P 49 21.68 -12.95 -102.04
C GLN P 49 20.34 -13.24 -102.69
N LEU P 50 19.68 -12.20 -103.20
CA LEU P 50 18.40 -12.37 -103.88
C LEU P 50 18.63 -12.90 -105.28
N PHE P 51 19.63 -12.33 -105.94
CA PHE P 51 20.14 -12.89 -107.18
C PHE P 51 20.44 -14.36 -106.92
N TYR P 52 21.08 -14.62 -105.79
CA TYR P 52 21.48 -15.96 -105.41
C TYR P 52 20.29 -16.88 -105.17
N LYS P 53 19.15 -16.32 -104.74
CA LYS P 53 17.98 -17.15 -104.48
C LYS P 53 17.34 -17.62 -105.77
N ASN P 54 17.38 -16.75 -106.79
CA ASN P 54 16.84 -17.09 -108.09
C ASN P 54 17.62 -18.25 -108.70
N ALA P 55 18.90 -18.03 -108.92
CA ALA P 55 19.77 -19.05 -109.48
C ALA P 55 19.99 -20.19 -108.48
N GLU P 56 20.12 -19.84 -107.21
CA GLU P 56 20.32 -20.81 -106.15
C GLU P 56 21.75 -21.37 -106.14
N ILE P 74 37.66 -22.24 -95.01
CA ILE P 74 36.89 -21.87 -93.83
C ILE P 74 37.41 -20.59 -93.18
N VAL P 75 36.50 -19.73 -92.75
CA VAL P 75 36.84 -18.47 -92.09
C VAL P 75 36.28 -18.43 -90.66
N ALA P 76 37.06 -17.89 -89.73
CA ALA P 76 36.61 -17.74 -88.35
C ALA P 76 36.65 -16.27 -87.94
N ILE P 77 35.51 -15.74 -87.53
CA ILE P 77 35.38 -14.30 -87.29
C ILE P 77 35.05 -13.97 -85.84
N THR P 78 35.96 -13.23 -85.20
CA THR P 78 35.74 -12.71 -83.85
C THR P 78 36.61 -11.48 -83.64
N SER P 79 37.02 -11.28 -82.39
CA SER P 79 37.87 -10.15 -82.04
C SER P 79 39.09 -10.64 -81.29
N ASP P 80 39.82 -9.71 -80.68
CA ASP P 80 40.97 -10.06 -79.86
C ASP P 80 40.66 -9.75 -78.41
N LYS P 81 39.63 -8.93 -78.20
CA LYS P 81 39.23 -8.52 -76.87
C LYS P 81 38.45 -9.61 -76.16
N GLY P 82 38.86 -9.93 -74.93
CA GLY P 82 38.16 -10.88 -74.10
C GLY P 82 37.13 -10.19 -73.24
N LEU P 83 36.77 -10.81 -72.12
CA LEU P 83 35.79 -10.24 -71.19
C LEU P 83 34.40 -10.15 -71.79
N CYS P 84 34.08 -11.04 -72.73
CA CYS P 84 32.77 -11.04 -73.36
C CYS P 84 32.03 -12.34 -73.11
N GLY P 85 32.77 -13.37 -72.72
CA GLY P 85 32.17 -14.63 -72.35
C GLY P 85 32.46 -15.77 -73.32
N SER P 86 31.45 -16.60 -73.53
CA SER P 86 31.59 -17.77 -74.37
C SER P 86 31.39 -17.47 -75.84
N ILE P 87 31.74 -16.26 -76.26
CA ILE P 87 31.63 -15.90 -77.67
C ILE P 87 32.90 -16.24 -78.44
N HIS P 88 33.98 -16.52 -77.71
CA HIS P 88 35.19 -17.06 -78.31
C HIS P 88 35.26 -18.54 -78.01
N SER P 89 34.35 -19.00 -77.16
CA SER P 89 34.28 -20.40 -76.77
C SER P 89 33.48 -21.19 -77.78
N GLN P 90 32.19 -20.87 -77.88
CA GLN P 90 31.27 -21.60 -78.74
C GLN P 90 31.64 -21.55 -80.21
N LEU P 91 32.01 -20.36 -80.69
CA LEU P 91 32.34 -20.19 -82.09
C LEU P 91 33.48 -21.10 -82.54
N ALA P 92 34.53 -21.17 -81.73
CA ALA P 92 35.66 -22.03 -82.05
C ALA P 92 35.29 -23.51 -81.90
N LYS P 93 34.15 -23.76 -81.26
CA LYS P 93 33.64 -25.12 -81.10
C LYS P 93 32.76 -25.51 -82.29
N ALA P 94 31.96 -24.57 -82.75
CA ALA P 94 31.21 -24.76 -83.99
C ALA P 94 32.19 -25.07 -85.12
N VAL P 95 33.43 -24.62 -84.94
CA VAL P 95 34.52 -24.86 -85.89
C VAL P 95 35.13 -26.26 -85.73
N ARG P 96 35.79 -26.48 -84.60
CA ARG P 96 36.48 -27.74 -84.32
C ARG P 96 35.65 -28.99 -84.57
N ARG P 97 34.33 -28.86 -84.44
CA ARG P 97 33.42 -29.98 -84.69
C ARG P 97 33.19 -30.19 -86.17
N ILE P 107 42.06 -22.94 -92.87
CA ILE P 107 41.26 -21.92 -92.21
C ILE P 107 42.07 -20.65 -91.95
N VAL P 108 41.49 -19.51 -92.29
CA VAL P 108 42.09 -18.23 -91.95
C VAL P 108 41.21 -17.56 -90.89
N THR P 109 41.83 -17.14 -89.80
CA THR P 109 41.10 -16.65 -88.64
C THR P 109 41.22 -15.15 -88.43
N ILE P 110 40.10 -14.52 -88.11
CA ILE P 110 40.06 -13.10 -87.80
C ILE P 110 39.74 -12.93 -86.31
N GLY P 111 40.75 -12.52 -85.56
CA GLY P 111 40.64 -12.42 -84.12
C GLY P 111 41.57 -13.41 -83.45
N ASP P 112 42.43 -12.92 -82.57
CA ASP P 112 43.40 -13.79 -81.92
C ASP P 112 42.73 -14.75 -80.95
N LYS P 113 41.67 -14.29 -80.30
CA LYS P 113 40.98 -15.10 -79.30
C LYS P 113 40.15 -16.22 -79.93
N ILE P 114 40.35 -16.43 -81.22
CA ILE P 114 39.75 -17.57 -81.91
C ILE P 114 40.86 -18.50 -82.37
N LYS P 115 42.01 -17.91 -82.67
CA LYS P 115 43.21 -18.65 -83.02
C LYS P 115 43.71 -19.42 -81.80
N MET P 116 43.14 -19.08 -80.65
CA MET P 116 43.49 -19.74 -79.39
C MET P 116 42.92 -21.15 -79.30
N GLN P 117 41.60 -21.28 -79.49
CA GLN P 117 40.95 -22.58 -79.41
C GLN P 117 41.32 -23.46 -80.60
N LEU P 118 41.87 -22.84 -81.63
CA LEU P 118 42.25 -23.56 -82.85
C LEU P 118 43.73 -23.95 -82.86
N LEU P 119 44.61 -23.03 -82.47
CA LEU P 119 46.03 -23.35 -82.40
C LEU P 119 46.29 -24.60 -81.55
N ARG P 120 45.41 -24.85 -80.58
CA ARG P 120 45.51 -26.04 -79.75
C ARG P 120 45.07 -27.29 -80.51
N THR P 121 43.77 -27.36 -80.81
CA THR P 121 43.18 -28.56 -81.37
C THR P 121 43.57 -28.87 -82.81
N HIS P 122 43.75 -27.83 -83.63
CA HIS P 122 44.13 -28.02 -85.03
C HIS P 122 45.24 -27.04 -85.44
N PRO P 123 46.40 -27.13 -84.77
CA PRO P 123 47.52 -26.19 -84.83
C PRO P 123 47.96 -25.80 -86.25
N ASN P 124 47.98 -26.77 -87.15
CA ASN P 124 48.53 -26.57 -88.50
C ASN P 124 47.49 -26.15 -89.54
N ASN P 125 46.22 -26.41 -89.27
CA ASN P 125 45.15 -26.07 -90.21
C ASN P 125 45.24 -24.63 -90.69
N ILE P 126 45.32 -23.70 -89.75
CA ILE P 126 45.41 -22.28 -90.07
C ILE P 126 46.67 -21.98 -90.89
N LYS P 127 46.49 -21.30 -92.02
CA LYS P 127 47.59 -20.87 -92.85
C LYS P 127 47.90 -19.40 -92.57
N LEU P 128 46.85 -18.59 -92.55
CA LEU P 128 47.00 -17.17 -92.25
C LEU P 128 46.07 -16.74 -91.12
N SER P 129 46.46 -15.69 -90.40
CA SER P 129 45.65 -15.11 -89.34
C SER P 129 45.55 -13.60 -89.50
N ILE P 130 44.39 -13.06 -89.14
CA ILE P 130 44.20 -11.62 -89.11
C ILE P 130 44.23 -11.16 -87.66
N ASN P 131 44.80 -9.98 -87.44
CA ASN P 131 44.99 -9.50 -86.08
C ASN P 131 44.41 -8.10 -85.84
N GLY P 132 43.96 -7.87 -84.61
CA GLY P 132 43.53 -6.55 -84.19
C GLY P 132 42.46 -5.92 -85.06
N ILE P 133 41.32 -6.58 -85.16
CA ILE P 133 40.20 -6.07 -85.94
C ILE P 133 38.99 -5.82 -85.07
N GLY P 134 38.65 -6.80 -84.24
CA GLY P 134 37.43 -6.77 -83.45
C GLY P 134 37.44 -5.77 -82.31
N LYS P 135 37.42 -4.49 -82.67
CA LYS P 135 37.34 -3.42 -81.69
C LYS P 135 36.16 -2.49 -81.98
N ASP P 136 36.11 -1.95 -83.19
CA ASP P 136 35.00 -1.10 -83.59
C ASP P 136 33.78 -1.93 -84.00
N THR P 139 33.67 -2.36 -91.25
CA THR P 139 33.45 -1.57 -92.45
C THR P 139 33.71 -2.37 -93.72
N PHE P 140 32.93 -2.09 -94.76
CA PHE P 140 33.01 -2.80 -96.02
C PHE P 140 34.40 -2.71 -96.65
N GLN P 141 35.09 -1.59 -96.42
CA GLN P 141 36.44 -1.41 -96.95
C GLN P 141 37.40 -2.38 -96.27
N GLU P 142 37.19 -2.59 -94.97
CA GLU P 142 38.04 -3.50 -94.20
C GLU P 142 37.99 -4.92 -94.75
N SER P 143 36.80 -5.51 -94.76
CA SER P 143 36.62 -6.87 -95.24
C SER P 143 37.06 -6.99 -96.70
N ALA P 144 36.86 -5.93 -97.46
CA ALA P 144 37.32 -5.87 -98.85
C ALA P 144 38.82 -6.13 -98.92
N LEU P 145 39.57 -5.44 -98.06
CA LEU P 145 41.02 -5.58 -98.01
C LEU P 145 41.42 -6.97 -97.52
N ILE P 146 40.73 -7.46 -96.50
CA ILE P 146 40.96 -8.81 -95.97
C ILE P 146 40.82 -9.83 -97.09
N ALA P 147 39.66 -9.81 -97.74
CA ALA P 147 39.40 -10.65 -98.90
C ALA P 147 40.41 -10.39 -100.01
N ASP P 148 40.77 -9.14 -100.23
CA ASP P 148 41.72 -8.79 -101.29
C ASP P 148 43.05 -9.50 -101.05
N LYS P 149 43.39 -9.71 -99.79
CA LYS P 149 44.60 -10.40 -99.41
C LYS P 149 44.35 -11.91 -99.28
N LEU P 150 43.07 -12.28 -99.23
CA LEU P 150 42.69 -13.69 -99.24
C LEU P 150 42.55 -14.18 -100.68
N LEU P 151 42.26 -13.26 -101.60
CA LEU P 151 42.21 -13.57 -103.01
C LEU P 151 43.61 -13.57 -103.59
N SER P 152 44.36 -12.52 -103.27
CA SER P 152 45.73 -12.36 -103.76
C SER P 152 46.71 -13.32 -103.10
N VAL P 153 47.26 -12.90 -101.96
CA VAL P 153 48.34 -13.64 -101.31
C VAL P 153 47.93 -15.04 -100.84
N MET P 154 46.64 -15.37 -100.95
CA MET P 154 46.17 -16.69 -100.53
C MET P 154 45.59 -17.55 -101.66
N LYS P 155 44.95 -16.91 -102.63
CA LYS P 155 44.33 -17.65 -103.73
C LYS P 155 43.38 -18.72 -103.16
N ALA P 156 42.30 -18.28 -102.55
CA ALA P 156 41.35 -19.19 -101.89
C ALA P 156 40.22 -19.62 -102.82
N GLY P 157 40.31 -19.21 -104.09
CA GLY P 157 39.33 -19.59 -105.09
C GLY P 157 39.55 -21.00 -105.60
N THR P 158 40.80 -21.46 -105.53
CA THR P 158 41.17 -22.80 -105.96
C THR P 158 40.38 -23.85 -105.19
N TYR P 159 39.72 -23.40 -104.13
CA TYR P 159 38.96 -24.26 -103.25
C TYR P 159 37.61 -24.60 -103.90
N PRO P 160 37.15 -25.85 -103.70
CA PRO P 160 35.83 -26.27 -104.17
C PRO P 160 34.71 -25.46 -103.52
N ILE P 162 33.73 -22.59 -99.94
CA ILE P 162 34.08 -21.62 -98.91
C ILE P 162 32.99 -21.57 -97.83
N SER P 163 33.41 -21.55 -96.57
CA SER P 163 32.48 -21.42 -95.44
C SER P 163 33.02 -20.44 -94.40
N ILE P 164 32.20 -19.44 -94.06
CA ILE P 164 32.55 -18.44 -93.07
C ILE P 164 31.89 -18.78 -91.73
N PHE P 165 32.59 -18.55 -90.64
CA PHE P 165 32.05 -18.82 -89.31
C PHE P 165 32.02 -17.56 -88.46
N TYR P 166 30.80 -17.13 -88.14
CA TYR P 166 30.57 -15.90 -87.42
C TYR P 166 29.60 -16.17 -86.29
N ASN P 167 29.04 -15.11 -85.71
CA ASN P 167 28.09 -15.24 -84.62
C ASN P 167 26.81 -14.45 -84.88
N ASP P 168 25.67 -15.13 -84.79
CA ASP P 168 24.38 -14.55 -85.12
C ASP P 168 23.62 -14.15 -83.85
N PRO P 169 23.37 -12.85 -83.69
CA PRO P 169 22.62 -12.31 -82.54
C PRO P 169 21.13 -12.60 -82.64
N VAL P 170 20.72 -13.84 -82.39
CA VAL P 170 19.32 -14.21 -82.44
C VAL P 170 18.50 -13.24 -81.60
N SER P 171 18.87 -13.12 -80.34
CA SER P 171 18.18 -12.23 -79.40
C SER P 171 19.19 -11.29 -78.74
N SER P 172 18.68 -10.29 -78.02
CA SER P 172 19.53 -9.28 -77.41
C SER P 172 20.24 -9.78 -76.16
N LEU P 173 20.08 -11.08 -75.86
CA LEU P 173 20.64 -11.64 -74.64
C LEU P 173 21.48 -12.90 -74.86
N SER P 174 21.11 -13.70 -75.85
CA SER P 174 21.89 -14.88 -76.23
C SER P 174 22.27 -14.83 -77.70
N PHE P 175 23.46 -15.35 -78.03
CA PHE P 175 23.94 -15.32 -79.42
C PHE P 175 23.88 -16.70 -80.09
N GLU P 176 24.38 -16.78 -81.32
CA GLU P 176 24.24 -18.00 -82.12
C GLU P 176 25.44 -18.24 -83.03
N PRO P 177 26.23 -19.28 -82.77
CA PRO P 177 27.29 -19.67 -83.71
C PRO P 177 26.67 -20.25 -84.99
N SER P 178 26.80 -19.55 -86.11
CA SER P 178 26.20 -20.00 -87.37
C SER P 178 27.22 -20.22 -88.49
N GLU P 179 26.75 -20.13 -89.73
CA GLU P 179 27.60 -20.36 -90.90
C GLU P 179 27.00 -19.79 -92.19
N LYS P 180 27.86 -19.51 -93.16
CA LYS P 180 27.44 -19.02 -94.48
C LYS P 180 28.52 -19.37 -95.51
N PRO P 181 28.10 -19.90 -96.67
CA PRO P 181 29.03 -20.32 -97.73
C PRO P 181 29.32 -19.24 -98.75
N ILE P 182 30.58 -19.14 -99.16
CA ILE P 182 30.95 -18.34 -100.33
C ILE P 182 31.10 -19.27 -101.52
N PHE P 183 30.01 -19.36 -102.30
CA PHE P 183 29.94 -20.30 -103.41
C PHE P 183 31.05 -20.10 -104.44
N ASN P 184 31.85 -21.14 -104.65
CA ASN P 184 32.89 -21.14 -105.68
C ASN P 184 32.34 -20.66 -107.01
N ALA P 185 33.11 -19.86 -107.73
CA ALA P 185 32.62 -19.25 -108.98
C ALA P 185 31.90 -20.28 -109.87
N LYS P 186 32.38 -21.52 -109.85
CA LYS P 186 31.78 -22.60 -110.64
C LYS P 186 30.35 -22.94 -110.22
N THR P 187 30.14 -23.19 -108.94
CA THR P 187 28.82 -23.53 -108.41
C THR P 187 27.76 -22.47 -108.76
N ILE P 188 28.21 -21.31 -109.21
CA ILE P 188 27.33 -20.18 -109.49
C ILE P 188 26.74 -20.24 -110.90
N GLU P 189 27.59 -20.40 -111.91
CA GLU P 189 27.14 -20.51 -113.30
C GLU P 189 26.36 -21.81 -113.51
N GLN P 190 26.67 -22.81 -112.68
CA GLN P 190 25.97 -24.09 -112.72
C GLN P 190 24.79 -24.08 -111.75
N SER P 191 24.26 -22.88 -111.52
CA SER P 191 23.07 -22.73 -110.68
C SER P 191 21.82 -22.94 -111.51
N PRO P 192 20.88 -23.75 -110.98
CA PRO P 192 19.63 -24.15 -111.62
C PRO P 192 19.01 -23.03 -112.45
N SER P 193 18.11 -22.25 -111.83
CA SER P 193 17.45 -21.16 -112.55
C SER P 193 18.51 -20.26 -113.18
N PHE P 194 18.47 -20.16 -114.51
CA PHE P 194 19.51 -19.45 -115.23
C PHE P 194 18.96 -18.89 -116.54
N PRO P 206 31.56 -12.78 -113.83
CA PRO P 206 31.29 -14.13 -113.31
C PRO P 206 32.18 -14.45 -112.10
N ARG P 207 33.48 -14.60 -112.33
CA ARG P 207 34.42 -14.81 -111.25
C ARG P 207 34.52 -13.54 -110.41
N ASP P 208 34.31 -12.40 -111.07
CA ASP P 208 34.30 -11.12 -110.39
C ASP P 208 33.21 -11.07 -109.33
N LEU P 209 32.03 -11.57 -109.66
CA LEU P 209 30.92 -11.62 -108.71
C LEU P 209 31.36 -12.36 -107.46
N PHE P 210 32.07 -13.48 -107.66
CA PHE P 210 32.62 -14.26 -106.55
C PHE P 210 33.56 -13.42 -105.69
N GLU P 211 34.39 -12.61 -106.33
CA GLU P 211 35.37 -11.79 -105.62
C GLU P 211 34.69 -10.68 -104.83
N TYR P 212 33.42 -10.41 -105.15
CA TYR P 212 32.70 -9.28 -104.58
C TYR P 212 31.63 -9.74 -103.60
N THR P 213 31.26 -11.01 -103.67
CA THR P 213 30.29 -11.53 -102.72
C THR P 213 31.02 -12.14 -101.52
N LEU P 214 32.30 -12.42 -101.71
CA LEU P 214 33.13 -12.94 -100.63
C LEU P 214 33.60 -11.80 -99.74
N ALA P 215 34.11 -10.76 -100.38
CA ALA P 215 34.47 -9.53 -99.71
C ALA P 215 33.23 -8.84 -99.15
N ASN P 216 32.06 -9.30 -99.59
CA ASN P 216 30.80 -8.72 -99.13
C ASN P 216 30.16 -9.55 -98.02
N GLN P 217 30.42 -10.86 -98.05
CA GLN P 217 29.88 -11.76 -97.04
C GLN P 217 30.63 -11.66 -95.73
N MET P 218 31.86 -11.17 -95.79
CA MET P 218 32.60 -10.89 -94.56
C MET P 218 32.09 -9.61 -93.91
N LEU P 219 31.70 -8.64 -94.72
CA LEU P 219 31.13 -7.40 -94.20
C LEU P 219 29.80 -7.67 -93.52
N THR P 220 29.21 -8.82 -93.80
CA THR P 220 27.96 -9.21 -93.18
C THR P 220 28.21 -10.12 -91.98
N ALA P 221 29.34 -10.80 -91.99
CA ALA P 221 29.74 -11.64 -90.87
C ALA P 221 30.38 -10.79 -89.79
N MET P 222 31.21 -9.84 -90.20
CA MET P 222 31.83 -8.93 -89.26
C MET P 222 30.78 -7.98 -88.67
N ALA P 223 29.55 -8.07 -89.18
CA ALA P 223 28.45 -7.31 -88.62
C ALA P 223 27.75 -8.14 -87.56
N GLN P 224 27.56 -9.42 -87.86
CA GLN P 224 26.97 -10.33 -86.90
C GLN P 224 27.86 -10.48 -85.66
N GLY P 225 29.15 -10.21 -85.84
CA GLY P 225 30.12 -10.35 -84.77
C GLY P 225 30.39 -9.09 -83.97
N TYR P 226 30.68 -8.00 -84.67
CA TYR P 226 30.95 -6.72 -84.02
C TYR P 226 29.68 -6.15 -83.39
N ALA P 227 28.67 -7.00 -83.25
CA ALA P 227 27.41 -6.64 -82.61
C ALA P 227 26.95 -7.78 -81.70
N ALA P 228 27.61 -8.93 -81.84
CA ALA P 228 27.27 -10.10 -81.03
C ALA P 228 28.02 -10.08 -79.71
N GLU P 229 29.34 -9.90 -79.80
CA GLU P 229 30.16 -9.84 -78.60
C GLU P 229 29.91 -8.56 -77.84
N ILE P 230 29.44 -7.53 -78.54
CA ILE P 230 29.20 -6.26 -77.88
C ILE P 230 28.08 -6.39 -76.86
N SER P 231 27.12 -7.26 -77.15
CA SER P 231 26.01 -7.51 -76.23
C SER P 231 26.41 -8.60 -75.24
N ALA P 232 27.26 -9.51 -75.68
CA ALA P 232 27.76 -10.57 -74.82
C ALA P 232 28.64 -9.97 -73.73
N ARG P 233 29.28 -8.85 -74.05
CA ARG P 233 30.12 -8.14 -73.09
C ARG P 233 29.26 -7.27 -72.16
N ARG P 234 28.36 -6.49 -72.74
CA ARG P 234 27.44 -5.65 -71.96
C ARG P 234 26.77 -6.46 -70.86
N ASN P 235 26.57 -7.75 -71.13
CA ASN P 235 25.93 -8.66 -70.18
C ASN P 235 26.91 -9.39 -69.28
N ALA P 236 28.09 -9.70 -69.81
CA ALA P 236 29.13 -10.36 -69.01
C ALA P 236 29.84 -9.37 -68.10
N MET P 237 29.61 -8.08 -68.34
CA MET P 237 30.15 -7.03 -67.50
C MET P 237 29.19 -6.69 -66.36
N ASP P 238 27.91 -6.58 -66.70
CA ASP P 238 26.89 -6.42 -65.68
C ASP P 238 26.86 -7.67 -64.81
N ASN P 239 27.51 -8.72 -65.31
CA ASN P 239 27.68 -9.96 -64.55
C ASN P 239 28.79 -9.80 -63.52
N ALA P 240 29.79 -9.00 -63.86
CA ALA P 240 30.93 -8.77 -62.98
C ALA P 240 30.63 -7.68 -61.95
N SER P 241 30.07 -6.56 -62.41
CA SER P 241 29.76 -5.45 -61.51
C SER P 241 28.74 -5.86 -60.45
N LYS P 242 28.05 -6.96 -60.72
CA LYS P 242 27.08 -7.52 -59.77
C LYS P 242 27.66 -8.75 -59.08
N ASN P 243 28.70 -9.32 -59.67
CA ASN P 243 29.39 -10.44 -59.06
C ASN P 243 30.52 -9.94 -58.18
N ALA P 244 30.80 -8.64 -58.29
CA ALA P 244 31.87 -8.01 -57.51
C ALA P 244 31.30 -7.23 -56.34
N GLY P 245 30.09 -6.70 -56.52
CA GLY P 245 29.40 -6.02 -55.44
C GLY P 245 29.26 -6.94 -54.24
N ASP P 246 28.90 -8.18 -54.49
CA ASP P 246 28.77 -9.18 -53.42
C ASP P 246 30.14 -9.66 -52.93
N MET P 247 31.17 -8.93 -53.34
CA MET P 247 32.52 -9.16 -52.83
C MET P 247 33.00 -7.90 -52.13
N ILE P 248 32.45 -6.76 -52.53
CA ILE P 248 32.69 -5.50 -51.85
C ILE P 248 32.18 -5.62 -50.42
N ASN P 249 30.98 -6.17 -50.28
CA ASN P 249 30.32 -6.31 -48.99
C ASN P 249 30.94 -7.40 -48.12
N ARG P 250 31.18 -8.57 -48.71
CA ARG P 250 31.86 -9.65 -48.01
C ARG P 250 33.20 -9.20 -47.46
N TYR P 251 33.99 -8.53 -48.31
CA TYR P 251 35.30 -8.03 -47.91
C TYR P 251 35.19 -6.85 -46.95
N SER P 252 34.14 -6.06 -47.10
CA SER P 252 33.95 -4.87 -46.26
C SER P 252 33.77 -5.27 -44.80
N ILE P 253 33.26 -6.47 -44.58
CA ILE P 253 33.11 -6.99 -43.23
C ILE P 253 34.47 -7.37 -42.67
N LEU P 254 35.24 -8.12 -43.46
CA LEU P 254 36.58 -8.53 -43.06
C LEU P 254 37.38 -7.33 -42.58
N TYR P 255 37.25 -6.20 -43.26
CA TYR P 255 37.98 -4.99 -42.90
C TYR P 255 37.57 -4.53 -41.50
N ASN P 256 36.26 -4.43 -41.28
CA ASN P 256 35.74 -3.98 -39.99
C ASN P 256 36.14 -4.89 -38.83
N ARG P 257 35.88 -6.18 -38.97
CA ARG P 257 36.25 -7.12 -37.92
C ARG P 257 37.73 -6.97 -37.56
N THR P 258 38.53 -6.51 -38.52
CA THR P 258 39.96 -6.33 -38.31
C THR P 258 40.26 -4.96 -37.71
N ARG P 259 39.55 -3.95 -38.18
CA ARG P 259 39.78 -2.59 -37.70
C ARG P 259 39.55 -2.50 -36.20
N GLN P 260 38.41 -3.01 -35.76
CA GLN P 260 38.03 -2.97 -34.35
C GLN P 260 38.98 -3.82 -33.50
N ALA P 261 39.28 -5.03 -33.98
CA ALA P 261 40.14 -5.94 -33.24
C ALA P 261 41.58 -5.43 -33.10
N VAL P 262 41.94 -4.44 -33.90
CA VAL P 262 43.29 -3.88 -33.82
C VAL P 262 43.34 -2.81 -32.74
N ILE P 263 42.28 -2.02 -32.66
CA ILE P 263 42.16 -1.02 -31.61
C ILE P 263 42.05 -1.73 -30.28
N THR P 264 41.11 -2.66 -30.19
CA THR P 264 40.84 -3.36 -28.95
C THR P 264 42.09 -4.05 -28.45
N ASN P 265 42.61 -4.97 -29.26
CA ASN P 265 43.83 -5.68 -28.91
C ASN P 265 44.92 -4.73 -28.44
N GLU P 266 45.01 -3.57 -29.08
CA GLU P 266 46.03 -2.61 -28.72
C GLU P 266 45.86 -2.10 -27.28
N LEU P 267 44.61 -1.83 -26.89
CA LEU P 267 44.33 -1.31 -25.55
C LEU P 267 44.55 -2.36 -24.46
N VAL P 268 44.13 -3.59 -24.74
CA VAL P 268 44.30 -4.68 -23.80
C VAL P 268 45.77 -4.87 -23.46
N ASP P 269 46.64 -4.71 -24.45
CA ASP P 269 48.07 -4.77 -24.19
C ASP P 269 48.48 -3.68 -23.22
N ILE P 270 47.79 -2.56 -23.31
CA ILE P 270 48.09 -1.40 -22.47
C ILE P 270 47.54 -1.57 -21.06
N ILE P 271 46.30 -2.06 -20.97
CA ILE P 271 45.66 -2.23 -19.68
C ILE P 271 46.40 -3.28 -18.88
N THR P 272 46.82 -4.35 -19.54
CA THR P 272 47.53 -5.42 -18.86
C THR P 272 48.82 -4.91 -18.25
N GLY P 273 49.50 -4.04 -18.97
CA GLY P 273 50.75 -3.47 -18.50
C GLY P 273 50.54 -2.36 -17.49
N ALA P 274 49.29 -1.89 -17.37
CA ALA P 274 48.97 -0.81 -16.44
C ALA P 274 48.89 -1.33 -15.01
N SER P 275 48.57 -2.61 -14.86
CA SER P 275 48.50 -3.23 -13.54
C SER P 275 49.87 -3.40 -12.91
N SER P 276 50.48 -4.56 -13.13
CA SER P 276 51.81 -4.88 -12.58
C SER P 276 51.79 -5.10 -11.07
N LEU Q 12 14.88 1.93 -99.62
CA LEU Q 12 15.86 2.25 -100.66
C LEU Q 12 15.86 1.17 -101.75
N GLN Q 13 16.21 1.58 -102.96
CA GLN Q 13 16.31 0.65 -104.08
C GLN Q 13 17.75 0.20 -104.30
N PHE Q 14 18.68 1.13 -104.13
CA PHE Q 14 20.10 0.84 -104.27
C PHE Q 14 20.87 1.31 -103.04
N ALA Q 15 21.53 0.37 -102.37
CA ALA Q 15 22.29 0.70 -101.17
C ALA Q 15 23.72 0.16 -101.25
N LEU Q 16 24.67 0.97 -100.80
CA LEU Q 16 26.07 0.56 -100.77
C LEU Q 16 26.30 -0.47 -99.68
N PRO Q 17 26.58 0.01 -98.44
CA PRO Q 17 26.79 -0.83 -97.26
C PRO Q 17 26.28 -0.13 -96.01
N HIS Q 18 26.56 1.17 -95.91
CA HIS Q 18 26.07 1.96 -94.79
C HIS Q 18 24.69 2.52 -95.09
N GLU Q 19 24.53 3.11 -96.27
CA GLU Q 19 23.25 3.67 -96.68
C GLU Q 19 22.43 2.65 -97.46
N VAL Q 30 17.73 5.32 -113.17
CA VAL Q 30 19.01 5.84 -113.60
C VAL Q 30 19.75 4.85 -114.49
N ASN Q 31 20.81 5.32 -115.15
CA ASN Q 31 21.55 4.47 -116.07
C ASN Q 31 22.92 4.11 -115.52
N LEU Q 32 23.02 2.92 -114.93
CA LEU Q 32 24.29 2.45 -114.38
C LEU Q 32 25.09 1.71 -115.45
N PRO Q 33 26.37 2.07 -115.61
CA PRO Q 33 27.28 1.53 -116.62
C PRO Q 33 28.01 0.29 -116.10
N ALA Q 34 27.76 -0.85 -116.73
CA ALA Q 34 28.45 -2.09 -116.37
C ALA Q 34 29.13 -2.73 -117.57
N LYS Q 35 28.33 -3.29 -118.47
CA LYS Q 35 28.87 -3.93 -119.66
C LYS Q 35 29.51 -2.89 -120.55
N SER Q 36 30.68 -3.21 -121.11
CA SER Q 36 31.35 -2.28 -122.01
C SER Q 36 31.58 -0.96 -121.26
N GLY Q 37 31.03 0.10 -121.83
CA GLY Q 37 31.13 1.43 -121.26
C GLY Q 37 29.91 1.77 -120.42
N ARG Q 38 28.76 1.80 -121.07
CA ARG Q 38 27.47 2.17 -120.38
C ARG Q 38 26.32 1.23 -120.75
N ILE Q 39 25.13 1.45 -120.19
CA ILE Q 39 23.95 0.69 -120.53
C ILE Q 39 22.73 1.31 -119.84
N GLY Q 40 21.68 0.52 -119.69
CA GLY Q 40 20.50 0.98 -119.01
C GLY Q 40 19.24 0.16 -119.21
N VAL Q 41 18.33 0.28 -118.26
CA VAL Q 41 17.03 -0.40 -118.34
C VAL Q 41 15.97 0.56 -117.82
N LEU Q 42 14.72 0.38 -118.25
CA LEU Q 42 13.65 1.30 -117.88
C LEU Q 42 12.43 0.59 -117.30
N ALA Q 43 12.36 -0.72 -117.50
CA ALA Q 43 11.21 -1.48 -117.03
C ALA Q 43 11.47 -2.99 -117.05
N ASN Q 44 12.26 -3.44 -118.00
CA ASN Q 44 12.52 -4.86 -118.15
C ASN Q 44 13.93 -5.21 -118.65
N HIS Q 45 14.29 -6.48 -118.47
CA HIS Q 45 15.58 -7.01 -118.89
C HIS Q 45 15.66 -8.49 -118.53
N VAL Q 46 16.64 -9.20 -119.08
CA VAL Q 46 16.78 -10.61 -118.82
C VAL Q 46 17.90 -10.89 -117.82
N VAL Q 49 22.98 -10.86 -114.59
CA VAL Q 49 23.52 -9.89 -113.66
C VAL Q 49 24.80 -9.26 -114.21
N GLU Q 50 24.76 -7.94 -114.40
CA GLU Q 50 25.91 -7.22 -114.93
C GLU Q 50 26.81 -6.69 -113.81
N GLN Q 51 28.12 -6.70 -114.05
CA GLN Q 51 29.08 -6.23 -113.08
C GLN Q 51 29.26 -4.72 -113.17
N LEU Q 52 28.42 -3.99 -112.44
CA LEU Q 52 28.45 -2.52 -112.45
C LEU Q 52 29.81 -1.97 -112.06
N LEU Q 53 30.22 -0.90 -112.75
CA LEU Q 53 31.49 -0.25 -112.47
C LEU Q 53 31.42 1.24 -112.72
N GLY Q 73 29.87 -1.34 -107.83
CA GLY Q 73 28.72 -2.08 -107.36
C GLY Q 73 28.37 -3.24 -108.27
N PHE Q 74 27.09 -3.61 -108.28
CA PHE Q 74 26.62 -4.71 -109.10
C PHE Q 74 25.12 -4.61 -109.38
N ALA Q 75 24.72 -4.91 -110.60
CA ALA Q 75 23.31 -4.86 -110.97
C ALA Q 75 22.76 -6.27 -111.19
N THR Q 76 21.73 -6.62 -110.42
CA THR Q 76 21.13 -7.95 -110.52
C THR Q 76 20.16 -8.04 -111.70
N VAL Q 77 19.82 -9.27 -112.08
CA VAL Q 77 18.91 -9.51 -113.20
C VAL Q 77 17.88 -10.59 -112.82
N GLN Q 78 16.79 -10.16 -112.19
CA GLN Q 78 15.70 -11.07 -111.84
C GLN Q 78 14.41 -10.69 -112.55
N PRO Q 79 13.75 -11.67 -113.17
CA PRO Q 79 12.52 -11.54 -113.96
C PRO Q 79 11.35 -10.87 -113.21
N ASP Q 80 11.37 -10.92 -111.88
CA ASP Q 80 10.29 -10.33 -111.10
C ASP Q 80 10.64 -8.99 -110.49
N SER Q 81 9.75 -8.01 -110.66
CA SER Q 81 9.94 -6.65 -110.14
C SER Q 81 11.24 -6.00 -110.63
N GLN Q 82 11.77 -5.04 -109.87
CA GLN Q 82 13.00 -4.37 -110.26
C GLN Q 82 14.18 -5.34 -110.20
N LEU Q 83 14.74 -5.65 -111.38
CA LEU Q 83 15.88 -6.56 -111.50
C LEU Q 83 16.52 -6.89 -110.15
N SER Q 97 27.62 17.20 -104.19
CA SER Q 97 28.87 16.91 -104.87
C SER Q 97 29.89 18.03 -104.68
N GLN Q 98 31.16 17.70 -104.85
CA GLN Q 98 32.23 18.68 -104.70
C GLN Q 98 33.49 18.23 -105.44
N GLU Q 99 34.31 19.20 -105.85
CA GLU Q 99 35.53 18.92 -106.58
C GLU Q 99 36.78 19.12 -105.71
N ASN Q 100 37.72 18.20 -105.83
CA ASN Q 100 38.97 18.28 -105.08
C ASN Q 100 40.17 17.90 -105.95
N ILE Q 101 41.23 18.70 -105.89
CA ILE Q 101 42.43 18.46 -106.67
C ILE Q 101 43.28 17.33 -106.08
N LYS Q 102 42.99 16.10 -106.48
CA LYS Q 102 43.72 14.94 -105.99
C LYS Q 102 44.53 14.28 -107.11
N ASN Q 103 44.61 14.95 -108.25
CA ASN Q 103 45.33 14.41 -109.39
C ASN Q 103 46.85 14.40 -109.17
N LEU Q 104 47.28 14.94 -108.04
CA LEU Q 104 48.69 15.01 -107.69
C LEU Q 104 49.29 13.61 -107.57
N LEU Q 105 48.43 12.61 -107.36
CA LEU Q 105 48.87 11.23 -107.23
C LEU Q 105 48.74 10.49 -108.55
N ALA Q 106 48.79 11.24 -109.65
CA ALA Q 106 48.63 10.66 -110.98
C ALA Q 106 49.76 9.67 -111.30
N GLU Q 107 51.00 10.10 -111.11
CA GLU Q 107 52.15 9.25 -111.38
C GLU Q 107 52.77 8.73 -110.09
N ALA Q 108 53.21 7.48 -110.10
CA ALA Q 108 53.80 6.86 -108.92
C ALA Q 108 54.90 5.87 -109.28
N LYS Q 109 54.64 5.03 -110.28
CA LYS Q 109 55.60 4.03 -110.71
C LYS Q 109 56.76 4.66 -111.49
N ALA Q 123 56.06 -3.29 -106.26
CA ALA Q 123 55.86 -4.38 -107.22
C ALA Q 123 54.56 -4.19 -107.99
N ALA Q 124 53.46 -4.01 -107.26
CA ALA Q 124 52.15 -3.85 -107.87
C ALA Q 124 51.92 -2.42 -108.36
N ILE Q 125 51.17 -2.28 -109.44
CA ILE Q 125 50.86 -0.97 -110.00
C ILE Q 125 49.73 -0.29 -109.23
N GLN Q 126 49.83 1.03 -109.10
CA GLN Q 126 48.85 1.81 -108.36
C GLN Q 126 47.58 2.03 -109.17
N VAL Q 127 46.48 2.31 -108.48
CA VAL Q 127 45.18 2.49 -109.12
C VAL Q 127 45.13 3.76 -109.97
N GLU Q 128 44.57 3.64 -111.17
CA GLU Q 128 44.40 4.78 -112.07
C GLU Q 128 42.94 5.21 -112.11
N VAL Q 129 42.16 4.74 -111.14
CA VAL Q 129 40.75 5.11 -111.05
C VAL Q 129 40.58 6.60 -110.77
N LEU Q 130 41.69 7.25 -110.44
CA LEU Q 130 41.69 8.68 -110.17
C LEU Q 130 41.34 9.47 -111.43
N GLU Q 131 41.64 8.89 -112.58
CA GLU Q 131 41.38 9.53 -113.87
C GLU Q 131 39.92 9.97 -113.97
N ASN Q 132 39.03 9.16 -113.44
CA ASN Q 132 37.60 9.48 -113.44
C ASN Q 132 37.27 10.59 -112.46
N LEU Q 133 37.43 11.83 -112.91
CA LEU Q 133 37.16 12.99 -112.07
C LEU Q 133 35.96 13.78 -112.60
N GLN Q 134 36.15 14.44 -113.74
CA GLN Q 134 35.09 15.22 -114.36
C GLN Q 134 34.03 14.31 -114.97
N SER Q 135 32.85 14.30 -114.36
CA SER Q 135 31.75 13.46 -114.82
C SER Q 135 30.42 14.19 -114.75
N VAL Q 136 30.19 14.88 -113.64
CA VAL Q 136 28.95 15.62 -113.44
C VAL Q 136 29.11 17.08 -113.85
N ALA R 11 39.09 -9.64 -108.08
CA ALA R 11 39.63 -9.77 -106.74
C ALA R 11 40.16 -8.44 -106.22
N ALA R 12 41.26 -7.97 -106.80
CA ALA R 12 41.84 -6.70 -106.41
C ALA R 12 40.94 -5.54 -106.84
N TYR R 13 40.04 -5.81 -107.77
CA TYR R 13 39.11 -4.79 -108.25
C TYR R 13 38.30 -4.19 -107.11
N LEU R 14 38.03 -4.99 -106.08
CA LEU R 14 37.31 -4.50 -104.91
C LEU R 14 38.17 -3.50 -104.14
N ASN R 15 38.17 -2.25 -104.60
CA ASN R 15 39.00 -1.21 -104.00
C ASN R 15 38.23 0.08 -103.76
N VAL R 16 38.89 1.05 -103.13
CA VAL R 16 38.28 2.33 -102.81
C VAL R 16 37.83 3.08 -104.06
N ALA R 17 36.55 3.43 -104.10
CA ALA R 17 35.99 4.15 -105.24
C ALA R 17 35.13 5.33 -104.78
N GLN R 30 28.30 13.54 -94.10
CA GLN R 30 29.74 13.72 -94.14
C GLN R 30 30.37 13.33 -92.82
N THR R 31 29.64 13.55 -91.73
CA THR R 31 30.12 13.21 -90.40
C THR R 31 28.97 12.70 -89.53
N ALA R 32 27.85 12.39 -90.17
CA ALA R 32 26.67 11.91 -89.47
C ALA R 32 26.93 10.56 -88.80
N SER R 33 26.83 9.49 -89.58
CA SER R 33 27.03 8.14 -89.07
C SER R 33 28.47 7.68 -89.26
N VAL R 34 29.03 7.98 -90.42
CA VAL R 34 30.40 7.58 -90.73
C VAL R 34 31.18 8.73 -91.35
N LEU R 35 32.27 9.12 -90.70
CA LEU R 35 33.13 10.19 -91.19
C LEU R 35 34.51 9.64 -91.58
N ASN R 36 34.94 8.61 -90.88
CA ASN R 36 36.23 7.98 -91.15
C ASN R 36 36.07 6.56 -91.69
N ARG R 37 35.21 6.43 -92.70
CA ARG R 37 34.94 5.12 -93.31
C ARG R 37 36.22 4.49 -93.86
N SER R 38 36.93 5.23 -94.71
CA SER R 38 38.17 4.74 -95.29
C SER R 38 39.22 4.48 -94.21
N GLN R 39 39.10 5.19 -93.09
CA GLN R 39 40.04 5.05 -91.99
C GLN R 39 39.71 3.86 -91.10
N THR R 40 40.67 2.95 -90.94
CA THR R 40 40.48 1.77 -90.12
C THR R 40 41.81 1.04 -89.90
N ASP R 41 42.19 0.88 -88.64
CA ASP R 41 43.42 0.18 -88.30
C ASP R 41 43.28 -1.32 -88.52
N ALA R 42 44.14 -1.88 -89.37
CA ALA R 42 44.10 -3.31 -89.66
C ALA R 42 45.50 -3.92 -89.58
N PHE R 43 45.54 -5.24 -89.39
CA PHE R 43 46.82 -5.94 -89.29
C PHE R 43 47.02 -6.91 -90.45
N TYR R 44 47.81 -6.49 -91.42
CA TYR R 44 48.15 -7.32 -92.58
C TYR R 44 49.65 -7.58 -92.61
N THR R 45 50.16 -8.20 -91.55
CA THR R 45 51.58 -8.51 -91.44
C THR R 45 51.86 -9.96 -91.83
N GLN R 46 53.01 -10.18 -92.47
CA GLN R 46 53.39 -11.52 -92.91
C GLN R 46 53.90 -12.37 -91.75
N TYR R 47 53.95 -13.67 -91.97
CA TYR R 47 54.42 -14.61 -90.95
C TYR R 47 55.91 -14.46 -90.70
N LEU S 27 12.32 -67.10 94.41
CA LEU S 27 12.08 -67.44 93.01
C LEU S 27 10.80 -66.80 92.50
N ASN S 28 9.79 -66.77 93.36
CA ASN S 28 8.49 -66.21 92.99
C ASN S 28 8.37 -64.73 93.34
N GLU S 29 8.80 -64.37 94.55
CA GLU S 29 8.69 -62.99 95.03
C GLU S 29 10.04 -62.29 94.99
N THR S 30 11.08 -63.01 94.56
CA THR S 30 12.42 -62.45 94.48
C THR S 30 12.95 -62.46 93.06
N GLY S 31 14.03 -61.72 92.83
CA GLY S 31 14.61 -61.62 91.50
C GLY S 31 16.13 -61.47 91.52
N ARG S 32 16.75 -61.81 90.39
CA ARG S 32 18.20 -61.71 90.25
C ARG S 32 18.56 -60.68 89.18
N VAL S 33 19.43 -59.74 89.52
CA VAL S 33 19.86 -58.71 88.59
C VAL S 33 20.66 -59.31 87.44
N LEU S 34 20.06 -59.31 86.25
CA LEU S 34 20.73 -59.85 85.08
C LEU S 34 21.73 -58.85 84.51
N ALA S 35 21.45 -57.57 84.70
CA ALA S 35 22.33 -56.50 84.23
C ALA S 35 21.89 -55.15 84.82
N VAL S 36 22.78 -54.17 84.75
CA VAL S 36 22.48 -52.83 85.27
C VAL S 36 23.27 -51.76 84.53
N GLY S 37 22.57 -50.70 84.14
CA GLY S 37 23.21 -49.59 83.43
C GLY S 37 22.21 -48.50 83.06
N ASP S 38 22.69 -47.25 83.07
CA ASP S 38 21.86 -46.11 82.71
C ASP S 38 20.70 -45.91 83.68
N GLY S 39 20.99 -46.01 84.97
CA GLY S 39 19.97 -45.86 85.99
C GLY S 39 18.83 -46.85 85.82
N ILE S 40 19.16 -48.02 85.27
CA ILE S 40 18.16 -49.05 85.01
C ILE S 40 18.75 -50.44 85.28
N ALA S 41 17.97 -51.28 85.97
CA ALA S 41 18.39 -52.65 86.25
C ALA S 41 17.42 -53.64 85.63
N ARG S 42 17.95 -54.54 84.80
CA ARG S 42 17.14 -55.57 84.16
C ARG S 42 17.12 -56.84 85.01
N VAL S 43 16.05 -57.02 85.78
CA VAL S 43 15.97 -58.10 86.76
C VAL S 43 15.15 -59.30 86.28
N PHE S 44 15.74 -60.48 86.39
CA PHE S 44 15.06 -61.72 86.06
C PHE S 44 14.39 -62.32 87.30
N GLY S 45 13.14 -62.74 87.16
CA GLY S 45 12.39 -63.28 88.27
C GLY S 45 11.16 -62.46 88.59
N LEU S 46 10.84 -62.34 89.87
CA LEU S 46 9.70 -61.52 90.30
C LEU S 46 8.45 -61.85 89.49
N ASN S 47 8.15 -63.14 89.36
CA ASN S 47 7.03 -63.60 88.54
C ASN S 47 5.68 -63.03 88.97
N ASN S 48 5.56 -62.68 90.25
CA ASN S 48 4.30 -62.18 90.78
C ASN S 48 4.31 -60.69 91.12
N ILE S 49 5.14 -59.93 90.42
CA ILE S 49 5.25 -58.49 90.67
C ILE S 49 4.22 -57.71 89.84
N GLN S 50 3.72 -56.62 90.41
CA GLN S 50 2.75 -55.77 89.72
C GLN S 50 3.45 -54.67 88.92
N ALA S 51 2.71 -54.08 87.99
CA ALA S 51 3.24 -53.00 87.17
C ALA S 51 3.40 -51.72 87.98
N GLU S 52 4.45 -50.96 87.68
CA GLU S 52 4.75 -49.73 88.40
C GLU S 52 4.84 -49.97 89.89
N GLU S 53 5.11 -51.21 90.28
CA GLU S 53 5.28 -51.54 91.69
C GLU S 53 6.72 -51.35 92.13
N LEU S 54 6.90 -50.92 93.38
CA LEU S 54 8.24 -50.67 93.94
C LEU S 54 9.01 -51.96 94.21
N VAL S 55 10.34 -51.82 94.30
CA VAL S 55 11.23 -52.91 94.65
C VAL S 55 12.41 -52.36 95.44
N GLU S 56 13.08 -53.22 96.20
CA GLU S 56 14.26 -52.81 96.95
C GLU S 56 15.43 -53.75 96.69
N PHE S 57 16.62 -53.19 96.56
CA PHE S 57 17.80 -54.00 96.23
C PHE S 57 18.65 -54.32 97.46
N SER S 58 19.62 -55.21 97.27
CA SER S 58 20.47 -55.68 98.35
C SER S 58 21.15 -54.52 99.09
N SER S 59 21.66 -53.56 98.34
CA SER S 59 22.37 -52.42 98.93
C SER S 59 21.42 -51.48 99.67
N GLY S 60 20.11 -51.69 99.47
CA GLY S 60 19.11 -50.90 100.17
C GLY S 60 18.39 -49.91 99.28
N VAL S 61 18.95 -49.66 98.09
CA VAL S 61 18.35 -48.70 97.16
C VAL S 61 16.99 -49.19 96.67
N LYS S 62 16.09 -48.25 96.38
CA LYS S 62 14.76 -48.58 95.92
C LYS S 62 14.51 -48.11 94.49
N GLY S 63 13.51 -48.69 93.85
CA GLY S 63 13.16 -48.35 92.49
C GLY S 63 11.73 -48.73 92.16
N MET S 64 11.40 -48.76 90.86
CA MET S 64 10.08 -49.17 90.41
C MET S 64 10.15 -49.81 89.03
N ALA S 65 9.28 -50.80 88.81
CA ALA S 65 9.28 -51.55 87.55
C ALA S 65 8.26 -51.00 86.55
N LEU S 66 8.76 -50.44 85.46
CA LEU S 66 7.90 -49.92 84.40
C LEU S 66 7.67 -50.93 83.29
N ASN S 67 8.72 -51.67 82.95
CA ASN S 67 8.63 -52.68 81.90
C ASN S 67 8.54 -54.10 82.45
N LEU S 68 7.42 -54.76 82.19
CA LEU S 68 7.24 -56.15 82.56
C LEU S 68 7.39 -57.05 81.34
N GLU S 69 8.61 -57.14 80.85
CA GLU S 69 8.91 -57.93 79.66
C GLU S 69 8.71 -59.42 79.91
N PRO S 70 8.51 -60.20 78.85
CA PRO S 70 8.25 -61.64 78.94
C PRO S 70 9.18 -62.35 79.92
N GLY S 71 10.47 -62.15 79.76
CA GLY S 71 11.46 -62.78 80.62
C GLY S 71 11.91 -61.90 81.76
N GLN S 72 12.74 -60.92 81.45
CA GLN S 72 13.30 -60.03 82.48
C GLN S 72 12.33 -58.92 82.87
N VAL S 73 12.76 -58.07 83.78
CA VAL S 73 11.93 -56.98 84.30
C VAL S 73 12.73 -55.68 84.39
N GLY S 74 12.44 -54.75 83.48
CA GLY S 74 13.12 -53.47 83.46
C GLY S 74 12.70 -52.57 84.61
N ILE S 75 13.61 -52.34 85.55
CA ILE S 75 13.32 -51.51 86.71
C ILE S 75 14.22 -50.29 86.76
N VAL S 76 13.62 -49.12 86.95
CA VAL S 76 14.37 -47.87 87.05
C VAL S 76 14.70 -47.55 88.51
N LEU S 77 15.87 -46.96 88.73
CA LEU S 77 16.37 -46.73 90.08
C LEU S 77 16.12 -45.30 90.56
N PHE S 78 15.83 -45.16 91.85
CA PHE S 78 15.65 -43.84 92.45
C PHE S 78 16.98 -43.26 92.90
N GLY S 79 18.05 -44.03 92.72
CA GLY S 79 19.37 -43.61 93.16
C GLY S 79 20.49 -43.96 92.20
N SER S 80 21.73 -43.78 92.65
CA SER S 80 22.90 -44.05 91.83
C SER S 80 22.95 -45.49 91.37
N ASP S 81 23.20 -45.69 90.08
CA ASP S 81 23.27 -47.03 89.50
C ASP S 81 24.47 -47.82 90.02
N ARG S 82 25.33 -47.15 90.78
CA ARG S 82 26.51 -47.80 91.35
C ARG S 82 26.13 -48.81 92.42
N LEU S 83 25.03 -48.54 93.11
CA LEU S 83 24.60 -49.33 94.26
C LEU S 83 24.11 -50.72 93.89
N VAL S 84 23.98 -51.00 92.59
CA VAL S 84 23.51 -52.30 92.14
C VAL S 84 24.55 -53.04 91.30
N LYS S 85 24.72 -54.32 91.60
CA LYS S 85 25.65 -55.17 90.85
C LYS S 85 24.91 -56.29 90.13
N GLU S 86 25.64 -57.05 89.33
CA GLU S 86 25.06 -58.19 88.61
C GLU S 86 24.84 -59.36 89.56
N GLY S 87 23.79 -60.13 89.29
CA GLY S 87 23.46 -61.29 90.11
C GLY S 87 23.02 -60.92 91.50
N GLU S 88 22.62 -59.67 91.68
CA GLU S 88 22.20 -59.17 92.98
C GLU S 88 20.81 -59.72 93.34
N LEU S 89 20.42 -59.54 94.60
CA LEU S 89 19.12 -60.00 95.06
C LEU S 89 18.12 -58.85 95.10
N VAL S 90 16.89 -59.14 94.70
CA VAL S 90 15.84 -58.11 94.67
C VAL S 90 14.57 -58.60 95.38
N LYS S 91 13.99 -57.75 96.22
CA LYS S 91 12.79 -58.10 96.97
C LYS S 91 11.60 -57.25 96.57
N ARG S 92 10.41 -57.83 96.67
CA ARG S 92 9.18 -57.10 96.41
C ARG S 92 8.78 -56.26 97.62
N THR S 93 7.95 -55.24 97.37
CA THR S 93 7.37 -54.47 98.45
C THR S 93 5.85 -54.64 98.42
N GLY S 94 5.35 -55.10 97.29
CA GLY S 94 3.92 -55.29 97.09
C GLY S 94 3.17 -53.98 97.07
N ASN S 95 3.84 -52.92 96.65
CA ASN S 95 3.23 -51.59 96.70
C ASN S 95 3.38 -50.78 95.43
N ILE S 96 2.26 -50.38 94.86
CA ILE S 96 2.29 -49.43 93.76
C ILE S 96 2.63 -48.10 94.39
N VAL S 97 3.43 -47.31 93.70
CA VAL S 97 3.92 -46.06 94.26
C VAL S 97 2.79 -45.31 94.99
N ASP S 98 2.98 -45.10 96.29
CA ASP S 98 2.02 -44.36 97.10
C ASP S 98 2.70 -43.35 98.02
N VAL S 99 1.90 -42.53 98.69
CA VAL S 99 2.41 -41.45 99.52
C VAL S 99 1.44 -41.08 100.63
N PRO S 100 1.95 -40.88 101.86
CA PRO S 100 1.16 -40.44 103.00
C PRO S 100 0.48 -39.10 102.74
N VAL S 101 -0.85 -39.07 102.81
CA VAL S 101 -1.60 -37.84 102.61
C VAL S 101 -2.32 -37.45 103.90
N GLY S 102 -2.78 -36.20 103.96
CA GLY S 102 -3.48 -35.70 105.13
C GLY S 102 -2.94 -34.39 105.63
N PRO S 103 -3.60 -33.81 106.64
CA PRO S 103 -3.20 -32.52 107.22
C PRO S 103 -1.89 -32.62 107.98
N GLY S 104 -1.38 -33.84 108.12
CA GLY S 104 -0.14 -34.07 108.82
C GLY S 104 1.07 -33.49 108.10
N LEU S 105 1.05 -33.55 106.77
CA LEU S 105 2.16 -33.04 105.98
C LEU S 105 2.17 -31.52 105.94
N LEU S 106 1.11 -30.90 106.45
CA LEU S 106 1.03 -29.45 106.52
C LEU S 106 2.23 -28.87 107.26
N GLY S 107 2.98 -28.01 106.59
CA GLY S 107 4.13 -27.37 107.20
C GLY S 107 5.35 -28.27 107.23
N ARG S 108 5.40 -29.23 106.32
CA ARG S 108 6.52 -30.15 106.24
C ARG S 108 7.15 -30.13 104.85
N VAL S 109 8.42 -30.51 104.78
CA VAL S 109 9.12 -30.60 103.51
C VAL S 109 9.52 -32.06 103.24
N VAL S 110 8.98 -32.63 102.17
CA VAL S 110 9.23 -34.02 101.83
C VAL S 110 9.79 -34.17 100.41
N ASP S 111 10.00 -35.42 100.00
CA ASP S 111 10.49 -35.70 98.66
C ASP S 111 9.38 -36.18 97.74
N ALA S 112 9.75 -36.76 96.60
CA ALA S 112 8.78 -37.23 95.61
C ALA S 112 7.98 -38.41 96.12
N LEU S 113 8.39 -38.97 97.27
CA LEU S 113 7.73 -40.14 97.83
C LEU S 113 6.93 -39.83 99.10
N GLY S 114 7.36 -38.81 99.83
CA GLY S 114 6.67 -38.42 101.04
C GLY S 114 7.56 -38.47 102.28
N ASN S 115 8.78 -38.97 102.10
CA ASN S 115 9.73 -39.06 103.19
C ASN S 115 10.28 -37.68 103.56
N PRO S 116 10.21 -37.33 104.86
CA PRO S 116 10.66 -36.03 105.35
C PRO S 116 12.14 -35.79 105.06
N ILE S 117 12.47 -34.58 104.59
CA ILE S 117 13.86 -34.19 104.37
C ILE S 117 14.17 -32.94 105.18
N ASP S 118 13.15 -32.39 105.82
CA ASP S 118 13.32 -31.22 106.68
C ASP S 118 13.93 -31.60 108.02
N GLY S 119 14.00 -32.91 108.28
CA GLY S 119 14.60 -33.42 109.50
C GLY S 119 13.86 -33.02 110.76
N LYS S 120 12.54 -32.91 110.66
CA LYS S 120 11.73 -32.54 111.82
C LYS S 120 10.87 -33.71 112.32
N GLY S 121 11.39 -34.92 112.17
CA GLY S 121 10.71 -36.10 112.66
C GLY S 121 9.93 -36.86 111.59
N PRO S 122 9.08 -37.79 112.03
CA PRO S 122 8.24 -38.62 111.15
C PRO S 122 6.98 -37.89 110.72
N ILE S 123 6.29 -38.42 109.71
CA ILE S 123 5.04 -37.84 109.23
C ILE S 123 3.84 -38.66 109.70
N ASP S 124 2.94 -38.03 110.43
CA ASP S 124 1.71 -38.69 110.86
C ASP S 124 0.68 -38.68 109.73
N ALA S 125 0.64 -39.77 108.98
CA ALA S 125 -0.24 -39.86 107.81
C ALA S 125 -1.69 -40.16 108.20
N ALA S 126 -2.62 -39.57 107.47
CA ALA S 126 -4.04 -39.81 107.68
C ALA S 126 -4.53 -40.92 106.75
N GLY S 127 -3.70 -41.25 105.77
CA GLY S 127 -4.03 -42.28 104.81
C GLY S 127 -2.97 -42.42 103.73
N ARG S 128 -3.16 -43.38 102.83
CA ARG S 128 -2.21 -43.59 101.74
C ARG S 128 -2.91 -43.62 100.38
N SER S 129 -2.38 -42.84 99.45
CA SER S 129 -2.94 -42.76 98.10
C SER S 129 -1.86 -42.94 97.04
N ARG S 130 -2.22 -43.54 95.92
CA ARG S 130 -1.28 -43.77 94.83
C ARG S 130 -0.91 -42.46 94.14
N ALA S 131 0.23 -42.48 93.44
CA ALA S 131 0.67 -41.31 92.68
C ALA S 131 -0.18 -41.14 91.42
N GLN S 132 -0.77 -42.24 90.97
CA GLN S 132 -1.62 -42.23 89.79
C GLN S 132 -3.08 -42.45 90.16
N VAL S 133 -3.84 -41.37 90.28
CA VAL S 133 -5.25 -41.45 90.58
C VAL S 133 -6.08 -40.82 89.47
N LYS S 134 -7.17 -41.48 89.11
CA LYS S 134 -8.03 -41.00 88.02
C LYS S 134 -8.68 -39.65 88.34
N ALA S 135 -8.86 -38.83 87.31
CA ALA S 135 -9.40 -37.49 87.48
C ALA S 135 -10.91 -37.49 87.66
N PRO S 136 -11.45 -36.45 88.29
CA PRO S 136 -12.89 -36.28 88.47
C PRO S 136 -13.62 -36.30 87.13
N GLY S 137 -14.60 -37.19 86.99
CA GLY S 137 -15.33 -37.34 85.75
C GLY S 137 -16.16 -36.12 85.40
N ILE S 138 -17.13 -36.33 84.51
CA ILE S 138 -18.03 -35.28 84.08
C ILE S 138 -19.00 -34.86 85.19
N LEU S 139 -19.71 -35.84 85.73
CA LEU S 139 -20.78 -35.60 86.69
C LEU S 139 -20.33 -34.90 87.99
N PRO S 140 -19.30 -35.45 88.65
CA PRO S 140 -18.91 -34.96 89.99
C PRO S 140 -18.25 -33.58 90.00
N ARG S 141 -18.58 -32.74 89.02
CA ARG S 141 -17.94 -31.42 88.93
C ARG S 141 -18.95 -30.28 89.00
N ARG S 142 -18.47 -29.11 89.41
CA ARG S 142 -19.30 -27.92 89.49
C ARG S 142 -18.59 -26.74 88.83
N SER S 143 -19.38 -25.85 88.23
CA SER S 143 -18.81 -24.70 87.50
C SER S 143 -18.05 -23.76 88.44
N VAL S 144 -16.79 -23.50 88.09
CA VAL S 144 -15.94 -22.61 88.87
C VAL S 144 -16.65 -21.28 89.14
N HIS S 145 -16.49 -20.77 90.35
CA HIS S 145 -17.11 -19.50 90.72
C HIS S 145 -16.47 -18.92 91.98
N GLU S 146 -15.60 -19.69 92.62
CA GLU S 146 -14.92 -19.24 93.82
C GLU S 146 -13.57 -18.64 93.49
N PRO S 147 -13.32 -17.42 94.00
CA PRO S 147 -12.12 -16.64 93.66
C PRO S 147 -10.86 -17.08 94.40
N VAL S 148 -9.84 -17.49 93.66
CA VAL S 148 -8.51 -17.69 94.22
C VAL S 148 -7.72 -16.39 94.07
N GLN S 149 -7.89 -15.48 95.02
CA GLN S 149 -7.26 -14.17 94.95
C GLN S 149 -5.74 -14.26 95.12
N THR S 150 -5.02 -13.82 94.10
CA THR S 150 -3.56 -13.88 94.12
C THR S 150 -2.95 -12.73 94.91
N GLY S 151 -3.70 -11.64 95.05
CA GLY S 151 -3.23 -10.48 95.78
C GLY S 151 -2.56 -9.47 94.88
N LEU S 152 -2.25 -9.88 93.66
CA LEU S 152 -1.60 -9.02 92.68
C LEU S 152 -2.65 -8.24 91.87
N LYS S 153 -2.50 -6.92 91.85
CA LYS S 153 -3.45 -6.04 91.16
C LYS S 153 -3.59 -6.40 89.68
N ALA S 154 -2.46 -6.52 88.99
CA ALA S 154 -2.46 -6.80 87.56
C ALA S 154 -3.01 -8.20 87.25
N VAL S 155 -3.16 -9.03 88.27
CA VAL S 155 -3.64 -10.39 88.08
C VAL S 155 -5.11 -10.55 88.45
N ASP S 156 -5.44 -10.26 89.71
CA ASP S 156 -6.81 -10.41 90.20
C ASP S 156 -7.82 -9.62 89.36
N ALA S 157 -7.34 -8.55 88.73
CA ALA S 157 -8.23 -7.68 87.97
C ALA S 157 -8.27 -8.02 86.48
N LEU S 158 -7.14 -8.43 85.93
CA LEU S 158 -7.04 -8.73 84.51
C LEU S 158 -7.25 -10.21 84.19
N VAL S 159 -6.48 -11.06 84.84
CA VAL S 159 -6.56 -12.51 84.61
C VAL S 159 -6.89 -13.26 85.89
N PRO S 160 -8.17 -13.24 86.29
CA PRO S 160 -8.64 -13.89 87.52
C PRO S 160 -8.54 -15.42 87.47
N ILE S 161 -7.99 -16.01 88.51
CA ILE S 161 -7.93 -17.46 88.64
C ILE S 161 -9.09 -17.94 89.49
N GLY S 162 -9.62 -19.12 89.18
CA GLY S 162 -10.76 -19.66 89.91
C GLY S 162 -10.45 -20.94 90.64
N ARG S 163 -11.25 -21.25 91.66
CA ARG S 163 -11.08 -22.47 92.43
C ARG S 163 -11.53 -23.69 91.63
N GLY S 164 -10.56 -24.46 91.14
CA GLY S 164 -10.84 -25.57 90.26
C GLY S 164 -10.27 -25.32 88.89
N GLN S 165 -9.99 -24.05 88.60
CA GLN S 165 -9.41 -23.64 87.32
C GLN S 165 -7.92 -23.97 87.26
N ARG S 166 -7.41 -24.19 86.05
CA ARG S 166 -6.00 -24.45 85.85
C ARG S 166 -5.38 -23.37 84.97
N GLU S 167 -4.68 -22.42 85.60
CA GLU S 167 -4.06 -21.32 84.86
C GLU S 167 -2.57 -21.54 84.69
N LEU S 168 -2.13 -21.70 83.44
CA LEU S 168 -0.71 -21.92 83.15
C LEU S 168 0.08 -20.62 83.19
N ILE S 169 1.07 -20.56 84.08
CA ILE S 169 1.99 -19.44 84.12
C ILE S 169 3.17 -19.73 83.21
N ILE S 170 3.21 -19.07 82.06
CA ILE S 170 4.21 -19.37 81.05
C ILE S 170 5.04 -18.15 80.65
N GLY S 171 6.30 -18.37 80.34
CA GLY S 171 7.20 -17.31 79.95
C GLY S 171 8.66 -17.70 80.05
N ASP S 172 9.54 -16.79 79.63
CA ASP S 172 10.98 -17.02 79.68
C ASP S 172 11.47 -17.15 81.11
N ARG S 173 12.74 -17.53 81.26
CA ARG S 173 13.36 -17.60 82.58
C ARG S 173 13.51 -16.19 83.15
N GLN S 174 13.63 -16.12 84.48
CA GLN S 174 13.80 -14.85 85.16
C GLN S 174 12.84 -13.78 84.64
N THR S 175 11.55 -14.06 84.75
CA THR S 175 10.52 -13.11 84.35
C THR S 175 9.50 -12.91 85.47
N GLY S 176 9.53 -13.83 86.44
CA GLY S 176 8.64 -13.75 87.59
C GLY S 176 7.69 -14.92 87.68
N LYS S 177 7.95 -15.96 86.90
CA LYS S 177 7.08 -17.14 86.87
C LYS S 177 6.85 -17.72 88.27
N THR S 178 7.89 -17.68 89.10
CA THR S 178 7.80 -18.21 90.46
C THR S 178 7.50 -17.08 91.45
N ALA S 179 7.91 -15.87 91.10
CA ALA S 179 7.70 -14.71 91.96
C ALA S 179 6.21 -14.43 92.12
N VAL S 180 5.43 -14.82 91.11
CA VAL S 180 3.98 -14.62 91.14
C VAL S 180 3.29 -15.72 91.94
N ALA S 181 3.68 -16.97 91.67
CA ALA S 181 3.12 -18.12 92.36
C ALA S 181 3.35 -18.02 93.87
N LEU S 182 4.53 -17.55 94.25
CA LEU S 182 4.89 -17.39 95.66
C LEU S 182 4.01 -16.35 96.34
N ASP S 183 3.96 -15.15 95.78
CA ASP S 183 3.18 -14.07 96.35
C ASP S 183 1.70 -14.41 96.42
N THR S 184 1.28 -15.38 95.63
CA THR S 184 -0.09 -15.87 95.67
C THR S 184 -0.32 -16.66 96.96
N ILE S 185 0.63 -17.54 97.26
CA ILE S 185 0.58 -18.33 98.48
C ILE S 185 0.65 -17.42 99.70
N LEU S 186 1.53 -16.42 99.63
CA LEU S 186 1.71 -15.47 100.73
C LEU S 186 0.41 -14.74 101.06
N ASN S 187 -0.44 -14.57 100.06
CA ASN S 187 -1.67 -13.81 100.22
C ASN S 187 -2.76 -14.59 100.98
N GLN S 188 -2.63 -15.90 101.00
CA GLN S 188 -3.64 -16.75 101.63
C GLN S 188 -3.66 -16.61 103.16
N LYS S 189 -2.78 -15.77 103.68
CA LYS S 189 -2.69 -15.54 105.12
C LYS S 189 -3.98 -14.97 105.70
N ARG S 190 -4.61 -14.07 104.95
CA ARG S 190 -5.83 -13.40 105.40
C ARG S 190 -6.93 -14.40 105.72
N TRP S 191 -7.05 -15.44 104.91
CA TRP S 191 -8.11 -16.43 105.08
C TRP S 191 -7.69 -17.56 106.02
N ASN S 192 -6.39 -17.83 106.06
CA ASN S 192 -5.87 -18.94 106.87
C ASN S 192 -5.73 -18.58 108.35
N ASN S 193 -5.76 -17.29 108.66
CA ASN S 193 -5.74 -16.84 110.05
C ASN S 193 -7.13 -16.88 110.67
N GLY S 194 -8.13 -17.15 109.84
CA GLY S 194 -9.51 -17.18 110.30
C GLY S 194 -9.96 -18.57 110.70
N SER S 195 -11.28 -18.74 110.84
CA SER S 195 -11.85 -20.01 111.25
C SER S 195 -12.66 -20.63 110.12
N ASP S 196 -13.12 -19.80 109.20
CA ASP S 196 -13.92 -20.24 108.07
C ASP S 196 -13.11 -21.10 107.10
N GLU S 197 -13.26 -22.41 107.21
CA GLU S 197 -12.55 -23.35 106.36
C GLU S 197 -12.91 -23.20 104.89
N SER S 198 -14.14 -22.80 104.61
CA SER S 198 -14.63 -22.67 103.24
C SER S 198 -13.84 -21.61 102.46
N LYS S 199 -13.33 -20.61 103.17
CA LYS S 199 -12.55 -19.55 102.54
C LYS S 199 -11.06 -19.85 102.57
N LYS S 200 -10.66 -20.84 103.36
CA LYS S 200 -9.26 -21.21 103.47
C LYS S 200 -8.74 -21.88 102.21
N LEU S 201 -7.49 -21.59 101.86
CA LEU S 201 -6.85 -22.21 100.70
C LEU S 201 -5.45 -22.70 101.05
N TYR S 202 -5.31 -24.00 101.26
CA TYR S 202 -4.00 -24.58 101.54
C TYR S 202 -3.20 -24.69 100.25
N CYS S 203 -1.88 -24.59 100.35
CA CYS S 203 -1.03 -24.54 99.17
C CYS S 203 -0.09 -25.75 99.09
N VAL S 204 0.04 -26.32 97.90
CA VAL S 204 0.96 -27.43 97.67
C VAL S 204 1.97 -27.09 96.58
N TYR S 205 3.14 -26.60 97.00
CA TYR S 205 4.20 -26.24 96.07
C TYR S 205 5.00 -27.46 95.64
N VAL S 206 5.39 -27.48 94.36
CA VAL S 206 6.21 -28.58 93.84
C VAL S 206 7.48 -28.00 93.19
N ALA S 207 8.63 -28.45 93.69
CA ALA S 207 9.91 -27.98 93.16
C ALA S 207 10.61 -29.08 92.36
N VAL S 208 10.40 -29.07 91.05
CA VAL S 208 10.98 -30.07 90.17
C VAL S 208 12.14 -29.52 89.34
N GLY S 209 13.27 -30.21 89.35
CA GLY S 209 14.41 -29.83 88.54
C GLY S 209 15.14 -28.60 89.07
N GLN S 210 14.62 -28.01 90.12
CA GLN S 210 15.24 -26.83 90.73
C GLN S 210 16.39 -27.24 91.65
N LYS S 211 17.19 -26.27 92.07
CA LYS S 211 18.31 -26.55 92.96
C LYS S 211 17.90 -26.43 94.43
N ARG S 212 18.53 -27.23 95.29
CA ARG S 212 18.21 -27.22 96.71
C ARG S 212 18.57 -25.90 97.37
N SER S 213 19.30 -25.06 96.64
CA SER S 213 19.67 -23.74 97.14
C SER S 213 18.47 -22.80 97.11
N THR S 214 17.67 -22.88 96.05
CA THR S 214 16.48 -22.05 95.91
C THR S 214 15.31 -22.63 96.69
N VAL S 215 15.16 -23.95 96.64
CA VAL S 215 14.09 -24.64 97.37
C VAL S 215 14.15 -24.30 98.85
N ALA S 216 15.33 -24.52 99.44
CA ALA S 216 15.53 -24.20 100.84
C ALA S 216 15.38 -22.69 101.09
N GLN S 217 15.79 -21.90 100.10
CA GLN S 217 15.68 -20.45 100.18
C GLN S 217 14.20 -20.04 100.20
N LEU S 218 13.35 -20.90 99.65
CA LEU S 218 11.93 -20.63 99.57
C LEU S 218 11.25 -20.91 100.91
N VAL S 219 11.48 -22.10 101.44
CA VAL S 219 10.92 -22.49 102.72
C VAL S 219 11.31 -21.49 103.80
N GLN S 220 12.47 -20.88 103.63
CA GLN S 220 12.99 -19.91 104.58
C GLN S 220 12.23 -18.59 104.47
N THR S 221 11.59 -18.38 103.33
CA THR S 221 10.82 -17.15 103.09
C THR S 221 9.37 -17.33 103.54
N LEU S 222 8.88 -18.56 103.47
CA LEU S 222 7.54 -18.87 103.94
C LEU S 222 7.52 -18.89 105.47
N GLU S 223 8.71 -18.96 106.05
CA GLU S 223 8.86 -18.96 107.50
C GLU S 223 8.78 -17.53 108.04
N GLN S 224 9.38 -16.61 107.30
CA GLN S 224 9.42 -15.20 107.69
C GLN S 224 8.05 -14.54 107.57
N HIS S 225 7.16 -15.15 106.79
CA HIS S 225 5.81 -14.63 106.61
C HIS S 225 4.79 -15.50 107.33
N ASP S 226 5.28 -16.54 108.00
CA ASP S 226 4.41 -17.48 108.71
C ASP S 226 3.43 -18.15 107.77
N ALA S 227 3.85 -18.34 106.52
CA ALA S 227 2.99 -18.94 105.51
C ALA S 227 3.39 -20.40 105.25
N MET S 228 4.44 -20.85 105.92
CA MET S 228 4.95 -22.20 105.76
C MET S 228 4.10 -23.17 106.57
N LYS S 229 3.20 -22.63 107.38
CA LYS S 229 2.36 -23.43 108.27
C LYS S 229 1.23 -24.16 107.55
N TYR S 230 0.74 -23.57 106.46
CA TYR S 230 -0.38 -24.16 105.72
C TYR S 230 0.00 -24.71 104.36
N SER S 231 1.30 -24.62 104.02
CA SER S 231 1.76 -25.10 102.73
C SER S 231 2.50 -26.44 102.83
N ILE S 232 2.58 -27.16 101.71
CA ILE S 232 3.27 -28.45 101.66
C ILE S 232 4.27 -28.46 100.50
N ILE S 233 5.56 -28.41 100.83
CA ILE S 233 6.59 -28.37 99.80
C ILE S 233 7.15 -29.76 99.48
N VAL S 234 6.86 -30.24 98.28
CA VAL S 234 7.39 -31.50 97.79
C VAL S 234 8.45 -31.22 96.73
N ALA S 235 9.65 -31.77 96.93
CA ALA S 235 10.77 -31.44 96.07
C ALA S 235 11.44 -32.66 95.43
N ALA S 236 11.78 -32.51 94.16
CA ALA S 236 12.58 -33.49 93.43
C ALA S 236 13.64 -32.73 92.64
N THR S 237 14.61 -32.18 93.37
CA THR S 237 15.57 -31.22 92.82
C THR S 237 16.40 -31.75 91.65
N ALA S 238 17.30 -30.92 91.15
CA ALA S 238 18.11 -31.25 89.99
C ALA S 238 19.00 -32.47 90.22
N SER S 239 19.52 -32.59 91.45
CA SER S 239 20.41 -33.70 91.79
C SER S 239 19.68 -35.04 91.75
N GLU S 240 18.48 -35.08 92.30
CA GLU S 240 17.72 -36.32 92.41
C GLU S 240 17.52 -37.00 91.05
N ALA S 241 17.32 -38.32 91.08
CA ALA S 241 17.25 -39.12 89.86
C ALA S 241 16.05 -38.78 88.99
N ALA S 242 16.00 -39.39 87.81
CA ALA S 242 14.96 -39.11 86.83
C ALA S 242 13.56 -39.50 87.29
N PRO S 243 13.37 -40.77 87.71
CA PRO S 243 12.03 -41.21 88.13
C PRO S 243 11.44 -40.32 89.22
N LEU S 244 12.28 -39.82 90.11
CA LEU S 244 11.83 -38.97 91.20
C LEU S 244 11.15 -37.70 90.70
N GLN S 245 11.72 -37.10 89.66
CA GLN S 245 11.15 -35.89 89.08
C GLN S 245 9.88 -36.21 88.30
N TYR S 246 9.81 -37.42 87.76
CA TYR S 246 8.64 -37.87 87.00
C TYR S 246 7.45 -38.17 87.92
N LEU S 247 7.76 -38.56 89.16
CA LEU S 247 6.71 -38.93 90.12
C LEU S 247 6.36 -37.78 91.06
N ALA S 248 7.22 -36.76 91.11
CA ALA S 248 7.02 -35.64 92.02
C ALA S 248 5.66 -34.95 91.86
N PRO S 249 5.32 -34.54 90.63
CA PRO S 249 4.05 -33.85 90.38
C PRO S 249 2.84 -34.74 90.66
N PHE S 250 2.94 -36.02 90.32
CA PHE S 250 1.82 -36.95 90.51
C PHE S 250 1.62 -37.30 91.98
N THR S 251 2.71 -37.40 92.73
CA THR S 251 2.63 -37.68 94.16
C THR S 251 2.06 -36.48 94.91
N ALA S 252 2.64 -35.31 94.67
CA ALA S 252 2.18 -34.08 95.30
C ALA S 252 0.77 -33.71 94.84
N ALA S 253 0.26 -34.48 93.88
CA ALA S 253 -1.09 -34.27 93.37
C ALA S 253 -2.11 -34.90 94.31
N SER S 254 -1.72 -36.01 94.92
CA SER S 254 -2.60 -36.72 95.85
C SER S 254 -2.68 -35.99 97.19
N ILE S 255 -1.55 -35.43 97.62
CA ILE S 255 -1.49 -34.69 98.87
C ILE S 255 -2.55 -33.59 98.91
N GLY S 256 -2.48 -32.67 97.95
CA GLY S 256 -3.45 -31.61 97.86
C GLY S 256 -4.83 -32.14 97.50
N GLU S 257 -4.86 -33.30 96.86
CA GLU S 257 -6.13 -33.91 96.44
C GLU S 257 -6.92 -34.39 97.64
N TRP S 258 -6.22 -34.76 98.71
CA TRP S 258 -6.86 -35.19 99.95
C TRP S 258 -7.77 -34.09 100.48
N PHE S 259 -7.30 -32.85 100.42
CA PHE S 259 -8.07 -31.71 100.86
C PHE S 259 -9.34 -31.56 100.03
N ARG S 260 -9.25 -31.94 98.76
CA ARG S 260 -10.34 -31.75 97.82
C ARG S 260 -11.55 -32.63 98.13
N ASP S 261 -11.30 -33.91 98.41
CA ASP S 261 -12.37 -34.86 98.68
C ASP S 261 -12.99 -34.65 100.06
N ASN S 262 -12.23 -34.01 100.95
CA ASN S 262 -12.69 -33.81 102.33
C ASN S 262 -13.38 -32.47 102.56
N GLY S 263 -13.78 -31.81 101.47
CA GLY S 263 -14.54 -30.58 101.57
C GLY S 263 -13.70 -29.34 101.84
N LYS S 264 -12.43 -29.39 101.46
CA LYS S 264 -11.55 -28.23 101.60
C LYS S 264 -11.02 -27.78 100.25
N HIS S 265 -10.19 -26.74 100.25
CA HIS S 265 -9.69 -26.17 99.01
C HIS S 265 -8.17 -26.03 99.02
N ALA S 266 -7.52 -26.61 98.01
CA ALA S 266 -6.06 -26.56 97.91
C ALA S 266 -5.61 -25.77 96.68
N LEU S 267 -4.29 -25.62 96.54
CA LEU S 267 -3.70 -24.89 95.43
C LEU S 267 -2.29 -25.40 95.16
N ILE S 268 -2.15 -26.24 94.14
CA ILE S 268 -0.86 -26.86 93.84
C ILE S 268 -0.15 -26.16 92.68
N VAL S 269 1.11 -25.81 92.92
CA VAL S 269 1.92 -25.12 91.91
C VAL S 269 2.99 -26.04 91.33
N TYR S 270 2.73 -26.55 90.13
CA TYR S 270 3.70 -27.39 89.45
C TYR S 270 4.82 -26.53 88.86
N ASP S 271 5.97 -26.53 89.53
CA ASP S 271 7.10 -25.72 89.08
C ASP S 271 8.37 -26.54 88.99
N ASP S 272 8.73 -26.96 87.77
CA ASP S 272 7.91 -26.67 86.60
C ASP S 272 7.73 -27.92 85.73
N LEU S 273 6.58 -28.03 85.09
CA LEU S 273 6.24 -29.20 84.29
C LEU S 273 7.26 -29.47 83.19
N SER S 274 7.85 -28.41 82.65
CA SER S 274 8.84 -28.54 81.59
C SER S 274 9.93 -29.54 81.97
N LYS S 275 10.54 -29.32 83.12
CA LYS S 275 11.63 -30.16 83.60
C LYS S 275 11.16 -31.57 83.96
N GLN S 276 9.86 -31.70 84.22
CA GLN S 276 9.28 -33.01 84.47
C GLN S 276 9.26 -33.82 83.17
N ALA S 277 8.98 -33.13 82.07
CA ALA S 277 8.93 -33.77 80.76
C ALA S 277 10.31 -34.28 80.36
N VAL S 278 11.31 -33.42 80.52
CA VAL S 278 12.69 -33.79 80.20
C VAL S 278 13.09 -35.06 80.92
N ALA S 279 12.71 -35.15 82.19
CA ALA S 279 13.00 -36.36 82.98
C ALA S 279 12.26 -37.56 82.41
N TYR S 280 10.97 -37.37 82.13
CA TYR S 280 10.14 -38.43 81.55
C TYR S 280 10.76 -38.92 80.24
N ARG S 281 11.32 -37.98 79.48
CA ARG S 281 12.02 -38.31 78.25
C ARG S 281 13.24 -39.17 78.56
N GLN S 282 14.04 -38.70 79.52
CA GLN S 282 15.25 -39.40 79.93
C GLN S 282 14.96 -40.85 80.28
N LEU S 283 13.86 -41.07 80.99
CA LEU S 283 13.45 -42.42 81.37
C LEU S 283 13.11 -43.27 80.15
N SER S 284 12.18 -42.78 79.33
CA SER S 284 11.70 -43.52 78.18
C SER S 284 12.80 -43.91 77.21
N LEU S 285 13.69 -42.96 76.90
CA LEU S 285 14.79 -43.20 75.97
C LEU S 285 15.69 -44.35 76.42
N LEU S 286 16.20 -44.24 77.64
CA LEU S 286 17.14 -45.22 78.17
C LEU S 286 16.49 -46.60 78.33
N LEU S 287 15.18 -46.62 78.49
CA LEU S 287 14.44 -47.88 78.63
C LEU S 287 14.16 -48.53 77.28
N ARG S 288 14.68 -47.94 76.21
CA ARG S 288 14.45 -48.44 74.86
C ARG S 288 12.99 -48.35 74.46
N ARG S 289 12.35 -47.25 74.83
CA ARG S 289 10.98 -46.97 74.39
C ARG S 289 11.02 -46.00 73.21
N PRO S 290 10.45 -46.41 72.07
CA PRO S 290 10.45 -45.62 70.84
C PRO S 290 10.22 -44.14 71.10
N PRO S 291 11.13 -43.29 70.61
CA PRO S 291 11.04 -41.82 70.74
C PRO S 291 9.99 -41.23 69.82
N GLY S 292 9.49 -40.05 70.18
CA GLY S 292 8.56 -39.31 69.34
C GLY S 292 9.16 -37.99 68.91
N ARG S 293 8.30 -37.01 68.64
CA ARG S 293 8.76 -35.68 68.26
C ARG S 293 9.63 -35.08 69.34
N GLU S 294 10.82 -34.62 68.95
CA GLU S 294 11.69 -33.94 69.91
C GLU S 294 12.23 -34.87 71.00
N ALA S 295 12.04 -36.18 70.81
CA ALA S 295 12.63 -37.20 71.67
C ALA S 295 11.76 -37.51 72.85
N TYR S 296 10.70 -36.74 73.03
CA TYR S 296 9.82 -36.97 74.16
C TYR S 296 8.88 -38.12 73.77
N PRO S 297 8.63 -39.05 74.66
CA PRO S 297 7.79 -40.23 74.39
C PRO S 297 6.46 -39.81 73.81
N GLY S 298 5.89 -40.69 73.01
CA GLY S 298 4.65 -40.42 72.31
C GLY S 298 3.52 -39.94 73.21
N ASP S 299 3.43 -40.48 74.41
CA ASP S 299 2.35 -40.10 75.32
C ASP S 299 2.78 -38.98 76.27
N VAL S 300 3.59 -38.05 75.78
CA VAL S 300 4.05 -36.93 76.58
C VAL S 300 2.92 -35.92 76.78
N PHE S 301 1.93 -35.97 75.90
CA PHE S 301 0.73 -35.17 76.05
C PHE S 301 -0.16 -35.81 77.11
N TYR S 302 -0.11 -37.14 77.16
CA TYR S 302 -0.88 -37.91 78.14
C TYR S 302 -0.27 -37.75 79.53
N LEU S 303 1.00 -37.35 79.57
CA LEU S 303 1.69 -37.12 80.83
C LEU S 303 1.08 -35.94 81.58
N HIS S 304 1.15 -34.77 80.96
CA HIS S 304 0.63 -33.53 81.56
C HIS S 304 -0.90 -33.49 81.52
N SER S 305 -1.51 -34.50 80.89
CA SER S 305 -2.95 -34.59 80.81
C SER S 305 -3.52 -35.20 82.09
N ARG S 306 -3.08 -36.41 82.41
CA ARG S 306 -3.52 -37.09 83.62
C ARG S 306 -3.40 -36.18 84.83
N LEU S 307 -2.23 -35.54 84.95
CA LEU S 307 -1.93 -34.68 86.09
C LEU S 307 -2.85 -33.48 86.21
N LEU S 308 -3.03 -32.77 85.11
CA LEU S 308 -3.77 -31.50 85.14
C LEU S 308 -5.28 -31.68 85.12
N GLU S 309 -5.74 -32.86 84.73
CA GLU S 309 -7.17 -33.15 84.73
C GLU S 309 -7.69 -33.40 86.14
N ARG S 310 -6.84 -34.00 86.98
CA ARG S 310 -7.21 -34.34 88.35
C ARG S 310 -7.62 -33.12 89.15
N ALA S 311 -7.07 -31.96 88.80
CA ALA S 311 -7.39 -30.72 89.49
C ALA S 311 -8.67 -30.09 88.95
N ALA S 312 -9.64 -29.88 89.84
CA ALA S 312 -10.93 -29.31 89.42
C ALA S 312 -11.80 -28.91 90.62
N LYS S 313 -12.99 -28.42 90.31
CA LYS S 313 -13.97 -28.04 91.33
C LYS S 313 -15.07 -29.09 91.41
N LEU S 314 -15.39 -29.53 92.62
CA LEU S 314 -16.36 -30.60 92.81
C LEU S 314 -17.77 -30.08 93.08
N SER S 315 -18.76 -30.96 92.92
CA SER S 315 -20.15 -30.58 93.08
C SER S 315 -20.60 -30.65 94.53
N GLU S 316 -21.81 -30.15 94.81
CA GLU S 316 -22.35 -30.13 96.16
C GLU S 316 -22.57 -31.56 96.66
N LYS S 317 -22.87 -32.47 95.74
CA LYS S 317 -23.11 -33.86 96.09
C LYS S 317 -21.85 -34.53 96.64
N GLU S 318 -20.71 -34.19 96.07
CA GLU S 318 -19.45 -34.84 96.43
C GLU S 318 -18.75 -34.19 97.62
N GLY S 319 -18.48 -32.89 97.51
CA GLY S 319 -17.80 -32.19 98.60
C GLY S 319 -17.67 -30.68 98.42
N SER S 320 -17.90 -30.21 97.19
CA SER S 320 -17.79 -28.78 96.90
C SER S 320 -16.34 -28.30 97.06
N GLY S 321 -15.43 -29.24 97.31
CA GLY S 321 -14.03 -28.93 97.47
C GLY S 321 -13.35 -28.78 96.12
N SER S 322 -12.27 -28.01 96.07
CA SER S 322 -11.60 -27.74 94.81
C SER S 322 -10.08 -27.90 94.90
N LEU S 323 -9.47 -28.23 93.78
CA LEU S 323 -8.02 -28.29 93.67
C LEU S 323 -7.55 -27.42 92.50
N THR S 324 -7.01 -26.25 92.81
CA THR S 324 -6.54 -25.33 91.79
C THR S 324 -5.11 -25.65 91.37
N ALA S 325 -4.82 -25.48 90.09
CA ALA S 325 -3.49 -25.79 89.57
C ALA S 325 -2.88 -24.60 88.83
N LEU S 326 -1.65 -24.26 89.19
CA LEU S 326 -0.93 -23.18 88.53
C LEU S 326 0.42 -23.68 87.97
N PRO S 327 0.37 -24.61 87.01
CA PRO S 327 1.57 -25.17 86.40
C PRO S 327 2.43 -24.10 85.76
N VAL S 328 3.73 -24.36 85.61
CA VAL S 328 4.64 -23.38 85.02
C VAL S 328 5.44 -24.01 83.87
N ILE S 329 5.66 -23.21 82.83
CA ILE S 329 6.45 -23.65 81.68
C ILE S 329 7.53 -22.63 81.36
N GLU S 330 8.78 -23.10 81.25
CA GLU S 330 9.88 -22.23 80.90
C GLU S 330 10.10 -22.21 79.38
N THR S 331 9.76 -21.09 78.75
CA THR S 331 9.90 -20.95 77.31
C THR S 331 11.27 -20.43 76.94
N GLN S 332 11.81 -20.91 75.82
CA GLN S 332 13.09 -20.44 75.31
C GLN S 332 12.88 -19.47 74.15
N GLY S 333 13.39 -18.26 74.30
CA GLY S 333 13.21 -17.23 73.29
C GLY S 333 11.79 -16.72 73.28
N GLY S 334 10.97 -17.26 74.17
CA GLY S 334 9.57 -16.85 74.28
C GLY S 334 8.70 -17.50 73.23
N ASP S 335 9.15 -18.63 72.71
CA ASP S 335 8.40 -19.35 71.67
C ASP S 335 7.34 -20.24 72.28
N VAL S 336 6.08 -19.81 72.19
CA VAL S 336 4.96 -20.59 72.69
C VAL S 336 4.42 -21.51 71.59
N SER S 337 5.32 -22.02 70.76
CA SER S 337 4.93 -22.91 69.67
C SER S 337 5.66 -24.25 69.75
N ALA S 338 6.60 -24.37 70.69
CA ALA S 338 7.35 -25.59 70.89
C ALA S 338 6.42 -26.77 71.15
N TYR S 339 6.98 -27.97 71.15
CA TYR S 339 6.21 -29.20 71.32
C TYR S 339 5.47 -29.25 72.66
N ILE S 340 6.20 -29.03 73.75
CA ILE S 340 5.61 -29.08 75.09
C ILE S 340 4.67 -27.90 75.40
N PRO S 341 5.16 -26.65 75.27
CA PRO S 341 4.35 -25.49 75.61
C PRO S 341 2.97 -25.51 74.94
N THR S 342 2.93 -25.87 73.67
CA THR S 342 1.67 -25.92 72.93
C THR S 342 0.75 -27.03 73.44
N ASN S 343 1.35 -28.04 74.06
CA ASN S 343 0.58 -29.13 74.65
C ASN S 343 -0.09 -28.72 75.96
N VAL S 344 0.70 -28.17 76.87
CA VAL S 344 0.19 -27.71 78.15
C VAL S 344 -0.88 -26.63 77.96
N ILE S 345 -0.61 -25.69 77.06
CA ILE S 345 -1.53 -24.60 76.78
C ILE S 345 -2.89 -25.10 76.31
N SER S 346 -2.87 -26.21 75.57
CA SER S 346 -4.10 -26.79 75.04
C SER S 346 -4.81 -27.67 76.07
N ILE S 347 -4.28 -27.70 77.28
CA ILE S 347 -4.89 -28.48 78.36
C ILE S 347 -5.49 -27.57 79.43
N THR S 348 -4.79 -26.48 79.73
CA THR S 348 -5.19 -25.59 80.81
C THR S 348 -6.42 -24.76 80.46
N ASP S 349 -6.92 -24.01 81.44
CA ASP S 349 -8.10 -23.18 81.26
C ASP S 349 -7.70 -21.72 81.09
N GLY S 350 -6.54 -21.50 80.49
CA GLY S 350 -6.03 -20.15 80.28
C GLY S 350 -4.53 -20.09 80.45
N GLN S 351 -3.94 -18.97 80.06
CA GLN S 351 -2.49 -18.80 80.17
C GLN S 351 -2.12 -17.40 80.68
N ILE S 352 -0.94 -17.29 81.27
CA ILE S 352 -0.41 -16.01 81.71
C ILE S 352 1.03 -15.84 81.23
N PHE S 353 1.20 -15.16 80.11
CA PHE S 353 2.51 -14.97 79.51
C PHE S 353 3.27 -13.84 80.19
N LEU S 354 4.57 -14.05 80.42
CA LEU S 354 5.42 -13.03 81.00
C LEU S 354 6.50 -12.59 80.01
N GLU S 355 6.35 -11.39 79.47
CA GLU S 355 7.30 -10.85 78.50
C GLU S 355 8.58 -10.36 79.16
N ALA S 356 9.72 -10.84 78.67
CA ALA S 356 11.01 -10.39 79.16
C ALA S 356 11.20 -8.91 78.85
N GLU S 357 10.71 -8.50 77.69
CA GLU S 357 10.80 -7.11 77.25
C GLU S 357 10.09 -6.18 78.24
N LEU S 358 9.01 -6.67 78.84
CA LEU S 358 8.25 -5.89 79.81
C LEU S 358 8.94 -5.84 81.16
N PHE S 359 9.68 -6.90 81.48
CA PHE S 359 10.37 -7.00 82.76
C PHE S 359 11.45 -5.92 82.88
N TYR S 360 12.26 -5.77 81.82
CA TYR S 360 13.34 -4.80 81.82
C TYR S 360 12.81 -3.37 81.83
N LYS S 361 11.77 -3.11 81.04
CA LYS S 361 11.21 -1.77 80.92
C LYS S 361 10.74 -1.24 82.28
N GLY S 362 10.40 -2.15 83.18
CA GLY S 362 10.02 -1.77 84.53
C GLY S 362 8.70 -2.36 85.00
N ILE S 363 7.91 -2.88 84.07
CA ILE S 363 6.60 -3.43 84.41
C ILE S 363 6.73 -4.75 85.19
N ARG S 364 6.31 -4.71 86.46
CA ARG S 364 6.39 -5.88 87.32
C ARG S 364 5.08 -6.08 88.07
N PRO S 365 4.44 -7.25 87.90
CA PRO S 365 4.96 -8.34 87.07
C PRO S 365 4.74 -8.09 85.58
N ALA S 366 5.67 -8.56 84.76
CA ALA S 366 5.57 -8.41 83.31
C ALA S 366 4.50 -9.36 82.76
N ILE S 367 3.36 -8.79 82.40
CA ILE S 367 2.24 -9.58 81.90
C ILE S 367 1.72 -9.05 80.57
N ASN S 368 1.87 -9.84 79.52
CA ASN S 368 1.36 -9.46 78.20
C ASN S 368 -0.15 -9.49 78.15
N VAL S 369 -0.77 -8.35 78.43
CA VAL S 369 -2.22 -8.23 78.46
C VAL S 369 -2.88 -8.90 77.25
N GLY S 370 -2.29 -8.71 76.08
CA GLY S 370 -2.84 -9.22 74.84
C GLY S 370 -2.98 -10.73 74.80
N LEU S 371 -1.93 -11.43 75.21
CA LEU S 371 -1.91 -12.89 75.12
C LEU S 371 -2.57 -13.61 76.30
N SER S 372 -2.21 -13.21 77.51
CA SER S 372 -2.70 -13.88 78.71
C SER S 372 -4.20 -13.68 78.94
N VAL S 373 -4.90 -14.78 79.21
CA VAL S 373 -6.33 -14.75 79.48
C VAL S 373 -6.77 -15.91 80.37
N SER S 374 -7.95 -15.80 80.98
CA SER S 374 -8.50 -16.85 81.81
C SER S 374 -9.89 -17.25 81.34
N ARG S 375 -10.02 -18.46 80.81
CA ARG S 375 -11.30 -18.94 80.27
C ARG S 375 -12.45 -18.73 81.25
N VAL S 376 -12.30 -19.25 82.46
CA VAL S 376 -13.33 -19.08 83.49
C VAL S 376 -13.53 -17.61 83.84
N GLY S 377 -12.44 -16.96 84.23
CA GLY S 377 -12.43 -15.53 84.50
C GLY S 377 -13.68 -14.98 85.17
N SER S 378 -14.48 -14.26 84.39
CA SER S 378 -15.67 -13.58 84.89
C SER S 378 -16.44 -14.38 85.95
N ALA S 379 -16.65 -15.66 85.69
CA ALA S 379 -17.40 -16.52 86.59
C ALA S 379 -16.84 -16.51 88.02
N ALA S 380 -15.52 -16.58 88.14
CA ALA S 380 -14.87 -16.62 89.43
C ALA S 380 -14.03 -15.37 89.69
N GLN S 381 -14.70 -14.28 90.06
CA GLN S 381 -14.02 -13.03 90.36
C GLN S 381 -14.79 -12.24 91.42
N VAL S 382 -14.12 -11.28 92.04
CA VAL S 382 -14.78 -10.40 93.00
C VAL S 382 -15.65 -9.39 92.27
N LYS S 383 -16.96 -9.48 92.47
CA LYS S 383 -17.92 -8.63 91.78
C LYS S 383 -17.58 -7.15 91.94
N ALA S 384 -17.02 -6.79 93.09
CA ALA S 384 -16.62 -5.42 93.36
C ALA S 384 -15.40 -5.04 92.51
N LEU S 385 -14.48 -5.97 92.37
CA LEU S 385 -13.26 -5.75 91.59
C LEU S 385 -13.56 -5.79 90.09
N LYS S 386 -14.62 -6.49 89.72
CA LYS S 386 -15.03 -6.59 88.32
C LYS S 386 -15.70 -5.29 87.88
N GLN S 387 -16.31 -4.59 88.82
CA GLN S 387 -16.99 -3.32 88.53
C GLN S 387 -16.00 -2.21 88.22
N VAL S 388 -15.07 -1.95 89.13
CA VAL S 388 -14.10 -0.88 88.98
C VAL S 388 -13.14 -1.13 87.81
N ALA S 389 -13.02 -2.40 87.42
CA ALA S 389 -12.15 -2.77 86.30
C ALA S 389 -12.97 -3.28 85.12
N GLY S 390 -14.02 -2.54 84.78
CA GLY S 390 -14.94 -2.95 83.73
C GLY S 390 -14.34 -2.93 82.33
N SER S 391 -13.35 -2.09 82.11
CA SER S 391 -12.76 -1.94 80.78
C SER S 391 -11.23 -2.05 80.80
N LEU S 392 -10.66 -2.24 81.98
CA LEU S 392 -9.22 -2.30 82.15
C LEU S 392 -8.56 -3.29 81.19
N LYS S 393 -9.18 -4.47 81.03
CA LYS S 393 -8.63 -5.53 80.19
C LYS S 393 -8.53 -5.11 78.72
N LEU S 394 -9.65 -4.70 78.15
CA LEU S 394 -9.70 -4.34 76.73
C LEU S 394 -8.86 -3.11 76.43
N PHE S 395 -8.79 -2.21 77.40
CA PHE S 395 -8.11 -0.93 77.21
C PHE S 395 -6.60 -1.08 77.06
N LEU S 396 -5.99 -1.92 77.89
CA LEU S 396 -4.55 -2.12 77.86
C LEU S 396 -4.11 -2.73 76.53
N ALA S 397 -5.01 -3.45 75.87
CA ALA S 397 -4.73 -4.02 74.55
C ALA S 397 -4.74 -2.92 73.51
N GLN S 398 -5.65 -1.96 73.67
CA GLN S 398 -5.72 -0.79 72.80
C GLN S 398 -4.52 0.10 73.04
N TYR S 399 -3.95 0.00 74.24
CA TYR S 399 -2.78 0.80 74.62
C TYR S 399 -1.49 0.20 74.06
N ARG S 400 -1.42 -1.12 74.04
CA ARG S 400 -0.24 -1.81 73.54
C ARG S 400 -0.06 -1.60 72.04
N GLU S 401 -1.17 -1.46 71.32
CA GLU S 401 -1.13 -1.26 69.88
C GLU S 401 -0.72 0.17 69.53
N VAL S 402 -1.10 1.11 70.39
CA VAL S 402 -0.81 2.53 70.15
C VAL S 402 0.35 3.00 71.02
N ALA S 403 1.04 2.06 71.64
CA ALA S 403 2.19 2.37 72.47
C ALA S 403 3.39 2.76 71.61
N ALA S 404 3.51 2.09 70.47
CA ALA S 404 4.58 2.39 69.52
C ALA S 404 4.06 3.29 68.41
N PHE S 405 3.65 4.50 68.77
CA PHE S 405 3.06 5.43 67.82
C PHE S 405 3.41 6.88 68.16
N ALA S 406 3.55 7.16 69.45
CA ALA S 406 3.82 8.51 69.92
C ALA S 406 5.14 9.04 69.36
N GLN S 407 6.07 8.14 69.10
CA GLN S 407 7.38 8.53 68.58
C GLN S 407 7.26 9.24 67.23
N SER S 410 2.92 10.70 66.32
CA SER S 410 3.59 11.85 66.91
C SER S 410 2.58 12.92 67.33
N ASP S 411 1.62 13.17 66.46
CA ASP S 411 0.60 14.19 66.71
C ASP S 411 -0.64 13.58 67.34
N LEU S 412 -0.88 13.92 68.60
CA LEU S 412 -2.06 13.45 69.31
C LEU S 412 -3.28 14.31 68.97
N ASP S 413 -4.32 13.67 68.45
CA ASP S 413 -5.55 14.38 68.09
C ASP S 413 -6.46 14.58 69.29
N ALA S 414 -7.58 13.86 69.31
CA ALA S 414 -8.54 13.98 70.39
C ALA S 414 -8.96 12.62 70.94
N SER S 415 -9.29 11.70 70.02
CA SER S 415 -9.72 10.36 70.40
C SER S 415 -8.54 9.55 70.94
N THR S 416 -7.40 9.66 70.28
CA THR S 416 -6.21 8.90 70.67
C THR S 416 -5.25 9.74 71.52
N LYS S 417 -5.60 11.01 71.72
CA LYS S 417 -4.79 11.88 72.55
C LYS S 417 -4.95 11.51 74.02
N GLN S 418 -6.20 11.36 74.44
CA GLN S 418 -6.52 11.04 75.83
C GLN S 418 -6.22 9.57 76.13
N THR S 419 -6.42 8.71 75.15
CA THR S 419 -6.16 7.29 75.31
C THR S 419 -4.73 7.06 75.79
N LEU S 420 -3.79 7.79 75.21
CA LEU S 420 -2.39 7.67 75.56
C LEU S 420 -2.12 8.23 76.96
N VAL S 421 -2.99 9.14 77.40
CA VAL S 421 -2.85 9.77 78.71
C VAL S 421 -3.23 8.82 79.86
N ARG S 422 -4.39 8.20 79.73
CA ARG S 422 -4.89 7.27 80.75
C ARG S 422 -3.95 6.09 80.95
N GLY S 423 -3.80 5.27 79.92
CA GLY S 423 -3.04 4.04 80.01
C GLY S 423 -1.62 4.21 80.51
N GLU S 424 -0.98 5.31 80.13
CA GLU S 424 0.41 5.56 80.49
C GLU S 424 0.64 5.47 82.00
N ARG S 425 -0.38 5.82 82.78
CA ARG S 425 -0.27 5.80 84.23
C ARG S 425 -1.08 4.66 84.86
N LEU S 426 -1.86 3.97 84.04
CA LEU S 426 -2.59 2.80 84.50
C LEU S 426 -1.64 1.60 84.61
N THR S 427 -0.61 1.61 83.75
CA THR S 427 0.41 0.57 83.78
C THR S 427 1.26 0.71 85.03
N GLN S 428 1.70 1.93 85.30
CA GLN S 428 2.48 2.25 86.49
C GLN S 428 1.71 1.87 87.75
N LEU S 429 0.39 1.99 87.68
CA LEU S 429 -0.48 1.65 88.81
C LEU S 429 -0.48 0.14 89.04
N LEU S 430 -0.41 -0.61 87.95
CA LEU S 430 -0.44 -2.07 88.02
C LEU S 430 0.89 -2.67 88.48
N LYS S 431 1.96 -1.87 88.40
CA LYS S 431 3.26 -2.30 88.91
C LYS S 431 3.14 -2.62 90.39
N GLN S 432 3.87 -3.64 90.83
CA GLN S 432 3.77 -4.10 92.21
C GLN S 432 5.00 -4.89 92.63
N ASN S 433 5.61 -4.47 93.73
CA ASN S 433 6.83 -5.12 94.23
C ASN S 433 6.57 -6.48 94.86
N GLN S 434 7.58 -7.34 94.78
CA GLN S 434 7.49 -8.70 95.30
C GLN S 434 7.18 -8.71 96.80
N TYR S 435 6.63 -9.83 97.28
CA TYR S 435 6.35 -10.03 98.70
C TYR S 435 5.35 -9.00 99.27
N SER S 436 4.53 -8.41 98.41
CA SER S 436 3.61 -7.38 98.86
C SER S 436 2.19 -7.55 98.30
N PRO S 437 1.50 -8.62 98.71
CA PRO S 437 0.12 -8.87 98.27
C PRO S 437 -0.86 -7.84 98.83
N LEU S 438 -1.81 -7.42 98.01
CA LEU S 438 -2.84 -6.47 98.43
C LEU S 438 -4.20 -7.15 98.51
N ALA S 439 -4.98 -6.77 99.52
CA ALA S 439 -6.34 -7.28 99.67
C ALA S 439 -7.26 -6.64 98.63
N THR S 440 -8.28 -7.37 98.21
CA THR S 440 -9.23 -6.88 97.22
C THR S 440 -9.94 -5.63 97.72
N GLU S 441 -9.93 -5.43 99.04
CA GLU S 441 -10.54 -4.25 99.64
C GLU S 441 -9.66 -3.02 99.49
N GLU S 442 -8.39 -3.26 99.19
CA GLU S 442 -7.43 -2.19 98.95
C GLU S 442 -7.30 -1.92 97.45
N GLN S 443 -7.61 -2.94 96.65
CA GLN S 443 -7.46 -2.85 95.20
C GLN S 443 -8.56 -2.00 94.56
N VAL S 444 -9.80 -2.18 95.03
CA VAL S 444 -10.93 -1.46 94.44
C VAL S 444 -10.78 0.06 94.43
N PRO S 445 -10.27 0.65 95.53
CA PRO S 445 -10.06 2.10 95.50
C PRO S 445 -8.98 2.48 94.50
N LEU S 446 -7.90 1.72 94.47
CA LEU S 446 -6.80 1.97 93.54
C LEU S 446 -7.28 1.96 92.09
N ILE S 447 -7.73 0.79 91.63
CA ILE S 447 -8.20 0.62 90.27
C ILE S 447 -9.20 1.71 89.86
N TYR S 448 -10.12 2.01 90.77
CA TYR S 448 -11.16 3.01 90.51
C TYR S 448 -10.55 4.35 90.11
N ALA S 449 -9.51 4.77 90.82
CA ALA S 449 -8.88 6.06 90.56
C ALA S 449 -8.35 6.17 89.14
N GLY S 450 -8.10 5.02 88.50
CA GLY S 450 -7.56 5.01 87.16
C GLY S 450 -8.60 4.88 86.07
N VAL S 451 -9.33 3.77 86.09
CA VAL S 451 -10.32 3.45 85.07
C VAL S 451 -11.35 4.56 84.86
N ASN S 452 -11.77 5.19 85.95
CA ASN S 452 -12.78 6.25 85.87
C ASN S 452 -12.21 7.61 85.49
N GLY S 453 -10.99 7.88 85.92
CA GLY S 453 -10.31 9.13 85.59
C GLY S 453 -10.16 10.07 86.76
N HIS S 454 -9.40 9.64 87.77
CA HIS S 454 -9.14 10.46 88.94
C HIS S 454 -7.64 10.74 89.10
N LEU S 455 -6.83 9.98 88.37
CA LEU S 455 -5.38 10.15 88.42
C LEU S 455 -4.85 10.70 87.09
N ASP S 456 -5.76 11.01 86.18
CA ASP S 456 -5.40 11.49 84.85
C ASP S 456 -4.40 12.65 84.88
N GLY S 457 -4.72 13.69 85.63
CA GLY S 457 -3.89 14.88 85.68
C GLY S 457 -2.82 14.85 86.76
N ILE S 458 -2.23 13.68 86.97
CA ILE S 458 -1.17 13.54 87.96
C ILE S 458 0.12 13.00 87.35
N GLU S 459 1.25 13.58 87.78
CA GLU S 459 2.57 13.18 87.29
C GLU S 459 2.83 11.68 87.50
N LEU S 460 3.52 11.07 86.54
CA LEU S 460 3.80 9.63 86.59
C LEU S 460 4.70 9.27 87.76
N SER S 461 5.67 10.14 88.06
CA SER S 461 6.66 9.86 89.08
C SER S 461 6.04 9.54 90.44
N ARG S 462 5.11 10.36 90.88
CA ARG S 462 4.50 10.22 92.20
C ARG S 462 3.40 9.17 92.26
N ILE S 463 3.03 8.63 91.11
CA ILE S 463 1.98 7.61 91.05
C ILE S 463 2.34 6.42 91.93
N GLY S 464 3.60 6.03 91.91
CA GLY S 464 4.08 4.90 92.69
C GLY S 464 3.85 5.09 94.18
N GLU S 465 4.07 6.32 94.65
CA GLU S 465 3.91 6.62 96.07
C GLU S 465 2.47 7.01 96.40
N PHE S 466 1.67 7.24 95.36
CA PHE S 466 0.26 7.57 95.55
C PHE S 466 -0.51 6.39 96.12
N GLU S 467 -0.08 5.19 95.76
CA GLU S 467 -0.73 3.96 96.21
C GLU S 467 -0.70 3.86 97.73
N SER S 468 0.38 4.33 98.34
CA SER S 468 0.56 4.23 99.79
C SER S 468 -0.21 5.31 100.55
N SER S 469 -0.13 6.54 100.07
CA SER S 469 -0.77 7.67 100.74
C SER S 469 -2.30 7.61 100.63
N PHE S 470 -2.79 7.06 99.53
CA PHE S 470 -4.22 6.97 99.29
C PHE S 470 -4.85 5.85 100.11
N LEU S 471 -4.03 4.88 100.52
CA LEU S 471 -4.52 3.74 101.30
C LEU S 471 -4.31 3.95 102.79
N SER S 472 -3.42 4.87 103.14
CA SER S 472 -3.22 5.24 104.54
C SER S 472 -4.30 6.24 104.93
N TYR S 473 -4.80 6.96 103.94
CA TYR S 473 -5.86 7.94 104.14
C TYR S 473 -7.20 7.26 104.36
N LEU S 474 -7.43 6.16 103.63
CA LEU S 474 -8.66 5.40 103.74
C LEU S 474 -8.69 4.57 105.03
N LYS S 475 -7.59 3.93 105.35
CA LYS S 475 -7.49 3.07 106.53
C LYS S 475 -7.35 3.90 107.81
N SER S 476 -7.69 5.19 107.73
CA SER S 476 -7.58 6.07 108.88
C SER S 476 -8.75 7.05 108.95
N ASN S 477 -9.53 7.12 107.88
CA ASN S 477 -10.68 8.02 107.81
C ASN S 477 -11.89 7.37 107.17
N HIS S 478 -11.67 6.67 106.06
CA HIS S 478 -12.75 5.99 105.35
C HIS S 478 -12.70 4.49 105.62
N ASN S 479 -12.70 4.12 106.90
CA ASN S 479 -12.59 2.71 107.29
C ASN S 479 -13.88 1.92 107.08
N GLU S 480 -15.02 2.61 107.18
CA GLU S 480 -16.32 1.95 107.01
C GLU S 480 -16.60 1.58 105.56
N LEU S 481 -15.97 2.30 104.63
CA LEU S 481 -16.12 2.01 103.22
C LEU S 481 -15.24 0.81 102.83
N LEU S 482 -14.05 0.75 103.43
CA LEU S 482 -13.14 -0.36 103.17
C LEU S 482 -13.63 -1.67 103.77
N THR S 483 -14.26 -1.57 104.94
CA THR S 483 -14.74 -2.76 105.63
C THR S 483 -15.98 -3.34 104.97
N GLU S 484 -16.74 -2.48 104.30
CA GLU S 484 -17.98 -2.91 103.64
C GLU S 484 -17.69 -3.69 102.36
N ILE S 485 -16.55 -3.40 101.73
CA ILE S 485 -16.14 -4.07 100.50
C ILE S 485 -15.68 -5.49 100.79
N ARG S 486 -14.92 -5.65 101.86
CA ARG S 486 -14.39 -6.96 102.25
C ARG S 486 -15.51 -7.95 102.57
N GLU S 487 -16.52 -7.49 103.30
CA GLU S 487 -17.56 -8.36 103.81
C GLU S 487 -18.67 -8.65 102.80
N LYS S 488 -18.97 -7.68 101.94
CA LYS S 488 -20.01 -7.86 100.93
C LYS S 488 -19.46 -8.38 99.60
N GLY S 489 -18.34 -7.81 99.17
CA GLY S 489 -17.70 -8.23 97.94
C GLY S 489 -18.34 -7.62 96.70
N GLU S 490 -19.20 -6.63 96.92
CA GLU S 490 -19.87 -5.96 95.81
C GLU S 490 -19.91 -4.44 96.05
N LEU S 491 -20.34 -3.70 95.04
CA LEU S 491 -20.42 -2.25 95.15
C LEU S 491 -21.81 -1.75 94.74
N SER S 492 -22.64 -1.46 95.74
CA SER S 492 -23.98 -0.94 95.49
C SER S 492 -23.92 0.50 95.00
N LYS S 493 -24.99 0.97 94.37
CA LYS S 493 -25.05 2.33 93.86
C LYS S 493 -24.64 3.34 94.92
N GLU S 494 -25.03 3.08 96.16
CA GLU S 494 -24.66 3.94 97.28
C GLU S 494 -23.15 3.91 97.51
N LEU S 495 -22.62 2.70 97.68
CA LEU S 495 -21.20 2.51 97.97
C LEU S 495 -20.32 3.07 96.85
N LEU S 496 -20.65 2.72 95.61
CA LEU S 496 -19.90 3.18 94.46
C LEU S 496 -19.83 4.70 94.42
N ALA S 497 -20.93 5.35 94.80
CA ALA S 497 -20.98 6.80 94.83
C ALA S 497 -20.08 7.37 95.92
N SER S 498 -20.14 6.77 97.11
CA SER S 498 -19.33 7.19 98.24
C SER S 498 -17.84 7.05 97.93
N LEU S 499 -17.51 6.01 97.17
CA LEU S 499 -16.12 5.77 96.77
C LEU S 499 -15.57 6.95 95.98
N LYS S 500 -16.28 7.32 94.93
CA LYS S 500 -15.89 8.44 94.08
C LYS S 500 -15.74 9.72 94.91
N SER S 501 -16.60 9.86 95.92
CA SER S 501 -16.55 11.02 96.81
C SER S 501 -15.25 11.05 97.60
N ALA S 502 -14.84 9.89 98.11
CA ALA S 502 -13.63 9.78 98.91
C ALA S 502 -12.38 10.06 98.08
N THR S 503 -12.39 9.63 96.82
CA THR S 503 -11.25 9.80 95.94
C THR S 503 -11.06 11.26 95.53
N GLU S 504 -12.13 11.87 95.03
CA GLU S 504 -12.09 13.26 94.58
C GLU S 504 -11.70 14.21 95.70
N SER S 505 -11.94 13.80 96.94
CA SER S 505 -11.60 14.60 98.10
C SER S 505 -10.11 14.53 98.38
N PHE S 506 -9.47 13.45 97.93
CA PHE S 506 -8.05 13.25 98.15
C PHE S 506 -7.22 13.69 96.94
N VAL S 507 -7.89 13.81 95.79
CA VAL S 507 -7.22 14.25 94.57
C VAL S 507 -6.68 15.66 94.73
N ALA S 508 -7.52 16.56 95.23
CA ALA S 508 -7.15 17.97 95.40
C ALA S 508 -5.91 18.12 96.28
N THR S 509 -5.95 17.51 97.46
CA THR S 509 -4.84 17.61 98.41
C THR S 509 -3.70 16.67 98.03
N ALA T 25 -0.20 -81.99 55.53
CA ALA T 25 -0.46 -81.23 54.31
C ALA T 25 0.81 -81.03 53.50
N ASN T 26 0.66 -80.54 52.27
CA ASN T 26 1.81 -80.28 51.40
C ASN T 26 2.51 -78.97 51.75
N LEU T 27 3.76 -79.08 52.19
CA LEU T 27 4.51 -77.91 52.65
C LEU T 27 4.87 -76.97 51.51
N ASN T 28 5.04 -77.53 50.31
CA ASN T 28 5.43 -76.74 49.15
C ASN T 28 4.29 -75.88 48.60
N GLU T 29 3.09 -76.44 48.55
CA GLU T 29 1.95 -75.75 47.96
C GLU T 29 1.18 -74.88 48.97
N THR T 30 1.07 -75.35 50.21
CA THR T 30 0.35 -74.61 51.24
C THR T 30 1.27 -74.18 52.37
N GLY T 31 0.73 -73.39 53.30
CA GLY T 31 1.50 -72.91 54.43
C GLY T 31 0.65 -72.33 55.54
N ARG T 32 1.19 -72.32 56.75
CA ARG T 32 0.52 -71.76 57.91
C ARG T 32 1.02 -70.35 58.18
N VAL T 33 0.19 -69.53 58.83
CA VAL T 33 0.57 -68.16 59.15
C VAL T 33 1.31 -68.09 60.48
N LEU T 34 2.54 -67.59 60.46
CA LEU T 34 3.37 -67.53 61.66
C LEU T 34 3.11 -66.27 62.46
N ALA T 35 3.02 -65.13 61.77
CA ALA T 35 2.78 -63.85 62.43
C ALA T 35 2.10 -62.86 61.48
N VAL T 36 1.12 -62.14 62.01
CA VAL T 36 0.37 -61.19 61.18
C VAL T 36 0.13 -59.87 61.92
N GLY T 37 0.53 -58.77 61.28
CA GLY T 37 0.36 -57.45 61.86
C GLY T 37 0.92 -56.36 60.96
N ASP T 38 0.31 -55.18 61.03
CA ASP T 38 0.75 -54.02 60.24
C ASP T 38 0.42 -54.17 58.76
N GLY T 39 -0.52 -55.07 58.45
CA GLY T 39 -0.95 -55.27 57.08
C GLY T 39 -0.12 -56.28 56.31
N ILE T 40 0.92 -56.80 56.96
CA ILE T 40 1.78 -57.82 56.35
C ILE T 40 1.75 -59.11 57.15
N ALA T 41 1.86 -60.24 56.45
CA ALA T 41 1.75 -61.55 57.09
C ALA T 41 2.97 -62.43 56.85
N ARG T 42 3.48 -63.03 57.91
CA ARG T 42 4.57 -64.00 57.81
C ARG T 42 3.98 -65.41 57.72
N VAL T 43 4.35 -66.13 56.67
CA VAL T 43 3.81 -67.47 56.45
C VAL T 43 4.89 -68.54 56.30
N PHE T 44 4.86 -69.53 57.18
CA PHE T 44 5.77 -70.67 57.11
C PHE T 44 5.25 -71.69 56.11
N GLY T 45 6.08 -72.01 55.12
CA GLY T 45 5.69 -72.94 54.07
C GLY T 45 5.76 -72.31 52.71
N LEU T 46 4.96 -72.81 51.77
CA LEU T 46 4.94 -72.29 50.41
C LEU T 46 6.33 -72.27 49.80
N ASN T 47 6.92 -73.46 49.65
CA ASN T 47 8.29 -73.57 49.14
C ASN T 47 8.43 -73.24 47.65
N ASN T 48 7.38 -73.54 46.89
CA ASN T 48 7.43 -73.34 45.44
C ASN T 48 6.79 -72.03 44.98
N ILE T 49 6.57 -71.12 45.93
CA ILE T 49 5.93 -69.84 45.62
C ILE T 49 6.88 -68.91 44.87
N GLN T 50 6.35 -68.26 43.83
CA GLN T 50 7.13 -67.30 43.06
C GLN T 50 7.18 -65.95 43.75
N ALA T 51 7.97 -65.04 43.21
CA ALA T 51 8.02 -63.67 43.71
C ALA T 51 6.88 -62.86 43.13
N GLU T 52 6.25 -62.03 43.96
CA GLU T 52 5.16 -61.16 43.52
C GLU T 52 3.96 -61.97 43.04
N GLU T 53 3.89 -63.24 43.45
CA GLU T 53 2.79 -64.10 43.06
C GLU T 53 1.59 -63.90 43.98
N LEU T 54 0.40 -64.13 43.43
CA LEU T 54 -0.85 -63.95 44.18
C LEU T 54 -1.17 -65.20 45.01
N VAL T 55 -1.68 -64.97 46.22
CA VAL T 55 -2.10 -66.07 47.10
C VAL T 55 -3.48 -65.80 47.69
N GLU T 56 -4.04 -66.82 48.33
CA GLU T 56 -5.38 -66.70 48.91
C GLU T 56 -5.39 -67.23 50.34
N PHE T 57 -6.15 -66.57 51.21
CA PHE T 57 -6.20 -66.94 52.62
C PHE T 57 -7.48 -67.69 52.99
N SER T 58 -7.52 -68.21 54.22
CA SER T 58 -8.64 -69.00 54.70
C SER T 58 -9.91 -68.17 54.88
N SER T 59 -9.76 -66.85 54.84
CA SER T 59 -10.90 -65.95 55.00
C SER T 59 -11.47 -65.53 53.66
N GLY T 60 -10.65 -65.56 52.62
CA GLY T 60 -11.06 -65.15 51.30
C GLY T 60 -10.25 -63.96 50.81
N VAL T 61 -9.45 -63.39 51.71
CA VAL T 61 -8.61 -62.25 51.37
C VAL T 61 -7.32 -62.73 50.69
N LYS T 62 -6.93 -62.02 49.63
CA LYS T 62 -5.74 -62.39 48.88
C LYS T 62 -4.53 -61.60 49.35
N GLY T 63 -3.34 -61.98 48.89
CA GLY T 63 -2.11 -61.31 49.27
C GLY T 63 -1.08 -61.31 48.16
N MET T 64 0.11 -60.80 48.45
CA MET T 64 1.19 -60.76 47.48
C MET T 64 2.51 -61.14 48.12
N ALA T 65 3.17 -62.16 47.57
CA ALA T 65 4.46 -62.61 48.09
C ALA T 65 5.57 -61.62 47.78
N LEU T 66 5.82 -60.71 48.70
CA LEU T 66 6.85 -59.68 48.51
C LEU T 66 8.26 -60.25 48.66
N ASN T 67 8.68 -60.42 49.90
CA ASN T 67 10.03 -60.91 50.20
C ASN T 67 10.08 -62.40 50.48
N LEU T 68 11.15 -63.05 50.02
CA LEU T 68 11.34 -64.49 50.24
C LEU T 68 12.58 -64.76 51.07
N GLU T 69 12.38 -65.12 52.34
CA GLU T 69 13.49 -65.43 53.23
C GLU T 69 13.62 -66.93 53.43
N PRO T 70 14.83 -67.38 53.79
CA PRO T 70 15.03 -68.78 54.20
C PRO T 70 14.35 -69.04 55.54
N GLY T 71 13.12 -69.51 55.52
CA GLY T 71 12.38 -69.79 56.73
C GLY T 71 10.93 -69.35 56.68
N GLN T 72 10.71 -68.13 56.19
CA GLN T 72 9.35 -67.60 56.09
C GLN T 72 9.21 -66.65 54.91
N VAL T 73 7.97 -66.43 54.48
CA VAL T 73 7.68 -65.53 53.37
C VAL T 73 6.89 -64.32 53.84
N GLY T 74 7.39 -63.14 53.52
CA GLY T 74 6.72 -61.90 53.90
C GLY T 74 5.67 -61.48 52.89
N ILE T 75 4.41 -61.77 53.18
CA ILE T 75 3.31 -61.45 52.28
C ILE T 75 2.67 -60.11 52.63
N VAL T 76 2.24 -59.38 51.60
CA VAL T 76 1.51 -58.14 51.79
C VAL T 76 0.01 -58.40 51.62
N LEU T 77 -0.76 -58.07 52.66
CA LEU T 77 -2.19 -58.32 52.65
C LEU T 77 -2.94 -57.27 51.84
N PHE T 78 -3.96 -57.72 51.10
CA PHE T 78 -4.81 -56.81 50.34
C PHE T 78 -6.13 -56.59 51.06
N GLY T 79 -6.06 -56.43 52.38
CA GLY T 79 -7.24 -56.21 53.19
C GLY T 79 -6.91 -56.04 54.66
N SER T 80 -7.96 -55.91 55.48
CA SER T 80 -7.79 -55.71 56.91
C SER T 80 -6.97 -56.81 57.56
N ASP T 81 -6.34 -56.48 58.69
CA ASP T 81 -5.58 -57.46 59.45
C ASP T 81 -6.51 -58.46 60.12
N ARG T 82 -7.71 -58.01 60.43
CA ARG T 82 -8.69 -58.82 61.14
C ARG T 82 -8.94 -60.17 60.47
N LEU T 83 -9.04 -60.15 59.14
CA LEU T 83 -9.36 -61.35 58.38
C LEU T 83 -8.35 -62.48 58.59
N VAL T 84 -7.09 -62.11 58.79
CA VAL T 84 -6.02 -63.09 58.91
C VAL T 84 -5.66 -63.41 60.36
N LYS T 85 -5.70 -64.70 60.70
CA LYS T 85 -5.29 -65.17 62.02
C LYS T 85 -4.05 -66.04 61.89
N GLU T 86 -3.33 -66.21 63.00
CA GLU T 86 -2.10 -66.99 63.00
C GLU T 86 -2.37 -68.48 62.87
N GLY T 87 -1.90 -69.07 61.77
CA GLY T 87 -1.96 -70.51 61.59
C GLY T 87 -2.93 -71.00 60.53
N GLU T 88 -3.50 -70.07 59.77
CA GLU T 88 -4.45 -70.42 58.72
C GLU T 88 -3.78 -71.10 57.54
N LEU T 89 -4.59 -71.54 56.58
CA LEU T 89 -4.09 -72.17 55.36
C LEU T 89 -3.80 -71.12 54.30
N VAL T 90 -2.74 -71.32 53.54
CA VAL T 90 -2.37 -70.39 52.47
C VAL T 90 -2.17 -71.11 51.14
N LYS T 91 -3.10 -70.90 50.22
CA LYS T 91 -3.03 -71.54 48.91
C LYS T 91 -2.31 -70.63 47.90
N ARG T 92 -1.98 -71.20 46.74
CA ARG T 92 -1.32 -70.45 45.68
C ARG T 92 -2.28 -70.12 44.53
N THR T 93 -1.78 -69.39 43.55
CA THR T 93 -2.54 -69.05 42.37
C THR T 93 -1.80 -69.44 41.10
N GLY T 94 -0.48 -69.21 41.10
CA GLY T 94 0.36 -69.54 39.98
C GLY T 94 0.61 -68.34 39.06
N ASN T 95 -0.16 -67.28 39.27
CA ASN T 95 -0.05 -66.09 38.44
C ASN T 95 0.43 -64.87 39.22
N ILE T 96 1.42 -64.17 38.66
CA ILE T 96 1.98 -62.98 39.29
C ILE T 96 1.06 -61.77 39.14
N VAL T 97 0.37 -61.43 40.22
CA VAL T 97 -0.48 -60.23 40.26
C VAL T 97 -1.20 -59.92 38.95
N ASP T 98 -1.99 -60.88 38.45
CA ASP T 98 -2.70 -60.69 37.19
C ASP T 98 -4.02 -59.97 37.40
N VAL T 99 -4.47 -59.25 36.38
CA VAL T 99 -5.72 -58.51 36.44
C VAL T 99 -6.49 -58.60 35.11
N PRO T 100 -7.81 -58.86 35.20
CA PRO T 100 -8.69 -59.01 34.04
C PRO T 100 -8.66 -57.79 33.12
N VAL T 101 -8.16 -57.96 31.90
CA VAL T 101 -8.14 -56.89 30.91
C VAL T 101 -9.05 -57.23 29.73
N GLY T 102 -9.58 -56.21 29.07
CA GLY T 102 -10.43 -56.42 27.91
C GLY T 102 -11.50 -55.37 27.70
N PRO T 103 -12.25 -55.49 26.59
CA PRO T 103 -13.31 -54.55 26.23
C PRO T 103 -14.57 -54.81 27.07
N GLY T 104 -14.56 -55.91 27.80
CA GLY T 104 -15.66 -56.26 28.67
C GLY T 104 -15.59 -55.54 30.00
N LEU T 105 -14.86 -54.42 29.99
CA LEU T 105 -14.70 -53.61 31.19
C LEU T 105 -15.31 -52.23 31.00
N LEU T 106 -15.66 -51.91 29.75
CA LEU T 106 -16.31 -50.64 29.44
C LEU T 106 -17.68 -50.56 30.11
N GLY T 107 -17.95 -49.42 30.75
CA GLY T 107 -19.21 -49.22 31.43
C GLY T 107 -19.29 -49.94 32.76
N ARG T 108 -18.15 -50.41 33.23
CA ARG T 108 -18.07 -51.16 34.48
C ARG T 108 -17.03 -50.57 35.42
N VAL T 109 -17.32 -50.59 36.71
CA VAL T 109 -16.40 -50.08 37.72
C VAL T 109 -15.90 -51.22 38.61
N VAL T 110 -14.59 -51.34 38.73
CA VAL T 110 -13.99 -52.42 39.50
C VAL T 110 -12.94 -51.91 40.48
N ASP T 111 -12.47 -52.79 41.37
CA ASP T 111 -11.43 -52.43 42.33
C ASP T 111 -10.04 -52.59 41.71
N ALA T 112 -9.04 -52.73 42.57
CA ALA T 112 -7.66 -52.87 42.12
C ALA T 112 -7.35 -54.27 41.61
N LEU T 113 -8.08 -55.25 42.12
CA LEU T 113 -7.84 -56.65 41.74
C LEU T 113 -8.55 -57.00 40.43
N GLY T 114 -9.66 -56.31 40.16
CA GLY T 114 -10.43 -56.55 38.96
C GLY T 114 -11.79 -57.14 39.25
N ASN T 115 -12.33 -56.79 40.42
CA ASN T 115 -13.62 -57.31 40.86
C ASN T 115 -14.73 -56.28 40.69
N PRO T 116 -15.83 -56.68 40.03
CA PRO T 116 -16.99 -55.81 39.81
C PRO T 116 -17.60 -55.32 41.13
N ILE T 117 -17.17 -54.15 41.58
CA ILE T 117 -17.71 -53.56 42.81
C ILE T 117 -18.98 -52.77 42.53
N ASP T 118 -19.36 -52.71 41.26
CA ASP T 118 -20.56 -51.98 40.85
C ASP T 118 -21.79 -52.87 40.88
N GLY T 119 -21.57 -54.18 40.87
CA GLY T 119 -22.65 -55.13 40.90
C GLY T 119 -23.40 -55.23 39.58
N LYS T 120 -22.70 -55.68 38.55
CA LYS T 120 -23.31 -55.88 37.23
C LYS T 120 -22.83 -57.20 36.62
N GLY T 121 -22.83 -58.25 37.42
CA GLY T 121 -22.35 -59.55 36.98
C GLY T 121 -20.84 -59.62 37.01
N PRO T 122 -20.26 -60.67 36.40
CA PRO T 122 -18.81 -60.79 36.27
C PRO T 122 -18.31 -59.94 35.10
N ILE T 123 -16.99 -59.84 34.95
CA ILE T 123 -16.41 -59.06 33.86
C ILE T 123 -16.08 -59.94 32.67
N ASP T 124 -16.40 -59.44 31.48
CA ASP T 124 -16.13 -60.16 30.23
C ASP T 124 -14.65 -60.02 29.86
N ALA T 125 -13.79 -60.74 30.57
CA ALA T 125 -12.36 -60.64 30.37
C ALA T 125 -11.90 -61.26 29.06
N ALA T 126 -11.39 -60.44 28.17
CA ALA T 126 -10.82 -60.92 26.91
C ALA T 126 -9.37 -61.37 27.13
N GLY T 127 -9.08 -61.77 28.37
CA GLY T 127 -7.74 -62.18 28.75
C GLY T 127 -7.33 -61.55 30.06
N ARG T 128 -6.16 -61.95 30.57
CA ARG T 128 -5.65 -61.37 31.81
C ARG T 128 -4.18 -61.00 31.68
N SER T 129 -3.85 -59.78 32.09
CA SER T 129 -2.48 -59.27 31.99
C SER T 129 -1.93 -58.88 33.36
N ARG T 130 -0.63 -59.04 33.54
CA ARG T 130 0.03 -58.70 34.79
C ARG T 130 -0.04 -57.21 35.07
N ALA T 131 -0.01 -56.84 36.35
CA ALA T 131 -0.06 -55.45 36.76
C ALA T 131 1.33 -54.83 36.77
N GLN T 132 2.36 -55.67 36.71
CA GLN T 132 3.73 -55.20 36.68
C GLN T 132 4.38 -55.49 35.34
N VAL T 133 4.11 -54.64 34.35
CA VAL T 133 4.64 -54.80 33.00
C VAL T 133 5.77 -53.81 32.74
N LYS T 134 6.82 -54.28 32.08
CA LYS T 134 7.94 -53.42 31.70
C LYS T 134 7.55 -52.55 30.51
N ALA T 135 8.10 -51.34 30.46
CA ALA T 135 7.74 -50.37 29.42
C ALA T 135 8.55 -50.58 28.15
N PRO T 136 7.93 -50.29 26.98
CA PRO T 136 8.56 -50.39 25.66
C PRO T 136 9.85 -49.58 25.58
N GLY T 137 10.84 -50.11 24.88
CA GLY T 137 12.14 -49.48 24.78
C GLY T 137 12.23 -48.41 23.71
N ILE T 138 13.45 -48.17 23.23
CA ILE T 138 13.70 -47.10 22.27
C ILE T 138 13.12 -47.40 20.89
N LEU T 139 13.32 -48.63 20.42
CA LEU T 139 12.97 -48.99 19.05
C LEU T 139 11.46 -49.05 18.77
N PRO T 140 10.70 -49.79 19.60
CA PRO T 140 9.27 -49.96 19.35
C PRO T 140 8.47 -48.68 19.58
N ARG T 141 9.15 -47.53 19.60
CA ARG T 141 8.48 -46.26 19.83
C ARG T 141 8.52 -45.35 18.61
N ARG T 142 7.54 -44.45 18.54
CA ARG T 142 7.44 -43.49 17.45
C ARG T 142 6.98 -42.15 17.99
N SER T 143 7.69 -41.09 17.61
CA SER T 143 7.37 -39.74 18.06
C SER T 143 5.88 -39.44 17.96
N VAL T 144 5.35 -38.71 18.94
CA VAL T 144 3.94 -38.35 18.96
C VAL T 144 3.58 -37.39 17.84
N HIS T 145 2.40 -37.58 17.25
CA HIS T 145 1.96 -36.72 16.15
C HIS T 145 0.46 -36.42 16.23
N GLU T 146 -0.30 -37.33 16.85
CA GLU T 146 -1.74 -37.16 16.96
C GLU T 146 -2.13 -36.36 18.20
N PRO T 147 -3.12 -35.47 18.06
CA PRO T 147 -3.58 -34.56 19.12
C PRO T 147 -4.67 -35.15 20.00
N VAL T 148 -4.50 -35.04 21.31
CA VAL T 148 -5.55 -35.39 22.26
C VAL T 148 -6.32 -34.12 22.63
N GLN T 149 -7.50 -33.96 22.06
CA GLN T 149 -8.27 -32.73 22.25
C GLN T 149 -9.08 -32.74 23.54
N THR T 150 -8.84 -31.75 24.40
CA THR T 150 -9.57 -31.62 25.65
C THR T 150 -10.87 -30.88 25.42
N GLY T 151 -10.93 -30.11 24.33
CA GLY T 151 -12.09 -29.28 24.05
C GLY T 151 -12.09 -28.05 24.93
N LEU T 152 -10.90 -27.67 25.40
CA LEU T 152 -10.76 -26.53 26.29
C LEU T 152 -9.84 -25.48 25.67
N LYS T 153 -10.34 -24.25 25.59
CA LYS T 153 -9.61 -23.15 24.97
C LYS T 153 -8.16 -23.04 25.44
N ALA T 154 -7.98 -22.76 26.72
CA ALA T 154 -6.65 -22.50 27.27
C ALA T 154 -5.69 -23.68 27.12
N VAL T 155 -6.22 -24.89 27.27
CA VAL T 155 -5.40 -26.10 27.24
C VAL T 155 -4.84 -26.41 25.85
N ASP T 156 -5.73 -26.69 24.90
CA ASP T 156 -5.34 -27.07 23.54
C ASP T 156 -4.49 -26.01 22.84
N ALA T 157 -4.45 -24.81 23.41
CA ALA T 157 -3.70 -23.71 22.80
C ALA T 157 -2.30 -23.58 23.37
N LEU T 158 -2.19 -23.50 24.69
CA LEU T 158 -0.91 -23.26 25.34
C LEU T 158 -0.16 -24.56 25.66
N VAL T 159 -0.85 -25.53 26.23
CA VAL T 159 -0.26 -26.83 26.53
C VAL T 159 -1.06 -27.96 25.92
N PRO T 160 -0.72 -28.34 24.68
CA PRO T 160 -1.43 -29.38 23.91
C PRO T 160 -1.14 -30.79 24.42
N ILE T 161 -2.08 -31.69 24.20
CA ILE T 161 -1.90 -33.09 24.58
C ILE T 161 -1.74 -33.94 23.32
N GLY T 162 -0.80 -34.88 23.37
CA GLY T 162 -0.57 -35.77 22.25
C GLY T 162 -0.91 -37.21 22.60
N ARG T 163 -1.45 -37.94 21.63
CA ARG T 163 -1.82 -39.33 21.86
C ARG T 163 -0.59 -40.18 22.14
N GLY T 164 -0.40 -40.52 23.41
CA GLY T 164 0.77 -41.26 23.84
C GLY T 164 1.72 -40.40 24.65
N GLN T 165 1.23 -39.22 25.05
CA GLN T 165 2.04 -38.27 25.80
C GLN T 165 1.77 -38.40 27.29
N ARG T 166 2.61 -37.73 28.09
CA ARG T 166 2.45 -37.74 29.54
C ARG T 166 2.44 -36.31 30.08
N GLU T 167 1.27 -35.84 30.49
CA GLU T 167 1.12 -34.48 31.00
C GLU T 167 0.56 -34.48 32.43
N LEU T 168 1.26 -33.80 33.33
CA LEU T 168 0.87 -33.76 34.73
C LEU T 168 -0.10 -32.62 35.03
N ILE T 169 -1.19 -32.95 35.71
CA ILE T 169 -2.15 -31.95 36.15
C ILE T 169 -1.84 -31.53 37.58
N ILE T 170 -0.74 -30.80 37.74
CA ILE T 170 -0.26 -30.38 39.06
C ILE T 170 -0.97 -29.11 39.52
N GLY T 171 -1.19 -29.00 40.83
CA GLY T 171 -1.84 -27.82 41.39
C GLY T 171 -2.36 -28.03 42.79
N ASP T 172 -2.69 -26.92 43.46
CA ASP T 172 -3.21 -26.97 44.84
C ASP T 172 -4.57 -27.65 44.94
N ARG T 173 -5.05 -27.79 46.17
CA ARG T 173 -6.33 -28.42 46.43
C ARG T 173 -7.49 -27.58 45.93
N GLN T 174 -8.45 -28.23 45.28
CA GLN T 174 -9.64 -27.57 44.76
C GLN T 174 -9.32 -26.39 43.85
N THR T 175 -8.51 -26.64 42.82
CA THR T 175 -8.22 -25.64 41.80
C THR T 175 -8.75 -26.10 40.45
N GLY T 176 -9.42 -27.25 40.44
CA GLY T 176 -10.03 -27.78 39.23
C GLY T 176 -9.17 -28.80 38.51
N LYS T 177 -8.32 -29.51 39.26
CA LYS T 177 -7.47 -30.53 38.67
C LYS T 177 -8.31 -31.68 38.12
N THR T 178 -9.41 -31.98 38.83
CA THR T 178 -10.30 -33.06 38.42
C THR T 178 -11.32 -32.57 37.39
N ALA T 179 -11.60 -31.27 37.43
CA ALA T 179 -12.51 -30.66 36.47
C ALA T 179 -11.87 -30.63 35.08
N VAL T 180 -10.58 -30.33 35.04
CA VAL T 180 -9.84 -30.30 33.79
C VAL T 180 -9.73 -31.71 33.21
N ALA T 181 -9.49 -32.69 34.07
CA ALA T 181 -9.34 -34.07 33.64
C ALA T 181 -10.68 -34.67 33.19
N LEU T 182 -11.77 -34.26 33.83
CA LEU T 182 -13.10 -34.79 33.53
C LEU T 182 -13.63 -34.26 32.20
N ASP T 183 -13.45 -32.97 31.95
CA ASP T 183 -13.92 -32.36 30.70
C ASP T 183 -13.24 -32.98 29.49
N THR T 184 -12.19 -33.76 29.74
CA THR T 184 -11.47 -34.43 28.66
C THR T 184 -12.23 -35.69 28.21
N ILE T 185 -12.65 -36.51 29.17
CA ILE T 185 -13.42 -37.70 28.86
C ILE T 185 -14.74 -37.34 28.20
N LEU T 186 -15.37 -36.28 28.70
CA LEU T 186 -16.65 -35.84 28.19
C LEU T 186 -16.55 -35.30 26.76
N ASN T 187 -15.38 -34.75 26.44
CA ASN T 187 -15.15 -34.17 25.12
C ASN T 187 -15.01 -35.25 24.04
N GLN T 188 -14.62 -36.45 24.45
CA GLN T 188 -14.40 -37.54 23.52
C GLN T 188 -15.71 -38.16 23.04
N LYS T 189 -16.82 -37.49 23.34
CA LYS T 189 -18.12 -37.96 22.91
C LYS T 189 -18.26 -37.87 21.39
N ARG T 190 -17.40 -37.05 20.78
CA ARG T 190 -17.42 -36.85 19.33
C ARG T 190 -17.00 -38.09 18.56
N TRP T 191 -15.72 -38.45 18.70
CA TRP T 191 -15.13 -39.51 17.90
C TRP T 191 -15.42 -40.91 18.42
N ASN T 192 -16.13 -40.99 19.54
CA ASN T 192 -16.50 -42.29 20.11
C ASN T 192 -17.88 -42.76 19.67
N ASN T 193 -18.46 -42.02 18.73
CA ASN T 193 -19.78 -42.37 18.20
C ASN T 193 -19.71 -43.00 16.82
N GLY T 194 -18.72 -42.60 16.03
CA GLY T 194 -18.56 -43.13 14.69
C GLY T 194 -18.06 -44.56 14.67
N SER T 195 -17.23 -44.88 13.69
CA SER T 195 -16.70 -46.23 13.55
C SER T 195 -15.20 -46.20 13.24
N ASP T 196 -14.66 -44.99 13.10
CA ASP T 196 -13.24 -44.82 12.78
C ASP T 196 -12.39 -45.28 13.97
N GLU T 197 -11.69 -46.39 13.78
CA GLU T 197 -10.90 -46.99 14.85
C GLU T 197 -9.67 -46.18 15.24
N SER T 198 -9.23 -45.30 14.33
CA SER T 198 -8.04 -44.49 14.59
C SER T 198 -8.38 -43.17 15.28
N LYS T 199 -9.66 -42.82 15.28
CA LYS T 199 -10.11 -41.57 15.87
C LYS T 199 -10.74 -41.77 17.26
N LYS T 200 -11.13 -43.00 17.56
CA LYS T 200 -11.75 -43.30 18.84
C LYS T 200 -10.77 -43.20 19.99
N LEU T 201 -11.28 -42.83 21.16
CA LEU T 201 -10.46 -42.70 22.37
C LEU T 201 -11.23 -43.19 23.59
N TYR T 202 -10.83 -44.34 24.12
CA TYR T 202 -11.45 -44.91 25.31
C TYR T 202 -10.70 -44.44 26.55
N CYS T 203 -11.43 -44.19 27.63
CA CYS T 203 -10.85 -43.59 28.83
C CYS T 203 -10.73 -44.56 30.00
N VAL T 204 -9.64 -44.43 30.76
CA VAL T 204 -9.44 -45.22 31.97
C VAL T 204 -9.18 -44.31 33.16
N TYR T 205 -10.22 -44.08 33.95
CA TYR T 205 -10.13 -43.17 35.09
C TYR T 205 -9.83 -43.89 36.40
N VAL T 206 -8.77 -43.48 37.07
CA VAL T 206 -8.39 -44.08 38.34
C VAL T 206 -8.92 -43.26 39.51
N ALA T 207 -9.24 -43.93 40.60
CA ALA T 207 -9.73 -43.25 41.80
C ALA T 207 -8.96 -43.71 43.03
N VAL T 208 -7.81 -43.08 43.28
CA VAL T 208 -6.95 -43.49 44.37
C VAL T 208 -7.08 -42.58 45.60
N GLY T 209 -7.53 -43.17 46.71
CA GLY T 209 -7.65 -42.45 47.97
C GLY T 209 -8.84 -41.53 48.05
N GLN T 210 -9.63 -41.47 46.99
CA GLN T 210 -10.79 -40.59 46.95
C GLN T 210 -11.93 -41.12 47.80
N LYS T 211 -12.77 -40.21 48.28
CA LYS T 211 -13.95 -40.59 49.06
C LYS T 211 -14.82 -41.54 48.25
N ARG T 212 -15.52 -42.43 48.96
CA ARG T 212 -16.38 -43.41 48.30
C ARG T 212 -17.60 -42.73 47.68
N SER T 213 -18.02 -41.62 48.27
CA SER T 213 -19.19 -40.89 47.80
C SER T 213 -18.89 -40.09 46.54
N THR T 214 -17.65 -39.62 46.42
CA THR T 214 -17.25 -38.79 45.29
C THR T 214 -17.11 -39.60 44.01
N VAL T 215 -16.63 -40.84 44.14
CA VAL T 215 -16.49 -41.73 42.99
C VAL T 215 -17.87 -42.11 42.45
N ALA T 216 -18.81 -42.32 43.36
CA ALA T 216 -20.18 -42.64 42.98
C ALA T 216 -20.82 -41.46 42.25
N GLN T 217 -20.70 -40.27 42.84
CA GLN T 217 -21.19 -39.05 42.20
C GLN T 217 -20.55 -38.92 40.83
N LEU T 218 -19.25 -39.20 40.75
CA LEU T 218 -18.50 -39.11 39.52
C LEU T 218 -19.05 -40.06 38.46
N VAL T 219 -19.25 -41.32 38.84
CA VAL T 219 -19.76 -42.33 37.92
C VAL T 219 -21.15 -41.96 37.40
N GLN T 220 -21.95 -41.33 38.26
CA GLN T 220 -23.29 -40.90 37.88
C GLN T 220 -23.23 -39.83 36.79
N THR T 221 -22.14 -39.07 36.77
CA THR T 221 -21.97 -38.01 35.79
C THR T 221 -21.62 -38.59 34.42
N LEU T 222 -20.85 -39.68 34.44
CA LEU T 222 -20.46 -40.35 33.21
C LEU T 222 -21.67 -40.99 32.53
N GLU T 223 -22.70 -41.29 33.32
CA GLU T 223 -23.91 -41.89 32.79
C GLU T 223 -24.88 -40.85 32.26
N GLN T 224 -24.65 -39.59 32.62
CA GLN T 224 -25.53 -38.50 32.18
C GLN T 224 -25.07 -37.92 30.84
N HIS T 225 -23.76 -37.85 30.64
CA HIS T 225 -23.21 -37.36 29.39
C HIS T 225 -22.89 -38.50 28.44
N ASP T 226 -23.30 -39.71 28.83
CA ASP T 226 -23.14 -40.89 28.00
C ASP T 226 -21.67 -41.28 27.81
N ALA T 227 -20.78 -40.57 28.49
CA ALA T 227 -19.35 -40.83 28.38
C ALA T 227 -18.95 -42.14 29.06
N MET T 228 -19.90 -42.72 29.77
CA MET T 228 -19.64 -43.95 30.52
C MET T 228 -19.38 -45.14 29.61
N LYS T 229 -20.12 -45.20 28.49
CA LYS T 229 -20.04 -46.34 27.58
C LYS T 229 -18.62 -46.64 27.09
N TYR T 230 -17.77 -45.62 27.04
CA TYR T 230 -16.41 -45.79 26.55
C TYR T 230 -15.35 -45.51 27.62
N SER T 231 -15.65 -45.89 28.86
CA SER T 231 -14.71 -45.64 29.96
C SER T 231 -14.69 -46.78 30.96
N ILE T 232 -13.57 -46.92 31.65
CA ILE T 232 -13.38 -47.96 32.67
C ILE T 232 -12.81 -47.37 33.94
N ILE T 233 -13.58 -47.45 35.03
CA ILE T 233 -13.17 -46.84 36.29
C ILE T 233 -12.62 -47.86 37.28
N VAL T 234 -11.36 -47.69 37.64
CA VAL T 234 -10.72 -48.53 38.65
C VAL T 234 -10.51 -47.73 39.93
N ALA T 235 -11.32 -48.02 40.95
CA ALA T 235 -11.31 -47.23 42.18
C ALA T 235 -10.71 -47.96 43.38
N ALA T 236 -10.00 -47.20 44.22
CA ALA T 236 -9.48 -47.70 45.48
C ALA T 236 -9.68 -46.65 46.56
N THR T 237 -10.88 -46.64 47.13
CA THR T 237 -11.28 -45.60 48.09
C THR T 237 -10.32 -45.46 49.28
N ALA T 238 -10.59 -44.48 50.13
CA ALA T 238 -9.75 -44.20 51.29
C ALA T 238 -9.84 -45.32 52.33
N SER T 239 -11.00 -45.93 52.43
CA SER T 239 -11.20 -47.01 53.39
C SER T 239 -10.41 -48.26 53.00
N GLU T 240 -10.20 -48.43 51.69
CA GLU T 240 -9.43 -49.55 51.18
C GLU T 240 -8.06 -49.63 51.86
N ALA T 241 -7.49 -50.81 51.89
CA ALA T 241 -6.16 -50.99 52.46
C ALA T 241 -5.12 -50.26 51.61
N ALA T 242 -3.93 -50.08 52.16
CA ALA T 242 -2.85 -49.39 51.47
C ALA T 242 -2.46 -50.07 50.15
N PRO T 243 -2.26 -51.40 50.18
CA PRO T 243 -1.84 -52.13 48.97
C PRO T 243 -2.86 -52.06 47.84
N LEU T 244 -4.12 -51.80 48.18
CA LEU T 244 -5.17 -51.69 47.18
C LEU T 244 -5.06 -50.38 46.40
N GLN T 245 -4.61 -49.34 47.07
CA GLN T 245 -4.43 -48.03 46.43
C GLN T 245 -3.07 -47.96 45.75
N TYR T 246 -2.11 -48.74 46.24
CA TYR T 246 -0.78 -48.79 45.66
C TYR T 246 -0.76 -49.54 44.33
N LEU T 247 -1.63 -50.53 44.20
CA LEU T 247 -1.65 -51.38 43.02
C LEU T 247 -2.67 -50.89 41.98
N ALA T 248 -3.70 -50.19 42.46
CA ALA T 248 -4.77 -49.69 41.59
C ALA T 248 -4.27 -49.01 40.33
N PRO T 249 -3.29 -48.10 40.47
CA PRO T 249 -2.73 -47.43 39.28
C PRO T 249 -2.07 -48.42 38.32
N PHE T 250 -1.32 -49.37 38.87
CA PHE T 250 -0.63 -50.36 38.06
C PHE T 250 -1.60 -51.25 37.26
N THR T 251 -2.63 -51.75 37.94
CA THR T 251 -3.60 -52.64 37.30
C THR T 251 -4.46 -51.89 36.29
N ALA T 252 -4.60 -50.58 36.50
CA ALA T 252 -5.33 -49.73 35.57
C ALA T 252 -4.43 -49.37 34.38
N ALA T 253 -3.13 -49.55 34.57
CA ALA T 253 -2.17 -49.33 33.50
C ALA T 253 -2.11 -50.55 32.59
N SER T 254 -2.56 -51.69 33.10
CA SER T 254 -2.62 -52.91 32.32
C SER T 254 -3.85 -52.88 31.40
N ILE T 255 -4.94 -52.32 31.90
CA ILE T 255 -6.16 -52.18 31.13
C ILE T 255 -5.95 -51.21 29.97
N GLY T 256 -5.04 -50.25 30.19
CA GLY T 256 -4.73 -49.26 29.17
C GLY T 256 -3.82 -49.79 28.09
N GLU T 257 -2.98 -50.76 28.43
CA GLU T 257 -2.04 -51.34 27.48
C GLU T 257 -2.74 -52.24 26.45
N TRP T 258 -3.94 -52.72 26.80
CA TRP T 258 -4.71 -53.55 25.89
C TRP T 258 -5.17 -52.75 24.69
N PHE T 259 -5.52 -51.49 24.93
CA PHE T 259 -5.94 -50.59 23.86
C PHE T 259 -4.73 -50.04 23.12
N ARG T 260 -3.56 -50.16 23.75
CA ARG T 260 -2.32 -49.66 23.16
C ARG T 260 -1.77 -50.66 22.14
N ASP T 261 -1.71 -51.93 22.52
CA ASP T 261 -1.16 -52.97 21.66
C ASP T 261 -2.13 -53.31 20.52
N ASN T 262 -3.41 -52.99 20.72
CA ASN T 262 -4.43 -53.25 19.71
C ASN T 262 -4.79 -52.01 18.91
N GLY T 263 -3.88 -51.03 18.91
CA GLY T 263 -4.10 -49.80 18.18
C GLY T 263 -5.24 -48.98 18.77
N HIS T 265 -7.35 -46.09 20.92
CA HIS T 265 -6.44 -45.28 21.74
C HIS T 265 -7.02 -45.05 23.13
N ALA T 266 -6.19 -45.22 24.15
CA ALA T 266 -6.64 -45.13 25.53
C ALA T 266 -6.12 -43.89 26.26
N LEU T 267 -6.95 -43.34 27.13
CA LEU T 267 -6.58 -42.19 27.94
C LEU T 267 -6.71 -42.54 29.42
N ILE T 268 -5.58 -42.82 30.06
CA ILE T 268 -5.59 -43.21 31.47
C ILE T 268 -5.28 -42.02 32.39
N VAL T 269 -6.21 -41.74 33.31
CA VAL T 269 -6.07 -40.59 34.19
C VAL T 269 -5.78 -40.98 35.63
N TYR T 270 -4.53 -40.79 36.05
CA TYR T 270 -4.14 -41.05 37.43
C TYR T 270 -4.64 -39.94 38.34
N ASP T 271 -5.38 -40.32 39.37
CA ASP T 271 -6.02 -39.38 40.27
C ASP T 271 -6.53 -40.12 41.51
N ASP T 272 -5.89 -39.89 42.65
CA ASP T 272 -4.78 -38.95 42.77
C ASP T 272 -3.46 -39.69 42.98
N LEU T 273 -2.43 -39.31 42.23
CA LEU T 273 -1.12 -39.95 42.33
C LEU T 273 -0.37 -39.62 43.62
N SER T 274 -0.66 -38.45 44.20
CA SER T 274 -0.06 -38.07 45.48
C SER T 274 -0.52 -39.00 46.58
N LYS T 275 -1.79 -39.36 46.56
CA LYS T 275 -2.36 -40.25 47.57
C LYS T 275 -1.83 -41.66 47.43
N GLN T 276 -1.27 -41.98 46.27
CA GLN T 276 -0.61 -43.26 46.06
C GLN T 276 0.77 -43.24 46.72
N ALA T 277 1.40 -42.07 46.68
CA ALA T 277 2.72 -41.89 47.29
C ALA T 277 2.62 -41.99 48.81
N VAL T 278 1.44 -41.68 49.34
CA VAL T 278 1.20 -41.79 50.77
C VAL T 278 0.98 -43.24 51.18
N ALA T 279 0.17 -43.95 50.39
CA ALA T 279 -0.10 -45.36 50.67
C ALA T 279 1.19 -46.18 50.65
N TYR T 280 2.05 -45.90 49.69
CA TYR T 280 3.34 -46.57 49.59
C TYR T 280 4.22 -46.23 50.79
N ARG T 281 4.08 -45.00 51.28
CA ARG T 281 4.84 -44.56 52.45
C ARG T 281 4.39 -45.30 53.69
N GLN T 282 3.13 -45.75 53.68
CA GLN T 282 2.58 -46.51 54.80
C GLN T 282 3.21 -47.90 54.87
N LEU T 283 2.99 -48.70 53.84
CA LEU T 283 3.52 -50.06 53.77
C LEU T 283 5.02 -50.09 54.04
N SER T 284 5.76 -49.23 53.35
CA SER T 284 7.21 -49.17 53.49
C SER T 284 7.63 -48.92 54.94
N LEU T 285 7.04 -47.89 55.54
CA LEU T 285 7.35 -47.55 56.93
C LEU T 285 6.93 -48.69 57.87
N LEU T 286 5.84 -49.36 57.54
CA LEU T 286 5.38 -50.50 58.32
C LEU T 286 6.22 -51.74 58.03
N LEU T 287 7.13 -51.61 57.07
CA LEU T 287 8.04 -52.69 56.73
C LEU T 287 9.47 -52.34 57.10
N ARG T 288 9.62 -51.30 57.92
CA ARG T 288 10.93 -50.88 58.42
C ARG T 288 11.83 -50.32 57.31
N ARG T 289 11.21 -49.85 56.23
CA ARG T 289 11.94 -49.20 55.15
C ARG T 289 12.40 -47.82 55.59
N PRO T 290 13.72 -47.58 55.54
CA PRO T 290 14.33 -46.33 56.00
C PRO T 290 13.76 -45.09 55.30
N PRO T 291 13.20 -44.15 56.08
CA PRO T 291 12.62 -42.91 55.57
C PRO T 291 13.70 -41.97 55.02
N GLY T 292 13.32 -41.13 54.07
CA GLY T 292 14.24 -40.18 53.47
C GLY T 292 13.71 -38.76 53.53
N ARG T 293 13.53 -38.15 52.36
CA ARG T 293 12.97 -36.80 52.30
C ARG T 293 11.47 -36.88 52.55
N GLU T 294 11.00 -36.08 53.50
CA GLU T 294 9.59 -36.12 53.90
C GLU T 294 9.19 -37.54 54.31
N ALA T 295 10.16 -38.29 54.81
CA ALA T 295 9.93 -39.66 55.28
C ALA T 295 9.59 -40.63 54.15
N TYR T 296 9.60 -40.15 52.92
CA TYR T 296 9.36 -41.00 51.76
C TYR T 296 10.57 -41.90 51.51
N PRO T 297 10.31 -43.18 51.19
CA PRO T 297 11.38 -44.13 50.86
C PRO T 297 12.17 -43.68 49.63
N GLY T 298 13.47 -43.96 49.61
CA GLY T 298 14.33 -43.54 48.52
C GLY T 298 13.87 -44.05 47.16
N ASP T 299 13.07 -45.11 47.16
CA ASP T 299 12.59 -45.71 45.92
C ASP T 299 11.14 -45.35 45.62
N VAL T 300 10.75 -44.12 45.93
CA VAL T 300 9.40 -43.66 45.68
C VAL T 300 9.30 -43.03 44.28
N PHE T 301 10.42 -42.54 43.78
CA PHE T 301 10.48 -42.04 42.42
C PHE T 301 10.28 -43.20 41.46
N TYR T 302 10.79 -44.36 41.83
CA TYR T 302 10.65 -45.57 41.04
C TYR T 302 9.22 -46.08 41.08
N LEU T 303 8.40 -45.46 41.92
CA LEU T 303 6.99 -45.82 42.05
C LEU T 303 6.16 -45.29 40.88
N HIS T 304 6.54 -44.11 40.40
CA HIS T 304 5.81 -43.47 39.31
C HIS T 304 6.49 -43.69 37.96
N SER T 305 7.81 -43.76 37.98
CA SER T 305 8.59 -43.92 36.75
C SER T 305 8.18 -45.16 35.97
N ARG T 306 8.22 -46.32 36.63
CA ARG T 306 7.87 -47.58 35.97
C ARG T 306 6.37 -47.67 35.72
N LEU T 307 5.63 -46.66 36.19
CA LEU T 307 4.19 -46.63 36.01
C LEU T 307 3.81 -45.77 34.80
N LEU T 308 4.41 -44.60 34.70
CA LEU T 308 4.07 -43.63 33.66
C LEU T 308 4.70 -43.96 32.31
N GLU T 309 5.92 -44.51 32.34
CA GLU T 309 6.63 -44.84 31.10
C GLU T 309 5.98 -46.00 30.36
N ARG T 310 4.98 -46.61 30.99
CA ARG T 310 4.22 -47.67 30.34
C ARG T 310 3.26 -47.08 29.31
N ALA T 311 3.06 -45.77 29.39
CA ALA T 311 2.24 -45.05 28.42
C ALA T 311 3.12 -44.50 27.31
N ALA T 312 2.73 -44.76 26.06
CA ALA T 312 3.51 -44.32 24.91
C ALA T 312 2.61 -44.08 23.70
N LEU T 314 2.74 -45.93 20.36
CA LEU T 314 3.71 -46.92 19.94
C LEU T 314 4.26 -46.61 18.54
N SER T 315 4.96 -47.58 17.97
CA SER T 315 5.57 -47.42 16.65
C SER T 315 4.62 -47.84 15.54
N GLU T 316 5.16 -47.97 14.33
CA GLU T 316 4.36 -48.33 13.17
C GLU T 316 4.24 -49.84 13.01
N LYS T 317 5.33 -50.55 13.30
CA LYS T 317 5.37 -51.99 13.12
C LYS T 317 4.50 -52.71 14.15
N GLU T 318 4.19 -52.03 15.24
CA GLU T 318 3.37 -52.61 16.31
C GLU T 318 1.89 -52.49 16.01
N GLY T 319 1.51 -51.41 15.32
CA GLY T 319 0.13 -51.19 14.96
C GLY T 319 -0.30 -49.74 15.13
N SER T 320 0.52 -48.96 15.82
CA SER T 320 0.22 -47.56 16.06
C SER T 320 -1.14 -47.39 16.73
N SER T 322 -2.80 -46.38 21.28
CA SER T 322 -1.76 -45.92 22.17
C SER T 322 -2.33 -45.60 23.56
N LEU T 323 -1.46 -45.14 24.45
CA LEU T 323 -1.88 -44.79 25.81
C LEU T 323 -1.37 -43.42 26.23
N THR T 324 -2.30 -42.55 26.63
CA THR T 324 -1.94 -41.22 27.12
C THR T 324 -2.08 -41.17 28.64
N ALA T 325 -1.13 -40.51 29.30
CA ALA T 325 -1.11 -40.47 30.76
C ALA T 325 -1.46 -39.09 31.30
N LEU T 326 -2.41 -39.05 32.23
CA LEU T 326 -2.79 -37.80 32.89
C LEU T 326 -2.74 -37.94 34.41
N PRO T 327 -1.52 -37.86 34.98
CA PRO T 327 -1.31 -37.95 36.43
C PRO T 327 -1.79 -36.69 37.14
N VAL T 328 -2.33 -36.86 38.34
CA VAL T 328 -2.76 -35.73 39.15
C VAL T 328 -1.96 -35.66 40.44
N ILE T 329 -1.37 -34.49 40.71
CA ILE T 329 -0.63 -34.29 41.96
C ILE T 329 -1.15 -33.07 42.70
N GLU T 330 -1.41 -33.25 44.00
CA GLU T 330 -1.96 -32.18 44.83
C GLU T 330 -0.89 -31.59 45.74
N THR T 331 -0.46 -30.37 45.42
CA THR T 331 0.54 -29.67 46.20
C THR T 331 -0.10 -28.94 47.38
N GLN T 332 0.72 -28.64 48.39
CA GLN T 332 0.23 -27.95 49.57
C GLN T 332 0.76 -26.52 49.63
N GLY T 333 -0.12 -25.55 49.48
CA GLY T 333 0.25 -24.14 49.53
C GLY T 333 1.03 -23.70 48.31
N GLY T 334 0.94 -24.49 47.25
CA GLY T 334 1.66 -24.20 46.01
C GLY T 334 3.12 -24.55 46.11
N ASP T 335 3.41 -25.73 46.65
CA ASP T 335 4.79 -26.18 46.83
C ASP T 335 5.17 -27.22 45.79
N VAL T 336 5.49 -26.76 44.58
CA VAL T 336 5.92 -27.66 43.51
C VAL T 336 7.35 -28.11 43.73
N SER T 337 8.06 -27.45 44.64
CA SER T 337 9.41 -27.85 45.01
C SER T 337 9.39 -29.06 45.93
N ALA T 338 8.19 -29.49 46.30
CA ALA T 338 8.04 -30.65 47.19
C ALA T 338 8.61 -31.92 46.55
N TYR T 339 8.89 -32.91 47.39
CA TYR T 339 9.55 -34.14 46.92
C TYR T 339 8.71 -34.93 45.93
N ILE T 340 7.42 -35.08 46.21
CA ILE T 340 6.54 -35.87 45.36
C ILE T 340 6.28 -35.22 44.00
N PRO T 341 5.94 -33.92 44.00
CA PRO T 341 5.72 -33.23 42.72
C PRO T 341 6.94 -33.28 41.82
N THR T 342 8.09 -32.82 42.33
CA THR T 342 9.33 -32.82 41.56
C THR T 342 9.60 -34.15 40.89
N ASN T 343 9.40 -35.24 41.63
CA ASN T 343 9.57 -36.59 41.09
C ASN T 343 8.73 -36.81 39.84
N VAL T 344 7.42 -36.61 39.96
CA VAL T 344 6.51 -36.80 38.85
C VAL T 344 6.82 -35.85 37.70
N ILE T 345 7.17 -34.61 38.03
CA ILE T 345 7.47 -33.59 37.03
C ILE T 345 8.68 -33.97 36.18
N SER T 346 9.70 -34.52 36.82
CA SER T 346 10.90 -34.95 36.11
C SER T 346 10.59 -36.13 35.20
N ILE T 347 9.52 -36.84 35.49
CA ILE T 347 9.13 -38.01 34.70
C ILE T 347 8.29 -37.61 33.49
N THR T 348 7.09 -37.07 33.76
CA THR T 348 6.18 -36.67 32.70
C THR T 348 6.77 -35.54 31.85
N ASP T 349 6.46 -35.56 30.56
CA ASP T 349 6.93 -34.55 29.63
C ASP T 349 5.92 -33.41 29.50
N GLY T 350 5.89 -32.52 30.50
CA GLY T 350 4.99 -31.40 30.48
C GLY T 350 4.12 -31.34 31.72
N GLN T 351 4.00 -30.14 32.30
CA GLN T 351 3.19 -29.94 33.49
C GLN T 351 2.20 -28.79 33.32
N ILE T 352 0.95 -29.03 33.70
CA ILE T 352 -0.07 -27.99 33.66
C ILE T 352 -0.40 -27.52 35.08
N PHE T 353 0.41 -26.60 35.58
CA PHE T 353 0.26 -26.13 36.96
C PHE T 353 -0.95 -25.23 37.15
N LEU T 354 -1.86 -25.67 38.01
CA LEU T 354 -3.05 -24.89 38.35
C LEU T 354 -2.86 -24.15 39.66
N GLU T 355 -2.61 -22.85 39.56
CA GLU T 355 -2.41 -22.02 40.74
C GLU T 355 -3.74 -21.70 41.41
N ALA T 356 -3.70 -21.46 42.72
CA ALA T 356 -4.90 -21.15 43.49
C ALA T 356 -5.16 -19.65 43.50
N GLU T 357 -4.10 -18.87 43.37
CA GLU T 357 -4.21 -17.42 43.36
C GLU T 357 -5.07 -16.94 42.18
N LEU T 358 -4.93 -17.62 41.05
CA LEU T 358 -5.66 -17.28 39.84
C LEU T 358 -7.08 -17.84 39.87
N PHE T 359 -7.24 -18.99 40.52
CA PHE T 359 -8.55 -19.62 40.64
C PHE T 359 -9.44 -18.79 41.55
N TYR T 360 -8.82 -18.13 42.53
CA TYR T 360 -9.55 -17.27 43.46
C TYR T 360 -10.02 -16.00 42.77
N LYS T 361 -9.36 -15.64 41.67
CA LYS T 361 -9.71 -14.46 40.91
C LYS T 361 -10.91 -14.73 40.00
N GLY T 362 -10.69 -15.54 38.97
CA GLY T 362 -11.74 -15.88 38.03
C GLY T 362 -11.21 -16.71 36.88
N ILE T 363 -9.90 -16.66 36.67
CA ILE T 363 -9.26 -17.42 35.60
C ILE T 363 -9.53 -18.91 35.77
N ARG T 364 -10.47 -19.43 34.99
CA ARG T 364 -10.80 -20.85 35.05
C ARG T 364 -10.91 -21.45 33.65
N PRO T 365 -10.07 -22.46 33.36
CA PRO T 365 -9.07 -23.02 34.28
C PRO T 365 -7.95 -22.04 34.62
N ALA T 366 -7.39 -22.16 35.81
CA ALA T 366 -6.34 -21.26 36.27
C ALA T 366 -4.95 -21.78 35.90
N ILE T 367 -4.63 -21.75 34.61
CA ILE T 367 -3.33 -22.23 34.15
C ILE T 367 -2.24 -21.21 34.45
N ASN T 368 -1.16 -21.67 35.08
CA ASN T 368 0.00 -20.82 35.30
C ASN T 368 0.95 -20.90 34.12
N VAL T 369 0.78 -19.99 33.16
CA VAL T 369 1.53 -20.02 31.92
C VAL T 369 3.05 -20.12 32.14
N GLY T 370 3.52 -19.57 33.25
CA GLY T 370 4.94 -19.57 33.55
C GLY T 370 5.50 -20.94 33.87
N LEU T 371 4.72 -21.72 34.63
CA LEU T 371 5.15 -23.05 35.04
C LEU T 371 4.54 -24.14 34.16
N SER T 372 3.54 -23.75 33.36
CA SER T 372 2.90 -24.69 32.45
C SER T 372 3.65 -24.74 31.12
N VAL T 373 4.02 -25.94 30.69
CA VAL T 373 4.73 -26.10 29.43
C VAL T 373 4.68 -27.55 28.93
N SER T 374 4.09 -27.74 27.75
CA SER T 374 4.08 -29.04 27.11
C SER T 374 5.33 -29.22 26.26
N ARG T 375 6.07 -30.30 26.50
CA ARG T 375 7.36 -30.49 25.85
C ARG T 375 7.25 -31.07 24.45
N VAL T 376 6.03 -31.10 23.92
CA VAL T 376 5.79 -31.47 22.53
C VAL T 376 4.65 -30.62 21.97
N GLY T 377 4.93 -29.33 21.78
CA GLY T 377 3.93 -28.38 21.35
C GLY T 377 3.37 -28.64 19.96
N SER T 378 3.93 -27.96 18.97
CA SER T 378 3.47 -28.09 17.59
C SER T 378 3.35 -29.54 17.15
N ALA T 379 4.27 -30.38 17.63
CA ALA T 379 4.31 -31.79 17.27
C ALA T 379 2.98 -32.51 17.53
N ALA T 380 2.29 -32.12 18.59
CA ALA T 380 1.04 -32.77 18.96
C ALA T 380 -0.16 -31.82 18.86
N GLN T 381 0.04 -30.72 18.15
CA GLN T 381 -1.02 -29.72 18.02
C GLN T 381 -1.51 -29.62 16.57
N VAL T 382 -2.79 -29.31 16.41
CA VAL T 382 -3.38 -29.15 15.09
C VAL T 382 -2.75 -27.95 14.38
N LYS T 383 -2.38 -28.12 13.12
CA LYS T 383 -1.72 -27.06 12.37
C LYS T 383 -2.62 -25.83 12.19
N ALA T 384 -3.91 -26.00 12.43
CA ALA T 384 -4.84 -24.87 12.40
C ALA T 384 -4.64 -24.00 13.64
N LEU T 385 -4.47 -24.66 14.78
CA LEU T 385 -4.20 -23.96 16.04
C LEU T 385 -2.76 -23.49 16.08
N LYS T 386 -1.88 -24.22 15.42
CA LYS T 386 -0.45 -23.89 15.40
C LYS T 386 -0.18 -22.57 14.70
N GLN T 387 -1.01 -22.22 13.72
CA GLN T 387 -0.81 -21.00 12.96
C GLN T 387 -1.43 -19.78 13.66
N VAL T 388 -2.69 -19.90 14.07
CA VAL T 388 -3.38 -18.81 14.75
C VAL T 388 -2.67 -18.43 16.05
N ALA T 389 -2.15 -19.42 16.75
CA ALA T 389 -1.44 -19.18 18.01
C ALA T 389 0.07 -19.09 17.78
N GLY T 390 0.55 -17.88 17.52
CA GLY T 390 1.96 -17.66 17.27
C GLY T 390 2.74 -17.43 18.56
N SER T 391 3.16 -18.51 19.20
CA SER T 391 3.93 -18.43 20.44
C SER T 391 3.18 -17.67 21.53
N LEU T 392 1.92 -18.06 21.73
CA LEU T 392 1.08 -17.39 22.71
C LEU T 392 1.54 -17.64 24.14
N LYS T 393 2.32 -18.71 24.33
CA LYS T 393 2.75 -19.12 25.67
C LYS T 393 3.75 -18.15 26.27
N LEU T 394 4.74 -17.74 25.50
CA LEU T 394 5.81 -16.87 26.02
C LEU T 394 5.40 -15.41 26.15
N PHE T 395 4.36 -15.02 25.43
CA PHE T 395 3.84 -13.65 25.55
C PHE T 395 3.07 -13.48 26.84
N LEU T 396 2.18 -14.43 27.12
CA LEU T 396 1.41 -14.42 28.35
C LEU T 396 2.32 -14.59 29.56
N ALA T 397 3.45 -15.25 29.37
CA ALA T 397 4.44 -15.43 30.42
C ALA T 397 5.10 -14.09 30.74
N GLN T 398 5.10 -13.19 29.77
CA GLN T 398 5.65 -11.86 29.93
C GLN T 398 4.61 -10.92 30.53
N TYR T 399 3.38 -11.01 30.03
CA TYR T 399 2.30 -10.15 30.48
C TYR T 399 1.99 -10.35 31.96
N ARG T 400 2.17 -11.57 32.45
CA ARG T 400 1.81 -11.89 33.82
C ARG T 400 2.83 -11.41 34.85
N GLU T 401 4.11 -11.46 34.49
CA GLU T 401 5.17 -11.10 35.42
C GLU T 401 5.33 -9.58 35.55
N VAL T 402 4.64 -8.84 34.70
CA VAL T 402 4.63 -7.39 34.78
C VAL T 402 3.45 -6.90 35.60
N ALA T 403 3.71 -6.01 36.56
CA ALA T 403 2.66 -5.49 37.42
C ALA T 403 3.09 -4.18 38.08
N LEU T 412 1.70 4.91 34.43
CA LEU T 412 1.13 4.49 33.16
C LEU T 412 2.13 4.63 32.03
N ASP T 413 2.11 3.68 31.10
CA ASP T 413 3.03 3.71 29.96
C ASP T 413 2.26 3.97 28.66
N ALA T 414 2.97 3.95 27.54
CA ALA T 414 2.36 4.22 26.25
C ALA T 414 2.51 3.04 25.29
N SER T 415 3.63 2.33 25.40
CA SER T 415 3.92 1.22 24.51
C SER T 415 3.49 -0.12 25.11
N THR T 416 3.82 -0.33 26.38
CA THR T 416 3.53 -1.59 27.06
C THR T 416 2.22 -1.55 27.82
N LYS T 417 1.64 -0.36 27.95
CA LYS T 417 0.35 -0.22 28.60
C LYS T 417 -0.76 -0.53 27.60
N GLN T 418 -0.44 -0.42 26.32
CA GLN T 418 -1.38 -0.72 25.26
C GLN T 418 -1.54 -2.23 25.16
N THR T 419 -0.41 -2.94 25.22
CA THR T 419 -0.42 -4.39 25.19
C THR T 419 -1.03 -4.96 26.47
N LEU T 420 -1.19 -4.10 27.47
CA LEU T 420 -1.77 -4.51 28.74
C LEU T 420 -3.24 -4.82 28.58
N VAL T 421 -3.91 -4.06 27.72
CA VAL T 421 -5.33 -4.27 27.43
C VAL T 421 -5.51 -5.45 26.47
N ARG T 422 -4.42 -5.83 25.82
CA ARG T 422 -4.43 -7.01 24.97
C ARG T 422 -4.51 -8.26 25.83
N GLY T 423 -3.47 -8.46 26.64
CA GLY T 423 -3.40 -9.60 27.54
C GLY T 423 -4.56 -9.64 28.51
N GLU T 424 -5.16 -8.48 28.77
CA GLU T 424 -6.30 -8.40 29.68
C GLU T 424 -7.51 -9.14 29.11
N ARG T 425 -8.00 -8.66 27.98
CA ARG T 425 -9.13 -9.30 27.31
C ARG T 425 -8.70 -10.60 26.64
N LEU T 426 -7.42 -10.93 26.81
CA LEU T 426 -6.86 -12.16 26.28
C LEU T 426 -7.06 -13.30 27.26
N THR T 427 -6.67 -13.09 28.50
CA THR T 427 -6.81 -14.09 29.55
C THR T 427 -8.28 -14.23 29.96
N GLN T 428 -9.05 -13.17 29.71
CA GLN T 428 -10.46 -13.17 30.03
C GLN T 428 -11.23 -14.01 29.02
N LEU T 429 -10.64 -14.18 27.84
CA LEU T 429 -11.27 -14.92 26.76
C LEU T 429 -11.14 -16.43 26.95
N LEU T 430 -10.02 -16.85 27.53
CA LEU T 430 -9.77 -18.26 27.77
C LEU T 430 -10.49 -18.75 29.03
N LYS T 431 -11.23 -17.86 29.66
CA LYS T 431 -12.03 -18.21 30.83
C LYS T 431 -13.20 -19.09 30.41
N GLN T 432 -12.98 -20.40 30.44
CA GLN T 432 -13.98 -21.35 29.99
C GLN T 432 -14.67 -22.04 31.16
N ASN T 433 -16.00 -22.18 31.07
CA ASN T 433 -16.79 -22.82 32.11
C ASN T 433 -16.71 -24.34 32.03
N GLN T 434 -17.16 -25.01 33.09
CA GLN T 434 -17.06 -26.46 33.17
C GLN T 434 -18.14 -27.15 32.34
N TYR T 435 -17.80 -28.32 31.80
CA TYR T 435 -18.71 -29.12 30.98
C TYR T 435 -19.11 -28.38 29.70
N SER T 436 -18.14 -27.71 29.08
CA SER T 436 -18.42 -26.96 27.86
C SER T 436 -17.35 -27.19 26.79
N PRO T 437 -17.36 -28.39 26.18
CA PRO T 437 -16.39 -28.75 25.13
C PRO T 437 -16.48 -27.81 23.93
N LEU T 438 -15.36 -27.59 23.26
CA LEU T 438 -15.32 -26.75 22.07
C LEU T 438 -14.54 -27.43 20.96
N ALA T 439 -14.89 -27.11 19.72
CA ALA T 439 -14.26 -27.70 18.55
C ALA T 439 -13.03 -26.92 18.11
N THR T 440 -12.10 -27.61 17.45
CA THR T 440 -10.87 -27.00 16.99
C THR T 440 -11.15 -25.82 16.05
N GLU T 441 -12.21 -25.94 15.26
CA GLU T 441 -12.58 -24.89 14.31
C GLU T 441 -13.20 -23.68 15.01
N GLU T 442 -13.68 -23.89 16.23
CA GLU T 442 -14.29 -22.81 17.01
C GLU T 442 -13.25 -22.03 17.79
N GLN T 443 -12.12 -22.68 18.07
CA GLN T 443 -11.06 -22.07 18.86
C GLN T 443 -10.12 -21.23 17.99
N VAL T 444 -9.90 -21.69 16.76
CA VAL T 444 -8.96 -21.02 15.85
C VAL T 444 -9.32 -19.57 15.51
N PRO T 445 -10.62 -19.24 15.47
CA PRO T 445 -10.95 -17.84 15.21
C PRO T 445 -10.69 -16.98 16.44
N LEU T 446 -11.08 -17.48 17.61
CA LEU T 446 -10.91 -16.76 18.86
C LEU T 446 -9.44 -16.47 19.16
N ILE T 447 -8.58 -17.45 18.89
CA ILE T 447 -7.15 -17.28 19.10
C ILE T 447 -6.60 -16.19 18.17
N TYR T 448 -7.04 -16.21 16.92
CA TYR T 448 -6.62 -15.23 15.94
C TYR T 448 -7.10 -13.84 16.34
N ALA T 449 -8.32 -13.77 16.85
CA ALA T 449 -8.88 -12.52 17.33
C ALA T 449 -8.03 -11.94 18.46
N GLY T 450 -7.36 -12.82 19.19
CA GLY T 450 -6.49 -12.41 20.28
C GLY T 450 -5.18 -11.83 19.78
N VAL T 451 -4.32 -12.69 19.24
CA VAL T 451 -3.02 -12.26 18.75
C VAL T 451 -3.15 -11.12 17.75
N GLY T 453 -4.61 -8.21 17.97
CA GLY T 453 -5.71 -7.72 18.78
C GLY T 453 -6.89 -7.27 17.94
N HIS T 454 -8.03 -7.95 18.11
CA HIS T 454 -9.23 -7.64 17.34
C HIS T 454 -10.43 -7.35 18.22
N LEU T 455 -10.62 -8.16 19.26
CA LEU T 455 -11.76 -7.99 20.15
C LEU T 455 -11.43 -7.07 21.32
N ASP T 456 -11.06 -5.84 20.99
CA ASP T 456 -10.71 -4.85 22.00
C ASP T 456 -11.87 -3.88 22.25
N GLY T 457 -12.64 -3.62 21.21
CA GLY T 457 -13.72 -2.66 21.26
C GLY T 457 -14.84 -3.03 22.22
N ILE T 458 -15.07 -4.33 22.39
CA ILE T 458 -16.13 -4.80 23.27
C ILE T 458 -15.78 -4.49 24.73
N GLU T 459 -16.75 -3.97 25.47
CA GLU T 459 -16.54 -3.65 26.87
C GLU T 459 -16.22 -4.90 27.69
N LEU T 460 -15.50 -4.71 28.79
CA LEU T 460 -15.07 -5.82 29.65
C LEU T 460 -16.23 -6.36 30.46
N SER T 461 -17.18 -7.03 29.80
CA SER T 461 -18.34 -7.57 30.48
C SER T 461 -19.06 -8.61 29.61
N ARG T 462 -18.91 -8.46 28.30
CA ARG T 462 -19.53 -9.40 27.37
C ARG T 462 -18.53 -9.90 26.33
N ILE T 463 -17.27 -10.05 26.75
CA ILE T 463 -16.22 -10.56 25.89
C ILE T 463 -16.45 -12.04 25.61
N GLY T 464 -16.85 -12.78 26.63
CA GLY T 464 -17.16 -14.19 26.47
C GLY T 464 -18.56 -14.37 25.90
N GLU T 465 -19.33 -13.29 25.92
CA GLU T 465 -20.69 -13.31 25.37
C GLU T 465 -20.66 -13.27 23.84
N PHE T 466 -19.55 -12.81 23.29
CA PHE T 466 -19.36 -12.79 21.83
C PHE T 466 -18.98 -14.19 21.36
N GLU T 467 -18.34 -14.95 22.23
CA GLU T 467 -17.92 -16.31 21.92
C GLU T 467 -19.12 -17.17 21.56
N SER T 468 -20.29 -16.81 22.10
CA SER T 468 -21.53 -17.52 21.81
C SER T 468 -22.35 -16.80 20.75
N SER T 469 -22.06 -15.52 20.55
CA SER T 469 -22.76 -14.73 19.55
C SER T 469 -22.19 -14.99 18.16
N PHE T 470 -20.94 -15.43 18.11
CA PHE T 470 -20.29 -15.76 16.84
C PHE T 470 -20.51 -17.23 16.50
N LEU T 471 -20.84 -18.03 17.52
CA LEU T 471 -21.13 -19.44 17.32
C LEU T 471 -22.42 -19.60 16.52
N SER T 472 -23.40 -18.76 16.82
CA SER T 472 -24.70 -18.83 16.17
C SER T 472 -24.64 -18.28 14.75
N TYR T 473 -23.65 -17.42 14.48
CA TYR T 473 -23.48 -16.86 13.15
C TYR T 473 -22.89 -17.89 12.20
N LEU T 474 -22.24 -18.91 12.77
CA LEU T 474 -21.64 -19.98 11.99
C LEU T 474 -22.66 -21.11 11.78
N LYS T 475 -23.73 -21.09 12.55
CA LYS T 475 -24.76 -22.12 12.47
C LYS T 475 -25.41 -22.17 11.10
N SER T 476 -25.80 -21.01 10.58
CA SER T 476 -26.49 -20.95 9.29
C SER T 476 -25.87 -19.93 8.34
N ASN T 477 -25.34 -18.85 8.90
CA ASN T 477 -24.79 -17.75 8.09
C ASN T 477 -23.40 -18.04 7.55
N HIS T 478 -22.61 -18.80 8.30
CA HIS T 478 -21.25 -19.15 7.89
C HIS T 478 -20.91 -20.60 8.20
N ASN T 479 -21.77 -21.51 7.75
CA ASN T 479 -21.54 -22.94 7.95
C ASN T 479 -20.40 -23.44 7.07
N GLU T 480 -19.94 -22.58 6.17
CA GLU T 480 -18.92 -22.94 5.19
C GLU T 480 -17.54 -23.13 5.83
N LEU T 481 -17.04 -22.07 6.48
CA LEU T 481 -15.71 -22.09 7.07
C LEU T 481 -15.55 -23.21 8.08
N LEU T 482 -16.63 -23.57 8.76
CA LEU T 482 -16.60 -24.61 9.78
C LEU T 482 -16.16 -25.95 9.22
N THR T 483 -16.85 -26.39 8.17
CA THR T 483 -16.57 -27.70 7.57
C THR T 483 -15.19 -27.76 6.91
N GLU T 484 -14.67 -26.61 6.52
CA GLU T 484 -13.36 -26.55 5.87
C GLU T 484 -12.23 -26.86 6.84
N ILE T 485 -12.24 -26.18 8.00
CA ILE T 485 -11.23 -26.40 9.02
C ILE T 485 -11.34 -27.80 9.62
N ARG T 486 -12.57 -28.29 9.74
CA ARG T 486 -12.82 -29.61 10.31
C ARG T 486 -12.21 -30.72 9.48
N GLU T 487 -12.47 -30.69 8.18
CA GLU T 487 -12.04 -31.75 7.27
C GLU T 487 -10.56 -31.63 6.89
N LYS T 488 -10.15 -30.43 6.50
CA LYS T 488 -8.76 -30.19 6.13
C LYS T 488 -7.84 -30.27 7.35
N GLY T 489 -8.07 -29.38 8.30
CA GLY T 489 -7.30 -29.38 9.54
C GLY T 489 -6.21 -28.33 9.58
N GLU T 490 -5.78 -27.87 8.42
CA GLU T 490 -4.73 -26.87 8.33
C GLU T 490 -5.29 -25.52 7.89
N LEU T 491 -4.43 -24.51 7.86
CA LEU T 491 -4.81 -23.18 7.41
C LEU T 491 -4.06 -22.81 6.13
N SER T 492 -4.83 -22.55 5.07
CA SER T 492 -4.24 -22.24 3.76
C SER T 492 -4.29 -20.75 3.47
N LYS T 493 -3.50 -20.32 2.48
CA LYS T 493 -3.51 -18.92 2.06
C LYS T 493 -4.90 -18.51 1.59
N GLU T 494 -5.61 -19.47 0.99
CA GLU T 494 -6.96 -19.23 0.49
C GLU T 494 -7.91 -18.92 1.64
N LEU T 495 -7.76 -19.65 2.74
CA LEU T 495 -8.66 -19.55 3.88
C LEU T 495 -8.20 -18.49 4.89
N LEU T 496 -6.92 -18.14 4.83
CA LEU T 496 -6.35 -17.19 5.78
C LEU T 496 -6.88 -15.78 5.56
N ALA T 497 -6.91 -15.36 4.30
CA ALA T 497 -7.40 -14.02 3.95
C ALA T 497 -8.90 -13.92 4.17
N SER T 498 -9.62 -14.99 3.85
CA SER T 498 -11.07 -15.02 4.00
C SER T 498 -11.46 -14.93 5.47
N LEU T 499 -10.49 -15.16 6.35
CA LEU T 499 -10.73 -15.12 7.79
C LEU T 499 -10.91 -13.69 8.29
N LYS T 500 -10.04 -12.79 7.83
CA LYS T 500 -10.07 -11.40 8.28
C LYS T 500 -11.42 -10.72 8.05
N SER T 501 -12.10 -11.11 6.97
CA SER T 501 -13.36 -10.49 6.61
C SER T 501 -14.48 -10.85 7.60
N ALA T 502 -14.49 -12.11 8.01
CA ALA T 502 -15.53 -12.60 8.91
C ALA T 502 -15.36 -12.07 10.34
N THR T 503 -14.20 -11.50 10.61
CA THR T 503 -13.90 -10.96 11.94
C THR T 503 -14.28 -9.49 12.05
N GLU T 504 -14.06 -8.74 10.97
CA GLU T 504 -14.35 -7.31 10.95
C GLU T 504 -15.84 -7.02 10.97
N SER T 505 -16.61 -7.86 10.29
CA SER T 505 -18.06 -7.67 10.21
C SER T 505 -18.69 -7.40 11.57
N PHE T 506 -18.11 -7.99 12.61
CA PHE T 506 -18.61 -7.81 13.97
C PHE T 506 -17.79 -6.80 14.76
N VAL T 507 -18.27 -5.55 14.80
CA VAL T 507 -17.63 -4.50 15.57
C VAL T 507 -18.66 -3.57 16.19
N ALA T 508 -19.61 -3.13 15.35
CA ALA T 508 -20.66 -2.21 15.81
C ALA T 508 -22.05 -2.79 15.57
N THR T 509 -22.10 -3.96 14.96
CA THR T 509 -23.38 -4.61 14.65
C THR T 509 -24.02 -5.19 15.91
N ASN U 26 47.10 -72.13 63.48
CA ASN U 26 47.45 -70.75 63.81
C ASN U 26 46.20 -69.87 63.89
N LEU U 27 46.14 -69.01 64.90
CA LEU U 27 44.99 -68.15 65.10
C LEU U 27 45.35 -66.85 65.82
N ASN U 28 46.36 -66.92 66.69
CA ASN U 28 46.78 -65.76 67.46
C ASN U 28 47.68 -64.81 66.68
N GLU U 29 48.03 -65.19 65.46
CA GLU U 29 48.90 -64.37 64.62
C GLU U 29 48.29 -64.14 63.24
N THR U 30 47.34 -64.99 62.86
CA THR U 30 46.66 -64.85 61.59
C THR U 30 45.16 -65.13 61.75
N GLY U 31 44.37 -64.75 60.75
CA GLY U 31 42.94 -64.95 60.80
C GLY U 31 42.34 -65.32 59.45
N ARG U 32 41.06 -65.69 59.45
CA ARG U 32 40.35 -66.02 58.22
C ARG U 32 39.09 -65.17 58.07
N VAL U 33 38.65 -65.00 56.82
CA VAL U 33 37.51 -64.13 56.54
C VAL U 33 36.17 -64.88 56.62
N LEU U 34 35.20 -64.26 57.28
CA LEU U 34 33.87 -64.84 57.44
C LEU U 34 32.88 -64.22 56.45
N ALA U 35 32.96 -62.90 56.30
CA ALA U 35 32.08 -62.16 55.40
C ALA U 35 32.74 -60.87 54.96
N VAL U 36 32.58 -60.51 53.68
CA VAL U 36 33.26 -59.34 53.14
C VAL U 36 32.35 -58.54 52.20
N GLY U 37 32.65 -57.25 52.07
CA GLY U 37 31.89 -56.38 51.19
C GLY U 37 31.89 -54.93 51.66
N ASP U 38 31.79 -54.01 50.71
CA ASP U 38 31.72 -52.58 51.01
C ASP U 38 32.84 -52.11 51.94
N GLY U 39 34.07 -52.42 51.57
CA GLY U 39 35.23 -52.00 52.33
C GLY U 39 35.21 -52.46 53.78
N ILE U 40 34.67 -53.65 54.01
CA ILE U 40 34.57 -54.20 55.35
C ILE U 40 34.92 -55.68 55.35
N ALA U 41 35.54 -56.15 56.43
CA ALA U 41 35.93 -57.54 56.54
C ALA U 41 35.68 -58.09 57.95
N ARG U 42 35.02 -59.25 58.01
CA ARG U 42 34.78 -59.93 59.28
C ARG U 42 35.73 -61.12 59.42
N VAL U 43 36.86 -60.90 60.08
CA VAL U 43 37.89 -61.93 60.19
C VAL U 43 37.86 -62.66 61.54
N PHE U 44 37.96 -63.98 61.48
CA PHE U 44 37.97 -64.81 62.68
C PHE U 44 39.41 -65.08 63.12
N GLY U 45 39.70 -64.78 64.39
CA GLY U 45 41.03 -64.99 64.93
C GLY U 45 41.71 -63.69 65.31
N LEU U 46 43.03 -63.65 65.14
CA LEU U 46 43.79 -62.45 65.48
C LEU U 46 43.62 -62.06 66.94
N ASN U 47 43.81 -63.04 67.84
CA ASN U 47 43.61 -62.82 69.26
C ASN U 47 44.67 -61.90 69.86
N ASN U 48 45.89 -61.98 69.34
CA ASN U 48 47.00 -61.18 69.85
C ASN U 48 47.09 -59.81 69.17
N ILE U 49 46.10 -59.49 68.35
CA ILE U 49 46.13 -58.26 67.57
C ILE U 49 45.94 -57.02 68.43
N GLN U 50 46.32 -55.86 67.89
CA GLN U 50 46.21 -54.60 68.61
C GLN U 50 45.01 -53.78 68.13
N ALA U 51 44.88 -52.57 68.67
CA ALA U 51 43.84 -51.65 68.27
C ALA U 51 44.40 -50.66 67.26
N GLU U 52 43.81 -50.62 66.07
CA GLU U 52 44.28 -49.76 64.99
C GLU U 52 45.55 -50.30 64.35
N GLU U 53 45.63 -51.62 64.19
CA GLU U 53 46.81 -52.26 63.64
C GLU U 53 46.64 -52.58 62.16
N LEU U 54 47.63 -52.18 61.36
CA LEU U 54 47.62 -52.46 59.94
C LEU U 54 47.73 -53.95 59.68
N VAL U 55 46.85 -54.49 58.85
CA VAL U 55 46.83 -55.92 58.59
C VAL U 55 46.70 -56.23 57.09
N GLU U 56 47.76 -56.81 56.53
CA GLU U 56 47.78 -57.16 55.11
C GLU U 56 46.92 -58.38 54.80
N PHE U 57 46.60 -58.55 53.53
CA PHE U 57 45.90 -59.74 53.06
C PHE U 57 46.83 -60.52 52.13
N SER U 58 46.44 -61.73 51.79
CA SER U 58 47.25 -62.57 50.90
C SER U 58 47.11 -62.11 49.46
N SER U 59 45.92 -61.62 49.11
CA SER U 59 45.66 -61.16 47.75
C SER U 59 46.39 -59.85 47.44
N GLY U 60 46.85 -59.17 48.49
CA GLY U 60 47.60 -57.95 48.32
C GLY U 60 47.09 -56.78 49.13
N VAL U 61 45.83 -56.44 48.94
CA VAL U 61 45.22 -55.28 49.61
C VAL U 61 45.50 -55.27 51.11
N LYS U 62 45.74 -54.07 51.66
CA LYS U 62 46.00 -53.91 53.09
C LYS U 62 44.74 -53.52 53.84
N GLY U 63 44.79 -53.61 55.17
CA GLY U 63 43.65 -53.29 56.00
C GLY U 63 44.07 -52.73 57.36
N MET U 64 43.08 -52.27 58.12
CA MET U 64 43.33 -51.71 59.46
C MET U 64 42.15 -52.02 60.38
N ALA U 65 42.43 -52.74 61.47
CA ALA U 65 41.38 -53.17 62.38
C ALA U 65 40.87 -52.04 63.28
N LEU U 66 39.58 -52.06 63.57
CA LEU U 66 38.96 -51.06 64.42
C LEU U 66 37.93 -51.67 65.37
N ASN U 67 37.25 -52.73 64.92
CA ASN U 67 36.26 -53.41 65.73
C ASN U 67 36.74 -54.75 66.28
N LEU U 68 37.46 -54.69 67.41
CA LEU U 68 37.96 -55.90 68.04
C LEU U 68 36.90 -56.52 68.95
N GLU U 69 35.89 -57.13 68.34
CA GLU U 69 34.81 -57.76 69.09
C GLU U 69 35.24 -59.13 69.62
N PRO U 70 34.49 -59.67 70.60
CA PRO U 70 34.80 -60.97 71.17
C PRO U 70 34.89 -62.07 70.13
N GLY U 71 33.89 -62.15 69.25
CA GLY U 71 33.82 -63.21 68.27
C GLY U 71 34.64 -62.99 67.02
N GLN U 72 34.64 -61.76 66.51
CA GLN U 72 35.30 -61.45 65.25
C GLN U 72 36.16 -60.20 65.33
N VAL U 73 36.67 -59.79 64.18
CA VAL U 73 37.48 -58.58 64.06
C VAL U 73 37.00 -57.72 62.89
N GLY U 74 36.76 -56.44 63.15
CA GLY U 74 36.33 -55.52 62.12
C GLY U 74 37.51 -54.86 61.43
N ILE U 75 37.58 -55.03 60.11
CA ILE U 75 38.70 -54.48 59.34
C ILE U 75 38.20 -53.67 58.15
N VAL U 76 38.73 -52.46 58.00
CA VAL U 76 38.38 -51.59 56.88
C VAL U 76 39.44 -51.62 55.78
N LEU U 77 39.01 -51.98 54.56
CA LEU U 77 39.93 -52.15 53.45
C LEU U 77 40.42 -50.82 52.89
N PHE U 78 41.71 -50.76 52.54
CA PHE U 78 42.28 -49.62 51.86
C PHE U 78 42.15 -49.80 50.36
N GLY U 79 41.68 -50.97 49.95
CA GLY U 79 41.56 -51.30 48.53
C GLY U 79 40.27 -51.99 48.15
N SER U 80 40.28 -52.62 46.98
CA SER U 80 39.09 -53.25 46.42
C SER U 80 38.52 -54.34 47.32
N ASP U 81 37.30 -54.78 47.00
CA ASP U 81 36.61 -55.80 47.80
C ASP U 81 36.67 -57.16 47.12
N ARG U 82 36.71 -57.15 45.78
CA ARG U 82 36.73 -58.39 45.01
C ARG U 82 37.99 -59.19 45.28
N LEU U 83 39.05 -58.50 45.69
CA LEU U 83 40.31 -59.18 46.04
C LEU U 83 40.06 -60.14 47.18
N VAL U 84 39.50 -59.63 48.27
CA VAL U 84 39.21 -60.44 49.45
C VAL U 84 38.01 -61.33 49.19
N LYS U 85 38.14 -62.62 49.52
CA LYS U 85 37.04 -63.56 49.40
C LYS U 85 36.65 -64.11 50.77
N GLU U 86 35.71 -65.05 50.78
CA GLU U 86 35.29 -65.67 52.03
C GLU U 86 36.19 -66.83 52.41
N GLY U 87 37.12 -66.58 53.33
CA GLY U 87 38.06 -67.60 53.78
C GLY U 87 39.46 -67.36 53.29
N GLU U 88 39.97 -66.15 53.51
CA GLU U 88 41.32 -65.79 53.08
C GLU U 88 42.24 -65.53 54.27
N LEU U 89 43.53 -65.65 54.03
CA LEU U 89 44.54 -65.48 55.08
C LEU U 89 44.82 -64.00 55.37
N VAL U 90 44.93 -63.66 56.65
CA VAL U 90 45.20 -62.30 57.08
C VAL U 90 46.37 -62.26 58.07
N LYS U 91 47.28 -61.31 57.89
CA LYS U 91 48.47 -61.24 58.71
C LYS U 91 48.60 -59.90 59.44
N ARG U 92 49.25 -59.94 60.61
CA ARG U 92 49.55 -58.72 61.35
C ARG U 92 50.77 -58.04 60.75
N THR U 93 51.02 -56.81 61.18
CA THR U 93 52.19 -56.07 60.71
C THR U 93 53.08 -55.69 61.89
N GLY U 94 52.45 -55.52 63.05
CA GLY U 94 53.16 -55.07 64.24
C GLY U 94 53.32 -53.56 64.21
N ASN U 95 52.77 -52.94 63.18
CA ASN U 95 52.84 -51.50 63.00
C ASN U 95 51.49 -50.82 63.04
N ILE U 96 51.43 -49.71 63.75
CA ILE U 96 50.27 -48.82 63.66
C ILE U 96 50.55 -47.83 62.53
N VAL U 97 49.69 -47.82 61.52
CA VAL U 97 49.94 -47.09 60.30
C VAL U 97 50.87 -45.88 60.46
N ASP U 98 51.92 -45.84 59.64
CA ASP U 98 52.95 -44.83 59.74
C ASP U 98 53.39 -44.32 58.37
N VAL U 99 53.79 -43.06 58.32
CA VAL U 99 54.28 -42.45 57.08
C VAL U 99 55.64 -41.78 57.29
N PRO U 100 56.47 -41.80 56.24
CA PRO U 100 57.80 -41.16 56.27
C PRO U 100 57.70 -39.64 56.42
N VAL U 101 58.51 -39.08 57.31
CA VAL U 101 58.50 -37.64 57.53
C VAL U 101 59.90 -37.04 57.37
N GLY U 102 60.00 -35.99 56.57
CA GLY U 102 61.27 -35.35 56.32
C GLY U 102 61.18 -34.25 55.26
N PRO U 103 62.33 -33.85 54.72
CA PRO U 103 62.42 -32.79 53.71
C PRO U 103 62.21 -33.35 52.31
N GLY U 104 62.54 -34.62 52.11
CA GLY U 104 62.50 -35.24 50.80
C GLY U 104 61.11 -35.42 50.23
N LEU U 105 60.13 -34.81 50.88
CA LEU U 105 58.75 -34.85 50.41
C LEU U 105 58.38 -33.55 49.69
N LEU U 106 59.15 -32.50 49.95
CA LEU U 106 58.94 -31.21 49.30
C LEU U 106 58.99 -31.35 47.79
N GLY U 107 58.17 -30.56 47.10
CA GLY U 107 58.13 -30.58 45.65
C GLY U 107 57.64 -31.88 45.10
N ARG U 108 57.07 -32.73 45.96
CA ARG U 108 56.57 -34.03 45.56
C ARG U 108 55.12 -34.22 45.97
N VAL U 109 54.47 -35.23 45.38
CA VAL U 109 53.09 -35.54 45.71
C VAL U 109 52.96 -37.00 46.15
N VAL U 110 52.42 -37.20 47.36
CA VAL U 110 52.22 -38.54 47.89
C VAL U 110 50.79 -38.73 48.35
N ASP U 111 50.41 -39.97 48.62
CA ASP U 111 49.06 -40.29 49.07
C ASP U 111 48.99 -40.43 50.59
N ALA U 112 48.07 -41.25 51.07
CA ALA U 112 47.86 -41.42 52.51
C ALA U 112 48.91 -42.33 53.15
N LEU U 113 49.38 -43.31 52.39
CA LEU U 113 50.33 -44.29 52.92
C LEU U 113 51.78 -43.81 52.81
N GLY U 114 51.96 -42.62 52.23
CA GLY U 114 53.29 -42.05 52.09
C GLY U 114 53.95 -42.38 50.77
N ASN U 115 53.28 -43.21 49.97
CA ASN U 115 53.80 -43.63 48.68
C ASN U 115 53.69 -42.54 47.62
N PRO U 116 54.74 -42.40 46.79
CA PRO U 116 54.74 -41.43 45.69
C PRO U 116 53.65 -41.72 44.67
N ILE U 117 52.99 -40.68 44.17
CA ILE U 117 51.94 -40.84 43.18
C ILE U 117 52.09 -39.85 42.03
N ASP U 118 53.08 -38.97 42.15
CA ASP U 118 53.32 -37.94 41.14
C ASP U 118 54.09 -38.51 39.95
N GLY U 119 54.91 -39.54 40.21
CA GLY U 119 55.68 -40.17 39.16
C GLY U 119 57.08 -39.58 39.01
N LYS U 120 57.84 -39.59 40.11
CA LYS U 120 59.21 -39.11 40.10
C LYS U 120 60.14 -40.06 40.85
N GLY U 121 59.72 -41.32 40.96
CA GLY U 121 60.50 -42.33 41.65
C GLY U 121 60.17 -42.39 43.13
N PRO U 122 61.18 -42.71 43.96
CA PRO U 122 61.04 -42.80 45.41
C PRO U 122 61.24 -41.45 46.10
N ILE U 123 60.92 -41.39 47.39
CA ILE U 123 61.11 -40.18 48.18
C ILE U 123 62.23 -40.37 49.19
N ASP U 124 62.92 -39.28 49.53
CA ASP U 124 64.01 -39.33 50.49
C ASP U 124 63.49 -39.32 51.93
N ALA U 125 62.96 -40.45 52.36
CA ALA U 125 62.42 -40.58 53.72
C ALA U 125 63.52 -40.40 54.77
N ALA U 126 63.34 -39.39 55.62
CA ALA U 126 64.30 -39.12 56.68
C ALA U 126 63.73 -39.55 58.03
N GLY U 127 63.19 -40.76 58.08
CA GLY U 127 62.57 -41.28 59.29
C GLY U 127 61.08 -41.49 59.08
N ARG U 128 60.42 -42.12 60.04
CA ARG U 128 58.99 -42.39 59.94
C ARG U 128 58.28 -42.13 61.26
N SER U 129 57.04 -41.65 61.15
CA SER U 129 56.23 -41.35 62.34
C SER U 129 54.85 -41.99 62.20
N ARG U 130 54.21 -42.24 63.34
CA ARG U 130 52.87 -42.81 63.35
C ARG U 130 51.87 -41.85 62.72
N ALA U 131 50.63 -42.33 62.54
CA ALA U 131 49.56 -41.50 62.02
C ALA U 131 48.99 -40.62 63.12
N GLN U 132 48.64 -41.23 64.24
CA GLN U 132 48.07 -40.50 65.38
C GLN U 132 49.14 -40.04 66.36
N VAL U 133 49.52 -38.77 66.25
CA VAL U 133 50.50 -38.18 67.14
C VAL U 133 49.81 -37.37 68.24
N LYS U 134 50.36 -37.43 69.46
CA LYS U 134 49.81 -36.68 70.58
C LYS U 134 50.16 -35.20 70.49
N ALA U 135 49.22 -34.35 70.87
CA ALA U 135 49.40 -32.91 70.79
C ALA U 135 50.35 -32.37 71.85
N PRO U 136 50.96 -31.20 71.59
CA PRO U 136 51.86 -30.55 72.54
C PRO U 136 51.17 -30.28 73.88
N GLY U 137 51.84 -30.64 74.97
CA GLY U 137 51.28 -30.46 76.30
C GLY U 137 51.12 -29.00 76.69
N ILE U 138 50.62 -28.77 77.90
CA ILE U 138 50.41 -27.42 78.41
C ILE U 138 51.74 -26.72 78.70
N LEU U 139 52.78 -27.51 78.98
CA LEU U 139 54.07 -26.96 79.35
C LEU U 139 54.91 -26.54 78.14
N PRO U 140 55.11 -27.45 77.17
CA PRO U 140 55.96 -27.14 76.02
C PRO U 140 55.26 -26.26 74.98
N ARG U 141 54.95 -25.02 75.34
CA ARG U 141 54.29 -24.11 74.42
C ARG U 141 54.70 -22.66 74.63
N ARG U 142 54.56 -21.85 73.58
CA ARG U 142 54.92 -20.45 73.62
C ARG U 142 53.76 -19.60 73.11
N SER U 143 53.79 -18.30 73.43
CA SER U 143 52.80 -17.36 72.93
C SER U 143 52.97 -17.15 71.43
N VAL U 144 51.85 -17.02 70.72
CA VAL U 144 51.90 -16.80 69.28
C VAL U 144 52.22 -15.33 68.98
N HIS U 145 53.36 -15.09 68.37
CA HIS U 145 53.82 -13.73 68.10
C HIS U 145 54.16 -13.50 66.64
N GLU U 146 54.68 -14.53 65.98
CA GLU U 146 55.07 -14.44 64.58
C GLU U 146 53.86 -14.38 63.65
N PRO U 147 53.69 -13.23 62.97
CA PRO U 147 52.57 -13.01 62.04
C PRO U 147 52.79 -13.74 60.71
N VAL U 148 51.72 -14.31 60.17
CA VAL U 148 51.78 -14.95 58.86
C VAL U 148 51.26 -13.99 57.79
N GLN U 149 52.19 -13.36 57.07
CA GLN U 149 51.82 -12.43 56.02
C GLN U 149 51.20 -13.16 54.84
N THR U 150 49.89 -13.37 54.92
CA THR U 150 49.16 -14.06 53.87
C THR U 150 49.20 -13.28 52.55
N GLY U 151 49.36 -11.96 52.66
CA GLY U 151 49.43 -11.10 51.50
C GLY U 151 48.11 -10.43 51.19
N LEU U 152 47.02 -10.98 51.72
CA LEU U 152 45.69 -10.45 51.49
C LEU U 152 45.42 -9.25 52.40
N LYS U 153 45.08 -8.11 51.78
CA LYS U 153 44.84 -6.87 52.51
C LYS U 153 43.83 -7.06 53.65
N ALA U 154 42.64 -7.54 53.31
CA ALA U 154 41.57 -7.71 54.29
C ALA U 154 41.98 -8.61 55.46
N VAL U 155 42.48 -9.79 55.13
CA VAL U 155 42.84 -10.78 56.14
C VAL U 155 43.85 -10.26 57.15
N ASP U 156 45.04 -9.91 56.66
CA ASP U 156 46.12 -9.47 57.53
C ASP U 156 45.79 -8.21 58.32
N ALA U 157 44.90 -7.37 57.78
CA ALA U 157 44.59 -6.09 58.41
C ALA U 157 43.40 -6.15 59.35
N LEU U 158 42.63 -7.24 59.29
CA LEU U 158 41.47 -7.39 60.15
C LEU U 158 41.54 -8.68 60.98
N VAL U 159 41.82 -9.79 60.29
CA VAL U 159 41.92 -11.09 60.94
C VAL U 159 43.32 -11.67 60.78
N PRO U 160 44.27 -11.17 61.60
CA PRO U 160 45.69 -11.56 61.53
C PRO U 160 45.91 -13.03 61.85
N ILE U 161 46.70 -13.69 61.01
CA ILE U 161 47.06 -15.09 61.25
C ILE U 161 48.41 -15.15 61.97
N GLY U 162 48.63 -16.22 62.73
CA GLY U 162 49.87 -16.37 63.47
C GLY U 162 50.53 -17.71 63.20
N ARG U 163 51.81 -17.81 63.54
CA ARG U 163 52.55 -19.05 63.37
C ARG U 163 52.39 -19.96 64.58
N GLY U 164 51.64 -21.04 64.40
CA GLY U 164 51.29 -21.92 65.50
C GLY U 164 49.84 -21.69 65.91
N GLN U 165 49.06 -21.16 64.98
CA GLN U 165 47.66 -20.81 65.23
C GLN U 165 46.72 -21.54 64.28
N ARG U 166 45.47 -21.69 64.70
CA ARG U 166 44.45 -22.29 63.85
C ARG U 166 43.42 -21.24 63.43
N GLU U 167 43.25 -21.07 62.12
CA GLU U 167 42.27 -20.14 61.58
C GLU U 167 41.36 -20.85 60.58
N LEU U 168 40.08 -20.94 60.91
CA LEU U 168 39.13 -21.67 60.08
C LEU U 168 38.75 -20.92 58.80
N ILE U 169 38.79 -21.62 57.68
CA ILE U 169 38.28 -21.10 56.42
C ILE U 169 36.93 -21.73 56.15
N ILE U 170 35.86 -20.94 56.27
CA ILE U 170 34.51 -21.47 56.17
C ILE U 170 33.61 -20.63 55.26
N GLY U 171 32.88 -21.30 54.37
CA GLY U 171 31.99 -20.61 53.45
C GLY U 171 31.30 -21.60 52.53
N ASP U 172 30.42 -21.09 51.68
CA ASP U 172 29.67 -21.94 50.75
C ASP U 172 30.57 -22.43 49.63
N ARG U 173 30.02 -23.33 48.80
CA ARG U 173 30.75 -23.82 47.64
C ARG U 173 30.95 -22.70 46.63
N GLN U 174 32.06 -22.73 45.92
CA GLN U 174 32.34 -21.74 44.87
C GLN U 174 32.43 -20.31 45.41
N THR U 175 32.87 -20.18 46.66
CA THR U 175 33.03 -18.86 47.27
C THR U 175 34.50 -18.45 47.32
N GLY U 176 35.38 -19.38 46.94
CA GLY U 176 36.81 -19.11 46.91
C GLY U 176 37.52 -19.42 48.21
N LYS U 177 37.14 -20.52 48.85
CA LYS U 177 37.80 -20.95 50.08
C LYS U 177 39.21 -21.43 49.77
N THR U 178 39.34 -22.24 48.72
CA THR U 178 40.64 -22.72 48.28
C THR U 178 41.52 -21.56 47.82
N ALA U 179 40.88 -20.53 47.28
CA ALA U 179 41.60 -19.38 46.73
C ALA U 179 42.32 -18.59 47.82
N VAL U 180 41.67 -18.43 48.97
CA VAL U 180 42.24 -17.65 50.07
C VAL U 180 43.49 -18.31 50.63
N ALA U 181 43.47 -19.64 50.73
CA ALA U 181 44.62 -20.38 51.23
C ALA U 181 45.74 -20.42 50.20
N LEU U 182 45.39 -20.70 48.96
CA LEU U 182 46.37 -20.80 47.88
C LEU U 182 47.24 -19.55 47.80
N ASP U 183 46.59 -18.39 47.76
CA ASP U 183 47.30 -17.12 47.68
C ASP U 183 48.28 -16.93 48.84
N THR U 184 47.89 -17.42 50.02
CA THR U 184 48.75 -17.35 51.19
C THR U 184 50.00 -18.20 50.97
N ILE U 185 49.80 -19.40 50.46
CA ILE U 185 50.90 -20.31 50.17
C ILE U 185 51.90 -19.65 49.23
N LEU U 186 51.37 -19.05 48.15
CA LEU U 186 52.20 -18.41 47.13
C LEU U 186 52.98 -17.22 47.66
N ASN U 187 52.33 -16.42 48.51
CA ASN U 187 52.96 -15.21 49.03
C ASN U 187 54.13 -15.48 49.96
N GLN U 188 54.27 -16.74 50.39
CA GLN U 188 55.37 -17.12 51.27
C GLN U 188 56.67 -17.26 50.48
N LYS U 189 56.63 -16.88 49.22
CA LYS U 189 57.81 -16.93 48.35
C LYS U 189 58.79 -15.83 48.75
N ARG U 190 58.28 -14.76 49.35
CA ARG U 190 59.10 -13.63 49.75
C ARG U 190 60.21 -14.04 50.71
N TRP U 191 59.96 -15.07 51.52
CA TRP U 191 60.89 -15.47 52.55
C TRP U 191 61.49 -16.85 52.28
N ASN U 192 60.76 -17.68 51.54
CA ASN U 192 61.19 -19.03 51.24
C ASN U 192 62.41 -19.09 50.33
N ASN U 193 62.63 -18.03 49.55
CA ASN U 193 63.79 -17.95 48.67
C ASN U 193 64.98 -17.26 49.36
N GLY U 194 64.71 -16.64 50.49
CA GLY U 194 65.75 -16.00 51.28
C GLY U 194 66.67 -17.02 51.93
N SER U 195 67.64 -16.53 52.69
CA SER U 195 68.61 -17.40 53.34
C SER U 195 68.20 -17.73 54.77
N ASP U 196 67.45 -16.83 55.39
CA ASP U 196 67.03 -17.00 56.78
C ASP U 196 66.07 -18.18 56.91
N GLU U 197 66.18 -18.90 58.02
CA GLU U 197 65.35 -20.09 58.26
C GLU U 197 64.27 -19.81 59.31
N SER U 198 64.30 -18.63 59.90
CA SER U 198 63.32 -18.25 60.91
C SER U 198 62.09 -17.60 60.26
N LYS U 199 62.24 -17.23 59.00
CA LYS U 199 61.16 -16.59 58.26
C LYS U 199 60.60 -17.52 57.19
N LYS U 200 61.20 -18.69 57.05
CA LYS U 200 60.75 -19.67 56.08
C LYS U 200 59.48 -20.38 56.55
N LEU U 201 58.46 -20.35 55.71
CA LEU U 201 57.18 -20.93 56.06
C LEU U 201 56.76 -21.99 55.04
N TYR U 202 57.28 -23.21 55.21
CA TYR U 202 56.94 -24.32 54.34
C TYR U 202 55.43 -24.55 54.34
N CYS U 203 54.96 -25.35 53.40
CA CYS U 203 53.52 -25.57 53.25
C CYS U 203 53.15 -27.02 52.96
N VAL U 204 52.07 -27.48 53.59
CA VAL U 204 51.58 -28.84 53.38
C VAL U 204 50.11 -28.81 53.00
N TYR U 205 49.81 -29.01 51.73
CA TYR U 205 48.44 -28.98 51.24
C TYR U 205 47.81 -30.37 51.22
N VAL U 206 46.72 -30.53 51.98
CA VAL U 206 46.02 -31.80 52.05
C VAL U 206 44.82 -31.82 51.10
N ALA U 207 44.72 -32.86 50.29
CA ALA U 207 43.64 -32.99 49.33
C ALA U 207 42.74 -34.19 49.63
N VAL U 208 41.67 -33.96 50.38
CA VAL U 208 40.74 -35.02 50.76
C VAL U 208 39.48 -34.98 49.91
N GLY U 209 39.08 -36.15 49.40
CA GLY U 209 37.85 -36.28 48.64
C GLY U 209 37.79 -35.44 47.38
N GLN U 210 38.94 -34.91 46.96
CA GLN U 210 39.01 -34.13 45.72
C GLN U 210 39.10 -35.07 44.52
N LYS U 211 39.21 -34.49 43.33
CA LYS U 211 39.45 -35.28 42.13
C LYS U 211 40.86 -35.00 41.61
N ARG U 212 41.54 -36.05 41.17
CA ARG U 212 42.92 -35.94 40.70
C ARG U 212 43.05 -34.92 39.57
N SER U 213 41.94 -34.63 38.91
CA SER U 213 41.93 -33.60 37.87
C SER U 213 42.14 -32.22 38.47
N THR U 214 41.51 -31.97 39.62
CA THR U 214 41.65 -30.71 40.32
C THR U 214 43.06 -30.54 40.87
N VAL U 215 43.55 -31.58 41.55
CA VAL U 215 44.87 -31.54 42.18
C VAL U 215 45.98 -31.33 41.15
N ALA U 216 45.85 -31.99 40.00
CA ALA U 216 46.85 -31.86 38.94
C ALA U 216 46.93 -30.43 38.46
N GLN U 217 45.78 -29.75 38.42
CA GLN U 217 45.73 -28.35 38.01
C GLN U 217 46.35 -27.48 39.10
N LEU U 218 46.31 -27.96 40.34
CA LEU U 218 46.86 -27.22 41.47
C LEU U 218 48.39 -27.17 41.40
N VAL U 219 49.01 -28.34 41.29
CA VAL U 219 50.46 -28.43 41.21
C VAL U 219 51.02 -27.64 40.03
N GLN U 220 50.33 -27.70 38.90
CA GLN U 220 50.74 -26.98 37.71
C GLN U 220 50.83 -25.48 38.01
N THR U 221 49.88 -24.98 38.78
CA THR U 221 49.83 -23.57 39.13
C THR U 221 50.92 -23.21 40.13
N LEU U 222 51.18 -24.12 41.07
CA LEU U 222 52.20 -23.90 42.09
C LEU U 222 53.60 -23.85 41.49
N GLU U 223 53.83 -24.63 40.43
CA GLU U 223 55.12 -24.67 39.77
C GLU U 223 55.33 -23.46 38.87
N GLN U 224 54.24 -22.88 38.39
CA GLN U 224 54.32 -21.68 37.57
C GLN U 224 54.69 -20.46 38.40
N HIS U 225 54.44 -20.54 39.71
CA HIS U 225 54.81 -19.46 40.63
C HIS U 225 56.08 -19.80 41.38
N ASP U 226 56.53 -21.04 41.24
CA ASP U 226 57.71 -21.53 41.96
C ASP U 226 57.46 -21.54 43.47
N ALA U 227 56.51 -22.36 43.89
CA ALA U 227 56.21 -22.50 45.32
C ALA U 227 56.27 -23.98 45.71
N MET U 228 56.27 -24.84 44.70
CA MET U 228 56.27 -26.28 44.91
C MET U 228 57.46 -26.74 45.74
N LYS U 229 58.61 -26.14 45.50
CA LYS U 229 59.85 -26.51 46.18
C LYS U 229 59.69 -26.57 47.70
N TYR U 230 58.80 -25.73 48.24
CA TYR U 230 58.53 -25.73 49.67
C TYR U 230 57.09 -26.12 49.96
N SER U 231 56.55 -27.04 49.17
CA SER U 231 55.18 -27.48 49.33
C SER U 231 55.00 -28.98 49.11
N ILE U 232 54.39 -29.65 50.08
CA ILE U 232 54.08 -31.06 49.98
C ILE U 232 52.60 -31.25 49.68
N ILE U 233 52.28 -32.18 48.79
CA ILE U 233 50.90 -32.46 48.45
C ILE U 233 50.48 -33.85 48.93
N VAL U 234 49.62 -33.88 49.94
CA VAL U 234 49.09 -35.13 50.45
C VAL U 234 47.66 -35.33 49.95
N ALA U 235 47.47 -36.28 49.03
CA ALA U 235 46.18 -36.44 48.37
C ALA U 235 45.55 -37.81 48.57
N ALA U 236 44.31 -37.80 49.03
CA ALA U 236 43.47 -39.00 49.10
C ALA U 236 42.17 -38.70 48.39
N THR U 237 42.15 -38.88 47.07
CA THR U 237 41.05 -38.43 46.24
C THR U 237 39.75 -39.20 46.43
N ALA U 238 38.67 -38.67 45.85
CA ALA U 238 37.33 -39.20 46.03
C ALA U 238 37.19 -40.64 45.53
N SER U 239 38.18 -41.11 44.77
CA SER U 239 38.14 -42.47 44.26
C SER U 239 38.83 -43.43 45.23
N GLU U 240 39.88 -42.97 45.89
CA GLU U 240 40.61 -43.78 46.85
C GLU U 240 39.72 -44.19 48.02
N ALA U 241 40.02 -45.34 48.61
CA ALA U 241 39.19 -45.90 49.68
C ALA U 241 38.92 -44.89 50.79
N ALA U 242 37.79 -45.08 51.47
CA ALA U 242 37.38 -44.18 52.55
C ALA U 242 38.40 -44.11 53.68
N PRO U 243 38.88 -45.27 54.17
CA PRO U 243 39.88 -45.26 55.24
C PRO U 243 41.10 -44.41 54.86
N LEU U 244 41.41 -44.36 53.57
CA LEU U 244 42.52 -43.54 53.10
C LEU U 244 42.26 -42.06 53.32
N GLN U 245 41.01 -41.64 53.16
CA GLN U 245 40.62 -40.25 53.37
C GLN U 245 40.63 -39.92 54.86
N TYR U 246 40.32 -40.92 55.68
CA TYR U 246 40.33 -40.76 57.12
C TYR U 246 41.75 -40.55 57.65
N LEU U 247 42.72 -41.16 56.98
CA LEU U 247 44.12 -41.03 57.37
C LEU U 247 44.75 -39.75 56.81
N ALA U 248 44.31 -39.36 55.61
CA ALA U 248 44.95 -38.26 54.88
C ALA U 248 45.40 -37.09 55.75
N PRO U 249 44.46 -36.43 56.46
CA PRO U 249 44.82 -35.26 57.26
C PRO U 249 45.77 -35.62 58.41
N PHE U 250 45.70 -36.85 58.89
CA PHE U 250 46.54 -37.31 59.98
C PHE U 250 47.97 -37.58 59.53
N THR U 251 48.12 -38.37 58.47
CA THR U 251 49.43 -38.66 57.91
C THR U 251 50.08 -37.39 57.39
N ALA U 252 49.24 -36.44 56.96
CA ALA U 252 49.74 -35.18 56.44
C ALA U 252 50.14 -34.24 57.59
N ALA U 253 49.52 -34.43 58.74
CA ALA U 253 49.83 -33.62 59.92
C ALA U 253 51.24 -33.91 60.42
N SER U 254 51.71 -35.12 60.16
CA SER U 254 53.05 -35.52 60.57
C SER U 254 54.12 -34.85 59.71
N ILE U 255 53.85 -34.75 58.42
CA ILE U 255 54.78 -34.10 57.49
C ILE U 255 54.99 -32.65 57.90
N GLY U 256 53.95 -32.05 58.49
CA GLY U 256 54.00 -30.67 58.92
C GLY U 256 54.63 -30.53 60.29
N GLU U 257 54.32 -31.46 61.19
CA GLU U 257 54.89 -31.46 62.54
C GLU U 257 56.40 -31.65 62.49
N TRP U 258 56.88 -32.22 61.39
CA TRP U 258 58.30 -32.48 61.23
C TRP U 258 59.12 -31.19 61.25
N PHE U 259 58.62 -30.16 60.56
CA PHE U 259 59.28 -28.87 60.55
C PHE U 259 59.22 -28.25 61.94
N ARG U 260 58.02 -28.28 62.53
CA ARG U 260 57.80 -27.77 63.88
C ARG U 260 58.78 -28.42 64.85
N ASP U 261 59.04 -29.71 64.65
CA ASP U 261 59.93 -30.48 65.52
C ASP U 261 61.39 -30.05 65.39
N ASN U 262 61.78 -29.67 64.18
CA ASN U 262 63.19 -29.39 63.90
C ASN U 262 63.55 -27.91 63.85
N GLY U 263 62.76 -27.08 64.52
CA GLY U 263 63.05 -25.66 64.62
C GLY U 263 62.62 -24.89 63.38
N LYS U 264 61.89 -25.55 62.50
CA LYS U 264 61.36 -24.90 61.30
C LYS U 264 59.90 -24.50 61.50
N HIS U 265 59.35 -23.78 60.53
CA HIS U 265 57.94 -23.38 60.60
C HIS U 265 57.19 -23.80 59.36
N ALA U 266 56.18 -24.64 59.53
CA ALA U 266 55.38 -25.13 58.41
C ALA U 266 53.91 -24.75 58.56
N LEU U 267 53.27 -24.45 57.43
CA LEU U 267 51.84 -24.13 57.42
C LEU U 267 51.09 -25.21 56.65
N ILE U 268 50.08 -25.78 57.29
CA ILE U 268 49.32 -26.88 56.70
C ILE U 268 47.85 -26.52 56.52
N VAL U 269 47.32 -26.80 55.33
CA VAL U 269 45.92 -26.51 55.02
C VAL U 269 45.14 -27.79 54.72
N TYR U 270 44.06 -28.00 55.48
CA TYR U 270 43.23 -29.18 55.30
C TYR U 270 42.06 -28.90 54.36
N ASP U 271 41.98 -29.64 53.27
CA ASP U 271 40.91 -29.51 52.30
C ASP U 271 40.57 -30.84 51.66
N ASP U 272 39.34 -31.31 51.86
CA ASP U 272 38.34 -30.56 52.62
C ASP U 272 37.88 -31.35 53.84
N LEU U 273 37.97 -30.72 55.01
CA LEU U 273 37.61 -31.38 56.27
C LEU U 273 36.21 -31.99 56.23
N SER U 274 35.26 -31.24 55.68
CA SER U 274 33.89 -31.71 55.56
C SER U 274 33.86 -33.07 54.87
N LYS U 275 34.69 -33.24 53.86
CA LYS U 275 34.77 -34.48 53.11
C LYS U 275 35.46 -35.57 53.92
N GLN U 276 36.32 -35.15 54.84
CA GLN U 276 36.97 -36.09 55.76
C GLN U 276 35.95 -36.70 56.70
N ALA U 277 35.06 -35.87 57.23
CA ALA U 277 34.04 -36.32 58.16
C ALA U 277 33.10 -37.34 57.51
N VAL U 278 32.75 -37.09 56.25
CA VAL U 278 31.87 -37.99 55.50
C VAL U 278 32.52 -39.36 55.31
N ALA U 279 33.84 -39.37 55.14
CA ALA U 279 34.58 -40.61 54.97
C ALA U 279 34.54 -41.45 56.24
N TYR U 280 34.89 -40.82 57.37
CA TYR U 280 34.89 -41.51 58.65
C TYR U 280 33.48 -41.92 59.06
N ARG U 281 32.49 -41.18 58.60
CA ARG U 281 31.09 -41.49 58.87
C ARG U 281 30.70 -42.79 58.16
N GLN U 282 31.31 -43.02 57.00
CA GLN U 282 31.04 -44.22 56.23
C GLN U 282 31.62 -45.47 56.88
N LEU U 283 32.81 -45.33 57.45
CA LEU U 283 33.44 -46.44 58.17
C LEU U 283 32.54 -46.91 59.30
N SER U 284 32.14 -45.98 60.16
CA SER U 284 31.30 -46.30 61.31
C SER U 284 29.98 -46.95 60.90
N LEU U 285 29.28 -46.31 59.96
CA LEU U 285 27.96 -46.77 59.53
C LEU U 285 28.00 -48.18 58.93
N LEU U 286 29.13 -48.54 58.35
CA LEU U 286 29.28 -49.87 57.76
C LEU U 286 29.81 -50.86 58.81
N LEU U 287 30.46 -50.33 59.84
CA LEU U 287 30.90 -51.14 60.97
C LEU U 287 29.79 -51.25 61.99
N ARG U 288 28.66 -50.60 61.68
CA ARG U 288 27.49 -50.62 62.55
C ARG U 288 27.77 -50.03 63.94
N ARG U 289 28.52 -48.94 63.97
CA ARG U 289 28.71 -48.18 65.20
C ARG U 289 27.50 -47.26 65.38
N PRO U 290 27.14 -46.96 66.64
CA PRO U 290 25.97 -46.12 66.93
C PRO U 290 26.11 -44.71 66.35
N PRO U 291 25.23 -44.36 65.40
CA PRO U 291 25.24 -43.05 64.73
C PRO U 291 24.72 -41.95 65.64
N GLY U 292 25.47 -40.85 65.72
CA GLY U 292 25.08 -39.70 66.53
C GLY U 292 24.12 -38.78 65.79
N ARG U 293 24.54 -37.53 65.60
CA ARG U 293 23.72 -36.54 64.90
C ARG U 293 23.99 -36.57 63.40
N GLU U 294 22.93 -36.44 62.61
CA GLU U 294 23.05 -36.47 61.16
C GLU U 294 23.82 -37.69 60.69
N ALA U 295 23.71 -38.77 61.47
CA ALA U 295 24.36 -40.04 61.17
C ALA U 295 25.86 -40.03 61.51
N TYR U 296 26.41 -38.82 61.69
CA TYR U 296 27.82 -38.69 62.05
C TYR U 296 28.12 -39.43 63.35
N PRO U 297 29.29 -40.08 63.43
CA PRO U 297 29.69 -40.86 64.60
C PRO U 297 29.75 -40.01 65.86
N GLY U 298 29.83 -40.67 67.02
CA GLY U 298 29.88 -39.96 68.29
C GLY U 298 31.19 -39.23 68.50
N ASP U 299 32.28 -39.83 68.06
CA ASP U 299 33.61 -39.23 68.20
C ASP U 299 34.02 -38.46 66.94
N VAL U 300 33.05 -37.87 66.27
CA VAL U 300 33.33 -37.08 65.06
C VAL U 300 33.91 -35.72 65.44
N PHE U 301 33.64 -35.28 66.67
CA PHE U 301 34.23 -34.06 67.20
C PHE U 301 35.63 -34.37 67.72
N TYR U 302 35.79 -35.58 68.24
CA TYR U 302 37.08 -36.05 68.73
C TYR U 302 38.04 -36.21 67.56
N LEU U 303 37.48 -36.44 66.37
CA LEU U 303 38.27 -36.63 65.17
C LEU U 303 39.10 -35.39 64.83
N HIS U 304 38.43 -34.24 64.76
CA HIS U 304 39.09 -32.99 64.41
C HIS U 304 39.77 -32.33 65.61
N SER U 305 39.57 -32.90 66.80
CA SER U 305 40.14 -32.34 68.02
C SER U 305 41.61 -32.73 68.20
N ARG U 306 41.88 -34.03 68.11
CA ARG U 306 43.24 -34.53 68.27
C ARG U 306 44.13 -34.09 67.11
N LEU U 307 43.52 -33.94 65.94
CA LEU U 307 44.25 -33.56 64.73
C LEU U 307 44.68 -32.10 64.75
N LEU U 308 43.71 -31.20 64.92
CA LEU U 308 43.98 -29.76 64.86
C LEU U 308 44.85 -29.26 66.01
N GLU U 309 44.69 -29.86 67.18
CA GLU U 309 45.48 -29.49 68.35
C GLU U 309 46.98 -29.68 68.09
N ARG U 310 47.30 -30.69 67.31
CA ARG U 310 48.70 -31.00 66.99
C ARG U 310 49.44 -29.78 66.46
N ALA U 311 48.72 -28.87 65.82
CA ALA U 311 49.30 -27.62 65.34
C ALA U 311 49.46 -26.64 66.50
N ALA U 312 50.69 -26.23 66.77
CA ALA U 312 50.97 -25.33 67.89
C ALA U 312 52.38 -24.74 67.85
N LYS U 313 52.57 -23.65 68.59
CA LYS U 313 53.88 -23.02 68.70
C LYS U 313 54.69 -23.66 69.82
N LEU U 314 55.92 -24.06 69.51
CA LEU U 314 56.79 -24.69 70.49
C LEU U 314 57.85 -23.74 71.02
N GLU U 316 60.50 -22.55 73.15
CA GLU U 316 61.94 -22.43 73.01
C GLU U 316 62.64 -23.76 73.31
N LYS U 317 62.26 -24.36 74.42
CA LYS U 317 62.88 -25.60 74.89
C LYS U 317 62.84 -26.72 73.85
N GLU U 318 61.90 -26.62 72.92
CA GLU U 318 61.72 -27.67 71.92
C GLU U 318 62.26 -27.29 70.54
N GLY U 319 62.53 -26.01 70.35
CA GLY U 319 63.08 -25.54 69.09
C GLY U 319 62.39 -24.29 68.54
N SER U 320 61.41 -23.79 69.28
CA SER U 320 60.68 -22.59 68.88
C SER U 320 60.07 -22.73 67.48
N GLY U 321 59.98 -23.96 66.99
CA GLY U 321 59.32 -24.23 65.74
C GLY U 321 57.82 -24.09 65.91
N SER U 322 57.08 -24.02 64.82
CA SER U 322 55.63 -23.86 64.89
C SER U 322 54.90 -24.59 63.78
N LEU U 323 53.59 -24.74 63.95
CA LEU U 323 52.74 -25.37 62.94
C LEU U 323 51.42 -24.63 62.85
N THR U 324 51.24 -23.86 61.78
CA THR U 324 50.01 -23.11 61.57
C THR U 324 49.00 -23.93 60.79
N ALA U 325 47.75 -23.91 61.24
CA ALA U 325 46.71 -24.69 60.60
C ALA U 325 45.61 -23.82 59.99
N LEU U 326 45.16 -24.19 58.80
CA LEU U 326 44.05 -23.50 58.15
C LEU U 326 43.00 -24.52 57.71
N PRO U 327 42.14 -24.93 58.65
CA PRO U 327 41.09 -25.92 58.38
C PRO U 327 40.02 -25.38 57.44
N VAL U 328 39.74 -26.10 56.35
CA VAL U 328 38.71 -25.68 55.40
C VAL U 328 37.46 -26.54 55.55
N ILE U 329 36.32 -25.89 55.76
CA ILE U 329 35.05 -26.59 55.93
C ILE U 329 33.96 -25.93 55.09
N GLU U 330 33.21 -26.75 54.36
CA GLU U 330 32.19 -26.24 53.45
C GLU U 330 30.80 -26.30 54.06
N THR U 331 30.20 -25.13 54.26
CA THR U 331 28.83 -25.05 54.77
C THR U 331 27.82 -25.37 53.68
N GLN U 332 26.59 -25.69 54.09
CA GLN U 332 25.52 -25.93 53.14
C GLN U 332 24.46 -24.84 53.24
N GLY U 333 24.39 -23.98 52.22
CA GLY U 333 23.47 -22.87 52.23
C GLY U 333 23.83 -21.86 53.30
N GLY U 334 25.11 -21.78 53.62
CA GLY U 334 25.60 -20.87 54.64
C GLY U 334 25.03 -21.20 56.02
N ASP U 335 24.99 -22.48 56.34
CA ASP U 335 24.46 -22.93 57.63
C ASP U 335 25.58 -23.23 58.62
N VAL U 336 26.06 -22.18 59.30
CA VAL U 336 27.12 -22.32 60.28
C VAL U 336 26.61 -22.99 61.56
N SER U 337 25.29 -23.07 61.68
CA SER U 337 24.66 -23.67 62.85
C SER U 337 24.55 -25.19 62.71
N ALA U 338 24.99 -25.72 61.58
CA ALA U 338 24.94 -27.15 61.33
C ALA U 338 25.80 -27.91 62.33
N TYR U 339 25.86 -29.23 62.19
CA TYR U 339 26.60 -30.07 63.12
C TYR U 339 28.12 -29.91 62.98
N ILE U 340 28.66 -30.39 61.88
CA ILE U 340 30.11 -30.38 61.65
C ILE U 340 30.73 -28.99 61.80
N PRO U 341 30.18 -27.98 61.11
CA PRO U 341 30.76 -26.63 61.19
C PRO U 341 30.88 -26.13 62.62
N THR U 342 29.88 -26.43 63.46
CA THR U 342 29.89 -25.98 64.85
C THR U 342 31.02 -26.64 65.63
N ASN U 343 31.27 -27.91 65.36
CA ASN U 343 32.33 -28.64 66.01
C ASN U 343 33.69 -28.01 65.78
N VAL U 344 33.96 -27.66 64.51
CA VAL U 344 35.26 -27.11 64.12
C VAL U 344 35.39 -25.63 64.44
N ILE U 345 34.27 -24.93 64.51
CA ILE U 345 34.28 -23.51 64.83
C ILE U 345 34.70 -23.26 66.27
N SER U 346 34.35 -24.17 67.16
CA SER U 346 34.74 -24.05 68.56
C SER U 346 36.21 -24.42 68.75
N ILE U 347 36.76 -25.14 67.78
CA ILE U 347 38.15 -25.58 67.84
C ILE U 347 39.12 -24.45 67.49
N THR U 348 38.94 -23.90 66.29
CA THR U 348 39.85 -22.88 65.77
C THR U 348 39.86 -21.60 66.60
N ASP U 349 40.93 -20.82 66.44
CA ASP U 349 41.11 -19.58 67.18
C ASP U 349 40.63 -18.39 66.33
N GLY U 350 39.50 -18.56 65.66
CA GLY U 350 38.96 -17.52 64.81
C GLY U 350 38.46 -18.07 63.48
N GLN U 351 37.53 -17.36 62.85
CA GLN U 351 36.95 -17.81 61.60
C GLN U 351 37.13 -16.82 60.46
N ILE U 352 37.12 -17.34 59.24
CA ILE U 352 37.14 -16.52 58.03
C ILE U 352 35.94 -16.89 57.17
N PHE U 353 34.81 -16.26 57.45
CA PHE U 353 33.57 -16.59 56.75
C PHE U 353 33.48 -15.95 55.38
N LEU U 354 33.10 -16.75 54.39
CA LEU U 354 32.99 -16.29 53.01
C LEU U 354 31.55 -16.36 52.51
N GLU U 355 30.95 -15.20 52.28
CA GLU U 355 29.57 -15.13 51.80
C GLU U 355 29.53 -15.06 50.27
N ALA U 356 28.74 -15.94 49.67
CA ALA U 356 28.58 -15.97 48.22
C ALA U 356 28.00 -14.65 47.73
N GLU U 357 27.12 -14.06 48.52
CA GLU U 357 26.49 -12.80 48.17
C GLU U 357 27.53 -11.70 47.96
N LEU U 358 28.57 -11.73 48.78
CA LEU U 358 29.64 -10.74 48.70
C LEU U 358 30.59 -10.99 47.54
N PHE U 359 30.57 -12.22 47.03
CA PHE U 359 31.42 -12.58 45.90
C PHE U 359 30.92 -11.93 44.62
N TYR U 360 29.67 -12.21 44.27
CA TYR U 360 29.07 -11.68 43.05
C TYR U 360 28.89 -10.16 43.12
N LYS U 361 28.76 -9.63 44.33
CA LYS U 361 28.56 -8.21 44.53
C LYS U 361 29.80 -7.41 44.15
N GLY U 362 30.89 -8.12 43.87
CA GLY U 362 32.13 -7.48 43.45
C GLY U 362 33.25 -7.58 44.45
N ILE U 363 32.90 -7.92 45.70
CA ILE U 363 33.90 -8.01 46.76
C ILE U 363 34.69 -9.31 46.70
N ARG U 364 35.99 -9.18 46.47
CA ARG U 364 36.89 -10.33 46.48
C ARG U 364 38.19 -9.97 47.22
N PRO U 365 38.57 -10.77 48.22
CA PRO U 365 37.84 -11.99 48.65
C PRO U 365 36.56 -11.64 49.42
N ALA U 366 35.56 -12.50 49.29
CA ALA U 366 34.26 -12.27 49.93
C ALA U 366 34.30 -12.55 51.43
N ILE U 367 34.88 -11.61 52.19
CA ILE U 367 34.99 -11.77 53.63
C ILE U 367 34.06 -10.81 54.37
N ASN U 368 33.08 -11.38 55.09
CA ASN U 368 32.17 -10.56 55.89
C ASN U 368 32.87 -10.05 57.15
N VAL U 369 33.00 -8.74 57.25
CA VAL U 369 33.75 -8.11 58.34
C VAL U 369 33.17 -8.45 59.72
N GLY U 370 31.92 -8.89 59.74
CA GLY U 370 31.22 -9.15 61.00
C GLY U 370 31.46 -10.53 61.57
N LEU U 371 31.03 -11.56 60.84
CA LEU U 371 31.07 -12.93 61.35
C LEU U 371 32.49 -13.53 61.43
N SER U 372 33.41 -12.97 60.66
CA SER U 372 34.78 -13.49 60.65
C SER U 372 35.68 -12.76 61.65
N VAL U 373 36.39 -13.53 62.47
CA VAL U 373 37.25 -12.95 63.50
C VAL U 373 38.54 -13.74 63.68
N SER U 374 39.45 -13.19 64.48
CA SER U 374 40.69 -13.88 64.84
C SER U 374 41.00 -13.66 66.31
N ARG U 375 41.03 -14.74 67.08
CA ARG U 375 41.19 -14.66 68.53
C ARG U 375 42.52 -14.07 68.98
N VAL U 376 43.59 -14.39 68.26
CA VAL U 376 44.92 -13.91 68.63
C VAL U 376 45.00 -12.39 68.56
N GLY U 377 44.24 -11.81 67.64
CA GLY U 377 44.19 -10.36 67.49
C GLY U 377 45.53 -9.76 67.10
N SER U 378 45.85 -8.62 67.69
CA SER U 378 47.06 -7.90 67.37
C SER U 378 48.31 -8.56 67.93
N ALA U 379 48.11 -9.68 68.63
CA ALA U 379 49.23 -10.41 69.23
C ALA U 379 50.12 -11.04 68.15
N ALA U 380 49.49 -11.55 67.10
CA ALA U 380 50.22 -12.16 66.00
C ALA U 380 50.09 -11.32 64.73
N GLN U 381 50.55 -10.07 64.79
CA GLN U 381 50.46 -9.17 63.66
C GLN U 381 51.61 -8.15 63.67
N VAL U 382 51.94 -7.62 62.50
CA VAL U 382 53.01 -6.64 62.37
C VAL U 382 52.62 -5.35 63.08
N LYS U 383 53.52 -4.84 63.92
CA LYS U 383 53.27 -3.61 64.67
C LYS U 383 52.91 -2.45 63.76
N ALA U 384 53.49 -2.43 62.56
CA ALA U 384 53.22 -1.38 61.60
C ALA U 384 51.77 -1.45 61.12
N LEU U 385 51.34 -2.65 60.73
CA LEU U 385 49.98 -2.87 60.28
C LEU U 385 49.00 -2.62 61.43
N LYS U 386 49.50 -2.73 62.65
CA LYS U 386 48.69 -2.53 63.84
C LYS U 386 48.46 -1.03 64.07
N GLN U 387 49.37 -0.21 63.57
CA GLN U 387 49.25 1.25 63.70
C GLN U 387 48.16 1.81 62.78
N VAL U 388 48.35 1.67 61.48
CA VAL U 388 47.44 2.24 60.49
C VAL U 388 45.99 1.84 60.70
N ALA U 389 45.75 0.57 61.00
CA ALA U 389 44.39 0.08 61.22
C ALA U 389 44.06 0.04 62.70
N GLY U 390 43.45 1.12 63.20
CA GLY U 390 43.09 1.23 64.59
C GLY U 390 41.91 0.33 64.96
N SER U 391 40.87 0.38 64.13
CA SER U 391 39.68 -0.42 64.35
C SER U 391 38.90 -0.58 63.05
N LEU U 392 39.61 -0.91 61.98
CA LEU U 392 39.00 -1.06 60.67
C LEU U 392 38.00 -2.22 60.65
N LYS U 393 38.19 -3.17 61.55
CA LYS U 393 37.31 -4.32 61.65
C LYS U 393 35.96 -3.91 62.23
N LEU U 394 35.98 -2.89 63.08
CA LEU U 394 34.77 -2.39 63.72
C LEU U 394 34.09 -1.31 62.89
N PHE U 395 34.88 -0.55 62.15
CA PHE U 395 34.35 0.54 61.33
C PHE U 395 33.47 0.01 60.21
N LEU U 396 33.89 -1.09 59.60
CA LEU U 396 33.15 -1.71 58.51
C LEU U 396 31.90 -2.41 59.03
N ALA U 397 32.00 -2.97 60.22
CA ALA U 397 30.86 -3.64 60.86
C ALA U 397 29.72 -2.66 61.08
N GLN U 398 30.08 -1.44 61.49
CA GLN U 398 29.09 -0.38 61.68
C GLN U 398 28.56 0.09 60.33
N TYR U 399 29.39 -0.06 59.30
CA TYR U 399 29.01 0.35 57.95
C TYR U 399 27.90 -0.52 57.39
N ARG U 400 28.02 -1.83 57.61
CA ARG U 400 27.01 -2.77 57.14
C ARG U 400 25.71 -2.52 57.89
N GLU U 401 25.82 -2.02 59.12
CA GLU U 401 24.67 -1.72 59.95
C GLU U 401 23.77 -0.69 59.27
N VAL U 402 24.39 0.20 58.49
CA VAL U 402 23.67 1.22 57.74
C VAL U 402 23.47 0.78 56.29
N ALA U 403 22.82 -0.35 56.11
CA ALA U 403 22.56 -0.87 54.76
C ALA U 403 21.12 -0.61 54.36
N ALA U 404 20.20 -1.41 54.86
CA ALA U 404 18.77 -1.21 54.63
C ALA U 404 18.34 0.09 55.29
N PHE U 405 19.16 0.56 56.23
CA PHE U 405 18.93 1.82 56.92
C PHE U 405 18.92 2.98 55.93
N ALA U 406 19.77 2.87 54.90
CA ALA U 406 19.93 3.95 53.93
C ALA U 406 19.18 3.69 52.63
N GLN U 407 18.19 2.81 52.67
CA GLN U 407 17.38 2.51 51.50
C GLN U 407 16.04 3.23 51.54
N PHE U 408 16.06 4.48 52.00
CA PHE U 408 14.85 5.28 52.06
C PHE U 408 15.04 6.62 51.36
N ALA U 414 22.26 13.17 58.03
CA ALA U 414 23.25 14.08 57.44
C ALA U 414 24.66 13.74 57.93
N SER U 415 24.81 13.61 59.25
CA SER U 415 26.09 13.30 59.85
C SER U 415 26.52 11.88 59.50
N THR U 416 25.55 11.02 59.21
CA THR U 416 25.83 9.63 58.85
C THR U 416 26.28 9.51 57.40
N LYS U 417 26.15 10.61 56.65
CA LYS U 417 26.60 10.65 55.27
C LYS U 417 28.13 10.61 55.22
N GLN U 418 28.74 11.19 56.23
CA GLN U 418 30.19 11.16 56.38
C GLN U 418 30.68 9.72 56.45
N THR U 419 30.11 8.95 57.37
CA THR U 419 30.48 7.55 57.55
C THR U 419 29.96 6.67 56.41
N LEU U 420 29.26 7.29 55.47
CA LEU U 420 28.71 6.56 54.33
C LEU U 420 29.65 6.69 53.13
N VAL U 421 30.37 7.80 53.07
CA VAL U 421 31.35 8.03 52.02
C VAL U 421 32.61 7.19 52.23
N ARG U 422 33.24 7.36 53.38
CA ARG U 422 34.48 6.65 53.70
C ARG U 422 34.29 5.14 53.66
N GLY U 423 33.20 4.66 54.26
CA GLY U 423 32.93 3.24 54.33
C GLY U 423 32.72 2.59 52.97
N GLU U 424 32.08 3.32 52.07
CA GLU U 424 31.79 2.81 50.74
C GLU U 424 33.07 2.59 49.95
N ARG U 425 34.03 3.50 50.12
CA ARG U 425 35.30 3.42 49.41
C ARG U 425 36.28 2.47 50.11
N LEU U 426 36.32 2.54 51.44
CA LEU U 426 37.18 1.66 52.23
C LEU U 426 36.98 0.20 51.82
N THR U 427 35.74 -0.16 51.51
CA THR U 427 35.43 -1.51 51.07
C THR U 427 36.08 -1.80 49.73
N GLN U 428 35.92 -0.86 48.80
CA GLN U 428 36.51 -0.97 47.47
C GLN U 428 38.04 -1.06 47.56
N LEU U 429 38.58 -0.62 48.69
CA LEU U 429 40.03 -0.61 48.88
C LEU U 429 40.54 -2.01 49.20
N LEU U 430 39.65 -2.86 49.71
CA LEU U 430 40.01 -4.22 50.09
C LEU U 430 39.67 -5.22 48.99
N LYS U 431 39.41 -4.70 47.79
CA LYS U 431 39.19 -5.55 46.62
C LYS U 431 40.52 -5.89 45.96
N GLN U 432 40.79 -7.19 45.82
CA GLN U 432 42.07 -7.65 45.30
C GLN U 432 41.89 -8.84 44.35
N ASN U 433 42.70 -8.87 43.30
CA ASN U 433 42.64 -9.94 42.31
C ASN U 433 43.45 -11.17 42.75
N GLN U 434 43.04 -12.34 42.26
CA GLN U 434 43.72 -13.59 42.59
C GLN U 434 45.19 -13.59 42.19
N TYR U 435 45.95 -14.50 42.79
CA TYR U 435 47.36 -14.70 42.47
C TYR U 435 48.12 -13.38 42.41
N SER U 436 47.72 -12.43 43.25
CA SER U 436 48.38 -11.13 43.30
C SER U 436 48.45 -10.59 44.73
N PRO U 437 49.12 -11.33 45.62
CA PRO U 437 49.28 -10.88 47.01
C PRO U 437 50.08 -9.59 47.08
N LEU U 438 50.22 -9.04 48.27
CA LEU U 438 50.97 -7.80 48.46
C LEU U 438 51.94 -7.92 49.63
N ALA U 439 52.88 -6.99 49.71
CA ALA U 439 53.82 -6.95 50.83
C ALA U 439 53.27 -6.04 51.92
N THR U 440 53.77 -6.21 53.14
CA THR U 440 53.36 -5.35 54.25
C THR U 440 53.62 -3.90 53.90
N GLU U 441 54.80 -3.63 53.34
CA GLU U 441 55.17 -2.28 52.93
C GLU U 441 54.31 -1.76 51.79
N GLU U 442 53.54 -2.67 51.18
CA GLU U 442 52.62 -2.29 50.11
C GLU U 442 51.19 -2.18 50.63
N GLN U 443 50.91 -2.86 51.74
CA GLN U 443 49.58 -2.83 52.34
C GLN U 443 49.43 -1.62 53.27
N VAL U 444 50.42 -1.40 54.12
CA VAL U 444 50.36 -0.35 55.13
C VAL U 444 50.01 1.04 54.56
N PRO U 445 50.78 1.51 53.57
CA PRO U 445 50.50 2.83 52.99
C PRO U 445 49.07 2.94 52.48
N LEU U 446 48.59 1.90 51.80
CA LEU U 446 47.22 1.86 51.30
C LEU U 446 46.22 2.13 52.41
N ILE U 447 46.39 1.43 53.53
CA ILE U 447 45.46 1.54 54.66
C ILE U 447 45.45 2.95 55.25
N TYR U 448 46.62 3.58 55.30
CA TYR U 448 46.74 4.92 55.86
C TYR U 448 45.84 5.90 55.13
N ALA U 449 45.80 5.80 53.80
CA ALA U 449 45.00 6.69 52.98
C ALA U 449 43.51 6.54 53.25
N GLY U 450 43.10 5.32 53.60
CA GLY U 450 41.70 5.02 53.84
C GLY U 450 41.20 5.49 55.20
N VAL U 451 41.89 5.08 56.25
CA VAL U 451 41.46 5.35 57.62
C VAL U 451 41.62 6.83 58.01
N ASN U 452 42.80 7.38 57.74
CA ASN U 452 43.09 8.76 58.12
C ASN U 452 42.22 9.79 57.39
N GLY U 453 41.91 9.52 56.12
CA GLY U 453 41.03 10.38 55.36
C GLY U 453 41.69 11.06 54.18
N HIS U 454 42.12 10.26 53.20
CA HIS U 454 42.73 10.80 51.99
C HIS U 454 41.85 10.54 50.77
N ASP U 456 38.68 9.62 50.56
CA ASP U 456 37.40 10.32 50.48
C ASP U 456 37.24 11.09 49.17
N GLY U 457 38.12 12.06 48.96
CA GLY U 457 38.04 12.92 47.79
C GLY U 457 38.07 12.18 46.46
N ILE U 458 38.75 11.05 46.43
CA ILE U 458 38.89 10.26 45.21
C ILE U 458 37.54 9.75 44.72
N GLU U 459 37.41 9.58 43.42
CA GLU U 459 36.18 9.06 42.84
C GLU U 459 36.02 7.58 43.21
N LEU U 460 34.78 7.10 43.20
CA LEU U 460 34.49 5.71 43.55
C LEU U 460 34.90 4.76 42.43
N SER U 461 35.15 5.32 41.25
CA SER U 461 35.45 4.51 40.06
C SER U 461 36.94 4.36 39.80
N ARG U 462 37.75 5.22 40.43
CA ARG U 462 39.19 5.19 40.23
C ARG U 462 39.94 4.55 41.40
N ILE U 463 39.18 4.03 42.36
CA ILE U 463 39.79 3.40 43.54
C ILE U 463 40.74 2.27 43.14
N GLY U 464 40.29 1.41 42.24
CA GLY U 464 41.10 0.31 41.77
C GLY U 464 42.37 0.78 41.08
N GLU U 465 42.25 1.87 40.32
CA GLU U 465 43.41 2.45 39.65
C GLU U 465 44.34 3.13 40.66
N PHE U 466 43.76 3.61 41.76
CA PHE U 466 44.53 4.35 42.77
C PHE U 466 45.54 3.45 43.47
N GLU U 467 45.17 2.20 43.70
CA GLU U 467 46.06 1.26 44.36
C GLU U 467 47.31 1.02 43.51
N SER U 468 47.08 0.66 42.25
CA SER U 468 48.19 0.38 41.33
C SER U 468 48.95 1.65 40.97
N SER U 469 48.37 2.80 41.28
CA SER U 469 48.99 4.09 40.96
C SER U 469 49.78 4.62 42.15
N PHE U 470 49.18 4.54 43.33
CA PHE U 470 49.82 5.03 44.55
C PHE U 470 51.01 4.16 44.92
N LEU U 471 51.00 2.92 44.44
CA LEU U 471 52.08 1.98 44.73
C LEU U 471 53.30 2.20 43.84
N SER U 472 53.06 2.63 42.60
CA SER U 472 54.15 2.92 41.67
C SER U 472 54.85 4.24 42.03
N TYR U 473 54.06 5.26 42.35
CA TYR U 473 54.60 6.55 42.74
C TYR U 473 55.48 6.41 43.98
N LEU U 474 55.07 5.53 44.88
CA LEU U 474 55.85 5.27 46.10
C LEU U 474 57.20 4.64 45.78
N LYS U 475 57.19 3.68 44.86
CA LYS U 475 58.42 2.98 44.49
C LYS U 475 59.39 3.87 43.71
N SER U 476 58.83 4.77 42.91
CA SER U 476 59.65 5.67 42.09
C SER U 476 60.08 6.91 42.86
N ASN U 477 59.54 7.09 44.05
CA ASN U 477 59.90 8.24 44.89
C ASN U 477 60.18 7.86 46.34
N HIS U 478 59.13 7.76 47.13
CA HIS U 478 59.26 7.41 48.55
C HIS U 478 59.57 5.94 48.74
N ASN U 479 60.60 5.46 48.07
CA ASN U 479 61.01 4.07 48.17
C ASN U 479 61.85 3.84 49.42
N GLU U 480 62.51 4.89 49.88
CA GLU U 480 63.30 4.83 51.10
C GLU U 480 62.40 4.54 52.30
N LEU U 481 61.19 5.09 52.27
CA LEU U 481 60.22 4.89 53.33
C LEU U 481 59.67 3.46 53.32
N LEU U 482 59.50 2.90 52.13
CA LEU U 482 58.97 1.56 51.97
C LEU U 482 59.87 0.52 52.62
N THR U 483 61.18 0.73 52.52
CA THR U 483 62.15 -0.20 53.08
C THR U 483 62.11 -0.16 54.61
N GLU U 484 61.89 1.03 55.16
CA GLU U 484 61.78 1.19 56.60
C GLU U 484 60.75 0.23 57.18
N ILE U 485 59.59 0.15 56.54
CA ILE U 485 58.53 -0.74 56.98
C ILE U 485 58.98 -2.19 56.99
N ARG U 486 59.73 -2.58 55.97
CA ARG U 486 60.17 -3.96 55.82
C ARG U 486 61.28 -4.31 56.81
N GLU U 487 62.41 -3.60 56.70
CA GLU U 487 63.56 -3.88 57.53
C GLU U 487 63.28 -3.66 59.02
N LYS U 488 62.43 -2.69 59.34
CA LYS U 488 62.05 -2.42 60.71
C LYS U 488 60.81 -3.23 61.10
N GLY U 489 59.65 -2.81 60.58
CA GLY U 489 58.40 -3.50 60.87
C GLY U 489 57.54 -2.72 61.85
N GLU U 490 57.84 -1.44 62.01
CA GLU U 490 57.11 -0.59 62.95
C GLU U 490 57.14 0.87 62.54
N LEU U 491 56.00 1.53 62.63
CA LEU U 491 55.90 2.95 62.30
C LEU U 491 56.11 3.83 63.53
N SER U 492 57.23 4.54 63.57
CA SER U 492 57.55 5.40 64.69
C SER U 492 57.05 6.82 64.46
N LYS U 493 57.22 7.69 65.45
CA LYS U 493 56.82 9.08 65.32
C LYS U 493 57.60 9.77 64.22
N GLU U 494 58.82 9.28 63.97
CA GLU U 494 59.68 9.84 62.94
C GLU U 494 59.16 9.44 61.55
N LEU U 495 58.71 8.20 61.43
CA LEU U 495 58.23 7.66 60.16
C LEU U 495 56.83 8.14 59.84
N LEU U 496 55.96 8.14 60.85
CA LEU U 496 54.56 8.52 60.67
C LEU U 496 54.39 9.91 60.08
N ALA U 497 55.24 10.85 60.53
CA ALA U 497 55.20 12.21 60.03
C ALA U 497 55.49 12.25 58.54
N SER U 498 56.41 11.39 58.10
CA SER U 498 56.81 11.33 56.70
C SER U 498 55.71 10.72 55.83
N LEU U 499 54.92 9.84 56.43
CA LEU U 499 53.87 9.14 55.70
C LEU U 499 52.64 10.04 55.48
N LYS U 500 52.39 10.91 56.45
CA LYS U 500 51.25 11.83 56.37
C LYS U 500 51.43 12.85 55.25
N SER U 501 52.65 13.38 55.14
CA SER U 501 52.94 14.43 54.19
C SER U 501 53.22 13.87 52.79
N ALA U 502 53.52 12.59 52.71
CA ALA U 502 53.81 11.94 51.43
C ALA U 502 52.52 11.59 50.69
N THR U 503 51.50 11.20 51.44
CA THR U 503 50.23 10.82 50.85
C THR U 503 49.48 12.04 50.31
N GLU U 504 49.67 13.18 50.98
CA GLU U 504 49.05 14.43 50.55
C GLU U 504 49.45 14.78 49.12
N SER U 505 50.70 14.46 48.78
CA SER U 505 51.25 14.80 47.46
C SER U 505 50.51 14.10 46.34
N PHE U 506 50.20 12.82 46.53
CA PHE U 506 49.54 12.02 45.50
C PHE U 506 48.13 12.50 45.24
N VAL U 507 47.50 13.09 46.27
CA VAL U 507 46.13 13.55 46.16
C VAL U 507 45.99 14.75 45.21
N ALA U 508 46.73 15.81 45.50
CA ALA U 508 46.66 17.04 44.70
C ALA U 508 47.12 16.82 43.26
N THR U 509 48.11 15.95 43.09
CA THR U 509 48.65 15.66 41.75
C THR U 509 47.74 14.70 40.99
N THR V 13 44.80 -56.31 97.67
CA THR V 13 44.10 -57.41 97.02
C THR V 13 44.03 -57.20 95.50
N PRO V 14 44.41 -58.24 94.74
CA PRO V 14 44.45 -58.20 93.27
C PRO V 14 43.14 -58.64 92.63
N ILE V 15 42.61 -57.82 91.73
CA ILE V 15 41.46 -58.20 90.92
C ILE V 15 41.87 -58.18 89.45
N THR V 16 41.58 -59.28 88.75
CA THR V 16 42.04 -59.44 87.37
C THR V 16 40.91 -59.38 86.35
N GLY V 17 41.19 -58.81 85.19
CA GLY V 17 40.20 -58.70 84.12
C GLY V 17 40.79 -59.04 82.76
N LYS V 18 39.91 -59.42 81.84
CA LYS V 18 40.33 -59.76 80.48
C LYS V 18 39.56 -58.93 79.44
N VAL V 19 40.27 -58.06 78.74
CA VAL V 19 39.66 -57.22 77.71
C VAL V 19 39.12 -58.07 76.56
N THR V 20 37.80 -58.19 76.48
CA THR V 20 37.16 -59.01 75.46
C THR V 20 36.80 -58.20 74.21
N ALA V 21 36.60 -56.90 74.37
CA ALA V 21 36.21 -56.05 73.24
C ALA V 21 36.86 -54.68 73.26
N VAL V 22 37.18 -54.17 72.08
CA VAL V 22 37.75 -52.83 71.93
C VAL V 22 37.20 -52.14 70.69
N ILE V 23 36.34 -51.15 70.91
CA ILE V 23 35.78 -50.38 69.81
C ILE V 23 35.93 -48.88 70.06
N GLY V 24 36.87 -48.26 69.34
CA GLY V 24 37.14 -46.85 69.52
C GLY V 24 37.63 -46.54 70.92
N ALA V 25 36.78 -45.90 71.71
CA ALA V 25 37.13 -45.57 73.09
C ALA V 25 36.22 -46.30 74.07
N ILE V 26 35.67 -47.43 73.63
CA ILE V 26 34.81 -48.24 74.48
C ILE V 26 35.36 -49.66 74.61
N VAL V 27 35.78 -50.00 75.82
CA VAL V 27 36.39 -51.30 76.08
C VAL V 27 35.51 -52.18 76.96
N ASP V 28 35.34 -53.43 76.55
CA ASP V 28 34.61 -54.41 77.36
C ASP V 28 35.60 -55.36 78.03
N VAL V 29 35.63 -55.33 79.36
CA VAL V 29 36.51 -56.20 80.12
C VAL V 29 35.73 -57.33 80.79
N HIS V 30 36.40 -58.46 81.02
CA HIS V 30 35.75 -59.64 81.58
C HIS V 30 36.39 -60.03 82.92
N PHE V 31 35.55 -60.14 83.94
CA PHE V 31 36.02 -60.49 85.28
C PHE V 31 35.60 -61.91 85.68
N GLU V 32 35.98 -62.30 86.89
CA GLU V 32 35.59 -63.60 87.43
C GLU V 32 34.30 -63.50 88.23
N GLN V 33 33.67 -64.65 88.46
CA GLN V 33 32.40 -64.68 89.19
C GLN V 33 32.55 -64.13 90.59
N SER V 34 31.57 -63.35 91.03
CA SER V 34 31.56 -62.74 92.35
C SER V 34 32.80 -61.86 92.58
N GLU V 35 33.24 -61.18 91.53
CA GLU V 35 34.37 -60.25 91.63
C GLU V 35 34.05 -58.92 90.98
N LEU V 36 33.04 -58.90 90.12
CA LEU V 36 32.66 -57.71 89.37
C LEU V 36 32.62 -56.45 90.22
N PRO V 37 33.44 -55.45 89.85
CA PRO V 37 33.40 -54.12 90.47
C PRO V 37 32.18 -53.35 89.98
N ALA V 38 31.57 -52.57 90.86
CA ALA V 38 30.37 -51.81 90.49
C ALA V 38 30.67 -50.72 89.46
N ILE V 39 29.70 -49.84 89.23
CA ILE V 39 29.86 -48.75 88.29
C ILE V 39 30.62 -47.59 88.93
N LEU V 40 31.32 -46.82 88.11
CA LEU V 40 32.10 -45.66 88.55
C LEU V 40 33.48 -46.05 89.11
N ASN V 41 33.70 -47.35 89.28
CA ASN V 41 35.00 -47.83 89.74
C ASN V 41 36.10 -47.52 88.74
N ALA V 42 37.34 -47.51 89.20
CA ALA V 42 38.48 -47.19 88.34
C ALA V 42 39.24 -48.45 87.96
N LEU V 43 39.60 -48.56 86.68
CA LEU V 43 40.36 -49.70 86.19
C LEU V 43 41.66 -49.23 85.55
N GLU V 44 42.70 -50.04 85.68
CA GLU V 44 44.01 -49.69 85.12
C GLU V 44 44.63 -50.84 84.35
N ILE V 45 45.32 -50.50 83.27
CA ILE V 45 46.05 -51.48 82.47
C ILE V 45 47.48 -51.00 82.26
N LYS V 46 48.42 -51.92 82.12
CA LYS V 46 49.81 -51.56 81.96
C LYS V 46 50.20 -51.31 80.51
N THR V 47 50.58 -50.07 80.22
CA THR V 47 51.09 -49.71 78.90
C THR V 47 52.57 -49.36 79.01
N PRO V 48 53.34 -49.64 77.94
CA PRO V 48 54.78 -49.37 77.93
C PRO V 48 55.10 -47.93 78.30
N GLN V 49 54.27 -47.00 77.84
CA GLN V 49 54.49 -45.59 78.07
C GLN V 49 54.09 -45.14 79.47
N GLY V 50 53.33 -45.98 80.17
CA GLY V 50 52.90 -45.66 81.52
C GLY V 50 51.75 -46.52 81.99
N LYS V 51 50.54 -45.99 81.86
CA LYS V 51 49.35 -46.71 82.29
C LYS V 51 48.08 -46.16 81.62
N LEU V 52 47.18 -47.06 81.26
CA LEU V 52 45.91 -46.69 80.66
C LEU V 52 44.80 -46.82 81.70
N VAL V 53 43.86 -45.89 81.69
CA VAL V 53 42.81 -45.88 82.70
C VAL V 53 41.41 -46.08 82.09
N LEU V 54 40.66 -47.01 82.66
CA LEU V 54 39.27 -47.24 82.26
C LEU V 54 38.34 -46.87 83.41
N GLU V 55 37.04 -46.79 83.12
CA GLU V 55 36.04 -46.56 84.16
C GLU V 55 34.76 -47.31 83.87
N VAL V 56 34.25 -48.02 84.87
CA VAL V 56 33.06 -48.83 84.71
C VAL V 56 31.85 -47.96 84.39
N ALA V 57 31.05 -48.41 83.42
CA ALA V 57 29.87 -47.67 82.99
C ALA V 57 28.59 -48.48 83.21
N GLN V 58 28.63 -49.77 82.91
CA GLN V 58 27.45 -50.61 83.05
C GLN V 58 27.80 -52.10 83.04
N HIS V 59 27.16 -52.87 83.91
CA HIS V 59 27.33 -54.31 83.95
C HIS V 59 26.51 -54.94 82.82
N LEU V 60 27.18 -55.27 81.72
CA LEU V 60 26.50 -55.84 80.56
C LEU V 60 25.79 -57.15 80.88
N GLY V 61 26.27 -57.85 81.90
CA GLY V 61 25.72 -59.14 82.26
C GLY V 61 26.68 -60.26 81.90
N GLU V 62 26.56 -61.38 82.61
CA GLU V 62 27.44 -62.52 82.40
C GLU V 62 28.90 -62.16 82.68
N ASN V 63 29.12 -61.47 83.80
CA ASN V 63 30.47 -61.17 84.28
C ASN V 63 31.29 -60.26 83.36
N THR V 64 30.61 -59.54 82.47
CA THR V 64 31.29 -58.60 81.58
C THR V 64 30.78 -57.18 81.80
N VAL V 65 31.69 -56.22 81.85
CA VAL V 65 31.33 -54.81 82.04
C VAL V 65 31.88 -53.94 80.93
N ARG V 66 31.18 -52.84 80.65
CA ARG V 66 31.60 -51.90 79.62
C ARG V 66 32.23 -50.66 80.26
N THR V 67 33.37 -50.24 79.72
CA THR V 67 34.11 -49.12 80.29
C THR V 67 34.45 -48.05 79.26
N ILE V 68 34.52 -46.81 79.70
CA ILE V 68 34.92 -45.70 78.84
C ILE V 68 36.34 -45.26 79.17
N ALA V 69 37.15 -45.06 78.13
CA ALA V 69 38.57 -44.75 78.33
C ALA V 69 38.79 -43.33 78.84
N MET V 70 39.96 -43.11 79.42
CA MET V 70 40.35 -41.79 79.91
C MET V 70 41.46 -41.25 79.02
N ASP V 71 42.11 -42.15 78.29
CA ASP V 71 43.12 -41.80 77.31
C ASP V 71 42.99 -42.72 76.10
N GLY V 72 43.79 -42.47 75.07
CA GLY V 72 43.71 -43.23 73.84
C GLY V 72 43.99 -44.72 74.01
N THR V 73 43.04 -45.55 73.59
CA THR V 73 43.23 -46.98 73.59
C THR V 73 43.86 -47.41 72.27
N GLU V 74 44.30 -46.41 71.50
CA GLU V 74 44.88 -46.64 70.19
C GLU V 74 46.20 -47.41 70.29
N GLY V 75 46.12 -48.71 70.10
CA GLY V 75 47.27 -49.58 70.22
C GLY V 75 47.18 -50.47 71.45
N LEU V 76 46.01 -51.06 71.66
CA LEU V 76 45.79 -51.93 72.80
C LEU V 76 45.44 -53.36 72.39
N VAL V 77 46.23 -54.32 72.86
CA VAL V 77 46.02 -55.72 72.52
C VAL V 77 44.81 -56.30 73.24
N ARG V 78 44.07 -57.15 72.54
CA ARG V 78 42.88 -57.78 73.11
C ARG V 78 43.25 -58.89 74.08
N GLY V 79 42.67 -58.85 75.28
CA GLY V 79 42.93 -59.86 76.29
C GLY V 79 44.09 -59.51 77.20
N GLU V 80 44.09 -58.30 77.72
CA GLU V 80 45.13 -57.85 78.64
C GLU V 80 44.64 -57.86 80.08
N LYS V 81 45.54 -58.09 81.02
CA LYS V 81 45.19 -58.12 82.44
C LYS V 81 44.86 -56.73 82.96
N VAL V 82 43.59 -56.52 83.27
CA VAL V 82 43.12 -55.24 83.80
C VAL V 82 42.91 -55.32 85.31
N LEU V 83 43.64 -54.50 86.05
CA LEU V 83 43.55 -54.52 87.51
C LEU V 83 42.62 -53.42 88.05
N ASP V 84 41.80 -53.79 89.02
CA ASP V 84 40.92 -52.85 89.68
C ASP V 84 41.65 -52.16 90.83
N THR V 85 41.39 -50.87 91.01
CA THR V 85 42.03 -50.11 92.07
C THR V 85 41.18 -50.11 93.33
N GLY V 86 39.89 -50.39 93.18
CA GLY V 86 38.98 -50.44 94.31
C GLY V 86 37.74 -49.60 94.11
N GLY V 87 37.89 -48.29 94.26
CA GLY V 87 36.77 -47.37 94.11
C GLY V 87 36.88 -46.52 92.86
N PRO V 88 36.20 -45.35 92.87
CA PRO V 88 36.22 -44.43 91.73
C PRO V 88 37.60 -43.82 91.53
N ILE V 89 37.90 -43.40 90.31
CA ILE V 89 39.18 -42.76 90.00
C ILE V 89 39.41 -41.58 90.94
N SER V 90 40.30 -41.77 91.91
CA SER V 90 40.53 -40.78 92.96
C SER V 90 41.67 -39.82 92.61
N VAL V 91 41.58 -38.60 93.14
CA VAL V 91 42.58 -37.57 92.86
C VAL V 91 43.13 -36.98 94.17
N PRO V 92 44.42 -36.64 94.17
CA PRO V 92 45.10 -36.04 95.33
C PRO V 92 44.45 -34.72 95.75
N VAL V 93 43.81 -34.70 96.91
CA VAL V 93 43.17 -33.50 97.43
C VAL V 93 43.94 -32.94 98.62
N GLY V 94 43.89 -31.62 98.79
CA GLY V 94 44.56 -30.98 99.90
C GLY V 94 45.32 -29.72 99.53
N ARG V 95 46.12 -29.22 100.47
CA ARG V 95 46.88 -28.00 100.27
C ARG V 95 48.04 -28.22 99.31
N GLU V 96 48.45 -29.47 99.15
CA GLU V 96 49.57 -29.82 98.30
C GLU V 96 49.26 -29.57 96.83
N THR V 97 47.97 -29.45 96.53
CA THR V 97 47.50 -29.32 95.15
C THR V 97 47.63 -27.88 94.63
N LEU V 98 48.01 -26.97 95.52
CA LEU V 98 48.18 -25.57 95.15
C LEU V 98 49.42 -25.35 94.29
N GLY V 99 49.29 -24.53 93.26
CA GLY V 99 50.40 -24.20 92.39
C GLY V 99 50.89 -25.38 91.57
N ARG V 100 49.96 -26.27 91.21
CA ARG V 100 50.30 -27.45 90.43
C ARG V 100 49.27 -27.69 89.33
N ILE V 101 49.69 -28.37 88.26
CA ILE V 101 48.79 -28.70 87.16
C ILE V 101 48.46 -30.19 87.16
N ILE V 102 47.25 -30.52 87.60
CA ILE V 102 46.81 -31.91 87.68
C ILE V 102 45.77 -32.20 86.61
N ASN V 103 45.94 -33.33 85.91
CA ASN V 103 45.01 -33.73 84.87
C ASN V 103 43.77 -34.42 85.44
N VAL V 104 43.07 -35.16 84.59
CA VAL V 104 41.85 -35.84 85.00
C VAL V 104 42.13 -37.04 85.91
N ILE V 105 43.19 -37.78 85.59
CA ILE V 105 43.51 -39.00 86.33
C ILE V 105 44.03 -38.71 87.73
N GLY V 106 44.56 -37.50 87.92
CA GLY V 106 45.12 -37.12 89.20
C GLY V 106 46.64 -37.20 89.21
N GLU V 107 47.24 -37.11 88.04
CA GLU V 107 48.69 -37.14 87.89
C GLU V 107 49.23 -35.75 87.55
N PRO V 108 50.52 -35.52 87.81
CA PRO V 108 51.17 -34.25 87.42
C PRO V 108 51.40 -34.19 85.92
N ILE V 109 51.28 -32.99 85.35
CA ILE V 109 51.55 -32.80 83.93
C ILE V 109 52.42 -31.57 83.68
N ASP V 110 52.63 -30.78 84.73
CA ASP V 110 53.54 -29.65 84.65
C ASP V 110 54.97 -30.10 84.95
N GLU V 111 55.15 -31.43 85.01
CA GLU V 111 56.47 -32.02 85.21
C GLU V 111 57.26 -31.38 86.34
N ARG V 112 56.63 -31.23 87.49
CA ARG V 112 57.31 -30.71 88.68
C ARG V 112 57.30 -31.73 89.80
N GLY V 113 57.53 -32.99 89.45
CA GLY V 113 57.62 -34.06 90.43
C GLY V 113 56.26 -34.61 90.85
N PRO V 114 56.25 -35.48 91.86
CA PRO V 114 55.03 -36.06 92.43
C PRO V 114 54.36 -35.08 93.39
N ILE V 115 53.13 -35.39 93.79
CA ILE V 115 52.40 -34.56 94.75
C ILE V 115 52.44 -35.16 96.14
N LYS V 116 52.79 -34.35 97.13
CA LYS V 116 52.90 -34.83 98.51
C LYS V 116 51.56 -34.74 99.25
N SER V 117 50.48 -35.10 98.56
CA SER V 117 49.16 -35.10 99.18
C SER V 117 49.07 -36.15 100.29
N LYS V 118 48.07 -36.00 101.15
CA LYS V 118 47.87 -36.95 102.25
C LYS V 118 46.73 -37.93 101.95
N LEU V 119 45.52 -37.40 101.78
CA LEU V 119 44.36 -38.24 101.48
C LEU V 119 43.93 -38.11 100.02
N ARG V 120 43.06 -39.01 99.59
CA ARG V 120 42.53 -38.99 98.23
C ARG V 120 41.02 -39.20 98.22
N LYS V 121 40.29 -38.20 97.73
CA LYS V 121 38.84 -38.28 97.64
C LYS V 121 38.40 -38.50 96.20
N PRO V 122 37.64 -39.58 95.95
CA PRO V 122 37.08 -39.88 94.62
C PRO V 122 36.27 -38.69 94.10
N ILE V 123 36.10 -38.60 92.78
CA ILE V 123 35.43 -37.45 92.18
C ILE V 123 33.93 -37.64 92.01
N HIS V 124 33.42 -38.79 92.43
CA HIS V 124 31.98 -39.05 92.37
C HIS V 124 31.33 -38.85 93.73
N ALA V 125 31.58 -37.69 94.32
CA ALA V 125 31.05 -37.37 95.63
C ALA V 125 29.61 -36.88 95.56
N ASP V 126 28.77 -37.39 96.46
CA ASP V 126 27.37 -37.00 96.52
C ASP V 126 27.23 -35.55 96.96
N PRO V 127 26.23 -34.83 96.40
CA PRO V 127 25.95 -33.44 96.75
C PRO V 127 25.38 -33.32 98.16
N PRO V 128 25.47 -32.11 98.75
CA PRO V 128 24.90 -31.84 100.08
C PRO V 128 23.39 -32.04 100.08
N SER V 129 22.86 -32.53 101.20
CA SER V 129 21.42 -32.77 101.32
C SER V 129 20.66 -31.45 101.48
N PHE V 130 19.35 -31.54 101.64
CA PHE V 130 18.51 -30.36 101.80
C PHE V 130 18.78 -29.65 103.12
N ALA V 131 19.22 -30.42 104.12
CA ALA V 131 19.46 -29.87 105.44
C ALA V 131 20.73 -29.01 105.49
N GLU V 132 21.76 -29.43 104.76
CA GLU V 132 23.03 -28.72 104.77
C GLU V 132 22.96 -27.38 104.05
N GLN V 133 21.89 -27.16 103.29
CA GLN V 133 21.70 -25.93 102.54
C GLN V 133 21.52 -24.73 103.47
N SER V 134 22.45 -23.78 103.39
CA SER V 134 22.39 -22.58 104.22
C SER V 134 21.67 -21.45 103.49
N SER V 136 20.81 -17.21 101.87
CA SER V 136 22.15 -16.63 101.92
C SER V 136 22.44 -15.81 100.67
N ALA V 137 23.01 -14.63 100.86
CA ALA V 137 23.37 -13.76 99.75
C ALA V 137 24.39 -12.71 100.20
N GLU V 138 25.40 -12.49 99.38
CA GLU V 138 26.45 -11.53 99.71
C GLU V 138 27.14 -11.00 98.46
N LEU V 140 29.87 -8.32 95.66
CA LEU V 140 31.30 -8.34 95.40
C LEU V 140 31.73 -7.12 94.59
N GLU V 141 32.95 -6.65 94.84
CA GLU V 141 33.52 -5.54 94.08
C GLU V 141 34.30 -6.06 92.88
N THR V 142 33.70 -5.95 91.70
CA THR V 142 34.32 -6.46 90.49
C THR V 142 35.18 -5.39 89.81
N GLY V 143 34.63 -4.19 89.67
CA GLY V 143 35.33 -3.09 89.03
C GLY V 143 34.57 -2.53 87.84
N ILE V 144 34.09 -3.42 86.97
CA ILE V 144 33.34 -3.01 85.79
C ILE V 144 32.03 -2.32 86.20
N LYS V 145 31.67 -1.27 85.47
CA LYS V 145 30.47 -0.50 85.79
C LYS V 145 29.20 -1.21 85.31
N VAL V 146 29.21 -1.65 84.07
CA VAL V 146 28.03 -2.27 83.46
C VAL V 146 27.78 -3.68 83.97
N VAL V 147 28.73 -4.20 84.75
CA VAL V 147 28.61 -5.57 85.26
C VAL V 147 28.40 -5.61 86.77
N ASP V 148 29.05 -4.70 87.49
CA ASP V 148 28.94 -4.66 88.95
C ASP V 148 27.63 -4.01 89.38
N LEU V 149 27.15 -3.06 88.58
CA LEU V 149 25.91 -2.35 88.89
C LEU V 149 24.69 -3.24 88.72
N LEU V 150 24.41 -3.62 87.47
CA LEU V 150 23.20 -4.35 87.14
C LEU V 150 23.11 -5.72 87.82
N ALA V 151 24.23 -6.41 87.94
CA ALA V 151 24.24 -7.77 88.47
C ALA V 151 25.31 -7.99 89.53
N PRO V 152 24.95 -7.79 90.81
CA PRO V 152 25.85 -8.09 91.92
C PRO V 152 26.11 -9.60 92.02
N TYR V 153 27.37 -9.99 92.13
CA TYR V 153 27.72 -11.40 92.19
C TYR V 153 27.28 -12.05 93.50
N ALA V 154 26.75 -13.27 93.40
CA ALA V 154 26.29 -14.00 94.58
C ALA V 154 27.40 -14.84 95.19
N ARG V 155 28.03 -14.30 96.24
CA ARG V 155 29.10 -15.02 96.92
C ARG V 155 28.56 -16.27 97.61
N GLY V 156 29.23 -17.39 97.40
CA GLY V 156 28.77 -18.66 97.93
C GLY V 156 27.75 -19.29 97.01
N GLY V 157 27.42 -18.58 95.93
CA GLY V 157 26.42 -19.04 94.98
C GLY V 157 27.03 -19.66 93.73
N LYS V 158 26.40 -19.40 92.59
CA LYS V 158 26.82 -20.00 91.33
C LYS V 158 26.68 -19.00 90.18
N ILE V 159 27.80 -18.44 89.75
CA ILE V 159 27.81 -17.42 88.71
C ILE V 159 28.26 -18.01 87.38
N GLY V 160 28.00 -17.27 86.30
CA GLY V 160 28.41 -17.69 84.98
C GLY V 160 28.44 -16.55 83.98
N LEU V 161 29.58 -16.37 83.32
CA LEU V 161 29.72 -15.34 82.30
C LEU V 161 29.51 -15.92 80.92
N PHE V 162 29.03 -15.08 79.99
CA PHE V 162 28.79 -15.51 78.61
C PHE V 162 29.53 -14.64 77.62
N GLY V 168 36.07 -13.91 72.10
CA GLY V 168 37.23 -13.57 72.89
C GLY V 168 36.92 -13.43 74.37
N LYS V 169 36.34 -14.48 74.95
CA LYS V 169 35.97 -14.46 76.35
C LYS V 169 37.17 -14.71 77.27
N THR V 170 38.35 -14.80 76.69
CA THR V 170 39.57 -15.04 77.45
C THR V 170 40.11 -13.74 78.02
N VAL V 171 39.79 -12.64 77.35
CA VAL V 171 40.18 -11.31 77.81
C VAL V 171 39.37 -10.94 79.05
N PHE V 172 38.14 -11.44 79.11
CA PHE V 172 37.21 -11.11 80.18
C PHE V 172 37.56 -11.86 81.48
N ILE V 173 37.74 -13.17 81.36
CA ILE V 173 38.01 -14.02 82.52
C ILE V 173 39.28 -13.64 83.28
N GLN V 174 40.34 -13.35 82.53
CA GLN V 174 41.63 -13.03 83.11
C GLN V 174 41.63 -11.67 83.80
N GLU V 175 40.56 -10.91 83.59
CA GLU V 175 40.38 -9.63 84.27
C GLU V 175 39.68 -9.84 85.61
N LEU V 176 38.97 -10.95 85.72
CA LEU V 176 38.26 -11.30 86.94
C LEU V 176 39.14 -12.10 87.90
N ILE V 177 40.39 -12.32 87.51
CA ILE V 177 41.35 -13.01 88.36
C ILE V 177 42.23 -12.00 89.10
N ASN V 178 42.76 -11.05 88.34
CA ASN V 178 43.63 -10.02 88.90
C ASN V 178 42.90 -9.12 89.88
N ASN V 179 41.58 -9.12 89.81
CA ASN V 179 40.76 -8.25 90.65
C ASN V 179 40.12 -8.97 91.83
N ILE V 180 39.71 -10.22 91.59
CA ILE V 180 38.96 -10.98 92.59
C ILE V 180 39.80 -12.02 93.31
N ALA V 181 40.43 -12.91 92.53
CA ALA V 181 41.21 -14.01 93.09
C ALA V 181 42.23 -13.54 94.13
N LYS V 182 42.84 -12.38 93.87
CA LYS V 182 43.80 -11.82 94.80
C LYS V 182 43.13 -11.17 96.01
N ALA V 183 42.05 -10.45 95.76
CA ALA V 183 41.31 -9.81 96.84
C ALA V 183 40.50 -10.83 97.64
N HIS V 184 40.62 -12.09 97.26
CA HIS V 184 39.87 -13.16 97.91
C HIS V 184 40.64 -13.80 99.05
N GLY V 185 40.02 -13.81 100.24
CA GLY V 185 40.61 -14.45 101.40
C GLY V 185 40.27 -15.93 101.43
N GLY V 186 40.71 -16.65 100.41
CA GLY V 186 40.43 -18.07 100.30
C GLY V 186 41.08 -18.69 99.07
N PHE V 187 40.86 -19.99 98.89
CA PHE V 187 41.50 -20.72 97.81
C PHE V 187 40.76 -20.55 96.47
N SER V 188 41.48 -20.82 95.38
CA SER V 188 40.92 -20.74 94.05
C SER V 188 41.37 -21.93 93.23
N VAL V 189 40.42 -22.57 92.53
CA VAL V 189 40.74 -23.72 91.70
C VAL V 189 40.21 -23.55 90.27
N PHE V 190 41.12 -23.42 89.31
CA PHE V 190 40.74 -23.22 87.92
C PHE V 190 40.76 -24.55 87.16
N THR V 191 39.59 -25.02 86.77
CA THR V 191 39.47 -26.25 86.01
C THR V 191 39.32 -25.97 84.52
N GLY V 192 40.18 -26.61 83.71
CA GLY V 192 40.16 -26.40 82.27
C GLY V 192 39.51 -27.54 81.52
N VAL V 193 38.19 -27.49 81.41
CA VAL V 193 37.43 -28.53 80.72
C VAL V 193 37.33 -28.24 79.22
N GLY V 194 37.96 -29.09 78.41
CA GLY V 194 37.89 -28.98 76.97
C GLY V 194 38.22 -27.59 76.45
N GLU V 195 39.23 -26.96 77.05
CA GLU V 195 39.66 -25.64 76.61
C GLU V 195 40.77 -25.74 75.58
N ARG V 196 41.08 -24.61 74.95
CA ARG V 196 42.17 -24.55 73.98
C ARG V 196 43.51 -24.67 74.70
N THR V 197 44.25 -25.73 74.39
CA THR V 197 45.52 -26.01 75.05
C THR V 197 46.45 -24.79 75.10
N ARG V 198 46.47 -24.03 74.00
CA ARG V 198 47.34 -22.87 73.91
C ARG V 198 46.93 -21.79 74.91
N GLU V 199 45.63 -21.68 75.14
CA GLU V 199 45.10 -20.67 76.07
C GLU V 199 45.41 -21.04 77.51
N GLY V 200 45.56 -22.34 77.77
CA GLY V 200 45.97 -22.79 79.09
C GLY V 200 47.42 -22.42 79.34
N ASN V 201 48.23 -22.49 78.30
CA ASN V 201 49.64 -22.13 78.39
C ASN V 201 49.80 -20.63 78.64
N ASP V 202 48.84 -19.84 78.18
CA ASP V 202 48.85 -18.40 78.36
C ASP V 202 48.45 -18.04 79.78
N LEU V 203 47.56 -18.83 80.36
CA LEU V 203 47.08 -18.60 81.71
C LEU V 203 48.21 -18.89 82.71
N TYR V 204 49.03 -19.88 82.38
CA TYR V 204 50.13 -20.31 83.24
C TYR V 204 51.12 -19.17 83.51
N ARG V 205 51.52 -18.46 82.46
CA ARG V 205 52.48 -17.37 82.61
C ARG V 205 51.85 -16.14 83.27
N GLU V 206 50.58 -15.87 82.98
CA GLU V 206 49.90 -14.69 83.53
C GLU V 206 49.84 -14.67 85.06
N MET V 207 49.41 -15.78 85.67
CA MET V 207 49.30 -15.87 87.13
C MET V 207 50.68 -15.93 87.80
N LYS V 208 51.61 -16.65 87.19
CA LYS V 208 52.94 -16.81 87.77
C LYS V 208 53.72 -15.50 87.80
N GLU V 209 53.16 -14.45 87.21
CA GLU V 209 53.83 -13.16 87.20
C GLU V 209 53.03 -12.07 87.92
N THR V 210 51.70 -12.16 87.85
CA THR V 210 50.84 -11.13 88.43
C THR V 210 50.93 -11.07 89.95
N GLY V 211 51.04 -12.24 90.58
CA GLY V 211 51.10 -12.32 92.03
C GLY V 211 50.21 -13.42 92.57
N VAL V 212 50.12 -14.52 91.83
CA VAL V 212 49.27 -15.63 92.23
C VAL V 212 50.11 -16.87 92.55
N ILE V 213 50.99 -17.24 91.63
CA ILE V 213 51.77 -18.46 91.77
C ILE V 213 53.27 -18.20 91.89
N ASN V 214 53.86 -18.71 92.95
CA ASN V 214 55.31 -18.67 93.13
C ASN V 214 55.88 -20.08 93.19
N LEU V 215 56.84 -20.37 92.33
CA LEU V 215 57.39 -21.72 92.21
C LEU V 215 57.91 -22.28 93.53
N GLU V 216 58.59 -21.45 94.31
CA GLU V 216 59.14 -21.87 95.59
C GLU V 216 58.38 -21.23 96.76
N GLY V 217 57.75 -20.10 96.49
CA GLY V 217 56.99 -19.39 97.51
C GLY V 217 55.57 -19.91 97.64
N GLU V 218 54.65 -19.03 98.02
CA GLU V 218 53.25 -19.41 98.22
C GLU V 218 52.52 -19.61 96.89
N SER V 219 51.80 -20.73 96.79
CA SER V 219 50.99 -21.01 95.61
C SER V 219 49.53 -20.75 95.93
N LYS V 220 48.96 -19.74 95.29
CA LYS V 220 47.61 -19.29 95.62
C LYS V 220 46.52 -20.12 94.94
N VAL V 221 46.66 -20.31 93.63
CA VAL V 221 45.65 -21.04 92.85
C VAL V 221 46.07 -22.48 92.61
N ALA V 222 45.09 -23.33 92.31
CA ALA V 222 45.35 -24.72 91.97
C ALA V 222 44.78 -25.02 90.58
N LEU V 223 45.59 -25.63 89.72
CA LEU V 223 45.22 -25.82 88.33
C LEU V 223 44.88 -27.26 87.96
N VAL V 224 43.83 -27.42 87.15
CA VAL V 224 43.44 -28.72 86.62
C VAL V 224 43.14 -28.55 85.14
N PHE V 225 43.68 -29.43 84.30
CA PHE V 225 43.51 -29.29 82.86
C PHE V 225 43.25 -30.59 82.11
N GLY V 226 42.22 -30.55 81.27
CA GLY V 226 41.90 -31.64 80.37
C GLY V 226 41.41 -31.06 79.05
N GLN V 227 42.35 -30.74 78.17
CA GLN V 227 42.03 -30.00 76.95
C GLN V 227 41.37 -30.84 75.87
N MET V 228 40.76 -30.15 74.90
CA MET V 228 39.93 -30.78 73.89
C MET V 228 40.60 -31.89 73.08
N ASN V 229 41.92 -31.95 73.13
CA ASN V 229 42.65 -32.99 72.40
C ASN V 229 42.57 -34.36 73.08
N GLU V 230 41.96 -34.39 74.26
CA GLU V 230 41.78 -35.63 75.01
C GLU V 230 40.46 -36.29 74.65
N PRO V 231 40.41 -37.63 74.76
CA PRO V 231 39.19 -38.42 74.46
C PRO V 231 37.99 -37.93 75.28
N PRO V 232 36.78 -38.25 74.81
CA PRO V 232 35.53 -37.85 75.48
C PRO V 232 35.50 -38.27 76.94
N GLY V 233 35.79 -39.54 77.21
CA GLY V 233 35.76 -40.07 78.56
C GLY V 233 36.54 -39.22 79.54
N ALA V 234 37.60 -38.58 79.06
CA ALA V 234 38.45 -37.75 79.92
C ALA V 234 37.84 -36.35 80.10
N ARG V 235 37.29 -35.81 79.03
CA ARG V 235 36.71 -34.47 79.06
C ARG V 235 35.40 -34.40 79.82
N ALA V 236 34.71 -35.54 79.92
CA ALA V 236 33.45 -35.60 80.66
C ALA V 236 33.70 -35.90 82.13
N ARG V 237 34.97 -36.08 82.49
CA ARG V 237 35.36 -36.40 83.86
C ARG V 237 36.34 -35.39 84.43
N VAL V 238 36.94 -34.59 83.55
CA VAL V 238 37.91 -33.58 83.97
C VAL V 238 37.25 -32.50 84.82
N ALA V 239 35.94 -32.35 84.67
CA ALA V 239 35.19 -31.37 85.44
C ALA V 239 35.04 -31.82 86.88
N LEU V 240 34.84 -33.12 87.07
CA LEU V 240 34.64 -33.68 88.40
C LEU V 240 35.94 -33.73 89.22
N THR V 241 37.06 -33.54 88.55
CA THR V 241 38.36 -33.59 89.21
C THR V 241 38.65 -32.31 89.99
N GLY V 242 38.46 -31.17 89.34
CA GLY V 242 38.64 -29.88 89.99
C GLY V 242 37.53 -29.61 90.98
N LEU V 243 36.42 -30.33 90.83
CA LEU V 243 35.27 -30.20 91.72
C LEU V 243 35.59 -30.80 93.09
N THR V 244 36.24 -31.95 93.08
CA THR V 244 36.60 -32.63 94.32
C THR V 244 37.63 -31.81 95.12
N ILE V 245 38.44 -31.04 94.40
CA ILE V 245 39.46 -30.21 95.03
C ILE V 245 38.82 -29.08 95.83
N ALA V 246 37.91 -28.36 95.18
CA ALA V 246 37.23 -27.23 95.82
C ALA V 246 36.35 -27.69 96.96
N GLU V 247 35.87 -28.94 96.87
CA GLU V 247 34.98 -29.50 97.89
C GLU V 247 35.73 -29.80 99.17
N TYR V 248 37.02 -30.08 99.06
CA TYR V 248 37.86 -30.39 100.22
C TYR V 248 38.14 -29.15 101.05
N PHE V 249 38.37 -28.03 100.38
CA PHE V 249 38.66 -26.78 101.08
C PHE V 249 37.42 -26.24 101.79
N ARG V 250 36.26 -26.78 101.43
CA ARG V 250 35.00 -26.35 102.03
C ARG V 250 34.60 -27.25 103.21
N ASP V 251 34.61 -28.55 102.99
CA ASP V 251 34.16 -29.50 103.99
C ASP V 251 35.21 -29.74 105.08
N GLU V 252 36.32 -30.35 104.71
CA GLU V 252 37.36 -30.70 105.67
C GLU V 252 38.16 -29.50 106.16
N GLU V 253 38.50 -28.60 105.24
CA GLU V 253 39.32 -27.44 105.57
C GLU V 253 38.48 -26.30 106.18
N GLY V 254 37.23 -26.20 105.75
CA GLY V 254 36.34 -25.16 106.22
C GLY V 254 36.81 -23.79 105.76
N GLN V 255 36.60 -23.49 104.49
CA GLN V 255 37.07 -22.23 103.90
C GLN V 255 36.15 -21.79 102.77
N ASP V 256 36.27 -20.51 102.39
CA ASP V 256 35.52 -19.96 101.27
C ASP V 256 36.23 -20.25 99.95
N VAL V 257 35.86 -21.34 99.30
CA VAL V 257 36.51 -21.77 98.07
C VAL V 257 36.00 -20.98 96.86
N LEU V 258 36.82 -20.91 95.83
CA LEU V 258 36.46 -20.21 94.60
C LEU V 258 36.78 -21.09 93.40
N LEU V 259 35.77 -21.81 92.91
CA LEU V 259 35.97 -22.77 91.85
C LEU V 259 35.62 -22.21 90.47
N PHE V 260 36.58 -22.25 89.56
CA PHE V 260 36.36 -21.79 88.19
C PHE V 260 36.22 -22.97 87.24
N ILE V 261 35.19 -22.93 86.40
CA ILE V 261 34.98 -23.96 85.40
C ILE V 261 35.01 -23.36 84.00
N ASP V 262 35.81 -23.94 83.12
CA ASP V 262 35.98 -23.42 81.78
C ASP V 262 36.62 -24.47 80.87
N ASN V 263 35.85 -24.94 79.89
CA ASN V 263 34.48 -24.47 79.66
C ASN V 263 33.43 -25.50 80.08
N ILE V 264 32.36 -25.03 80.69
CA ILE V 264 31.27 -25.89 81.14
C ILE V 264 30.53 -26.53 79.97
N PHE V 265 30.49 -25.83 78.84
CA PHE V 265 29.81 -26.33 77.65
C PHE V 265 30.47 -27.61 77.13
N ARG V 266 31.80 -27.66 77.21
CA ARG V 266 32.54 -28.83 76.76
C ARG V 266 32.13 -30.07 77.55
N PHE V 267 31.74 -29.87 78.81
CA PHE V 267 31.30 -30.95 79.66
C PHE V 267 30.07 -31.64 79.11
N THR V 268 29.08 -30.84 78.71
CA THR V 268 27.84 -31.38 78.17
C THR V 268 28.09 -32.08 76.84
N GLN V 269 29.01 -31.53 76.05
CA GLN V 269 29.34 -32.10 74.76
C GLN V 269 30.06 -33.44 74.93
N ALA V 270 31.09 -33.45 75.78
CA ALA V 270 31.78 -34.68 76.10
C ALA V 270 30.79 -35.71 76.64
N GLY V 271 29.79 -35.23 77.36
CA GLY V 271 28.74 -36.09 77.87
C GLY V 271 27.93 -36.70 76.74
N SER V 272 27.51 -35.85 75.81
CA SER V 272 26.76 -36.30 74.64
C SER V 272 27.57 -37.31 73.83
N GLU V 273 28.89 -37.08 73.76
CA GLU V 273 29.77 -37.96 73.01
C GLU V 273 29.74 -39.39 73.53
N VAL V 274 30.10 -39.58 74.80
CA VAL V 274 30.12 -40.90 75.39
C VAL V 274 28.75 -41.56 75.36
N SER V 275 27.71 -40.73 75.42
CA SER V 275 26.33 -41.23 75.39
C SER V 275 26.07 -42.03 74.11
N ALA V 276 26.70 -41.61 73.02
CA ALA V 276 26.54 -42.29 71.74
C ALA V 276 27.42 -43.53 71.66
N LEU V 277 28.65 -43.41 72.15
CA LEU V 277 29.61 -44.51 72.14
C LEU V 277 29.12 -45.71 72.94
N LEU V 278 28.28 -45.46 73.93
CA LEU V 278 27.74 -46.52 74.77
C LEU V 278 26.56 -47.21 74.10
N GLY V 279 25.74 -46.43 73.40
CA GLY V 279 24.59 -46.97 72.69
C GLY V 279 23.28 -46.28 73.07
N ARG V 280 23.38 -45.21 73.83
CA ARG V 280 22.20 -44.47 74.27
C ARG V 280 21.47 -43.84 73.09
N ILE V 281 20.14 -43.94 73.10
CA ILE V 281 19.32 -43.35 72.05
C ILE V 281 19.50 -41.83 72.03
N PRO V 282 19.81 -41.28 70.85
CA PRO V 282 20.02 -39.83 70.69
C PRO V 282 18.84 -39.03 71.22
N SER V 283 19.13 -38.00 72.00
CA SER V 283 18.09 -37.14 72.55
C SER V 283 17.79 -35.98 71.59
N ALA V 284 17.07 -34.98 72.09
CA ALA V 284 16.76 -33.80 71.28
C ALA V 284 18.04 -33.09 70.89
N VAL V 285 18.15 -32.72 69.62
CA VAL V 285 19.34 -32.07 69.08
C VAL V 285 20.57 -32.97 69.25
N GLY V 286 20.33 -34.28 69.25
CA GLY V 286 21.42 -35.25 69.30
C GLY V 286 22.16 -35.32 70.62
N TYR V 287 21.64 -34.64 71.63
CA TYR V 287 22.28 -34.62 72.95
C TYR V 287 22.08 -35.95 73.68
N GLN V 288 22.55 -35.99 74.93
CA GLN V 288 22.43 -37.19 75.75
C GLN V 288 21.15 -37.17 76.57
N PRO V 289 20.46 -38.32 76.64
CA PRO V 289 19.20 -38.46 77.37
C PRO V 289 19.31 -37.92 78.79
N THR V 290 20.39 -38.28 79.49
CA THR V 290 20.63 -37.78 80.83
C THR V 290 21.26 -36.40 80.79
N LEU V 291 20.43 -35.40 80.49
CA LEU V 291 20.92 -34.04 80.32
C LEU V 291 20.66 -33.19 81.55
N ALA V 292 19.47 -33.36 82.15
CA ALA V 292 19.10 -32.60 83.33
C ALA V 292 19.76 -33.16 84.59
N THR V 293 20.10 -34.45 84.56
CA THR V 293 20.72 -35.11 85.70
C THR V 293 22.23 -34.91 85.73
N ASP V 294 22.90 -35.25 84.63
CA ASP V 294 24.35 -35.09 84.53
C ASP V 294 24.77 -33.67 84.90
N MET V 295 24.03 -32.69 84.40
CA MET V 295 24.30 -31.29 84.67
C MET V 295 24.06 -30.95 86.15
N GLY V 296 23.04 -31.58 86.73
CA GLY V 296 22.66 -31.30 88.10
C GLY V 296 23.64 -31.85 89.14
N LEU V 297 24.07 -33.10 88.95
CA LEU V 297 25.00 -33.73 89.87
C LEU V 297 26.30 -32.95 89.98
N LEU V 298 26.64 -32.24 88.91
CA LEU V 298 27.86 -31.45 88.88
C LEU V 298 27.67 -30.10 89.58
N GLN V 299 26.54 -29.46 89.28
CA GLN V 299 26.26 -28.12 89.80
C GLN V 299 25.87 -28.14 91.28
N GLU V 300 24.90 -28.98 91.64
CA GLU V 300 24.40 -29.03 93.01
C GLU V 300 25.51 -29.13 94.05
N ARG V 301 26.49 -29.99 93.79
CA ARG V 301 27.62 -30.16 94.69
C ARG V 301 28.22 -28.80 95.06
N ILE V 302 28.28 -27.90 94.09
CA ILE V 302 28.72 -26.54 94.32
C ILE V 302 27.62 -25.75 95.02
N THR V 303 27.85 -25.44 96.30
CA THR V 303 26.84 -24.74 97.09
C THR V 303 27.38 -24.29 98.44
N THR V 304 26.63 -23.43 99.12
CA THR V 304 26.99 -23.01 100.47
C THR V 304 26.42 -23.98 101.48
N THR V 305 27.29 -24.56 102.30
CA THR V 305 26.87 -25.53 103.31
C THR V 305 27.09 -24.98 104.71
N LYS V 306 26.97 -25.86 105.71
CA LYS V 306 27.14 -25.47 107.09
C LYS V 306 28.62 -25.47 107.49
N LYS V 307 29.42 -26.25 106.77
CA LYS V 307 30.86 -26.31 107.01
C LYS V 307 31.57 -25.11 106.39
N GLY V 308 31.29 -24.86 105.11
CA GLY V 308 31.89 -23.75 104.39
C GLY V 308 30.99 -23.24 103.30
N SER V 309 31.59 -22.80 102.19
CA SER V 309 30.84 -22.31 101.05
C SER V 309 31.72 -22.29 99.80
N VAL V 310 31.11 -22.52 98.65
CA VAL V 310 31.84 -22.54 97.39
C VAL V 310 31.18 -21.67 96.32
N THR V 311 31.75 -20.49 96.08
CA THR V 311 31.30 -19.65 94.99
C THR V 311 31.73 -20.28 93.68
N SER V 312 30.97 -20.06 92.62
CA SER V 312 31.28 -20.64 91.33
C SER V 312 31.20 -19.62 90.20
N VAL V 313 32.17 -19.68 89.29
CA VAL V 313 32.17 -18.81 88.12
C VAL V 313 32.48 -19.64 86.88
N GLN V 314 31.48 -19.85 86.04
CA GLN V 314 31.61 -20.72 84.88
C GLN V 314 31.41 -19.98 83.56
N ALA V 315 32.45 -19.90 82.76
CA ALA V 315 32.34 -19.33 81.42
C ALA V 315 31.59 -20.33 80.54
N VAL V 316 30.53 -19.87 79.90
CA VAL V 316 29.68 -20.74 79.09
C VAL V 316 29.80 -20.41 77.61
N TYR V 317 29.93 -21.45 76.79
CA TYR V 317 30.00 -21.27 75.34
C TYR V 317 28.63 -21.56 74.71
N VAL V 318 28.22 -20.70 73.79
CA VAL V 318 26.94 -20.83 73.13
C VAL V 318 27.12 -21.34 71.70
N PRO V 319 26.71 -22.58 71.44
CA PRO V 319 26.85 -23.26 70.14
C PRO V 319 26.21 -22.45 69.01
N ALA V 320 27.03 -21.92 68.12
CA ALA V 320 26.55 -21.14 66.98
C ALA V 320 25.66 -19.98 67.44
N ASP V 321 25.90 -19.49 68.65
CA ASP V 321 25.10 -18.41 69.22
C ASP V 321 23.62 -18.76 69.25
N ASP V 322 23.27 -19.75 70.07
CA ASP V 322 21.90 -20.21 70.18
C ASP V 322 21.53 -20.50 71.63
N LEU V 323 20.60 -19.72 72.18
CA LEU V 323 20.17 -19.89 73.56
C LEU V 323 19.09 -20.95 73.70
N THR V 324 18.53 -21.39 72.58
CA THR V 324 17.52 -22.44 72.58
C THR V 324 18.19 -23.80 72.48
N ASP V 325 19.52 -23.81 72.44
CA ASP V 325 20.29 -25.04 72.39
C ASP V 325 20.24 -25.74 73.75
N PRO V 326 20.13 -27.07 73.75
CA PRO V 326 20.02 -27.87 74.97
C PRO V 326 21.20 -27.67 75.93
N ALA V 327 22.30 -27.09 75.44
CA ALA V 327 23.51 -26.90 76.26
C ALA V 327 23.44 -25.67 77.19
N PRO V 328 23.35 -24.45 76.62
CA PRO V 328 23.24 -23.23 77.42
C PRO V 328 21.88 -23.09 78.12
N ALA V 329 20.88 -23.88 77.71
CA ALA V 329 19.56 -23.78 78.32
C ALA V 329 19.50 -24.48 79.67
N THR V 330 20.25 -25.57 79.78
CA THR V 330 20.30 -26.33 81.03
C THR V 330 21.30 -25.69 81.99
N THR V 331 22.16 -24.83 81.45
CA THR V 331 23.19 -24.16 82.23
C THR V 331 22.67 -22.86 82.85
N PHE V 332 21.65 -22.27 82.21
CA PHE V 332 21.03 -21.07 82.74
C PHE V 332 20.16 -21.37 83.96
N ALA V 333 19.70 -22.61 84.06
CA ALA V 333 18.78 -23.01 85.13
C ALA V 333 19.46 -23.06 86.49
N HIS V 334 20.78 -23.18 86.50
CA HIS V 334 21.54 -23.31 87.74
C HIS V 334 22.24 -22.01 88.14
N LEU V 335 22.33 -21.06 87.20
CA LEU V 335 23.05 -19.82 87.44
C LEU V 335 22.25 -18.82 88.27
N ASP V 336 22.97 -17.97 89.00
CA ASP V 336 22.34 -16.92 89.79
C ASP V 336 22.50 -15.57 89.11
N ALA V 337 23.61 -15.40 88.40
CA ALA V 337 23.89 -14.16 87.69
C ALA V 337 24.69 -14.43 86.42
N THR V 338 24.64 -13.51 85.47
CA THR V 338 25.38 -13.64 84.23
C THR V 338 26.12 -12.34 83.88
N THR V 339 27.33 -12.47 83.35
CA THR V 339 28.14 -11.32 82.98
C THR V 339 28.34 -11.25 81.48
N ARG V 343 27.55 -9.61 71.20
CA ARG V 343 28.32 -9.55 69.96
C ARG V 343 27.89 -8.38 69.09
N GLY V 344 26.62 -7.98 69.24
CA GLY V 344 26.05 -6.93 68.43
C GLY V 344 26.40 -5.53 68.90
N ILE V 345 26.44 -5.34 70.21
CA ILE V 345 26.72 -4.03 70.79
C ILE V 345 28.21 -3.70 70.75
N SER V 346 29.05 -4.73 70.81
CA SER V 346 30.50 -4.54 70.78
C SER V 346 30.95 -4.06 69.40
N GLU V 347 30.30 -4.57 68.35
CA GLU V 347 30.62 -4.18 66.98
C GLU V 347 30.32 -2.70 66.76
N LEU V 348 29.54 -2.12 67.67
CA LEU V 348 29.25 -0.69 67.64
C LEU V 348 30.38 0.10 68.26
N ILE V 350 32.09 -0.95 71.76
CA ILE V 350 31.94 -0.90 73.22
C ILE V 350 32.49 -2.14 73.89
N TYR V 351 33.46 -1.94 74.79
CA TYR V 351 34.00 -3.03 75.59
C TYR V 351 33.41 -2.97 76.99
N PRO V 352 33.02 -4.13 77.54
CA PRO V 352 33.13 -5.45 76.90
C PRO V 352 31.95 -5.71 75.96
N ALA V 353 31.94 -6.89 75.33
CA ALA V 353 30.86 -7.26 74.44
C ALA V 353 29.57 -7.51 75.22
N ASP V 355 26.78 -6.26 77.52
CA ASP V 355 25.34 -6.17 77.25
C ASP V 355 24.57 -6.00 78.56
N PRO V 356 24.06 -4.78 78.79
CA PRO V 356 23.31 -4.44 80.01
C PRO V 356 22.13 -5.38 80.27
N LEU V 357 21.41 -5.72 79.21
CA LEU V 357 20.23 -6.60 79.33
C LEU V 357 20.62 -8.06 79.52
N ASP V 358 19.75 -8.78 80.23
CA ASP V 358 19.94 -10.21 80.47
C ASP V 358 21.15 -10.51 81.35
N SER V 359 22.06 -9.56 81.45
CA SER V 359 23.21 -9.68 82.33
C SER V 359 22.80 -9.31 83.75
N LYS V 360 21.65 -9.81 84.17
CA LYS V 360 21.06 -9.47 85.47
C LYS V 360 21.53 -10.43 86.55
N SER V 361 20.89 -10.33 87.72
CA SER V 361 21.19 -11.20 88.84
C SER V 361 20.00 -11.30 89.78
N ARG V 362 19.88 -12.41 90.50
CA ARG V 362 18.79 -12.61 91.44
C ARG V 362 19.07 -11.88 92.75
N LEU V 363 19.79 -10.77 92.67
CA LEU V 363 20.18 -10.02 93.85
C LEU V 363 19.87 -8.53 93.68
N LEU V 364 19.29 -8.18 92.55
CA LEU V 364 18.90 -6.80 92.29
C LEU V 364 17.76 -6.42 93.23
N ASP V 365 18.10 -6.04 94.45
CA ASP V 365 17.12 -5.79 95.49
C ASP V 365 17.18 -4.36 96.00
N ALA V 366 16.41 -4.07 97.04
CA ALA V 366 16.38 -2.75 97.64
C ALA V 366 16.92 -2.79 99.06
N ALA V 367 16.98 -3.98 99.64
CA ALA V 367 17.47 -4.17 101.00
C ALA V 367 18.86 -4.78 101.01
N VAL V 368 19.08 -5.74 100.11
CA VAL V 368 20.35 -6.45 100.05
C VAL V 368 21.50 -5.53 99.62
N VAL V 369 21.19 -4.58 98.73
CA VAL V 369 22.21 -3.65 98.24
C VAL V 369 21.80 -2.19 98.41
N GLY V 370 20.51 -1.91 98.29
CA GLY V 370 20.01 -0.56 98.48
C GLY V 370 18.89 -0.19 97.52
N GLN V 371 17.99 0.66 98.00
CA GLN V 371 16.86 1.13 97.20
C GLN V 371 17.32 2.07 96.09
N GLU V 372 18.19 3.01 96.44
CA GLU V 372 18.67 4.00 95.48
C GLU V 372 19.52 3.36 94.39
N HIS V 373 20.40 2.46 94.79
CA HIS V 373 21.25 1.74 93.84
C HIS V 373 20.39 0.91 92.90
N TYR V 374 19.29 0.40 93.42
CA TYR V 374 18.33 -0.36 92.64
C TYR V 374 17.69 0.50 91.56
N ASP V 375 17.40 1.75 91.92
CA ASP V 375 16.71 2.68 91.02
C ASP V 375 17.65 3.40 90.06
N VAL V 376 18.96 3.32 90.32
CA VAL V 376 19.94 3.92 89.44
C VAL V 376 20.20 3.01 88.23
N ALA V 377 20.26 1.70 88.50
CA ALA V 377 20.44 0.72 87.44
C ALA V 377 19.13 0.49 86.69
N SER V 378 18.02 0.68 87.38
CA SER V 378 16.70 0.49 86.78
C SER V 378 16.35 1.62 85.83
N LYS V 379 16.79 2.83 86.15
CA LYS V 379 16.57 3.99 85.29
C LYS V 379 17.38 3.80 84.01
N VAL V 380 18.50 3.11 84.13
CA VAL V 380 19.33 2.77 82.97
C VAL V 380 18.60 1.76 82.10
N GLN V 381 17.93 0.81 82.74
CA GLN V 381 17.17 -0.21 82.03
C GLN V 381 15.96 0.41 81.32
N GLU V 382 15.43 1.49 81.90
CA GLU V 382 14.25 2.15 81.35
C GLU V 382 14.58 3.05 80.16
N THR V 383 15.76 3.64 80.17
CA THR V 383 16.18 4.54 79.10
C THR V 383 16.67 3.76 77.89
N LEU V 384 17.21 2.57 78.13
CA LEU V 384 17.81 1.77 77.08
C LEU V 384 16.79 0.93 76.31
N GLN V 385 15.71 0.53 76.97
CA GLN V 385 14.72 -0.33 76.34
C GLN V 385 13.79 0.44 75.40
N THR V 386 13.57 1.71 75.71
CA THR V 386 12.78 2.58 74.85
C THR V 386 13.51 2.79 73.54
N TYR V 387 14.84 2.77 73.63
CA TYR V 387 15.71 2.99 72.48
C TYR V 387 15.69 1.81 71.52
N LYS V 388 15.88 0.60 72.07
CA LYS V 388 15.99 -0.60 71.26
C LYS V 388 14.66 -1.02 70.65
N SER V 389 13.56 -0.72 71.33
CA SER V 389 12.24 -1.11 70.86
C SER V 389 11.72 -0.15 69.78
N LEU V 390 12.11 1.12 69.90
CA LEU V 390 11.67 2.14 68.96
C LEU V 390 12.85 2.68 68.17
N GLN V 391 13.64 1.77 67.61
CA GLN V 391 14.85 2.14 66.87
C GLN V 391 14.64 2.00 65.36
N ASP V 392 13.61 1.26 64.97
CA ASP V 392 13.27 1.11 63.56
C ASP V 392 12.59 2.38 63.06
N ILE V 393 12.01 3.13 63.99
CA ILE V 393 11.44 4.43 63.67
C ILE V 393 12.58 5.39 63.35
N ILE V 394 13.76 5.04 63.84
CA ILE V 394 14.97 5.81 63.59
C ILE V 394 15.66 5.31 62.32
N ALA V 395 15.12 4.24 61.75
CA ALA V 395 15.73 3.60 60.60
C ALA V 395 15.16 4.10 59.27
N ILE V 396 13.87 4.42 59.26
CA ILE V 396 13.20 4.85 58.04
C ILE V 396 13.52 6.30 57.66
N LEU V 397 13.57 7.17 58.67
CA LEU V 397 13.87 8.59 58.44
C LEU V 397 15.00 9.09 59.34
N GLY V 398 14.98 8.67 60.61
CA GLY V 398 16.00 9.07 61.56
C GLY V 398 15.41 9.61 62.85
N MET V 399 16.12 10.57 63.45
CA MET V 399 15.66 11.19 64.69
C MET V 399 15.02 12.55 64.43
N ASP V 400 13.80 12.53 63.92
CA ASP V 400 13.08 13.76 63.61
C ASP V 400 11.62 13.66 64.05
N GLU V 401 11.10 12.43 64.02
CA GLU V 401 9.69 12.19 64.31
C GLU V 401 9.40 12.10 65.81
N LEU V 402 10.43 12.27 66.63
CA LEU V 402 10.26 12.18 68.08
C LEU V 402 9.42 13.33 68.63
N SER V 403 8.52 13.00 69.54
CA SER V 403 7.68 13.99 70.19
C SER V 403 8.43 14.70 71.31
N GLU V 404 7.72 15.50 72.09
CA GLU V 404 8.33 16.25 73.18
C GLU V 404 8.79 15.33 74.30
N GLN V 405 8.06 14.25 74.52
CA GLN V 405 8.37 13.28 75.56
C GLN V 405 9.55 12.40 75.15
N ASP V 406 9.57 12.02 73.88
CA ASP V 406 10.54 11.04 73.39
C ASP V 406 11.80 11.71 72.84
N LYS V 407 11.77 13.02 72.68
CA LYS V 407 12.91 13.76 72.15
C LYS V 407 14.02 13.88 73.18
N LEU V 408 13.63 14.04 74.44
CA LEU V 408 14.61 14.14 75.53
C LEU V 408 14.84 12.77 76.14
N THR V 409 15.04 11.76 75.28
CA THR V 409 15.23 10.38 75.73
C THR V 409 16.09 9.59 74.75
N VAL V 410 15.83 9.76 73.46
CA VAL V 410 16.54 9.03 72.42
C VAL V 410 18.05 9.27 72.45
N GLU V 411 18.44 10.51 72.75
CA GLU V 411 19.87 10.84 72.83
C GLU V 411 20.44 10.54 74.20
N ARG V 412 19.58 10.29 75.18
CA ARG V 412 20.00 10.02 76.54
C ARG V 412 20.19 8.52 76.75
N ALA V 413 19.64 7.73 75.83
CA ALA V 413 19.75 6.28 75.89
C ALA V 413 21.08 5.82 75.28
N ARG V 414 21.62 6.65 74.39
CA ARG V 414 22.83 6.30 73.67
C ARG V 414 24.10 6.66 74.45
N LYS V 415 23.97 7.63 75.35
CA LYS V 415 25.11 8.07 76.16
C LYS V 415 25.37 7.12 77.33
N ILE V 416 24.31 6.45 77.78
CA ILE V 416 24.42 5.54 78.92
C ILE V 416 25.03 4.21 78.52
N GLN V 417 24.61 3.68 77.37
CA GLN V 417 25.12 2.41 76.88
C GLN V 417 26.58 2.54 76.46
N ARG V 418 26.96 3.76 76.07
CA ARG V 418 28.33 4.03 75.65
C ARG V 418 29.20 4.28 76.88
N PHE V 419 28.54 4.50 78.02
CA PHE V 419 29.24 4.76 79.27
C PHE V 419 28.94 3.68 80.30
N SER V 421 31.32 1.97 78.47
CA SER V 421 32.49 1.15 78.19
C SER V 421 33.64 1.48 79.14
N GLN V 422 34.32 0.44 79.62
CA GLN V 422 35.46 0.61 80.52
C GLN V 422 36.66 -0.21 80.06
N PRO V 423 37.79 0.48 79.84
CA PRO V 423 39.05 -0.20 79.46
C PRO V 423 39.52 -1.14 80.57
N PHE V 424 40.24 -2.20 80.21
CA PHE V 424 40.76 -3.13 81.21
C PHE V 424 42.28 -3.29 81.12
N ALA V 425 42.87 -3.91 82.14
CA ALA V 425 44.32 -4.07 82.19
C ALA V 425 44.78 -5.27 81.37
N VAL V 426 44.03 -6.36 81.41
CA VAL V 426 44.35 -7.55 80.65
C VAL V 426 44.29 -7.25 79.16
N ALA V 427 43.38 -6.36 78.79
CA ALA V 427 43.27 -5.92 77.40
C ALA V 427 44.30 -4.85 77.11
N GLU V 428 45.58 -5.21 77.22
CA GLU V 428 46.67 -4.27 77.02
C GLU V 428 47.51 -4.64 75.81
N VAL V 429 47.59 -5.94 75.53
CA VAL V 429 48.34 -6.43 74.38
C VAL V 429 47.43 -6.69 73.18
N PHE V 430 46.13 -6.69 73.44
CA PHE V 430 45.14 -6.89 72.38
C PHE V 430 44.72 -5.56 71.78
N THR V 431 44.36 -4.60 72.65
CA THR V 431 43.95 -3.28 72.20
C THR V 431 45.10 -2.29 72.31
N GLY V 432 45.28 -1.72 73.50
CA GLY V 432 46.32 -0.74 73.73
C GLY V 432 45.88 0.32 74.72
N ILE V 433 44.59 0.31 75.05
CA ILE V 433 44.04 1.28 75.99
C ILE V 433 44.18 0.80 77.43
N PRO V 434 44.82 1.62 78.27
CA PRO V 434 44.99 1.31 79.70
C PRO V 434 43.63 1.21 80.40
N GLY V 435 43.52 0.32 81.38
CA GLY V 435 42.27 0.11 82.07
C GLY V 435 42.14 0.87 83.38
N LYS V 436 40.91 0.98 83.87
CA LYS V 436 40.65 1.63 85.16
C LYS V 436 39.52 0.93 85.91
N LEU V 437 39.79 0.59 87.17
CA LEU V 437 38.82 -0.11 88.00
C LEU V 437 37.88 0.85 88.71
N VAL V 438 36.59 0.62 88.56
CA VAL V 438 35.58 1.45 89.21
C VAL V 438 35.07 0.79 90.49
N ARG V 439 34.94 1.59 91.55
CA ARG V 439 34.56 1.07 92.87
C ARG V 439 33.10 0.66 92.95
N LEU V 440 32.58 0.62 94.17
CA LEU V 440 31.19 0.21 94.42
C LEU V 440 30.25 1.41 94.39
N LYS V 441 30.31 2.24 95.43
CA LYS V 441 29.45 3.40 95.54
C LYS V 441 29.80 4.47 94.50
N ASP V 442 30.95 4.30 93.86
CA ASP V 442 31.43 5.27 92.88
C ASP V 442 30.58 5.25 91.61
N THR V 443 30.10 4.08 91.24
CA THR V 443 29.27 3.93 90.04
C THR V 443 27.83 4.37 90.32
N VAL V 444 27.56 4.73 91.57
CA VAL V 444 26.23 5.12 91.98
C VAL V 444 25.98 6.60 91.76
N ALA V 445 27.02 7.41 91.93
CA ALA V 445 26.90 8.86 91.78
C ALA V 445 27.57 9.36 90.51
N SER V 446 27.37 8.64 89.41
CA SER V 446 27.92 9.04 88.11
C SER V 446 26.86 8.92 87.02
N PHE V 447 25.96 7.96 87.18
CA PHE V 447 24.87 7.76 86.24
C PHE V 447 23.66 8.59 86.63
N LYS V 448 23.55 8.92 87.91
CA LYS V 448 22.39 9.63 88.44
C LYS V 448 22.33 11.09 87.98
N ALA V 449 23.46 11.60 87.48
CA ALA V 449 23.54 12.99 87.05
C ALA V 449 23.15 13.14 85.57
N VAL V 450 23.72 12.29 84.73
CA VAL V 450 23.46 12.34 83.29
C VAL V 450 22.00 12.06 82.98
N LEU V 451 21.40 11.17 83.76
CA LEU V 451 20.03 10.73 83.52
C LEU V 451 18.98 11.84 83.67
N GLU V 452 19.32 12.87 84.43
CA GLU V 452 18.37 13.95 84.71
C GLU V 452 18.67 15.24 83.96
N GLY V 453 19.70 15.21 83.13
CA GLY V 453 20.04 16.36 82.31
C GLY V 453 21.14 17.24 82.88
N LYS V 454 22.27 16.62 83.19
CA LYS V 454 23.44 17.36 83.68
C LYS V 454 24.59 17.22 82.68
N TYR V 455 24.70 16.05 82.07
CA TYR V 455 25.73 15.79 81.06
C TYR V 455 25.09 15.57 79.69
N ASP V 456 24.26 16.52 79.27
CA ASP V 456 23.55 16.39 77.99
C ASP V 456 24.17 17.28 76.92
N ASN V 457 25.50 17.27 76.82
CA ASN V 457 26.18 18.11 75.84
C ASN V 457 27.45 17.48 75.27
N ILE V 458 28.33 16.98 76.13
CA ILE V 458 29.61 16.43 75.70
C ILE V 458 29.42 15.25 74.74
N PRO V 459 30.22 15.21 73.67
CA PRO V 459 30.15 14.17 72.64
C PRO V 459 30.21 12.74 73.17
N GLU V 460 30.12 11.77 72.26
CA GLU V 460 30.05 10.36 72.62
C GLU V 460 31.34 9.85 73.24
N HIS V 461 32.47 10.25 72.67
CA HIS V 461 33.77 9.75 73.10
C HIS V 461 34.10 10.15 74.54
N ALA V 462 33.46 11.22 75.02
CA ALA V 462 33.68 11.68 76.38
C ALA V 462 33.29 10.62 77.40
N PHE V 463 32.34 9.77 77.03
CA PHE V 463 31.90 8.68 77.88
C PHE V 463 32.54 7.36 77.49
N TYR V 464 33.15 7.35 76.29
CA TYR V 464 33.76 6.13 75.75
C TYR V 464 35.14 5.88 76.36
N MET V 465 35.32 4.69 76.92
CA MET V 465 36.59 4.29 77.50
C MET V 465 37.11 5.25 78.58
N VAL V 466 36.26 5.52 79.57
CA VAL V 466 36.67 6.30 80.74
C VAL V 466 36.46 5.48 82.00
N GLY V 467 36.72 6.10 83.16
CA GLY V 467 36.62 5.41 84.43
C GLY V 467 35.29 5.61 85.13
N GLY V 468 35.34 6.19 86.32
CA GLY V 468 34.14 6.46 87.11
C GLY V 468 33.43 7.71 86.66
N ILE V 469 33.68 8.81 87.36
CA ILE V 469 33.06 10.09 87.04
C ILE V 469 34.12 11.18 86.90
N GLU V 470 35.21 11.05 87.64
CA GLU V 470 36.30 12.01 87.59
C GLU V 470 36.92 12.06 86.20
N ASP V 471 37.14 10.89 85.61
CA ASP V 471 37.77 10.78 84.30
C ASP V 471 36.86 11.30 83.19
N VAL V 472 35.56 11.25 83.43
CA VAL V 472 34.59 11.68 82.42
C VAL V 472 34.63 13.20 82.22
N VAL V 473 34.96 13.92 83.28
CA VAL V 473 35.05 15.38 83.22
C VAL V 473 36.35 15.83 82.55
N ALA V 474 37.38 14.99 82.67
CA ALA V 474 38.68 15.30 82.09
C ALA V 474 38.70 15.03 80.59
N LYS V 475 37.85 14.13 80.14
CA LYS V 475 37.74 13.81 78.72
C LYS V 475 36.79 14.79 78.05
N ALA V 476 36.22 15.69 78.84
CA ALA V 476 35.27 16.66 78.34
C ALA V 476 35.97 17.94 77.89
N GLU V 477 37.12 18.23 78.50
CA GLU V 477 37.89 19.42 78.14
C GLU V 477 38.90 19.09 77.03
N LYS V 478 39.45 17.88 77.07
CA LYS V 478 40.38 17.42 76.05
C LYS V 478 39.69 17.34 74.70
N LEU V 479 38.42 16.94 74.73
CA LEU V 479 37.63 16.81 73.51
C LEU V 479 36.91 18.10 73.15
N ALA V 480 36.20 18.68 74.12
CA ALA V 480 35.44 19.90 73.89
C ALA V 480 36.12 21.12 74.50
N PRO W 14 -15.86 -69.24 76.52
CA PRO W 14 -14.89 -68.39 77.21
C PRO W 14 -13.46 -68.91 77.05
N ILE W 15 -12.54 -68.02 76.71
CA ILE W 15 -11.14 -68.40 76.50
C ILE W 15 -10.23 -67.80 77.56
N THR W 16 -9.35 -68.61 78.10
CA THR W 16 -8.40 -68.16 79.12
C THR W 16 -7.13 -67.63 78.47
N GLY W 17 -6.52 -66.63 79.10
CA GLY W 17 -5.29 -66.05 78.59
C GLY W 17 -4.40 -65.54 79.71
N LYS W 18 -3.11 -65.86 79.62
CA LYS W 18 -2.16 -65.43 80.63
C LYS W 18 -1.33 -64.24 80.15
N VAL W 19 -1.32 -63.16 80.94
CA VAL W 19 -0.53 -61.99 80.61
C VAL W 19 0.95 -62.36 80.55
N THR W 20 1.61 -62.03 79.44
CA THR W 20 3.00 -62.39 79.24
C THR W 20 3.92 -61.18 79.42
N ALA W 21 3.48 -60.02 78.94
CA ALA W 21 4.30 -58.81 79.02
C ALA W 21 3.44 -57.55 79.11
N VAL W 22 3.90 -56.59 79.91
CA VAL W 22 3.22 -55.30 80.05
C VAL W 22 4.22 -54.16 80.02
N ILE W 23 4.27 -53.44 78.90
CA ILE W 23 5.18 -52.32 78.74
C ILE W 23 4.42 -51.01 78.60
N GLY W 24 4.47 -50.17 79.63
CA GLY W 24 3.79 -48.89 79.60
C GLY W 24 2.30 -49.03 79.41
N ALA W 25 1.85 -49.01 78.16
CA ALA W 25 0.44 -49.13 77.84
C ALA W 25 0.18 -50.19 76.77
N ILE W 26 1.09 -51.15 76.64
CA ILE W 26 0.92 -52.24 75.70
C ILE W 26 1.00 -53.59 76.41
N VAL W 27 -0.03 -54.41 76.23
CA VAL W 27 -0.11 -55.69 76.90
C VAL W 27 0.02 -56.85 75.93
N ASP W 28 0.71 -57.91 76.35
CA ASP W 28 0.88 -59.11 75.53
C ASP W 28 0.27 -60.32 76.23
N VAL W 29 -0.65 -61.00 75.56
CA VAL W 29 -1.35 -62.13 76.16
C VAL W 29 -1.02 -63.45 75.46
N HIS W 30 -0.86 -64.50 76.26
CA HIS W 30 -0.52 -65.82 75.74
C HIS W 30 -1.75 -66.72 75.70
N PHE W 31 -1.96 -67.38 74.57
CA PHE W 31 -3.11 -68.26 74.40
C PHE W 31 -2.72 -69.62 73.84
N GLU W 32 -3.55 -70.14 72.94
CA GLU W 32 -3.31 -71.44 72.32
C GLU W 32 -3.35 -71.35 70.79
N GLN W 33 -2.77 -72.34 70.13
CA GLN W 33 -2.74 -72.38 68.67
C GLN W 33 -4.14 -72.54 68.07
N SER W 34 -4.39 -71.84 66.97
CA SER W 34 -5.71 -71.84 66.34
C SER W 34 -6.81 -71.57 67.36
N GLU W 35 -6.52 -70.65 68.29
CA GLU W 35 -7.46 -70.30 69.35
C GLU W 35 -7.30 -68.84 69.71
N LEU W 36 -6.32 -68.19 69.10
CA LEU W 36 -6.03 -66.78 69.36
C LEU W 36 -7.15 -65.86 68.89
N PRO W 37 -7.42 -64.79 69.65
CA PRO W 37 -8.44 -63.81 69.28
C PRO W 37 -8.04 -63.04 68.02
N ALA W 38 -9.01 -62.73 67.17
CA ALA W 38 -8.75 -61.97 65.96
C ALA W 38 -8.29 -60.55 66.32
N ILE W 39 -8.06 -59.73 65.31
CA ILE W 39 -7.64 -58.36 65.52
C ILE W 39 -8.87 -57.49 65.82
N LEU W 40 -8.70 -56.54 66.73
CA LEU W 40 -9.78 -55.64 67.15
C LEU W 40 -10.71 -56.26 68.20
N ASN W 41 -10.38 -57.47 68.63
CA ASN W 41 -11.15 -58.13 69.69
C ASN W 41 -11.01 -57.39 71.02
N ALA W 42 -12.00 -57.57 71.88
CA ALA W 42 -11.99 -56.94 73.20
C ALA W 42 -11.59 -57.94 74.28
N LEU W 43 -10.61 -57.56 75.09
CA LEU W 43 -10.13 -58.43 76.16
C LEU W 43 -10.37 -57.80 77.53
N GLU W 44 -10.98 -58.57 78.43
CA GLU W 44 -11.29 -58.07 79.76
C GLU W 44 -10.38 -58.63 80.84
N ILE W 45 -10.11 -57.81 81.85
CA ILE W 45 -9.36 -58.24 83.03
C ILE W 45 -10.08 -57.80 84.30
N LYS W 46 -10.30 -58.75 85.20
CA LYS W 46 -11.01 -58.45 86.45
C LYS W 46 -10.13 -57.66 87.43
N THR W 47 -10.20 -56.34 87.33
CA THR W 47 -9.45 -55.47 88.23
C THR W 47 -10.24 -55.19 89.50
N PRO W 48 -9.53 -54.84 90.60
CA PRO W 48 -10.17 -54.56 91.89
C PRO W 48 -11.31 -53.54 91.79
N GLN W 49 -11.22 -52.63 90.82
CA GLN W 49 -12.24 -51.60 90.64
C GLN W 49 -13.37 -52.11 89.74
N GLY W 50 -13.04 -52.37 88.48
CA GLY W 50 -14.03 -52.84 87.52
C GLY W 50 -13.45 -53.80 86.50
N LYS W 51 -12.95 -53.26 85.40
CA LYS W 51 -12.34 -54.07 84.35
C LYS W 51 -11.30 -53.29 83.56
N LEU W 52 -10.51 -54.02 82.78
CA LEU W 52 -9.47 -53.41 81.95
C LEU W 52 -9.53 -53.97 80.53
N VAL W 53 -10.05 -53.17 79.60
CA VAL W 53 -10.25 -53.63 78.24
C VAL W 53 -8.98 -53.50 77.40
N LEU W 54 -8.74 -54.49 76.54
CA LEU W 54 -7.58 -54.48 75.66
C LEU W 54 -7.99 -54.80 74.23
N GLU W 55 -7.37 -54.13 73.26
CA GLU W 55 -7.69 -54.32 71.86
C GLU W 55 -6.54 -55.01 71.12
N VAL W 56 -6.85 -56.09 70.40
CA VAL W 56 -5.84 -56.84 69.68
C VAL W 56 -5.28 -56.04 68.51
N ALA W 57 -3.96 -56.02 68.38
CA ALA W 57 -3.30 -55.26 67.34
C ALA W 57 -2.41 -56.13 66.45
N GLN W 58 -1.59 -56.97 67.08
CA GLN W 58 -0.66 -57.82 66.34
C GLN W 58 -0.60 -59.24 66.91
N HIS W 59 -0.17 -60.18 66.06
CA HIS W 59 0.08 -61.55 66.50
C HIS W 59 1.57 -61.82 66.47
N LEU W 60 2.25 -61.48 67.56
CA LEU W 60 3.70 -61.58 67.64
C LEU W 60 4.24 -62.96 67.27
N GLY W 61 3.38 -63.95 67.27
CA GLY W 61 3.76 -65.30 66.91
C GLY W 61 3.92 -66.21 68.11
N GLU W 62 3.84 -67.52 67.88
CA GLU W 62 3.94 -68.50 68.95
C GLU W 62 2.84 -68.31 69.99
N ASN W 63 1.65 -67.96 69.52
CA ASN W 63 0.48 -67.84 70.37
C ASN W 63 0.53 -66.66 71.34
N THR W 64 0.95 -65.50 70.83
CA THR W 64 0.99 -64.28 71.63
C THR W 64 0.52 -63.08 70.83
N VAL W 65 -0.39 -62.30 71.39
CA VAL W 65 -0.91 -61.12 70.73
C VAL W 65 -0.40 -59.85 71.39
N ARG W 66 -0.47 -58.74 70.65
CA ARG W 66 -0.05 -57.44 71.17
C ARG W 66 -1.24 -56.49 71.24
N THR W 67 -1.64 -56.13 72.46
CA THR W 67 -2.83 -55.31 72.66
C THR W 67 -2.49 -53.94 73.25
N ILE W 68 -3.41 -52.99 73.07
CA ILE W 68 -3.24 -51.65 73.60
C ILE W 68 -4.22 -51.35 74.73
N ALA W 69 -3.79 -50.51 75.67
CA ALA W 69 -4.57 -50.25 76.88
C ALA W 69 -5.83 -49.42 76.63
N MET W 70 -6.78 -49.52 77.55
CA MET W 70 -8.00 -48.72 77.51
C MET W 70 -8.19 -48.02 78.84
N ASP W 71 -7.15 -48.06 79.67
CA ASP W 71 -7.14 -47.40 80.97
C ASP W 71 -5.80 -47.66 81.64
N GLY W 72 -5.51 -46.91 82.70
CA GLY W 72 -4.28 -47.07 83.44
C GLY W 72 -3.98 -48.53 83.75
N THR W 73 -2.80 -48.99 83.35
CA THR W 73 -2.41 -50.38 83.57
C THR W 73 -1.44 -50.51 84.74
N GLU W 74 -1.37 -49.49 85.58
CA GLU W 74 -0.51 -49.53 86.76
C GLU W 74 -1.03 -50.56 87.76
N GLY W 75 -0.37 -51.72 87.79
CA GLY W 75 -0.77 -52.78 88.70
C GLY W 75 -1.27 -54.01 87.97
N LEU W 76 -0.36 -54.72 87.31
CA LEU W 76 -0.70 -55.95 86.60
C LEU W 76 0.26 -57.08 86.95
N VAL W 77 -0.30 -58.22 87.36
CA VAL W 77 0.50 -59.41 87.62
C VAL W 77 0.67 -60.19 86.33
N ARG W 78 1.91 -60.54 86.02
CA ARG W 78 2.21 -61.28 84.78
C ARG W 78 1.61 -62.68 84.82
N GLY W 79 0.42 -62.81 84.25
CA GLY W 79 -0.27 -64.09 84.21
C GLY W 79 -1.69 -64.00 84.74
N GLU W 80 -2.25 -62.79 84.73
CA GLU W 80 -3.62 -62.59 85.18
C GLU W 80 -4.63 -63.05 84.15
N LYS W 81 -5.64 -63.78 84.60
CA LYS W 81 -6.66 -64.33 83.72
C LYS W 81 -7.23 -63.27 82.77
N VAL W 82 -7.05 -63.50 81.47
CA VAL W 82 -7.55 -62.58 80.45
C VAL W 82 -8.65 -63.25 79.64
N LEU W 83 -9.82 -62.62 79.60
CA LEU W 83 -10.98 -63.18 78.92
C LEU W 83 -11.24 -62.52 77.56
N ASP W 84 -11.31 -63.33 76.52
CA ASP W 84 -11.69 -62.86 75.19
C ASP W 84 -13.21 -62.74 75.11
N THR W 85 -13.69 -61.57 74.67
CA THR W 85 -15.12 -61.33 74.57
C THR W 85 -15.71 -61.91 73.28
N GLY W 86 -14.84 -62.44 72.43
CA GLY W 86 -15.27 -63.03 71.17
C GLY W 86 -15.08 -62.09 70.00
N GLY W 87 -15.90 -61.03 69.97
CA GLY W 87 -15.82 -60.05 68.90
C GLY W 87 -15.13 -58.78 69.34
N PRO W 88 -15.29 -57.70 68.56
CA PRO W 88 -14.70 -56.39 68.85
C PRO W 88 -15.41 -55.68 70.00
N ILE W 89 -14.87 -54.54 70.44
CA ILE W 89 -15.49 -53.75 71.49
C ILE W 89 -16.89 -53.34 71.08
N SER W 90 -17.88 -53.72 71.88
CA SER W 90 -19.28 -53.43 71.55
C SER W 90 -19.85 -52.33 72.44
N VAL W 91 -20.79 -51.56 71.89
CA VAL W 91 -21.44 -50.48 72.61
C VAL W 91 -22.95 -50.51 72.41
N PRO W 92 -23.71 -50.10 73.44
CA PRO W 92 -25.17 -50.07 73.38
C PRO W 92 -25.67 -49.12 72.30
N VAL W 93 -26.78 -49.46 71.66
CA VAL W 93 -27.36 -48.63 70.61
C VAL W 93 -28.88 -48.61 70.69
N GLY W 94 -29.50 -47.59 70.09
CA GLY W 94 -30.94 -47.47 70.11
C GLY W 94 -31.42 -46.20 70.78
N ARG W 95 -32.70 -46.15 71.12
CA ARG W 95 -33.29 -44.97 71.75
C ARG W 95 -33.04 -44.96 73.26
N GLU W 96 -32.40 -46.02 73.76
CA GLU W 96 -32.11 -46.13 75.19
C GLU W 96 -30.82 -45.40 75.55
N THR W 97 -30.14 -44.88 74.54
CA THR W 97 -28.89 -44.16 74.76
C THR W 97 -29.12 -42.65 74.78
N LEU W 98 -30.20 -42.21 74.15
CA LEU W 98 -30.52 -40.79 74.07
C LEU W 98 -30.64 -40.16 75.46
N GLY W 99 -29.76 -39.21 75.75
CA GLY W 99 -29.81 -38.48 77.01
C GLY W 99 -28.97 -39.12 78.10
N ARG W 100 -27.98 -39.92 77.70
CA ARG W 100 -27.11 -40.60 78.65
C ARG W 100 -25.66 -40.56 78.19
N ILE W 101 -24.77 -40.17 79.08
CA ILE W 101 -23.34 -40.12 78.76
C ILE W 101 -22.74 -41.52 78.81
N ILE W 102 -22.00 -41.86 77.76
CA ILE W 102 -21.33 -43.15 77.66
C ILE W 102 -19.82 -42.93 77.67
N ASN W 103 -19.05 -44.01 77.51
CA ASN W 103 -17.60 -43.92 77.40
C ASN W 103 -17.05 -44.87 76.34
N VAL W 104 -15.74 -44.85 76.16
CA VAL W 104 -15.09 -45.67 75.13
C VAL W 104 -15.52 -47.13 75.18
N ILE W 105 -15.61 -47.70 76.38
CA ILE W 105 -16.00 -49.09 76.54
C ILE W 105 -17.47 -49.30 76.16
N GLY W 106 -18.36 -48.61 76.88
CA GLY W 106 -19.78 -48.72 76.64
C GLY W 106 -20.60 -48.52 77.90
N GLU W 107 -19.95 -48.61 79.05
CA GLU W 107 -20.61 -48.44 80.33
C GLU W 107 -20.93 -46.97 80.61
N PRO W 108 -22.14 -46.70 81.09
CA PRO W 108 -22.63 -45.34 81.38
C PRO W 108 -21.79 -44.63 82.44
N ILE W 109 -21.58 -43.34 82.28
CA ILE W 109 -20.84 -42.55 83.26
C ILE W 109 -21.58 -41.27 83.65
N ASP W 110 -22.83 -41.42 84.09
CA ASP W 110 -23.61 -40.31 84.60
C ASP W 110 -24.42 -40.73 85.81
N GLU W 111 -23.92 -41.71 86.54
CA GLU W 111 -24.55 -42.22 87.76
C GLU W 111 -26.08 -42.25 87.66
N ARG W 112 -26.59 -42.98 86.67
CA ARG W 112 -28.03 -43.12 86.49
C ARG W 112 -28.42 -44.58 86.24
N GLY W 113 -27.54 -45.49 86.64
CA GLY W 113 -27.78 -46.91 86.44
C GLY W 113 -27.33 -47.39 85.08
N PRO W 114 -27.62 -48.66 84.77
CA PRO W 114 -27.25 -49.26 83.48
C PRO W 114 -28.12 -48.74 82.34
N ILE W 115 -27.97 -49.34 81.16
CA ILE W 115 -28.78 -48.98 80.01
C ILE W 115 -29.46 -50.22 79.45
N LYS W 116 -30.77 -50.33 79.66
CA LYS W 116 -31.53 -51.47 79.17
C LYS W 116 -31.72 -51.39 77.65
N SER W 117 -30.67 -51.75 76.91
CA SER W 117 -30.70 -51.70 75.46
C SER W 117 -31.08 -53.05 74.86
N LYS W 118 -31.79 -53.02 73.74
CA LYS W 118 -32.23 -54.25 73.09
C LYS W 118 -31.07 -54.98 72.43
N LEU W 119 -30.30 -54.25 71.61
CA LEU W 119 -29.18 -54.84 70.89
C LEU W 119 -27.86 -54.19 71.29
N ARG W 120 -26.76 -54.67 70.71
CA ARG W 120 -25.44 -54.15 71.00
C ARG W 120 -24.47 -54.41 69.85
N LYS W 121 -24.10 -53.34 69.15
CA LYS W 121 -23.22 -53.46 67.99
C LYS W 121 -21.79 -53.03 68.29
N PRO W 122 -20.81 -53.65 67.60
CA PRO W 122 -19.38 -53.38 67.72
C PRO W 122 -19.03 -51.97 67.24
N ILE W 123 -17.91 -51.44 67.72
CA ILE W 123 -17.46 -50.11 67.33
C ILE W 123 -16.87 -50.11 65.93
N HIS W 124 -16.20 -51.20 65.57
CA HIS W 124 -15.57 -51.32 64.26
C HIS W 124 -16.52 -51.97 63.25
N ALA W 125 -16.86 -51.23 62.21
CA ALA W 125 -17.74 -51.72 61.16
C ALA W 125 -17.21 -51.38 59.78
N ASP W 126 -17.67 -52.11 58.77
CA ASP W 126 -17.24 -51.89 57.40
C ASP W 126 -18.02 -50.76 56.76
N PRO W 127 -17.33 -49.86 56.05
CA PRO W 127 -17.96 -48.75 55.33
C PRO W 127 -18.86 -49.27 54.21
N PRO W 128 -20.04 -48.64 54.05
CA PRO W 128 -21.02 -49.04 53.02
C PRO W 128 -20.38 -49.25 51.66
N SER W 129 -20.81 -50.29 50.95
CA SER W 129 -20.24 -50.63 49.65
C SER W 129 -20.53 -49.55 48.60
N PHE W 130 -19.74 -49.55 47.54
CA PHE W 130 -19.90 -48.57 46.47
C PHE W 130 -21.29 -48.65 45.84
N ALA W 131 -21.91 -49.81 45.92
CA ALA W 131 -23.25 -50.00 45.37
C ALA W 131 -24.33 -49.41 46.30
N GLU W 132 -24.07 -49.48 47.59
CA GLU W 132 -25.00 -48.91 48.58
C GLU W 132 -24.84 -47.40 48.68
N GLN W 133 -23.76 -46.88 48.10
CA GLN W 133 -23.54 -45.44 48.09
C GLN W 133 -24.61 -44.72 47.26
N SER W 134 -24.71 -43.42 47.45
CA SER W 134 -25.70 -42.62 46.72
C SER W 134 -25.15 -42.21 45.36
N THR W 135 -26.05 -41.90 44.43
CA THR W 135 -25.67 -41.53 43.08
C THR W 135 -25.51 -40.02 42.91
N SER W 136 -26.18 -39.26 43.77
CA SER W 136 -26.09 -37.80 43.70
C SER W 136 -25.90 -37.18 45.09
N ALA W 137 -25.54 -35.90 45.10
CA ALA W 137 -25.35 -35.16 46.35
C ALA W 137 -26.56 -34.27 46.62
N GLU W 138 -27.13 -34.41 47.82
CA GLU W 138 -28.29 -33.63 48.21
C GLU W 138 -28.00 -32.75 49.42
N ILE W 139 -28.91 -31.82 49.69
CA ILE W 139 -28.72 -30.85 50.76
C ILE W 139 -29.48 -31.24 52.02
N LEU W 140 -29.02 -30.75 53.16
CA LEU W 140 -29.67 -31.03 54.44
C LEU W 140 -30.13 -29.74 55.11
N GLU W 141 -31.42 -29.43 54.96
CA GLU W 141 -32.00 -28.24 55.56
C GLU W 141 -31.73 -28.18 57.05
N THR W 142 -30.98 -27.17 57.48
CA THR W 142 -30.67 -26.99 58.90
C THR W 142 -31.72 -26.10 59.57
N GLY W 143 -32.30 -25.19 58.80
CA GLY W 143 -33.28 -24.26 59.32
C GLY W 143 -32.63 -22.95 59.74
N ILE W 144 -31.36 -22.80 59.41
CA ILE W 144 -30.61 -21.59 59.74
C ILE W 144 -30.31 -20.81 58.46
N LYS W 145 -30.69 -19.52 58.46
CA LYS W 145 -30.54 -18.68 57.28
C LYS W 145 -29.11 -18.60 56.75
N VAL W 146 -28.18 -18.27 57.63
CA VAL W 146 -26.78 -18.10 57.25
C VAL W 146 -26.21 -19.35 56.58
N VAL W 147 -26.58 -20.51 57.10
CA VAL W 147 -26.01 -21.76 56.62
C VAL W 147 -26.66 -22.25 55.31
N ASP W 148 -27.96 -22.52 55.36
CA ASP W 148 -28.68 -23.04 54.20
C ASP W 148 -28.40 -22.25 52.93
N LEU W 149 -28.18 -20.94 53.08
CA LEU W 149 -28.02 -20.05 51.95
C LEU W 149 -26.59 -19.94 51.46
N LEU W 150 -25.67 -19.62 52.38
CA LEU W 150 -24.29 -19.32 52.01
C LEU W 150 -23.36 -20.51 52.07
N ALA W 151 -23.76 -21.54 52.80
CA ALA W 151 -22.94 -22.76 52.92
C ALA W 151 -23.78 -23.96 53.36
N PRO W 152 -24.60 -24.49 52.43
CA PRO W 152 -25.50 -25.62 52.69
C PRO W 152 -24.77 -26.87 53.15
N TYR W 153 -25.27 -27.49 54.21
CA TYR W 153 -24.72 -28.75 54.70
C TYR W 153 -25.06 -29.89 53.74
N ALA W 154 -24.08 -30.72 53.44
CA ALA W 154 -24.27 -31.84 52.53
C ALA W 154 -24.91 -33.02 53.25
N ARG W 155 -26.17 -33.30 52.93
CA ARG W 155 -26.89 -34.41 53.54
C ARG W 155 -26.11 -35.71 53.37
N GLY W 156 -25.40 -36.12 54.41
CA GLY W 156 -24.56 -37.29 54.36
C GLY W 156 -23.11 -36.95 54.10
N GLY W 157 -22.68 -35.81 54.61
CA GLY W 157 -21.32 -35.34 54.41
C GLY W 157 -20.60 -35.00 55.70
N LYS W 158 -19.51 -34.27 55.59
CA LYS W 158 -18.69 -33.89 56.75
C LYS W 158 -18.46 -32.40 56.80
N ILE W 159 -18.99 -31.74 57.83
CA ILE W 159 -18.83 -30.31 58.01
C ILE W 159 -17.73 -29.99 59.01
N GLY W 160 -16.89 -29.01 58.68
CA GLY W 160 -15.83 -28.58 59.57
C GLY W 160 -16.21 -27.30 60.31
N LEU W 161 -16.25 -27.37 61.64
CA LEU W 161 -16.61 -26.22 62.45
C LEU W 161 -15.39 -25.55 63.06
N PHE W 162 -15.31 -24.23 62.92
CA PHE W 162 -14.17 -23.48 63.43
C PHE W 162 -14.61 -22.42 64.44
N GLY W 163 -13.80 -22.23 65.48
CA GLY W 163 -14.09 -21.27 66.52
C GLY W 163 -13.90 -21.84 67.91
N GLY W 164 -13.41 -21.02 68.83
CA GLY W 164 -13.20 -21.44 70.20
C GLY W 164 -14.42 -21.16 71.06
N ALA W 165 -14.25 -20.26 72.03
CA ALA W 165 -15.36 -19.87 72.90
C ALA W 165 -15.70 -18.40 72.73
N GLY W 166 -16.87 -18.01 73.23
CA GLY W 166 -17.31 -16.62 73.13
C GLY W 166 -17.90 -16.29 71.77
N VAL W 167 -18.28 -17.33 71.04
CA VAL W 167 -18.88 -17.15 69.72
C VAL W 167 -20.23 -17.88 69.63
N GLY W 168 -20.68 -18.38 70.78
CA GLY W 168 -21.94 -19.12 70.83
C GLY W 168 -21.84 -20.45 70.14
N LYS W 169 -20.75 -21.18 70.38
CA LYS W 169 -20.53 -22.47 69.77
C LYS W 169 -21.45 -23.53 70.41
N THR W 170 -21.59 -23.45 71.72
CA THR W 170 -22.43 -24.39 72.46
C THR W 170 -23.88 -24.31 71.98
N VAL W 171 -24.32 -23.11 71.65
CA VAL W 171 -25.70 -22.90 71.21
C VAL W 171 -25.90 -23.36 69.77
N PHE W 172 -24.87 -23.22 68.96
CA PHE W 172 -24.94 -23.61 67.55
C PHE W 172 -25.16 -25.10 67.40
N ILE W 173 -24.37 -25.90 68.12
CA ILE W 173 -24.50 -27.35 68.10
C ILE W 173 -25.87 -27.80 68.62
N GLN W 174 -26.32 -27.18 69.70
CA GLN W 174 -27.60 -27.52 70.30
C GLN W 174 -28.77 -27.13 69.41
N GLU W 175 -28.54 -26.16 68.53
CA GLU W 175 -29.60 -25.70 67.62
C GLU W 175 -29.81 -26.67 66.47
N LEU W 176 -28.70 -27.23 65.96
CA LEU W 176 -28.76 -28.20 64.88
C LEU W 176 -29.52 -29.45 65.30
N ILE W 177 -29.26 -29.92 66.52
CA ILE W 177 -29.93 -31.09 67.05
C ILE W 177 -31.44 -30.86 67.16
N ASN W 178 -31.82 -29.75 67.80
CA ASN W 178 -33.21 -29.38 67.94
C ASN W 178 -33.94 -29.29 66.60
N ASN W 179 -33.31 -28.63 65.64
CA ASN W 179 -33.89 -28.42 64.32
C ASN W 179 -34.01 -29.71 63.50
N ILE W 180 -32.93 -30.48 63.46
CA ILE W 180 -32.91 -31.72 62.69
C ILE W 180 -33.80 -32.79 63.33
N ALA W 181 -34.21 -32.57 64.57
CA ALA W 181 -35.10 -33.49 65.26
C ALA W 181 -36.56 -33.11 65.07
N LYS W 182 -36.80 -31.91 64.56
CA LYS W 182 -38.16 -31.41 64.36
C LYS W 182 -38.53 -31.34 62.88
N ALA W 183 -37.57 -30.92 62.06
CA ALA W 183 -37.83 -30.75 60.62
C ALA W 183 -37.70 -32.07 59.86
N HIS W 184 -36.65 -32.83 60.16
CA HIS W 184 -36.41 -34.10 59.49
C HIS W 184 -36.88 -35.26 60.35
N GLY W 185 -36.76 -35.10 61.67
CA GLY W 185 -37.13 -36.14 62.60
C GLY W 185 -36.01 -37.13 62.84
N GLY W 186 -34.81 -36.60 63.03
CA GLY W 186 -33.65 -37.44 63.28
C GLY W 186 -33.01 -37.15 64.64
N PHE W 187 -32.20 -38.07 65.12
CA PHE W 187 -31.54 -37.92 66.40
C PHE W 187 -30.07 -37.55 66.23
N SER W 188 -29.43 -37.15 67.32
CA SER W 188 -28.05 -36.69 67.24
C SER W 188 -27.14 -37.43 68.23
N VAL W 189 -25.84 -37.43 67.95
CA VAL W 189 -24.85 -38.05 68.82
C VAL W 189 -23.63 -37.15 68.98
N PHE W 190 -23.38 -36.71 70.21
CA PHE W 190 -22.27 -35.83 70.50
C PHE W 190 -21.09 -36.61 71.10
N THR W 191 -19.96 -36.57 70.42
CA THR W 191 -18.76 -37.25 70.90
C THR W 191 -17.65 -36.25 71.20
N GLY W 192 -16.95 -36.45 72.31
CA GLY W 192 -15.89 -35.56 72.72
C GLY W 192 -14.54 -36.25 72.78
N VAL W 193 -13.87 -36.32 71.63
CA VAL W 193 -12.54 -36.94 71.56
C VAL W 193 -11.46 -35.96 71.99
N GLY W 194 -10.92 -36.17 73.19
CA GLY W 194 -9.90 -35.29 73.74
C GLY W 194 -10.50 -34.03 74.33
N GLU W 195 -11.79 -34.10 74.65
CA GLU W 195 -12.51 -32.96 75.19
C GLU W 195 -12.18 -32.75 76.67
N ARG W 196 -11.87 -31.52 77.04
CA ARG W 196 -11.59 -31.19 78.44
C ARG W 196 -12.73 -31.68 79.32
N THR W 197 -12.39 -32.46 80.35
CA THR W 197 -13.39 -33.00 81.25
C THR W 197 -14.24 -31.89 81.84
N ARG W 198 -13.61 -30.77 82.17
CA ARG W 198 -14.33 -29.60 82.66
C ARG W 198 -15.37 -29.16 81.64
N GLU W 199 -14.94 -29.05 80.39
CA GLU W 199 -15.84 -28.63 79.32
C GLU W 199 -16.94 -29.66 79.07
N GLY W 200 -16.61 -30.93 79.22
CA GLY W 200 -17.58 -31.99 79.09
C GLY W 200 -18.70 -31.82 80.10
N ASN W 201 -18.33 -31.37 81.30
CA ASN W 201 -19.32 -31.09 82.35
C ASN W 201 -20.18 -29.88 82.02
N ASP W 202 -19.51 -28.78 81.66
CA ASP W 202 -20.18 -27.52 81.40
C ASP W 202 -21.17 -27.64 80.24
N LEU W 203 -20.98 -28.65 79.40
CA LEU W 203 -21.86 -28.89 78.27
C LEU W 203 -23.11 -29.63 78.72
N TYR W 204 -22.92 -30.77 79.39
CA TYR W 204 -24.03 -31.59 79.85
C TYR W 204 -25.04 -30.76 80.65
N ARG W 205 -24.53 -29.89 81.52
CA ARG W 205 -25.39 -29.02 82.30
C ARG W 205 -26.26 -28.16 81.38
N GLU W 206 -25.63 -27.60 80.35
CA GLU W 206 -26.33 -26.72 79.43
C GLU W 206 -27.35 -27.47 78.60
N MET W 207 -27.03 -28.71 78.24
CA MET W 207 -27.94 -29.54 77.46
C MET W 207 -29.21 -29.84 78.24
N LYS W 208 -29.07 -30.06 79.54
CA LYS W 208 -30.22 -30.29 80.40
C LYS W 208 -31.05 -29.02 80.51
N GLU W 209 -30.40 -27.93 80.84
CA GLU W 209 -31.07 -26.65 81.06
C GLU W 209 -31.74 -26.11 79.80
N THR W 210 -31.27 -26.54 78.64
CA THR W 210 -31.79 -26.01 77.39
C THR W 210 -33.05 -26.72 76.91
N GLY W 211 -33.06 -28.04 76.97
CA GLY W 211 -34.23 -28.81 76.58
C GLY W 211 -33.96 -29.90 75.56
N VAL W 212 -32.71 -30.00 75.11
CA VAL W 212 -32.34 -31.05 74.16
C VAL W 212 -32.18 -32.38 74.89
N ILE W 213 -31.68 -32.32 76.13
CA ILE W 213 -31.58 -33.49 76.98
C ILE W 213 -32.59 -33.39 78.11
N ASN W 214 -33.69 -34.11 77.99
CA ASN W 214 -34.75 -34.08 78.98
C ASN W 214 -34.78 -35.35 79.83
N LEU W 215 -34.24 -35.25 81.03
CA LEU W 215 -34.13 -36.39 81.94
C LEU W 215 -35.46 -37.11 82.15
N GLU W 216 -36.52 -36.34 82.39
CA GLU W 216 -37.84 -36.91 82.62
C GLU W 216 -38.60 -37.15 81.32
N GLY W 217 -38.44 -36.23 80.36
CA GLY W 217 -39.12 -36.34 79.09
C GLY W 217 -38.35 -37.17 78.09
N GLU W 218 -38.43 -36.77 76.82
CA GLU W 218 -37.72 -37.46 75.75
C GLU W 218 -36.47 -36.69 75.35
N SER W 219 -35.38 -37.43 75.11
CA SER W 219 -34.11 -36.82 74.73
C SER W 219 -33.97 -36.70 73.22
N LYS W 220 -33.07 -35.84 72.78
CA LYS W 220 -32.86 -35.61 71.36
C LYS W 220 -31.40 -35.81 70.95
N VAL W 221 -30.59 -36.31 71.87
CA VAL W 221 -29.17 -36.53 71.58
C VAL W 221 -28.51 -37.45 72.61
N ALA W 222 -27.62 -38.31 72.13
CA ALA W 222 -26.84 -39.17 73.00
C ALA W 222 -25.43 -38.60 73.18
N LEU W 223 -24.78 -38.93 74.28
CA LEU W 223 -23.47 -38.37 74.59
C LEU W 223 -22.38 -39.44 74.73
N VAL W 224 -21.24 -39.20 74.09
CA VAL W 224 -20.08 -40.06 74.22
C VAL W 224 -18.88 -39.18 74.58
N PHE W 225 -17.97 -39.72 75.39
CA PHE W 225 -16.84 -38.92 75.86
C PHE W 225 -15.52 -39.68 75.97
N GLY W 226 -14.50 -39.13 75.31
CA GLY W 226 -13.14 -39.62 75.44
C GLY W 226 -12.31 -38.53 76.08
N GLN W 227 -12.61 -38.23 77.34
CA GLN W 227 -11.98 -37.13 78.07
C GLN W 227 -10.47 -37.08 77.88
N MET W 228 -9.89 -35.92 78.14
CA MET W 228 -8.45 -35.72 78.01
C MET W 228 -7.67 -36.73 78.86
N ASN W 229 -8.14 -36.97 80.08
CA ASN W 229 -7.43 -37.81 81.03
C ASN W 229 -7.29 -39.26 80.59
N GLU W 230 -8.29 -39.76 79.86
CA GLU W 230 -8.27 -41.14 79.41
C GLU W 230 -7.08 -41.42 78.51
N PRO W 231 -6.57 -42.66 78.54
CA PRO W 231 -5.38 -43.09 77.80
C PRO W 231 -5.54 -42.94 76.29
N PRO W 232 -4.41 -42.89 75.56
CA PRO W 232 -4.39 -42.79 74.10
C PRO W 232 -5.27 -43.85 73.45
N GLY W 233 -5.12 -45.10 73.89
CA GLY W 233 -5.88 -46.20 73.33
C GLY W 233 -7.38 -45.97 73.40
N ALA W 234 -7.81 -45.21 74.39
CA ALA W 234 -9.22 -44.89 74.56
C ALA W 234 -9.65 -43.79 73.61
N ARG W 235 -8.92 -42.68 73.62
CA ARG W 235 -9.22 -41.54 72.76
C ARG W 235 -9.22 -41.92 71.28
N ALA W 236 -8.40 -42.91 70.94
CA ALA W 236 -8.26 -43.32 69.55
C ALA W 236 -9.43 -44.17 69.06
N ARG W 237 -10.38 -44.42 69.95
CA ARG W 237 -11.50 -45.30 69.64
C ARG W 237 -12.87 -44.65 69.93
N VAL W 238 -12.88 -43.66 70.81
CA VAL W 238 -14.13 -43.00 71.20
C VAL W 238 -14.91 -42.47 70.00
N ALA W 239 -14.18 -41.95 69.01
CA ALA W 239 -14.81 -41.44 67.79
C ALA W 239 -15.63 -42.55 67.12
N LEU W 240 -15.11 -43.76 67.18
CA LEU W 240 -15.79 -44.92 66.60
C LEU W 240 -16.99 -45.33 67.45
N THR W 241 -16.91 -45.08 68.75
CA THR W 241 -18.01 -45.39 69.66
C THR W 241 -19.25 -44.59 69.31
N GLY W 242 -19.14 -43.26 69.39
CA GLY W 242 -20.25 -42.38 69.09
C GLY W 242 -20.78 -42.58 67.68
N LEU W 243 -19.89 -42.95 66.77
CA LEU W 243 -20.25 -43.20 65.39
C LEU W 243 -21.18 -44.41 65.26
N THR W 244 -20.84 -45.48 65.97
CA THR W 244 -21.65 -46.70 65.94
C THR W 244 -23.09 -46.40 66.34
N ILE W 245 -23.26 -45.68 67.45
CA ILE W 245 -24.57 -45.30 67.93
C ILE W 245 -25.34 -44.54 66.85
N ALA W 246 -24.64 -43.61 66.19
CA ALA W 246 -25.23 -42.82 65.12
C ALA W 246 -25.68 -43.70 63.97
N GLU W 247 -24.96 -44.80 63.74
CA GLU W 247 -25.24 -45.69 62.63
C GLU W 247 -26.57 -46.44 62.80
N TYR W 248 -26.84 -46.89 64.02
CA TYR W 248 -28.03 -47.67 64.29
C TYR W 248 -29.31 -46.92 63.96
N PHE W 249 -29.28 -45.60 64.12
CA PHE W 249 -30.42 -44.76 63.79
C PHE W 249 -30.62 -44.66 62.27
N ARG W 250 -29.53 -44.91 61.54
CA ARG W 250 -29.56 -44.88 60.08
C ARG W 250 -29.90 -46.24 59.50
N ASP W 251 -29.19 -47.26 59.97
CA ASP W 251 -29.33 -48.61 59.43
C ASP W 251 -30.54 -49.36 59.97
N GLU W 252 -31.26 -48.75 60.91
CA GLU W 252 -32.37 -49.46 61.55
C GLU W 252 -33.66 -48.64 61.65
N GLU W 253 -33.54 -47.32 61.58
CA GLU W 253 -34.71 -46.45 61.65
C GLU W 253 -34.91 -45.62 60.38
N GLY W 254 -33.81 -45.28 59.72
CA GLY W 254 -33.86 -44.48 58.50
C GLY W 254 -34.04 -43.01 58.78
N GLN W 255 -33.11 -42.43 59.54
CA GLN W 255 -33.17 -41.03 59.89
C GLN W 255 -31.92 -40.28 59.45
N ASP W 256 -32.03 -38.97 59.31
CA ASP W 256 -30.88 -38.12 59.06
C ASP W 256 -30.19 -37.83 60.39
N VAL W 257 -29.13 -38.58 60.67
CA VAL W 257 -28.47 -38.53 61.97
C VAL W 257 -27.33 -37.51 62.02
N LEU W 258 -27.18 -36.86 63.17
CA LEU W 258 -26.09 -35.92 63.38
C LEU W 258 -25.00 -36.55 64.25
N LEU W 259 -23.75 -36.43 63.81
CA LEU W 259 -22.63 -36.95 64.58
C LEU W 259 -21.60 -35.85 64.82
N PHE W 260 -21.49 -35.39 66.07
CA PHE W 260 -20.56 -34.34 66.41
C PHE W 260 -19.25 -34.91 66.97
N ILE W 261 -18.14 -34.47 66.40
CA ILE W 261 -16.82 -34.84 66.92
C ILE W 261 -16.10 -33.57 67.37
N ASP W 262 -15.46 -33.64 68.53
CA ASP W 262 -14.81 -32.47 69.10
C ASP W 262 -13.87 -32.86 70.24
N ASN W 263 -12.57 -32.72 70.01
CA ASN W 263 -12.06 -32.19 68.75
C ASN W 263 -11.57 -33.31 67.83
N ILE W 264 -11.77 -33.13 66.52
CA ILE W 264 -11.41 -34.14 65.53
C ILE W 264 -9.89 -34.28 65.41
N PHE W 265 -9.18 -33.19 65.70
CA PHE W 265 -7.72 -33.20 65.68
C PHE W 265 -7.16 -34.11 66.76
N ARG W 266 -7.84 -34.14 67.91
CA ARG W 266 -7.38 -34.93 69.04
C ARG W 266 -7.48 -36.42 68.72
N PHE W 267 -8.40 -36.76 67.81
CA PHE W 267 -8.52 -38.13 67.32
C PHE W 267 -7.26 -38.49 66.55
N THR W 268 -6.75 -37.53 65.79
CA THR W 268 -5.52 -37.70 65.03
C THR W 268 -4.34 -37.80 65.98
N GLN W 269 -4.23 -36.84 66.88
CA GLN W 269 -3.16 -36.78 67.86
C GLN W 269 -2.97 -38.13 68.55
N ALA W 270 -4.04 -38.62 69.15
CA ALA W 270 -4.02 -39.92 69.83
C ALA W 270 -3.63 -41.02 68.85
N GLY W 271 -4.20 -40.97 67.65
CA GLY W 271 -3.89 -41.94 66.62
C GLY W 271 -2.40 -42.06 66.39
N SER W 272 -1.68 -40.97 66.65
CA SER W 272 -0.22 -40.97 66.52
C SER W 272 0.44 -41.51 67.78
N GLU W 273 -0.08 -41.11 68.94
CA GLU W 273 0.44 -41.58 70.22
C GLU W 273 0.40 -43.10 70.29
N VAL W 274 -0.73 -43.68 69.89
CA VAL W 274 -0.86 -45.13 69.87
C VAL W 274 0.18 -45.77 68.96
N SER W 275 0.31 -45.22 67.76
CA SER W 275 1.25 -45.73 66.78
C SER W 275 2.69 -45.60 67.29
N ALA W 276 2.93 -44.56 68.07
CA ALA W 276 4.26 -44.33 68.66
C ALA W 276 4.61 -45.40 69.68
N LEU W 277 3.65 -45.73 70.54
CA LEU W 277 3.84 -46.75 71.56
C LEU W 277 4.00 -48.14 70.95
N LEU W 278 3.23 -48.42 69.90
CA LEU W 278 3.28 -49.70 69.22
C LEU W 278 4.67 -49.99 68.65
N GLY W 279 5.48 -48.94 68.50
CA GLY W 279 6.81 -49.09 67.97
C GLY W 279 6.86 -48.91 66.47
N ARG W 280 5.81 -48.32 65.91
CA ARG W 280 5.74 -48.04 64.48
C ARG W 280 6.61 -46.84 64.13
N ILE W 281 7.30 -46.92 63.00
CA ILE W 281 8.18 -45.84 62.55
C ILE W 281 7.38 -44.57 62.28
N PRO W 282 7.65 -43.51 63.06
CA PRO W 282 6.99 -42.20 62.88
C PRO W 282 7.19 -41.66 61.48
N SER W 283 6.10 -41.26 60.83
CA SER W 283 6.16 -40.75 59.47
C SER W 283 6.63 -39.30 59.43
N ALA W 284 5.94 -38.48 58.64
CA ALA W 284 6.31 -37.08 58.48
C ALA W 284 5.75 -36.22 59.62
N VAL W 285 6.57 -35.29 60.10
CA VAL W 285 6.16 -34.36 61.15
C VAL W 285 5.72 -35.07 62.43
N GLY W 286 6.11 -36.34 62.56
CA GLY W 286 5.83 -37.09 63.77
C GLY W 286 4.49 -37.81 63.79
N TYR W 287 3.74 -37.70 62.69
CA TYR W 287 2.45 -38.38 62.59
C TYR W 287 2.64 -39.84 62.19
N GLN W 288 1.62 -40.66 62.44
CA GLN W 288 1.67 -42.07 62.12
C GLN W 288 1.80 -42.29 60.61
N PRO W 289 2.38 -43.43 60.21
CA PRO W 289 2.51 -43.76 58.79
C PRO W 289 1.18 -44.22 58.20
N THR W 290 0.23 -44.53 59.08
CA THR W 290 -1.10 -44.96 58.66
C THR W 290 -2.10 -43.82 58.78
N LEU W 291 -1.63 -42.59 58.66
CA LEU W 291 -2.47 -41.40 58.79
C LEU W 291 -3.67 -41.42 57.85
N ALA W 292 -3.40 -41.58 56.56
CA ALA W 292 -4.45 -41.55 55.55
C ALA W 292 -5.59 -42.52 55.85
N THR W 293 -5.26 -43.80 55.99
CA THR W 293 -6.26 -44.83 56.22
C THR W 293 -6.97 -44.69 57.57
N ASP W 294 -6.22 -44.34 58.61
CA ASP W 294 -6.80 -44.12 59.94
C ASP W 294 -7.98 -43.15 59.84
N MET W 295 -7.79 -42.10 59.06
CA MET W 295 -8.82 -41.10 58.83
C MET W 295 -9.91 -41.66 57.92
N GLY W 296 -9.52 -42.54 57.01
CA GLY W 296 -10.43 -43.11 56.04
C GLY W 296 -11.53 -43.97 56.64
N LEU W 297 -11.13 -45.03 57.34
CA LEU W 297 -12.09 -45.96 57.93
C LEU W 297 -13.16 -45.27 58.76
N LEU W 298 -12.80 -44.18 59.41
CA LEU W 298 -13.75 -43.42 60.24
C LEU W 298 -14.70 -42.60 59.39
N GLN W 299 -14.14 -41.80 58.48
CA GLN W 299 -14.91 -40.87 57.67
C GLN W 299 -15.75 -41.58 56.60
N GLU W 300 -15.25 -42.71 56.11
CA GLU W 300 -15.91 -43.44 55.03
C GLU W 300 -17.21 -44.10 55.47
N ARG W 301 -17.47 -44.09 56.77
CA ARG W 301 -18.72 -44.63 57.32
C ARG W 301 -19.79 -43.54 57.36
N ILE W 302 -19.33 -42.29 57.36
CA ILE W 302 -20.23 -41.14 57.38
C ILE W 302 -20.66 -40.78 55.97
N THR W 303 -21.58 -41.55 55.42
CA THR W 303 -22.07 -41.32 54.06
C THR W 303 -23.58 -41.51 53.99
N THR W 304 -24.15 -41.27 52.82
CA THR W 304 -25.57 -41.48 52.60
C THR W 304 -25.81 -42.92 52.14
N THR W 305 -26.89 -43.52 52.62
CA THR W 305 -27.25 -44.87 52.22
C THR W 305 -28.71 -44.94 51.81
N LYS W 306 -29.12 -46.09 51.29
CA LYS W 306 -30.50 -46.27 50.85
C LYS W 306 -31.46 -46.20 52.04
N LYS W 307 -31.00 -46.64 53.20
CA LYS W 307 -31.81 -46.62 54.41
C LYS W 307 -31.99 -45.22 54.97
N GLY W 308 -30.88 -44.61 55.39
CA GLY W 308 -30.92 -43.28 55.96
C GLY W 308 -29.72 -42.43 55.56
N SER W 309 -29.18 -41.69 56.52
CA SER W 309 -28.03 -40.82 56.28
C SER W 309 -27.40 -40.36 57.57
N VAL W 310 -26.07 -40.28 57.58
CA VAL W 310 -25.33 -39.76 58.74
C VAL W 310 -24.47 -38.57 58.33
N THR W 311 -24.71 -37.42 58.96
CA THR W 311 -23.94 -36.21 58.68
C THR W 311 -23.15 -35.81 59.91
N SER W 312 -21.87 -35.50 59.72
CA SER W 312 -21.00 -35.18 60.85
C SER W 312 -20.61 -33.71 60.90
N VAL W 313 -20.65 -33.14 62.11
CA VAL W 313 -20.17 -31.79 62.33
C VAL W 313 -18.93 -31.85 63.22
N GLN W 314 -17.76 -31.85 62.58
CA GLN W 314 -16.50 -32.05 63.29
C GLN W 314 -15.71 -30.74 63.41
N ALA W 315 -15.56 -30.26 64.65
CA ALA W 315 -14.71 -29.12 64.92
C ALA W 315 -13.28 -29.48 64.53
N VAL W 316 -12.49 -28.49 64.16
CA VAL W 316 -11.12 -28.73 63.69
C VAL W 316 -10.10 -27.77 64.30
N TYR W 317 -9.07 -28.35 64.91
CA TYR W 317 -7.94 -27.56 65.40
C TYR W 317 -6.79 -27.66 64.42
N VAL W 318 -6.22 -26.51 64.06
CA VAL W 318 -5.13 -26.48 63.09
C VAL W 318 -3.80 -26.07 63.74
N PRO W 319 -2.88 -27.03 63.86
CA PRO W 319 -1.56 -26.83 64.49
C PRO W 319 -0.80 -25.66 63.89
N ALA W 320 -0.67 -24.58 64.67
CA ALA W 320 0.09 -23.41 64.26
C ALA W 320 -0.54 -22.66 63.08
N ASP W 321 -1.86 -22.78 62.94
CA ASP W 321 -2.57 -22.12 61.85
C ASP W 321 -2.02 -22.60 60.50
N ASP W 322 -1.34 -23.73 60.51
CA ASP W 322 -0.75 -24.29 59.28
C ASP W 322 -1.71 -25.27 58.62
N LEU W 323 -2.29 -24.86 57.51
CA LEU W 323 -3.26 -25.69 56.80
C LEU W 323 -2.60 -26.82 56.02
N THR W 324 -1.27 -26.80 55.95
CA THR W 324 -0.54 -27.81 55.20
C THR W 324 -0.11 -28.97 56.09
N ASP W 325 -0.13 -28.75 57.40
CA ASP W 325 0.20 -29.79 58.37
C ASP W 325 -0.61 -31.04 58.08
N PRO W 326 0.05 -32.22 58.11
CA PRO W 326 -0.60 -33.50 57.80
C PRO W 326 -1.88 -33.72 58.59
N ALA W 327 -1.99 -33.12 59.78
CA ALA W 327 -3.17 -33.30 60.62
C ALA W 327 -4.44 -32.72 59.99
N PRO W 328 -4.48 -31.39 59.77
CA PRO W 328 -5.68 -30.82 59.15
C PRO W 328 -5.75 -31.13 57.66
N ALA W 329 -4.59 -31.34 57.04
CA ALA W 329 -4.52 -31.65 55.62
C ALA W 329 -5.30 -32.91 55.28
N THR W 330 -5.17 -33.93 56.11
CA THR W 330 -5.86 -35.20 55.90
C THR W 330 -7.32 -35.11 56.30
N THR W 331 -7.63 -34.21 57.22
CA THR W 331 -9.01 -34.00 57.66
C THR W 331 -9.82 -33.28 56.59
N PHE W 332 -9.28 -32.18 56.08
CA PHE W 332 -9.95 -31.38 55.07
C PHE W 332 -10.39 -32.21 53.86
N ALA W 333 -9.58 -33.19 53.48
CA ALA W 333 -9.86 -34.01 52.32
C ALA W 333 -11.29 -34.54 52.33
N HIS W 334 -11.75 -34.98 53.49
CA HIS W 334 -13.09 -35.54 53.62
C HIS W 334 -14.16 -34.47 53.84
N LEU W 335 -13.74 -33.33 54.40
CA LEU W 335 -14.67 -32.23 54.65
C LEU W 335 -15.31 -31.72 53.37
N ASP W 336 -16.63 -31.50 53.41
CA ASP W 336 -17.37 -31.04 52.25
C ASP W 336 -17.76 -29.58 52.40
N ALA W 337 -17.89 -29.13 53.65
CA ALA W 337 -18.25 -27.76 53.94
C ALA W 337 -17.66 -27.30 55.26
N THR W 338 -17.65 -25.99 55.48
CA THR W 338 -17.11 -25.43 56.72
C THR W 338 -18.00 -24.32 57.27
N THR W 339 -18.06 -24.21 58.59
CA THR W 339 -18.83 -23.16 59.24
C THR W 339 -17.95 -22.42 60.25
N VAL W 340 -17.50 -21.22 59.87
CA VAL W 340 -16.61 -20.45 60.71
C VAL W 340 -17.36 -19.54 61.68
N LEU W 341 -17.06 -19.65 62.96
CA LEU W 341 -17.64 -18.79 63.98
C LEU W 341 -16.63 -17.75 64.43
N SER W 342 -16.50 -16.67 63.65
CA SER W 342 -15.53 -15.62 63.96
C SER W 342 -16.04 -14.69 65.05
N ARG W 343 -15.15 -14.30 65.95
CA ARG W 343 -15.49 -13.41 67.05
C ARG W 343 -15.80 -12.01 66.52
N GLY W 344 -15.38 -11.75 65.29
CA GLY W 344 -15.63 -10.47 64.65
C GLY W 344 -17.11 -10.25 64.38
N ILE W 345 -17.80 -11.32 63.98
CA ILE W 345 -19.23 -11.25 63.72
C ILE W 345 -20.01 -11.14 65.02
N SER W 346 -19.56 -11.87 66.04
CA SER W 346 -20.20 -11.85 67.35
C SER W 346 -20.07 -10.49 68.02
N GLU W 347 -18.92 -9.85 67.82
CA GLU W 347 -18.66 -8.54 68.42
C GLU W 347 -19.60 -7.50 67.84
N LEU W 348 -19.95 -7.66 66.57
CA LEU W 348 -20.87 -6.76 65.89
C LEU W 348 -22.30 -6.95 66.41
N GLY W 349 -22.48 -7.95 67.27
CA GLY W 349 -23.78 -8.22 67.86
C GLY W 349 -24.68 -9.01 66.92
N ILE W 350 -24.12 -9.99 66.24
CA ILE W 350 -24.88 -10.83 65.32
C ILE W 350 -24.84 -12.29 65.74
N TYR W 351 -26.01 -12.91 65.80
CA TYR W 351 -26.12 -14.33 66.15
C TYR W 351 -27.05 -15.06 65.20
N PRO W 352 -26.64 -16.26 64.75
CA PRO W 352 -25.37 -16.92 65.11
C PRO W 352 -24.16 -16.13 64.65
N ALA W 353 -23.00 -16.39 65.26
CA ALA W 353 -21.78 -15.68 64.92
C ALA W 353 -21.05 -16.33 63.75
N VAL W 354 -21.81 -16.80 62.76
CA VAL W 354 -21.24 -17.41 61.57
C VAL W 354 -20.70 -16.35 60.60
N ASP W 355 -19.51 -16.60 60.07
CA ASP W 355 -18.90 -15.68 59.12
C ASP W 355 -19.46 -15.91 57.72
N PRO W 356 -20.10 -14.88 57.14
CA PRO W 356 -20.78 -14.97 55.84
C PRO W 356 -19.85 -15.36 54.70
N LEU W 357 -18.64 -14.80 54.69
CA LEU W 357 -17.70 -15.02 53.59
C LEU W 357 -16.79 -16.22 53.79
N ASP W 358 -16.16 -16.30 54.96
CA ASP W 358 -15.22 -17.39 55.24
C ASP W 358 -15.88 -18.76 55.13
N SER W 359 -17.11 -18.86 55.61
CA SER W 359 -17.86 -20.12 55.52
C SER W 359 -18.18 -20.45 54.06
N LYS W 360 -17.76 -21.62 53.62
CA LYS W 360 -18.02 -22.04 52.24
C LYS W 360 -18.62 -23.44 52.19
N SER W 361 -18.84 -23.94 50.97
CA SER W 361 -19.46 -25.24 50.79
C SER W 361 -19.20 -25.81 49.40
N ARG W 362 -18.83 -27.08 49.33
CA ARG W 362 -18.61 -27.75 48.06
C ARG W 362 -19.93 -27.93 47.32
N LEU W 363 -21.04 -27.90 48.07
CA LEU W 363 -22.36 -28.04 47.47
C LEU W 363 -22.88 -26.72 46.92
N LEU W 364 -22.10 -25.66 47.07
CA LEU W 364 -22.48 -24.36 46.56
C LEU W 364 -22.33 -24.30 45.04
N ASP W 365 -23.09 -25.15 44.36
CA ASP W 365 -23.07 -25.20 42.90
C ASP W 365 -24.50 -25.23 42.38
N ALA W 366 -24.76 -24.47 41.31
CA ALA W 366 -26.10 -24.39 40.75
C ALA W 366 -26.65 -25.77 40.38
N ALA W 367 -25.76 -26.70 40.10
CA ALA W 367 -26.15 -28.05 39.69
C ALA W 367 -26.85 -28.82 40.80
N VAL W 368 -26.54 -28.46 42.05
CA VAL W 368 -27.09 -29.16 43.21
C VAL W 368 -28.22 -28.37 43.87
N VAL W 369 -27.86 -27.27 44.53
CA VAL W 369 -28.84 -26.46 45.24
C VAL W 369 -29.87 -25.84 44.30
N GLY W 370 -29.47 -25.59 43.06
CA GLY W 370 -30.35 -24.98 42.08
C GLY W 370 -29.78 -23.70 41.52
N GLN W 371 -30.20 -23.34 40.31
CA GLN W 371 -29.72 -22.12 39.67
C GLN W 371 -30.28 -20.89 40.37
N GLU W 372 -31.54 -20.96 40.77
CA GLU W 372 -32.16 -19.88 41.52
C GLU W 372 -31.38 -19.61 42.80
N HIS W 373 -30.99 -20.69 43.48
CA HIS W 373 -30.22 -20.60 44.72
C HIS W 373 -28.87 -19.96 44.46
N TYR W 374 -28.05 -20.64 43.65
CA TYR W 374 -26.70 -20.19 43.32
C TYR W 374 -26.63 -18.69 43.01
N ASP W 375 -27.62 -18.18 42.28
CA ASP W 375 -27.63 -16.77 41.89
C ASP W 375 -27.84 -15.85 43.08
N VAL W 376 -28.95 -16.02 43.79
CA VAL W 376 -29.26 -15.20 44.96
C VAL W 376 -28.10 -15.15 45.93
N ALA W 377 -27.51 -16.32 46.19
CA ALA W 377 -26.41 -16.43 47.15
C ALA W 377 -25.17 -15.67 46.69
N SER W 378 -24.70 -15.97 45.48
CA SER W 378 -23.50 -15.35 44.94
C SER W 378 -23.55 -13.83 45.01
N LYS W 379 -24.75 -13.26 44.86
CA LYS W 379 -24.92 -11.83 44.98
C LYS W 379 -24.70 -11.38 46.42
N VAL W 380 -25.27 -12.12 47.36
CA VAL W 380 -25.09 -11.83 48.78
C VAL W 380 -23.61 -11.76 49.14
N GLN W 381 -22.87 -12.80 48.76
CA GLN W 381 -21.43 -12.84 48.99
C GLN W 381 -20.76 -11.64 48.32
N GLU W 382 -21.30 -11.24 47.17
CA GLU W 382 -20.72 -10.16 46.39
C GLU W 382 -20.99 -8.81 47.05
N THR W 383 -22.24 -8.58 47.45
CA THR W 383 -22.64 -7.35 48.10
C THR W 383 -21.83 -7.11 49.38
N LEU W 384 -21.62 -8.18 50.14
CA LEU W 384 -20.92 -8.10 51.42
C LEU W 384 -19.40 -7.98 51.23
N GLN W 385 -18.90 -8.54 50.13
CA GLN W 385 -17.47 -8.48 49.84
C GLN W 385 -17.05 -7.05 49.51
N THR W 386 -17.89 -6.36 48.73
CA THR W 386 -17.63 -4.97 48.38
C THR W 386 -17.77 -4.08 49.60
N TYR W 387 -18.81 -4.32 50.39
CA TYR W 387 -19.04 -3.59 51.62
C TYR W 387 -17.79 -3.66 52.51
N LYS W 388 -17.16 -4.82 52.51
CA LYS W 388 -15.95 -5.06 53.30
C LYS W 388 -14.79 -4.21 52.78
N SER W 389 -14.72 -4.04 51.47
CA SER W 389 -13.64 -3.28 50.84
C SER W 389 -13.92 -1.79 50.82
N LEU W 390 -15.13 -1.40 51.21
CA LEU W 390 -15.52 0.00 51.24
C LEU W 390 -15.27 0.62 52.61
N GLN W 391 -15.03 -0.23 53.60
CA GLN W 391 -14.82 0.23 54.97
C GLN W 391 -13.66 1.23 55.07
N ASP W 392 -12.68 1.08 54.19
CA ASP W 392 -11.50 1.94 54.21
C ASP W 392 -11.84 3.42 54.01
N ILE W 393 -12.32 3.75 52.81
CA ILE W 393 -12.67 5.13 52.49
C ILE W 393 -13.83 5.65 53.33
N ILE W 394 -14.62 4.72 53.90
CA ILE W 394 -15.74 5.09 54.75
C ILE W 394 -15.24 5.43 56.17
N ALA W 395 -14.12 4.83 56.56
CA ALA W 395 -13.55 5.10 57.87
C ALA W 395 -12.73 6.38 57.86
N ILE W 396 -12.57 6.98 56.69
CA ILE W 396 -11.79 8.20 56.54
C ILE W 396 -12.65 9.35 56.04
N LEU W 397 -13.05 9.29 54.78
CA LEU W 397 -13.86 10.32 54.16
C LEU W 397 -15.21 10.45 54.85
N GLY W 398 -16.13 9.56 54.52
CA GLY W 398 -17.46 9.57 55.09
C GLY W 398 -18.43 8.69 54.33
N MET W 399 -19.64 9.19 54.13
CA MET W 399 -20.66 8.48 53.35
C MET W 399 -21.14 9.34 52.19
N ASP W 400 -20.72 10.60 52.19
CA ASP W 400 -21.11 11.54 51.16
C ASP W 400 -20.27 11.34 49.90
N GLU W 401 -19.11 10.71 50.08
CA GLU W 401 -18.23 10.41 48.96
C GLU W 401 -18.74 9.20 48.18
N LEU W 402 -19.69 8.49 48.78
CA LEU W 402 -20.28 7.30 48.15
C LEU W 402 -21.18 7.66 46.98
N SER W 403 -20.94 7.02 45.85
CA SER W 403 -21.75 7.24 44.65
C SER W 403 -23.14 6.68 44.84
N GLU W 404 -24.04 6.98 43.90
CA GLU W 404 -25.42 6.51 43.97
C GLU W 404 -25.49 4.98 43.97
N GLN W 405 -24.60 4.35 43.21
CA GLN W 405 -24.53 2.90 43.15
C GLN W 405 -23.88 2.33 44.41
N ASP W 406 -22.78 2.94 44.84
CA ASP W 406 -22.07 2.49 46.03
C ASP W 406 -22.92 2.57 47.29
N LYS W 407 -23.54 3.72 47.50
CA LYS W 407 -24.35 3.94 48.70
C LYS W 407 -25.56 3.01 48.73
N LEU W 408 -25.99 2.58 47.55
CA LEU W 408 -27.17 1.72 47.43
C LEU W 408 -26.85 0.28 47.82
N THR W 409 -25.69 -0.20 47.39
CA THR W 409 -25.26 -1.55 47.74
C THR W 409 -24.78 -1.62 49.18
N VAL W 410 -24.36 -0.48 49.73
CA VAL W 410 -23.94 -0.41 51.12
C VAL W 410 -25.16 -0.48 52.03
N GLU W 411 -26.23 0.21 51.64
CA GLU W 411 -27.46 0.20 52.41
C GLU W 411 -28.04 -1.20 52.48
N ARG W 412 -28.14 -1.84 51.31
CA ARG W 412 -28.65 -3.22 51.25
C ARG W 412 -27.74 -4.17 52.02
N ALA W 413 -26.44 -4.06 51.79
CA ALA W 413 -25.46 -4.93 52.46
C ALA W 413 -25.70 -4.98 53.97
N ARG W 414 -25.84 -3.82 54.59
CA ARG W 414 -26.10 -3.75 56.03
C ARG W 414 -27.42 -4.43 56.38
N LYS W 415 -28.42 -4.25 55.53
CA LYS W 415 -29.72 -4.88 55.72
C LYS W 415 -29.62 -6.39 55.52
N ILE W 416 -28.68 -6.80 54.68
CA ILE W 416 -28.46 -8.21 54.40
C ILE W 416 -27.74 -8.87 55.58
N GLN W 417 -26.69 -8.21 56.05
CA GLN W 417 -25.89 -8.73 57.15
C GLN W 417 -26.73 -8.88 58.42
N ARG W 418 -27.68 -7.97 58.60
CA ARG W 418 -28.57 -8.01 59.76
C ARG W 418 -29.68 -9.03 59.58
N PHE W 419 -30.04 -9.30 58.33
CA PHE W 419 -31.09 -10.28 58.04
C PHE W 419 -30.54 -11.70 58.12
N LEU W 420 -29.22 -11.80 58.24
CA LEU W 420 -28.56 -13.09 58.40
C LEU W 420 -28.71 -13.59 59.84
N SER W 421 -28.82 -12.64 60.77
CA SER W 421 -29.00 -12.98 62.17
C SER W 421 -30.33 -13.70 62.39
N GLN W 422 -30.31 -14.72 63.23
CA GLN W 422 -31.51 -15.52 63.49
C GLN W 422 -31.53 -16.04 64.92
N PRO W 423 -32.62 -15.76 65.65
CA PRO W 423 -32.79 -16.25 67.02
C PRO W 423 -32.94 -17.76 67.04
N PHE W 424 -32.40 -18.42 68.05
CA PHE W 424 -32.49 -19.87 68.14
C PHE W 424 -33.57 -20.32 69.12
N ALA W 425 -34.11 -21.51 68.89
CA ALA W 425 -35.18 -22.04 69.73
C ALA W 425 -34.66 -22.49 71.09
N VAL W 426 -33.44 -23.01 71.11
CA VAL W 426 -32.85 -23.52 72.36
C VAL W 426 -32.42 -22.39 73.29
N ALA W 427 -31.92 -21.30 72.72
CA ALA W 427 -31.46 -20.17 73.53
C ALA W 427 -32.62 -19.29 73.97
N GLU W 428 -33.83 -19.83 73.87
CA GLU W 428 -35.02 -19.09 74.26
C GLU W 428 -35.13 -18.99 75.78
N VAL W 429 -34.50 -19.93 76.48
CA VAL W 429 -34.50 -19.93 77.93
C VAL W 429 -33.35 -19.08 78.48
N PHE W 430 -32.50 -18.60 77.58
CA PHE W 430 -31.40 -17.73 77.96
C PHE W 430 -31.74 -16.27 77.72
N THR W 431 -32.31 -15.98 76.55
CA THR W 431 -32.62 -14.62 76.16
C THR W 431 -34.07 -14.25 76.49
N GLY W 432 -35.01 -15.10 76.10
CA GLY W 432 -36.41 -14.84 76.29
C GLY W 432 -37.12 -14.61 74.96
N ILE W 433 -36.36 -14.16 73.97
CA ILE W 433 -36.89 -13.95 72.63
C ILE W 433 -37.12 -15.27 71.93
N PRO W 434 -38.36 -15.51 71.48
CA PRO W 434 -38.73 -16.76 70.80
C PRO W 434 -37.89 -17.01 69.55
N GLY W 435 -37.40 -18.24 69.41
CA GLY W 435 -36.60 -18.61 68.25
C GLY W 435 -37.46 -18.76 67.01
N LYS W 436 -36.82 -18.68 65.85
CA LYS W 436 -37.52 -18.84 64.57
C LYS W 436 -36.75 -19.77 63.65
N LEU W 437 -37.46 -20.72 63.05
CA LEU W 437 -36.84 -21.67 62.12
C LEU W 437 -37.22 -21.35 60.68
N VAL W 438 -36.22 -21.06 59.86
CA VAL W 438 -36.44 -20.73 58.46
C VAL W 438 -35.91 -21.83 57.54
N ARG W 439 -36.80 -22.38 56.72
CA ARG W 439 -36.43 -23.47 55.82
C ARG W 439 -35.77 -22.93 54.55
N LEU W 440 -35.01 -23.79 53.87
CA LEU W 440 -34.26 -23.40 52.68
C LEU W 440 -35.11 -22.65 51.65
N LYS W 441 -36.32 -23.13 51.42
CA LYS W 441 -37.20 -22.56 50.41
C LYS W 441 -37.46 -21.07 50.66
N ASP W 442 -37.98 -20.76 51.85
CA ASP W 442 -38.35 -19.39 52.19
C ASP W 442 -37.13 -18.47 52.25
N THR W 443 -35.97 -19.05 52.59
CA THR W 443 -34.74 -18.29 52.70
C THR W 443 -34.31 -17.68 51.37
N VAL W 444 -34.42 -18.48 50.31
CA VAL W 444 -34.02 -18.02 48.98
C VAL W 444 -34.90 -16.87 48.50
N ALA W 445 -36.20 -17.02 48.66
CA ALA W 445 -37.15 -16.00 48.22
C ALA W 445 -36.95 -14.70 48.99
N SER W 446 -36.67 -14.82 50.29
CA SER W 446 -36.48 -13.65 51.15
C SER W 446 -35.32 -12.79 50.67
N PHE W 447 -34.13 -13.38 50.59
CA PHE W 447 -32.93 -12.65 50.19
C PHE W 447 -33.01 -12.14 48.75
N LYS W 448 -33.56 -12.96 47.86
CA LYS W 448 -33.71 -12.55 46.47
C LYS W 448 -34.51 -11.25 46.38
N ALA W 449 -35.67 -11.24 47.03
CA ALA W 449 -36.55 -10.08 47.03
C ALA W 449 -35.84 -8.82 47.55
N VAL W 450 -34.91 -9.01 48.48
CA VAL W 450 -34.19 -7.90 49.06
C VAL W 450 -33.13 -7.36 48.11
N LEU W 451 -32.36 -8.27 47.51
CA LEU W 451 -31.34 -7.89 46.55
C LEU W 451 -31.94 -7.15 45.36
N GLU W 452 -33.14 -7.57 44.96
CA GLU W 452 -33.86 -6.90 43.88
C GLU W 452 -34.20 -5.47 44.24
N GLY W 453 -34.63 -5.26 45.50
CA GLY W 453 -34.92 -3.94 45.99
C GLY W 453 -36.41 -3.69 46.24
N LYS W 454 -37.07 -4.68 46.82
CA LYS W 454 -38.49 -4.56 47.12
C LYS W 454 -38.75 -4.24 48.59
N TYR W 455 -37.68 -4.14 49.37
CA TYR W 455 -37.80 -3.89 50.80
C TYR W 455 -36.80 -2.84 51.29
N ASP W 456 -36.39 -1.95 50.40
CA ASP W 456 -35.44 -0.90 50.76
C ASP W 456 -36.07 0.15 51.68
N ASN W 457 -37.41 0.20 51.69
CA ASN W 457 -38.13 1.15 52.52
C ASN W 457 -38.24 0.69 53.97
N ILE W 458 -37.80 -0.53 54.23
CA ILE W 458 -37.81 -1.08 55.59
C ILE W 458 -36.48 -0.83 56.28
N PRO W 459 -36.53 -0.24 57.48
CA PRO W 459 -35.34 0.13 58.27
C PRO W 459 -34.40 -1.05 58.52
N GLU W 460 -33.16 -0.75 58.88
CA GLU W 460 -32.18 -1.79 59.17
C GLU W 460 -32.54 -2.56 60.42
N HIS W 461 -33.09 -1.86 61.41
CA HIS W 461 -33.39 -2.46 62.71
C HIS W 461 -34.54 -3.47 62.62
N ALA W 462 -35.27 -3.44 61.51
CA ALA W 462 -36.39 -4.35 61.31
C ALA W 462 -35.92 -5.73 60.87
N PHE W 463 -34.72 -5.80 60.31
CA PHE W 463 -34.16 -7.06 59.84
C PHE W 463 -33.35 -7.73 60.95
N TYR W 464 -33.13 -7.01 62.04
CA TYR W 464 -32.32 -7.52 63.15
C TYR W 464 -33.07 -8.59 63.94
N MET W 465 -32.42 -9.73 64.14
CA MET W 465 -32.98 -10.85 64.89
C MET W 465 -34.43 -11.15 64.49
N VAL W 466 -34.60 -11.69 63.28
CA VAL W 466 -35.90 -12.11 62.81
C VAL W 466 -35.80 -13.44 62.08
N GLY W 467 -36.95 -14.03 61.75
CA GLY W 467 -36.99 -15.29 61.04
C GLY W 467 -37.03 -15.10 59.54
N GLY W 468 -38.18 -15.39 58.94
CA GLY W 468 -38.35 -15.23 57.51
C GLY W 468 -38.60 -13.79 57.12
N ILE W 469 -38.89 -13.55 55.85
CA ILE W 469 -39.17 -12.20 55.36
C ILE W 469 -40.48 -11.68 55.92
N GLU W 470 -41.40 -12.61 56.20
CA GLU W 470 -42.71 -12.24 56.74
C GLU W 470 -42.59 -11.54 58.07
N ASP W 471 -41.69 -12.03 58.92
CA ASP W 471 -41.50 -11.50 60.26
C ASP W 471 -41.03 -10.04 60.22
N VAL W 472 -40.29 -9.69 59.17
CA VAL W 472 -39.76 -8.34 59.02
C VAL W 472 -40.88 -7.32 58.91
N VAL W 473 -41.84 -7.61 58.04
CA VAL W 473 -42.95 -6.69 57.78
C VAL W 473 -43.68 -6.30 59.06
N ALA W 474 -44.08 -7.30 59.83
CA ALA W 474 -44.81 -7.06 61.08
C ALA W 474 -43.99 -6.24 62.07
N LYS W 475 -42.68 -6.46 62.05
CA LYS W 475 -41.77 -5.75 62.94
C LYS W 475 -41.53 -4.33 62.44
N ALA W 476 -41.64 -4.13 61.12
CA ALA W 476 -41.45 -2.82 60.52
C ALA W 476 -42.60 -1.88 60.86
N GLU W 477 -43.71 -2.46 61.33
CA GLU W 477 -44.87 -1.67 61.70
C GLU W 477 -44.61 -0.88 62.98
N LYS W 478 -44.00 -1.52 63.96
CA LYS W 478 -43.74 -0.90 65.25
C LYS W 478 -42.58 0.09 65.20
N LEU W 479 -41.79 0.02 64.14
CA LEU W 479 -40.63 0.90 63.98
C LEU W 479 -40.90 1.98 62.94
N THR X 13 35.14 -76.11 34.78
CA THR X 13 34.23 -76.69 35.77
C THR X 13 33.20 -75.66 36.28
N PRO X 14 31.89 -75.91 36.06
CA PRO X 14 30.79 -75.08 36.56
C PRO X 14 30.53 -75.30 38.06
N ILE X 15 30.14 -74.23 38.74
CA ILE X 15 29.78 -74.30 40.15
C ILE X 15 28.28 -74.13 40.36
N THR X 16 27.64 -75.17 40.88
CA THR X 16 26.20 -75.17 41.11
C THR X 16 25.80 -74.04 42.06
N GLY X 17 24.55 -73.59 41.94
CA GLY X 17 24.05 -72.50 42.75
C GLY X 17 22.65 -72.76 43.28
N LYS X 18 22.39 -72.25 44.48
CA LYS X 18 21.08 -72.41 45.11
C LYS X 18 20.53 -71.06 45.57
N VAL X 19 19.38 -70.67 45.03
CA VAL X 19 18.74 -69.42 45.41
C VAL X 19 18.09 -69.56 46.79
N THR X 20 18.46 -68.67 47.71
CA THR X 20 17.97 -68.75 49.08
C THR X 20 16.96 -67.65 49.42
N ALA X 21 17.34 -66.40 49.17
CA ALA X 21 16.48 -65.27 49.51
C ALA X 21 16.31 -64.28 48.37
N VAL X 22 15.10 -63.76 48.22
CA VAL X 22 14.80 -62.77 47.19
C VAL X 22 14.03 -61.59 47.76
N ILE X 23 14.74 -60.51 48.05
CA ILE X 23 14.12 -59.31 48.61
C ILE X 23 14.19 -58.16 47.61
N GLY X 24 13.03 -57.72 47.13
CA GLY X 24 12.96 -56.63 46.18
C GLY X 24 13.74 -56.92 44.91
N ALA X 25 14.93 -56.35 44.81
CA ALA X 25 15.80 -56.57 43.66
C ALA X 25 17.14 -57.15 44.09
N ILE X 26 17.18 -57.69 45.30
CA ILE X 26 18.40 -58.30 45.85
C ILE X 26 18.25 -59.82 45.95
N VAL X 27 19.16 -60.54 45.30
CA VAL X 27 19.11 -62.00 45.29
C VAL X 27 20.27 -62.60 46.07
N ASP X 28 19.98 -63.62 46.88
CA ASP X 28 21.01 -64.32 47.64
C ASP X 28 21.21 -65.73 47.11
N VAL X 29 22.47 -66.11 46.92
CA VAL X 29 22.79 -67.42 46.36
C VAL X 29 23.81 -68.16 47.22
N HIS X 30 23.62 -69.48 47.35
CA HIS X 30 24.52 -70.31 48.14
C HIS X 30 25.32 -71.26 47.26
N PHE X 31 26.57 -71.51 47.64
CA PHE X 31 27.43 -72.43 46.90
C PHE X 31 27.83 -73.62 47.77
N GLU X 32 28.21 -74.71 47.11
CA GLU X 32 28.47 -75.97 47.81
C GLU X 32 29.88 -76.05 48.41
N GLN X 33 30.89 -75.72 47.61
CA GLN X 33 32.27 -75.79 48.06
C GLN X 33 32.85 -74.41 48.35
N SER X 34 34.10 -74.39 48.82
CA SER X 34 34.76 -73.16 49.21
C SER X 34 34.92 -72.18 48.05
N GLU X 35 34.68 -72.67 46.83
CA GLU X 35 34.80 -71.84 45.64
C GLU X 35 33.60 -70.91 45.48
N LEU X 36 33.78 -69.64 45.83
CA LEU X 36 32.73 -68.64 45.68
C LEU X 36 33.18 -67.47 44.82
N PRO X 37 32.31 -67.03 43.89
CA PRO X 37 32.56 -65.87 43.03
C PRO X 37 32.73 -64.60 43.85
N ALA X 38 33.75 -63.81 43.52
CA ALA X 38 34.03 -62.59 44.26
C ALA X 38 33.09 -61.45 43.89
N ILE X 39 33.40 -60.24 44.37
CA ILE X 39 32.58 -59.07 44.12
C ILE X 39 32.67 -58.64 42.66
N LEU X 40 31.65 -57.92 42.20
CA LEU X 40 31.61 -57.37 40.84
C LEU X 40 31.35 -58.44 39.78
N ASN X 41 31.63 -59.69 40.11
CA ASN X 41 31.43 -60.79 39.18
C ASN X 41 29.96 -60.99 38.84
N ALA X 42 29.69 -61.70 37.74
CA ALA X 42 28.33 -61.84 37.24
C ALA X 42 27.77 -63.25 37.43
N LEU X 43 26.44 -63.33 37.44
CA LEU X 43 25.73 -64.61 37.55
C LEU X 43 24.54 -64.60 36.59
N GLU X 44 24.02 -65.79 36.29
CA GLU X 44 22.87 -65.90 35.39
C GLU X 44 21.94 -67.03 35.79
N ILE X 45 20.64 -66.80 35.64
CA ILE X 45 19.62 -67.79 35.95
C ILE X 45 18.84 -68.16 34.70
N LYS X 46 18.55 -69.46 34.55
CA LYS X 46 17.83 -69.94 33.39
C LYS X 46 16.35 -69.59 33.44
N THR X 47 15.94 -68.64 32.60
CA THR X 47 14.54 -68.26 32.49
C THR X 47 14.07 -68.44 31.04
N PRO X 48 12.83 -68.93 30.87
CA PRO X 48 12.24 -69.18 29.55
C PRO X 48 12.27 -67.95 28.66
N GLN X 49 12.39 -66.78 29.27
CA GLN X 49 12.38 -65.51 28.54
C GLN X 49 13.78 -65.08 28.12
N GLY X 50 14.78 -65.60 28.81
CA GLY X 50 16.17 -65.27 28.51
C GLY X 50 17.12 -65.68 29.61
N LYS X 51 17.81 -64.70 30.19
CA LYS X 51 18.75 -64.97 31.27
C LYS X 51 18.79 -63.82 32.28
N LEU X 52 18.26 -64.07 33.47
CA LEU X 52 18.26 -63.07 34.54
C LEU X 52 19.66 -62.93 35.11
N VAL X 53 20.39 -61.91 34.66
CA VAL X 53 21.76 -61.71 35.10
C VAL X 53 21.83 -61.24 36.55
N LEU X 54 23.02 -61.34 37.14
CA LEU X 54 23.22 -60.91 38.52
C LEU X 54 24.62 -60.34 38.71
N GLU X 55 24.81 -59.68 39.85
CA GLU X 55 26.10 -59.07 40.17
C GLU X 55 26.39 -59.16 41.66
N VAL X 56 27.30 -60.07 42.02
CA VAL X 56 27.68 -60.26 43.41
C VAL X 56 28.22 -58.97 44.03
N ALA X 57 27.64 -58.57 45.15
CA ALA X 57 28.02 -57.32 45.79
C ALA X 57 28.68 -57.54 47.15
N GLN X 58 28.29 -58.60 47.85
CA GLN X 58 28.83 -58.86 49.18
C GLN X 58 28.74 -60.34 49.59
N HIS X 59 29.84 -60.86 50.14
CA HIS X 59 29.86 -62.22 50.67
C HIS X 59 29.22 -62.28 52.04
N LEU X 60 27.90 -62.49 52.06
CA LEU X 60 27.15 -62.56 53.31
C LEU X 60 27.80 -63.50 54.32
N GLY X 61 28.26 -64.66 53.84
CA GLY X 61 28.91 -65.63 54.70
C GLY X 61 28.38 -67.04 54.52
N GLU X 62 29.02 -68.00 55.18
CA GLU X 62 28.64 -69.40 55.08
C GLU X 62 28.35 -69.83 53.64
N ASN X 63 29.31 -69.59 52.75
CA ASN X 63 29.18 -69.96 51.35
C ASN X 63 27.94 -69.37 50.68
N THR X 64 27.57 -68.16 51.09
CA THR X 64 26.40 -67.50 50.54
C THR X 64 26.71 -66.06 50.16
N VAL X 65 26.27 -65.64 48.97
CA VAL X 65 26.54 -64.29 48.48
C VAL X 65 25.26 -63.53 48.19
N ARG X 66 25.36 -62.21 48.17
CA ARG X 66 24.22 -61.34 47.88
C ARG X 66 24.45 -60.56 46.60
N THR X 67 23.46 -60.57 45.71
CA THR X 67 23.59 -59.97 44.40
C THR X 67 22.53 -58.90 44.12
N ILE X 68 22.83 -58.02 43.18
CA ILE X 68 21.89 -57.00 42.73
C ILE X 68 21.38 -57.38 41.35
N ALA X 69 20.06 -57.35 41.17
CA ALA X 69 19.46 -57.78 39.91
C ALA X 69 19.24 -56.62 38.93
N MET X 70 19.63 -56.84 37.69
CA MET X 70 19.45 -55.84 36.63
C MET X 70 18.00 -55.84 36.13
N ASP X 71 17.40 -57.02 36.07
CA ASP X 71 16.01 -57.15 35.64
C ASP X 71 15.10 -57.54 36.80
N GLY X 72 13.81 -57.66 36.50
CA GLY X 72 12.83 -57.99 37.53
C GLY X 72 13.08 -59.34 38.18
N THR X 73 12.81 -59.42 39.48
CA THR X 73 12.98 -60.66 40.23
C THR X 73 11.67 -61.43 40.33
N GLU X 74 10.62 -60.89 39.71
CA GLU X 74 9.31 -61.53 39.71
C GLU X 74 9.40 -62.93 39.12
N GLY X 75 8.75 -63.89 39.79
CA GLY X 75 8.73 -65.26 39.32
C GLY X 75 10.00 -66.01 39.65
N LEU X 76 10.52 -65.82 40.85
CA LEU X 76 11.72 -66.52 41.30
C LEU X 76 11.41 -67.47 42.45
N VAL X 77 11.76 -68.74 42.26
CA VAL X 77 11.60 -69.75 43.30
C VAL X 77 12.95 -70.00 43.97
N ARG X 78 12.92 -70.26 45.27
CA ARG X 78 14.14 -70.49 46.04
C ARG X 78 14.73 -71.87 45.78
N GLY X 79 15.95 -71.89 45.25
CA GLY X 79 16.65 -73.14 44.98
C GLY X 79 17.10 -73.28 43.54
N GLU X 80 16.84 -72.23 42.75
CA GLU X 80 17.16 -72.26 41.33
C GLU X 80 18.65 -72.45 41.07
N LYS X 81 18.97 -73.05 39.92
CA LYS X 81 20.34 -73.27 39.51
C LYS X 81 20.99 -71.94 39.15
N VAL X 82 22.24 -71.75 39.57
CA VAL X 82 22.95 -70.50 39.35
C VAL X 82 24.25 -70.70 38.57
N LEU X 83 24.31 -70.15 37.37
CA LEU X 83 25.48 -70.28 36.51
C LEU X 83 26.42 -69.09 36.66
N ASP X 84 27.70 -69.36 36.89
CA ASP X 84 28.68 -68.30 37.09
C ASP X 84 29.31 -67.88 35.76
N THR X 85 29.63 -66.60 35.64
CA THR X 85 30.25 -66.07 34.42
C THR X 85 31.76 -66.14 34.50
N GLY X 86 32.30 -66.10 35.73
CA GLY X 86 33.73 -66.16 35.94
C GLY X 86 34.37 -64.79 35.99
N GLY X 87 33.55 -63.75 35.96
CA GLY X 87 34.03 -62.39 35.99
C GLY X 87 32.90 -61.37 35.87
N PRO X 88 33.26 -60.08 35.82
CA PRO X 88 32.29 -58.98 35.74
C PRO X 88 31.46 -59.05 34.47
N ILE X 89 30.49 -58.16 34.32
CA ILE X 89 29.70 -58.07 33.11
C ILE X 89 30.51 -57.35 32.03
N SER X 90 31.01 -58.12 31.06
CA SER X 90 31.81 -57.56 29.98
C SER X 90 30.94 -57.01 28.86
N VAL X 91 31.14 -55.74 28.54
CA VAL X 91 30.40 -55.08 27.47
C VAL X 91 31.28 -54.82 26.24
N PRO X 92 30.76 -55.12 25.05
CA PRO X 92 31.49 -54.95 23.79
C PRO X 92 32.01 -53.53 23.60
N VAL X 93 33.31 -53.40 23.35
CA VAL X 93 33.91 -52.09 23.14
C VAL X 93 34.64 -52.05 21.80
N GLY X 94 34.52 -50.93 21.09
CA GLY X 94 35.17 -50.78 19.80
C GLY X 94 34.40 -49.90 18.85
N ARG X 95 34.85 -49.85 17.60
CA ARG X 95 34.23 -49.01 16.58
C ARG X 95 32.98 -49.67 16.00
N GLU X 96 32.70 -50.90 16.45
CA GLU X 96 31.53 -51.64 15.99
C GLU X 96 30.27 -51.18 16.73
N THR X 97 30.46 -50.63 17.93
CA THR X 97 29.35 -50.17 18.74
C THR X 97 28.76 -48.87 18.21
N LEU X 98 29.56 -48.14 17.44
CA LEU X 98 29.11 -46.88 16.85
C LEU X 98 27.85 -47.05 16.03
N GLY X 99 26.79 -46.35 16.42
CA GLY X 99 25.51 -46.43 15.72
C GLY X 99 24.64 -47.56 16.21
N ARG X 100 25.00 -48.13 17.36
CA ARG X 100 24.26 -49.25 17.93
C ARG X 100 23.83 -48.95 19.37
N ILE X 101 22.56 -49.20 19.66
CA ILE X 101 22.04 -49.02 21.01
C ILE X 101 22.15 -50.33 21.78
N ILE X 102 22.83 -50.29 22.93
CA ILE X 102 23.07 -51.50 23.71
C ILE X 102 22.46 -51.43 25.11
N ASN X 103 22.40 -52.59 25.77
CA ASN X 103 21.92 -52.66 27.15
C ASN X 103 23.05 -52.53 28.16
N VAL X 104 22.69 -52.56 29.45
CA VAL X 104 23.66 -52.43 30.53
C VAL X 104 24.62 -53.62 30.54
N ILE X 105 24.33 -54.63 29.75
CA ILE X 105 25.18 -55.82 29.68
C ILE X 105 25.87 -55.95 28.32
N GLY X 106 25.42 -55.16 27.35
CA GLY X 106 26.04 -55.15 26.03
C GLY X 106 25.20 -55.83 24.97
N GLU X 107 23.88 -55.79 25.15
CA GLU X 107 22.96 -56.41 24.21
C GLU X 107 22.34 -55.37 23.26
N PRO X 108 22.41 -55.62 21.95
CA PRO X 108 21.85 -54.72 20.93
C PRO X 108 20.34 -54.57 21.08
N ILE X 109 19.87 -53.32 21.10
CA ILE X 109 18.45 -53.04 21.24
C ILE X 109 17.83 -52.71 19.88
N ASP X 110 18.67 -52.25 18.95
CA ASP X 110 18.22 -51.83 17.64
C ASP X 110 17.74 -52.99 16.77
N GLU X 111 17.88 -54.20 17.28
CA GLU X 111 17.44 -55.39 16.54
C GLU X 111 18.08 -55.48 15.16
N ARG X 112 19.28 -54.90 15.02
CA ARG X 112 20.01 -54.96 13.76
C ARG X 112 21.08 -56.04 13.81
N GLY X 113 20.80 -57.13 14.52
CA GLY X 113 21.72 -58.24 14.64
C GLY X 113 22.79 -58.01 15.70
N PRO X 114 23.44 -59.10 16.13
CA PRO X 114 24.52 -59.02 17.11
C PRO X 114 25.64 -58.10 16.64
N ILE X 115 26.32 -57.46 17.59
CA ILE X 115 27.42 -56.55 17.27
C ILE X 115 28.76 -57.29 17.33
N LYS X 116 29.35 -57.51 16.16
CA LYS X 116 30.63 -58.23 16.07
C LYS X 116 31.80 -57.31 16.39
N SER X 117 32.05 -57.09 17.68
CA SER X 117 33.15 -56.24 18.11
C SER X 117 34.43 -57.04 18.27
N LYS X 118 35.57 -56.35 18.23
CA LYS X 118 36.87 -57.01 18.38
C LYS X 118 37.03 -57.62 19.77
N LEU X 119 36.70 -56.85 20.80
CA LEU X 119 36.86 -57.31 22.18
C LEU X 119 35.65 -57.00 23.05
N ARG X 120 35.67 -57.48 24.28
CA ARG X 120 34.64 -57.19 25.26
C ARG X 120 35.27 -56.87 26.60
N LYS X 121 35.24 -55.59 26.99
CA LYS X 121 35.86 -55.16 28.23
C LYS X 121 34.85 -54.94 29.36
N PRO X 122 35.24 -55.31 30.58
CA PRO X 122 34.41 -55.22 31.78
C PRO X 122 33.93 -53.80 32.07
N ILE X 123 32.81 -53.70 32.77
CA ILE X 123 32.24 -52.39 33.13
C ILE X 123 33.04 -51.72 34.25
N HIS X 124 33.55 -52.53 35.16
CA HIS X 124 34.33 -52.03 36.29
C HIS X 124 35.81 -51.95 35.93
N ALA X 125 36.45 -50.83 36.28
CA ALA X 125 37.86 -50.63 36.02
C ALA X 125 38.42 -49.47 36.83
N ASP X 126 39.60 -49.67 37.40
CA ASP X 126 40.26 -48.63 38.20
C ASP X 126 40.49 -47.35 37.41
N PRO X 127 40.18 -46.21 38.02
CA PRO X 127 40.36 -44.87 37.44
C PRO X 127 41.85 -44.50 37.34
N PRO X 128 42.20 -43.68 36.35
CA PRO X 128 43.57 -43.20 36.11
C PRO X 128 44.20 -42.58 37.37
N SER X 129 45.50 -42.76 37.52
CA SER X 129 46.21 -42.24 38.68
C SER X 129 46.48 -40.74 38.56
N PHE X 130 47.13 -40.18 39.56
CA PHE X 130 47.44 -38.75 39.58
C PHE X 130 48.54 -38.42 38.58
N ALA X 131 49.40 -39.39 38.30
CA ALA X 131 50.52 -39.18 37.39
C ALA X 131 50.05 -39.04 35.94
N GLU X 132 49.07 -39.85 35.56
CA GLU X 132 48.59 -39.88 34.19
C GLU X 132 47.65 -38.71 33.88
N GLN X 133 47.65 -37.71 34.77
CA GLN X 133 46.77 -36.56 34.61
C GLN X 133 47.38 -35.47 33.73
N SER X 134 46.63 -35.06 32.72
CA SER X 134 47.05 -33.98 31.83
C SER X 134 46.06 -32.82 31.92
N THR X 135 46.58 -31.61 32.12
CA THR X 135 45.73 -30.44 32.33
C THR X 135 45.96 -29.36 31.28
N SER X 136 44.86 -28.80 30.77
CA SER X 136 44.94 -27.73 29.76
C SER X 136 43.67 -26.87 29.79
N ALA X 137 43.83 -25.61 30.17
CA ALA X 137 42.69 -24.69 30.25
C ALA X 137 42.40 -24.06 28.88
N GLU X 138 41.61 -24.75 28.08
CA GLU X 138 41.26 -24.27 26.75
C GLU X 138 39.76 -23.98 26.64
N ILE X 139 39.43 -22.85 26.02
CA ILE X 139 38.04 -22.43 25.89
C ILE X 139 37.30 -23.23 24.83
N LEU X 140 36.12 -23.71 25.19
CA LEU X 140 35.26 -24.45 24.26
C LEU X 140 34.05 -23.62 23.88
N GLU X 141 33.99 -23.19 22.62
CA GLU X 141 32.87 -22.40 22.13
C GLU X 141 31.61 -23.26 22.09
N THR X 142 30.52 -22.75 22.67
CA THR X 142 29.28 -23.51 22.79
C THR X 142 28.16 -22.96 21.91
N GLY X 143 27.96 -21.64 21.96
CA GLY X 143 26.95 -21.01 21.14
C GLY X 143 25.76 -20.47 21.95
N ILE X 144 25.87 -20.55 23.26
CA ILE X 144 24.82 -20.04 24.14
C ILE X 144 25.33 -18.88 24.98
N LYS X 145 24.64 -17.75 24.90
CA LYS X 145 25.06 -16.54 25.61
C LYS X 145 25.38 -16.77 27.08
N VAL X 146 24.37 -17.17 27.84
CA VAL X 146 24.52 -17.37 29.28
C VAL X 146 25.82 -18.11 29.63
N VAL X 147 26.01 -19.25 29.00
CA VAL X 147 27.19 -20.09 29.24
C VAL X 147 28.49 -19.36 28.88
N ASP X 148 28.64 -19.03 27.60
CA ASP X 148 29.87 -18.44 27.09
C ASP X 148 30.32 -17.19 27.85
N LEU X 149 29.37 -16.34 28.20
CA LEU X 149 29.69 -15.06 28.84
C LEU X 149 30.20 -15.22 30.27
N LEU X 150 29.59 -16.12 31.03
CA LEU X 150 29.89 -16.23 32.46
C LEU X 150 30.63 -17.52 32.83
N ALA X 151 30.12 -18.66 32.36
CA ALA X 151 30.72 -19.95 32.68
C ALA X 151 31.05 -20.74 31.42
N PRO X 152 32.20 -20.45 30.81
CA PRO X 152 32.65 -21.12 29.58
C PRO X 152 33.14 -22.54 29.85
N TYR X 153 32.62 -23.50 29.10
CA TYR X 153 33.07 -24.89 29.24
C TYR X 153 34.46 -25.06 28.63
N ALA X 154 35.06 -26.22 28.83
CA ALA X 154 36.43 -26.46 28.38
C ALA X 154 36.56 -27.71 27.52
N ARG X 155 37.55 -27.70 26.64
CA ARG X 155 37.87 -28.87 25.83
C ARG X 155 38.68 -29.85 26.67
N GLY X 156 38.20 -31.08 26.77
CA GLY X 156 38.83 -32.08 27.61
C GLY X 156 38.62 -31.72 29.07
N GLY X 157 37.39 -31.37 29.42
CA GLY X 157 37.05 -31.00 30.79
C GLY X 157 35.70 -31.56 31.20
N LYS X 158 35.42 -31.48 32.50
CA LYS X 158 34.18 -32.01 33.04
C LYS X 158 33.12 -30.92 33.20
N ILE X 159 32.11 -30.98 32.35
CA ILE X 159 31.01 -30.01 32.35
C ILE X 159 29.82 -30.58 33.10
N GLY X 160 29.15 -29.73 33.89
CA GLY X 160 28.02 -30.18 34.67
C GLY X 160 26.89 -29.18 34.79
N LEU X 161 25.76 -29.51 34.20
CA LEU X 161 24.56 -28.70 34.35
C LEU X 161 23.66 -29.32 35.41
N PHE X 162 23.13 -28.49 36.30
CA PHE X 162 22.23 -28.97 37.34
C PHE X 162 20.79 -28.54 37.04
N GLY X 163 20.00 -28.35 38.10
CA GLY X 163 18.63 -27.91 37.95
C GLY X 163 17.61 -28.90 38.48
N GLY X 164 16.48 -28.38 38.92
CA GLY X 164 15.40 -29.22 39.43
C GLY X 164 14.71 -29.97 38.30
N ALA X 165 13.42 -30.25 38.49
CA ALA X 165 12.64 -30.96 37.49
C ALA X 165 11.82 -30.02 36.63
N GLY X 166 11.73 -30.33 35.34
CA GLY X 166 10.95 -29.52 34.41
C GLY X 166 11.49 -28.14 34.18
N VAL X 167 12.73 -27.90 34.61
CA VAL X 167 13.36 -26.60 34.42
C VAL X 167 13.99 -26.50 33.03
N GLY X 168 14.15 -27.65 32.38
CA GLY X 168 14.71 -27.69 31.03
C GLY X 168 16.10 -28.29 30.98
N LYS X 169 16.26 -29.46 31.58
CA LYS X 169 17.54 -30.17 31.54
C LYS X 169 17.77 -30.79 30.18
N THR X 170 16.85 -31.65 29.75
CA THR X 170 16.98 -32.36 28.48
C THR X 170 17.08 -31.39 27.32
N VAL X 171 16.35 -30.29 27.40
CA VAL X 171 16.35 -29.27 26.35
C VAL X 171 17.73 -28.64 26.22
N PHE X 172 18.34 -28.33 27.36
CA PHE X 172 19.65 -27.71 27.39
C PHE X 172 20.73 -28.66 26.91
N ILE X 173 20.49 -29.97 27.10
CA ILE X 173 21.46 -30.98 26.71
C ILE X 173 21.44 -31.25 25.21
N GLN X 174 20.26 -31.48 24.67
CA GLN X 174 20.11 -31.78 23.25
C GLN X 174 20.65 -30.65 22.36
N GLU X 175 20.71 -29.45 22.92
CA GLU X 175 21.27 -28.30 22.21
C GLU X 175 22.78 -28.40 22.16
N LEU X 176 23.37 -28.83 23.26
CA LEU X 176 24.82 -29.04 23.34
C LEU X 176 25.28 -30.08 22.34
N ILE X 177 24.39 -31.00 22.01
CA ILE X 177 24.71 -32.07 21.06
C ILE X 177 24.61 -31.56 19.62
N ASN X 178 23.76 -30.57 19.40
CA ASN X 178 23.57 -29.99 18.08
C ASN X 178 24.48 -28.79 17.84
N ASN X 179 25.21 -28.40 18.87
CA ASN X 179 26.12 -27.26 18.77
C ASN X 179 27.59 -27.65 18.87
N ILE X 180 27.85 -28.76 19.55
CA ILE X 180 29.23 -29.21 19.77
C ILE X 180 29.48 -30.62 19.24
N ALA X 181 28.59 -31.55 19.57
CA ALA X 181 28.76 -32.95 19.21
C ALA X 181 28.72 -33.18 17.69
N LYS X 182 28.06 -32.29 16.98
CA LYS X 182 27.94 -32.43 15.52
C LYS X 182 29.27 -32.19 14.82
N ALA X 183 29.86 -31.02 15.05
CA ALA X 183 31.14 -30.68 14.44
C ALA X 183 32.28 -30.87 15.42
N HIS X 184 32.44 -32.10 15.90
CA HIS X 184 33.48 -32.41 16.87
C HIS X 184 34.79 -32.81 16.17
N GLY X 185 34.73 -33.87 15.38
CA GLY X 185 35.89 -34.36 14.67
C GLY X 185 36.30 -35.76 15.11
N GLY X 186 35.98 -36.10 16.36
CA GLY X 186 36.29 -37.41 16.89
C GLY X 186 35.05 -38.26 17.08
N PHE X 187 35.02 -39.03 18.17
CA PHE X 187 33.88 -39.90 18.46
C PHE X 187 33.12 -39.42 19.68
N SER X 188 31.84 -39.79 19.75
CA SER X 188 30.99 -39.41 20.88
C SER X 188 30.28 -40.61 21.47
N VAL X 189 30.06 -40.57 22.79
CA VAL X 189 29.34 -41.63 23.48
C VAL X 189 28.25 -41.02 24.35
N PHE X 190 27.02 -41.48 24.15
CA PHE X 190 25.89 -40.98 24.93
C PHE X 190 25.35 -42.05 25.88
N THR X 191 25.07 -41.66 27.12
CA THR X 191 24.60 -42.60 28.12
C THR X 191 23.30 -42.11 28.77
N GLY X 192 22.18 -42.67 28.34
CA GLY X 192 20.90 -42.33 28.92
C GLY X 192 20.64 -43.08 30.22
N VAL X 193 20.79 -42.37 31.33
CA VAL X 193 20.65 -42.99 32.65
C VAL X 193 19.34 -42.62 33.33
N GLY X 194 18.45 -43.60 33.47
CA GLY X 194 17.21 -43.43 34.19
C GLY X 194 16.41 -42.19 33.84
N GLU X 195 16.50 -41.77 32.59
CA GLU X 195 15.73 -40.61 32.12
C GLU X 195 14.55 -41.03 31.26
N ARG X 196 13.91 -40.06 30.63
CA ARG X 196 12.73 -40.33 29.81
C ARG X 196 13.04 -41.25 28.65
N THR X 197 12.30 -42.36 28.56
CA THR X 197 12.46 -43.30 27.47
C THR X 197 11.90 -42.71 26.17
N ARG X 198 10.97 -41.78 26.31
CA ARG X 198 10.34 -41.13 25.16
C ARG X 198 11.30 -40.16 24.49
N GLU X 199 12.17 -39.53 25.28
CA GLU X 199 13.13 -38.56 24.76
C GLU X 199 14.36 -39.25 24.16
N GLY X 200 14.61 -40.48 24.57
CA GLY X 200 15.71 -41.26 24.04
C GLY X 200 15.43 -41.73 22.62
N ASN X 201 14.14 -41.86 22.30
CA ASN X 201 13.73 -42.30 20.97
C ASN X 201 13.80 -41.18 19.95
N ASP X 202 13.40 -39.98 20.36
CA ASP X 202 13.41 -38.82 19.47
C ASP X 202 14.82 -38.28 19.27
N LEU X 203 15.72 -38.65 20.18
CA LEU X 203 17.14 -38.32 20.02
C LEU X 203 17.75 -39.27 19.01
N TYR X 204 17.25 -40.50 19.02
CA TYR X 204 17.69 -41.52 18.07
C TYR X 204 17.19 -41.18 16.66
N ARG X 205 16.00 -40.56 16.61
CA ARG X 205 15.42 -40.16 15.34
C ARG X 205 16.06 -38.88 14.80
N GLU X 206 16.51 -38.04 15.72
CA GLU X 206 17.17 -36.78 15.35
C GLU X 206 18.62 -37.01 14.91
N MET X 207 19.32 -37.87 15.64
CA MET X 207 20.71 -38.16 15.36
C MET X 207 20.89 -38.84 14.00
N LYS X 208 20.01 -39.79 13.70
CA LYS X 208 20.12 -40.56 12.47
C LYS X 208 19.88 -39.72 11.22
N GLU X 209 18.94 -38.78 11.33
CA GLU X 209 18.53 -37.97 10.18
C GLU X 209 19.52 -36.87 9.82
N THR X 210 20.23 -36.36 10.83
CA THR X 210 21.20 -35.29 10.60
C THR X 210 22.48 -35.82 9.96
N GLY X 211 22.76 -37.10 10.19
CA GLY X 211 23.94 -37.74 9.63
C GLY X 211 24.96 -38.15 10.67
N VAL X 212 24.62 -37.93 11.94
CA VAL X 212 25.50 -38.32 13.03
C VAL X 212 25.48 -39.84 13.19
N ILE X 213 24.29 -40.42 13.14
CA ILE X 213 24.14 -41.87 13.12
C ILE X 213 23.83 -42.32 11.70
N ASN X 214 24.82 -42.92 11.05
CA ASN X 214 24.67 -43.35 9.66
C ASN X 214 24.15 -44.78 9.55
N LEU X 215 22.86 -44.90 9.28
CA LEU X 215 22.21 -46.21 9.17
C LEU X 215 22.84 -47.07 8.08
N GLU X 216 23.34 -46.42 7.03
CA GLU X 216 23.98 -47.13 5.93
C GLU X 216 25.35 -46.53 5.60
N GLY X 217 26.23 -46.49 6.60
CA GLY X 217 27.56 -45.94 6.41
C GLY X 217 28.33 -45.75 7.69
N GLU X 218 28.99 -44.60 7.82
CA GLU X 218 29.83 -44.32 8.98
C GLU X 218 29.22 -43.29 9.93
N SER X 219 29.17 -43.66 11.21
CA SER X 219 28.68 -42.76 12.24
C SER X 219 29.80 -42.43 13.22
N LYS X 220 29.51 -41.62 14.23
CA LYS X 220 30.52 -41.21 15.20
C LYS X 220 30.06 -41.34 16.65
N VAL X 221 28.83 -41.80 16.84
CA VAL X 221 28.28 -41.89 18.20
C VAL X 221 27.69 -43.26 18.52
N ALA X 222 27.95 -43.73 19.73
CA ALA X 222 27.41 -45.00 20.21
C ALA X 222 26.42 -44.77 21.35
N LEU X 223 25.27 -45.44 21.29
CA LEU X 223 24.21 -45.21 22.26
C LEU X 223 24.13 -46.29 23.33
N VAL X 224 23.90 -45.86 24.57
CA VAL X 224 23.70 -46.77 25.70
C VAL X 224 22.51 -46.30 26.51
N PHE X 225 21.53 -47.18 26.71
CA PHE X 225 20.30 -46.79 27.38
C PHE X 225 19.84 -47.73 28.48
N GLY X 226 19.51 -47.14 29.63
CA GLY X 226 18.93 -47.87 30.75
C GLY X 226 18.02 -46.92 31.51
N GLN X 227 16.83 -46.72 30.95
CA GLN X 227 15.91 -45.68 31.42
C GLN X 227 15.26 -45.97 32.76
N MET X 228 14.42 -45.04 33.21
CA MET X 228 13.76 -45.12 34.51
C MET X 228 12.69 -46.20 34.55
N ASN X 229 12.48 -46.88 33.42
CA ASN X 229 11.52 -47.98 33.37
C ASN X 229 12.16 -49.29 33.80
N GLU X 230 13.49 -49.30 33.91
CA GLU X 230 14.21 -50.49 34.32
C GLU X 230 14.50 -50.48 35.82
N PRO X 231 14.55 -51.67 36.43
CA PRO X 231 14.83 -51.84 37.85
C PRO X 231 16.08 -51.06 38.27
N PRO X 232 16.12 -50.60 39.53
CA PRO X 232 17.22 -49.82 40.11
C PRO X 232 18.59 -50.44 39.87
N GLY X 233 18.62 -51.76 39.71
CA GLY X 233 19.87 -52.46 39.45
C GLY X 233 20.48 -52.05 38.13
N ALA X 234 19.63 -51.87 37.13
CA ALA X 234 20.07 -51.49 35.79
C ALA X 234 20.60 -50.06 35.76
N ARG X 235 19.93 -49.17 36.49
CA ARG X 235 20.29 -47.76 36.50
C ARG X 235 21.56 -47.49 37.32
N ALA X 236 22.05 -48.51 38.02
CA ALA X 236 23.22 -48.35 38.86
C ALA X 236 24.50 -48.82 38.16
N ARG X 237 24.34 -49.46 37.01
CA ARG X 237 25.48 -50.02 36.29
C ARG X 237 25.58 -49.54 34.84
N VAL X 238 24.48 -49.01 34.30
CA VAL X 238 24.47 -48.56 32.91
C VAL X 238 25.35 -47.33 32.72
N ALA X 239 25.62 -46.63 33.82
CA ALA X 239 26.53 -45.49 33.79
C ALA X 239 27.96 -45.99 33.68
N LEU X 240 28.14 -47.29 33.91
CA LEU X 240 29.44 -47.93 33.78
C LEU X 240 29.54 -48.60 32.42
N THR X 241 28.39 -48.96 31.86
CA THR X 241 28.33 -49.62 30.56
C THR X 241 28.73 -48.67 29.43
N GLY X 242 28.19 -47.45 29.48
CA GLY X 242 28.52 -46.45 28.49
C GLY X 242 29.86 -45.81 28.76
N LEU X 243 30.28 -45.84 30.03
CA LEU X 243 31.56 -45.28 30.43
C LEU X 243 32.72 -46.07 29.84
N THR X 244 32.62 -47.39 29.90
CA THR X 244 33.65 -48.27 29.36
C THR X 244 33.94 -47.95 27.91
N ILE X 245 32.87 -47.71 27.14
CA ILE X 245 33.01 -47.40 25.72
C ILE X 245 33.96 -46.25 25.47
N ALA X 246 33.70 -45.12 26.12
CA ALA X 246 34.50 -43.91 25.94
C ALA X 246 35.92 -44.08 26.47
N GLU X 247 36.14 -45.12 27.26
CA GLU X 247 37.47 -45.41 27.79
C GLU X 247 38.34 -46.06 26.72
N TYR X 248 37.71 -46.87 25.88
CA TYR X 248 38.39 -47.51 24.76
C TYR X 248 38.90 -46.45 23.80
N PHE X 249 38.01 -45.51 23.45
CA PHE X 249 38.37 -44.41 22.55
C PHE X 249 39.39 -43.47 23.18
N ARG X 250 39.45 -43.47 24.51
CA ARG X 250 40.37 -42.60 25.23
C ARG X 250 41.81 -43.12 25.16
N ASP X 251 42.05 -44.26 25.79
CA ASP X 251 43.41 -44.79 25.89
C ASP X 251 43.84 -45.58 24.66
N GLU X 252 42.98 -46.48 24.19
CA GLU X 252 43.33 -47.36 23.09
C GLU X 252 43.28 -46.67 21.74
N GLU X 253 42.17 -46.00 21.45
CA GLU X 253 41.99 -45.32 20.18
C GLU X 253 42.76 -44.00 20.15
N GLY X 254 43.01 -43.45 21.34
CA GLY X 254 43.76 -42.20 21.46
C GLY X 254 43.15 -41.06 20.67
N GLN X 255 41.82 -40.99 20.67
CA GLN X 255 41.11 -39.95 19.93
C GLN X 255 40.52 -38.91 20.88
N ASP X 256 39.79 -37.95 20.29
CA ASP X 256 39.05 -36.98 21.08
C ASP X 256 37.62 -37.48 21.30
N VAL X 257 37.25 -37.64 22.56
CA VAL X 257 35.96 -38.22 22.93
C VAL X 257 35.01 -37.19 23.51
N LEU X 258 33.71 -37.41 23.31
CA LEU X 258 32.70 -36.54 23.87
C LEU X 258 31.62 -37.40 24.53
N LEU X 259 31.42 -37.20 25.83
CA LEU X 259 30.51 -38.04 26.59
C LEU X 259 29.39 -37.24 27.25
N PHE X 260 28.16 -37.69 27.06
CA PHE X 260 27.00 -37.05 27.68
C PHE X 260 26.31 -37.99 28.66
N ILE X 261 26.17 -37.55 29.90
CA ILE X 261 25.55 -38.37 30.93
C ILE X 261 24.27 -37.72 31.45
N ASP X 262 23.14 -38.35 31.14
CA ASP X 262 21.84 -37.82 31.53
C ASP X 262 20.86 -38.94 31.82
N ASN X 263 20.48 -39.10 33.08
CA ASN X 263 20.96 -38.23 34.15
C ASN X 263 21.93 -38.99 35.08
N ILE X 264 23.03 -38.33 35.43
CA ILE X 264 24.06 -38.96 36.25
C ILE X 264 23.65 -39.09 37.71
N PHE X 265 22.60 -38.37 38.10
CA PHE X 265 22.10 -38.43 39.47
C PHE X 265 21.40 -39.76 39.75
N ARG X 266 20.77 -40.32 38.74
CA ARG X 266 20.03 -41.56 38.88
C ARG X 266 20.92 -42.70 39.36
N PHE X 267 22.24 -42.53 39.19
CA PHE X 267 23.19 -43.52 39.65
C PHE X 267 23.13 -43.68 41.16
N THR X 268 23.04 -42.55 41.86
CA THR X 268 22.96 -42.54 43.31
C THR X 268 21.54 -42.88 43.76
N GLN X 269 20.56 -42.38 43.02
CA GLN X 269 19.15 -42.63 43.33
C GLN X 269 18.84 -44.11 43.25
N ALA X 270 19.29 -44.75 42.18
CA ALA X 270 19.11 -46.19 42.01
C ALA X 270 20.02 -46.94 42.96
N GLY X 271 20.94 -46.22 43.60
CA GLY X 271 21.84 -46.79 44.57
C GLY X 271 21.23 -46.81 45.95
N SER X 272 20.42 -45.80 46.24
CA SER X 272 19.75 -45.70 47.54
C SER X 272 18.63 -46.75 47.63
N GLU X 273 17.98 -47.00 46.51
CA GLU X 273 16.86 -47.96 46.47
C GLU X 273 17.33 -49.34 46.92
N VAL X 274 18.59 -49.66 46.64
CA VAL X 274 19.13 -50.97 46.96
C VAL X 274 20.03 -50.95 48.19
N SER X 275 20.50 -49.76 48.57
CA SER X 275 21.36 -49.62 49.75
C SER X 275 20.68 -50.12 51.01
N ALA X 276 19.40 -49.77 51.18
CA ALA X 276 18.64 -50.19 52.34
C ALA X 276 18.49 -51.70 52.39
N LEU X 277 18.32 -52.31 51.21
CA LEU X 277 18.15 -53.75 51.10
C LEU X 277 19.48 -54.50 51.23
N LEU X 278 20.57 -53.75 51.20
CA LEU X 278 21.90 -54.34 51.33
C LEU X 278 22.27 -54.55 52.80
N GLY X 279 21.44 -54.04 53.70
CA GLY X 279 21.66 -54.19 55.12
C GLY X 279 22.54 -53.09 55.70
N ARG X 280 22.53 -51.93 55.05
CA ARG X 280 23.32 -50.79 55.51
C ARG X 280 22.49 -49.89 56.41
N ILE X 281 23.16 -49.19 57.32
CA ILE X 281 22.50 -48.19 58.16
C ILE X 281 22.47 -46.85 57.44
N PRO X 282 21.28 -46.40 57.04
CA PRO X 282 21.09 -45.17 56.27
C PRO X 282 21.79 -43.98 56.91
N SER X 283 22.26 -43.04 56.08
CA SER X 283 22.93 -41.84 56.57
C SER X 283 21.96 -40.67 56.60
N ALA X 284 22.48 -39.46 56.38
CA ALA X 284 21.66 -38.26 56.40
C ALA X 284 20.68 -38.24 55.23
N VAL X 285 19.44 -37.84 55.52
CA VAL X 285 18.41 -37.68 54.49
C VAL X 285 17.96 -39.01 53.88
N GLY X 286 18.67 -40.08 54.19
CA GLY X 286 18.26 -41.41 53.76
C GLY X 286 19.18 -42.09 52.75
N TYR X 287 20.00 -41.30 52.06
CA TYR X 287 20.91 -41.85 51.06
C TYR X 287 21.85 -42.89 51.65
N GLN X 288 22.62 -43.54 50.79
CA GLN X 288 23.56 -44.57 51.23
C GLN X 288 24.81 -43.96 51.86
N PRO X 289 25.43 -44.69 52.79
CA PRO X 289 26.67 -44.25 53.44
C PRO X 289 27.80 -44.09 52.44
N THR X 290 27.89 -45.02 51.49
CA THR X 290 28.91 -44.96 50.45
C THR X 290 28.44 -44.08 49.28
N LEU X 291 28.23 -42.81 49.56
CA LEU X 291 27.74 -41.88 48.55
C LEU X 291 28.89 -41.13 47.87
N ALA X 292 29.75 -40.52 48.69
CA ALA X 292 30.88 -39.77 48.17
C ALA X 292 31.87 -40.68 47.45
N THR X 293 32.00 -41.91 47.92
CA THR X 293 32.94 -42.86 47.35
C THR X 293 32.42 -43.48 46.05
N ASP X 294 31.19 -43.97 46.08
CA ASP X 294 30.59 -44.59 44.90
C ASP X 294 30.55 -43.61 43.74
N MET X 295 30.58 -42.33 44.05
CA MET X 295 30.59 -41.29 43.02
C MET X 295 32.01 -41.07 42.51
N GLY X 296 32.98 -41.22 43.40
CA GLY X 296 34.38 -41.06 43.06
C GLY X 296 34.87 -42.19 42.16
N LEU X 297 34.37 -43.40 42.41
CA LEU X 297 34.75 -44.57 41.62
C LEU X 297 34.11 -44.55 40.24
N LEU X 298 33.33 -43.51 39.96
CA LEU X 298 32.63 -43.39 38.69
C LEU X 298 32.94 -42.08 37.99
N GLN X 299 33.20 -41.03 38.77
CA GLN X 299 33.42 -39.70 38.24
C GLN X 299 34.89 -39.48 37.88
N GLU X 300 35.78 -40.16 38.62
CA GLU X 300 37.21 -40.06 38.36
C GLU X 300 37.59 -40.84 37.10
N ARG X 301 36.76 -41.80 36.72
CA ARG X 301 36.97 -42.57 35.50
C ARG X 301 36.61 -41.71 34.29
N ILE X 302 35.95 -40.59 34.54
CA ILE X 302 35.56 -39.67 33.49
C ILE X 302 36.42 -38.41 33.53
N THR X 303 37.59 -38.48 32.92
CA THR X 303 38.53 -37.36 32.92
C THR X 303 39.49 -37.44 31.73
N THR X 304 40.29 -36.39 31.55
CA THR X 304 41.25 -36.34 30.45
C THR X 304 42.66 -36.69 30.93
N THR X 305 43.20 -37.79 30.40
CA THR X 305 44.55 -38.23 30.74
C THR X 305 45.55 -37.80 29.66
N LYS X 306 46.77 -38.33 29.75
CA LYS X 306 47.79 -38.05 28.75
C LYS X 306 47.53 -38.84 27.47
N LYS X 307 46.80 -39.94 27.61
CA LYS X 307 46.48 -40.80 26.48
C LYS X 307 45.44 -40.15 25.57
N GLY X 308 44.21 -40.05 26.06
CA GLY X 308 43.13 -39.48 25.27
C GLY X 308 42.38 -38.40 26.02
N SER X 309 42.06 -37.32 25.31
CA SER X 309 41.33 -36.20 25.89
C SER X 309 39.82 -36.39 25.75
N VAL X 310 39.11 -36.30 26.87
CA VAL X 310 37.67 -36.52 26.86
C VAL X 310 36.92 -35.31 27.41
N THR X 311 36.02 -34.76 26.59
CA THR X 311 35.16 -33.68 27.02
C THR X 311 33.81 -34.26 27.45
N SER X 312 33.44 -34.06 28.70
CA SER X 312 32.22 -34.66 29.24
C SER X 312 31.18 -33.61 29.66
N VAL X 313 29.91 -33.93 29.43
CA VAL X 313 28.80 -33.09 29.85
C VAL X 313 27.80 -33.90 30.64
N GLN X 314 27.72 -33.63 31.94
CA GLN X 314 26.86 -34.41 32.82
C GLN X 314 25.62 -33.64 33.27
N ALA X 315 24.45 -34.26 33.11
CA ALA X 315 23.20 -33.70 33.61
C ALA X 315 22.96 -34.22 35.02
N VAL X 316 22.90 -33.30 35.99
CA VAL X 316 22.70 -33.68 37.37
C VAL X 316 21.36 -33.19 37.90
N TYR X 317 20.49 -34.13 38.23
CA TYR X 317 19.18 -33.80 38.76
C TYR X 317 19.28 -33.32 40.20
N VAL X 318 18.42 -32.37 40.57
CA VAL X 318 18.38 -31.85 41.94
C VAL X 318 17.04 -32.15 42.58
N PRO X 319 17.06 -32.98 43.65
CA PRO X 319 15.84 -33.45 44.33
C PRO X 319 15.09 -32.33 45.04
N ALA X 320 13.81 -32.20 44.74
CA ALA X 320 12.96 -31.21 45.41
C ALA X 320 13.58 -29.83 45.42
N ASP X 321 14.36 -29.52 44.38
CA ASP X 321 15.01 -28.22 44.25
C ASP X 321 15.92 -27.89 45.43
N ASP X 322 16.54 -28.92 46.00
CA ASP X 322 17.46 -28.73 47.12
C ASP X 322 18.90 -28.96 46.70
N LEU X 323 19.72 -27.92 46.82
CA LEU X 323 21.13 -28.01 46.43
C LEU X 323 22.00 -28.53 47.58
N THR X 324 21.47 -28.47 48.79
CA THR X 324 22.19 -28.98 49.96
C THR X 324 22.04 -30.48 50.07
N ASP X 325 21.11 -31.04 49.31
CA ASP X 325 20.91 -32.49 49.25
C ASP X 325 22.26 -33.17 49.02
N PRO X 326 22.58 -34.18 49.84
CA PRO X 326 23.88 -34.87 49.81
C PRO X 326 24.30 -35.28 48.41
N ALA X 327 23.35 -35.65 47.56
CA ALA X 327 23.67 -36.16 46.23
C ALA X 327 24.35 -35.14 45.30
N PRO X 328 23.63 -34.05 44.96
CA PRO X 328 24.23 -33.05 44.07
C PRO X 328 25.28 -32.19 44.75
N ALA X 329 25.12 -31.97 46.05
CA ALA X 329 26.02 -31.11 46.81
C ALA X 329 27.47 -31.58 46.74
N THR X 330 27.67 -32.88 46.49
CA THR X 330 29.00 -33.44 46.42
C THR X 330 29.47 -33.54 44.97
N THR X 331 28.52 -33.55 44.05
CA THR X 331 28.81 -33.65 42.62
C THR X 331 29.48 -32.37 42.12
N PHE X 332 29.22 -31.26 42.82
CA PHE X 332 29.79 -29.97 42.45
C PHE X 332 31.32 -30.01 42.37
N ALA X 333 31.95 -30.54 43.40
CA ALA X 333 33.41 -30.60 43.48
C ALA X 333 34.02 -31.38 42.32
N HIS X 334 33.26 -32.31 41.77
CA HIS X 334 33.74 -33.17 40.68
C HIS X 334 33.95 -32.43 39.36
N LEU X 335 33.46 -31.19 39.29
CA LEU X 335 33.37 -30.50 38.00
C LEU X 335 34.32 -29.33 37.80
N ASP X 336 34.43 -28.89 36.55
CA ASP X 336 35.25 -27.73 36.19
C ASP X 336 34.35 -26.54 35.95
N ALA X 337 33.26 -26.77 35.23
CA ALA X 337 32.27 -25.74 34.94
C ALA X 337 30.87 -26.21 35.31
N THR X 338 30.09 -25.35 35.93
CA THR X 338 28.75 -25.71 36.37
C THR X 338 27.72 -24.64 36.00
N THR X 339 26.62 -25.07 35.36
CA THR X 339 25.51 -24.18 35.05
C THR X 339 24.22 -24.75 35.64
N VAL X 340 23.63 -24.01 36.57
CA VAL X 340 22.44 -24.48 37.29
C VAL X 340 21.14 -23.91 36.73
N LEU X 341 20.09 -24.71 36.79
CA LEU X 341 18.78 -24.28 36.31
C LEU X 341 17.81 -24.03 37.46
N SER X 342 17.55 -22.75 37.72
CA SER X 342 16.64 -22.38 38.80
C SER X 342 15.20 -22.26 38.31
N ARG X 343 14.28 -22.88 39.03
CA ARG X 343 12.87 -22.83 38.66
C ARG X 343 12.31 -21.43 38.84
N GLY X 344 12.86 -20.68 39.80
CA GLY X 344 12.47 -19.31 40.01
C GLY X 344 12.63 -18.49 38.75
N ILE X 345 13.56 -18.91 37.89
CA ILE X 345 13.79 -18.26 36.62
C ILE X 345 12.73 -18.67 35.60
N SER X 346 12.38 -19.95 35.61
CA SER X 346 11.38 -20.48 34.70
C SER X 346 10.06 -19.73 34.82
N GLU X 347 9.71 -19.38 36.05
CA GLU X 347 8.49 -18.61 36.30
C GLU X 347 8.57 -17.24 35.63
N LEU X 348 9.75 -16.64 35.67
CA LEU X 348 9.97 -15.34 35.03
C LEU X 348 9.78 -15.43 33.53
N GLY X 349 9.97 -16.63 32.98
CA GLY X 349 9.82 -16.85 31.55
C GLY X 349 11.14 -16.74 30.82
N ILE X 350 12.23 -16.75 31.58
CA ILE X 350 13.57 -16.63 31.00
C ILE X 350 14.16 -17.99 30.64
N TYR X 351 14.08 -18.34 29.36
CA TYR X 351 14.66 -19.58 28.86
C TYR X 351 15.93 -19.30 28.09
N PRO X 352 17.03 -20.01 28.42
CA PRO X 352 17.04 -21.06 29.45
C PRO X 352 16.99 -20.49 30.86
N ALA X 353 16.54 -21.31 31.80
CA ALA X 353 16.38 -20.88 33.19
C ALA X 353 17.70 -20.93 33.96
N VAL X 354 18.80 -20.65 33.27
CA VAL X 354 20.12 -20.67 33.89
C VAL X 354 20.29 -19.55 34.90
N ASP X 355 20.82 -19.90 36.08
CA ASP X 355 21.06 -18.91 37.12
C ASP X 355 22.39 -18.20 36.87
N PRO X 356 22.33 -16.88 36.61
CA PRO X 356 23.52 -16.08 36.29
C PRO X 356 24.47 -15.97 37.49
N LEU X 357 23.91 -15.76 38.67
CA LEU X 357 24.71 -15.50 39.87
C LEU X 357 24.98 -16.77 40.67
N ASP X 358 25.11 -17.90 39.97
CA ASP X 358 25.42 -19.17 40.63
C ASP X 358 26.42 -19.97 39.81
N SER X 359 26.28 -19.91 38.49
CA SER X 359 27.16 -20.63 37.58
C SER X 359 28.59 -20.07 37.63
N LYS X 360 29.54 -20.95 37.89
CA LYS X 360 30.95 -20.56 37.97
C LYS X 360 31.79 -21.47 37.09
N SER X 361 33.04 -21.08 36.85
CA SER X 361 33.93 -21.88 36.03
C SER X 361 35.38 -21.46 36.20
N ARG X 362 36.28 -22.43 36.27
CA ARG X 362 37.70 -22.18 36.42
C ARG X 362 38.23 -21.43 35.22
N LEU X 363 37.74 -21.83 34.04
CA LEU X 363 38.21 -21.28 32.79
C LEU X 363 38.13 -19.77 32.75
N LEU X 364 37.04 -19.22 33.28
CA LEU X 364 36.87 -17.77 33.29
C LEU X 364 38.02 -17.14 34.04
N ASP X 365 38.76 -16.28 33.35
CA ASP X 365 39.94 -15.67 33.91
C ASP X 365 40.50 -14.61 32.97
N ALA X 366 41.16 -13.61 33.53
CA ALA X 366 41.77 -12.53 32.76
C ALA X 366 42.83 -13.07 31.80
N ALA X 367 43.41 -14.21 32.16
CA ALA X 367 44.48 -14.81 31.37
C ALA X 367 44.01 -16.00 30.55
N VAL X 368 42.69 -16.15 30.41
CA VAL X 368 42.13 -17.25 29.64
C VAL X 368 41.22 -16.76 28.53
N VAL X 369 40.28 -15.88 28.88
CA VAL X 369 39.34 -15.33 27.91
C VAL X 369 39.53 -13.84 27.70
N GLY X 370 40.61 -13.30 28.27
CA GLY X 370 40.93 -11.89 28.10
C GLY X 370 40.47 -11.02 29.25
N GLN X 371 41.20 -9.93 29.50
CA GLN X 371 40.86 -9.01 30.58
C GLN X 371 39.55 -8.29 30.28
N GLU X 372 39.20 -8.20 29.00
CA GLU X 372 37.97 -7.54 28.58
C GLU X 372 36.76 -8.43 28.90
N HIS X 373 36.82 -9.67 28.44
CA HIS X 373 35.77 -10.65 28.70
C HIS X 373 35.49 -10.74 30.19
N TYR X 374 36.56 -10.82 30.98
CA TYR X 374 36.44 -11.01 32.42
C TYR X 374 35.92 -9.76 33.13
N ASP X 375 36.36 -8.58 32.69
CA ASP X 375 35.89 -7.33 33.25
C ASP X 375 34.42 -7.09 32.94
N VAL X 376 33.95 -7.65 31.83
CA VAL X 376 32.55 -7.56 31.46
C VAL X 376 31.71 -8.52 32.29
N ALA X 377 32.06 -9.80 32.24
CA ALA X 377 31.32 -10.82 32.96
C ALA X 377 31.17 -10.48 34.44
N SER X 378 32.21 -9.88 35.01
CA SER X 378 32.21 -9.52 36.43
C SER X 378 31.27 -8.34 36.71
N LYS X 379 31.28 -7.35 35.83
CA LYS X 379 30.40 -6.19 35.97
C LYS X 379 28.95 -6.57 35.73
N VAL X 380 28.73 -7.60 34.91
CA VAL X 380 27.39 -8.11 34.67
C VAL X 380 26.85 -8.80 35.92
N GLN X 381 27.73 -9.53 36.60
CA GLN X 381 27.35 -10.21 37.83
C GLN X 381 27.22 -9.22 38.98
N GLU X 382 27.97 -8.13 38.91
CA GLU X 382 27.89 -7.07 39.90
C GLU X 382 26.56 -6.33 39.83
N THR X 383 26.03 -6.20 38.61
CA THR X 383 24.78 -5.49 38.39
C THR X 383 23.56 -6.34 38.75
N LEU X 384 23.57 -7.59 38.30
CA LEU X 384 22.47 -8.50 38.57
C LEU X 384 22.29 -8.76 40.05
N GLN X 385 23.40 -8.84 40.79
CA GLN X 385 23.35 -9.08 42.23
C GLN X 385 22.74 -7.89 42.97
N THR X 386 23.04 -6.69 42.49
CA THR X 386 22.48 -5.47 43.08
C THR X 386 20.98 -5.43 42.89
N TYR X 387 20.50 -6.00 41.79
CA TYR X 387 19.08 -6.10 41.52
C TYR X 387 18.48 -7.22 42.36
N LYS X 388 19.31 -8.21 42.69
CA LYS X 388 18.89 -9.32 43.53
C LYS X 388 18.86 -8.89 44.99
N SER X 389 19.65 -7.87 45.32
CA SER X 389 19.73 -7.36 46.69
C SER X 389 18.81 -6.16 46.88
N LEU X 390 17.90 -5.96 45.93
CA LEU X 390 16.90 -4.90 46.04
C LEU X 390 15.50 -5.47 45.79
N GLN X 391 15.44 -6.76 45.50
CA GLN X 391 14.19 -7.43 45.19
C GLN X 391 13.03 -7.02 46.10
N ASP X 392 13.18 -7.28 47.38
CA ASP X 392 12.12 -6.99 48.35
C ASP X 392 11.78 -5.51 48.44
N ILE X 393 12.81 -4.68 48.57
CA ILE X 393 12.61 -3.23 48.67
C ILE X 393 11.75 -2.72 47.52
N ILE X 394 12.01 -3.22 46.32
CA ILE X 394 11.22 -2.86 45.15
C ILE X 394 9.82 -3.45 45.24
N ALA X 395 9.75 -4.70 45.69
CA ALA X 395 8.47 -5.41 45.77
C ALA X 395 7.50 -4.75 46.76
N ILE X 396 8.05 -4.01 47.72
CA ILE X 396 7.24 -3.41 48.77
C ILE X 396 6.84 -1.96 48.50
N LEU X 397 7.74 -1.03 48.81
CA LEU X 397 7.41 0.39 48.76
C LEU X 397 7.65 1.07 47.41
N GLY X 398 7.56 0.30 46.34
CA GLY X 398 7.66 0.85 45.00
C GLY X 398 9.08 1.08 44.51
N MET X 399 9.22 1.19 43.18
CA MET X 399 10.53 1.36 42.56
C MET X 399 10.94 2.83 42.52
N ASP X 400 9.98 3.72 42.73
CA ASP X 400 10.24 5.16 42.70
C ASP X 400 11.01 5.62 43.94
N GLU X 401 10.83 4.91 45.05
CA GLU X 401 11.47 5.28 46.31
C GLU X 401 12.97 5.00 46.31
N LEU X 402 13.47 4.47 45.20
CA LEU X 402 14.89 4.15 45.07
C LEU X 402 15.72 5.42 44.90
N SER X 403 17.04 5.26 44.93
CA SER X 403 17.95 6.38 44.69
C SER X 403 18.25 6.50 43.20
N GLU X 404 18.57 7.72 42.77
CA GLU X 404 18.80 7.98 41.35
C GLU X 404 19.83 7.04 40.73
N GLN X 405 20.90 6.78 41.46
CA GLN X 405 21.95 5.88 40.98
C GLN X 405 21.50 4.42 41.04
N ASP X 406 20.62 4.11 42.00
CA ASP X 406 20.11 2.75 42.14
C ASP X 406 19.02 2.45 41.12
N LYS X 407 18.29 3.49 40.71
CA LYS X 407 17.22 3.33 39.76
C LYS X 407 17.76 3.04 38.36
N LEU X 408 18.94 3.57 38.07
CA LEU X 408 19.58 3.36 36.78
C LEU X 408 20.14 1.94 36.67
N THR X 409 20.61 1.41 37.79
CA THR X 409 21.20 0.08 37.83
C THR X 409 20.14 -1.01 37.67
N VAL X 410 18.92 -0.72 38.12
CA VAL X 410 17.83 -1.67 38.01
C VAL X 410 17.30 -1.77 36.58
N GLU X 411 16.99 -0.63 35.99
CA GLU X 411 16.50 -0.58 34.62
C GLU X 411 17.45 -1.32 33.69
N ARG X 412 18.75 -1.04 33.85
CA ARG X 412 19.77 -1.69 33.05
C ARG X 412 19.87 -3.17 33.41
N ALA X 413 19.62 -3.48 34.68
CA ALA X 413 19.71 -4.85 35.17
C ALA X 413 18.64 -5.75 34.55
N ARG X 414 17.39 -5.30 34.63
CA ARG X 414 16.28 -6.05 34.06
C ARG X 414 16.54 -6.43 32.61
N LYS X 415 17.05 -5.48 31.83
CA LYS X 415 17.38 -5.74 30.44
C LYS X 415 18.43 -6.84 30.32
N ILE X 416 19.52 -6.69 31.06
CA ILE X 416 20.58 -7.69 31.07
C ILE X 416 20.05 -9.06 31.43
N GLN X 417 19.25 -9.12 32.49
CA GLN X 417 18.69 -10.38 32.95
C GLN X 417 17.87 -11.08 31.86
N ARG X 418 17.24 -10.28 31.01
CA ARG X 418 16.42 -10.84 29.93
C ARG X 418 17.23 -11.03 28.66
N PHE X 419 18.36 -10.31 28.57
CA PHE X 419 19.23 -10.44 27.40
C PHE X 419 19.99 -11.75 27.45
N LEU X 420 19.99 -12.38 28.62
CA LEU X 420 20.58 -13.70 28.77
C LEU X 420 19.61 -14.75 28.23
N SER X 421 18.33 -14.39 28.18
CA SER X 421 17.32 -15.23 27.57
C SER X 421 17.64 -15.47 26.10
N GLN X 422 17.57 -16.72 25.67
CA GLN X 422 17.94 -17.07 24.30
C GLN X 422 17.24 -18.34 23.85
N PRO X 423 16.56 -18.27 22.70
CA PRO X 423 15.84 -19.41 22.13
C PRO X 423 16.77 -20.58 21.84
N PHE X 424 16.21 -21.78 21.76
CA PHE X 424 16.99 -22.97 21.42
C PHE X 424 16.37 -23.71 20.24
N ALA X 425 17.23 -24.15 19.32
CA ALA X 425 16.79 -24.88 18.12
C ALA X 425 15.81 -25.99 18.48
N VAL X 426 16.28 -26.93 19.31
CA VAL X 426 15.45 -28.07 19.72
C VAL X 426 14.14 -27.60 20.35
N ALA X 427 14.19 -26.47 21.05
CA ALA X 427 13.02 -25.96 21.76
C ALA X 427 11.99 -25.31 20.85
N GLU X 428 12.34 -25.17 19.57
CA GLU X 428 11.44 -24.52 18.62
C GLU X 428 10.08 -25.22 18.55
N VAL X 429 10.07 -26.52 18.85
CA VAL X 429 8.85 -27.31 18.77
C VAL X 429 7.76 -26.80 19.71
N PHE X 430 8.13 -26.49 20.95
CA PHE X 430 7.15 -26.05 21.94
C PHE X 430 7.23 -24.56 22.23
N THR X 431 8.38 -23.96 21.94
CA THR X 431 8.58 -22.53 22.18
C THR X 431 7.81 -21.70 21.16
N GLY X 432 8.03 -21.99 19.88
CA GLY X 432 7.41 -21.23 18.81
C GLY X 432 8.39 -20.23 18.22
N ILE X 433 9.46 -19.95 18.95
CA ILE X 433 10.47 -19.00 18.50
C ILE X 433 11.69 -19.72 17.93
N PRO X 434 11.96 -19.50 16.63
CA PRO X 434 13.13 -20.08 15.96
C PRO X 434 14.43 -19.74 16.67
N GLY X 435 15.18 -20.77 17.06
CA GLY X 435 16.41 -20.59 17.81
C GLY X 435 17.50 -19.87 17.03
N LYS X 436 18.30 -19.09 17.76
CA LYS X 436 19.42 -18.38 17.16
C LYS X 436 20.71 -18.69 17.91
N LEU X 437 21.72 -19.17 17.19
CA LEU X 437 23.02 -19.44 17.79
C LEU X 437 23.85 -18.17 17.82
N VAL X 438 24.60 -17.99 18.90
CA VAL X 438 25.43 -16.79 19.06
C VAL X 438 26.87 -17.16 19.39
N ARG X 439 27.81 -16.51 18.71
CA ARG X 439 29.22 -16.77 18.93
C ARG X 439 29.75 -15.99 20.13
N LEU X 440 30.95 -16.37 20.58
CA LEU X 440 31.52 -15.78 21.80
C LEU X 440 31.92 -14.33 21.61
N LYS X 441 32.70 -14.04 20.56
CA LYS X 441 33.14 -12.69 20.27
C LYS X 441 31.96 -11.73 20.16
N ASP X 442 30.81 -12.24 19.74
CA ASP X 442 29.61 -11.44 19.57
C ASP X 442 28.90 -11.22 20.90
N THR X 443 28.79 -12.29 21.69
CA THR X 443 28.14 -12.21 22.99
C THR X 443 28.84 -11.24 23.92
N VAL X 444 30.17 -11.36 24.00
CA VAL X 444 30.97 -10.49 24.84
C VAL X 444 30.82 -9.04 24.40
N ALA X 445 30.76 -8.82 23.09
CA ALA X 445 30.62 -7.47 22.54
C ALA X 445 29.23 -6.90 22.78
N SER X 446 28.21 -7.74 22.62
CA SER X 446 26.83 -7.30 22.79
C SER X 446 26.56 -6.79 24.20
N PHE X 447 27.15 -7.44 25.19
CA PHE X 447 26.92 -7.10 26.59
C PHE X 447 27.76 -5.91 27.06
N LYS X 448 28.94 -5.75 26.48
CA LYS X 448 29.79 -4.61 26.83
C LYS X 448 29.12 -3.30 26.45
N ALA X 449 28.32 -3.34 25.39
CA ALA X 449 27.60 -2.16 24.93
C ALA X 449 26.53 -1.77 25.94
N VAL X 450 25.72 -2.75 26.35
CA VAL X 450 24.66 -2.51 27.32
C VAL X 450 25.21 -1.95 28.62
N LEU X 451 26.39 -2.41 29.00
CA LEU X 451 27.04 -1.94 30.22
C LEU X 451 27.58 -0.53 30.06
N GLU X 452 28.09 -0.21 28.87
CA GLU X 452 28.61 1.12 28.59
C GLU X 452 27.48 2.12 28.39
N GLY X 453 26.26 1.69 28.66
CA GLY X 453 25.09 2.55 28.57
C GLY X 453 24.86 3.14 27.19
N LYS X 454 24.61 2.27 26.22
CA LYS X 454 24.37 2.70 24.85
C LYS X 454 22.91 2.46 24.45
N TYR X 455 22.32 1.40 25.01
CA TYR X 455 20.97 1.01 24.65
C TYR X 455 19.98 1.22 25.80
N ASP X 456 20.28 2.18 26.67
CA ASP X 456 19.41 2.49 27.79
C ASP X 456 18.06 3.01 27.31
N ASN X 457 18.03 3.51 26.09
CA ASN X 457 16.80 4.04 25.51
C ASN X 457 15.96 2.95 24.87
N ILE X 458 16.55 1.77 24.70
CA ILE X 458 15.88 0.65 24.07
C ILE X 458 14.87 -0.01 25.01
N PRO X 459 13.67 -0.32 24.51
CA PRO X 459 12.62 -1.00 25.28
C PRO X 459 13.15 -2.25 25.99
N GLU X 460 12.50 -2.64 27.07
CA GLU X 460 12.92 -3.80 27.85
C GLU X 460 12.63 -5.10 27.11
N HIS X 461 11.43 -5.19 26.54
CA HIS X 461 11.00 -6.39 25.83
C HIS X 461 11.91 -6.72 24.66
N ALA X 462 12.66 -5.72 24.19
CA ALA X 462 13.53 -5.91 23.03
C ALA X 462 14.65 -6.92 23.30
N PHE X 463 15.17 -6.92 24.52
CA PHE X 463 16.27 -7.80 24.88
C PHE X 463 15.83 -9.25 25.07
N TYR X 464 14.53 -9.49 25.03
CA TYR X 464 13.97 -10.79 25.37
C TYR X 464 13.92 -11.78 24.22
N MET X 465 14.53 -12.96 24.45
CA MET X 465 14.44 -14.08 23.53
C MET X 465 14.97 -13.75 22.13
N VAL X 466 16.22 -13.30 22.07
CA VAL X 466 16.85 -12.98 20.79
C VAL X 466 18.29 -13.45 20.75
N GLY X 467 19.00 -13.06 19.70
CA GLY X 467 20.40 -13.43 19.54
C GLY X 467 21.34 -12.37 20.06
N GLY X 468 22.18 -11.84 19.18
CA GLY X 468 23.13 -10.82 19.56
C GLY X 468 22.50 -9.47 19.79
N ILE X 469 23.32 -8.44 19.92
CA ILE X 469 22.85 -7.08 20.15
C ILE X 469 22.15 -6.51 18.93
N GLU X 470 22.65 -6.86 17.75
CA GLU X 470 22.09 -6.37 16.50
C GLU X 470 20.68 -6.92 16.29
N ASP X 471 20.37 -8.05 16.91
CA ASP X 471 19.06 -8.66 16.79
C ASP X 471 18.07 -7.90 17.67
N VAL X 472 18.61 -7.15 18.63
CA VAL X 472 17.78 -6.32 19.50
C VAL X 472 17.25 -5.11 18.75
N VAL X 473 18.16 -4.32 18.18
CA VAL X 473 17.77 -3.14 17.41
C VAL X 473 16.83 -3.51 16.26
N ALA X 474 16.85 -4.78 15.88
CA ALA X 474 15.96 -5.27 14.84
C ALA X 474 14.56 -5.50 15.39
N LYS X 475 14.48 -6.16 16.54
CA LYS X 475 13.21 -6.42 17.19
C LYS X 475 12.58 -5.11 17.67
N ALA X 476 13.43 -4.21 18.16
CA ALA X 476 12.97 -2.91 18.63
C ALA X 476 12.24 -2.15 17.52
N GLU X 477 12.76 -2.23 16.30
CA GLU X 477 12.15 -1.54 15.17
C GLU X 477 10.86 -2.23 14.74
N LYS X 478 10.75 -3.52 15.02
CA LYS X 478 9.53 -4.27 14.72
C LYS X 478 8.51 -4.02 15.82
N LEU X 479 9.00 -3.72 17.02
CA LEU X 479 8.14 -3.36 18.14
C LEU X 479 7.89 -1.86 18.15
N ALA X 480 8.25 -1.21 17.04
CA ALA X 480 8.00 0.22 16.87
C ALA X 480 6.83 0.43 15.93
N ALA X 481 6.48 -0.61 15.18
CA ALA X 481 5.36 -0.56 14.25
C ALA X 481 4.10 -1.11 14.89
N ALA Y 1 17.57 -22.73 52.49
CA ALA Y 1 17.38 -21.85 53.63
C ALA Y 1 16.88 -22.61 54.85
N THR Y 2 17.34 -22.21 56.03
CA THR Y 2 16.96 -22.87 57.27
C THR Y 2 16.00 -22.00 58.09
N LEU Y 3 15.30 -22.63 59.04
CA LEU Y 3 14.33 -21.94 59.87
C LEU Y 3 14.95 -20.75 60.59
N LYS Y 4 16.18 -20.92 61.05
CA LYS Y 4 16.88 -19.85 61.77
C LYS Y 4 17.01 -18.60 60.91
N GLU Y 5 17.26 -18.80 59.61
CA GLU Y 5 17.38 -17.69 58.68
C GLU Y 5 16.02 -17.00 58.50
N VAL Y 6 15.01 -17.78 58.17
CA VAL Y 6 13.66 -17.26 57.96
C VAL Y 6 13.15 -16.54 59.20
N GLU Y 7 13.42 -17.12 60.36
CA GLU Y 7 12.97 -16.55 61.64
C GLU Y 7 13.31 -15.07 61.74
N MET Y 8 14.53 -14.71 61.38
CA MET Y 8 14.98 -13.33 61.48
C MET Y 8 14.45 -12.49 60.31
N ARG Y 9 14.22 -13.14 59.18
CA ARG Y 9 13.66 -12.48 58.01
C ARG Y 9 12.22 -12.04 58.24
N LEU Y 10 11.43 -12.93 58.85
CA LEU Y 10 10.04 -12.65 59.13
C LEU Y 10 9.88 -11.35 59.92
N LYS Y 11 10.49 -11.31 61.10
CA LYS Y 11 10.42 -10.12 61.95
C LYS Y 11 11.04 -8.91 61.26
N SER Y 12 11.97 -9.17 60.34
CA SER Y 12 12.60 -8.10 59.57
C SER Y 12 11.56 -7.38 58.71
N ILE Y 13 10.79 -8.14 57.95
CA ILE Y 13 9.74 -7.58 57.12
C ILE Y 13 8.56 -7.15 57.98
N LYS Y 14 8.34 -7.87 59.08
CA LYS Y 14 7.27 -7.55 60.00
C LYS Y 14 7.49 -6.17 60.62
N ASN Y 15 8.75 -5.85 60.89
CA ASN Y 15 9.10 -4.54 61.42
C ASN Y 15 8.87 -3.43 60.38
N ILE Y 16 9.28 -3.70 59.15
CA ILE Y 16 9.05 -2.77 58.05
C ILE Y 16 7.57 -2.61 57.78
N GLU Y 17 6.81 -3.66 58.08
CA GLU Y 17 5.36 -3.63 57.92
C GLU Y 17 4.72 -2.79 59.03
N LYS Y 18 5.34 -2.81 60.20
CA LYS Y 18 4.84 -2.05 61.34
C LYS Y 18 5.01 -0.55 61.13
N ILE Y 19 6.06 -0.16 60.40
CA ILE Y 19 6.36 1.25 60.17
C ILE Y 19 5.46 1.87 59.11
N THR Y 20 5.28 1.15 58.00
CA THR Y 20 4.47 1.66 56.90
C THR Y 20 3.00 1.81 57.28
N LYS Y 21 2.54 0.96 58.20
CA LYS Y 21 1.15 1.01 58.63
C LYS Y 21 0.90 2.19 59.55
N THR Y 22 1.88 2.52 60.38
CA THR Y 22 1.77 3.64 61.31
C THR Y 22 1.94 4.97 60.58
N MET Y 23 2.70 4.95 59.49
CA MET Y 23 2.90 6.13 58.67
C MET Y 23 1.63 6.40 57.87
N LYS Y 24 0.90 5.33 57.59
CA LYS Y 24 -0.34 5.41 56.81
C LYS Y 24 -1.46 6.09 57.59
N ILE Y 25 -1.42 5.96 58.92
CA ILE Y 25 -2.45 6.55 59.77
C ILE Y 25 -2.13 7.96 60.22
N VAL Y 26 -0.85 8.32 60.22
CA VAL Y 26 -0.44 9.67 60.58
C VAL Y 26 -0.92 10.67 59.52
N ALA Y 27 -0.88 10.23 58.26
CA ALA Y 27 -1.32 11.07 57.15
C ALA Y 27 -2.84 11.15 57.08
N SER Y 28 -3.50 10.03 57.35
CA SER Y 28 -4.95 9.97 57.31
C SER Y 28 -5.58 11.01 58.24
N THR Y 29 -4.89 11.31 59.33
CA THR Y 29 -5.34 12.32 60.28
C THR Y 29 -5.00 13.72 59.75
N ARG Y 30 -3.85 13.83 59.11
CA ARG Y 30 -3.41 15.10 58.53
C ARG Y 30 -4.23 15.44 57.30
N LEU Y 31 -5.21 14.60 57.00
CA LEU Y 31 -6.12 14.84 55.89
C LEU Y 31 -7.19 15.84 56.29
N SER Y 32 -7.60 15.79 57.55
CA SER Y 32 -8.59 16.72 58.08
C SER Y 32 -8.03 18.14 58.12
N LYS Y 33 -6.73 18.25 58.40
CA LYS Y 33 -6.06 19.54 58.44
C LYS Y 33 -5.85 20.08 57.04
N ALA Y 34 -5.76 19.18 56.07
CA ALA Y 34 -5.51 19.56 54.69
C ALA Y 34 -6.80 19.92 53.94
N GLU Y 35 -7.93 19.40 54.41
CA GLU Y 35 -9.21 19.67 53.77
C GLU Y 35 -9.65 21.12 53.97
N LYS Y 36 -9.42 21.63 55.18
CA LYS Y 36 -9.79 23.01 55.49
C LYS Y 36 -8.97 24.01 54.68
N ALA Y 37 -7.73 23.65 54.37
CA ALA Y 37 -6.84 24.52 53.60
C ALA Y 37 -7.21 24.48 52.13
N LYS Y 38 -7.70 23.34 51.66
CA LYS Y 38 -8.06 23.17 50.26
C LYS Y 38 -9.34 23.94 49.94
N ILE Y 39 -10.21 24.07 50.92
CA ILE Y 39 -11.47 24.79 50.75
C ILE Y 39 -11.27 26.29 50.92
N SER Y 40 -10.31 26.66 51.77
CA SER Y 40 -9.99 28.07 51.99
C SER Y 40 -9.17 28.61 50.82
N ALA Y 41 -8.52 27.71 50.09
CA ALA Y 41 -7.72 28.09 48.93
C ALA Y 41 -8.61 28.26 47.70
N LYS Y 42 -9.69 27.49 47.65
CA LYS Y 42 -10.64 27.58 46.55
C LYS Y 42 -11.45 28.86 46.66
N LYS Y 43 -11.75 29.26 47.89
CA LYS Y 43 -12.51 30.48 48.14
C LYS Y 43 -11.70 31.72 47.80
N MET Y 44 -10.50 31.82 48.36
CA MET Y 44 -9.63 32.96 48.13
C MET Y 44 -8.88 32.82 46.80
N ASP Y 45 -9.62 32.51 45.73
CA ASP Y 45 -9.01 32.32 44.42
C ASP Y 45 -9.90 32.87 43.32
N GLU Y 46 -11.00 32.17 43.05
CA GLU Y 46 -11.94 32.56 42.00
C GLU Y 46 -12.35 34.02 42.12
N ALA Y 47 -12.58 34.49 43.34
CA ALA Y 47 -12.96 35.87 43.58
C ALA Y 47 -11.74 36.72 43.90
N ILE Y 77 8.55 24.90 44.00
CA ILE Y 77 7.16 24.77 43.57
C ILE Y 77 6.53 23.50 44.11
N THR Y 78 7.37 22.63 44.69
CA THR Y 78 6.89 21.39 45.28
C THR Y 78 7.99 20.71 46.09
N LEU Y 91 5.89 14.20 38.78
CA LEU Y 91 5.87 15.45 38.04
C LEU Y 91 6.95 15.47 36.97
N ALA Y 92 7.10 14.35 36.26
CA ALA Y 92 8.09 14.23 35.20
C ALA Y 92 7.64 15.00 33.95
N LYS Y 93 6.57 14.50 33.32
CA LYS Y 93 6.05 15.12 32.11
C LYS Y 93 5.11 16.28 32.45
N ALA Y 94 5.61 17.23 33.23
CA ALA Y 94 4.84 18.41 33.60
C ALA Y 94 5.68 19.67 33.42
N VAL Y 95 6.96 19.57 33.74
CA VAL Y 95 7.91 20.65 33.48
C VAL Y 95 8.72 20.33 32.23
N ARG Y 96 8.99 19.04 32.03
CA ARG Y 96 9.64 18.57 30.83
C ARG Y 96 8.61 18.55 29.69
N ARG Y 97 7.34 18.69 30.08
CA ARG Y 97 6.25 18.74 29.11
C ARG Y 97 6.26 20.09 28.40
N HIS Y 98 6.77 21.11 29.08
CA HIS Y 98 6.93 22.43 28.48
C HIS Y 98 8.28 22.53 27.77
N LEU Y 99 9.00 21.42 27.72
CA LEU Y 99 10.26 21.36 26.99
C LEU Y 99 10.00 20.99 25.54
N ASN Y 100 8.81 20.44 25.29
CA ASN Y 100 8.43 19.98 23.96
C ASN Y 100 7.98 21.13 23.05
N ASP Y 101 7.84 22.32 23.64
CA ASP Y 101 7.41 23.49 22.88
C ASP Y 101 8.09 24.76 23.37
N GLN Y 102 8.82 24.66 24.48
CA GLN Y 102 9.58 25.79 25.04
C GLN Y 102 10.94 25.33 25.54
N PRO Y 103 12.03 25.82 24.92
CA PRO Y 103 13.39 25.45 25.31
C PRO Y 103 13.74 25.71 26.78
N ASN Y 104 13.64 26.98 27.19
CA ASN Y 104 13.87 27.36 28.57
C ASN Y 104 13.33 28.78 28.81
N VAL Y 108 12.06 28.53 38.90
CA VAL Y 108 12.81 28.49 40.15
C VAL Y 108 12.03 27.73 41.22
N THR Y 109 12.76 27.08 42.12
CA THR Y 109 12.15 26.35 43.23
C THR Y 109 13.15 26.15 44.36
N ILE Y 110 12.83 26.69 45.53
CA ILE Y 110 13.71 26.62 46.69
C ILE Y 110 12.96 26.19 47.94
N ASP Y 112 11.46 21.22 47.87
CA ASP Y 112 12.92 21.25 47.85
C ASP Y 112 13.49 19.90 47.42
N LYS Y 113 12.61 18.91 47.29
CA LYS Y 113 13.01 17.58 46.87
C LYS Y 113 12.92 17.50 45.35
N ILE Y 114 12.26 18.48 44.75
CA ILE Y 114 12.16 18.58 43.30
C ILE Y 114 13.42 19.24 42.74
N LYS Y 115 14.13 19.98 43.60
CA LYS Y 115 15.36 20.65 43.20
C LYS Y 115 16.45 19.62 42.94
N MET Y 116 16.48 18.56 43.74
CA MET Y 116 17.46 17.50 43.58
C MET Y 116 17.05 16.53 42.47
N GLN Y 117 15.77 16.52 42.15
CA GLN Y 117 15.23 15.60 41.16
C GLN Y 117 15.44 16.11 39.74
N LEU Y 118 15.46 17.43 39.59
CA LEU Y 118 15.67 18.06 38.28
C LEU Y 118 17.08 18.63 38.15
N LEU Y 119 18.02 18.04 38.89
CA LEU Y 119 19.41 18.49 38.86
C LEU Y 119 20.07 18.20 37.53
N ARG Y 120 19.94 16.96 37.06
CA ARG Y 120 20.53 16.54 35.80
C ARG Y 120 19.58 16.80 34.63
N THR Y 121 18.37 17.24 34.93
CA THR Y 121 17.35 17.46 33.91
C THR Y 121 17.52 18.79 33.19
N HIS Y 122 17.27 19.89 33.89
CA HIS Y 122 17.37 21.22 33.29
C HIS Y 122 18.12 22.19 34.18
N PRO Y 123 18.98 23.02 33.58
CA PRO Y 123 19.75 24.06 34.27
C PRO Y 123 19.04 25.41 34.23
N ASN Y 124 18.18 25.68 35.20
CA ASN Y 124 17.48 26.96 35.25
C ASN Y 124 16.79 27.20 36.60
N ASN Y 131 12.57 25.93 51.34
CA ASN Y 131 13.48 24.86 50.97
C ASN Y 131 13.57 23.78 52.05
N GLY Y 132 12.54 23.72 52.88
CA GLY Y 132 12.47 22.73 53.94
C GLY Y 132 11.11 22.70 54.62
N ILE Y 133 10.09 23.13 53.90
CA ILE Y 133 8.72 23.17 54.42
C ILE Y 133 7.70 22.80 53.35
N GLY Y 134 6.78 21.90 53.70
CA GLY Y 134 5.76 21.46 52.77
C GLY Y 134 5.07 20.19 53.23
N ASP Y 136 3.43 21.68 60.15
CA ASP Y 136 3.83 22.00 58.77
C ASP Y 136 2.60 22.24 57.90
N ALA Y 137 2.22 23.50 57.75
CA ALA Y 137 1.04 23.85 56.95
C ALA Y 137 1.28 25.10 56.10
N PRO Y 138 0.61 25.17 54.93
CA PRO Y 138 0.74 26.29 54.00
C PRO Y 138 0.28 27.61 54.62
N THR Y 139 1.22 28.49 54.93
CA THR Y 139 0.88 29.78 55.52
C THR Y 139 0.99 30.92 54.50
N PHE Y 140 0.43 32.07 54.84
CA PHE Y 140 0.42 33.22 53.96
C PHE Y 140 1.79 33.92 53.96
N GLN Y 141 2.41 34.01 55.13
CA GLN Y 141 3.71 34.65 55.26
C GLN Y 141 4.76 33.94 54.41
N GLU Y 142 4.64 32.63 54.31
CA GLU Y 142 5.54 31.83 53.49
C GLU Y 142 5.47 32.27 52.02
N SER Y 143 4.26 32.37 51.49
CA SER Y 143 4.06 32.75 50.10
C SER Y 143 4.39 34.22 49.85
N ALA Y 144 4.14 35.05 50.86
CA ALA Y 144 4.38 36.48 50.75
C ALA Y 144 5.88 36.80 50.79
N LEU Y 145 6.62 36.00 51.55
CA LEU Y 145 8.07 36.16 51.64
C LEU Y 145 8.76 35.64 50.38
N ILE Y 146 8.29 34.51 49.88
CA ILE Y 146 8.82 33.95 48.64
C ILE Y 146 8.54 34.91 47.49
N ALA Y 147 7.34 35.48 47.46
CA ALA Y 147 6.98 36.47 46.46
C ALA Y 147 7.90 37.67 46.57
N ASP Y 148 8.23 38.05 47.80
CA ASP Y 148 9.14 39.16 48.05
C ASP Y 148 10.51 38.84 47.49
N LYS Y 149 10.90 37.58 47.58
CA LYS Y 149 12.20 37.13 47.11
C LYS Y 149 12.22 37.05 45.58
N LEU Y 150 11.04 37.15 44.98
CA LEU Y 150 10.92 37.09 43.52
C LEU Y 150 11.50 38.34 42.87
N LEU Y 151 11.83 39.33 43.68
CA LEU Y 151 12.43 40.57 43.17
C LEU Y 151 13.92 40.39 42.91
N SER Y 152 14.43 39.18 43.17
CA SER Y 152 15.85 38.91 43.00
C SER Y 152 16.10 37.69 42.13
N VAL Y 153 15.11 37.32 41.31
CA VAL Y 153 15.27 36.18 40.41
C VAL Y 153 14.37 36.28 39.18
N MET Y 154 13.12 36.69 39.38
CA MET Y 154 12.17 36.82 38.28
C MET Y 154 11.71 38.26 38.11
N LYS Y 155 11.66 39.00 39.21
CA LYS Y 155 11.26 40.40 39.19
C LYS Y 155 9.85 40.55 38.62
N ALA Y 156 9.71 41.47 37.68
CA ALA Y 156 8.41 41.72 37.05
C ALA Y 156 8.52 41.72 35.53
N PHE Y 165 4.19 25.92 38.82
CA PHE Y 165 3.34 24.78 38.50
C PHE Y 165 3.09 23.95 39.75
N TYR Y 166 1.85 23.48 39.91
CA TYR Y 166 1.49 22.71 41.09
C TYR Y 166 0.68 21.46 40.75
N ASN Y 167 0.13 20.83 41.79
CA ASN Y 167 -0.68 19.62 41.62
C ASN Y 167 -2.08 19.80 42.22
N ASP Y 168 -3.08 19.32 41.50
CA ASP Y 168 -4.47 19.51 41.91
C ASP Y 168 -5.14 18.18 42.29
N PRO Y 169 -5.53 18.06 43.56
CA PRO Y 169 -6.21 16.87 44.10
C PRO Y 169 -7.66 16.79 43.63
N VAL Y 170 -7.87 16.25 42.43
CA VAL Y 170 -9.22 16.10 41.88
C VAL Y 170 -10.03 15.07 42.63
N SER Y 171 -9.35 14.08 43.22
CA SER Y 171 -10.01 13.02 43.96
C SER Y 171 -9.30 12.76 45.28
N SER Y 172 -10.00 12.10 46.20
CA SER Y 172 -9.42 11.73 47.49
C SER Y 172 -8.40 10.62 47.29
N LEU Y 173 -8.44 9.99 46.12
CA LEU Y 173 -7.56 8.88 45.81
C LEU Y 173 -6.62 9.19 44.65
N SER Y 174 -7.04 10.10 43.78
CA SER Y 174 -6.24 10.47 42.62
C SER Y 174 -6.10 11.98 42.45
N PHE Y 175 -5.05 12.40 41.75
CA PHE Y 175 -4.82 13.82 41.50
C PHE Y 175 -4.21 14.01 40.11
N GLU Y 176 -4.10 15.26 39.69
CA GLU Y 176 -3.55 15.59 38.37
C GLU Y 176 -2.85 16.95 38.42
N PRO Y 177 -1.54 16.95 38.14
CA PRO Y 177 -0.77 18.20 38.10
C PRO Y 177 -1.44 19.23 37.22
N SER Y 178 -1.60 20.45 37.74
CA SER Y 178 -2.31 21.50 37.01
C SER Y 178 -1.54 22.81 36.95
N GLU Y 179 -1.76 23.58 35.89
CA GLU Y 179 -1.10 24.86 35.72
C GLU Y 179 -1.85 25.98 36.43
N LEU Y 209 -0.89 47.53 41.35
CA LEU Y 209 0.03 46.60 42.00
C LEU Y 209 -0.67 45.28 42.33
N PHE Y 210 0.06 44.18 42.21
CA PHE Y 210 -0.49 42.87 42.49
C PHE Y 210 -0.63 42.61 43.99
N GLU Y 211 -1.88 42.61 44.47
CA GLU Y 211 -2.15 42.40 45.88
C GLU Y 211 -2.80 41.03 46.08
N TYR Y 212 -3.97 40.84 45.49
CA TYR Y 212 -4.67 39.56 45.55
C TYR Y 212 -4.14 38.60 44.47
N THR Y 213 -3.10 39.03 43.76
CA THR Y 213 -2.58 38.26 42.63
C THR Y 213 -1.45 37.32 43.02
N LEU Y 214 -0.23 37.67 42.61
CA LEU Y 214 0.93 36.81 42.83
C LEU Y 214 1.12 36.41 44.29
N ALA Y 215 0.88 37.35 45.19
CA ALA Y 215 1.06 37.11 46.62
C ALA Y 215 0.04 36.10 47.15
N ASN Y 216 -1.19 36.21 46.69
CA ASN Y 216 -2.27 35.37 47.18
C ASN Y 216 -2.39 34.04 46.43
N GLN Y 217 -2.13 34.07 45.13
CA GLN Y 217 -2.25 32.87 44.30
C GLN Y 217 -1.26 31.80 44.74
N MET Y 218 -0.04 32.21 45.05
CA MET Y 218 1.00 31.28 45.52
C MET Y 218 0.55 30.58 46.80
N LEU Y 219 -0.22 31.29 47.61
CA LEU Y 219 -0.77 30.74 48.84
C LEU Y 219 -1.72 29.59 48.53
N THR Y 220 -2.67 29.83 47.64
CA THR Y 220 -3.66 28.83 47.27
C THR Y 220 -3.04 27.67 46.51
N ALA Y 221 -2.01 27.96 45.71
CA ALA Y 221 -1.32 26.94 44.95
C ALA Y 221 -0.51 26.04 45.87
N MET Y 222 0.06 26.63 46.92
CA MET Y 222 0.85 25.88 47.88
C MET Y 222 -0.04 25.09 48.81
N ALA Y 223 -1.18 25.68 49.18
CA ALA Y 223 -2.13 25.03 50.08
C ALA Y 223 -2.85 23.88 49.39
N GLN Y 224 -3.05 24.01 48.09
CA GLN Y 224 -3.72 22.97 47.31
C GLN Y 224 -2.75 21.84 46.98
N GLY Y 225 -1.46 22.16 47.00
CA GLY Y 225 -0.42 21.16 46.76
C GLY Y 225 -0.11 20.40 48.03
N TYR Y 226 -0.24 21.08 49.17
CA TYR Y 226 -0.04 20.45 50.47
C TYR Y 226 -1.06 19.33 50.68
N ALA Y 227 -2.27 19.55 50.16
CA ALA Y 227 -3.33 18.55 50.26
C ALA Y 227 -3.12 17.43 49.25
N ALA Y 228 -2.32 17.71 48.22
CA ALA Y 228 -2.03 16.72 47.20
C ALA Y 228 -1.09 15.64 47.72
N GLU Y 229 0.01 16.06 48.35
CA GLU Y 229 0.97 15.13 48.91
C GLU Y 229 0.35 14.27 50.01
N ILE Y 230 -0.20 14.93 51.03
CA ILE Y 230 -0.77 14.23 52.17
C ILE Y 230 -1.76 13.14 51.78
N SER Y 231 -2.56 13.42 50.76
CA SER Y 231 -3.55 12.45 50.29
C SER Y 231 -2.88 11.29 49.56
N ALA Y 232 -1.75 11.57 48.91
CA ALA Y 232 -1.01 10.55 48.19
C ALA Y 232 -0.10 9.76 49.12
N ARG Y 233 0.40 10.42 50.16
CA ARG Y 233 1.30 9.79 51.12
C ARG Y 233 0.62 8.65 51.87
N ARG Y 234 -0.66 8.82 52.18
CA ARG Y 234 -1.42 7.80 52.90
C ARG Y 234 -1.72 6.60 52.00
N ASN Y 235 -1.90 6.84 50.71
CA ASN Y 235 -2.21 5.78 49.76
C ASN Y 235 -0.98 4.94 49.41
N ALA Y 236 0.17 5.59 49.28
CA ALA Y 236 1.41 4.91 48.97
C ALA Y 236 1.81 3.96 50.10
N MET Y 237 1.78 4.48 51.33
CA MET Y 237 2.16 3.69 52.50
C MET Y 237 1.13 2.59 52.76
N ASP Y 238 -0.11 2.85 52.38
CA ASP Y 238 -1.19 1.87 52.56
C ASP Y 238 -0.95 0.66 51.68
N ASN Y 239 -0.68 0.90 50.39
CA ASN Y 239 -0.37 -0.17 49.47
C ASN Y 239 0.92 -0.89 49.85
N ALA Y 240 1.81 -0.15 50.50
CA ALA Y 240 3.08 -0.70 50.98
C ALA Y 240 2.81 -1.70 52.10
N SER Y 241 1.94 -1.31 53.03
CA SER Y 241 1.56 -2.19 54.13
C SER Y 241 0.88 -3.44 53.58
N LYS Y 242 0.09 -3.26 52.53
CA LYS Y 242 -0.60 -4.38 51.89
C LYS Y 242 0.40 -5.33 51.26
N ASN Y 243 1.36 -4.77 50.52
CA ASN Y 243 2.40 -5.57 49.89
C ASN Y 243 3.32 -6.22 50.91
N ALA Y 244 3.73 -5.46 51.92
CA ALA Y 244 4.57 -5.98 52.98
C ALA Y 244 3.88 -7.16 53.66
N GLY Y 245 2.60 -6.98 53.96
CA GLY Y 245 1.81 -8.03 54.56
C GLY Y 245 1.68 -9.25 53.66
N ASP Y 246 1.35 -9.02 52.40
CA ASP Y 246 1.23 -10.11 51.43
C ASP Y 246 2.55 -10.87 51.34
N MET Y 247 3.65 -10.15 51.45
CA MET Y 247 4.97 -10.77 51.44
C MET Y 247 5.19 -11.56 52.72
N ILE Y 248 4.67 -11.05 53.83
CA ILE Y 248 4.80 -11.72 55.11
C ILE Y 248 4.19 -13.11 55.08
N ASN Y 249 3.01 -13.22 54.46
CA ASN Y 249 2.34 -14.51 54.32
C ASN Y 249 3.17 -15.50 53.51
N ARG Y 250 3.81 -15.00 52.46
CA ARG Y 250 4.69 -15.82 51.63
C ARG Y 250 5.77 -16.46 52.49
N TYR Y 251 6.49 -15.64 53.25
CA TYR Y 251 7.53 -16.12 54.16
C TYR Y 251 6.92 -17.01 55.24
N SER Y 252 5.66 -16.74 55.59
CA SER Y 252 4.96 -17.55 56.58
C SER Y 252 4.71 -18.96 56.06
N ILE Y 253 4.28 -19.06 54.81
CA ILE Y 253 4.09 -20.36 54.18
C ILE Y 253 5.44 -21.04 54.00
N LEU Y 254 6.49 -20.22 53.89
CA LEU Y 254 7.84 -20.71 53.73
C LEU Y 254 8.40 -21.20 55.07
N TYR Y 255 8.04 -20.50 56.14
CA TYR Y 255 8.47 -20.87 57.49
C TYR Y 255 7.83 -22.20 57.90
N ASN Y 256 6.55 -22.35 57.64
CA ASN Y 256 5.83 -23.58 57.95
C ASN Y 256 6.34 -24.77 57.15
N ARG Y 257 6.89 -24.49 55.97
CA ARG Y 257 7.49 -25.53 55.15
C ARG Y 257 8.82 -25.97 55.74
N THR Y 258 9.50 -25.05 56.42
CA THR Y 258 10.75 -25.36 57.10
C THR Y 258 10.46 -25.98 58.47
N ARG Y 259 9.39 -25.52 59.09
CA ARG Y 259 8.97 -26.03 60.38
C ARG Y 259 8.74 -27.53 60.31
N GLN Y 260 8.06 -27.97 59.25
CA GLN Y 260 7.80 -29.39 59.05
C GLN Y 260 9.10 -30.11 58.71
N ALA Y 261 10.02 -29.40 58.07
CA ALA Y 261 11.31 -29.97 57.69
C ALA Y 261 12.19 -30.24 58.92
N VAL Y 262 12.26 -29.26 59.81
CA VAL Y 262 13.05 -29.40 61.02
C VAL Y 262 12.56 -30.57 61.87
N ILE Y 263 11.25 -30.71 61.99
CA ILE Y 263 10.66 -31.78 62.78
C ILE Y 263 10.94 -33.16 62.18
N THR Y 264 10.61 -33.32 60.91
CA THR Y 264 10.76 -34.62 60.25
C THR Y 264 12.22 -35.06 60.22
N ASN Y 265 13.07 -34.21 59.66
CA ASN Y 265 14.50 -34.53 59.54
C ASN Y 265 15.14 -34.90 60.87
N GLU Y 266 14.93 -34.08 61.88
CA GLU Y 266 15.52 -34.32 63.19
C GLU Y 266 14.98 -35.59 63.83
N LEU Y 267 13.73 -35.92 63.50
CA LEU Y 267 13.08 -37.11 64.04
C LEU Y 267 13.62 -38.38 63.39
N VAL Y 268 14.09 -38.25 62.15
CA VAL Y 268 14.58 -39.41 61.40
C VAL Y 268 15.87 -39.98 61.96
N ASP Y 269 16.84 -39.11 62.23
CA ASP Y 269 18.13 -39.56 62.76
C ASP Y 269 18.03 -40.03 64.21
N ILE Y 270 16.93 -39.68 64.86
CA ILE Y 270 16.67 -40.16 66.22
C ILE Y 270 16.22 -41.61 66.19
N ILE Y 271 15.47 -41.97 65.14
CA ILE Y 271 14.97 -43.32 64.98
C ILE Y 271 16.04 -44.23 64.40
N THR Y 272 16.88 -43.68 63.53
CA THR Y 272 17.96 -44.45 62.91
C THR Y 272 18.89 -45.04 63.97
N GLY Y 273 19.02 -44.34 65.09
CA GLY Y 273 19.82 -44.83 66.20
C GLY Y 273 19.09 -45.94 66.92
N ALA Y 274 17.76 -45.81 67.00
CA ALA Y 274 16.92 -46.81 67.64
C ALA Y 274 16.93 -48.12 66.85
N SER Y 275 17.21 -48.03 65.55
CA SER Y 275 17.29 -49.20 64.69
C SER Y 275 18.73 -49.59 64.41
N SER Y 276 19.42 -50.06 65.44
CA SER Y 276 20.82 -50.46 65.31
C SER Y 276 21.07 -51.78 66.02
N ALA Z 121 15.57 47.95 57.30
CA ALA Z 121 15.00 48.14 58.63
C ALA Z 121 13.47 48.25 58.55
N GLU Z 122 12.79 47.80 59.61
CA GLU Z 122 11.33 47.84 59.65
C GLU Z 122 10.83 49.27 59.86
N ALA Z 123 10.76 50.02 58.77
CA ALA Z 123 10.29 51.41 58.83
C ALA Z 123 8.77 51.48 58.90
N ALA Z 124 8.12 51.12 57.80
CA ALA Z 124 6.66 51.13 57.75
C ALA Z 124 6.07 50.13 58.74
N ILE Z 125 6.80 49.06 59.00
CA ILE Z 125 6.35 48.03 59.93
C ILE Z 125 6.12 48.61 61.34
N GLN Z 126 7.16 49.24 61.87
CA GLN Z 126 7.09 49.84 63.19
C GLN Z 126 6.19 51.08 63.21
N VAL Z 127 5.93 51.62 62.02
CA VAL Z 127 5.13 52.82 61.88
C VAL Z 127 3.63 52.54 62.06
N GLU Z 128 3.21 51.35 61.62
CA GLU Z 128 1.81 50.97 61.70
C GLU Z 128 1.51 50.20 62.98
N VAL Z 129 2.03 50.70 64.10
CA VAL Z 129 1.80 50.06 65.39
C VAL Z 129 0.34 50.13 65.81
N LEU Z 130 -0.36 51.15 65.30
CA LEU Z 130 -1.77 51.32 65.58
C LEU Z 130 -2.49 51.91 64.37
N GLU Z 131 -1.71 52.42 63.42
CA GLU Z 131 -2.26 53.00 62.20
C GLU Z 131 -2.61 51.92 61.20
N ILE AA 8 4.21 54.99 53.06
CA ILE AA 8 4.14 54.18 51.85
C ILE AA 8 5.40 53.39 51.60
N SER AA 9 6.52 54.08 51.37
CA SER AA 9 7.80 53.43 51.10
C SER AA 9 7.77 52.53 49.83
N TYR AA 10 8.49 51.41 49.88
CA TYR AA 10 8.57 50.46 48.78
C TYR AA 10 8.66 49.02 49.29
N ALA AA 11 7.66 48.20 48.94
CA ALA AA 11 7.68 46.76 49.21
C ALA AA 11 6.49 46.07 48.47
N ALA AA 12 5.32 46.66 48.66
CA ALA AA 12 4.04 46.20 48.14
C ALA AA 12 3.53 44.88 48.73
N TYR AA 13 4.47 43.99 49.07
CA TYR AA 13 4.14 42.68 49.62
C TYR AA 13 3.25 42.77 50.86
N LEU AA 14 3.52 43.77 51.69
CA LEU AA 14 2.75 43.98 52.91
C LEU AA 14 2.79 42.75 53.81
N ASN AA 15 4.01 42.27 54.10
CA ASN AA 15 4.18 41.09 54.93
C ASN AA 15 3.72 41.30 56.36
N VAL AA 16 3.92 42.51 56.88
CA VAL AA 16 3.57 42.83 58.26
C VAL AA 16 2.11 43.26 58.39
N ALA AA 17 1.34 43.07 57.32
CA ALA AA 17 -0.06 43.49 57.30
C ALA AA 17 -0.91 42.71 58.30
N ALA AA 18 -0.56 41.44 58.52
CA ALA AA 18 -1.33 40.59 59.41
C ALA AA 18 -0.43 39.76 60.32
N GLN AA 19 0.56 40.42 60.92
CA GLN AA 19 1.50 39.75 61.82
C GLN AA 19 1.22 40.10 63.27
N ALA AA 20 0.14 40.83 63.51
CA ALA AA 20 -0.21 41.26 64.86
C ALA AA 20 -1.51 40.63 65.34
N ILE AA 21 -1.46 40.01 66.51
CA ILE AA 21 -2.63 39.37 67.11
C ILE AA 21 -2.81 39.83 68.55
N ARG AA 22 -4.05 39.91 69.00
CA ARG AA 22 -4.36 40.34 70.35
C ARG AA 22 -4.33 39.16 71.34
N VAL AA 34 -4.51 29.38 63.27
CA VAL AA 34 -5.13 28.54 64.29
C VAL AA 34 -4.15 28.21 65.40
N LEU AA 35 -2.90 27.98 65.04
CA LEU AA 35 -1.87 27.65 66.02
C LEU AA 35 -0.62 28.49 65.81
N ASN AA 36 -0.22 28.67 64.56
CA ASN AA 36 0.95 29.46 64.23
C ASN AA 36 0.87 30.03 62.81
N ARG AA 37 1.45 31.20 62.60
CA ARG AA 37 1.41 31.87 61.31
C ARG AA 37 2.78 32.35 60.86
N SER AA 38 3.64 32.66 61.82
CA SER AA 38 4.97 33.18 61.51
C SER AA 38 6.01 32.07 61.40
N GLN AA 39 6.68 32.01 60.25
CA GLN AA 39 7.73 31.02 60.02
C GLN AA 39 8.70 31.48 58.94
N THR AA 40 9.36 32.60 59.19
CA THR AA 40 10.28 33.18 58.23
C THR AA 40 11.51 32.30 58.02
N ASP AA 41 11.75 31.90 56.77
CA ASP AA 41 12.88 31.06 56.44
C ASP AA 41 13.73 31.67 55.31
N ALA AA 42 13.85 32.99 55.32
CA ALA AA 42 14.62 33.69 54.31
C ALA AA 42 16.10 33.66 54.64
N PHE AA 43 16.79 32.60 54.22
CA PHE AA 43 18.22 32.45 54.48
C PHE AA 43 18.98 32.07 53.22
P PO4 BA . -63.94 6.22 -7.47
O1 PO4 BA . -63.39 7.22 -8.46
O2 PO4 BA . -64.43 4.99 -8.20
O3 PO4 BA . -62.85 5.83 -6.50
O4 PO4 BA . -65.09 6.83 -6.70
P PO4 CA . -26.92 31.51 -29.76
O1 PO4 CA . -28.20 32.28 -29.92
O2 PO4 CA . -26.62 30.76 -31.03
O3 PO4 CA . -25.79 32.44 -29.44
O4 PO4 CA . -27.07 30.51 -28.63
P PO4 DA . -62.99 53.17 -8.59
O1 PO4 DA . -64.03 54.22 -8.88
O2 PO4 DA . -63.36 51.90 -9.32
O3 PO4 DA . -61.64 53.65 -9.04
O4 PO4 DA . -62.97 52.90 -7.11
P PO4 EA . -74.21 30.47 0.41
O1 PO4 EA . -73.86 31.94 0.33
O2 PO4 EA . -75.50 30.29 1.18
O3 PO4 EA . -74.37 29.92 -0.99
O4 PO4 EA . -73.09 29.74 1.13
P PO4 FA . -37.98 52.77 -21.54
O1 PO4 FA . -37.96 54.26 -21.77
O2 PO4 FA . -39.36 52.23 -21.80
O3 PO4 FA . -37.00 52.09 -22.46
O4 PO4 FA . -37.58 52.48 -20.11
P PO4 GA . 54.66 17.96 -44.59
O1 PO4 GA . 54.26 19.29 -44.01
O2 PO4 GA . 53.43 17.09 -44.75
O3 PO4 GA . 55.31 18.16 -45.94
O4 PO4 GA . 55.63 17.26 -43.66
P PO4 HA . 14.23 -8.17 -35.45
O1 PO4 HA . 15.05 -8.39 -34.20
O2 PO4 HA . 12.92 -8.92 -35.34
O3 PO4 HA . 13.95 -6.69 -35.62
O4 PO4 HA . 15.00 -8.68 -36.65
P PO4 IA . 56.95 -28.63 -40.23
O1 PO4 IA . 56.80 -27.41 -41.10
O2 PO4 IA . 56.72 -29.87 -41.06
O3 PO4 IA . 58.34 -28.67 -39.66
O4 PO4 IA . 55.95 -28.58 -39.10
P PO4 JA . 68.88 -5.92 -42.93
O1 PO4 JA . 68.53 -5.28 -41.61
O2 PO4 JA . 67.99 -5.35 -44.01
O3 PO4 JA . 70.32 -5.62 -43.26
O4 PO4 JA . 68.67 -7.40 -42.84
P PO4 KA . 27.80 17.95 -36.68
O1 PO4 KA . 27.20 18.57 -37.91
O2 PO4 KA . 27.42 16.50 -36.61
O3 PO4 KA . 29.31 18.08 -36.73
O4 PO4 KA . 27.29 18.67 -35.46
P PO4 LA . 29.28 -28.60 -33.84
O1 PO4 LA . 29.79 -28.44 -32.43
O2 PO4 LA . 27.87 -28.05 -33.92
O3 PO4 LA . 30.16 -27.82 -34.78
O4 PO4 LA . 29.29 -30.06 -34.22
P PO4 MA . 11.17 -17.04 86.87
O1 PO4 MA . 11.44 -15.87 87.79
O2 PO4 MA . 10.38 -16.55 85.66
O3 PO4 MA . 12.46 -17.66 86.42
O4 PO4 MA . 10.36 -18.09 87.61
P PO4 NA . -9.60 -30.75 42.55
O1 PO4 NA . -8.59 -29.65 42.75
O2 PO4 NA . -10.28 -30.56 41.21
O3 PO4 NA . -8.91 -32.09 42.58
O4 PO4 NA . -10.64 -30.71 43.65
P PO4 OA . 35.72 -23.07 47.00
O1 PO4 OA . 34.69 -22.05 47.41
O2 PO4 OA . 35.27 -23.78 45.75
O3 PO4 OA . 37.04 -22.39 46.75
O4 PO4 OA . 35.88 -24.09 48.11
P PO4 PA . 13.64 -31.95 32.95
O1 PO4 PA . 13.42 -32.28 34.41
O2 PO4 PA . 13.94 -30.47 32.79
O3 PO4 PA . 14.80 -32.76 32.42
O4 PO4 PA . 12.38 -32.29 32.18
#